data_8XOO
#
_entry.id   8XOO
#
_cell.length_a   1.00
_cell.length_b   1.00
_cell.length_c   1.00
_cell.angle_alpha   90.00
_cell.angle_beta   90.00
_cell.angle_gamma   90.00
#
_symmetry.space_group_name_H-M   'P 1'
#
loop_
_entity.id
_entity.type
_entity.pdbx_description
1 polymer 'ATP-dependent Clp protease proteolytic subunit'
2 polymer 'ATP-dependent Clp protease proteolytic subunit'
3 polymer 'NDP-hexose 4-ketoreductase'
4 polymer casein
5 non-polymer "ADENOSINE-5'-TRIPHOSPHATE"
6 non-polymer 'MAGNESIUM ION'
7 non-polymer "ADENOSINE-5'-DIPHOSPHATE"
#
loop_
_entity_poly.entity_id
_entity_poly.type
_entity_poly.pdbx_seq_one_letter_code
_entity_poly.pdbx_strand_id
1 'polypeptide(L)'
;MGSSHHHHHHSSGLVPRGSHMASMTGGQQMGRGSEFGGLGDQVYNRLLNERIIFLGQPVDDDIANKITAQLLLLASDPEK
DIYLYINSPGGSITAGMAIYDTMQYIKNDVVTIAMGLAAAMGQFLLSAGTPGKRFALPNAEILIHQPSAGLAGSASDIKI
HAERLLHTKKRMAELTSQHTGQTIEQITRDSDRDRWFDAFEAKEYGLIDDVMTTAAGMPGGGGTGA
;
A,B,C,D,E,F,G
2 'polypeptide(L)'
;MGSSHHHHHHSSGLVPRGSHMEYDPYAKLFEERVIFLGVQIDDASANDVMAQLLCLESMDPDRDISVYINSPGGSFTALT
AIYDTMQYVKPDVQTVCMGQAAAAAAVLLAAGTPGKRMALPNARVLIHQPYSETGRGQVSDLEIAANEILRMRSQLEDML
AKHSTTPVEKIREDIERDKILTAEDALSYGLIDQVISTRKMDNSSLR
;
H,I,J,K,L,M,N
3 'polypeptide(L)'
;MGSSHHHHHHSSGLVPRGSHMASMTGGQQMGRGSEFAEGTPSTSLVLDQFGRNLTQAARESKLDPVIGREKEIERVMQVL
SRRTKNNPVLIGEPGVGKTAVVEGLAQAIVKGEVPETLKDKHLYTLDLGALVAGSRYRGDFEERLKKVLKEIRTRGDIIL
FIDALHTLVGAGAAEGAIDAASILKPMLARGELQTIGATTLDEYRKHLEKDAALERRFQPIQVAEPSLPHTIEILKGLRD
RYEAHHRVSITDEALVQAATLADRYISDRFLPDKAIDLIDEAGSRMRIRRMTAPPDLREFDEKIAGVRRDKESAIDSQDA
EKAASLRDKEKQLLAAKAKREKEWKAGDMDVVAEVDGELIAEVLATATGIPVFKLTEEESSRLLRMEDELHKRVIGQVDA
VKALSKAIRRTRAGLKDPKRPGGSFIFAGPSGVGKTELSKALAEFLFGDEDALISLDMSEFSEKHTVSRLFGSPPGYVGY
EEGGQLTEKVRRKPFSVVLFDAVEKAHPDIFNSLLQILEDGRLTDSQGRVVDFKNTVIIMTTNLGTRDISKGFNLGFAAQ
GDTKSNYERMKNKVSDELKQHFRPEFLNRVDDVVVFPQLSQADILKIVDLMIDKVDERLKDRDMGIELSSSAKELLSKKG
YDPVLGARPLRRTIQREIEDSLSEKILFGELRPGHIVVVDTEGEGETKTFTFRGEE
;
R,Q,P,O,T,S
4 'polypeptide(L)'
;(UNK)(UNK)(UNK)(UNK)(UNK)(UNK)(UNK)(UNK)(UNK)(UNK)(UNK)(UNK)(UNK)(UNK)(UNK)(UNK)
(UNK)(UNK)(UNK)(UNK)(UNK)(UNK)(UNK)(UNK)
;
X
#
loop_
_chem_comp.id
_chem_comp.type
_chem_comp.name
_chem_comp.formula
ADP non-polymer ADENOSINE-5'-DIPHOSPHATE 'C10 H15 N5 O10 P2'
ATP non-polymer ADENOSINE-5'-TRIPHOSPHATE 'C10 H16 N5 O13 P3'
MG non-polymer 'MAGNESIUM ION' 'Mg 2'
#
# COMPACT_ATOMS: atom_id res chain seq x y z
N GLY A 38 -13.11 81.55 -17.90
CA GLY A 38 -12.95 81.09 -19.27
C GLY A 38 -13.89 81.78 -20.23
N LEU A 39 -13.59 81.66 -21.53
CA LEU A 39 -14.39 82.32 -22.57
C LEU A 39 -15.83 81.80 -22.57
N GLY A 40 -16.04 80.57 -22.10
CA GLY A 40 -17.36 79.99 -22.13
C GLY A 40 -18.39 80.81 -21.38
N ASP A 41 -17.99 81.39 -20.24
CA ASP A 41 -18.94 82.14 -19.44
C ASP A 41 -19.49 83.35 -20.18
N GLN A 42 -18.61 84.19 -20.74
CA GLN A 42 -19.07 85.38 -21.44
C GLN A 42 -19.78 85.01 -22.74
N VAL A 43 -19.30 83.97 -23.45
CA VAL A 43 -19.98 83.62 -24.69
C VAL A 43 -21.39 83.09 -24.41
N TYR A 44 -21.55 82.32 -23.33
CA TYR A 44 -22.88 81.84 -22.97
C TYR A 44 -23.77 82.98 -22.51
N ASN A 45 -23.22 83.94 -21.76
CA ASN A 45 -24.02 85.09 -21.35
C ASN A 45 -24.49 85.89 -22.57
N ARG A 46 -23.60 86.13 -23.52
CA ARG A 46 -23.96 86.90 -24.70
C ARG A 46 -25.00 86.17 -25.54
N LEU A 47 -24.87 84.85 -25.69
CA LEU A 47 -25.85 84.14 -26.50
C LEU A 47 -27.18 84.00 -25.76
N LEU A 48 -27.15 83.86 -24.44
CA LEU A 48 -28.38 83.88 -23.66
C LEU A 48 -29.08 85.23 -23.75
N ASN A 49 -28.31 86.31 -23.93
CA ASN A 49 -28.92 87.61 -24.17
C ASN A 49 -29.76 87.63 -25.45
N GLU A 50 -29.55 86.66 -26.34
CA GLU A 50 -30.35 86.51 -27.55
C GLU A 50 -31.40 85.43 -27.43
N ARG A 51 -31.73 85.03 -26.20
CA ARG A 51 -32.76 84.01 -25.93
C ARG A 51 -32.42 82.68 -26.60
N ILE A 52 -31.15 82.31 -26.57
CA ILE A 52 -30.68 81.01 -27.06
C ILE A 52 -30.13 80.24 -25.88
N ILE A 53 -30.71 79.06 -25.61
CA ILE A 53 -30.33 78.24 -24.47
C ILE A 53 -29.63 76.99 -24.97
N PHE A 54 -28.41 76.76 -24.49
CA PHE A 54 -27.65 75.56 -24.81
C PHE A 54 -27.88 74.50 -23.73
N LEU A 55 -28.24 73.31 -24.17
CA LEU A 55 -28.35 72.15 -23.31
C LEU A 55 -27.37 71.08 -23.78
N GLY A 56 -27.31 69.99 -23.04
CA GLY A 56 -26.55 68.83 -23.44
C GLY A 56 -25.35 68.53 -22.58
N GLN A 57 -25.55 67.62 -21.62
CA GLN A 57 -24.65 67.00 -20.66
C GLN A 57 -25.42 65.82 -20.11
N PRO A 58 -24.78 64.89 -19.40
CA PRO A 58 -25.57 63.94 -18.60
C PRO A 58 -26.46 64.71 -17.64
N VAL A 59 -27.76 64.59 -17.84
CA VAL A 59 -28.73 65.44 -17.14
C VAL A 59 -28.80 65.02 -15.68
N ASP A 60 -28.63 65.99 -14.78
CA ASP A 60 -28.72 65.77 -13.35
C ASP A 60 -29.45 66.96 -12.74
N ASP A 61 -29.38 67.06 -11.41
CA ASP A 61 -30.10 68.12 -10.70
C ASP A 61 -29.53 69.50 -11.03
N ASP A 62 -28.20 69.61 -11.14
CA ASP A 62 -27.57 70.91 -11.31
C ASP A 62 -27.95 71.53 -12.66
N ILE A 63 -27.78 70.78 -13.74
CA ILE A 63 -28.09 71.32 -15.07
C ILE A 63 -29.58 71.58 -15.20
N ALA A 64 -30.42 70.73 -14.60
CA ALA A 64 -31.85 70.96 -14.63
C ALA A 64 -32.22 72.25 -13.91
N ASN A 65 -31.61 72.49 -12.74
CA ASN A 65 -31.87 73.73 -12.01
C ASN A 65 -31.42 74.93 -12.83
N LYS A 66 -30.26 74.82 -13.49
CA LYS A 66 -29.76 75.91 -14.31
C LYS A 66 -30.72 76.22 -15.46
N ILE A 67 -31.20 75.17 -16.13
CA ILE A 67 -32.11 75.35 -17.25
C ILE A 67 -33.44 75.94 -16.79
N THR A 68 -33.96 75.45 -15.66
CA THR A 68 -35.22 75.98 -15.14
C THR A 68 -35.07 77.45 -14.74
N ALA A 69 -33.93 77.81 -14.14
CA ALA A 69 -33.69 79.20 -13.79
C ALA A 69 -33.62 80.08 -15.03
N GLN A 70 -32.93 79.60 -16.08
CA GLN A 70 -32.85 80.38 -17.31
C GLN A 70 -34.22 80.55 -17.95
N LEU A 71 -35.03 79.48 -17.95
CA LEU A 71 -36.37 79.57 -18.53
C LEU A 71 -37.25 80.54 -17.73
N LEU A 72 -37.17 80.48 -16.41
CA LEU A 72 -37.95 81.41 -15.59
C LEU A 72 -37.51 82.85 -15.82
N LEU A 73 -36.20 83.07 -15.96
CA LEU A 73 -35.71 84.42 -16.23
C LEU A 73 -36.19 84.92 -17.58
N LEU A 74 -36.14 84.06 -18.60
CA LEU A 74 -36.58 84.47 -19.94
C LEU A 74 -38.09 84.59 -20.04
N ALA A 75 -38.84 83.98 -19.13
CA ALA A 75 -40.30 84.05 -19.15
C ALA A 75 -40.85 85.45 -18.87
N SER A 76 -39.99 86.44 -18.63
CA SER A 76 -40.48 87.80 -18.41
C SER A 76 -41.18 88.36 -19.64
N ASP A 77 -40.65 88.10 -20.83
CA ASP A 77 -41.25 88.58 -22.07
C ASP A 77 -41.99 87.43 -22.75
N PRO A 78 -43.33 87.46 -22.78
CA PRO A 78 -44.08 86.27 -23.21
C PRO A 78 -44.10 86.03 -24.71
N GLU A 79 -43.96 87.05 -25.55
CA GLU A 79 -44.23 86.92 -26.97
C GLU A 79 -42.97 86.71 -27.81
N LYS A 80 -41.85 86.35 -27.20
CA LYS A 80 -40.64 86.02 -27.94
C LYS A 80 -40.30 84.55 -27.77
N ASP A 81 -39.85 83.93 -28.86
CA ASP A 81 -39.53 82.52 -28.85
C ASP A 81 -38.25 82.26 -28.05
N ILE A 82 -38.12 81.02 -27.58
CA ILE A 82 -36.95 80.57 -26.84
C ILE A 82 -36.37 79.37 -27.56
N TYR A 83 -35.17 79.52 -28.12
CA TYR A 83 -34.50 78.44 -28.82
C TYR A 83 -33.71 77.61 -27.81
N LEU A 84 -33.79 76.29 -27.94
CA LEU A 84 -33.15 75.36 -27.02
C LEU A 84 -32.47 74.28 -27.82
N TYR A 85 -31.14 74.21 -27.72
CA TYR A 85 -30.32 73.28 -28.49
C TYR A 85 -29.91 72.11 -27.60
N ILE A 86 -30.05 70.90 -28.11
CA ILE A 86 -29.86 69.68 -27.33
C ILE A 86 -28.82 68.80 -28.00
N ASN A 87 -27.79 68.42 -27.23
CA ASN A 87 -26.85 67.37 -27.63
C ASN A 87 -26.40 66.68 -26.34
N SER A 88 -27.10 65.62 -25.96
CA SER A 88 -26.89 64.98 -24.68
C SER A 88 -27.17 63.48 -24.80
N PRO A 89 -26.53 62.65 -23.97
CA PRO A 89 -26.86 61.22 -23.94
C PRO A 89 -27.95 60.84 -22.93
N GLY A 90 -28.64 61.80 -22.34
CA GLY A 90 -29.72 61.52 -21.40
C GLY A 90 -29.40 62.05 -20.01
N GLY A 91 -29.95 61.37 -19.01
CA GLY A 91 -29.72 61.76 -17.63
C GLY A 91 -30.82 61.21 -16.73
N SER A 92 -30.91 61.80 -15.54
CA SER A 92 -31.89 61.36 -14.56
C SER A 92 -33.30 61.75 -14.97
N ILE A 93 -34.26 60.89 -14.62
CA ILE A 93 -35.64 61.11 -15.03
C ILE A 93 -36.24 62.30 -14.29
N THR A 94 -36.03 62.37 -12.98
CA THR A 94 -36.74 63.35 -12.16
C THR A 94 -36.31 64.78 -12.44
N ALA A 95 -35.12 64.99 -13.01
CA ALA A 95 -34.67 66.33 -13.37
C ALA A 95 -35.20 66.75 -14.74
N GLY A 96 -35.15 65.83 -15.71
CA GLY A 96 -35.74 66.11 -17.00
C GLY A 96 -37.24 66.36 -16.92
N MET A 97 -37.91 65.69 -15.99
CA MET A 97 -39.34 65.94 -15.81
C MET A 97 -39.58 67.34 -15.28
N ALA A 98 -38.72 67.81 -14.38
CA ALA A 98 -38.81 69.19 -13.92
C ALA A 98 -38.59 70.17 -15.06
N ILE A 99 -37.61 69.89 -15.93
CA ILE A 99 -37.38 70.74 -17.09
C ILE A 99 -38.61 70.75 -18.00
N TYR A 100 -39.20 69.58 -18.23
CA TYR A 100 -40.39 69.47 -19.07
C TYR A 100 -41.54 70.27 -18.49
N ASP A 101 -41.76 70.15 -17.18
CA ASP A 101 -42.82 70.91 -16.52
C ASP A 101 -42.58 72.41 -16.63
N THR A 102 -41.31 72.82 -16.48
CA THR A 102 -40.99 74.24 -16.60
C THR A 102 -41.29 74.75 -18.01
N MET A 103 -40.93 73.97 -19.04
CA MET A 103 -41.23 74.41 -20.40
C MET A 103 -42.73 74.47 -20.65
N GLN A 104 -43.48 73.48 -20.18
CA GLN A 104 -44.93 73.49 -20.37
C GLN A 104 -45.61 74.56 -19.53
N TYR A 105 -44.93 75.07 -18.50
CA TYR A 105 -45.53 76.06 -17.61
C TYR A 105 -45.63 77.42 -18.30
N ILE A 106 -44.57 77.84 -18.99
CA ILE A 106 -44.47 79.24 -19.43
C ILE A 106 -45.30 79.46 -20.69
N LYS A 107 -45.65 80.74 -20.92
CA LYS A 107 -46.35 81.12 -22.14
C LYS A 107 -45.46 81.02 -23.37
N ASN A 108 -44.16 81.29 -23.20
CA ASN A 108 -43.27 81.42 -24.34
C ASN A 108 -43.17 80.10 -25.10
N ASP A 109 -43.29 80.19 -26.43
CA ASP A 109 -43.09 79.03 -27.28
C ASP A 109 -41.63 78.61 -27.25
N VAL A 110 -41.39 77.31 -27.21
CA VAL A 110 -40.04 76.76 -27.16
C VAL A 110 -39.76 76.08 -28.50
N VAL A 111 -38.68 76.49 -29.15
CA VAL A 111 -38.24 75.92 -30.41
C VAL A 111 -37.01 75.07 -30.11
N THR A 112 -37.16 73.76 -30.25
CA THR A 112 -36.11 72.83 -29.88
C THR A 112 -35.35 72.40 -31.13
N ILE A 113 -34.02 72.41 -31.03
CA ILE A 113 -33.13 72.04 -32.13
C ILE A 113 -32.22 70.93 -31.62
N ALA A 114 -32.02 69.91 -32.45
CA ALA A 114 -31.17 68.78 -32.12
C ALA A 114 -30.00 68.70 -33.09
N MET A 115 -28.85 68.29 -32.58
CA MET A 115 -27.66 68.05 -33.40
C MET A 115 -26.86 66.94 -32.75
N GLY A 116 -25.97 66.34 -33.54
CA GLY A 116 -25.12 65.27 -33.02
C GLY A 116 -25.94 64.11 -32.50
N LEU A 117 -25.98 63.97 -31.17
CA LEU A 117 -26.71 62.90 -30.52
C LEU A 117 -27.70 63.49 -29.52
N ALA A 118 -28.95 63.05 -29.62
CA ALA A 118 -30.00 63.42 -28.67
C ALA A 118 -30.70 62.12 -28.28
N ALA A 119 -30.23 61.49 -27.21
CA ALA A 119 -30.60 60.13 -26.89
C ALA A 119 -31.23 60.06 -25.49
N ALA A 120 -31.74 58.87 -25.18
CA ALA A 120 -32.32 58.54 -23.86
C ALA A 120 -33.43 59.54 -23.58
N MET A 121 -33.44 60.22 -22.43
CA MET A 121 -34.51 61.15 -22.15
C MET A 121 -34.25 62.52 -22.76
N GLY A 122 -33.03 62.75 -23.27
CA GLY A 122 -32.80 63.93 -24.09
C GLY A 122 -33.71 63.97 -25.30
N GLN A 123 -33.98 62.79 -25.89
CA GLN A 123 -34.98 62.71 -26.95
C GLN A 123 -36.35 63.13 -26.44
N PHE A 124 -36.71 62.71 -25.22
CA PHE A 124 -37.98 63.12 -24.64
C PHE A 124 -38.07 64.63 -24.52
N LEU A 125 -37.00 65.26 -24.03
CA LEU A 125 -37.00 66.70 -23.88
C LEU A 125 -37.01 67.41 -25.23
N LEU A 126 -36.37 66.81 -26.24
CA LEU A 126 -36.42 67.36 -27.60
C LEU A 126 -37.84 67.31 -28.16
N SER A 127 -38.52 66.18 -27.96
CA SER A 127 -39.88 66.03 -28.46
C SER A 127 -40.91 66.78 -27.63
N ALA A 128 -40.52 67.24 -26.44
CA ALA A 128 -41.44 68.01 -25.59
C ALA A 128 -41.72 69.40 -26.14
N GLY A 129 -41.01 69.83 -27.17
CA GLY A 129 -41.19 71.18 -27.69
C GLY A 129 -42.55 71.38 -28.34
N THR A 130 -42.85 72.65 -28.59
CA THR A 130 -44.13 73.00 -29.17
C THR A 130 -44.26 72.41 -30.58
N PRO A 131 -45.46 71.99 -30.99
CA PRO A 131 -45.62 71.41 -32.32
C PRO A 131 -45.25 72.40 -33.41
N GLY A 132 -44.62 71.88 -34.46
CA GLY A 132 -44.15 72.70 -35.57
C GLY A 132 -42.89 73.47 -35.29
N LYS A 133 -42.25 73.26 -34.13
CA LYS A 133 -41.05 74.00 -33.77
C LYS A 133 -39.95 73.06 -33.26
N ARG A 134 -40.03 71.77 -33.59
CA ARG A 134 -39.04 70.79 -33.19
C ARG A 134 -38.27 70.36 -34.43
N PHE A 135 -36.98 70.67 -34.48
CA PHE A 135 -36.17 70.39 -35.66
C PHE A 135 -34.88 69.70 -35.29
N ALA A 136 -34.34 68.94 -36.23
CA ALA A 136 -33.06 68.27 -36.07
C ALA A 136 -32.20 68.54 -37.30
N LEU A 137 -30.92 68.81 -37.08
CA LEU A 137 -30.01 69.03 -38.17
C LEU A 137 -29.78 67.73 -38.94
N PRO A 138 -29.34 67.81 -40.20
CA PRO A 138 -28.95 66.59 -40.91
C PRO A 138 -27.79 65.92 -40.21
N ASN A 139 -27.76 64.59 -40.30
CA ASN A 139 -26.77 63.74 -39.64
C ASN A 139 -26.83 63.86 -38.12
N ALA A 140 -27.98 64.20 -37.56
CA ALA A 140 -28.18 64.24 -36.12
C ALA A 140 -28.92 62.99 -35.68
N GLU A 141 -28.37 62.28 -34.70
CA GLU A 141 -28.88 60.99 -34.29
C GLU A 141 -29.85 61.15 -33.12
N ILE A 142 -30.90 60.31 -33.11
CA ILE A 142 -31.92 60.31 -32.06
C ILE A 142 -32.11 58.87 -31.60
N LEU A 143 -32.35 58.69 -30.30
CA LEU A 143 -32.40 57.36 -29.73
C LEU A 143 -33.53 57.27 -28.71
N ILE A 144 -34.22 56.14 -28.68
CA ILE A 144 -35.26 55.88 -27.69
C ILE A 144 -35.04 54.51 -27.09
N HIS A 145 -35.31 54.40 -25.78
CA HIS A 145 -35.24 53.14 -25.05
C HIS A 145 -35.96 53.34 -23.72
N GLN A 146 -36.14 52.23 -22.99
CA GLN A 146 -36.84 52.26 -21.72
C GLN A 146 -35.93 52.73 -20.59
N PRO A 147 -36.51 53.22 -19.50
CA PRO A 147 -35.69 53.68 -18.36
C PRO A 147 -34.97 52.53 -17.67
N SER A 148 -34.02 52.90 -16.82
CA SER A 148 -33.21 51.96 -16.06
C SER A 148 -33.08 52.45 -14.62
N ALA A 149 -32.85 51.51 -13.71
CA ALA A 149 -32.73 51.81 -12.28
C ALA A 149 -32.10 50.61 -11.59
N GLY A 150 -32.15 50.61 -10.26
CA GLY A 150 -31.59 49.52 -9.47
C GLY A 150 -32.45 49.24 -8.25
N LEU A 151 -32.12 48.15 -7.57
CA LEU A 151 -32.85 47.72 -6.39
C LEU A 151 -31.89 47.41 -5.25
N ALA A 152 -32.34 47.70 -4.03
CA ALA A 152 -31.58 47.41 -2.81
C ALA A 152 -32.53 47.51 -1.62
N GLY A 153 -32.34 46.63 -0.64
CA GLY A 153 -33.13 46.69 0.57
C GLY A 153 -33.87 45.40 0.89
N SER A 154 -34.87 45.49 1.76
CA SER A 154 -35.68 44.33 2.11
C SER A 154 -36.75 44.09 1.05
N ALA A 155 -37.55 43.04 1.27
CA ALA A 155 -38.55 42.66 0.27
C ALA A 155 -39.61 43.74 0.10
N SER A 156 -40.08 44.33 1.21
CA SER A 156 -41.14 45.33 1.12
C SER A 156 -40.66 46.57 0.37
N ASP A 157 -39.47 47.06 0.71
CA ASP A 157 -38.93 48.23 0.03
C ASP A 157 -38.70 47.94 -1.45
N ILE A 158 -38.22 46.75 -1.77
CA ILE A 158 -37.99 46.38 -3.17
C ILE A 158 -39.31 46.36 -3.93
N LYS A 159 -40.35 45.80 -3.32
CA LYS A 159 -41.67 45.77 -3.97
C LYS A 159 -42.19 47.18 -4.21
N ILE A 160 -42.08 48.05 -3.20
CA ILE A 160 -42.59 49.41 -3.33
C ILE A 160 -41.83 50.15 -4.43
N HIS A 161 -40.51 50.05 -4.43
CA HIS A 161 -39.73 50.74 -5.44
C HIS A 161 -39.98 50.17 -6.83
N ALA A 162 -40.20 48.87 -6.93
CA ALA A 162 -40.49 48.26 -8.23
C ALA A 162 -41.83 48.75 -8.78
N GLU A 163 -42.86 48.84 -7.92
CA GLU A 163 -44.13 49.36 -8.40
C GLU A 163 -44.02 50.83 -8.79
N ARG A 164 -43.21 51.59 -8.04
CA ARG A 164 -42.96 52.98 -8.42
C ARG A 164 -42.26 53.06 -9.77
N LEU A 165 -41.29 52.18 -10.02
CA LEU A 165 -40.61 52.17 -11.31
C LEU A 165 -41.56 51.80 -12.44
N LEU A 166 -42.45 50.85 -12.21
CA LEU A 166 -43.43 50.49 -13.22
C LEU A 166 -44.35 51.66 -13.54
N HIS A 167 -44.81 52.37 -12.49
CA HIS A 167 -45.64 53.55 -12.71
C HIS A 167 -44.88 54.61 -13.51
N THR A 168 -43.62 54.85 -13.17
CA THR A 168 -42.83 55.83 -13.90
C THR A 168 -42.66 55.43 -15.35
N LYS A 169 -42.40 54.14 -15.61
CA LYS A 169 -42.23 53.66 -16.97
C LYS A 169 -43.50 53.84 -17.79
N LYS A 170 -44.65 53.48 -17.21
CA LYS A 170 -45.89 53.64 -17.97
C LYS A 170 -46.22 55.12 -18.20
N ARG A 171 -45.90 55.97 -17.23
CA ARG A 171 -46.08 57.42 -17.44
C ARG A 171 -45.19 57.92 -18.57
N MET A 172 -43.94 57.48 -18.61
CA MET A 172 -43.04 57.89 -19.69
C MET A 172 -43.59 57.43 -21.04
N ALA A 173 -44.05 56.19 -21.10
CA ALA A 173 -44.58 55.66 -22.36
C ALA A 173 -45.81 56.43 -22.82
N GLU A 174 -46.73 56.72 -21.90
CA GLU A 174 -47.95 57.42 -22.30
C GLU A 174 -47.66 58.86 -22.69
N LEU A 175 -46.72 59.53 -22.00
CA LEU A 175 -46.35 60.89 -22.39
C LEU A 175 -45.68 60.90 -23.76
N THR A 176 -44.81 59.94 -24.02
CA THR A 176 -44.17 59.87 -25.34
C THR A 176 -45.21 59.62 -26.43
N SER A 177 -46.17 58.72 -26.18
CA SER A 177 -47.23 58.48 -27.15
C SER A 177 -48.06 59.73 -27.39
N GLN A 178 -48.38 60.47 -26.31
CA GLN A 178 -49.15 61.69 -26.46
C GLN A 178 -48.42 62.73 -27.29
N HIS A 179 -47.12 62.90 -27.04
CA HIS A 179 -46.37 63.93 -27.74
C HIS A 179 -46.12 63.56 -29.21
N THR A 180 -45.71 62.31 -29.46
CA THR A 180 -45.38 61.91 -30.82
C THR A 180 -46.61 61.73 -31.69
N GLY A 181 -47.66 61.13 -31.16
CA GLY A 181 -48.89 60.87 -31.89
C GLY A 181 -49.18 59.41 -32.13
N GLN A 182 -48.18 58.53 -31.97
CA GLN A 182 -48.40 57.11 -32.12
C GLN A 182 -49.14 56.57 -30.89
N THR A 183 -49.66 55.35 -31.04
CA THR A 183 -50.39 54.72 -29.95
C THR A 183 -49.45 54.32 -28.83
N ILE A 184 -50.02 54.10 -27.65
CA ILE A 184 -49.23 53.71 -26.48
C ILE A 184 -48.56 52.36 -26.73
N GLU A 185 -49.30 51.41 -27.29
CA GLU A 185 -48.75 50.08 -27.53
C GLU A 185 -47.63 50.12 -28.56
N GLN A 186 -47.76 50.97 -29.58
CA GLN A 186 -46.69 51.09 -30.57
C GLN A 186 -45.40 51.57 -29.93
N ILE A 187 -45.47 52.60 -29.09
CA ILE A 187 -44.28 53.10 -28.41
C ILE A 187 -43.73 52.05 -27.46
N THR A 188 -44.61 51.33 -26.76
CA THR A 188 -44.16 50.30 -25.83
C THR A 188 -43.41 49.19 -26.56
N ARG A 189 -43.93 48.76 -27.71
CA ARG A 189 -43.23 47.74 -28.48
C ARG A 189 -41.93 48.26 -29.05
N ASP A 190 -41.92 49.48 -29.57
CA ASP A 190 -40.71 50.03 -30.18
C ASP A 190 -39.64 50.32 -29.14
N SER A 191 -40.03 50.90 -28.02
CA SER A 191 -39.07 51.29 -26.97
C SER A 191 -38.92 50.19 -25.93
N ASP A 192 -38.61 48.97 -26.36
CA ASP A 192 -38.38 47.85 -25.45
C ASP A 192 -36.90 47.60 -25.24
N ARG A 193 -36.16 47.30 -26.31
CA ARG A 193 -34.72 47.08 -26.22
C ARG A 193 -33.94 48.35 -26.54
N ASP A 194 -34.08 48.84 -27.76
CA ASP A 194 -33.27 49.95 -28.26
C ASP A 194 -33.81 50.38 -29.61
N ARG A 195 -33.84 51.67 -29.90
CA ARG A 195 -34.28 52.08 -31.24
C ARG A 195 -33.59 53.38 -31.64
N TRP A 196 -33.00 53.36 -32.83
CA TRP A 196 -32.20 54.46 -33.35
C TRP A 196 -32.92 55.14 -34.51
N PHE A 197 -32.57 56.40 -34.76
CA PHE A 197 -33.13 57.17 -35.87
C PHE A 197 -32.13 58.20 -36.34
N ASP A 198 -32.06 58.38 -37.67
CA ASP A 198 -31.48 59.58 -38.23
C ASP A 198 -32.60 60.57 -38.57
N ALA A 199 -32.29 61.62 -39.32
CA ALA A 199 -33.20 62.76 -39.43
C ALA A 199 -34.53 62.39 -40.07
N PHE A 200 -34.51 61.62 -41.15
CA PHE A 200 -35.71 61.53 -41.99
C PHE A 200 -36.76 60.57 -41.43
N GLU A 201 -36.36 59.38 -40.99
CA GLU A 201 -37.33 58.48 -40.37
C GLU A 201 -37.78 59.00 -39.00
N ALA A 202 -36.94 59.79 -38.33
CA ALA A 202 -37.41 60.51 -37.16
C ALA A 202 -38.48 61.53 -37.53
N LYS A 203 -38.29 62.23 -38.64
CA LYS A 203 -39.29 63.20 -39.09
C LYS A 203 -40.61 62.52 -39.40
N GLU A 204 -40.57 61.42 -40.16
CA GLU A 204 -41.81 60.76 -40.55
C GLU A 204 -42.46 60.05 -39.36
N TYR A 205 -41.65 59.61 -38.38
CA TYR A 205 -42.19 58.95 -37.20
C TYR A 205 -43.06 59.91 -36.39
N GLY A 206 -42.62 61.16 -36.24
CA GLY A 206 -43.35 62.12 -35.45
C GLY A 206 -42.51 62.76 -34.36
N LEU A 207 -41.27 62.26 -34.20
CA LEU A 207 -40.37 62.83 -33.21
C LEU A 207 -39.92 64.23 -33.61
N ILE A 208 -39.75 64.48 -34.91
CA ILE A 208 -39.26 65.76 -35.42
C ILE A 208 -40.27 66.29 -36.42
N ASP A 209 -40.66 67.55 -36.27
CA ASP A 209 -41.64 68.14 -37.17
C ASP A 209 -41.04 68.40 -38.54
N ASP A 210 -39.80 68.87 -38.60
CA ASP A 210 -39.15 69.17 -39.88
C ASP A 210 -37.65 69.21 -39.66
N VAL A 211 -36.91 68.97 -40.74
CA VAL A 211 -35.45 68.99 -40.73
C VAL A 211 -35.00 70.28 -41.42
N MET A 212 -34.26 71.11 -40.69
CA MET A 212 -33.81 72.39 -41.20
C MET A 212 -32.34 72.34 -41.59
N THR A 213 -32.00 73.03 -42.67
CA THR A 213 -30.62 73.21 -43.08
C THR A 213 -30.51 74.51 -43.87
N THR A 214 -29.38 75.20 -43.71
CA THR A 214 -29.13 76.49 -44.35
C THR A 214 -30.27 77.47 -44.07
N ALA A 215 -30.48 77.75 -42.79
CA ALA A 215 -31.53 78.65 -42.32
C ALA A 215 -32.90 78.25 -42.84
N GLY B 38 -20.14 83.79 -12.39
CA GLY B 38 -20.40 82.93 -13.52
C GLY B 38 -21.80 83.06 -14.06
N LEU B 39 -22.10 82.30 -15.12
CA LEU B 39 -23.45 82.33 -15.70
C LEU B 39 -24.49 81.88 -14.69
N GLY B 40 -24.21 80.79 -13.98
CA GLY B 40 -25.10 80.35 -12.92
C GLY B 40 -25.21 81.39 -11.81
N ASP B 41 -24.08 81.98 -11.43
CA ASP B 41 -24.11 83.03 -10.41
C ASP B 41 -24.92 84.23 -10.88
N GLN B 42 -24.76 84.62 -12.15
CA GLN B 42 -25.50 85.76 -12.66
C GLN B 42 -27.01 85.49 -12.68
N VAL B 43 -27.41 84.31 -13.15
CA VAL B 43 -28.84 84.01 -13.22
C VAL B 43 -29.42 83.88 -11.81
N TYR B 44 -28.66 83.30 -10.88
CA TYR B 44 -29.13 83.21 -9.50
C TYR B 44 -29.28 84.59 -8.86
N ASN B 45 -28.32 85.49 -9.13
CA ASN B 45 -28.45 86.86 -8.64
C ASN B 45 -29.68 87.55 -9.20
N ARG B 46 -29.88 87.44 -10.52
CA ARG B 46 -31.01 88.11 -11.15
C ARG B 46 -32.34 87.52 -10.69
N LEU B 47 -32.37 86.23 -10.36
CA LEU B 47 -33.59 85.65 -9.81
C LEU B 47 -33.80 86.06 -8.36
N LEU B 48 -32.73 86.16 -7.58
CA LEU B 48 -32.83 86.66 -6.21
C LEU B 48 -33.35 88.09 -6.18
N ASN B 49 -33.03 88.88 -7.20
CA ASN B 49 -33.61 90.20 -7.32
C ASN B 49 -35.12 90.13 -7.50
N GLU B 50 -35.64 88.98 -7.95
CA GLU B 50 -37.07 88.76 -8.09
C GLU B 50 -37.66 87.97 -6.93
N ARG B 51 -36.88 87.74 -5.87
CA ARG B 51 -37.31 87.00 -4.69
C ARG B 51 -37.70 85.56 -5.06
N ILE B 52 -36.79 84.87 -5.73
CA ILE B 52 -36.95 83.46 -6.09
C ILE B 52 -35.76 82.69 -5.54
N ILE B 53 -36.04 81.60 -4.83
CA ILE B 53 -35.02 80.79 -4.16
C ILE B 53 -35.15 79.36 -4.64
N PHE B 54 -34.00 78.70 -4.83
CA PHE B 54 -33.94 77.32 -5.27
C PHE B 54 -33.37 76.44 -4.16
N LEU B 55 -33.78 75.18 -4.14
CA LEU B 55 -33.27 74.17 -3.22
C LEU B 55 -32.98 72.88 -3.98
N GLY B 56 -32.29 73.01 -5.11
CA GLY B 56 -32.07 71.88 -5.99
C GLY B 56 -30.89 71.00 -5.63
N GLN B 57 -30.70 70.72 -4.35
CA GLN B 57 -29.63 69.86 -3.87
C GLN B 57 -30.02 69.27 -2.53
N PRO B 58 -29.38 68.17 -2.12
CA PRO B 58 -29.67 67.61 -0.80
C PRO B 58 -29.38 68.61 0.32
N VAL B 59 -30.20 68.56 1.36
CA VAL B 59 -30.12 69.52 2.44
C VAL B 59 -28.99 69.12 3.39
N ASP B 60 -28.13 70.10 3.71
CA ASP B 60 -27.05 69.90 4.67
C ASP B 60 -26.70 71.26 5.24
N ASP B 61 -25.54 71.35 5.90
CA ASP B 61 -25.20 72.54 6.68
C ASP B 61 -25.09 73.78 5.80
N ASP B 62 -24.18 73.77 4.81
CA ASP B 62 -23.87 75.00 4.09
C ASP B 62 -25.04 75.50 3.27
N ILE B 63 -25.78 74.58 2.63
CA ILE B 63 -26.93 75.00 1.82
C ILE B 63 -28.02 75.56 2.72
N ALA B 64 -28.21 74.97 3.91
CA ALA B 64 -29.19 75.51 4.84
C ALA B 64 -28.79 76.91 5.31
N ASN B 65 -27.50 77.12 5.58
CA ASN B 65 -27.03 78.45 5.95
C ASN B 65 -27.27 79.43 4.82
N LYS B 66 -27.02 79.01 3.59
CA LYS B 66 -27.23 79.86 2.42
C LYS B 66 -28.70 80.25 2.29
N ILE B 67 -29.60 79.27 2.46
CA ILE B 67 -31.03 79.54 2.35
C ILE B 67 -31.49 80.47 3.47
N THR B 68 -30.98 80.24 4.70
CA THR B 68 -31.33 81.11 5.80
C THR B 68 -30.86 82.54 5.55
N ALA B 69 -29.64 82.68 5.02
CA ALA B 69 -29.12 84.02 4.70
C ALA B 69 -29.99 84.70 3.65
N GLN B 70 -30.39 83.96 2.61
CA GLN B 70 -31.23 84.54 1.58
C GLN B 70 -32.58 84.96 2.15
N LEU B 71 -33.18 84.12 3.00
CA LEU B 71 -34.46 84.45 3.60
C LEU B 71 -34.36 85.68 4.50
N LEU B 72 -33.29 85.77 5.30
CA LEU B 72 -33.11 86.93 6.16
C LEU B 72 -32.89 88.19 5.34
N LEU B 73 -32.14 88.09 4.25
CA LEU B 73 -31.94 89.25 3.38
C LEU B 73 -33.24 89.70 2.74
N LEU B 74 -34.06 88.75 2.27
CA LEU B 74 -35.32 89.10 1.63
C LEU B 74 -36.37 89.56 2.64
N ALA B 75 -36.21 89.23 3.91
CA ALA B 75 -37.16 89.64 4.94
C ALA B 75 -37.10 91.13 5.25
N SER B 76 -36.27 91.91 4.55
CA SER B 76 -36.24 93.35 4.79
C SER B 76 -37.58 93.99 4.46
N ASP B 77 -38.19 93.59 3.34
CA ASP B 77 -39.49 94.11 2.95
C ASP B 77 -40.56 93.11 3.42
N PRO B 78 -41.41 93.48 4.37
CA PRO B 78 -42.28 92.47 5.00
C PRO B 78 -43.55 92.12 4.23
N GLU B 79 -44.06 93.02 3.41
CA GLU B 79 -45.33 92.78 2.74
C GLU B 79 -45.18 92.03 1.41
N LYS B 80 -43.97 91.61 1.06
CA LYS B 80 -43.74 90.84 -0.15
C LYS B 80 -43.57 89.36 0.17
N ASP B 81 -43.92 88.53 -0.80
CA ASP B 81 -43.83 87.08 -0.66
C ASP B 81 -42.62 86.54 -1.42
N ILE B 82 -42.12 85.40 -0.97
CA ILE B 82 -40.94 84.77 -1.53
C ILE B 82 -41.33 83.41 -2.12
N TYR B 83 -40.95 83.19 -3.37
CA TYR B 83 -41.17 81.91 -4.02
C TYR B 83 -39.99 80.99 -3.75
N LEU B 84 -40.28 79.75 -3.37
CA LEU B 84 -39.26 78.78 -2.99
C LEU B 84 -39.49 77.51 -3.80
N TYR B 85 -38.59 77.22 -4.74
CA TYR B 85 -38.67 76.02 -5.55
C TYR B 85 -37.93 74.89 -4.86
N ILE B 86 -38.56 73.72 -4.78
CA ILE B 86 -38.02 72.56 -4.08
C ILE B 86 -37.82 71.43 -5.08
N ASN B 87 -36.59 70.95 -5.19
CA ASN B 87 -36.29 69.73 -5.94
C ASN B 87 -35.07 69.09 -5.27
N SER B 88 -35.32 68.18 -4.34
CA SER B 88 -34.26 67.64 -3.51
C SER B 88 -34.69 66.30 -2.96
N PRO B 89 -33.75 65.36 -2.77
CA PRO B 89 -34.09 64.08 -2.15
C PRO B 89 -34.03 64.13 -0.62
N GLY B 90 -33.99 65.33 -0.07
CA GLY B 90 -33.90 65.50 1.38
C GLY B 90 -32.47 65.44 1.87
N GLY B 91 -32.33 65.60 3.18
CA GLY B 91 -31.02 65.62 3.79
C GLY B 91 -31.00 65.62 5.30
N SER B 92 -30.14 66.45 5.89
CA SER B 92 -29.95 66.46 7.34
C SER B 92 -31.17 67.03 8.06
N ILE B 93 -31.37 66.54 9.28
CA ILE B 93 -32.55 66.93 10.06
C ILE B 93 -32.39 68.34 10.63
N THR B 94 -31.26 68.59 11.31
CA THR B 94 -31.09 69.85 12.02
C THR B 94 -31.05 71.03 11.06
N ALA B 95 -30.40 70.88 9.92
CA ALA B 95 -30.38 71.95 8.92
C ALA B 95 -31.79 72.27 8.44
N GLY B 96 -32.58 71.24 8.17
CA GLY B 96 -33.94 71.47 7.74
C GLY B 96 -34.80 72.12 8.82
N MET B 97 -34.56 71.76 10.08
CA MET B 97 -35.25 72.43 11.18
C MET B 97 -34.87 73.90 11.25
N ALA B 98 -33.59 74.21 11.01
CA ALA B 98 -33.19 75.61 10.95
C ALA B 98 -33.92 76.35 9.83
N ILE B 99 -33.99 75.75 8.64
CA ILE B 99 -34.68 76.38 7.53
C ILE B 99 -36.15 76.57 7.85
N TYR B 100 -36.79 75.55 8.43
CA TYR B 100 -38.21 75.63 8.77
C TYR B 100 -38.47 76.72 9.82
N ASP B 101 -37.62 76.81 10.83
CA ASP B 101 -37.78 77.85 11.84
C ASP B 101 -37.62 79.23 11.22
N THR B 102 -36.66 79.39 10.31
CA THR B 102 -36.52 80.67 9.62
C THR B 102 -37.76 80.99 8.80
N MET B 103 -38.32 79.99 8.11
CA MET B 103 -39.53 80.20 7.33
C MET B 103 -40.69 80.64 8.21
N GLN B 104 -40.87 79.99 9.35
CA GLN B 104 -41.93 80.36 10.29
C GLN B 104 -41.62 81.62 11.08
N TYR B 105 -40.38 82.13 10.99
CA TYR B 105 -39.97 83.25 11.82
C TYR B 105 -40.37 84.58 11.19
N ILE B 106 -40.09 84.75 9.91
CA ILE B 106 -40.33 86.03 9.24
C ILE B 106 -41.83 86.21 8.99
N LYS B 107 -42.26 87.46 8.91
CA LYS B 107 -43.67 87.76 8.65
C LYS B 107 -44.06 87.52 7.20
N ASN B 108 -43.09 87.48 6.29
CA ASN B 108 -43.40 87.34 4.88
C ASN B 108 -43.97 85.95 4.58
N ASP B 109 -44.87 85.90 3.60
CA ASP B 109 -45.44 84.64 3.17
C ASP B 109 -44.50 83.93 2.20
N VAL B 110 -44.45 82.61 2.31
CA VAL B 110 -43.57 81.79 1.48
C VAL B 110 -44.44 80.91 0.60
N VAL B 111 -44.25 80.99 -0.71
CA VAL B 111 -44.98 80.18 -1.68
C VAL B 111 -44.05 79.07 -2.13
N THR B 112 -44.32 77.85 -1.69
CA THR B 112 -43.49 76.71 -2.03
C THR B 112 -44.02 76.05 -3.30
N ILE B 113 -43.11 75.76 -4.24
CA ILE B 113 -43.44 75.13 -5.50
C ILE B 113 -42.57 73.90 -5.67
N ALA B 114 -43.18 72.75 -5.87
CA ALA B 114 -42.47 71.49 -6.05
C ALA B 114 -42.29 71.21 -7.54
N MET B 115 -41.05 70.90 -7.93
CA MET B 115 -40.73 70.48 -9.28
C MET B 115 -39.76 69.31 -9.19
N GLY B 116 -39.79 68.46 -10.22
CA GLY B 116 -39.00 67.25 -10.17
C GLY B 116 -39.55 66.29 -9.14
N LEU B 117 -38.87 66.17 -8.00
CA LEU B 117 -39.37 65.38 -6.88
C LEU B 117 -39.17 66.16 -5.60
N ALA B 118 -40.01 65.86 -4.61
CA ALA B 118 -39.88 66.38 -3.25
C ALA B 118 -39.90 65.16 -2.34
N ALA B 119 -38.75 64.53 -2.16
CA ALA B 119 -38.66 63.26 -1.46
C ALA B 119 -38.17 63.49 -0.03
N ALA B 120 -38.54 62.55 0.85
CA ALA B 120 -38.15 62.57 2.25
C ALA B 120 -38.50 63.89 2.91
N MET B 121 -37.48 64.65 3.29
CA MET B 121 -37.68 65.85 4.08
C MET B 121 -37.85 67.10 3.20
N GLY B 122 -37.48 67.01 1.93
CA GLY B 122 -37.88 68.03 0.98
C GLY B 122 -39.39 68.18 0.92
N GLN B 123 -40.11 67.07 1.04
CA GLN B 123 -41.56 67.15 1.21
C GLN B 123 -41.93 67.90 2.48
N PHE B 124 -41.21 67.66 3.57
CA PHE B 124 -41.48 68.36 4.82
C PHE B 124 -41.38 69.87 4.64
N LEU B 125 -40.32 70.32 3.96
CA LEU B 125 -40.22 71.75 3.68
C LEU B 125 -41.22 72.21 2.63
N LEU B 126 -41.68 71.31 1.75
CA LEU B 126 -42.70 71.67 0.78
C LEU B 126 -44.02 71.98 1.45
N SER B 127 -44.41 71.18 2.44
CA SER B 127 -45.66 71.37 3.16
C SER B 127 -45.58 72.44 4.24
N ALA B 128 -44.39 73.00 4.47
CA ALA B 128 -44.22 74.02 5.50
C ALA B 128 -44.57 75.42 5.02
N GLY B 129 -44.97 75.57 3.76
CA GLY B 129 -45.35 76.86 3.26
C GLY B 129 -46.68 77.34 3.83
N THR B 130 -46.98 78.60 3.56
CA THR B 130 -48.22 79.19 4.06
C THR B 130 -49.42 78.47 3.45
N PRO B 131 -50.49 78.25 4.21
CA PRO B 131 -51.65 77.54 3.67
C PRO B 131 -52.24 78.26 2.47
N GLY B 132 -52.66 77.48 1.48
CA GLY B 132 -53.19 78.02 0.25
C GLY B 132 -52.15 78.51 -0.73
N LYS B 133 -50.87 78.38 -0.42
CA LYS B 133 -49.79 78.85 -1.28
C LYS B 133 -48.73 77.77 -1.49
N ARG B 134 -49.11 76.50 -1.30
CA ARG B 134 -48.24 75.37 -1.57
C ARG B 134 -48.70 74.69 -2.84
N PHE B 135 -47.78 74.48 -3.78
CA PHE B 135 -48.15 73.96 -5.09
C PHE B 135 -47.11 72.95 -5.55
N ALA B 136 -47.53 72.10 -6.48
CA ALA B 136 -46.64 71.15 -7.14
C ALA B 136 -46.95 71.14 -8.63
N LEU B 137 -45.92 70.99 -9.45
CA LEU B 137 -46.12 70.91 -10.89
C LEU B 137 -46.79 69.59 -11.25
N PRO B 138 -47.47 69.53 -12.40
CA PRO B 138 -48.26 68.32 -12.72
C PRO B 138 -47.45 67.03 -12.69
N ASN B 139 -46.22 67.04 -13.20
CA ASN B 139 -45.37 65.86 -13.19
C ASN B 139 -44.37 65.91 -12.04
N ALA B 140 -44.91 65.88 -10.81
CA ALA B 140 -44.10 65.93 -9.60
C ALA B 140 -44.45 64.74 -8.71
N GLU B 141 -43.42 64.14 -8.13
CA GLU B 141 -43.57 63.01 -7.23
C GLU B 141 -43.16 63.42 -5.82
N ILE B 142 -43.93 62.97 -4.84
CA ILE B 142 -43.69 63.29 -3.44
C ILE B 142 -43.49 62.00 -2.67
N LEU B 143 -42.47 61.96 -1.82
CA LEU B 143 -42.13 60.76 -1.07
C LEU B 143 -42.12 61.07 0.42
N ILE B 144 -42.65 60.14 1.21
CA ILE B 144 -42.64 60.27 2.67
C ILE B 144 -42.08 58.98 3.27
N HIS B 145 -41.26 59.12 4.31
CA HIS B 145 -40.73 58.00 5.06
C HIS B 145 -40.15 58.51 6.37
N GLN B 146 -39.88 57.57 7.28
CA GLN B 146 -39.36 57.92 8.60
C GLN B 146 -37.89 58.29 8.52
N PRO B 147 -37.39 59.03 9.51
CA PRO B 147 -35.97 59.38 9.52
C PRO B 147 -35.09 58.15 9.74
N SER B 148 -33.84 58.28 9.33
CA SER B 148 -32.86 57.20 9.46
C SER B 148 -31.49 57.80 9.70
N ALA B 149 -30.85 57.41 10.81
CA ALA B 149 -29.51 57.90 11.13
C ALA B 149 -28.86 56.88 12.07
N GLY B 150 -27.86 56.17 11.56
CA GLY B 150 -27.26 55.09 12.32
C GLY B 150 -26.54 55.60 13.57
N LEU B 151 -26.30 54.67 14.49
CA LEU B 151 -25.74 55.00 15.80
C LEU B 151 -24.64 54.00 16.15
N ALA B 152 -23.73 54.45 17.01
CA ALA B 152 -22.64 53.61 17.50
C ALA B 152 -22.11 54.22 18.79
N GLY B 153 -21.39 53.40 19.57
CA GLY B 153 -20.79 53.85 20.80
C GLY B 153 -21.03 52.84 21.91
N SER B 154 -20.92 53.33 23.14
CA SER B 154 -21.13 52.49 24.31
C SER B 154 -22.62 52.31 24.59
N ALA B 155 -22.93 51.46 25.56
CA ALA B 155 -24.32 51.08 25.82
C ALA B 155 -25.16 52.29 26.25
N SER B 156 -24.66 53.07 27.21
CA SER B 156 -25.43 54.22 27.69
C SER B 156 -25.57 55.27 26.59
N ASP B 157 -24.49 55.52 25.85
CA ASP B 157 -24.58 56.46 24.73
C ASP B 157 -25.55 55.97 23.67
N ILE B 158 -25.54 54.66 23.41
CA ILE B 158 -26.50 54.08 22.46
C ILE B 158 -27.93 54.31 22.94
N LYS B 159 -28.16 54.11 24.23
CA LYS B 159 -29.50 54.34 24.78
C LYS B 159 -29.93 55.79 24.62
N ILE B 160 -29.02 56.73 24.92
CA ILE B 160 -29.35 58.15 24.81
C ILE B 160 -29.66 58.52 23.36
N HIS B 161 -28.83 58.05 22.44
CA HIS B 161 -29.06 58.38 21.03
C HIS B 161 -30.34 57.74 20.52
N ALA B 162 -30.65 56.52 20.97
CA ALA B 162 -31.88 55.86 20.55
C ALA B 162 -33.12 56.60 21.06
N GLU B 163 -33.10 57.03 22.31
CA GLU B 163 -34.26 57.76 22.82
C GLU B 163 -34.40 59.13 22.17
N ARG B 164 -33.28 59.79 21.85
CA ARG B 164 -33.36 61.02 21.06
C ARG B 164 -33.92 60.77 19.67
N LEU B 165 -33.51 59.67 19.03
CA LEU B 165 -34.05 59.34 17.70
C LEU B 165 -35.55 59.12 17.77
N LEU B 166 -36.01 58.39 18.80
CA LEU B 166 -37.44 58.17 18.97
C LEU B 166 -38.18 59.49 19.21
N HIS B 167 -37.61 60.35 20.06
CA HIS B 167 -38.24 61.64 20.35
C HIS B 167 -38.34 62.50 19.10
N THR B 168 -37.27 62.56 18.30
CA THR B 168 -37.32 63.39 17.09
C THR B 168 -38.23 62.77 16.03
N LYS B 169 -38.34 61.45 15.99
CA LYS B 169 -39.31 60.82 15.09
C LYS B 169 -40.73 61.20 15.46
N LYS B 170 -41.04 61.14 16.75
CA LYS B 170 -42.37 61.54 17.22
C LYS B 170 -42.62 63.03 16.93
N ARG B 171 -41.59 63.86 17.13
CA ARG B 171 -41.72 65.28 16.84
C ARG B 171 -42.02 65.52 15.37
N MET B 172 -41.30 64.84 14.48
CA MET B 172 -41.55 64.98 13.05
C MET B 172 -42.95 64.52 12.70
N ALA B 173 -43.39 63.40 13.27
CA ALA B 173 -44.73 62.90 12.99
C ALA B 173 -45.79 63.90 13.38
N GLU B 174 -45.68 64.45 14.60
CA GLU B 174 -46.71 65.41 15.04
C GLU B 174 -46.64 66.71 14.26
N LEU B 175 -45.43 67.14 13.87
CA LEU B 175 -45.29 68.37 13.09
C LEU B 175 -45.94 68.23 11.72
N THR B 176 -45.64 67.13 11.01
CA THR B 176 -46.24 66.95 9.70
C THR B 176 -47.74 66.70 9.81
N SER B 177 -48.19 66.08 10.91
CA SER B 177 -49.62 65.94 11.15
C SER B 177 -50.28 67.29 11.29
N GLN B 178 -49.65 68.21 12.04
CA GLN B 178 -50.20 69.55 12.18
C GLN B 178 -50.23 70.28 10.85
N HIS B 179 -49.18 70.14 10.04
CA HIS B 179 -49.14 70.86 8.77
C HIS B 179 -49.98 70.21 7.67
N THR B 180 -50.44 68.97 7.82
CA THR B 180 -51.28 68.37 6.80
C THR B 180 -52.69 68.04 7.28
N GLY B 181 -52.94 68.04 8.59
CA GLY B 181 -54.27 67.77 9.10
C GLY B 181 -54.77 66.37 8.78
N GLN B 182 -53.91 65.37 8.98
CA GLN B 182 -54.26 63.98 8.71
C GLN B 182 -54.07 63.13 9.97
N THR B 183 -54.28 63.73 11.15
CA THR B 183 -54.11 63.07 12.44
C THR B 183 -52.69 62.56 12.65
N ILE B 184 -52.41 62.01 13.81
CA ILE B 184 -51.07 61.54 14.16
C ILE B 184 -50.90 60.05 13.88
N GLU B 185 -51.90 59.24 14.23
CA GLU B 185 -51.79 57.79 14.03
C GLU B 185 -51.71 57.46 12.55
N GLN B 186 -52.49 58.15 11.71
CA GLN B 186 -52.43 57.90 10.27
C GLN B 186 -51.06 58.23 9.72
N ILE B 187 -50.47 59.35 10.15
CA ILE B 187 -49.14 59.73 9.67
C ILE B 187 -48.11 58.71 10.10
N THR B 188 -48.16 58.27 11.35
CA THR B 188 -47.21 57.28 11.84
C THR B 188 -47.35 55.96 11.09
N ARG B 189 -48.59 55.56 10.80
CA ARG B 189 -48.81 54.35 10.02
C ARG B 189 -48.26 54.48 8.61
N ASP B 190 -48.45 55.65 7.99
CA ASP B 190 -48.00 55.87 6.62
C ASP B 190 -46.50 56.14 6.53
N SER B 191 -45.83 56.41 7.64
CA SER B 191 -44.40 56.71 7.64
C SER B 191 -43.53 55.49 7.94
N ASP B 192 -44.14 54.31 8.11
CA ASP B 192 -43.34 53.12 8.37
C ASP B 192 -42.44 52.79 7.20
N ARG B 193 -42.99 52.86 5.98
CA ARG B 193 -42.24 52.63 4.76
C ARG B 193 -42.41 53.82 3.83
N ASP B 194 -41.66 53.80 2.73
CA ASP B 194 -41.76 54.85 1.74
C ASP B 194 -43.14 54.86 1.11
N ARG B 195 -43.75 56.04 1.00
CA ARG B 195 -45.01 56.19 0.29
C ARG B 195 -44.89 57.30 -0.73
N TRP B 196 -45.45 57.07 -1.91
CA TRP B 196 -45.37 57.97 -3.05
C TRP B 196 -46.73 58.61 -3.33
N PHE B 197 -46.69 59.87 -3.73
CA PHE B 197 -47.87 60.63 -4.11
C PHE B 197 -47.60 61.33 -5.44
N ASP B 198 -48.63 61.45 -6.27
CA ASP B 198 -48.50 61.97 -7.62
C ASP B 198 -49.43 63.17 -7.78
N ALA B 199 -48.91 64.36 -7.47
CA ALA B 199 -49.63 65.62 -7.60
C ALA B 199 -51.04 65.56 -7.02
N PHE B 200 -51.97 64.97 -7.78
CA PHE B 200 -53.36 64.91 -7.34
C PHE B 200 -53.51 64.09 -6.08
N GLU B 201 -52.77 63.00 -5.96
CA GLU B 201 -52.78 62.22 -4.72
C GLU B 201 -52.26 63.05 -3.55
N ALA B 202 -51.21 63.84 -3.79
CA ALA B 202 -50.73 64.76 -2.77
C ALA B 202 -51.77 65.82 -2.43
N LYS B 203 -52.51 66.29 -3.44
CA LYS B 203 -53.55 67.28 -3.20
C LYS B 203 -54.65 66.72 -2.30
N GLU B 204 -55.16 65.53 -2.62
CA GLU B 204 -56.21 64.94 -1.81
C GLU B 204 -55.70 64.54 -0.43
N TYR B 205 -54.43 64.16 -0.33
CA TYR B 205 -53.85 63.85 0.96
C TYR B 205 -53.67 65.09 1.82
N GLY B 206 -53.62 66.27 1.22
CA GLY B 206 -53.45 67.50 1.96
C GLY B 206 -52.01 68.00 2.05
N LEU B 207 -51.06 67.31 1.41
CA LEU B 207 -49.68 67.77 1.44
C LEU B 207 -49.52 69.10 0.72
N ILE B 208 -50.22 69.31 -0.39
CA ILE B 208 -50.20 70.55 -1.14
C ILE B 208 -51.63 71.09 -1.21
N ASP B 209 -51.76 72.25 -1.85
CA ASP B 209 -53.06 72.92 -1.95
C ASP B 209 -53.62 72.96 -3.36
N ASP B 210 -52.77 72.99 -4.39
CA ASP B 210 -53.24 73.03 -5.75
C ASP B 210 -52.10 72.61 -6.68
N VAL B 211 -52.45 71.94 -7.76
CA VAL B 211 -51.48 71.54 -8.78
C VAL B 211 -51.50 72.59 -9.88
N MET B 212 -50.44 73.39 -9.96
CA MET B 212 -50.42 74.50 -10.91
C MET B 212 -50.32 74.00 -12.35
N THR B 213 -50.93 74.76 -13.25
CA THR B 213 -50.79 74.62 -14.68
C THR B 213 -50.20 75.93 -15.21
N THR B 214 -50.21 76.08 -16.53
CA THR B 214 -49.80 77.33 -17.16
C THR B 214 -50.46 78.52 -16.46
N ALA B 215 -49.63 79.40 -15.92
CA ALA B 215 -50.11 80.53 -15.13
C ALA B 215 -51.04 81.45 -15.94
N GLY C 38 -20.57 82.58 -5.80
CA GLY C 38 -20.57 84.02 -5.63
C GLY C 38 -21.81 84.54 -4.92
N LEU C 39 -22.93 83.82 -5.08
CA LEU C 39 -24.16 84.19 -4.41
C LEU C 39 -24.01 84.15 -2.88
N GLY C 40 -23.39 83.09 -2.37
CA GLY C 40 -23.18 83.00 -0.93
C GLY C 40 -22.32 84.13 -0.40
N ASP C 41 -21.23 84.44 -1.12
CA ASP C 41 -20.37 85.54 -0.73
C ASP C 41 -21.11 86.86 -0.78
N GLN C 42 -21.98 87.04 -1.79
CA GLN C 42 -22.71 88.30 -1.93
C GLN C 42 -23.73 88.49 -0.81
N VAL C 43 -24.48 87.42 -0.49
CA VAL C 43 -25.46 87.53 0.59
C VAL C 43 -24.74 87.70 1.94
N TYR C 44 -23.58 87.07 2.11
CA TYR C 44 -22.81 87.30 3.32
C TYR C 44 -22.27 88.73 3.38
N ASN C 45 -21.92 89.29 2.23
CA ASN C 45 -21.54 90.70 2.17
C ASN C 45 -22.66 91.59 2.71
N ARG C 46 -23.88 91.42 2.18
CA ARG C 46 -24.99 92.22 2.68
C ARG C 46 -25.29 91.95 4.15
N LEU C 47 -25.24 90.70 4.59
CA LEU C 47 -25.53 90.41 5.99
C LEU C 47 -24.49 91.02 6.92
N LEU C 48 -23.22 90.98 6.54
CA LEU C 48 -22.19 91.66 7.32
C LEU C 48 -22.42 93.16 7.34
N ASN C 49 -22.84 93.73 6.21
CA ASN C 49 -23.24 95.13 6.20
C ASN C 49 -24.42 95.39 7.13
N GLU C 50 -25.25 94.38 7.37
CA GLU C 50 -26.37 94.46 8.29
C GLU C 50 -26.01 94.00 9.70
N ARG C 51 -24.73 93.73 9.96
CA ARG C 51 -24.24 93.27 11.27
C ARG C 51 -24.87 91.93 11.65
N ILE C 52 -24.66 90.93 10.79
CA ILE C 52 -25.12 89.57 11.01
C ILE C 52 -23.95 88.63 10.75
N ILE C 53 -23.72 87.69 11.67
CA ILE C 53 -22.60 86.76 11.59
C ILE C 53 -23.12 85.34 11.76
N PHE C 54 -22.52 84.42 11.00
CA PHE C 54 -22.92 83.02 11.01
C PHE C 54 -21.77 82.14 11.46
N LEU C 55 -22.11 81.01 12.10
CA LEU C 55 -21.15 79.99 12.49
C LEU C 55 -21.70 78.60 12.14
N GLY C 56 -22.20 78.47 10.92
CA GLY C 56 -22.84 77.24 10.51
C GLY C 56 -21.91 76.16 9.99
N GLN C 57 -20.91 75.80 10.78
CA GLN C 57 -19.97 74.73 10.44
C GLN C 57 -19.16 74.39 11.68
N PRO C 58 -18.51 73.23 11.71
CA PRO C 58 -17.66 72.89 12.85
C PRO C 58 -16.56 73.92 13.06
N VAL C 59 -16.24 74.18 14.31
CA VAL C 59 -15.35 75.27 14.69
C VAL C 59 -13.91 74.79 14.64
N ASP C 60 -13.06 75.54 13.93
CA ASP C 60 -11.63 75.26 13.88
C ASP C 60 -10.91 76.61 13.87
N ASP C 61 -9.59 76.57 13.62
CA ASP C 61 -8.79 77.78 13.69
C ASP C 61 -9.18 78.77 12.60
N ASP C 62 -9.47 78.29 11.39
CA ASP C 62 -9.81 79.18 10.29
C ASP C 62 -11.07 79.97 10.59
N ILE C 63 -12.14 79.28 10.99
CA ILE C 63 -13.38 79.99 11.29
C ILE C 63 -13.24 80.82 12.56
N ALA C 64 -12.33 80.43 13.46
CA ALA C 64 -12.06 81.26 14.63
C ALA C 64 -11.47 82.60 14.20
N ASN C 65 -10.48 82.57 13.31
CA ASN C 65 -9.92 83.81 12.78
C ASN C 65 -11.00 84.60 12.04
N LYS C 66 -11.86 83.90 11.30
CA LYS C 66 -12.94 84.56 10.58
C LYS C 66 -13.86 85.33 11.53
N ILE C 67 -14.34 84.66 12.57
CA ILE C 67 -15.25 85.28 13.52
C ILE C 67 -14.56 86.43 14.25
N THR C 68 -13.30 86.23 14.64
CA THR C 68 -12.57 87.29 15.33
C THR C 68 -12.41 88.51 14.43
N ALA C 69 -12.10 88.29 13.15
CA ALA C 69 -11.95 89.40 12.22
C ALA C 69 -13.26 90.15 12.05
N GLN C 70 -14.37 89.42 11.89
CA GLN C 70 -15.67 90.08 11.74
C GLN C 70 -16.02 90.88 12.99
N LEU C 71 -15.79 90.30 14.17
CA LEU C 71 -16.10 90.98 15.41
C LEU C 71 -15.24 92.22 15.60
N LEU C 72 -13.95 92.13 15.28
CA LEU C 72 -13.07 93.29 15.39
C LEU C 72 -13.49 94.40 14.42
N LEU C 73 -13.87 94.02 13.19
CA LEU C 73 -14.34 95.02 12.24
C LEU C 73 -15.62 95.70 12.73
N LEU C 74 -16.55 94.92 13.28
CA LEU C 74 -17.80 95.49 13.78
C LEU C 74 -17.59 96.28 15.07
N ALA C 75 -16.50 96.04 15.79
CA ALA C 75 -16.23 96.73 17.04
C ALA C 75 -15.93 98.21 16.84
N SER C 76 -15.70 98.66 15.61
CA SER C 76 -15.49 100.08 15.36
C SER C 76 -16.69 100.93 15.77
N ASP C 77 -17.88 100.33 15.81
CA ASP C 77 -19.07 101.01 16.28
C ASP C 77 -19.37 100.54 17.69
N PRO C 78 -19.15 101.37 18.71
CA PRO C 78 -19.35 100.92 20.09
C PRO C 78 -20.80 100.96 20.58
N GLU C 79 -21.67 101.69 19.87
CA GLU C 79 -23.04 101.83 20.34
C GLU C 79 -24.00 100.81 19.76
N LYS C 80 -23.62 100.12 18.70
CA LYS C 80 -24.49 99.11 18.10
C LYS C 80 -24.12 97.71 18.59
N ASP C 81 -25.00 96.76 18.28
CA ASP C 81 -24.85 95.38 18.70
C ASP C 81 -24.66 94.48 17.49
N ILE C 82 -24.25 93.23 17.76
CA ILE C 82 -23.95 92.25 16.72
C ILE C 82 -24.84 91.04 16.94
N TYR C 83 -25.47 90.56 15.87
CA TYR C 83 -26.31 89.38 15.91
C TYR C 83 -25.50 88.16 15.50
N LEU C 84 -25.59 87.10 16.29
CA LEU C 84 -24.84 85.87 16.07
C LEU C 84 -25.81 84.70 15.92
N TYR C 85 -25.48 83.76 15.03
CA TYR C 85 -26.42 82.76 14.56
C TYR C 85 -25.83 81.35 14.69
N ILE C 86 -25.32 81.03 15.88
CA ILE C 86 -24.66 79.74 16.10
C ILE C 86 -25.58 78.58 15.76
N ASN C 87 -25.14 77.73 14.84
CA ASN C 87 -25.70 76.37 14.70
C ASN C 87 -24.59 75.44 14.19
N SER C 88 -23.88 74.83 15.12
CA SER C 88 -22.70 74.04 14.79
C SER C 88 -22.61 72.85 15.74
N PRO C 89 -22.08 71.71 15.27
CA PRO C 89 -21.85 70.54 16.14
C PRO C 89 -20.52 70.61 16.89
N GLY C 90 -20.24 71.74 17.52
CA GLY C 90 -19.01 71.90 18.27
C GLY C 90 -17.80 72.14 17.39
N GLY C 91 -16.63 71.88 17.96
CA GLY C 91 -15.38 72.10 17.26
C GLY C 91 -14.16 71.96 18.13
N SER C 92 -13.25 72.94 18.04
CA SER C 92 -11.99 72.90 18.77
C SER C 92 -12.04 73.79 20.00
N ILE C 93 -11.27 73.41 21.02
CA ILE C 93 -11.30 74.12 22.30
C ILE C 93 -10.63 75.50 22.16
N THR C 94 -9.46 75.54 21.53
CA THR C 94 -8.70 76.80 21.44
C THR C 94 -9.44 77.81 20.59
N ALA C 95 -10.02 77.38 19.49
CA ALA C 95 -10.80 78.30 18.65
C ALA C 95 -11.99 78.86 19.40
N GLY C 96 -12.69 78.00 20.16
CA GLY C 96 -13.80 78.49 20.95
C GLY C 96 -13.38 79.48 22.02
N MET C 97 -12.23 79.22 22.66
CA MET C 97 -11.70 80.19 23.62
C MET C 97 -11.37 81.51 22.95
N ALA C 98 -10.80 81.46 21.75
CA ALA C 98 -10.50 82.70 21.01
C ALA C 98 -11.78 83.49 20.75
N ILE C 99 -12.82 82.81 20.26
CA ILE C 99 -14.06 83.50 19.95
C ILE C 99 -14.71 84.03 21.23
N TYR C 100 -14.67 83.25 22.31
CA TYR C 100 -15.26 83.68 23.58
C TYR C 100 -14.56 84.93 24.12
N ASP C 101 -13.22 84.93 24.08
CA ASP C 101 -12.47 86.09 24.55
C ASP C 101 -12.73 87.30 23.67
N THR C 102 -12.86 87.10 22.36
CA THR C 102 -13.20 88.22 21.48
C THR C 102 -14.59 88.78 21.81
N MET C 103 -15.55 87.89 22.11
CA MET C 103 -16.88 88.33 22.51
C MET C 103 -16.82 89.16 23.79
N GLN C 104 -16.05 88.70 24.78
CA GLN C 104 -15.92 89.47 26.01
C GLN C 104 -15.02 90.69 25.86
N TYR C 105 -14.32 90.84 24.75
CA TYR C 105 -13.38 91.94 24.57
C TYR C 105 -14.00 93.15 23.89
N ILE C 106 -14.77 92.93 22.81
CA ILE C 106 -15.22 94.03 21.95
C ILE C 106 -16.14 95.01 22.64
N LYS C 107 -16.62 94.72 23.85
CA LYS C 107 -17.42 95.59 24.69
C LYS C 107 -18.82 95.82 24.13
N ASN C 108 -19.10 95.35 22.91
CA ASN C 108 -20.40 95.52 22.29
C ASN C 108 -21.35 94.39 22.72
N ASP C 109 -22.64 94.67 22.60
CA ASP C 109 -23.64 93.65 22.88
C ASP C 109 -23.66 92.62 21.77
N VAL C 110 -23.63 91.34 22.15
CA VAL C 110 -23.64 90.24 21.20
C VAL C 110 -24.95 89.48 21.37
N VAL C 111 -25.79 89.53 20.35
CA VAL C 111 -27.07 88.82 20.36
C VAL C 111 -26.84 87.47 19.70
N THR C 112 -27.01 86.39 20.47
CA THR C 112 -26.71 85.05 20.01
C THR C 112 -28.02 84.29 19.82
N ILE C 113 -28.16 83.63 18.66
CA ILE C 113 -29.35 82.89 18.29
C ILE C 113 -28.94 81.48 17.88
N ALA C 114 -29.66 80.49 18.41
CA ALA C 114 -29.51 79.11 17.97
C ALA C 114 -30.64 78.77 17.00
N MET C 115 -30.28 78.15 15.87
CA MET C 115 -31.25 77.82 14.84
C MET C 115 -31.45 76.32 14.70
N GLY C 116 -30.39 75.56 14.47
CA GLY C 116 -30.51 74.13 14.30
C GLY C 116 -30.01 73.36 15.51
N LEU C 117 -28.80 72.82 15.40
CA LEU C 117 -28.18 72.07 16.48
C LEU C 117 -27.03 72.89 17.08
N ALA C 118 -27.10 73.12 18.37
CA ALA C 118 -26.05 73.80 19.12
C ALA C 118 -25.48 72.79 20.10
N ALA C 119 -24.35 72.17 19.74
CA ALA C 119 -23.81 71.04 20.47
C ALA C 119 -22.35 71.29 20.84
N ALA C 120 -21.92 70.64 21.91
CA ALA C 120 -20.54 70.69 22.38
C ALA C 120 -20.07 72.13 22.59
N MET C 121 -19.11 72.57 21.77
CA MET C 121 -18.55 73.90 21.95
C MET C 121 -19.51 74.97 21.46
N GLY C 122 -20.31 74.66 20.44
CA GLY C 122 -21.29 75.62 19.95
C GLY C 122 -22.31 75.98 21.01
N GLN C 123 -22.66 75.03 21.88
CA GLN C 123 -23.52 75.33 23.01
C GLN C 123 -22.86 76.34 23.94
N PHE C 124 -21.55 76.17 24.21
CA PHE C 124 -20.86 77.12 25.06
C PHE C 124 -20.85 78.50 24.43
N LEU C 125 -20.62 78.58 23.12
CA LEU C 125 -20.74 79.87 22.44
C LEU C 125 -22.16 80.43 22.50
N LEU C 126 -23.18 79.55 22.56
CA LEU C 126 -24.55 80.03 22.67
C LEU C 126 -24.77 80.77 23.98
N SER C 127 -24.25 80.24 25.09
CA SER C 127 -24.38 80.89 26.38
C SER C 127 -23.38 82.02 26.58
N ALA C 128 -22.40 82.17 25.67
CA ALA C 128 -21.40 83.21 25.83
C ALA C 128 -21.93 84.61 25.55
N GLY C 129 -23.15 84.73 25.02
CA GLY C 129 -23.70 86.03 24.72
C GLY C 129 -24.03 86.83 25.96
N THR C 130 -24.26 88.12 25.76
CA THR C 130 -24.61 88.99 26.86
C THR C 130 -25.94 88.55 27.47
N PRO C 131 -26.09 88.63 28.79
CA PRO C 131 -27.34 88.18 29.42
C PRO C 131 -28.54 88.97 28.91
N GLY C 132 -29.66 88.27 28.75
CA GLY C 132 -30.87 88.85 28.23
C GLY C 132 -30.94 88.93 26.71
N LYS C 133 -29.91 88.48 26.00
CA LYS C 133 -29.87 88.55 24.54
C LYS C 133 -29.44 87.21 23.96
N ARG C 134 -29.76 86.11 24.64
CA ARG C 134 -29.48 84.76 24.15
C ARG C 134 -30.81 84.08 23.84
N PHE C 135 -30.94 83.57 22.62
CA PHE C 135 -32.21 83.02 22.17
C PHE C 135 -31.98 81.73 21.40
N ALA C 136 -33.02 80.90 21.37
CA ALA C 136 -33.03 79.69 20.55
C ALA C 136 -34.39 79.58 19.88
N LEU C 137 -34.37 79.11 18.63
CA LEU C 137 -35.61 78.95 17.89
C LEU C 137 -36.43 77.80 18.47
N PRO C 138 -37.75 77.79 18.24
CA PRO C 138 -38.59 76.78 18.91
C PRO C 138 -38.19 75.35 18.65
N ASN C 139 -37.72 75.02 17.44
CA ASN C 139 -37.29 73.67 17.10
C ASN C 139 -35.80 73.47 17.25
N ALA C 140 -35.07 74.48 17.75
CA ALA C 140 -33.65 74.31 18.01
C ALA C 140 -33.43 73.29 19.12
N GLU C 141 -32.33 72.55 19.03
CA GLU C 141 -32.05 71.46 19.95
C GLU C 141 -30.58 71.55 20.37
N ILE C 142 -30.33 71.42 21.67
CA ILE C 142 -29.05 71.77 22.27
C ILE C 142 -28.45 70.53 22.94
N LEU C 143 -27.13 70.49 23.00
CA LEU C 143 -26.40 69.36 23.58
C LEU C 143 -25.30 69.86 24.49
N ILE C 144 -25.05 69.11 25.57
CA ILE C 144 -23.90 69.35 26.44
C ILE C 144 -23.23 68.02 26.74
N HIS C 145 -21.90 68.02 26.73
CA HIS C 145 -21.12 66.84 27.09
C HIS C 145 -19.71 67.28 27.44
N GLN C 146 -18.99 66.37 28.10
CA GLN C 146 -17.63 66.65 28.53
C GLN C 146 -16.67 66.62 27.34
N PRO C 147 -15.54 67.31 27.44
CA PRO C 147 -14.58 67.34 26.33
C PRO C 147 -13.97 65.96 26.06
N SER C 148 -13.54 65.78 24.81
CA SER C 148 -12.88 64.55 24.39
C SER C 148 -11.64 64.91 23.58
N ALA C 149 -10.62 64.07 23.67
CA ALA C 149 -9.36 64.31 23.00
C ALA C 149 -8.60 62.99 22.90
N GLY C 150 -7.35 63.07 22.47
CA GLY C 150 -6.51 61.89 22.35
C GLY C 150 -5.09 62.20 22.74
N LEU C 151 -4.41 61.19 23.29
CA LEU C 151 -3.07 61.36 23.83
C LEU C 151 -2.14 60.27 23.34
N ALA C 152 -0.86 60.63 23.16
CA ALA C 152 0.17 59.69 22.75
C ALA C 152 1.53 60.28 23.12
N GLY C 153 2.47 59.39 23.40
CA GLY C 153 3.83 59.77 23.76
C GLY C 153 4.32 59.01 24.97
N SER C 154 5.41 59.51 25.55
CA SER C 154 6.02 58.89 26.71
C SER C 154 5.19 59.18 27.97
N ALA C 155 5.52 58.46 29.05
CA ALA C 155 4.70 58.48 30.25
C ALA C 155 4.61 59.89 30.85
N SER C 156 5.72 60.61 30.91
CA SER C 156 5.69 61.97 31.44
C SER C 156 4.82 62.88 30.58
N ASP C 157 4.94 62.75 29.25
CA ASP C 157 4.09 63.53 28.35
C ASP C 157 2.62 63.16 28.53
N ILE C 158 2.35 61.86 28.71
CA ILE C 158 0.97 61.42 28.94
C ILE C 158 0.42 62.06 30.22
N LYS C 159 1.22 62.06 31.29
CA LYS C 159 0.77 62.65 32.54
C LYS C 159 0.51 64.15 32.39
N ILE C 160 1.41 64.85 31.71
CA ILE C 160 1.24 66.30 31.53
C ILE C 160 -0.03 66.59 30.73
N HIS C 161 -0.22 65.86 29.64
CA HIS C 161 -1.41 66.07 28.82
C HIS C 161 -2.69 65.71 29.57
N ALA C 162 -2.64 64.65 30.38
CA ALA C 162 -3.81 64.26 31.14
C ALA C 162 -4.18 65.32 32.19
N GLU C 163 -3.18 65.87 32.88
CA GLU C 163 -3.49 66.89 33.87
C GLU C 163 -3.97 68.18 33.20
N ARG C 164 -3.44 68.51 32.02
CA ARG C 164 -3.98 69.65 31.28
C ARG C 164 -5.42 69.40 30.84
N LEU C 165 -5.73 68.17 30.42
CA LEU C 165 -7.11 67.85 30.06
C LEU C 165 -8.04 67.99 31.27
N LEU C 166 -7.60 67.52 32.43
CA LEU C 166 -8.40 67.69 33.63
C LEU C 166 -8.59 69.17 33.97
N HIS C 167 -7.52 69.96 33.83
CA HIS C 167 -7.62 71.39 34.13
C HIS C 167 -8.59 72.09 33.18
N THR C 168 -8.52 71.78 31.89
CA THR C 168 -9.43 72.44 30.95
C THR C 168 -10.86 71.94 31.11
N LYS C 169 -11.05 70.68 31.52
CA LYS C 169 -12.39 70.21 31.86
C LYS C 169 -12.95 71.00 33.04
N LYS C 170 -12.13 71.21 34.07
CA LYS C 170 -12.58 72.00 35.22
C LYS C 170 -12.90 73.43 34.80
N ARG C 171 -12.07 74.02 33.93
CA ARG C 171 -12.34 75.37 33.46
C ARG C 171 -13.65 75.45 32.69
N MET C 172 -13.91 74.48 31.82
CA MET C 172 -15.17 74.46 31.09
C MET C 172 -16.35 74.33 32.05
N ALA C 173 -16.24 73.44 33.03
CA ALA C 173 -17.33 73.25 33.99
C ALA C 173 -17.61 74.54 34.76
N GLU C 174 -16.56 75.21 35.25
CA GLU C 174 -16.77 76.39 36.06
C GLU C 174 -17.26 77.56 35.21
N LEU C 175 -16.79 77.68 33.97
CA LEU C 175 -17.31 78.71 33.09
C LEU C 175 -18.78 78.49 32.78
N THR C 176 -19.18 77.25 32.52
CA THR C 176 -20.59 76.95 32.27
C THR C 176 -21.43 77.24 33.51
N SER C 177 -20.93 76.88 34.69
CA SER C 177 -21.66 77.17 35.92
C SER C 177 -21.72 78.66 36.20
N GLN C 178 -20.75 79.43 35.71
CA GLN C 178 -20.79 80.88 35.87
C GLN C 178 -21.80 81.52 34.92
N HIS C 179 -21.85 81.06 33.66
CA HIS C 179 -22.73 81.69 32.69
C HIS C 179 -24.18 81.31 32.92
N THR C 180 -24.44 80.08 33.33
CA THR C 180 -25.79 79.59 33.60
C THR C 180 -25.96 79.43 35.10
N GLY C 181 -27.11 79.86 35.62
CA GLY C 181 -27.32 79.90 37.06
C GLY C 181 -27.45 78.54 37.71
N GLN C 182 -26.43 77.70 37.54
CA GLN C 182 -26.35 76.39 38.18
C GLN C 182 -25.00 76.25 38.84
N THR C 183 -24.96 75.46 39.92
CA THR C 183 -23.72 75.25 40.65
C THR C 183 -22.76 74.38 39.84
N ILE C 184 -21.51 74.36 40.28
CA ILE C 184 -20.49 73.58 39.57
C ILE C 184 -20.83 72.09 39.59
N GLU C 185 -21.29 71.60 40.74
CA GLU C 185 -21.60 70.18 40.87
C GLU C 185 -22.72 69.77 39.92
N GLN C 186 -23.74 70.63 39.79
CA GLN C 186 -24.85 70.33 38.89
C GLN C 186 -24.36 70.14 37.46
N ILE C 187 -23.48 71.03 37.00
CA ILE C 187 -22.98 70.92 35.63
C ILE C 187 -22.08 69.71 35.48
N THR C 188 -21.17 69.51 36.44
CA THR C 188 -20.19 68.43 36.32
C THR C 188 -20.84 67.05 36.44
N ARG C 189 -22.04 66.96 37.01
CA ARG C 189 -22.74 65.68 36.94
C ARG C 189 -23.66 65.60 35.73
N ASP C 190 -24.22 66.73 35.28
CA ASP C 190 -25.05 66.69 34.09
C ASP C 190 -24.22 66.47 32.83
N SER C 191 -22.99 66.99 32.79
CA SER C 191 -22.09 66.81 31.67
C SER C 191 -21.19 65.60 31.83
N ASP C 192 -21.58 64.63 32.67
CA ASP C 192 -20.74 63.46 32.90
C ASP C 192 -20.65 62.60 31.63
N ARG C 193 -21.79 62.28 31.03
CA ARG C 193 -21.81 61.49 29.80
C ARG C 193 -22.37 62.29 28.63
N ASP C 194 -23.59 62.80 28.74
CA ASP C 194 -24.24 63.56 27.67
C ASP C 194 -25.57 64.06 28.19
N ARG C 195 -26.06 65.14 27.59
CA ARG C 195 -27.44 65.57 27.87
C ARG C 195 -27.94 66.43 26.72
N TRP C 196 -29.22 66.26 26.39
CA TRP C 196 -29.89 66.99 25.33
C TRP C 196 -30.94 67.92 25.93
N PHE C 197 -31.34 68.91 25.14
CA PHE C 197 -32.33 69.89 25.56
C PHE C 197 -33.14 70.36 24.37
N ASP C 198 -34.43 70.56 24.57
CA ASP C 198 -35.28 71.22 23.60
C ASP C 198 -35.26 72.72 23.90
N ALA C 199 -36.14 73.49 23.25
CA ALA C 199 -36.14 74.94 23.43
C ALA C 199 -36.57 75.31 24.85
N PHE C 200 -37.71 74.78 25.30
CA PHE C 200 -38.25 75.18 26.60
C PHE C 200 -37.48 74.56 27.76
N GLU C 201 -36.99 73.34 27.60
CA GLU C 201 -36.16 72.74 28.64
C GLU C 201 -34.87 73.52 28.81
N ALA C 202 -34.26 73.96 27.70
CA ALA C 202 -33.08 74.81 27.80
C ALA C 202 -33.43 76.16 28.42
N LYS C 203 -34.60 76.72 28.08
CA LYS C 203 -35.01 77.99 28.66
C LYS C 203 -35.14 77.90 30.18
N GLU C 204 -35.79 76.84 30.66
CA GLU C 204 -35.97 76.69 32.10
C GLU C 204 -34.67 76.29 32.78
N TYR C 205 -33.79 75.56 32.09
CA TYR C 205 -32.51 75.20 32.66
C TYR C 205 -31.59 76.40 32.84
N GLY C 206 -31.80 77.47 32.08
CA GLY C 206 -30.96 78.65 32.15
C GLY C 206 -29.91 78.76 31.08
N LEU C 207 -29.87 77.83 30.12
CA LEU C 207 -28.89 77.93 29.04
C LEU C 207 -29.16 79.16 28.17
N ILE C 208 -30.42 79.44 27.88
CA ILE C 208 -30.78 80.62 27.10
C ILE C 208 -31.68 81.51 27.95
N ASP C 209 -32.08 82.65 27.39
CA ASP C 209 -32.91 83.61 28.10
C ASP C 209 -34.37 83.57 27.68
N ASP C 210 -34.63 83.38 26.38
CA ASP C 210 -35.99 83.34 25.84
C ASP C 210 -35.93 82.77 24.44
N VAL C 211 -37.07 82.27 23.96
CA VAL C 211 -37.19 81.77 22.60
C VAL C 211 -37.94 82.79 21.76
N MET C 212 -37.61 82.85 20.47
CA MET C 212 -38.34 83.69 19.54
C MET C 212 -39.45 82.90 18.86
N THR C 213 -40.51 83.62 18.49
CA THR C 213 -41.56 83.07 17.63
C THR C 213 -42.20 84.23 16.89
N THR C 214 -42.01 84.26 15.57
CA THR C 214 -42.49 85.36 14.72
C THR C 214 -42.03 86.71 15.25
N ALA C 215 -40.78 86.78 15.69
CA ALA C 215 -40.22 88.01 16.24
C ALA C 215 -39.38 88.75 15.20
N GLY D 38 -13.54 85.31 -1.27
CA GLY D 38 -14.75 85.53 -0.51
C GLY D 38 -14.62 86.61 0.54
N LEU D 39 -15.49 86.55 1.56
CA LEU D 39 -15.51 87.56 2.61
C LEU D 39 -14.16 87.68 3.31
N GLY D 40 -13.38 86.60 3.34
CA GLY D 40 -12.07 86.66 3.96
C GLY D 40 -11.18 87.73 3.34
N ASP D 41 -11.25 87.86 2.02
CA ASP D 41 -10.44 88.87 1.33
C ASP D 41 -10.78 90.27 1.83
N GLN D 42 -12.06 90.62 1.85
CA GLN D 42 -12.45 91.98 2.27
C GLN D 42 -12.14 92.21 3.75
N VAL D 43 -12.42 91.23 4.61
CA VAL D 43 -12.21 91.47 6.03
C VAL D 43 -10.71 91.60 6.33
N TYR D 44 -9.87 90.76 5.71
CA TYR D 44 -8.44 90.86 5.93
C TYR D 44 -7.88 92.14 5.31
N ASN D 45 -8.42 92.57 4.17
CA ASN D 45 -7.99 93.84 3.59
C ASN D 45 -8.30 95.01 4.51
N ARG D 46 -9.51 95.02 5.08
CA ARG D 46 -9.86 96.10 6.00
C ARG D 46 -9.00 96.05 7.26
N LEU D 47 -8.73 94.85 7.78
CA LEU D 47 -7.85 94.75 8.94
C LEU D 47 -6.44 95.24 8.63
N LEU D 48 -5.93 94.91 7.44
CA LEU D 48 -4.62 95.43 7.03
C LEU D 48 -4.65 96.94 6.91
N ASN D 49 -5.74 97.50 6.36
CA ASN D 49 -5.90 98.95 6.35
C ASN D 49 -5.92 99.54 7.75
N GLU D 50 -6.39 98.76 8.74
CA GLU D 50 -6.37 99.17 10.14
C GLU D 50 -5.08 98.76 10.84
N ARG D 51 -4.07 98.33 10.09
CA ARG D 51 -2.77 97.91 10.64
C ARG D 51 -2.94 96.77 11.64
N ILE D 52 -3.68 95.74 11.22
CA ILE D 52 -3.90 94.54 12.03
C ILE D 52 -3.46 93.33 11.21
N ILE D 53 -2.66 92.46 11.82
CA ILE D 53 -2.14 91.28 11.15
C ILE D 53 -2.52 90.05 11.97
N PHE D 54 -2.70 88.93 11.28
CA PHE D 54 -3.10 87.67 11.89
C PHE D 54 -2.10 86.58 11.57
N LEU D 55 -2.00 85.61 12.48
CA LEU D 55 -1.13 84.45 12.31
C LEU D 55 -1.86 83.18 12.74
N GLY D 56 -3.14 83.10 12.43
CA GLY D 56 -3.97 82.00 12.89
C GLY D 56 -3.86 80.73 12.09
N GLN D 57 -2.63 80.24 11.92
CA GLN D 57 -2.38 78.97 11.25
C GLN D 57 -0.94 78.55 11.53
N PRO D 58 -0.62 77.27 11.38
CA PRO D 58 0.77 76.83 11.62
C PRO D 58 1.74 77.56 10.72
N VAL D 59 2.92 77.83 11.27
CA VAL D 59 3.91 78.66 10.59
C VAL D 59 4.62 77.83 9.53
N ASP D 60 4.73 78.38 8.32
CA ASP D 60 5.44 77.72 7.23
C ASP D 60 6.05 78.82 6.35
N ASP D 61 6.56 78.42 5.18
CA ASP D 61 7.21 79.37 4.29
C ASP D 61 6.21 80.39 3.75
N ASP D 62 5.03 79.93 3.36
CA ASP D 62 4.06 80.82 2.72
C ASP D 62 3.58 81.89 3.68
N ILE D 63 3.18 81.49 4.89
CA ILE D 63 2.71 82.48 5.85
C ILE D 63 3.86 83.37 6.32
N ALA D 64 5.09 82.84 6.35
CA ALA D 64 6.24 83.68 6.66
C ALA D 64 6.41 84.78 5.63
N ASN D 65 6.30 84.41 4.35
CA ASN D 65 6.38 85.41 3.29
C ASN D 65 5.25 86.43 3.40
N LYS D 66 4.04 85.96 3.71
CA LYS D 66 2.91 86.88 3.85
C LYS D 66 3.14 87.87 4.99
N ILE D 67 3.57 87.37 6.14
CA ILE D 67 3.81 88.24 7.29
C ILE D 67 4.92 89.23 6.99
N THR D 68 6.02 88.76 6.39
CA THR D 68 7.13 89.65 6.08
C THR D 68 6.71 90.73 5.07
N ALA D 69 5.95 90.34 4.05
CA ALA D 69 5.50 91.31 3.06
C ALA D 69 4.58 92.34 3.69
N GLN D 70 3.66 91.92 4.55
CA GLN D 70 2.76 92.86 5.21
C GLN D 70 3.54 93.81 6.12
N LEU D 71 4.51 93.28 6.87
CA LEU D 71 5.31 94.13 7.74
C LEU D 71 6.14 95.14 6.94
N LEU D 72 6.73 94.69 5.84
CA LEU D 72 7.50 95.61 5.00
C LEU D 72 6.61 96.68 4.39
N LEU D 73 5.40 96.31 3.96
CA LEU D 73 4.48 97.28 3.41
C LEU D 73 4.05 98.30 4.46
N LEU D 74 3.79 97.84 5.68
CA LEU D 74 3.36 98.76 6.73
C LEU D 74 4.51 99.58 7.31
N ALA D 75 5.76 99.14 7.13
CA ALA D 75 6.89 99.87 7.67
C ALA D 75 7.15 101.20 6.95
N SER D 76 6.52 101.43 5.80
CA SER D 76 6.68 102.70 5.11
C SER D 76 6.13 103.86 5.93
N ASP D 77 5.23 103.59 6.88
CA ASP D 77 4.67 104.61 7.75
C ASP D 77 5.20 104.36 9.16
N PRO D 78 6.21 105.11 9.62
CA PRO D 78 7.01 104.67 10.77
C PRO D 78 6.58 105.18 12.14
N GLU D 79 5.43 105.85 12.28
CA GLU D 79 5.03 106.32 13.61
C GLU D 79 3.89 105.49 14.21
N LYS D 80 3.01 104.94 13.39
CA LYS D 80 1.93 104.11 13.93
C LYS D 80 2.45 102.71 14.26
N ASP D 81 1.74 102.04 15.17
CA ASP D 81 2.11 100.72 15.62
C ASP D 81 1.47 99.65 14.73
N ILE D 82 1.92 98.41 14.91
CA ILE D 82 1.42 97.27 14.16
C ILE D 82 0.96 96.21 15.15
N TYR D 83 -0.31 95.83 15.06
CA TYR D 83 -0.90 94.82 15.95
C TYR D 83 -0.87 93.47 15.26
N LEU D 84 -0.36 92.45 15.96
CA LEU D 84 -0.23 91.10 15.41
C LEU D 84 -0.82 90.12 16.41
N TYR D 85 -1.71 89.25 15.92
CA TYR D 85 -2.38 88.25 16.75
C TYR D 85 -1.80 86.88 16.45
N ILE D 86 -1.49 86.13 17.50
CA ILE D 86 -0.90 84.80 17.37
C ILE D 86 -1.90 83.79 17.90
N ASN D 87 -2.27 82.83 17.04
CA ASN D 87 -3.04 81.66 17.46
C ASN D 87 -2.64 80.52 16.54
N SER D 88 -1.64 79.74 16.96
CA SER D 88 -1.05 78.72 16.11
C SER D 88 -0.28 77.75 16.97
N PRO D 89 -0.15 76.49 16.54
CA PRO D 89 0.65 75.51 17.28
C PRO D 89 2.13 75.47 16.93
N GLY D 90 2.64 76.48 16.21
CA GLY D 90 4.05 76.52 15.89
C GLY D 90 4.34 76.39 14.42
N GLY D 91 5.49 75.82 14.08
CA GLY D 91 5.87 75.66 12.68
C GLY D 91 7.38 75.51 12.54
N SER D 92 7.86 75.82 11.34
CA SER D 92 9.28 75.66 11.03
C SER D 92 10.11 76.74 11.70
N ILE D 93 11.38 76.40 11.97
CA ILE D 93 12.27 77.32 12.67
C ILE D 93 12.66 78.49 11.77
N THR D 94 12.97 78.22 10.51
CA THR D 94 13.47 79.27 9.63
C THR D 94 12.42 80.37 9.42
N ALA D 95 11.15 79.99 9.29
CA ALA D 95 10.09 80.97 9.13
C ALA D 95 9.98 81.85 10.38
N GLY D 96 10.06 81.24 11.57
CA GLY D 96 10.03 82.02 12.79
C GLY D 96 11.20 82.98 12.89
N MET D 97 12.39 82.53 12.47
CA MET D 97 13.55 83.41 12.46
C MET D 97 13.34 84.58 11.52
N ALA D 98 12.77 84.32 10.34
CA ALA D 98 12.53 85.39 9.37
C ALA D 98 11.55 86.41 9.95
N ILE D 99 10.46 85.93 10.56
CA ILE D 99 9.49 86.85 11.16
C ILE D 99 10.12 87.64 12.30
N TYR D 100 10.93 86.98 13.12
CA TYR D 100 11.59 87.67 14.22
C TYR D 100 12.50 88.78 13.72
N ASP D 101 13.32 88.47 12.71
CA ASP D 101 14.22 89.47 12.15
C ASP D 101 13.44 90.61 11.51
N THR D 102 12.33 90.29 10.83
CA THR D 102 11.52 91.35 10.23
C THR D 102 10.93 92.27 11.30
N MET D 103 10.44 91.70 12.40
CA MET D 103 9.91 92.53 13.47
C MET D 103 10.99 93.40 14.09
N GLN D 104 12.18 92.86 14.28
CA GLN D 104 13.29 93.66 14.80
C GLN D 104 13.98 94.50 13.72
N TYR D 105 13.47 94.49 12.50
CA TYR D 105 14.04 95.28 11.41
C TYR D 105 13.21 96.49 11.02
N ILE D 106 11.88 96.38 11.07
CA ILE D 106 11.01 97.44 10.55
C ILE D 106 11.02 98.70 11.39
N LYS D 107 11.60 98.67 12.58
CA LYS D 107 11.73 99.80 13.51
C LYS D 107 10.39 100.20 14.11
N ASN D 108 9.27 99.66 13.61
CA ASN D 108 7.95 99.97 14.14
C ASN D 108 7.65 99.08 15.32
N ASP D 109 6.87 99.60 16.26
CA ASP D 109 6.48 98.82 17.43
C ASP D 109 5.52 97.71 17.04
N VAL D 110 5.72 96.54 17.62
CA VAL D 110 4.91 95.36 17.34
C VAL D 110 4.16 95.00 18.62
N VAL D 111 2.84 95.06 18.57
CA VAL D 111 1.99 94.70 19.70
C VAL D 111 1.49 93.28 19.43
N THR D 112 2.09 92.31 20.13
CA THR D 112 1.70 90.92 19.97
C THR D 112 0.60 90.58 20.96
N ILE D 113 -0.42 89.87 20.50
CA ILE D 113 -1.55 89.46 21.33
C ILE D 113 -1.79 87.97 21.13
N ALA D 114 -1.78 87.23 22.24
CA ALA D 114 -2.13 85.82 22.23
C ALA D 114 -3.64 85.67 22.36
N MET D 115 -4.20 84.80 21.54
CA MET D 115 -5.65 84.70 21.36
C MET D 115 -6.09 83.24 21.43
N GLY D 116 -5.64 82.52 22.46
CA GLY D 116 -6.13 81.18 22.70
C GLY D 116 -5.07 80.11 22.76
N LEU D 117 -4.05 80.20 21.90
CA LEU D 117 -3.00 79.20 21.89
C LEU D 117 -1.73 79.82 21.31
N ALA D 118 -0.60 79.54 21.94
CA ALA D 118 0.70 79.99 21.46
C ALA D 118 1.74 78.95 21.91
N ALA D 119 2.07 78.04 21.01
CA ALA D 119 2.99 76.95 21.31
C ALA D 119 4.15 76.96 20.33
N ALA D 120 5.28 76.40 20.78
CA ALA D 120 6.52 76.36 20.00
C ALA D 120 6.92 77.75 19.54
N MET D 121 6.83 78.01 18.23
CA MET D 121 7.18 79.32 17.71
C MET D 121 6.09 80.37 17.94
N GLY D 122 4.86 79.94 18.21
CA GLY D 122 3.82 80.91 18.51
C GLY D 122 4.16 81.74 19.75
N GLN D 123 4.56 81.06 20.83
CA GLN D 123 4.93 81.79 22.04
C GLN D 123 6.22 82.58 21.83
N PHE D 124 7.13 82.07 21.01
CA PHE D 124 8.36 82.80 20.73
C PHE D 124 8.06 84.12 20.03
N LEU D 125 7.19 84.09 19.01
CA LEU D 125 6.82 85.34 18.34
C LEU D 125 5.96 86.22 19.25
N LEU D 126 5.23 85.62 20.18
CA LEU D 126 4.49 86.41 21.17
C LEU D 126 5.43 87.20 22.07
N SER D 127 6.43 86.52 22.65
CA SER D 127 7.37 87.15 23.56
C SER D 127 8.43 87.96 22.84
N ALA D 128 8.54 87.85 21.52
CA ALA D 128 9.52 88.60 20.76
C ALA D 128 9.08 90.03 20.45
N GLY D 129 7.89 90.43 20.89
CA GLY D 129 7.41 91.77 20.63
C GLY D 129 8.13 92.80 21.48
N THR D 130 7.76 94.06 21.24
CA THR D 130 8.38 95.16 21.97
C THR D 130 8.03 95.07 23.45
N PRO D 131 8.98 95.40 24.34
CA PRO D 131 8.71 95.32 25.78
C PRO D 131 7.56 96.24 26.18
N GLY D 132 6.74 95.76 27.12
CA GLY D 132 5.61 96.52 27.60
C GLY D 132 4.41 96.54 26.68
N LYS D 133 4.46 95.81 25.55
CA LYS D 133 3.36 95.83 24.59
C LYS D 133 3.01 94.42 24.13
N ARG D 134 3.23 93.43 24.99
CA ARG D 134 2.87 92.04 24.70
C ARG D 134 1.74 91.61 25.62
N PHE D 135 0.68 91.06 25.05
CA PHE D 135 -0.52 90.77 25.81
C PHE D 135 -1.05 89.39 25.46
N ALA D 136 -1.83 88.82 26.37
CA ALA D 136 -2.52 87.57 26.15
C ALA D 136 -3.94 87.69 26.68
N LEU D 137 -4.90 87.12 25.94
CA LEU D 137 -6.28 87.17 26.37
C LEU D 137 -6.47 86.30 27.62
N PRO D 138 -7.48 86.60 28.44
CA PRO D 138 -7.62 85.87 29.71
C PRO D 138 -7.74 84.36 29.56
N ASN D 139 -8.45 83.89 28.53
CA ASN D 139 -8.56 82.45 28.26
C ASN D 139 -7.63 82.12 27.10
N ALA D 140 -6.35 81.93 27.42
CA ALA D 140 -5.35 81.63 26.41
C ALA D 140 -4.24 80.82 27.07
N GLU D 141 -3.92 79.67 26.48
CA GLU D 141 -2.91 78.77 27.02
C GLU D 141 -1.65 78.85 26.18
N ILE D 142 -0.51 78.89 26.86
CA ILE D 142 0.79 79.08 26.22
C ILE D 142 1.68 77.89 26.57
N LEU D 143 2.32 77.31 25.56
CA LEU D 143 3.19 76.15 25.76
C LEU D 143 4.62 76.52 25.38
N ILE D 144 5.58 75.98 26.13
CA ILE D 144 7.00 76.09 25.80
C ILE D 144 7.58 74.69 25.74
N HIS D 145 8.37 74.42 24.70
CA HIS D 145 9.03 73.15 24.54
C HIS D 145 10.19 73.31 23.58
N GLN D 146 11.10 72.33 23.61
CA GLN D 146 12.27 72.37 22.74
C GLN D 146 11.87 72.00 21.31
N PRO D 147 12.64 72.44 20.32
CA PRO D 147 12.35 72.07 18.93
C PRO D 147 12.57 70.59 18.67
N SER D 148 11.95 70.12 17.59
CA SER D 148 12.07 68.73 17.18
C SER D 148 12.37 68.67 15.69
N ALA D 149 13.09 67.64 15.28
CA ALA D 149 13.49 67.46 13.89
C ALA D 149 13.78 65.99 13.65
N GLY D 150 14.41 65.69 12.51
CA GLY D 150 14.73 64.32 12.17
C GLY D 150 16.10 64.25 11.52
N LEU D 151 16.69 63.06 11.57
CA LEU D 151 18.03 62.82 11.06
C LEU D 151 18.00 61.70 10.04
N ALA D 152 18.72 61.89 8.93
CA ALA D 152 18.79 60.91 7.86
C ALA D 152 20.00 61.19 7.00
N GLY D 153 20.85 60.20 6.80
CA GLY D 153 22.03 60.35 5.98
C GLY D 153 23.18 59.54 6.56
N SER D 154 24.37 59.86 6.06
CA SER D 154 25.58 59.21 6.53
C SER D 154 25.99 59.77 7.89
N ALA D 155 26.96 59.11 8.52
CA ALA D 155 27.35 59.46 9.89
C ALA D 155 27.86 60.88 9.98
N SER D 156 28.68 61.31 9.02
CA SER D 156 29.19 62.68 9.04
C SER D 156 28.05 63.69 8.91
N ASP D 157 27.10 63.43 8.01
CA ASP D 157 25.96 64.32 7.87
C ASP D 157 25.11 64.33 9.14
N ILE D 158 24.96 63.16 9.78
CA ILE D 158 24.22 63.10 11.03
C ILE D 158 24.90 63.96 12.09
N LYS D 159 26.23 63.87 12.19
CA LYS D 159 26.96 64.68 13.16
C LYS D 159 26.83 66.17 12.87
N ILE D 160 26.91 66.55 11.59
CA ILE D 160 26.78 67.95 11.22
C ILE D 160 25.40 68.48 11.60
N HIS D 161 24.36 67.71 11.28
CA HIS D 161 23.01 68.14 11.63
C HIS D 161 22.81 68.17 13.14
N ALA D 162 23.46 67.25 13.86
CA ALA D 162 23.34 67.24 15.31
C ALA D 162 23.96 68.49 15.93
N GLU D 163 25.16 68.86 15.47
CA GLU D 163 25.78 70.07 16.01
C GLU D 163 24.99 71.32 15.60
N ARG D 164 24.39 71.31 14.41
CA ARG D 164 23.49 72.40 14.06
C ARG D 164 22.30 72.47 15.01
N LEU D 165 21.78 71.30 15.40
CA LEU D 165 20.69 71.28 16.38
C LEU D 165 21.14 71.83 17.73
N LEU D 166 22.36 71.49 18.16
CA LEU D 166 22.92 72.13 19.36
C LEU D 166 22.89 73.65 19.22
N HIS D 167 23.41 74.15 18.11
CA HIS D 167 23.52 75.60 17.94
C HIS D 167 22.14 76.26 17.95
N THR D 168 21.18 75.68 17.22
CA THR D 168 19.87 76.32 17.13
C THR D 168 19.12 76.21 18.46
N LYS D 169 19.29 75.11 19.20
CA LYS D 169 18.62 74.99 20.49
C LYS D 169 19.19 75.98 21.49
N LYS D 170 20.51 76.15 21.52
CA LYS D 170 21.08 77.13 22.44
C LYS D 170 20.71 78.55 22.01
N ARG D 171 20.60 78.80 20.70
CA ARG D 171 20.13 80.10 20.24
C ARG D 171 18.72 80.37 20.74
N MET D 172 17.83 79.38 20.62
CA MET D 172 16.47 79.54 21.13
C MET D 172 16.46 79.78 22.63
N ALA D 173 17.27 79.02 23.37
CA ALA D 173 17.29 79.17 24.82
C ALA D 173 17.74 80.56 25.23
N GLU D 174 18.84 81.04 24.64
CA GLU D 174 19.36 82.35 25.04
C GLU D 174 18.47 83.48 24.55
N LEU D 175 17.84 83.33 23.38
CA LEU D 175 16.89 84.35 22.93
C LEU D 175 15.68 84.43 23.85
N THR D 176 15.15 83.28 24.26
CA THR D 176 14.03 83.28 25.20
C THR D 176 14.43 83.89 26.53
N SER D 177 15.63 83.57 27.02
CA SER D 177 16.10 84.15 28.27
C SER D 177 16.23 85.67 28.15
N GLN D 178 16.76 86.16 27.03
CA GLN D 178 16.91 87.60 26.83
C GLN D 178 15.56 88.28 26.74
N HIS D 179 14.60 87.69 26.04
CA HIS D 179 13.31 88.33 25.82
C HIS D 179 12.36 88.18 27.01
N THR D 180 12.66 87.27 27.94
CA THR D 180 11.80 87.08 29.10
C THR D 180 12.44 87.54 30.41
N GLY D 181 13.75 87.75 30.44
CA GLY D 181 14.42 88.19 31.64
C GLY D 181 14.90 87.08 32.56
N GLN D 182 14.55 85.82 32.28
CA GLN D 182 15.00 84.71 33.08
C GLN D 182 16.42 84.29 32.67
N THR D 183 17.04 83.49 33.52
CA THR D 183 18.38 83.01 33.22
C THR D 183 18.32 81.86 32.22
N ILE D 184 19.45 81.59 31.57
CA ILE D 184 19.51 80.56 30.54
C ILE D 184 19.23 79.18 31.13
N GLU D 185 19.82 78.89 32.29
CA GLU D 185 19.72 77.55 32.85
C GLU D 185 18.29 77.22 33.27
N GLN D 186 17.56 78.20 33.82
CA GLN D 186 16.17 77.96 34.19
C GLN D 186 15.32 77.65 32.96
N ILE D 187 15.54 78.39 31.87
CA ILE D 187 14.81 78.12 30.63
C ILE D 187 15.15 76.73 30.10
N THR D 188 16.43 76.37 30.16
CA THR D 188 16.84 75.04 29.70
C THR D 188 16.18 73.94 30.53
N ARG D 189 16.10 74.12 31.85
CA ARG D 189 15.39 73.17 32.68
C ARG D 189 13.91 73.10 32.32
N ASP D 190 13.27 74.25 32.10
CA ASP D 190 11.84 74.29 31.84
C ASP D 190 11.48 73.82 30.44
N SER D 191 12.46 73.72 29.53
CA SER D 191 12.20 73.31 28.16
C SER D 191 12.51 71.84 27.91
N ASP D 192 12.80 71.07 28.96
CA ASP D 192 13.05 69.65 28.79
C ASP D 192 11.81 68.93 28.26
N ARG D 193 10.65 69.26 28.81
CA ARG D 193 9.37 68.74 28.34
C ARG D 193 8.42 69.92 28.11
N ASP D 194 7.23 69.61 27.61
CA ASP D 194 6.23 70.64 27.39
C ASP D 194 5.82 71.26 28.72
N ARG D 195 5.79 72.59 28.78
CA ARG D 195 5.33 73.30 29.96
C ARG D 195 4.23 74.27 29.57
N TRP D 196 3.14 74.26 30.33
CA TRP D 196 1.96 75.06 30.04
C TRP D 196 1.87 76.26 30.98
N PHE D 197 1.14 77.28 30.53
CA PHE D 197 0.88 78.48 31.30
C PHE D 197 -0.49 79.02 30.91
N ASP D 198 -1.19 79.60 31.87
CA ASP D 198 -2.33 80.46 31.57
C ASP D 198 -1.82 81.90 31.52
N ALA D 199 -2.74 82.86 31.41
CA ALA D 199 -2.33 84.26 31.27
C ALA D 199 -1.58 84.75 32.49
N PHE D 200 -2.10 84.44 33.69
CA PHE D 200 -1.51 84.97 34.91
C PHE D 200 -0.14 84.36 35.17
N GLU D 201 -0.03 83.03 35.12
CA GLU D 201 1.25 82.40 35.34
C GLU D 201 2.27 82.85 34.30
N ALA D 202 1.81 83.16 33.08
CA ALA D 202 2.68 83.82 32.11
C ALA D 202 3.11 85.20 32.61
N LYS D 203 2.21 85.92 33.27
CA LYS D 203 2.58 87.23 33.82
C LYS D 203 3.72 87.10 34.83
N GLU D 204 3.58 86.22 35.81
CA GLU D 204 4.69 86.08 36.77
C GLU D 204 5.93 85.48 36.11
N TYR D 205 5.76 84.57 35.16
CA TYR D 205 6.93 83.97 34.52
C TYR D 205 7.67 84.99 33.66
N GLY D 206 6.98 85.97 33.10
CA GLY D 206 7.59 86.97 32.26
C GLY D 206 7.44 86.77 30.78
N LEU D 207 6.64 85.77 30.35
CA LEU D 207 6.42 85.57 28.92
C LEU D 207 5.61 86.70 28.31
N ILE D 208 4.73 87.32 29.09
CA ILE D 208 3.90 88.43 28.64
C ILE D 208 4.09 89.60 29.60
N ASP D 209 3.36 90.68 29.34
CA ASP D 209 3.45 91.89 30.13
C ASP D 209 2.14 92.31 30.77
N ASP D 210 1.01 92.13 30.07
CA ASP D 210 -0.29 92.50 30.61
C ASP D 210 -1.36 91.63 29.97
N VAL D 211 -2.52 91.60 30.61
CA VAL D 211 -3.68 90.86 30.12
C VAL D 211 -4.80 91.85 29.86
N MET D 212 -5.29 91.88 28.62
CA MET D 212 -6.38 92.77 28.27
C MET D 212 -7.71 92.21 28.73
N THR D 213 -8.59 93.09 29.20
CA THR D 213 -9.97 92.73 29.53
C THR D 213 -10.97 93.43 28.62
N THR D 214 -10.92 94.76 28.55
CA THR D 214 -11.78 95.52 27.65
C THR D 214 -10.95 96.51 26.83
N ALA D 215 -9.80 96.91 27.36
CA ALA D 215 -8.93 97.87 26.67
C ALA D 215 -7.48 97.70 27.13
N GLY E 38 -5.82 85.55 -2.63
CA GLY E 38 -6.52 86.63 -1.95
C GLY E 38 -5.68 87.86 -1.76
N LEU E 39 -5.18 88.06 -0.54
CA LEU E 39 -4.36 89.23 -0.23
C LEU E 39 -3.02 89.19 -0.95
N GLY E 40 -2.52 88.00 -1.27
CA GLY E 40 -1.22 87.88 -1.89
C GLY E 40 -1.12 88.66 -3.19
N ASP E 41 -2.19 88.66 -3.99
CA ASP E 41 -2.16 89.35 -5.27
C ASP E 41 -1.84 90.82 -5.10
N GLN E 42 -2.63 91.53 -4.28
CA GLN E 42 -2.42 92.97 -4.19
C GLN E 42 -1.18 93.32 -3.36
N VAL E 43 -0.85 92.51 -2.35
CA VAL E 43 0.37 92.83 -1.60
C VAL E 43 1.59 92.67 -2.50
N TYR E 44 1.59 91.66 -3.38
CA TYR E 44 2.70 91.50 -4.30
C TYR E 44 2.69 92.59 -5.37
N ASN E 45 1.51 93.03 -5.81
CA ASN E 45 1.45 94.15 -6.74
C ASN E 45 2.09 95.40 -6.14
N ARG E 46 1.74 95.72 -4.89
CA ARG E 46 2.33 96.89 -4.25
C ARG E 46 3.83 96.72 -4.05
N LEU E 47 4.26 95.57 -3.52
CA LEU E 47 5.68 95.35 -3.30
C LEU E 47 6.47 95.44 -4.61
N LEU E 48 5.85 95.03 -5.73
CA LEU E 48 6.48 95.25 -7.03
C LEU E 48 6.49 96.73 -7.38
N ASN E 49 5.46 97.47 -6.96
CA ASN E 49 5.44 98.91 -7.22
C ASN E 49 6.62 99.60 -6.55
N GLU E 50 6.93 99.23 -5.30
CA GLU E 50 8.18 99.67 -4.69
C GLU E 50 9.34 98.73 -4.97
N ARG E 51 9.29 97.97 -6.06
CA ARG E 51 10.45 97.24 -6.60
C ARG E 51 11.00 96.23 -5.59
N ILE E 52 10.12 95.43 -5.01
CA ILE E 52 10.50 94.37 -4.08
C ILE E 52 10.16 93.04 -4.72
N ILE E 53 11.11 92.11 -4.72
CA ILE E 53 10.95 90.80 -5.33
C ILE E 53 11.23 89.73 -4.28
N PHE E 54 10.40 88.69 -4.27
CA PHE E 54 10.51 87.60 -3.31
C PHE E 54 10.82 86.30 -4.02
N LEU E 55 11.54 85.41 -3.31
CA LEU E 55 11.83 84.07 -3.78
C LEU E 55 11.64 83.08 -2.64
N GLY E 56 10.55 83.24 -1.90
CA GLY E 56 10.32 82.45 -0.69
C GLY E 56 9.79 81.05 -0.90
N GLN E 57 10.47 80.27 -1.74
CA GLN E 57 10.10 78.88 -1.98
C GLN E 57 11.21 78.17 -2.74
N PRO E 58 11.19 76.83 -2.82
CA PRO E 58 12.18 76.13 -3.65
C PRO E 58 12.06 76.58 -5.10
N VAL E 59 13.22 76.64 -5.76
CA VAL E 59 13.31 77.21 -7.11
C VAL E 59 12.96 76.13 -8.12
N ASP E 60 11.99 76.42 -8.98
CA ASP E 60 11.63 75.53 -10.08
C ASP E 60 11.42 76.34 -11.35
N ASP E 61 10.89 75.71 -12.40
CA ASP E 61 10.69 76.41 -13.66
C ASP E 61 9.71 77.57 -13.53
N ASP E 62 8.61 77.34 -12.80
CA ASP E 62 7.57 78.36 -12.71
C ASP E 62 8.09 79.62 -12.03
N ILE E 63 8.70 79.48 -10.85
CA ILE E 63 9.21 80.65 -10.16
C ILE E 63 10.40 81.25 -10.90
N ALA E 64 11.14 80.43 -11.65
CA ALA E 64 12.20 80.98 -12.49
C ALA E 64 11.63 81.92 -13.53
N ASN E 65 10.56 81.51 -14.21
CA ASN E 65 9.91 82.40 -15.17
C ASN E 65 9.33 83.63 -14.47
N LYS E 66 8.77 83.45 -13.28
CA LYS E 66 8.26 84.60 -12.53
C LYS E 66 9.34 85.63 -12.28
N ILE E 67 10.49 85.19 -11.74
CA ILE E 67 11.58 86.10 -11.42
C ILE E 67 12.14 86.74 -12.68
N THR E 68 12.31 85.95 -13.75
CA THR E 68 12.82 86.49 -14.99
C THR E 68 11.89 87.55 -15.56
N ALA E 69 10.57 87.29 -15.54
CA ALA E 69 9.61 88.26 -16.04
C ALA E 69 9.63 89.53 -15.21
N GLN E 70 9.68 89.39 -13.88
CA GLN E 70 9.70 90.57 -13.03
C GLN E 70 10.95 91.40 -13.27
N LEU E 71 12.11 90.75 -13.40
CA LEU E 71 13.35 91.46 -13.66
C LEU E 71 13.32 92.15 -15.02
N LEU E 72 12.81 91.47 -16.04
CA LEU E 72 12.73 92.07 -17.37
C LEU E 72 11.79 93.27 -17.36
N LEU E 73 10.65 93.16 -16.67
CA LEU E 73 9.71 94.28 -16.59
C LEU E 73 10.32 95.47 -15.85
N LEU E 74 11.03 95.20 -14.74
CA LEU E 74 11.62 96.29 -13.98
C LEU E 74 12.86 96.85 -14.65
N ALA E 75 13.44 96.14 -15.62
CA ALA E 75 14.60 96.64 -16.34
C ALA E 75 14.27 97.82 -17.25
N SER E 76 12.99 98.12 -17.46
CA SER E 76 12.61 99.28 -18.27
C SER E 76 13.15 100.58 -17.70
N ASP E 77 13.37 100.64 -16.39
CA ASP E 77 13.97 101.82 -15.76
C ASP E 77 15.43 101.51 -15.44
N PRO E 78 16.38 102.15 -16.14
CA PRO E 78 17.79 101.76 -15.97
C PRO E 78 18.50 102.38 -14.78
N GLU E 79 17.93 103.37 -14.10
CA GLU E 79 18.65 104.04 -13.03
C GLU E 79 18.29 103.51 -11.64
N LYS E 80 17.04 103.13 -11.40
CA LYS E 80 16.66 102.64 -10.08
C LYS E 80 17.06 101.18 -9.92
N ASP E 81 17.44 100.83 -8.70
CA ASP E 81 17.90 99.48 -8.38
C ASP E 81 16.74 98.56 -8.04
N ILE E 82 17.05 97.29 -7.88
CA ILE E 82 16.07 96.26 -7.57
C ILE E 82 16.46 95.59 -6.24
N TYR E 83 15.44 95.25 -5.45
CA TYR E 83 15.63 94.54 -4.20
C TYR E 83 15.03 93.15 -4.30
N LEU E 84 15.80 92.15 -3.86
CA LEU E 84 15.37 90.76 -3.94
C LEU E 84 15.71 90.08 -2.61
N TYR E 85 14.75 89.32 -2.08
CA TYR E 85 14.93 88.60 -0.83
C TYR E 85 14.96 87.10 -1.08
N ILE E 86 15.69 86.38 -0.23
CA ILE E 86 15.89 84.95 -0.38
C ILE E 86 15.44 84.26 0.90
N ASN E 87 14.45 83.37 0.75
CA ASN E 87 14.09 82.40 1.80
C ASN E 87 13.75 81.11 1.06
N SER E 88 14.76 80.27 0.83
CA SER E 88 14.58 79.09 0.01
C SER E 88 15.49 77.98 0.52
N PRO E 89 15.06 76.73 0.43
CA PRO E 89 15.93 75.60 0.78
C PRO E 89 16.69 74.99 -0.39
N GLY E 90 16.61 75.58 -1.58
CA GLY E 90 17.31 75.05 -2.74
C GLY E 90 16.54 75.21 -4.03
N GLY E 91 16.81 74.35 -5.00
CA GLY E 91 16.12 74.43 -6.28
C GLY E 91 16.88 73.64 -7.34
N SER E 92 16.50 73.89 -8.59
CA SER E 92 17.14 73.23 -9.72
C SER E 92 18.28 74.07 -10.26
N ILE E 93 19.23 73.40 -10.91
CA ILE E 93 20.42 74.08 -11.40
C ILE E 93 20.08 75.01 -12.56
N THR E 94 19.27 74.51 -13.51
CA THR E 94 18.98 75.29 -14.71
C THR E 94 18.21 76.56 -14.38
N ALA E 95 17.23 76.47 -13.48
CA ALA E 95 16.48 77.66 -13.09
C ALA E 95 17.38 78.69 -12.41
N GLY E 96 18.28 78.22 -11.54
CA GLY E 96 19.21 79.13 -10.91
C GLY E 96 20.13 79.81 -11.91
N MET E 97 20.61 79.04 -12.90
CA MET E 97 21.45 79.64 -13.94
C MET E 97 20.69 80.67 -14.75
N ALA E 98 19.43 80.38 -15.09
CA ALA E 98 18.62 81.35 -15.83
C ALA E 98 18.42 82.62 -15.03
N ILE E 99 18.11 82.50 -13.74
CA ILE E 99 17.91 83.68 -12.91
C ILE E 99 19.20 84.48 -12.77
N TYR E 100 20.33 83.77 -12.59
CA TYR E 100 21.62 84.44 -12.47
C TYR E 100 21.97 85.20 -13.74
N ASP E 101 21.76 84.56 -14.90
CA ASP E 101 22.04 85.22 -16.17
C ASP E 101 21.15 86.44 -16.36
N THR E 102 19.88 86.34 -15.96
CA THR E 102 19.00 87.49 -16.05
C THR E 102 19.46 88.62 -15.13
N MET E 103 19.94 88.28 -13.94
CA MET E 103 20.44 89.28 -13.01
C MET E 103 21.63 90.03 -13.59
N GLN E 104 22.60 89.30 -14.12
CA GLN E 104 23.76 89.96 -14.72
C GLN E 104 23.48 90.54 -16.11
N TYR E 105 22.34 90.25 -16.71
CA TYR E 105 22.05 90.79 -18.04
C TYR E 105 21.68 92.26 -17.98
N ILE E 106 20.89 92.66 -16.98
CA ILE E 106 20.40 94.03 -16.91
C ILE E 106 21.48 94.94 -16.33
N LYS E 107 21.34 96.23 -16.62
CA LYS E 107 22.24 97.25 -16.09
C LYS E 107 21.90 97.68 -14.68
N ASN E 108 20.71 97.35 -14.19
CA ASN E 108 20.28 97.80 -12.87
C ASN E 108 20.97 96.99 -11.77
N ASP E 109 21.29 97.67 -10.67
CA ASP E 109 21.91 97.00 -9.53
C ASP E 109 20.86 96.22 -8.76
N VAL E 110 21.27 95.08 -8.21
CA VAL E 110 20.38 94.18 -7.48
C VAL E 110 20.93 93.99 -6.07
N VAL E 111 20.06 94.12 -5.08
CA VAL E 111 20.41 93.95 -3.67
C VAL E 111 19.75 92.66 -3.19
N THR E 112 20.57 91.64 -2.95
CA THR E 112 20.08 90.36 -2.46
C THR E 112 20.20 90.30 -0.95
N ILE E 113 19.08 90.02 -0.29
CA ILE E 113 19.00 90.02 1.17
C ILE E 113 18.52 88.65 1.62
N ALA E 114 19.31 88.01 2.48
CA ALA E 114 18.96 86.71 3.03
C ALA E 114 18.01 86.86 4.20
N MET E 115 16.99 86.02 4.24
CA MET E 115 15.85 86.13 5.15
C MET E 115 15.69 84.83 5.94
N GLY E 116 16.80 84.33 6.49
CA GLY E 116 16.75 83.10 7.24
C GLY E 116 17.49 81.97 6.56
N LEU E 117 16.74 81.01 6.02
CA LEU E 117 17.35 79.86 5.35
C LEU E 117 17.68 80.23 3.91
N ALA E 118 18.97 80.22 3.57
CA ALA E 118 19.45 80.45 2.21
C ALA E 118 20.48 79.36 1.92
N ALA E 119 20.01 78.24 1.38
CA ALA E 119 20.83 77.06 1.19
C ALA E 119 20.88 76.67 -0.27
N ALA E 120 21.90 75.88 -0.61
CA ALA E 120 22.12 75.37 -1.96
C ALA E 120 22.10 76.48 -3.00
N MET E 121 21.09 76.47 -3.87
CA MET E 121 20.98 77.49 -4.90
C MET E 121 20.54 78.84 -4.34
N GLY E 122 19.84 78.84 -3.20
CA GLY E 122 19.39 80.09 -2.61
C GLY E 122 20.54 81.01 -2.24
N GLN E 123 21.57 80.46 -1.60
CA GLN E 123 22.73 81.29 -1.26
C GLN E 123 23.49 81.71 -2.50
N PHE E 124 23.55 80.87 -3.53
CA PHE E 124 24.24 81.24 -4.75
C PHE E 124 23.55 82.43 -5.41
N LEU E 125 22.21 82.43 -5.46
CA LEU E 125 21.51 83.61 -5.95
C LEU E 125 21.64 84.77 -4.98
N LEU E 126 21.87 84.49 -3.70
CA LEU E 126 22.11 85.57 -2.75
C LEU E 126 23.47 86.20 -2.96
N SER E 127 24.50 85.39 -3.21
CA SER E 127 25.84 85.90 -3.43
C SER E 127 26.08 86.40 -4.84
N ALA E 128 25.11 86.23 -5.74
CA ALA E 128 25.26 86.65 -7.13
C ALA E 128 24.96 88.11 -7.34
N GLY E 129 24.57 88.84 -6.30
CA GLY E 129 24.26 90.25 -6.45
C GLY E 129 25.49 91.10 -6.68
N THR E 130 25.25 92.38 -6.92
CA THR E 130 26.34 93.32 -7.16
C THR E 130 27.20 93.43 -5.91
N PRO E 131 28.52 93.57 -6.05
CA PRO E 131 29.39 93.67 -4.88
C PRO E 131 29.08 94.90 -4.04
N GLY E 132 29.20 94.75 -2.73
CA GLY E 132 28.90 95.82 -1.81
C GLY E 132 27.44 96.04 -1.52
N LYS E 133 26.55 95.22 -2.10
CA LYS E 133 25.12 95.39 -1.90
C LYS E 133 24.42 94.06 -1.62
N ARG E 134 25.12 93.15 -0.95
CA ARG E 134 24.56 91.86 -0.54
C ARG E 134 24.46 91.83 0.97
N PHE E 135 23.28 91.50 1.50
CA PHE E 135 23.03 91.58 2.92
C PHE E 135 22.34 90.31 3.41
N ALA E 136 22.46 90.05 4.71
CA ALA E 136 21.76 88.96 5.36
C ALA E 136 21.19 89.44 6.68
N LEU E 137 20.04 88.90 7.06
CA LEU E 137 19.46 89.26 8.34
C LEU E 137 20.33 88.71 9.48
N PRO E 138 20.31 89.35 10.65
CA PRO E 138 21.21 88.92 11.74
C PRO E 138 21.06 87.47 12.13
N ASN E 139 19.83 86.95 12.16
CA ASN E 139 19.57 85.55 12.46
C ASN E 139 19.23 84.84 11.15
N ALA E 140 20.26 84.44 10.42
CA ALA E 140 20.11 83.81 9.13
C ALA E 140 20.97 82.57 9.05
N GLU E 141 20.58 81.64 8.19
CA GLU E 141 21.31 80.40 7.96
C GLU E 141 21.75 80.35 6.51
N ILE E 142 23.03 80.09 6.30
CA ILE E 142 23.61 79.99 4.96
C ILE E 142 24.29 78.63 4.83
N LEU E 143 23.98 77.92 3.76
CA LEU E 143 24.49 76.57 3.55
C LEU E 143 25.01 76.43 2.13
N ILE E 144 26.15 75.76 1.99
CA ILE E 144 26.75 75.50 0.68
C ILE E 144 27.03 74.01 0.57
N HIS E 145 26.69 73.42 -0.58
CA HIS E 145 27.01 72.03 -0.85
C HIS E 145 26.95 71.81 -2.35
N GLN E 146 27.83 70.93 -2.82
CA GLN E 146 27.90 70.63 -4.24
C GLN E 146 26.64 69.88 -4.68
N PRO E 147 26.22 70.02 -5.93
CA PRO E 147 24.88 69.57 -6.32
C PRO E 147 24.73 68.05 -6.27
N SER E 148 23.47 67.63 -6.36
CA SER E 148 23.10 66.22 -6.34
C SER E 148 22.14 65.94 -7.50
N ALA E 149 22.20 64.71 -8.01
CA ALA E 149 21.38 64.32 -9.14
C ALA E 149 21.27 62.79 -9.16
N GLY E 150 20.72 62.25 -10.24
CA GLY E 150 20.60 60.82 -10.40
C GLY E 150 20.89 60.41 -11.83
N LEU E 151 21.14 59.12 -12.01
CA LEU E 151 21.49 58.56 -13.31
C LEU E 151 20.58 57.39 -13.64
N ALA E 152 20.15 57.31 -14.90
CA ALA E 152 19.34 56.21 -15.38
C ALA E 152 19.49 56.11 -16.89
N GLY E 153 19.60 54.88 -17.39
CA GLY E 153 19.73 54.62 -18.81
C GLY E 153 20.84 53.63 -19.08
N SER E 154 21.32 53.65 -20.32
CA SER E 154 22.39 52.76 -20.74
C SER E 154 23.74 53.28 -20.28
N ALA E 155 24.77 52.45 -20.41
CA ALA E 155 26.09 52.78 -19.90
C ALA E 155 26.66 54.03 -20.58
N SER E 156 26.52 54.13 -21.90
CA SER E 156 27.01 55.30 -22.60
C SER E 156 26.28 56.57 -22.17
N ASP E 157 24.96 56.48 -22.03
CA ASP E 157 24.18 57.62 -21.56
C ASP E 157 24.57 58.00 -20.13
N ILE E 158 24.80 56.99 -19.28
CA ILE E 158 25.24 57.27 -17.92
C ILE E 158 26.58 57.98 -17.92
N LYS E 159 27.50 57.56 -18.80
CA LYS E 159 28.79 58.23 -18.89
C LYS E 159 28.63 59.69 -19.36
N ILE E 160 27.76 59.91 -20.35
CA ILE E 160 27.53 61.27 -20.85
C ILE E 160 26.98 62.17 -19.74
N HIS E 161 25.98 61.67 -19.01
CA HIS E 161 25.45 62.48 -17.91
C HIS E 161 26.47 62.65 -16.79
N ALA E 162 27.34 61.67 -16.57
CA ALA E 162 28.36 61.82 -15.53
C ALA E 162 29.36 62.91 -15.90
N GLU E 163 29.81 62.95 -17.15
CA GLU E 163 30.73 64.01 -17.55
C GLU E 163 30.02 65.36 -17.56
N ARG E 164 28.74 65.38 -17.91
CA ARG E 164 27.96 66.62 -17.80
C ARG E 164 27.91 67.12 -16.36
N LEU E 165 27.67 66.21 -15.41
CA LEU E 165 27.64 66.57 -14.00
C LEU E 165 29.00 67.08 -13.53
N LEU E 166 30.08 66.44 -13.99
CA LEU E 166 31.41 66.94 -13.65
C LEU E 166 31.62 68.36 -14.16
N HIS E 167 31.25 68.61 -15.42
CA HIS E 167 31.47 69.93 -15.99
C HIS E 167 30.64 70.98 -15.26
N THR E 168 29.38 70.66 -14.94
CA THR E 168 28.55 71.65 -14.26
C THR E 168 28.99 71.85 -12.81
N LYS E 169 29.52 70.80 -12.16
CA LYS E 169 30.05 70.97 -10.81
C LYS E 169 31.26 71.89 -10.81
N LYS E 170 32.17 71.69 -11.77
CA LYS E 170 33.31 72.60 -11.88
C LYS E 170 32.86 74.02 -12.23
N ARG E 171 31.86 74.13 -13.10
CA ARG E 171 31.28 75.43 -13.45
C ARG E 171 30.82 76.15 -12.18
N MET E 172 30.04 75.45 -11.36
CA MET E 172 29.51 76.02 -10.13
C MET E 172 30.62 76.39 -9.16
N ALA E 173 31.60 75.50 -9.00
CA ALA E 173 32.68 75.73 -8.05
C ALA E 173 33.48 76.97 -8.43
N GLU E 174 33.84 77.09 -9.70
CA GLU E 174 34.62 78.25 -10.10
C GLU E 174 33.77 79.53 -10.02
N LEU E 175 32.48 79.43 -10.34
CA LEU E 175 31.63 80.62 -10.27
C LEU E 175 31.51 81.12 -8.84
N THR E 176 31.28 80.22 -7.88
CA THR E 176 31.16 80.66 -6.50
C THR E 176 32.51 81.09 -5.93
N SER E 177 33.61 80.49 -6.39
CA SER E 177 34.93 80.97 -5.99
C SER E 177 35.16 82.39 -6.49
N GLN E 178 34.76 82.68 -7.72
CA GLN E 178 34.90 84.04 -8.25
C GLN E 178 34.04 85.03 -7.48
N HIS E 179 32.79 84.65 -7.18
CA HIS E 179 31.87 85.60 -6.55
C HIS E 179 32.22 85.83 -5.08
N THR E 180 32.64 84.79 -4.36
CA THR E 180 32.95 84.92 -2.95
C THR E 180 34.37 85.36 -2.68
N GLY E 181 35.23 85.41 -3.70
CA GLY E 181 36.59 85.84 -3.50
C GLY E 181 37.49 84.83 -2.83
N GLN E 182 37.12 83.55 -2.85
CA GLN E 182 37.91 82.48 -2.27
C GLN E 182 38.57 81.66 -3.35
N THR E 183 39.58 80.90 -2.96
CA THR E 183 40.28 80.05 -3.91
C THR E 183 39.43 78.85 -4.31
N ILE E 184 39.71 78.31 -5.50
CA ILE E 184 38.92 77.19 -6.02
C ILE E 184 39.08 75.96 -5.12
N GLU E 185 40.30 75.67 -4.69
CA GLU E 185 40.53 74.48 -3.87
C GLU E 185 39.82 74.58 -2.53
N GLN E 186 39.87 75.76 -1.89
CA GLN E 186 39.19 75.93 -0.61
C GLN E 186 37.68 75.74 -0.74
N ILE E 187 37.10 76.31 -1.80
CA ILE E 187 35.67 76.18 -2.03
C ILE E 187 35.30 74.72 -2.29
N THR E 188 36.11 74.03 -3.11
CA THR E 188 35.84 72.62 -3.38
C THR E 188 35.93 71.78 -2.11
N ARG E 189 36.92 72.07 -1.25
CA ARG E 189 37.06 71.35 0.01
C ARG E 189 35.87 71.60 0.93
N ASP E 190 35.40 72.84 1.00
CA ASP E 190 34.31 73.17 1.90
C ASP E 190 32.96 72.67 1.38
N SER E 191 32.80 72.56 0.07
CA SER E 191 31.52 72.20 -0.53
C SER E 191 31.25 70.71 -0.55
N ASP E 192 32.27 69.87 -0.28
CA ASP E 192 32.06 68.43 -0.31
C ASP E 192 31.09 68.00 0.79
N ARG E 193 31.31 68.48 2.01
CA ARG E 193 30.40 68.21 3.12
C ARG E 193 29.37 69.33 3.23
N ASP E 194 28.66 69.36 4.36
CA ASP E 194 27.46 70.18 4.48
C ASP E 194 27.69 71.32 5.47
N ARG E 195 28.82 72.00 5.37
CA ARG E 195 29.21 73.03 6.32
C ARG E 195 28.17 74.15 6.37
N TRP E 196 27.79 74.55 7.58
CA TRP E 196 26.83 75.61 7.82
C TRP E 196 27.53 76.91 8.16
N PHE E 197 26.75 78.00 8.16
CA PHE E 197 27.29 79.32 8.45
C PHE E 197 26.20 80.17 9.09
N ASP E 198 26.64 81.26 9.73
CA ASP E 198 25.77 82.34 10.18
C ASP E 198 26.21 83.63 9.49
N ALA E 199 25.57 84.74 9.87
CA ALA E 199 25.82 86.01 9.20
C ALA E 199 27.27 86.46 9.37
N PHE E 200 27.82 86.29 10.58
CA PHE E 200 29.19 86.74 10.83
C PHE E 200 30.18 85.93 10.01
N GLU E 201 30.06 84.60 10.06
CA GLU E 201 30.87 83.74 9.21
C GLU E 201 30.57 83.98 7.74
N ALA E 202 29.34 84.36 7.42
CA ALA E 202 29.01 84.67 6.02
C ALA E 202 29.82 85.86 5.52
N LYS E 203 29.94 86.91 6.32
CA LYS E 203 30.67 88.07 5.81
C LYS E 203 32.17 87.83 5.86
N GLU E 204 32.68 87.14 6.89
CA GLU E 204 34.12 86.92 6.95
C GLU E 204 34.58 85.93 5.88
N TYR E 205 33.71 84.99 5.49
CA TYR E 205 34.04 84.06 4.42
C TYR E 205 33.96 84.73 3.05
N GLY E 206 33.17 85.80 2.93
CA GLY E 206 32.97 86.47 1.66
C GLY E 206 31.65 86.18 0.99
N LEU E 207 30.78 85.36 1.61
CA LEU E 207 29.48 85.06 1.02
C LEU E 207 28.62 86.32 0.94
N ILE E 208 28.63 87.13 1.99
CA ILE E 208 27.88 88.38 2.03
C ILE E 208 28.86 89.52 2.31
N ASP E 209 28.36 90.74 2.14
CA ASP E 209 29.18 91.94 2.35
C ASP E 209 28.89 92.67 3.64
N ASP E 210 27.66 92.59 4.15
CA ASP E 210 27.31 93.26 5.40
C ASP E 210 26.09 92.59 5.99
N VAL E 211 25.88 92.83 7.28
CA VAL E 211 24.71 92.34 8.01
C VAL E 211 23.79 93.52 8.26
N MET E 212 22.59 93.47 7.68
CA MET E 212 21.66 94.59 7.74
C MET E 212 20.76 94.43 8.98
N THR E 213 20.91 95.35 9.93
CA THR E 213 20.01 95.46 11.06
C THR E 213 19.47 96.88 11.13
N THR E 214 18.16 97.00 11.32
CA THR E 214 17.45 98.28 11.34
C THR E 214 17.61 99.04 10.03
N ALA E 215 16.93 100.17 9.89
CA ALA E 215 17.01 100.97 8.68
C ALA E 215 17.53 102.37 8.98
N GLY F 38 -1.85 84.58 -9.95
CA GLY F 38 -2.35 85.94 -9.81
C GLY F 38 -1.43 86.97 -10.42
N LEU F 39 -0.33 87.28 -9.72
CA LEU F 39 0.64 88.24 -10.23
C LEU F 39 1.24 87.79 -11.56
N GLY F 40 1.34 86.48 -11.76
CA GLY F 40 1.88 85.97 -13.01
C GLY F 40 1.10 86.43 -14.21
N ASP F 41 -0.24 86.42 -14.12
CA ASP F 41 -1.06 86.85 -15.24
C ASP F 41 -0.81 88.32 -15.57
N GLN F 42 -0.77 89.18 -14.55
CA GLN F 42 -0.54 90.60 -14.80
C GLN F 42 0.84 90.86 -15.40
N VAL F 43 1.87 90.21 -14.86
CA VAL F 43 3.21 90.47 -15.36
C VAL F 43 3.37 89.92 -16.77
N TYR F 44 2.77 88.76 -17.06
CA TYR F 44 2.84 88.21 -18.42
C TYR F 44 2.10 89.11 -19.40
N ASN F 45 0.93 89.63 -19.00
CA ASN F 45 0.20 90.54 -19.89
C ASN F 45 0.99 91.81 -20.15
N ARG F 46 1.59 92.38 -19.10
CA ARG F 46 2.36 93.61 -19.29
C ARG F 46 3.59 93.39 -20.15
N LEU F 47 4.23 92.22 -20.04
CA LEU F 47 5.34 91.92 -20.93
C LEU F 47 4.86 91.65 -22.35
N LEU F 48 3.66 91.06 -22.50
CA LEU F 48 3.09 90.88 -23.82
C LEU F 48 2.80 92.22 -24.49
N ASN F 49 2.46 93.23 -23.69
CA ASN F 49 2.34 94.58 -24.24
C ASN F 49 3.65 95.09 -24.80
N GLU F 50 4.78 94.49 -24.40
CA GLU F 50 6.10 94.85 -24.91
C GLU F 50 6.62 93.86 -25.94
N ARG F 51 5.73 93.05 -26.52
CA ARG F 51 6.09 92.07 -27.55
C ARG F 51 7.15 91.09 -27.06
N ILE F 52 6.91 90.51 -25.88
CA ILE F 52 7.79 89.52 -25.28
C ILE F 52 6.98 88.26 -25.02
N ILE F 53 7.50 87.12 -25.46
CA ILE F 53 6.81 85.84 -25.36
C ILE F 53 7.70 84.85 -24.62
N PHE F 54 7.12 84.10 -23.69
CA PHE F 54 7.83 83.12 -22.89
C PHE F 54 7.43 81.72 -23.32
N LEU F 55 8.40 80.79 -23.26
CA LEU F 55 8.16 79.39 -23.57
C LEU F 55 8.77 78.50 -22.49
N GLY F 56 8.52 78.84 -21.23
CA GLY F 56 8.90 77.97 -20.15
C GLY F 56 8.07 76.71 -20.13
N GLN F 57 8.48 75.76 -19.27
CA GLN F 57 7.90 74.46 -18.97
C GLN F 57 7.79 73.59 -20.22
N PRO F 58 7.63 72.27 -20.09
CA PRO F 58 7.64 71.40 -21.28
C PRO F 58 6.54 71.76 -22.27
N VAL F 59 6.85 71.58 -23.55
CA VAL F 59 5.93 71.94 -24.62
C VAL F 59 4.83 70.90 -24.72
N ASP F 60 3.59 71.36 -24.88
CA ASP F 60 2.44 70.48 -25.04
C ASP F 60 1.44 71.17 -25.96
N ASP F 61 0.26 70.55 -26.11
CA ASP F 61 -0.75 71.10 -27.02
C ASP F 61 -1.26 72.46 -26.52
N ASP F 62 -1.53 72.57 -25.22
CA ASP F 62 -2.10 73.82 -24.69
C ASP F 62 -1.13 74.98 -24.85
N ILE F 63 0.13 74.77 -24.48
CA ILE F 63 1.11 75.84 -24.62
C ILE F 63 1.35 76.15 -26.09
N ALA F 64 1.28 75.14 -26.96
CA ALA F 64 1.42 75.39 -28.39
C ALA F 64 0.31 76.28 -28.90
N ASN F 65 -0.93 76.00 -28.49
CA ASN F 65 -2.06 76.85 -28.90
C ASN F 65 -1.90 78.26 -28.35
N LYS F 66 -1.46 78.39 -27.09
CA LYS F 66 -1.26 79.72 -26.52
C LYS F 66 -0.20 80.51 -27.29
N ILE F 67 0.92 79.87 -27.60
CA ILE F 67 1.99 80.54 -28.33
C ILE F 67 1.52 80.92 -29.73
N THR F 68 0.77 80.04 -30.38
CA THR F 68 0.24 80.36 -31.70
C THR F 68 -0.71 81.56 -31.63
N ALA F 69 -1.54 81.61 -30.59
CA ALA F 69 -2.45 82.75 -30.43
C ALA F 69 -1.67 84.04 -30.23
N GLN F 70 -0.63 84.01 -29.39
CA GLN F 70 0.16 85.21 -29.16
C GLN F 70 0.88 85.64 -30.44
N LEU F 71 1.41 84.69 -31.20
CA LEU F 71 2.08 85.03 -32.46
C LEU F 71 1.10 85.63 -33.46
N LEU F 72 -0.09 85.05 -33.58
CA LEU F 72 -1.09 85.60 -34.50
C LEU F 72 -1.55 86.98 -34.06
N LEU F 73 -1.61 87.23 -32.75
CA LEU F 73 -1.94 88.56 -32.27
C LEU F 73 -0.85 89.56 -32.62
N LEU F 74 0.41 89.21 -32.33
CA LEU F 74 1.51 90.13 -32.60
C LEU F 74 1.77 90.31 -34.09
N ALA F 75 1.26 89.41 -34.93
CA ALA F 75 1.39 89.55 -36.38
C ALA F 75 0.55 90.70 -36.94
N SER F 76 -0.32 91.31 -36.13
CA SER F 76 -1.16 92.40 -36.62
C SER F 76 -0.32 93.56 -37.13
N ASP F 77 0.75 93.90 -36.42
CA ASP F 77 1.65 94.96 -36.85
C ASP F 77 2.88 94.33 -37.49
N PRO F 78 3.07 94.44 -38.81
CA PRO F 78 4.11 93.67 -39.48
C PRO F 78 5.53 94.23 -39.33
N GLU F 79 5.68 95.54 -39.22
CA GLU F 79 7.04 96.10 -39.17
C GLU F 79 7.56 96.21 -37.74
N LYS F 80 7.47 95.10 -37.00
CA LYS F 80 8.03 95.02 -35.64
C LYS F 80 8.70 93.66 -35.48
N ASP F 81 9.48 93.52 -34.41
CA ASP F 81 10.17 92.29 -34.09
C ASP F 81 9.52 91.65 -32.86
N ILE F 82 9.74 90.34 -32.73
CA ILE F 82 9.18 89.55 -31.64
C ILE F 82 10.33 88.84 -30.93
N TYR F 83 10.40 89.00 -29.62
CA TYR F 83 11.42 88.34 -28.81
C TYR F 83 10.83 87.13 -28.12
N LEU F 84 11.51 85.99 -28.24
CA LEU F 84 11.05 84.73 -27.67
C LEU F 84 12.14 84.18 -26.77
N TYR F 85 11.75 83.75 -25.57
CA TYR F 85 12.68 83.21 -24.58
C TYR F 85 12.34 81.75 -24.33
N ILE F 86 13.35 80.89 -24.35
CA ILE F 86 13.16 79.45 -24.30
C ILE F 86 13.79 78.90 -23.03
N ASN F 87 13.00 78.19 -22.24
CA ASN F 87 13.50 77.48 -21.06
C ASN F 87 12.79 76.13 -20.94
N SER F 88 12.63 75.44 -22.07
CA SER F 88 11.87 74.20 -22.08
C SER F 88 12.78 72.99 -22.24
N PRO F 89 12.50 71.89 -21.54
CA PRO F 89 13.30 70.66 -21.69
C PRO F 89 12.84 69.73 -22.82
N GLY F 90 11.96 70.18 -23.72
CA GLY F 90 11.44 69.38 -24.79
C GLY F 90 9.94 69.50 -24.85
N GLY F 91 9.30 68.59 -25.56
CA GLY F 91 7.86 68.59 -25.66
C GLY F 91 7.37 67.71 -26.80
N SER F 92 6.10 67.89 -27.14
CA SER F 92 5.47 67.11 -28.18
C SER F 92 6.03 67.46 -29.55
N ILE F 93 6.13 66.45 -30.42
CA ILE F 93 6.65 66.66 -31.76
C ILE F 93 5.71 67.52 -32.59
N THR F 94 4.43 67.17 -32.60
CA THR F 94 3.47 67.88 -33.45
C THR F 94 3.26 69.31 -32.96
N ALA F 95 3.20 69.52 -31.64
CA ALA F 95 3.07 70.87 -31.11
C ALA F 95 4.27 71.72 -31.48
N GLY F 96 5.47 71.15 -31.39
CA GLY F 96 6.66 71.88 -31.80
C GLY F 96 6.65 72.23 -33.26
N MET F 97 6.20 71.30 -34.12
CA MET F 97 6.12 71.59 -35.54
C MET F 97 5.10 72.68 -35.82
N ALA F 98 3.97 72.65 -35.12
CA ALA F 98 2.96 73.70 -35.28
C ALA F 98 3.53 75.06 -34.90
N ILE F 99 4.23 75.13 -33.76
CA ILE F 99 4.82 76.39 -33.32
C ILE F 99 5.86 76.87 -34.34
N TYR F 100 6.71 75.97 -34.81
CA TYR F 100 7.76 76.35 -35.75
C TYR F 100 7.15 76.87 -37.06
N ASP F 101 6.14 76.18 -37.58
CA ASP F 101 5.56 76.59 -38.85
C ASP F 101 4.78 77.90 -38.70
N THR F 102 4.11 78.09 -37.57
CA THR F 102 3.44 79.37 -37.33
C THR F 102 4.47 80.50 -37.23
N MET F 103 5.62 80.22 -36.62
CA MET F 103 6.69 81.21 -36.56
C MET F 103 7.18 81.57 -37.95
N GLN F 104 7.38 80.56 -38.81
CA GLN F 104 7.78 80.83 -40.19
C GLN F 104 6.68 81.53 -40.99
N TYR F 105 5.42 81.37 -40.58
CA TYR F 105 4.31 81.92 -41.35
C TYR F 105 4.33 83.44 -41.36
N ILE F 106 4.59 84.06 -40.22
CA ILE F 106 4.51 85.51 -40.11
C ILE F 106 5.75 86.16 -40.73
N LYS F 107 5.58 87.42 -41.16
CA LYS F 107 6.69 88.19 -41.69
C LYS F 107 7.57 88.81 -40.62
N ASN F 108 7.07 88.92 -39.39
CA ASN F 108 7.85 89.56 -38.33
C ASN F 108 9.06 88.71 -37.97
N ASP F 109 10.20 89.38 -37.85
CA ASP F 109 11.42 88.69 -37.45
C ASP F 109 11.31 88.27 -35.98
N VAL F 110 11.73 87.04 -35.68
CA VAL F 110 11.65 86.49 -34.35
C VAL F 110 13.06 86.36 -33.79
N VAL F 111 13.26 86.82 -32.56
CA VAL F 111 14.54 86.73 -31.88
C VAL F 111 14.40 85.70 -30.77
N THR F 112 15.08 84.58 -30.91
CA THR F 112 15.08 83.52 -29.90
C THR F 112 16.24 83.75 -28.95
N ILE F 113 15.96 83.64 -27.65
CA ILE F 113 16.95 83.81 -26.60
C ILE F 113 16.89 82.59 -25.68
N ALA F 114 18.04 81.97 -25.44
CA ALA F 114 18.12 80.73 -24.68
C ALA F 114 18.67 80.98 -23.29
N MET F 115 17.99 80.41 -22.29
CA MET F 115 18.51 80.34 -20.94
C MET F 115 18.05 79.05 -20.31
N GLY F 116 18.77 78.60 -19.28
CA GLY F 116 18.41 77.40 -18.57
C GLY F 116 18.86 76.13 -19.27
N LEU F 117 17.92 75.39 -19.86
CA LEU F 117 18.21 74.13 -20.52
C LEU F 117 17.97 74.18 -22.02
N ALA F 118 16.76 74.53 -22.45
CA ALA F 118 16.44 74.71 -23.87
C ALA F 118 16.85 73.48 -24.69
N ALA F 119 16.52 72.30 -24.18
CA ALA F 119 16.93 71.04 -24.78
C ALA F 119 15.85 70.49 -25.70
N ALA F 120 16.23 69.47 -26.46
CA ALA F 120 15.34 68.75 -27.37
C ALA F 120 14.59 69.70 -28.29
N MET F 121 13.26 69.67 -28.22
CA MET F 121 12.47 70.57 -29.06
C MET F 121 12.71 72.03 -28.73
N GLY F 122 13.08 72.32 -27.47
CA GLY F 122 13.47 73.68 -27.14
C GLY F 122 14.66 74.15 -27.95
N GLN F 123 15.65 73.27 -28.13
CA GLN F 123 16.79 73.60 -29.00
C GLN F 123 16.33 73.81 -30.44
N PHE F 124 15.43 72.97 -30.93
CA PHE F 124 14.97 73.09 -32.30
C PHE F 124 14.27 74.42 -32.54
N LEU F 125 13.41 74.83 -31.60
CA LEU F 125 12.75 76.12 -31.73
C LEU F 125 13.73 77.27 -31.50
N LEU F 126 14.79 77.04 -30.73
CA LEU F 126 15.81 78.06 -30.54
C LEU F 126 16.53 78.39 -31.83
N SER F 127 16.91 77.37 -32.60
CA SER F 127 17.65 77.56 -33.83
C SER F 127 16.74 77.81 -35.03
N ALA F 128 15.44 77.83 -34.84
CA ALA F 128 14.49 78.05 -35.93
C ALA F 128 14.14 79.52 -36.12
N GLY F 129 14.77 80.42 -35.37
CA GLY F 129 14.48 81.83 -35.48
C GLY F 129 15.07 82.46 -36.73
N THR F 130 14.84 83.77 -36.85
CA THR F 130 15.36 84.52 -37.98
C THR F 130 16.89 84.46 -37.96
N PRO F 131 17.53 84.18 -39.10
CA PRO F 131 19.00 84.13 -39.12
C PRO F 131 19.61 85.45 -38.68
N GLY F 132 20.70 85.36 -37.91
CA GLY F 132 21.32 86.52 -37.33
C GLY F 132 20.65 87.06 -36.09
N LYS F 133 19.60 86.40 -35.61
CA LYS F 133 18.85 86.87 -34.44
C LYS F 133 18.56 85.71 -33.48
N ARG F 134 19.55 84.85 -33.28
CA ARG F 134 19.46 83.77 -32.31
C ARG F 134 20.56 83.94 -31.28
N PHE F 135 20.19 83.99 -30.00
CA PHE F 135 21.15 84.30 -28.95
C PHE F 135 20.95 83.35 -27.78
N ALA F 136 22.04 83.12 -27.04
CA ALA F 136 22.00 82.32 -25.83
C ALA F 136 22.77 83.03 -24.74
N LEU F 137 22.27 82.96 -23.52
CA LEU F 137 22.95 83.56 -22.38
C LEU F 137 24.19 82.74 -22.04
N PRO F 138 25.19 83.37 -21.41
CA PRO F 138 26.46 82.65 -21.18
C PRO F 138 26.30 81.35 -20.40
N ASN F 139 25.47 81.34 -19.37
CA ASN F 139 25.23 80.14 -18.58
C ASN F 139 23.94 79.44 -19.04
N ALA F 140 23.90 79.07 -20.31
CA ALA F 140 22.74 78.43 -20.91
C ALA F 140 23.19 77.16 -21.63
N GLU F 141 22.84 76.02 -21.06
CA GLU F 141 23.15 74.74 -21.68
C GLU F 141 22.27 74.50 -22.90
N ILE F 142 22.71 73.57 -23.75
CA ILE F 142 21.94 73.12 -24.90
C ILE F 142 22.18 71.62 -25.06
N LEU F 143 21.11 70.88 -25.37
CA LEU F 143 21.21 69.45 -25.58
C LEU F 143 20.54 69.06 -26.89
N ILE F 144 21.16 68.14 -27.62
CA ILE F 144 20.62 67.62 -28.87
C ILE F 144 20.62 66.10 -28.82
N HIS F 145 19.54 65.51 -29.30
CA HIS F 145 19.39 64.06 -29.37
C HIS F 145 18.25 63.74 -30.32
N GLN F 146 18.15 62.45 -30.68
CA GLN F 146 17.12 61.99 -31.59
C GLN F 146 15.77 61.93 -30.90
N PRO F 147 14.68 61.99 -31.65
CA PRO F 147 13.34 61.86 -31.04
C PRO F 147 13.12 60.46 -30.49
N SER F 148 12.18 60.39 -29.54
CA SER F 148 11.82 59.13 -28.89
C SER F 148 10.30 59.00 -28.86
N ALA F 149 9.83 57.76 -28.94
CA ALA F 149 8.40 57.47 -28.94
C ALA F 149 8.20 56.03 -28.49
N GLY F 150 6.98 55.52 -28.68
CA GLY F 150 6.68 54.14 -28.35
C GLY F 150 5.73 53.55 -29.38
N LEU F 151 5.71 52.22 -29.41
CA LEU F 151 4.93 51.49 -30.41
C LEU F 151 4.10 50.42 -29.71
N ALA F 152 2.85 50.25 -30.17
CA ALA F 152 1.97 49.24 -29.65
C ALA F 152 0.84 49.00 -30.65
N GLY F 153 0.39 47.76 -30.73
CA GLY F 153 -0.70 47.37 -31.60
C GLY F 153 -0.36 46.11 -32.36
N SER F 154 -1.07 45.91 -33.47
CA SER F 154 -0.83 44.76 -34.33
C SER F 154 0.40 44.99 -35.20
N ALA F 155 0.85 43.91 -35.85
CA ALA F 155 2.10 43.97 -36.59
C ALA F 155 2.05 44.97 -37.74
N SER F 156 0.94 44.98 -38.49
CA SER F 156 0.82 45.92 -39.61
C SER F 156 0.80 47.37 -39.12
N ASP F 157 0.05 47.65 -38.05
CA ASP F 157 0.04 48.99 -37.49
C ASP F 157 1.40 49.35 -36.92
N ILE F 158 2.10 48.39 -36.32
CA ILE F 158 3.44 48.63 -35.82
C ILE F 158 4.37 49.03 -36.97
N LYS F 159 4.29 48.32 -38.09
CA LYS F 159 5.11 48.65 -39.25
C LYS F 159 4.77 50.04 -39.80
N ILE F 160 3.49 50.36 -39.88
CA ILE F 160 3.07 51.67 -40.38
C ILE F 160 3.62 52.78 -39.48
N HIS F 161 3.47 52.60 -38.18
CA HIS F 161 4.01 53.60 -37.25
C HIS F 161 5.53 53.67 -37.31
N ALA F 162 6.21 52.54 -37.51
CA ALA F 162 7.65 52.55 -37.62
C ALA F 162 8.12 53.35 -38.83
N GLU F 163 7.48 53.14 -39.97
CA GLU F 163 7.88 53.92 -41.16
C GLU F 163 7.50 55.39 -40.99
N ARG F 164 6.40 55.68 -40.29
CA ARG F 164 6.06 57.07 -40.01
C ARG F 164 7.11 57.74 -39.13
N LEU F 165 7.57 57.03 -38.09
CA LEU F 165 8.65 57.56 -37.25
C LEU F 165 9.93 57.74 -38.05
N LEU F 166 10.22 56.83 -38.98
CA LEU F 166 11.37 57.03 -39.86
C LEU F 166 11.24 58.31 -40.65
N HIS F 167 10.07 58.54 -41.25
CA HIS F 167 9.83 59.76 -42.01
C HIS F 167 10.01 60.99 -41.14
N THR F 168 9.41 60.98 -39.94
CA THR F 168 9.52 62.14 -39.05
C THR F 168 10.96 62.39 -38.64
N LYS F 169 11.70 61.34 -38.29
CA LYS F 169 13.07 61.51 -37.83
C LYS F 169 13.96 62.05 -38.95
N LYS F 170 13.82 61.51 -40.17
CA LYS F 170 14.65 62.02 -41.25
C LYS F 170 14.27 63.44 -41.64
N ARG F 171 12.97 63.78 -41.53
CA ARG F 171 12.55 65.16 -41.77
C ARG F 171 13.16 66.10 -40.73
N MET F 172 13.19 65.66 -39.47
CA MET F 172 13.81 66.47 -38.42
C MET F 172 15.28 66.68 -38.69
N ALA F 173 15.98 65.61 -39.10
CA ALA F 173 17.40 65.73 -39.41
C ALA F 173 17.63 66.69 -40.58
N GLU F 174 16.80 66.60 -41.62
CA GLU F 174 16.94 67.50 -42.76
C GLU F 174 16.71 68.95 -42.36
N LEU F 175 15.66 69.20 -41.57
CA LEU F 175 15.38 70.57 -41.15
C LEU F 175 16.47 71.13 -40.26
N THR F 176 17.00 70.30 -39.34
CA THR F 176 18.10 70.74 -38.48
C THR F 176 19.34 71.06 -39.31
N SER F 177 19.66 70.22 -40.29
CA SER F 177 20.80 70.49 -41.15
C SER F 177 20.60 71.77 -41.96
N GLN F 178 19.38 71.98 -42.47
CA GLN F 178 19.11 73.19 -43.24
C GLN F 178 19.26 74.44 -42.38
N HIS F 179 18.71 74.42 -41.16
CA HIS F 179 18.74 75.62 -40.32
C HIS F 179 20.13 75.88 -39.76
N THR F 180 20.81 74.84 -39.26
CA THR F 180 22.13 75.04 -38.65
C THR F 180 23.22 75.25 -39.69
N GLY F 181 23.04 74.73 -40.90
CA GLY F 181 24.05 74.80 -41.93
C GLY F 181 25.06 73.69 -41.93
N GLN F 182 24.95 72.73 -41.01
CA GLN F 182 25.87 71.60 -40.96
C GLN F 182 25.51 70.57 -42.03
N THR F 183 26.25 69.47 -42.03
CA THR F 183 26.01 68.38 -42.97
C THR F 183 24.94 67.45 -42.40
N ILE F 184 24.08 66.93 -43.29
CA ILE F 184 23.02 66.03 -42.86
C ILE F 184 23.61 64.80 -42.18
N GLU F 185 24.64 64.21 -42.80
CA GLU F 185 25.28 63.04 -42.21
C GLU F 185 25.98 63.39 -40.90
N GLN F 186 26.61 64.57 -40.84
CA GLN F 186 27.29 64.99 -39.62
C GLN F 186 26.30 65.09 -38.46
N ILE F 187 25.17 65.75 -38.67
CA ILE F 187 24.19 65.91 -37.61
C ILE F 187 23.56 64.56 -37.26
N THR F 188 23.30 63.73 -38.28
CA THR F 188 22.73 62.41 -38.02
C THR F 188 23.66 61.57 -37.15
N ARG F 189 24.96 61.60 -37.44
CA ARG F 189 25.92 60.87 -36.63
C ARG F 189 26.03 61.45 -35.22
N ASP F 190 26.04 62.78 -35.11
CA ASP F 190 26.16 63.42 -33.80
C ASP F 190 24.96 63.13 -32.91
N SER F 191 23.76 63.16 -33.48
CA SER F 191 22.53 63.00 -32.70
C SER F 191 22.10 61.54 -32.61
N ASP F 192 23.01 60.68 -32.18
CA ASP F 192 22.68 59.30 -31.85
C ASP F 192 22.50 59.09 -30.35
N ARG F 193 23.26 59.80 -29.53
CA ARG F 193 23.10 59.87 -28.10
C ARG F 193 22.90 61.33 -27.68
N ASP F 194 22.86 61.56 -26.37
CA ASP F 194 22.75 62.92 -25.87
C ASP F 194 24.04 63.67 -26.11
N ARG F 195 23.95 64.84 -26.74
CA ARG F 195 25.10 65.68 -26.99
C ARG F 195 24.88 67.05 -26.35
N TRP F 196 25.86 67.50 -25.58
CA TRP F 196 25.73 68.69 -24.75
C TRP F 196 26.66 69.79 -25.24
N PHE F 197 26.16 71.02 -25.25
CA PHE F 197 26.92 72.21 -25.59
C PHE F 197 26.65 73.30 -24.57
N ASP F 198 27.61 74.20 -24.42
CA ASP F 198 27.37 75.48 -23.78
C ASP F 198 27.11 76.52 -24.87
N ALA F 199 27.14 77.80 -24.50
CA ALA F 199 26.93 78.86 -25.49
C ALA F 199 27.98 78.82 -26.59
N PHE F 200 29.24 78.51 -26.23
CA PHE F 200 30.33 78.61 -27.19
C PHE F 200 30.25 77.51 -28.25
N GLU F 201 30.43 76.24 -27.86
CA GLU F 201 30.23 75.16 -28.81
C GLU F 201 28.92 75.27 -29.58
N ALA F 202 27.91 75.94 -29.00
CA ALA F 202 26.71 76.25 -29.78
C ALA F 202 27.02 77.25 -30.90
N LYS F 203 27.76 78.32 -30.59
CA LYS F 203 27.96 79.36 -31.61
C LYS F 203 28.94 78.91 -32.69
N GLU F 204 30.02 78.22 -32.32
CA GLU F 204 30.88 77.65 -33.35
C GLU F 204 30.28 76.40 -33.99
N TYR F 205 29.27 75.79 -33.36
CA TYR F 205 28.56 74.70 -34.03
C TYR F 205 27.61 75.22 -35.09
N GLY F 206 27.03 76.39 -34.86
CA GLY F 206 26.05 76.97 -35.77
C GLY F 206 24.63 76.98 -35.26
N LEU F 207 24.36 76.48 -34.04
CA LEU F 207 23.01 76.52 -33.50
C LEU F 207 22.55 77.94 -33.27
N ILE F 208 23.43 78.79 -32.73
CA ILE F 208 23.13 80.19 -32.47
C ILE F 208 24.10 81.05 -33.28
N ASP F 209 23.85 82.36 -33.27
CA ASP F 209 24.66 83.30 -34.02
C ASP F 209 25.50 84.23 -33.14
N ASP F 210 25.13 84.41 -31.88
CA ASP F 210 25.89 85.27 -30.98
C ASP F 210 25.50 84.93 -29.55
N VAL F 211 26.36 85.35 -28.62
CA VAL F 211 26.13 85.18 -27.20
C VAL F 211 26.01 86.56 -26.57
N MET F 212 24.86 86.82 -25.93
CA MET F 212 24.60 88.11 -25.33
C MET F 212 25.04 88.10 -23.87
N THR F 213 25.89 89.04 -23.51
CA THR F 213 26.34 89.21 -22.13
C THR F 213 25.55 90.30 -21.41
N THR F 214 25.42 91.47 -22.02
CA THR F 214 24.66 92.57 -21.43
C THR F 214 23.64 93.10 -22.44
N ALA F 215 22.96 94.17 -22.09
CA ALA F 215 21.95 94.76 -22.96
C ALA F 215 22.61 95.65 -24.02
N GLY G 38 -5.47 82.66 -17.60
CA GLY G 38 -5.11 84.06 -17.52
C GLY G 38 -4.96 84.72 -18.87
N LEU G 39 -3.73 84.70 -19.40
CA LEU G 39 -3.47 85.28 -20.71
C LEU G 39 -4.25 84.57 -21.80
N GLY G 40 -4.39 83.25 -21.67
CA GLY G 40 -5.12 82.49 -22.68
C GLY G 40 -6.54 82.98 -22.86
N ASP G 41 -7.21 83.33 -21.75
CA ASP G 41 -8.58 83.81 -21.84
C ASP G 41 -8.66 85.09 -22.66
N GLN G 42 -7.82 86.07 -22.36
CA GLN G 42 -7.86 87.34 -23.09
C GLN G 42 -7.48 87.16 -24.55
N VAL G 43 -6.43 86.38 -24.84
CA VAL G 43 -6.01 86.24 -26.23
C VAL G 43 -7.06 85.49 -27.03
N TYR G 44 -7.68 84.45 -26.45
CA TYR G 44 -8.75 83.76 -27.14
C TYR G 44 -9.96 84.67 -27.34
N ASN G 45 -10.27 85.49 -26.34
CA ASN G 45 -11.39 86.43 -26.48
C ASN G 45 -11.17 87.39 -27.64
N ARG G 46 -9.99 88.00 -27.69
CA ARG G 46 -9.75 88.99 -28.74
C ARG G 46 -9.60 88.35 -30.11
N LEU G 47 -9.03 87.14 -30.18
CA LEU G 47 -8.98 86.44 -31.47
C LEU G 47 -10.37 86.05 -31.94
N LEU G 48 -11.23 85.61 -31.03
CA LEU G 48 -12.63 85.38 -31.39
C LEU G 48 -13.29 86.67 -31.85
N ASN G 49 -12.94 87.78 -31.22
CA ASN G 49 -13.46 89.07 -31.67
C ASN G 49 -13.06 89.35 -33.11
N GLU G 50 -11.78 89.11 -33.46
CA GLU G 50 -11.39 89.41 -34.83
C GLU G 50 -12.08 88.51 -35.84
N ARG G 51 -11.60 87.26 -35.99
CA ARG G 51 -12.32 86.24 -36.74
C ARG G 51 -12.07 84.80 -36.27
N ILE G 52 -11.26 84.58 -35.25
CA ILE G 52 -10.53 83.32 -35.11
C ILE G 52 -11.20 82.40 -34.10
N ILE G 53 -11.27 81.11 -34.44
CA ILE G 53 -11.75 80.06 -33.55
C ILE G 53 -10.75 78.92 -33.59
N PHE G 54 -10.46 78.35 -32.41
CA PHE G 54 -9.46 77.31 -32.26
C PHE G 54 -10.10 75.96 -31.93
N LEU G 55 -9.40 74.88 -32.32
CA LEU G 55 -9.72 73.50 -31.98
C LEU G 55 -8.46 72.77 -31.55
N GLY G 56 -7.70 73.38 -30.65
CA GLY G 56 -6.42 72.82 -30.24
C GLY G 56 -6.49 71.80 -29.12
N GLN G 57 -7.50 70.96 -29.14
CA GLN G 57 -7.66 69.91 -28.13
C GLN G 57 -8.59 68.85 -28.67
N PRO G 58 -8.57 67.63 -28.11
CA PRO G 58 -9.43 66.57 -28.61
C PRO G 58 -10.92 66.94 -28.56
N VAL G 59 -11.65 66.46 -29.54
CA VAL G 59 -13.06 66.81 -29.68
C VAL G 59 -13.88 66.01 -28.68
N ASP G 60 -14.73 66.71 -27.94
CA ASP G 60 -15.63 66.10 -26.96
C ASP G 60 -16.83 67.02 -26.76
N ASP G 61 -17.65 66.73 -25.75
CA ASP G 61 -18.95 67.37 -25.63
C ASP G 61 -18.82 68.87 -25.38
N ASP G 62 -18.05 69.26 -24.36
CA ASP G 62 -18.04 70.67 -23.96
C ASP G 62 -17.30 71.53 -24.98
N ILE G 63 -16.21 71.02 -25.55
CA ILE G 63 -15.51 71.80 -26.58
C ILE G 63 -16.38 71.96 -27.81
N ALA G 64 -17.15 70.93 -28.16
CA ALA G 64 -18.07 71.04 -29.28
C ALA G 64 -19.17 72.06 -29.00
N ASN G 65 -19.69 72.06 -27.77
CA ASN G 65 -20.70 73.05 -27.40
C ASN G 65 -20.13 74.47 -27.49
N LYS G 66 -18.90 74.66 -27.00
CA LYS G 66 -18.30 75.99 -27.05
C LYS G 66 -18.04 76.44 -28.49
N ILE G 67 -17.56 75.53 -29.33
CA ILE G 67 -17.32 75.89 -30.73
C ILE G 67 -18.63 76.21 -31.43
N THR G 68 -19.69 75.43 -31.16
CA THR G 68 -20.99 75.70 -31.75
C THR G 68 -21.51 77.06 -31.30
N ALA G 69 -21.35 77.39 -30.02
CA ALA G 69 -21.77 78.69 -29.53
C ALA G 69 -21.00 79.81 -30.20
N GLN G 70 -19.68 79.64 -30.36
CA GLN G 70 -18.88 80.66 -31.02
C GLN G 70 -19.30 80.84 -32.47
N LEU G 71 -19.55 79.74 -33.17
CA LEU G 71 -19.98 79.83 -34.56
C LEU G 71 -21.34 80.51 -34.67
N LEU G 72 -22.28 80.17 -33.78
CA LEU G 72 -23.59 80.81 -33.80
C LEU G 72 -23.48 82.30 -33.52
N LEU G 73 -22.62 82.68 -32.56
CA LEU G 73 -22.44 84.09 -32.27
C LEU G 73 -21.83 84.84 -33.44
N LEU G 74 -20.82 84.24 -34.09
CA LEU G 74 -20.20 84.89 -35.24
C LEU G 74 -21.12 84.92 -36.45
N ALA G 75 -22.10 84.01 -36.52
CA ALA G 75 -23.04 84.00 -37.64
C ALA G 75 -23.98 85.19 -37.64
N SER G 76 -23.99 86.00 -36.57
CA SER G 76 -24.87 87.16 -36.53
C SER G 76 -24.57 88.12 -37.67
N ASP G 77 -23.29 88.25 -38.06
CA ASP G 77 -22.92 89.07 -39.19
C ASP G 77 -22.63 88.18 -40.38
N PRO G 78 -23.48 88.17 -41.41
CA PRO G 78 -23.39 87.12 -42.44
C PRO G 78 -22.46 87.40 -43.60
N GLU G 79 -21.53 88.35 -43.47
CA GLU G 79 -20.65 88.68 -44.59
C GLU G 79 -19.23 88.18 -44.41
N LYS G 80 -18.61 88.40 -43.26
CA LYS G 80 -17.23 87.98 -43.08
C LYS G 80 -17.13 86.48 -42.86
N ASP G 81 -15.94 85.94 -43.14
CA ASP G 81 -15.65 84.52 -43.03
C ASP G 81 -14.95 84.22 -41.72
N ILE G 82 -15.08 82.98 -41.26
CA ILE G 82 -14.53 82.54 -39.98
C ILE G 82 -13.37 81.60 -40.24
N TYR G 83 -12.23 81.90 -39.63
CA TYR G 83 -11.03 81.07 -39.75
C TYR G 83 -10.96 80.11 -38.58
N LEU G 84 -10.81 78.82 -38.88
CA LEU G 84 -10.78 77.78 -37.87
C LEU G 84 -9.48 76.99 -37.99
N TYR G 85 -8.71 76.97 -36.91
CA TYR G 85 -7.44 76.25 -36.87
C TYR G 85 -7.65 74.89 -36.22
N ILE G 86 -7.08 73.85 -36.83
CA ILE G 86 -7.28 72.47 -36.40
C ILE G 86 -5.95 71.92 -35.92
N ASN G 87 -5.91 71.51 -34.65
CA ASN G 87 -4.76 70.77 -34.10
C ASN G 87 -5.32 69.86 -33.00
N SER G 88 -5.63 68.63 -33.37
CA SER G 88 -6.26 67.69 -32.45
C SER G 88 -6.12 66.28 -33.00
N PRO G 89 -5.97 65.28 -32.13
CA PRO G 89 -5.90 63.90 -32.60
C PRO G 89 -7.25 63.24 -32.84
N GLY G 90 -8.34 64.01 -32.90
CA GLY G 90 -9.65 63.46 -33.13
C GLY G 90 -10.58 63.65 -31.95
N GLY G 91 -11.55 62.75 -31.79
CA GLY G 91 -12.47 62.84 -30.68
C GLY G 91 -13.73 62.02 -30.95
N SER G 92 -14.76 62.33 -30.16
CA SER G 92 -16.01 61.60 -30.27
C SER G 92 -16.70 61.90 -31.60
N ILE G 93 -17.45 60.91 -32.09
CA ILE G 93 -18.08 61.03 -33.40
C ILE G 93 -19.20 62.07 -33.36
N THR G 94 -20.03 62.04 -32.32
CA THR G 94 -21.22 62.88 -32.28
C THR G 94 -20.86 64.36 -32.16
N ALA G 95 -19.85 64.68 -31.34
CA ALA G 95 -19.45 66.08 -31.20
C ALA G 95 -18.89 66.62 -32.50
N GLY G 96 -18.06 65.84 -33.19
CA GLY G 96 -17.58 66.24 -34.50
C GLY G 96 -18.72 66.42 -35.49
N MET G 97 -19.72 65.54 -35.42
CA MET G 97 -20.89 65.69 -36.27
C MET G 97 -21.64 66.99 -35.98
N ALA G 98 -21.79 67.33 -34.70
CA ALA G 98 -22.46 68.58 -34.34
C ALA G 98 -21.70 69.78 -34.88
N ILE G 99 -20.37 69.78 -34.73
CA ILE G 99 -19.56 70.88 -35.26
C ILE G 99 -19.71 70.98 -36.77
N TYR G 100 -19.65 69.84 -37.46
CA TYR G 100 -19.76 69.83 -38.91
C TYR G 100 -21.11 70.36 -39.37
N ASP G 101 -22.19 69.91 -38.72
CA ASP G 101 -23.53 70.36 -39.07
C ASP G 101 -23.69 71.85 -38.81
N THR G 102 -23.12 72.35 -37.71
CA THR G 102 -23.19 73.78 -37.43
C THR G 102 -22.43 74.58 -38.49
N MET G 103 -21.28 74.06 -38.93
CA MET G 103 -20.54 74.72 -40.00
C MET G 103 -21.37 74.80 -41.27
N GLN G 104 -22.04 73.69 -41.63
CA GLN G 104 -22.87 73.70 -42.83
C GLN G 104 -24.14 74.53 -42.67
N TYR G 105 -24.61 74.75 -41.44
CA TYR G 105 -25.87 75.43 -41.24
C TYR G 105 -25.78 76.92 -41.59
N ILE G 106 -24.68 77.56 -41.21
CA ILE G 106 -24.53 78.99 -41.44
C ILE G 106 -24.13 79.24 -42.89
N LYS G 107 -24.52 80.40 -43.40
CA LYS G 107 -24.16 80.80 -44.76
C LYS G 107 -22.77 81.42 -44.84
N ASN G 108 -22.16 81.74 -43.69
CA ASN G 108 -20.83 82.31 -43.69
C ASN G 108 -19.80 81.30 -44.17
N ASP G 109 -18.85 81.77 -44.96
CA ASP G 109 -17.76 80.91 -45.41
C ASP G 109 -16.83 80.58 -44.24
N VAL G 110 -16.31 79.37 -44.24
CA VAL G 110 -15.40 78.90 -43.20
C VAL G 110 -14.09 78.48 -43.85
N VAL G 111 -12.98 78.96 -43.32
CA VAL G 111 -11.64 78.65 -43.82
C VAL G 111 -10.95 77.79 -42.78
N THR G 112 -10.79 76.51 -43.09
CA THR G 112 -10.12 75.58 -42.19
C THR G 112 -8.63 75.53 -42.50
N ILE G 113 -7.82 75.63 -41.46
CA ILE G 113 -6.36 75.59 -41.59
C ILE G 113 -5.85 74.51 -40.65
N ALA G 114 -5.19 73.51 -41.20
CA ALA G 114 -4.60 72.43 -40.41
C ALA G 114 -3.18 72.80 -40.01
N MET G 115 -2.88 72.68 -38.73
CA MET G 115 -1.55 73.00 -38.21
C MET G 115 -1.12 71.92 -37.23
N GLY G 116 0.15 71.54 -37.31
CA GLY G 116 0.70 70.55 -36.40
C GLY G 116 0.25 69.13 -36.67
N LEU G 117 -1.03 68.87 -36.44
CA LEU G 117 -1.60 67.55 -36.66
C LEU G 117 -3.10 67.67 -36.84
N ALA G 118 -3.64 66.86 -37.74
CA ALA G 118 -5.09 66.77 -37.96
C ALA G 118 -5.38 65.32 -38.31
N ALA G 119 -5.75 64.53 -37.31
CA ALA G 119 -5.94 63.10 -37.48
C ALA G 119 -7.37 62.71 -37.11
N ALA G 120 -7.83 61.63 -37.72
CA ALA G 120 -9.17 61.05 -37.47
C ALA G 120 -10.21 62.14 -37.69
N MET G 121 -10.97 62.55 -36.67
CA MET G 121 -12.06 63.49 -36.88
C MET G 121 -11.53 64.91 -37.11
N GLY G 122 -10.32 65.22 -36.63
CA GLY G 122 -9.73 66.50 -36.94
C GLY G 122 -9.54 66.69 -38.44
N GLN G 123 -9.09 65.64 -39.13
CA GLN G 123 -9.02 65.67 -40.58
C GLN G 123 -10.40 65.85 -41.19
N PHE G 124 -11.40 65.16 -40.66
CA PHE G 124 -12.75 65.24 -41.22
C PHE G 124 -13.30 66.66 -41.14
N LEU G 125 -13.11 67.32 -39.99
CA LEU G 125 -13.54 68.71 -39.89
C LEU G 125 -12.67 69.64 -40.72
N LEU G 126 -11.39 69.28 -40.91
CA LEU G 126 -10.54 70.08 -41.79
C LEU G 126 -11.05 70.07 -43.22
N SER G 127 -11.46 68.90 -43.72
CA SER G 127 -11.94 68.77 -45.09
C SER G 127 -13.40 69.17 -45.25
N ALA G 128 -14.10 69.47 -44.16
CA ALA G 128 -15.52 69.82 -44.22
C ALA G 128 -15.74 71.30 -44.53
N GLY G 129 -14.67 72.08 -44.69
CA GLY G 129 -14.82 73.49 -44.99
C GLY G 129 -15.28 73.73 -46.42
N THR G 130 -15.53 75.00 -46.71
CA THR G 130 -15.99 75.38 -48.04
C THR G 130 -14.91 75.05 -49.07
N PRO G 131 -15.30 74.60 -50.27
CA PRO G 131 -14.29 74.26 -51.29
C PRO G 131 -13.45 75.46 -51.67
N GLY G 132 -12.16 75.21 -51.91
CA GLY G 132 -11.24 76.25 -52.31
C GLY G 132 -10.66 77.07 -51.17
N LYS G 133 -11.06 76.80 -49.93
CA LYS G 133 -10.55 77.56 -48.78
C LYS G 133 -10.20 76.60 -47.64
N ARG G 134 -9.67 75.44 -47.97
CA ARG G 134 -9.14 74.49 -47.00
C ARG G 134 -7.64 74.40 -47.19
N PHE G 135 -6.88 74.66 -46.12
CA PHE G 135 -5.44 74.79 -46.24
C PHE G 135 -4.75 74.04 -45.11
N ALA G 136 -3.47 73.74 -45.32
CA ALA G 136 -2.65 73.11 -44.31
C ALA G 136 -1.26 73.73 -44.35
N LEU G 137 -0.55 73.59 -43.23
CA LEU G 137 0.80 74.11 -43.14
C LEU G 137 1.80 73.16 -43.80
N PRO G 138 2.94 73.69 -44.27
CA PRO G 138 3.92 72.81 -44.93
C PRO G 138 4.43 71.67 -44.05
N ASN G 139 4.55 71.89 -42.75
CA ASN G 139 5.05 70.86 -41.84
C ASN G 139 3.92 70.07 -41.18
N ALA G 140 2.67 70.32 -41.57
CA ALA G 140 1.53 69.64 -40.97
C ALA G 140 1.44 68.20 -41.46
N GLU G 141 0.79 67.37 -40.65
CA GLU G 141 0.54 65.97 -40.99
C GLU G 141 -0.94 65.66 -40.82
N ILE G 142 -1.44 64.78 -41.68
CA ILE G 142 -2.85 64.41 -41.71
C ILE G 142 -2.95 62.89 -41.71
N LEU G 143 -3.82 62.35 -40.86
CA LEU G 143 -3.99 60.92 -40.73
C LEU G 143 -5.45 60.55 -40.95
N ILE G 144 -5.68 59.43 -41.63
CA ILE G 144 -7.02 58.92 -41.87
C ILE G 144 -7.09 57.46 -41.43
N HIS G 145 -8.22 57.08 -40.84
CA HIS G 145 -8.48 55.70 -40.46
C HIS G 145 -9.97 55.56 -40.15
N GLN G 146 -10.40 54.31 -40.01
CA GLN G 146 -11.79 54.02 -39.69
C GLN G 146 -12.09 54.29 -38.22
N PRO G 147 -13.35 54.53 -37.88
CA PRO G 147 -13.71 54.77 -36.47
C PRO G 147 -13.51 53.52 -35.62
N SER G 148 -13.57 53.73 -34.31
CA SER G 148 -13.43 52.65 -33.34
C SER G 148 -14.42 52.85 -32.21
N ALA G 149 -14.83 51.74 -31.60
CA ALA G 149 -15.79 51.77 -30.51
C ALA G 149 -15.70 50.46 -29.74
N GLY G 150 -16.67 50.22 -28.85
CA GLY G 150 -16.73 48.99 -28.10
C GLY G 150 -18.17 48.53 -27.96
N LEU G 151 -18.34 47.29 -27.52
CA LEU G 151 -19.65 46.69 -27.36
C LEU G 151 -19.81 46.12 -25.96
N ALA G 152 -21.04 46.18 -25.46
CA ALA G 152 -21.36 45.65 -24.14
C ALA G 152 -22.85 45.39 -24.06
N GLY G 153 -23.22 44.35 -23.32
CA GLY G 153 -24.62 44.04 -23.12
C GLY G 153 -25.02 42.65 -23.56
N SER G 154 -26.32 42.42 -23.72
CA SER G 154 -26.82 41.14 -24.20
C SER G 154 -26.67 41.05 -25.72
N ALA G 155 -27.01 39.87 -26.26
CA ALA G 155 -26.80 39.63 -27.67
C ALA G 155 -27.61 40.57 -28.55
N SER G 156 -28.87 40.81 -28.17
CA SER G 156 -29.72 41.69 -28.98
C SER G 156 -29.19 43.11 -28.99
N ASP G 157 -28.80 43.63 -27.82
CA ASP G 157 -28.27 44.98 -27.75
C ASP G 157 -26.94 45.11 -28.47
N ILE G 158 -26.10 44.07 -28.38
CA ILE G 158 -24.84 44.07 -29.11
C ILE G 158 -25.09 44.10 -30.61
N LYS G 159 -26.06 43.32 -31.08
CA LYS G 159 -26.41 43.33 -32.50
C LYS G 159 -26.90 44.70 -32.94
N ILE G 160 -27.76 45.33 -32.13
CA ILE G 160 -28.29 46.64 -32.48
C ILE G 160 -27.16 47.67 -32.54
N HIS G 161 -26.28 47.65 -31.54
CA HIS G 161 -25.18 48.60 -31.52
C HIS G 161 -24.22 48.35 -32.69
N ALA G 162 -24.01 47.09 -33.06
CA ALA G 162 -23.13 46.77 -34.17
C ALA G 162 -23.70 47.27 -35.50
N GLU G 163 -25.00 47.08 -35.72
CA GLU G 163 -25.57 47.59 -36.96
C GLU G 163 -25.57 49.12 -36.98
N ARG G 164 -25.78 49.75 -35.81
CA ARG G 164 -25.64 51.20 -35.71
C ARG G 164 -24.24 51.64 -36.10
N LEU G 165 -23.22 50.93 -35.61
CA LEU G 165 -21.84 51.27 -35.93
C LEU G 165 -21.54 51.07 -37.40
N LEU G 166 -22.07 50.01 -38.00
CA LEU G 166 -21.89 49.81 -39.43
C LEU G 166 -22.50 50.95 -40.24
N HIS G 167 -23.72 51.36 -39.87
CA HIS G 167 -24.36 52.47 -40.57
C HIS G 167 -23.55 53.75 -40.42
N THR G 168 -23.04 54.01 -39.21
CA THR G 168 -22.22 55.19 -38.99
C THR G 168 -20.94 55.14 -39.83
N LYS G 169 -20.30 53.98 -39.90
CA LYS G 169 -19.07 53.85 -40.67
C LYS G 169 -19.32 54.10 -42.15
N LYS G 170 -20.39 53.53 -42.70
CA LYS G 170 -20.65 53.76 -44.12
C LYS G 170 -21.07 55.22 -44.38
N ARG G 171 -21.76 55.83 -43.42
CA ARG G 171 -22.10 57.24 -43.53
C ARG G 171 -20.84 58.11 -43.58
N MET G 172 -19.89 57.84 -42.69
CA MET G 172 -18.64 58.58 -42.70
C MET G 172 -17.87 58.34 -44.00
N ALA G 173 -17.86 57.09 -44.49
CA ALA G 173 -17.17 56.82 -45.74
C ALA G 173 -17.78 57.61 -46.89
N GLU G 174 -19.11 57.65 -46.99
CA GLU G 174 -19.73 58.35 -48.10
C GLU G 174 -19.51 59.86 -48.00
N LEU G 175 -19.60 60.42 -46.79
CA LEU G 175 -19.35 61.86 -46.65
C LEU G 175 -17.90 62.23 -46.95
N THR G 176 -16.94 61.44 -46.47
CA THR G 176 -15.54 61.79 -46.76
C THR G 176 -15.22 61.61 -48.24
N SER G 177 -15.83 60.62 -48.90
CA SER G 177 -15.65 60.48 -50.34
C SER G 177 -16.26 61.68 -51.07
N GLN G 178 -17.44 62.12 -50.64
CA GLN G 178 -18.09 63.26 -51.29
C GLN G 178 -17.27 64.53 -51.12
N HIS G 179 -16.74 64.76 -49.93
CA HIS G 179 -16.03 66.02 -49.66
C HIS G 179 -14.60 66.00 -50.20
N THR G 180 -13.99 64.83 -50.34
CA THR G 180 -12.61 64.76 -50.81
C THR G 180 -12.51 64.71 -52.33
N GLY G 181 -13.49 64.14 -53.01
CA GLY G 181 -13.49 64.01 -54.45
C GLY G 181 -13.16 62.62 -54.97
N GLN G 182 -12.67 61.73 -54.11
CA GLN G 182 -12.38 60.36 -54.52
C GLN G 182 -13.67 59.56 -54.58
N THR G 183 -13.54 58.29 -54.96
CA THR G 183 -14.68 57.39 -54.99
C THR G 183 -14.90 56.77 -53.60
N ILE G 184 -16.12 56.27 -53.40
CA ILE G 184 -16.46 55.65 -52.12
C ILE G 184 -15.61 54.42 -51.88
N GLU G 185 -15.44 53.58 -52.90
CA GLU G 185 -14.78 52.29 -52.71
C GLU G 185 -13.27 52.48 -52.50
N GLN G 186 -12.67 53.44 -53.20
CA GLN G 186 -11.26 53.75 -53.01
C GLN G 186 -10.99 54.21 -51.57
N ILE G 187 -11.84 55.10 -51.06
CA ILE G 187 -11.69 55.58 -49.70
C ILE G 187 -11.94 54.44 -48.71
N THR G 188 -12.86 53.53 -49.05
CA THR G 188 -13.11 52.38 -48.18
C THR G 188 -11.88 51.49 -48.08
N ARG G 189 -11.20 51.27 -49.20
CA ARG G 189 -9.94 50.51 -49.15
C ARG G 189 -8.87 51.27 -48.37
N ASP G 190 -8.79 52.59 -48.57
CA ASP G 190 -7.74 53.36 -47.92
C ASP G 190 -7.93 53.40 -46.41
N SER G 191 -9.16 53.50 -45.94
CA SER G 191 -9.45 53.62 -44.51
C SER G 191 -9.69 52.26 -43.87
N ASP G 192 -8.75 51.33 -44.07
CA ASP G 192 -8.74 50.08 -43.33
C ASP G 192 -7.71 50.09 -42.22
N ARG G 193 -6.52 50.63 -42.48
CA ARG G 193 -5.54 50.95 -41.46
C ARG G 193 -5.21 52.43 -41.58
N ASP G 194 -4.55 52.96 -40.54
CA ASP G 194 -4.23 54.38 -40.51
C ASP G 194 -3.21 54.71 -41.60
N ARG G 195 -3.47 55.82 -42.30
CA ARG G 195 -2.59 56.28 -43.38
C ARG G 195 -2.24 57.75 -43.16
N TRP G 196 -0.98 58.07 -43.39
CA TRP G 196 -0.41 59.38 -43.12
C TRP G 196 -0.18 60.15 -44.41
N PHE G 197 -0.18 61.48 -44.29
CA PHE G 197 0.11 62.38 -45.40
C PHE G 197 0.77 63.63 -44.84
N ASP G 198 1.61 64.26 -45.66
CA ASP G 198 1.99 65.64 -45.46
C ASP G 198 1.24 66.50 -46.48
N ALA G 199 1.61 67.78 -46.56
CA ALA G 199 0.80 68.76 -47.30
C ALA G 199 0.62 68.38 -48.77
N PHE G 200 1.65 67.79 -49.38
CA PHE G 200 1.67 67.64 -50.84
C PHE G 200 0.71 66.57 -51.36
N GLU G 201 0.89 65.32 -50.93
CA GLU G 201 -0.09 64.31 -51.33
C GLU G 201 -1.45 64.56 -50.68
N ALA G 202 -1.52 65.34 -49.61
CA ALA G 202 -2.81 65.76 -49.09
C ALA G 202 -3.53 66.67 -50.08
N LYS G 203 -2.80 67.62 -50.68
CA LYS G 203 -3.45 68.56 -51.60
C LYS G 203 -3.75 67.90 -52.93
N GLU G 204 -2.91 66.96 -53.38
CA GLU G 204 -3.25 66.25 -54.60
C GLU G 204 -4.25 65.12 -54.36
N TYR G 205 -4.49 64.76 -53.10
CA TYR G 205 -5.50 63.77 -52.74
C TYR G 205 -6.88 64.38 -52.55
N GLY G 206 -7.01 65.70 -52.63
CA GLY G 206 -8.27 66.37 -52.41
C GLY G 206 -8.59 66.70 -50.97
N LEU G 207 -7.72 66.30 -50.03
CA LEU G 207 -7.97 66.62 -48.63
C LEU G 207 -7.93 68.13 -48.38
N ILE G 208 -6.96 68.81 -48.97
CA ILE G 208 -6.81 70.25 -48.83
C ILE G 208 -6.67 70.88 -50.21
N ASP G 209 -6.94 72.18 -50.28
CA ASP G 209 -6.96 72.89 -51.56
C ASP G 209 -5.62 73.53 -51.88
N ASP G 210 -4.94 74.13 -50.90
CA ASP G 210 -3.69 74.83 -51.16
C ASP G 210 -2.90 74.91 -49.87
N VAL G 211 -1.61 75.22 -50.01
CA VAL G 211 -0.68 75.33 -48.89
C VAL G 211 0.01 76.69 -48.98
N MET G 212 -0.03 77.44 -47.89
CA MET G 212 0.69 78.71 -47.79
C MET G 212 1.90 78.55 -46.88
N THR G 213 3.05 79.04 -47.34
CA THR G 213 4.20 79.17 -46.46
C THR G 213 4.17 80.48 -45.70
N THR G 214 3.66 81.54 -46.33
CA THR G 214 3.44 82.84 -45.70
C THR G 214 2.01 83.28 -45.99
N ALA G 215 1.60 84.36 -45.32
CA ALA G 215 0.26 84.90 -45.52
C ALA G 215 0.11 85.53 -46.90
N ASP H 24 -12.36 12.46 4.24
CA ASP H 24 -12.58 13.30 3.07
C ASP H 24 -13.84 12.85 2.33
N PRO H 25 -14.94 13.57 2.52
CA PRO H 25 -16.21 13.17 1.88
C PRO H 25 -16.14 13.17 0.36
N TYR H 26 -15.39 14.09 -0.23
CA TYR H 26 -15.33 14.17 -1.69
C TYR H 26 -14.66 12.93 -2.29
N ALA H 27 -13.62 12.42 -1.63
CA ALA H 27 -12.97 11.20 -2.12
C ALA H 27 -13.94 10.02 -2.07
N LYS H 28 -14.69 9.89 -0.99
CA LYS H 28 -15.68 8.82 -0.89
C LYS H 28 -16.76 8.98 -1.94
N LEU H 29 -17.18 10.21 -2.21
CA LEU H 29 -18.17 10.45 -3.26
C LEU H 29 -17.63 10.05 -4.62
N PHE H 30 -16.38 10.39 -4.90
CA PHE H 30 -15.77 10.01 -6.18
C PHE H 30 -15.60 8.50 -6.29
N GLU H 31 -15.39 7.82 -5.17
CA GLU H 31 -15.30 6.36 -5.19
C GLU H 31 -16.61 5.72 -5.64
N GLU H 32 -17.73 6.41 -5.49
CA GLU H 32 -19.04 5.92 -5.92
C GLU H 32 -19.50 6.56 -7.22
N ARG H 33 -18.58 7.10 -8.01
CA ARG H 33 -18.88 7.72 -9.31
C ARG H 33 -19.85 8.89 -9.15
N VAL H 34 -19.45 9.86 -8.34
CA VAL H 34 -20.20 11.09 -8.13
C VAL H 34 -19.25 12.27 -8.32
N ILE H 35 -19.68 13.25 -9.10
CA ILE H 35 -18.86 14.42 -9.41
C ILE H 35 -19.64 15.67 -8.99
N PHE H 36 -19.01 16.53 -8.20
CA PHE H 36 -19.60 17.79 -7.78
C PHE H 36 -19.20 18.91 -8.72
N LEU H 37 -20.16 19.75 -9.10
CA LEU H 37 -19.93 20.98 -9.86
C LEU H 37 -20.65 22.10 -9.13
N GLY H 38 -19.99 22.68 -8.14
CA GLY H 38 -20.58 23.74 -7.34
C GLY H 38 -19.79 25.03 -7.38
N VAL H 39 -19.00 25.20 -8.44
CA VAL H 39 -18.15 26.38 -8.59
C VAL H 39 -18.43 26.96 -9.97
N GLN H 40 -18.04 28.22 -10.16
CA GLN H 40 -18.24 28.89 -11.44
C GLN H 40 -17.56 28.11 -12.55
N ILE H 41 -18.24 28.01 -13.69
CA ILE H 41 -17.78 27.20 -14.81
C ILE H 41 -16.69 27.99 -15.54
N ASP H 42 -15.43 27.64 -15.29
CA ASP H 42 -14.30 28.26 -15.97
C ASP H 42 -13.38 27.18 -16.54
N ASP H 43 -12.21 27.59 -17.03
CA ASP H 43 -11.32 26.63 -17.69
C ASP H 43 -10.82 25.57 -16.71
N ALA H 44 -10.42 25.97 -15.51
CA ALA H 44 -9.87 25.02 -14.55
C ALA H 44 -10.93 24.01 -14.10
N SER H 45 -12.13 24.50 -13.78
CA SER H 45 -13.19 23.59 -13.36
C SER H 45 -13.60 22.66 -14.49
N ALA H 46 -13.66 23.18 -15.72
CA ALA H 46 -14.00 22.33 -16.86
C ALA H 46 -12.94 21.25 -17.06
N ASN H 47 -11.66 21.61 -16.96
CA ASN H 47 -10.60 20.63 -17.10
C ASN H 47 -10.69 19.56 -16.02
N ASP H 48 -10.95 19.98 -14.79
CA ASP H 48 -11.08 19.00 -13.70
C ASP H 48 -12.24 18.07 -13.94
N VAL H 49 -13.39 18.61 -14.37
CA VAL H 49 -14.57 17.78 -14.61
C VAL H 49 -14.30 16.79 -15.74
N MET H 50 -13.67 17.25 -16.82
CA MET H 50 -13.38 16.36 -17.93
C MET H 50 -12.39 15.27 -17.54
N ALA H 51 -11.37 15.62 -16.75
CA ALA H 51 -10.41 14.62 -16.29
C ALA H 51 -11.10 13.57 -15.41
N GLN H 52 -11.99 14.02 -14.51
CA GLN H 52 -12.71 13.08 -13.67
C GLN H 52 -13.62 12.18 -14.50
N LEU H 53 -14.28 12.75 -15.51
CA LEU H 53 -15.13 11.94 -16.38
C LEU H 53 -14.32 10.89 -17.13
N LEU H 54 -13.15 11.28 -17.64
CA LEU H 54 -12.31 10.32 -18.35
C LEU H 54 -11.83 9.22 -17.42
N CYS H 55 -11.44 9.57 -16.19
CA CYS H 55 -11.04 8.54 -15.23
C CYS H 55 -12.19 7.60 -14.89
N LEU H 56 -13.38 8.15 -14.70
CA LEU H 56 -14.53 7.31 -14.37
C LEU H 56 -14.89 6.38 -15.52
N GLU H 57 -14.77 6.87 -16.76
CA GLU H 57 -15.00 5.99 -17.91
C GLU H 57 -13.94 4.90 -18.00
N SER H 58 -12.68 5.26 -17.76
CA SER H 58 -11.60 4.29 -17.86
C SER H 58 -11.73 3.19 -16.81
N MET H 59 -12.05 3.57 -15.57
CA MET H 59 -12.18 2.57 -14.51
C MET H 59 -13.34 1.62 -14.76
N ASP H 60 -14.46 2.15 -15.26
CA ASP H 60 -15.62 1.33 -15.57
C ASP H 60 -16.40 1.95 -16.71
N PRO H 61 -16.38 1.35 -17.90
CA PRO H 61 -16.99 2.01 -19.07
C PRO H 61 -18.49 1.77 -19.22
N ASP H 62 -19.11 0.94 -18.39
CA ASP H 62 -20.51 0.60 -18.56
C ASP H 62 -21.26 0.65 -17.24
N ARG H 63 -20.98 1.68 -16.42
CA ARG H 63 -21.72 1.89 -15.20
C ARG H 63 -22.00 3.38 -15.04
N ASP H 64 -23.10 3.70 -14.38
CA ASP H 64 -23.61 5.06 -14.36
C ASP H 64 -22.65 6.01 -13.65
N ILE H 65 -22.68 7.27 -14.08
CA ILE H 65 -21.90 8.35 -13.49
C ILE H 65 -22.86 9.45 -13.07
N SER H 66 -22.76 9.89 -11.83
CA SER H 66 -23.64 10.92 -11.28
C SER H 66 -22.92 12.26 -11.22
N VAL H 67 -23.58 13.30 -11.71
CA VAL H 67 -23.05 14.66 -11.69
C VAL H 67 -24.02 15.54 -10.94
N TYR H 68 -23.53 16.21 -9.90
CA TYR H 68 -24.34 17.09 -9.07
C TYR H 68 -24.00 18.54 -9.43
N ILE H 69 -25.04 19.34 -9.68
CA ILE H 69 -24.87 20.70 -10.17
C ILE H 69 -25.37 21.68 -9.12
N ASN H 70 -24.47 22.54 -8.64
CA ASN H 70 -24.80 23.63 -7.74
C ASN H 70 -24.03 24.89 -8.13
N SER H 71 -23.97 25.18 -9.43
CA SER H 71 -23.16 26.28 -9.93
C SER H 71 -24.04 27.40 -10.47
N PRO H 72 -23.55 28.64 -10.45
CA PRO H 72 -24.33 29.76 -10.97
C PRO H 72 -24.15 30.06 -12.45
N GLY H 73 -23.22 29.39 -13.12
CA GLY H 73 -22.97 29.61 -14.53
C GLY H 73 -21.49 29.72 -14.81
N GLY H 74 -21.17 30.26 -15.98
CA GLY H 74 -19.76 30.42 -16.34
C GLY H 74 -19.62 30.73 -17.81
N SER H 75 -18.39 30.56 -18.31
CA SER H 75 -18.08 30.87 -19.69
C SER H 75 -18.69 29.83 -20.63
N PHE H 76 -18.88 30.24 -21.89
CA PHE H 76 -19.53 29.39 -22.87
C PHE H 76 -18.61 28.29 -23.38
N THR H 77 -17.31 28.60 -23.57
CA THR H 77 -16.39 27.61 -24.10
C THR H 77 -16.23 26.43 -23.15
N ALA H 78 -16.12 26.70 -21.85
CA ALA H 78 -16.06 25.62 -20.88
C ALA H 78 -17.36 24.80 -20.87
N LEU H 79 -18.49 25.48 -21.04
CA LEU H 79 -19.77 24.77 -21.13
C LEU H 79 -19.78 23.81 -22.31
N THR H 80 -19.32 24.28 -23.48
CA THR H 80 -19.29 23.41 -24.65
C THR H 80 -18.31 22.26 -24.46
N ALA H 81 -17.16 22.51 -23.83
CA ALA H 81 -16.21 21.44 -23.58
C ALA H 81 -16.80 20.37 -22.68
N ILE H 82 -17.44 20.79 -21.59
CA ILE H 82 -18.04 19.82 -20.67
C ILE H 82 -19.19 19.07 -21.35
N TYR H 83 -19.98 19.77 -22.15
CA TYR H 83 -21.09 19.12 -22.85
C TYR H 83 -20.57 18.07 -23.82
N ASP H 84 -19.53 18.40 -24.59
CA ASP H 84 -18.96 17.45 -25.53
C ASP H 84 -18.34 16.26 -24.81
N THR H 85 -17.67 16.50 -23.69
CA THR H 85 -17.10 15.40 -22.92
C THR H 85 -18.19 14.48 -22.39
N MET H 86 -19.29 15.05 -21.89
CA MET H 86 -20.39 14.23 -21.41
C MET H 86 -21.02 13.42 -22.53
N GLN H 87 -21.20 14.03 -23.71
CA GLN H 87 -21.79 13.29 -24.82
C GLN H 87 -20.87 12.18 -25.33
N TYR H 88 -19.57 12.43 -25.38
CA TYR H 88 -18.64 11.44 -25.92
C TYR H 88 -18.53 10.23 -25.01
N VAL H 89 -18.51 10.46 -23.69
CA VAL H 89 -18.36 9.36 -22.74
C VAL H 89 -19.64 8.52 -22.75
N LYS H 90 -19.48 7.21 -22.98
CA LYS H 90 -20.62 6.35 -23.29
C LYS H 90 -21.50 5.95 -22.10
N PRO H 91 -20.98 5.73 -20.88
CA PRO H 91 -21.88 5.39 -19.78
C PRO H 91 -22.87 6.52 -19.50
N ASP H 92 -24.07 6.13 -19.07
CA ASP H 92 -25.14 7.10 -18.84
C ASP H 92 -24.75 8.06 -17.73
N VAL H 93 -25.12 9.33 -17.90
CA VAL H 93 -24.82 10.39 -16.95
C VAL H 93 -26.13 10.86 -16.32
N GLN H 94 -26.19 10.81 -15.01
CA GLN H 94 -27.37 11.22 -14.25
C GLN H 94 -27.08 12.57 -13.58
N THR H 95 -27.80 13.60 -14.01
CA THR H 95 -27.60 14.95 -13.51
C THR H 95 -28.61 15.27 -12.43
N VAL H 96 -28.12 15.73 -11.27
CA VAL H 96 -28.96 16.05 -10.13
C VAL H 96 -28.72 17.51 -9.74
N CYS H 97 -29.80 18.28 -9.66
CA CYS H 97 -29.76 19.67 -9.24
C CYS H 97 -30.11 19.77 -7.76
N MET H 98 -29.28 20.47 -7.00
CA MET H 98 -29.44 20.60 -5.56
C MET H 98 -29.86 22.01 -5.15
N GLY H 99 -29.09 23.02 -5.53
CA GLY H 99 -29.40 24.40 -5.22
C GLY H 99 -29.97 25.12 -6.42
N GLN H 100 -29.13 25.89 -7.09
CA GLN H 100 -29.52 26.61 -8.29
C GLN H 100 -28.72 26.10 -9.49
N ALA H 101 -29.32 26.21 -10.67
CA ALA H 101 -28.65 25.86 -11.93
C ALA H 101 -29.00 26.96 -12.93
N ALA H 102 -28.07 27.89 -13.12
CA ALA H 102 -28.30 29.08 -13.92
C ALA H 102 -27.40 29.09 -15.14
N ALA H 103 -27.94 29.61 -16.26
CA ALA H 103 -27.19 29.75 -17.51
C ALA H 103 -26.62 28.42 -17.98
N ALA H 104 -25.29 28.31 -18.01
CA ALA H 104 -24.65 27.10 -18.49
C ALA H 104 -24.98 25.90 -17.60
N ALA H 105 -25.23 26.14 -16.31
CA ALA H 105 -25.59 25.05 -15.42
C ALA H 105 -26.91 24.41 -15.84
N ALA H 106 -27.86 25.21 -16.33
CA ALA H 106 -29.11 24.66 -16.81
C ALA H 106 -28.89 23.77 -18.02
N VAL H 107 -28.02 24.20 -18.95
CA VAL H 107 -27.71 23.38 -20.12
C VAL H 107 -27.06 22.08 -19.71
N LEU H 108 -26.12 22.14 -18.76
CA LEU H 108 -25.47 20.92 -18.28
C LEU H 108 -26.47 19.99 -17.60
N LEU H 109 -27.41 20.56 -16.84
CA LEU H 109 -28.43 19.74 -16.18
C LEU H 109 -29.33 19.06 -17.20
N ALA H 110 -29.71 19.78 -18.25
CA ALA H 110 -30.56 19.21 -19.28
C ALA H 110 -29.83 18.24 -20.21
N ALA H 111 -28.50 18.18 -20.12
CA ALA H 111 -27.70 17.35 -21.01
C ALA H 111 -27.51 15.93 -20.51
N GLY H 112 -28.16 15.56 -19.41
CA GLY H 112 -28.04 14.22 -18.88
C GLY H 112 -28.84 13.21 -19.67
N THR H 113 -28.69 11.95 -19.28
CA THR H 113 -29.41 10.87 -19.94
C THR H 113 -30.92 11.04 -19.69
N PRO H 114 -31.75 10.94 -20.72
CA PRO H 114 -33.20 11.08 -20.50
C PRO H 114 -33.72 10.04 -19.52
N GLY H 115 -34.63 10.46 -18.65
CA GLY H 115 -35.12 9.62 -17.57
C GLY H 115 -34.23 9.60 -16.34
N LYS H 116 -33.08 10.27 -16.38
CA LYS H 116 -32.15 10.28 -15.26
C LYS H 116 -31.74 11.70 -14.90
N ARG H 117 -32.63 12.67 -15.09
CA ARG H 117 -32.39 14.05 -14.73
C ARG H 117 -33.31 14.41 -13.57
N MET H 118 -32.72 14.83 -12.45
CA MET H 118 -33.45 15.00 -11.21
C MET H 118 -33.14 16.36 -10.59
N ALA H 119 -34.06 16.85 -9.77
CA ALA H 119 -33.87 18.09 -9.04
C ALA H 119 -34.49 17.96 -7.65
N LEU H 120 -33.93 18.68 -6.69
CA LEU H 120 -34.46 18.67 -5.34
C LEU H 120 -35.80 19.41 -5.31
N PRO H 121 -36.65 19.13 -4.31
CA PRO H 121 -38.00 19.72 -4.31
C PRO H 121 -37.99 21.24 -4.33
N ASN H 122 -37.06 21.87 -3.61
CA ASN H 122 -36.93 23.32 -3.60
C ASN H 122 -35.64 23.69 -4.32
N ALA H 123 -35.76 23.94 -5.62
CA ALA H 123 -34.64 24.33 -6.45
C ALA H 123 -35.12 25.29 -7.52
N ARG H 124 -34.17 25.98 -8.15
CA ARG H 124 -34.49 26.93 -9.19
C ARG H 124 -33.54 26.74 -10.37
N VAL H 125 -34.07 26.86 -11.57
CA VAL H 125 -33.30 26.77 -12.81
C VAL H 125 -33.48 28.08 -13.57
N LEU H 126 -32.38 28.72 -13.91
CA LEU H 126 -32.39 30.03 -14.54
C LEU H 126 -31.78 29.94 -15.93
N ILE H 127 -32.50 30.45 -16.92
CA ILE H 127 -32.05 30.45 -18.31
C ILE H 127 -32.17 31.85 -18.89
N HIS H 128 -31.13 32.27 -19.61
CA HIS H 128 -31.14 33.57 -20.29
C HIS H 128 -30.10 33.54 -21.39
N GLN H 129 -30.22 34.51 -22.31
CA GLN H 129 -29.31 34.60 -23.42
C GLN H 129 -27.92 35.05 -22.94
N PRO H 130 -26.88 34.71 -23.69
CA PRO H 130 -25.51 35.01 -23.23
C PRO H 130 -25.24 36.50 -23.13
N TYR H 131 -24.36 36.85 -22.20
CA TYR H 131 -23.89 38.21 -21.99
C TYR H 131 -22.38 38.21 -22.08
N SER H 132 -21.82 39.23 -22.76
CA SER H 132 -20.38 39.25 -23.00
C SER H 132 -19.89 40.68 -23.09
N GLU H 133 -18.58 40.83 -22.89
CA GLU H 133 -17.88 42.10 -22.95
C GLU H 133 -16.74 42.03 -23.95
N THR H 134 -16.49 43.12 -24.66
CA THR H 134 -15.36 43.23 -25.57
C THR H 134 -14.64 44.54 -25.33
N GLY H 135 -13.35 44.56 -25.67
CA GLY H 135 -12.52 45.72 -25.45
C GLY H 135 -12.62 46.74 -26.56
N ARG H 136 -11.81 47.79 -26.42
CA ARG H 136 -11.75 48.83 -27.45
C ARG H 136 -11.19 48.25 -28.74
N GLY H 137 -11.81 48.61 -29.86
CA GLY H 137 -11.36 48.09 -31.13
C GLY H 137 -12.06 48.75 -32.29
N GLN H 138 -11.57 48.44 -33.50
CA GLN H 138 -12.12 48.99 -34.71
C GLN H 138 -13.46 48.33 -35.05
N VAL H 139 -14.16 48.90 -36.03
CA VAL H 139 -15.52 48.47 -36.33
C VAL H 139 -15.54 47.04 -36.88
N SER H 140 -14.53 46.69 -37.69
CA SER H 140 -14.49 45.34 -38.27
C SER H 140 -14.37 44.27 -37.19
N ASP H 141 -13.50 44.51 -36.20
CA ASP H 141 -13.36 43.57 -35.10
C ASP H 141 -14.67 43.44 -34.32
N LEU H 142 -15.35 44.57 -34.10
CA LEU H 142 -16.63 44.54 -33.40
C LEU H 142 -17.67 43.75 -34.18
N GLU H 143 -17.69 43.91 -35.51
CA GLU H 143 -18.62 43.14 -36.33
C GLU H 143 -18.32 41.65 -36.25
N ILE H 144 -17.04 41.28 -36.30
CA ILE H 144 -16.68 39.87 -36.19
C ILE H 144 -17.10 39.32 -34.83
N ALA H 145 -16.88 40.09 -33.77
CA ALA H 145 -17.28 39.66 -32.43
C ALA H 145 -18.79 39.51 -32.33
N ALA H 146 -19.54 40.43 -32.95
CA ALA H 146 -20.99 40.33 -32.94
C ALA H 146 -21.46 39.08 -33.68
N ASN H 147 -20.83 38.77 -34.82
CA ASN H 147 -21.16 37.53 -35.52
C ASN H 147 -20.87 36.32 -34.65
N GLU H 148 -19.73 36.33 -33.95
CA GLU H 148 -19.38 35.21 -33.08
C GLU H 148 -20.37 35.05 -31.94
N ILE H 149 -20.80 36.16 -31.33
CA ILE H 149 -21.72 36.03 -30.20
C ILE H 149 -23.12 35.62 -30.68
N LEU H 150 -23.53 36.06 -31.87
CA LEU H 150 -24.79 35.57 -32.42
C LEU H 150 -24.71 34.08 -32.71
N ARG H 151 -23.57 33.61 -33.22
CA ARG H 151 -23.37 32.18 -33.41
C ARG H 151 -23.45 31.43 -32.09
N MET H 152 -22.84 31.98 -31.04
CA MET H 152 -22.92 31.36 -29.71
C MET H 152 -24.35 31.27 -29.23
N ARG H 153 -25.13 32.35 -29.40
CA ARG H 153 -26.51 32.33 -28.96
C ARG H 153 -27.31 31.28 -29.73
N SER H 154 -27.12 31.23 -31.05
CA SER H 154 -27.84 30.25 -31.87
C SER H 154 -27.48 28.83 -31.44
N GLN H 155 -26.21 28.57 -31.19
CA GLN H 155 -25.80 27.28 -30.63
C GLN H 155 -26.50 27.02 -29.31
N LEU H 156 -26.71 28.07 -28.51
CA LEU H 156 -27.39 27.90 -27.24
C LEU H 156 -28.83 27.45 -27.43
N GLU H 157 -29.56 28.09 -28.34
CA GLU H 157 -30.94 27.63 -28.55
C GLU H 157 -30.96 26.22 -29.13
N ASP H 158 -30.00 25.90 -30.00
CA ASP H 158 -29.95 24.55 -30.55
C ASP H 158 -29.75 23.51 -29.45
N MET H 159 -28.80 23.78 -28.55
CA MET H 159 -28.54 22.87 -27.45
C MET H 159 -29.75 22.74 -26.53
N LEU H 160 -30.40 23.87 -26.24
CA LEU H 160 -31.57 23.81 -25.35
C LEU H 160 -32.72 23.05 -25.98
N ALA H 161 -32.96 23.26 -27.28
CA ALA H 161 -34.08 22.61 -27.95
C ALA H 161 -33.81 21.12 -28.16
N LYS H 162 -32.55 20.72 -28.33
CA LYS H 162 -32.25 19.31 -28.57
C LYS H 162 -32.64 18.45 -27.38
N HIS H 163 -32.39 18.94 -26.16
CA HIS H 163 -32.58 18.16 -24.94
C HIS H 163 -33.85 18.55 -24.19
N SER H 164 -34.80 19.19 -24.86
CA SER H 164 -36.04 19.62 -24.24
C SER H 164 -37.22 19.24 -25.12
N THR H 165 -38.42 19.39 -24.57
CA THR H 165 -39.66 19.09 -25.26
C THR H 165 -40.43 20.37 -25.58
N THR H 166 -39.70 21.42 -25.97
CA THR H 166 -40.28 22.73 -26.24
C THR H 166 -39.84 23.20 -27.62
N PRO H 167 -40.75 23.76 -28.41
CA PRO H 167 -40.39 24.24 -29.74
C PRO H 167 -39.33 25.33 -29.67
N VAL H 168 -38.47 25.37 -30.70
CA VAL H 168 -37.32 26.27 -30.70
C VAL H 168 -37.75 27.73 -30.68
N GLU H 169 -38.87 28.07 -31.33
CA GLU H 169 -39.37 29.44 -31.29
C GLU H 169 -39.75 29.84 -29.87
N LYS H 170 -40.39 28.94 -29.13
CA LYS H 170 -40.69 29.22 -27.73
C LYS H 170 -39.42 29.33 -26.91
N ILE H 171 -38.39 28.55 -27.25
CA ILE H 171 -37.11 28.66 -26.57
C ILE H 171 -36.53 30.05 -26.77
N ARG H 172 -36.56 30.55 -28.01
CA ARG H 172 -36.03 31.87 -28.32
C ARG H 172 -36.82 32.95 -27.60
N GLU H 173 -38.16 32.82 -27.57
CA GLU H 173 -38.97 33.81 -26.87
C GLU H 173 -38.69 33.78 -25.37
N ASP H 174 -38.48 32.60 -24.80
CA ASP H 174 -38.31 32.47 -23.35
C ASP H 174 -36.96 32.99 -22.90
N ILE H 175 -35.90 32.68 -23.64
CA ILE H 175 -34.56 33.02 -23.18
C ILE H 175 -34.19 34.45 -23.57
N GLU H 176 -35.18 35.21 -24.06
CA GLU H 176 -34.94 36.61 -24.36
C GLU H 176 -34.53 37.39 -23.11
N ARG H 177 -35.19 37.13 -21.99
CA ARG H 177 -34.85 37.71 -20.71
C ARG H 177 -34.62 36.59 -19.70
N ASP H 178 -34.42 36.98 -18.43
CA ASP H 178 -34.18 36.00 -17.38
C ASP H 178 -35.44 35.20 -17.11
N LYS H 179 -35.36 33.88 -17.30
CA LYS H 179 -36.47 32.98 -17.06
C LYS H 179 -36.11 32.04 -15.92
N ILE H 180 -36.91 32.06 -14.86
CA ILE H 180 -36.68 31.26 -13.66
C ILE H 180 -37.79 30.23 -13.53
N LEU H 181 -37.42 28.98 -13.32
CA LEU H 181 -38.37 27.89 -13.19
C LEU H 181 -38.11 27.13 -11.89
N THR H 182 -39.19 26.74 -11.22
CA THR H 182 -39.08 25.90 -10.04
C THR H 182 -38.90 24.44 -10.48
N ALA H 183 -38.95 23.52 -9.53
CA ALA H 183 -38.81 22.10 -9.87
C ALA H 183 -39.96 21.63 -10.74
N GLU H 184 -41.20 21.96 -10.37
CA GLU H 184 -42.35 21.57 -11.16
C GLU H 184 -42.36 22.27 -12.51
N ASP H 185 -42.00 23.56 -12.54
CA ASP H 185 -41.95 24.30 -13.79
C ASP H 185 -40.89 23.71 -14.72
N ALA H 186 -39.74 23.32 -14.16
CA ALA H 186 -38.70 22.68 -14.99
C ALA H 186 -39.16 21.32 -15.48
N LEU H 187 -39.85 20.55 -14.63
CA LEU H 187 -40.33 19.24 -15.04
C LEU H 187 -41.33 19.34 -16.19
N SER H 188 -42.26 20.29 -16.10
CA SER H 188 -43.19 20.51 -17.20
C SER H 188 -42.48 21.11 -18.42
N TYR H 189 -41.40 21.85 -18.19
CA TYR H 189 -40.65 22.50 -19.26
C TYR H 189 -39.72 21.53 -19.98
N GLY H 190 -39.41 20.38 -19.38
CA GLY H 190 -38.63 19.35 -20.03
C GLY H 190 -37.17 19.29 -19.66
N LEU H 191 -36.68 20.19 -18.82
CA LEU H 191 -35.26 20.15 -18.45
C LEU H 191 -34.94 18.98 -17.55
N ILE H 192 -35.80 18.70 -16.56
CA ILE H 192 -35.61 17.60 -15.63
C ILE H 192 -36.69 16.57 -15.88
N ASP H 193 -36.55 15.42 -15.19
CA ASP H 193 -37.48 14.31 -15.35
C ASP H 193 -38.17 13.89 -14.07
N GLN H 194 -37.66 14.26 -12.90
CA GLN H 194 -38.28 13.86 -11.65
C GLN H 194 -37.91 14.85 -10.55
N VAL H 195 -38.83 15.02 -9.61
CA VAL H 195 -38.60 15.80 -8.39
C VAL H 195 -38.64 14.82 -7.23
N ILE H 196 -37.50 14.63 -6.58
CA ILE H 196 -37.37 13.65 -5.50
C ILE H 196 -37.63 14.33 -4.16
N SER H 197 -38.64 13.86 -3.44
CA SER H 197 -39.02 14.50 -2.19
C SER H 197 -38.16 14.02 -1.02
N THR H 198 -38.24 12.73 -0.70
CA THR H 198 -37.54 12.17 0.45
C THR H 198 -37.04 10.78 0.09
N ARG H 199 -36.50 10.07 1.08
CA ARG H 199 -36.03 8.71 0.91
C ARG H 199 -37.02 7.68 1.43
N LYS H 200 -37.68 7.95 2.55
CA LYS H 200 -38.69 7.02 3.06
C LYS H 200 -39.85 6.88 2.07
N MET H 201 -40.32 8.00 1.51
CA MET H 201 -41.33 7.98 0.47
C MET H 201 -40.62 7.87 -0.87
N ASP H 202 -40.50 6.64 -1.36
CA ASP H 202 -39.79 6.36 -2.61
C ASP H 202 -40.38 7.12 -3.79
N ASP I 24 -6.97 16.12 16.23
CA ASP I 24 -7.98 16.86 15.49
C ASP I 24 -9.37 16.59 16.05
N PRO I 25 -9.87 17.52 16.87
CA PRO I 25 -11.19 17.32 17.47
C PRO I 25 -12.31 17.21 16.45
N TYR I 26 -12.21 17.89 15.31
CA TYR I 26 -13.27 17.82 14.31
C TYR I 26 -13.42 16.42 13.73
N ALA I 27 -12.30 15.74 13.50
CA ALA I 27 -12.37 14.36 13.02
C ALA I 27 -13.03 13.46 14.05
N LYS I 28 -12.71 13.64 15.33
CA LYS I 28 -13.34 12.86 16.38
C LYS I 28 -14.84 13.12 16.44
N LEU I 29 -15.24 14.38 16.28
CA LEU I 29 -16.67 14.70 16.24
C LEU I 29 -17.34 14.04 15.04
N PHE I 30 -16.69 14.06 13.88
CA PHE I 30 -17.27 13.46 12.69
C PHE I 30 -17.42 11.95 12.83
N GLU I 31 -16.43 11.28 13.45
CA GLU I 31 -16.51 9.83 13.62
C GLU I 31 -17.69 9.44 14.52
N GLU I 32 -18.12 10.36 15.39
CA GLU I 32 -19.25 10.12 16.27
C GLU I 32 -20.55 10.63 15.65
N ARG I 33 -20.52 10.97 14.36
CA ARG I 33 -21.68 11.44 13.60
C ARG I 33 -22.19 12.78 14.12
N VAL I 34 -21.28 13.76 14.11
CA VAL I 34 -21.61 15.15 14.39
C VAL I 34 -21.12 16.01 13.22
N ILE I 35 -22.04 16.70 12.57
CA ILE I 35 -21.71 17.63 11.51
C ILE I 35 -21.72 19.03 12.10
N PHE I 36 -20.62 19.76 11.96
CA PHE I 36 -20.43 21.01 12.68
C PHE I 36 -20.44 22.15 11.67
N LEU I 37 -21.31 23.13 11.90
CA LEU I 37 -21.50 24.27 11.01
C LEU I 37 -21.25 25.55 11.81
N GLY I 38 -20.09 26.16 11.60
CA GLY I 38 -19.74 27.36 12.34
C GLY I 38 -19.27 28.52 11.48
N VAL I 39 -19.56 28.47 10.18
CA VAL I 39 -19.13 29.51 9.24
C VAL I 39 -20.37 30.05 8.53
N GLN I 40 -20.17 31.13 7.80
CA GLN I 40 -21.25 31.72 7.02
C GLN I 40 -21.70 30.75 5.93
N ILE I 41 -23.01 30.68 5.73
CA ILE I 41 -23.61 29.71 4.81
C ILE I 41 -23.45 30.23 3.39
N ASP I 42 -22.60 29.56 2.61
CA ASP I 42 -22.40 29.89 1.21
C ASP I 42 -22.37 28.60 0.41
N ASP I 43 -21.98 28.71 -0.87
CA ASP I 43 -22.00 27.53 -1.75
C ASP I 43 -21.02 26.47 -1.30
N ALA I 44 -19.80 26.86 -0.94
CA ALA I 44 -18.80 25.87 -0.53
C ALA I 44 -19.20 25.18 0.76
N SER I 45 -19.68 25.94 1.75
CA SER I 45 -20.12 25.35 3.01
C SER I 45 -21.30 24.42 2.78
N ALA I 46 -22.25 24.83 1.93
CA ALA I 46 -23.40 23.98 1.64
C ALA I 46 -22.96 22.68 0.97
N ASN I 47 -22.02 22.76 0.02
CA ASN I 47 -21.53 21.55 -0.64
C ASN I 47 -20.85 20.62 0.36
N ASP I 48 -20.03 21.19 1.26
CA ASP I 48 -19.38 20.36 2.26
C ASP I 48 -20.39 19.70 3.19
N VAL I 49 -21.40 20.46 3.62
CA VAL I 49 -22.41 19.91 4.52
C VAL I 49 -23.20 18.80 3.84
N MET I 50 -23.58 19.00 2.59
CA MET I 50 -24.33 17.97 1.86
C MET I 50 -23.49 16.72 1.65
N ALA I 51 -22.21 16.89 1.29
CA ALA I 51 -21.34 15.74 1.12
C ALA I 51 -21.19 14.97 2.43
N GLN I 52 -20.98 15.68 3.53
CA GLN I 52 -20.84 15.02 4.83
C GLN I 52 -22.12 14.30 5.23
N LEU I 53 -23.28 14.92 4.99
CA LEU I 53 -24.55 14.28 5.32
C LEU I 53 -24.76 13.02 4.51
N LEU I 54 -24.45 13.08 3.20
CA LEU I 54 -24.58 11.89 2.36
C LEU I 54 -23.66 10.77 2.82
N CYS I 55 -22.40 11.11 3.14
CA CYS I 55 -21.47 10.10 3.62
C CYS I 55 -21.93 9.48 4.93
N LEU I 56 -22.43 10.31 5.85
CA LEU I 56 -22.90 9.79 7.13
C LEU I 56 -24.13 8.89 6.96
N GLU I 57 -25.04 9.27 6.05
CA GLU I 57 -26.19 8.42 5.77
C GLU I 57 -25.75 7.09 5.16
N SER I 58 -24.77 7.13 4.26
CA SER I 58 -24.27 5.90 3.66
C SER I 58 -23.61 5.00 4.70
N MET I 59 -22.88 5.60 5.64
CA MET I 59 -22.20 4.79 6.66
C MET I 59 -23.20 4.03 7.53
N ASP I 60 -24.27 4.68 7.96
CA ASP I 60 -25.27 4.03 8.78
C ASP I 60 -26.62 4.72 8.61
N PRO I 61 -27.59 4.07 7.97
CA PRO I 61 -28.88 4.71 7.74
C PRO I 61 -29.82 4.65 8.94
N ASP I 62 -29.30 4.31 10.11
CA ASP I 62 -30.12 4.19 11.31
C ASP I 62 -29.70 5.11 12.43
N ARG I 63 -28.41 5.28 12.66
CA ARG I 63 -27.93 6.16 13.72
C ARG I 63 -28.21 7.62 13.38
N ASP I 64 -28.51 8.41 14.40
CA ASP I 64 -28.83 9.81 14.20
C ASP I 64 -27.60 10.60 13.81
N ILE I 65 -27.84 11.77 13.21
CA ILE I 65 -26.79 12.70 12.81
C ILE I 65 -27.02 14.01 13.54
N SER I 66 -25.96 14.53 14.17
CA SER I 66 -26.05 15.74 14.97
C SER I 66 -25.45 16.91 14.20
N VAL I 67 -26.17 18.03 14.18
CA VAL I 67 -25.74 19.25 13.52
C VAL I 67 -25.69 20.35 14.55
N TYR I 68 -24.52 20.98 14.69
CA TYR I 68 -24.31 22.09 15.62
C TYR I 68 -24.25 23.38 14.82
N ILE I 69 -25.03 24.37 15.24
CA ILE I 69 -25.22 25.59 14.47
C ILE I 69 -24.62 26.77 15.23
N ASN I 70 -23.64 27.43 14.61
CA ASN I 70 -23.06 28.68 15.11
C ASN I 70 -22.83 29.64 13.95
N SER I 71 -23.81 29.75 13.06
CA SER I 71 -23.60 30.52 11.84
C SER I 71 -24.36 31.83 11.86
N PRO I 72 -23.77 32.91 11.34
CA PRO I 72 -24.46 34.21 11.24
C PRO I 72 -25.27 34.36 9.95
N GLY I 73 -26.10 33.37 9.64
CA GLY I 73 -26.87 33.45 8.42
C GLY I 73 -26.02 33.16 7.19
N GLY I 74 -26.58 33.51 6.03
CA GLY I 74 -25.88 33.30 4.78
C GLY I 74 -26.83 33.42 3.60
N SER I 75 -26.41 32.84 2.48
CA SER I 75 -27.18 32.91 1.25
C SER I 75 -28.46 32.07 1.36
N PHE I 76 -29.36 32.27 0.39
CA PHE I 76 -30.63 31.58 0.41
C PHE I 76 -30.61 30.25 -0.34
N THR I 77 -29.93 30.20 -1.49
CA THR I 77 -29.86 28.96 -2.26
C THR I 77 -29.12 27.88 -1.48
N ALA I 78 -28.02 28.25 -0.81
CA ALA I 78 -27.30 27.29 0.02
C ALA I 78 -28.17 26.81 1.17
N LEU I 79 -28.91 27.72 1.81
CA LEU I 79 -29.86 27.34 2.84
C LEU I 79 -30.86 26.33 2.30
N THR I 80 -31.41 26.58 1.12
CA THR I 80 -32.41 25.70 0.54
C THR I 80 -31.83 24.33 0.24
N ALA I 81 -30.62 24.27 -0.31
CA ALA I 81 -29.99 22.99 -0.60
C ALA I 81 -29.73 22.21 0.68
N ILE I 82 -29.22 22.87 1.72
CA ILE I 82 -28.96 22.19 2.98
C ILE I 82 -30.26 21.69 3.59
N TYR I 83 -31.31 22.50 3.54
CA TYR I 83 -32.60 22.09 4.09
C TYR I 83 -33.15 20.87 3.35
N ASP I 84 -33.06 20.87 2.02
CA ASP I 84 -33.54 19.73 1.26
C ASP I 84 -32.75 18.48 1.57
N THR I 85 -31.42 18.60 1.68
CA THR I 85 -30.61 17.44 2.01
C THR I 85 -30.92 16.91 3.40
N MET I 86 -31.16 17.80 4.37
CA MET I 86 -31.54 17.38 5.71
C MET I 86 -32.87 16.63 5.69
N GLN I 87 -33.85 17.15 4.94
CA GLN I 87 -35.14 16.49 4.87
C GLN I 87 -35.10 15.20 4.05
N TYR I 88 -34.08 15.01 3.22
CA TYR I 88 -34.05 13.86 2.33
C TYR I 88 -33.47 12.62 3.02
N VAL I 89 -32.46 12.79 3.86
CA VAL I 89 -31.74 11.64 4.41
C VAL I 89 -32.64 10.84 5.33
N LYS I 90 -32.40 9.53 5.37
CA LYS I 90 -33.19 8.63 6.22
C LYS I 90 -33.04 8.91 7.71
N PRO I 91 -31.83 9.02 8.28
CA PRO I 91 -31.73 9.13 9.73
C PRO I 91 -32.29 10.44 10.26
N ASP I 92 -32.65 10.43 11.54
CA ASP I 92 -33.11 11.63 12.21
C ASP I 92 -31.96 12.62 12.37
N VAL I 93 -32.29 13.90 12.36
CA VAL I 93 -31.31 14.98 12.48
C VAL I 93 -31.55 15.69 13.80
N GLN I 94 -30.51 15.83 14.59
CA GLN I 94 -30.55 16.45 15.92
C GLN I 94 -29.82 17.79 15.84
N THR I 95 -30.58 18.88 15.93
CA THR I 95 -30.03 20.21 15.77
C THR I 95 -29.78 20.85 17.13
N VAL I 96 -28.59 21.44 17.30
CA VAL I 96 -28.21 22.12 18.53
C VAL I 96 -27.82 23.55 18.17
N CYS I 97 -28.63 24.51 18.65
CA CYS I 97 -28.29 25.92 18.53
C CYS I 97 -27.18 26.25 19.51
N MET I 98 -26.14 26.92 19.02
CA MET I 98 -24.88 27.01 19.73
C MET I 98 -24.28 28.37 19.41
N GLY I 99 -24.50 29.33 20.31
CA GLY I 99 -24.13 30.71 20.01
C GLY I 99 -25.29 31.47 19.42
N GLN I 100 -25.33 31.59 18.10
CA GLN I 100 -26.38 32.35 17.43
C GLN I 100 -26.77 31.65 16.13
N ALA I 101 -27.98 31.97 15.67
CA ALA I 101 -28.48 31.53 14.36
C ALA I 101 -29.19 32.74 13.77
N ALA I 102 -28.49 33.49 12.92
CA ALA I 102 -28.91 34.87 12.63
C ALA I 102 -30.03 34.94 11.59
N ALA I 103 -29.76 34.54 10.35
CA ALA I 103 -30.72 34.75 9.28
C ALA I 103 -31.22 33.44 8.69
N ALA I 104 -30.33 32.60 8.18
CA ALA I 104 -30.73 31.32 7.60
C ALA I 104 -30.47 30.14 8.51
N ALA I 105 -29.57 30.30 9.49
CA ALA I 105 -29.28 29.21 10.42
C ALA I 105 -30.47 28.91 11.31
N ALA I 106 -31.33 29.90 11.56
CA ALA I 106 -32.52 29.65 12.36
C ALA I 106 -33.44 28.64 11.69
N VAL I 107 -33.61 28.74 10.38
CA VAL I 107 -34.43 27.78 9.65
C VAL I 107 -33.84 26.38 9.76
N LEU I 108 -32.51 26.27 9.63
CA LEU I 108 -31.86 24.98 9.78
C LEU I 108 -32.06 24.41 11.18
N LEU I 109 -32.00 25.27 12.20
CA LEU I 109 -32.27 24.82 13.56
C LEU I 109 -33.70 24.33 13.71
N ALA I 110 -34.65 25.04 13.11
CA ALA I 110 -36.05 24.62 13.15
C ALA I 110 -36.35 23.46 12.22
N ALA I 111 -35.41 23.08 11.35
CA ALA I 111 -35.64 22.02 10.38
C ALA I 111 -35.21 20.65 10.88
N GLY I 112 -34.77 20.54 12.12
CA GLY I 112 -34.38 19.26 12.66
C GLY I 112 -35.57 18.37 12.94
N THR I 113 -35.27 17.13 13.32
CA THR I 113 -36.31 16.18 13.67
C THR I 113 -37.09 16.69 14.88
N PRO I 114 -38.42 16.71 14.81
CA PRO I 114 -39.19 17.25 15.94
C PRO I 114 -38.89 16.51 17.24
N GLY I 115 -38.74 17.27 18.32
CA GLY I 115 -38.40 16.74 19.62
C GLY I 115 -36.92 16.62 19.89
N LYS I 116 -36.06 16.84 18.88
CA LYS I 116 -34.62 16.74 19.04
C LYS I 116 -33.91 18.02 18.66
N ARG I 117 -34.61 19.15 18.75
CA ARG I 117 -34.05 20.47 18.45
C ARG I 117 -33.83 21.20 19.77
N MET I 118 -32.58 21.33 20.18
CA MET I 118 -32.24 21.94 21.45
C MET I 118 -31.28 23.10 21.24
N ALA I 119 -31.06 23.87 22.30
CA ALA I 119 -30.25 25.08 22.22
C ALA I 119 -29.49 25.26 23.52
N LEU I 120 -28.39 26.01 23.43
CA LEU I 120 -27.66 26.40 24.62
C LEU I 120 -28.50 27.39 25.43
N PRO I 121 -28.25 27.48 26.75
CA PRO I 121 -29.05 28.41 27.58
C PRO I 121 -28.87 29.86 27.17
N ASN I 122 -27.63 30.33 27.14
CA ASN I 122 -27.34 31.73 26.80
C ASN I 122 -27.11 31.91 25.29
N ALA I 123 -28.08 31.47 24.50
CA ALA I 123 -28.02 31.58 23.05
C ALA I 123 -29.22 32.39 22.55
N ARG I 124 -29.07 32.95 21.36
CA ARG I 124 -30.14 33.72 20.73
C ARG I 124 -30.45 33.14 19.36
N VAL I 125 -31.69 33.32 18.93
CA VAL I 125 -32.14 32.96 17.59
C VAL I 125 -32.79 34.18 16.98
N LEU I 126 -32.31 34.60 15.82
CA LEU I 126 -32.82 35.79 15.15
C LEU I 126 -33.58 35.38 13.89
N ILE I 127 -34.62 36.15 13.58
CA ILE I 127 -35.42 35.92 12.38
C ILE I 127 -35.75 37.26 11.75
N HIS I 128 -35.63 37.33 10.42
CA HIS I 128 -36.00 38.52 9.67
C HIS I 128 -36.19 38.13 8.21
N GLN I 129 -36.91 38.98 7.49
CA GLN I 129 -37.13 38.74 6.07
C GLN I 129 -35.83 38.89 5.30
N PRO I 130 -35.67 38.20 4.18
CA PRO I 130 -34.40 38.24 3.45
C PRO I 130 -34.11 39.62 2.90
N TYR I 131 -32.82 39.95 2.86
CA TYR I 131 -32.33 41.20 2.31
C TYR I 131 -31.50 40.92 1.07
N SER I 132 -31.74 41.69 0.01
CA SER I 132 -31.03 41.48 -1.25
C SER I 132 -30.94 42.78 -2.02
N GLU I 133 -30.02 42.81 -2.98
CA GLU I 133 -29.83 43.96 -3.84
C GLU I 133 -29.43 43.47 -5.22
N THR I 134 -29.77 44.26 -6.24
CA THR I 134 -29.51 43.91 -7.62
C THR I 134 -28.71 45.01 -8.30
N GLY I 135 -27.97 44.63 -9.33
CA GLY I 135 -27.23 45.61 -10.11
C GLY I 135 -28.14 46.43 -11.01
N ARG I 136 -27.53 47.39 -11.67
CA ARG I 136 -28.28 48.26 -12.57
C ARG I 136 -28.81 47.47 -13.77
N GLY I 137 -30.01 47.84 -14.20
CA GLY I 137 -30.63 47.17 -15.32
C GLY I 137 -31.93 47.84 -15.69
N GLN I 138 -32.55 47.35 -16.76
CA GLN I 138 -33.80 47.89 -17.23
C GLN I 138 -34.94 47.54 -16.27
N VAL I 139 -36.09 48.17 -16.49
CA VAL I 139 -37.21 48.02 -15.57
C VAL I 139 -37.74 46.59 -15.56
N SER I 140 -37.75 45.94 -16.73
CA SER I 140 -38.27 44.57 -16.81
C SER I 140 -37.41 43.61 -15.98
N ASP I 141 -36.08 43.76 -16.05
CA ASP I 141 -35.20 42.91 -15.27
C ASP I 141 -35.43 43.13 -13.77
N LEU I 142 -35.62 44.39 -13.37
CA LEU I 142 -35.89 44.67 -11.96
C LEU I 142 -37.22 44.09 -11.52
N GLU I 143 -38.23 44.13 -12.40
CA GLU I 143 -39.51 43.51 -12.07
C GLU I 143 -39.36 42.01 -11.88
N ILE I 144 -38.60 41.35 -12.77
CA ILE I 144 -38.36 39.92 -12.62
C ILE I 144 -37.63 39.61 -11.33
N ALA I 145 -36.62 40.43 -11.01
CA ALA I 145 -35.87 40.22 -9.77
C ALA I 145 -36.76 40.41 -8.54
N ALA I 146 -37.63 41.43 -8.57
CA ALA I 146 -38.54 41.66 -7.45
C ALA I 146 -39.52 40.51 -7.29
N ASN I 147 -40.03 39.97 -8.41
CA ASN I 147 -40.91 38.81 -8.34
C ASN I 147 -40.17 37.62 -7.73
N GLU I 148 -38.92 37.40 -8.13
CA GLU I 148 -38.15 36.30 -7.56
C GLU I 148 -37.92 36.49 -6.06
N ILE I 149 -37.62 37.72 -5.65
CA ILE I 149 -37.37 37.97 -4.23
C ILE I 149 -38.63 37.78 -3.41
N LEU I 150 -39.78 38.23 -3.93
CA LEU I 150 -41.04 38.00 -3.25
C LEU I 150 -41.36 36.51 -3.15
N ARG I 151 -41.07 35.75 -4.22
CA ARG I 151 -41.26 34.30 -4.16
C ARG I 151 -40.39 33.68 -3.10
N MET I 152 -39.12 34.10 -3.01
CA MET I 152 -38.23 33.56 -1.99
C MET I 152 -38.71 33.91 -0.58
N ARG I 153 -39.22 35.13 -0.40
CA ARG I 153 -39.74 35.52 0.90
C ARG I 153 -40.94 34.67 1.28
N SER I 154 -41.85 34.44 0.33
CA SER I 154 -43.02 33.59 0.60
C SER I 154 -42.59 32.17 0.93
N GLN I 155 -41.59 31.65 0.21
CA GLN I 155 -41.07 30.32 0.50
C GLN I 155 -40.48 30.26 1.91
N LEU I 156 -39.74 31.29 2.31
CA LEU I 156 -39.17 31.32 3.65
C LEU I 156 -40.28 31.34 4.72
N GLU I 157 -41.32 32.13 4.48
CA GLU I 157 -42.44 32.15 5.43
C GLU I 157 -43.11 30.78 5.52
N ASP I 158 -43.29 30.10 4.38
CA ASP I 158 -43.89 28.78 4.39
C ASP I 158 -43.03 27.78 5.17
N MET I 159 -41.71 27.80 4.93
CA MET I 159 -40.82 26.89 5.65
C MET I 159 -40.82 27.17 7.14
N LEU I 160 -40.85 28.44 7.53
CA LEU I 160 -40.89 28.77 8.95
C LEU I 160 -42.22 28.38 9.59
N ALA I 161 -43.32 28.48 8.84
CA ALA I 161 -44.62 28.12 9.39
C ALA I 161 -44.76 26.61 9.53
N LYS I 162 -44.22 25.85 8.57
CA LYS I 162 -44.35 24.40 8.62
C LYS I 162 -43.66 23.80 9.83
N HIS I 163 -42.48 24.31 10.17
CA HIS I 163 -41.63 23.72 11.20
C HIS I 163 -41.75 24.42 12.54
N SER I 164 -42.88 25.08 12.80
CA SER I 164 -43.06 25.80 14.06
C SER I 164 -44.51 25.64 14.50
N THR I 165 -44.89 26.40 15.52
CA THR I 165 -46.22 26.34 16.11
C THR I 165 -47.09 27.54 15.78
N THR I 166 -46.51 28.74 15.75
CA THR I 166 -47.28 29.95 15.51
C THR I 166 -47.88 29.95 14.11
N PRO I 167 -49.04 30.57 13.92
CA PRO I 167 -49.66 30.62 12.59
C PRO I 167 -48.83 31.45 11.62
N VAL I 168 -49.12 31.26 10.34
CA VAL I 168 -48.35 31.91 9.28
C VAL I 168 -48.49 33.43 9.35
N GLU I 169 -49.65 33.93 9.74
CA GLU I 169 -49.84 35.37 9.85
C GLU I 169 -48.92 35.98 10.91
N LYS I 170 -48.76 35.28 12.05
CA LYS I 170 -47.84 35.74 13.07
C LYS I 170 -46.41 35.77 12.54
N ILE I 171 -46.03 34.77 11.75
CA ILE I 171 -44.70 34.75 11.16
C ILE I 171 -44.51 35.94 10.22
N ARG I 172 -45.52 36.22 9.38
CA ARG I 172 -45.43 37.35 8.47
C ARG I 172 -45.29 38.66 9.22
N GLU I 173 -46.05 38.83 10.31
CA GLU I 173 -45.95 40.05 11.09
C GLU I 173 -44.60 40.15 11.79
N ASP I 174 -44.06 39.03 12.25
CA ASP I 174 -42.84 39.05 13.05
C ASP I 174 -41.59 39.26 12.21
N ILE I 175 -41.55 38.69 11.00
CA ILE I 175 -40.31 38.72 10.22
C ILE I 175 -40.20 40.01 9.42
N GLU I 176 -41.11 40.96 9.68
CA GLU I 176 -41.00 42.26 9.03
C GLU I 176 -39.72 42.97 9.44
N ARG I 177 -39.37 42.93 10.72
CA ARG I 177 -38.13 43.47 11.24
C ARG I 177 -37.38 42.39 12.00
N ASP I 178 -36.15 42.72 12.38
CA ASP I 178 -35.31 41.77 13.10
C ASP I 178 -35.94 41.41 14.44
N LYS I 179 -36.22 40.12 14.64
CA LYS I 179 -36.80 39.61 15.88
C LYS I 179 -35.80 38.67 16.53
N ILE I 180 -35.39 39.00 17.76
CA ILE I 180 -34.42 38.21 18.52
C ILE I 180 -35.16 37.49 19.63
N LEU I 181 -34.92 36.19 19.75
CA LEU I 181 -35.56 35.35 20.75
C LEU I 181 -34.50 34.65 21.58
N THR I 182 -34.73 34.58 22.89
CA THR I 182 -33.84 33.84 23.77
C THR I 182 -34.13 32.33 23.65
N ALA I 183 -33.47 31.54 24.49
CA ALA I 183 -33.70 30.10 24.46
C ALA I 183 -35.13 29.77 24.85
N GLU I 184 -35.60 30.31 25.97
CA GLU I 184 -36.98 30.07 26.37
C GLU I 184 -37.97 30.75 25.44
N ASP I 185 -37.62 31.90 24.88
CA ASP I 185 -38.48 32.53 23.89
C ASP I 185 -38.62 31.67 22.65
N ALA I 186 -37.51 31.07 22.19
CA ALA I 186 -37.57 30.16 21.06
C ALA I 186 -38.39 28.91 21.40
N LEU I 187 -38.23 28.39 22.62
CA LEU I 187 -39.00 27.22 23.03
C LEU I 187 -40.50 27.52 23.03
N SER I 188 -40.88 28.69 23.53
CA SER I 188 -42.29 29.09 23.47
C SER I 188 -42.75 29.29 22.03
N TYR I 189 -41.87 29.84 21.19
CA TYR I 189 -42.22 30.03 19.78
C TYR I 189 -42.38 28.71 19.05
N GLY I 190 -41.70 27.66 19.51
CA GLY I 190 -41.76 26.36 18.90
C GLY I 190 -40.60 26.00 17.99
N LEU I 191 -39.62 26.89 17.85
CA LEU I 191 -38.47 26.59 17.01
C LEU I 191 -37.63 25.47 17.61
N ILE I 192 -37.46 25.46 18.93
CA ILE I 192 -36.72 24.42 19.62
C ILE I 192 -37.66 23.70 20.58
N ASP I 193 -37.19 22.57 21.09
CA ASP I 193 -37.98 21.73 21.98
C ASP I 193 -37.42 21.65 23.40
N GLN I 194 -36.10 21.68 23.56
CA GLN I 194 -35.48 21.53 24.86
C GLN I 194 -34.36 22.54 25.02
N VAL I 195 -34.07 22.91 26.26
CA VAL I 195 -32.93 23.77 26.59
C VAL I 195 -32.02 22.99 27.53
N ILE I 196 -30.79 22.77 27.11
CA ILE I 196 -29.84 22.00 27.91
C ILE I 196 -29.30 22.89 29.03
N SER I 197 -29.11 22.30 30.20
CA SER I 197 -28.57 23.04 31.35
C SER I 197 -27.21 22.50 31.79
N THR I 198 -27.12 21.21 32.09
CA THR I 198 -25.88 20.62 32.56
C THR I 198 -25.85 19.16 32.14
N ARG I 199 -24.64 18.60 32.09
CA ARG I 199 -24.49 17.19 31.75
C ARG I 199 -25.21 16.32 32.77
N LYS I 200 -26.00 15.36 32.28
CA LYS I 200 -26.80 14.48 33.12
C LYS I 200 -26.39 13.04 32.86
N MET I 201 -26.08 12.33 33.94
CA MET I 201 -25.71 10.92 33.84
C MET I 201 -26.93 10.07 33.51
N ASP I 202 -26.67 8.88 32.97
CA ASP I 202 -27.75 7.95 32.67
C ASP I 202 -28.24 7.30 33.97
N ASN I 203 -29.38 6.61 33.86
CA ASN I 203 -30.02 6.04 35.04
C ASN I 203 -29.13 5.01 35.73
N SER I 204 -28.49 4.14 34.95
CA SER I 204 -27.58 3.11 35.48
C SER I 204 -28.28 2.24 36.53
N SER I 205 -29.31 1.54 36.09
CA SER I 205 -30.13 0.72 36.97
C SER I 205 -30.06 -0.77 36.65
N LEU I 206 -29.15 -1.18 35.77
CA LEU I 206 -28.97 -2.58 35.39
C LEU I 206 -30.26 -3.21 34.89
N ASP J 24 5.26 19.73 18.72
CA ASP J 24 5.05 21.06 19.30
C ASP J 24 4.47 20.97 20.71
N PRO J 25 4.77 21.98 21.54
CA PRO J 25 4.24 21.98 22.91
C PRO J 25 2.72 22.01 22.97
N TYR J 26 2.07 22.53 21.94
CA TYR J 26 0.61 22.67 21.97
C TYR J 26 -0.07 21.30 22.05
N ALA J 27 0.40 20.34 21.27
CA ALA J 27 -0.18 19.00 21.29
C ALA J 27 -0.01 18.36 22.66
N LYS J 28 1.17 18.49 23.27
CA LYS J 28 1.36 17.95 24.60
C LYS J 28 0.42 18.60 25.61
N LEU J 29 0.39 19.93 25.63
CA LEU J 29 -0.50 20.64 26.54
C LEU J 29 -1.95 20.19 26.37
N PHE J 30 -2.34 19.85 25.14
CA PHE J 30 -3.64 19.21 24.95
C PHE J 30 -3.67 17.83 25.59
N GLU J 31 -2.56 17.07 25.49
CA GLU J 31 -2.55 15.71 26.03
C GLU J 31 -2.77 15.70 27.54
N GLU J 32 -2.14 16.62 28.28
CA GLU J 32 -2.41 16.74 29.71
C GLU J 32 -3.58 17.67 30.02
N ARG J 33 -4.53 17.79 29.10
CA ARG J 33 -5.83 18.40 29.37
C ARG J 33 -5.70 19.89 29.71
N VAL J 34 -4.97 20.62 28.87
CA VAL J 34 -4.84 22.06 29.00
C VAL J 34 -5.15 22.70 27.65
N ILE J 35 -5.98 23.74 27.67
CA ILE J 35 -6.40 24.44 26.46
C ILE J 35 -5.92 25.88 26.55
N PHE J 36 -5.23 26.33 25.50
CA PHE J 36 -4.79 27.72 25.41
C PHE J 36 -5.85 28.56 24.70
N LEU J 37 -6.14 29.73 25.27
CA LEU J 37 -6.99 30.73 24.65
C LEU J 37 -6.17 32.02 24.58
N GLY J 38 -5.36 32.15 23.53
CA GLY J 38 -4.44 33.26 23.39
C GLY J 38 -4.79 34.29 22.33
N VAL J 39 -5.83 34.06 21.54
CA VAL J 39 -6.25 34.99 20.51
C VAL J 39 -7.62 35.55 20.89
N GLN J 40 -8.04 36.58 20.16
CA GLN J 40 -9.31 37.23 20.46
C GLN J 40 -10.46 36.26 20.24
N ILE J 41 -11.55 36.48 20.99
CA ILE J 41 -12.67 35.55 21.04
C ILE J 41 -13.53 35.80 19.81
N ASP J 42 -13.45 34.92 18.82
CA ASP J 42 -14.28 35.00 17.63
C ASP J 42 -15.01 33.69 17.41
N ASP J 43 -15.67 33.54 16.27
CA ASP J 43 -16.46 32.33 16.01
C ASP J 43 -15.56 31.11 15.90
N ALA J 44 -14.50 31.18 15.09
CA ALA J 44 -13.65 30.02 14.86
C ALA J 44 -12.93 29.59 16.13
N SER J 45 -12.39 30.55 16.88
CA SER J 45 -11.67 30.20 18.10
C SER J 45 -12.60 29.56 19.12
N ALA J 46 -13.80 30.12 19.29
CA ALA J 46 -14.77 29.53 20.21
C ALA J 46 -15.17 28.13 19.77
N ASN J 47 -15.37 27.94 18.46
CA ASN J 47 -15.73 26.63 17.95
C ASN J 47 -14.63 25.60 18.25
N ASP J 48 -13.38 25.98 18.01
CA ASP J 48 -12.27 25.07 18.30
C ASP J 48 -12.18 24.78 19.79
N VAL J 49 -12.35 25.80 20.63
CA VAL J 49 -12.25 25.60 22.08
C VAL J 49 -13.34 24.65 22.56
N MET J 50 -14.57 24.83 22.08
CA MET J 50 -15.66 23.96 22.54
C MET J 50 -15.53 22.55 21.98
N ALA J 51 -14.99 22.39 20.76
CA ALA J 51 -14.72 21.05 20.26
C ALA J 51 -13.67 20.34 21.12
N GLN J 52 -12.61 21.06 21.49
CA GLN J 52 -11.60 20.48 22.36
C GLN J 52 -12.19 20.13 23.73
N LEU J 53 -13.06 20.99 24.25
CA LEU J 53 -13.71 20.70 25.52
C LEU J 53 -14.55 19.44 25.45
N LEU J 54 -15.32 19.28 24.37
CA LEU J 54 -16.12 18.07 24.21
C LEU J 54 -15.24 16.83 24.12
N CYS J 55 -14.16 16.91 23.35
CA CYS J 55 -13.26 15.76 23.24
C CYS J 55 -12.62 15.41 24.57
N LEU J 56 -12.19 16.43 25.32
CA LEU J 56 -11.58 16.18 26.63
C LEU J 56 -12.59 15.56 27.60
N GLU J 57 -13.84 16.02 27.57
CA GLU J 57 -14.87 15.42 28.41
C GLU J 57 -15.11 13.97 28.01
N SER J 58 -15.11 13.68 26.71
CA SER J 58 -15.35 12.32 26.26
C SER J 58 -14.23 11.38 26.69
N MET J 59 -12.97 11.81 26.54
CA MET J 59 -11.85 10.92 26.82
C MET J 59 -11.79 10.54 28.29
N ASP J 60 -12.06 11.48 29.18
CA ASP J 60 -12.03 11.21 30.62
C ASP J 60 -13.02 12.15 31.31
N PRO J 61 -14.16 11.66 31.75
CA PRO J 61 -15.19 12.52 32.33
C PRO J 61 -14.98 12.85 33.80
N ASP J 62 -13.80 12.61 34.37
CA ASP J 62 -13.55 12.88 35.78
C ASP J 62 -12.36 13.80 36.02
N ARG J 63 -11.29 13.69 35.25
CA ARG J 63 -10.13 14.55 35.43
C ARG J 63 -10.44 15.97 35.00
N ASP J 64 -9.98 16.93 35.77
CA ASP J 64 -10.30 18.33 35.51
C ASP J 64 -9.64 18.82 34.23
N ILE J 65 -10.25 19.83 33.62
CA ILE J 65 -9.77 20.45 32.40
C ILE J 65 -9.24 21.83 32.75
N SER J 66 -8.00 22.11 32.36
CA SER J 66 -7.35 23.38 32.64
C SER J 66 -7.46 24.30 31.44
N VAL J 67 -7.90 25.53 31.69
CA VAL J 67 -8.06 26.55 30.65
C VAL J 67 -7.19 27.74 31.02
N TYR J 68 -6.33 28.14 30.09
CA TYR J 68 -5.42 29.26 30.29
C TYR J 68 -5.91 30.45 29.48
N ILE J 69 -6.07 31.60 30.14
CA ILE J 69 -6.69 32.78 29.55
C ILE J 69 -5.59 33.79 29.25
N ASN J 70 -5.38 34.08 27.96
CA ASN J 70 -4.44 35.11 27.54
C ASN J 70 -5.01 35.89 26.36
N SER J 71 -6.28 36.28 26.43
CA SER J 71 -6.93 36.91 25.29
C SER J 71 -7.41 38.32 25.64
N PRO J 72 -7.34 39.25 24.68
CA PRO J 72 -7.85 40.62 24.90
C PRO J 72 -9.33 40.78 24.52
N GLY J 73 -10.17 39.88 25.03
CA GLY J 73 -11.60 39.99 24.79
C GLY J 73 -12.00 39.51 23.40
N GLY J 74 -13.29 39.70 23.11
CA GLY J 74 -13.83 39.26 21.83
C GLY J 74 -15.33 39.48 21.76
N SER J 75 -15.96 38.78 20.84
CA SER J 75 -17.38 38.94 20.59
C SER J 75 -18.20 38.33 21.74
N PHE J 76 -19.44 38.82 21.87
CA PHE J 76 -20.30 38.39 22.97
C PHE J 76 -20.90 37.02 22.71
N THR J 77 -21.27 36.71 21.46
CA THR J 77 -21.87 35.42 21.16
C THR J 77 -20.89 34.29 21.42
N ALA J 78 -19.63 34.46 21.02
CA ALA J 78 -18.61 33.46 21.33
C ALA J 78 -18.39 33.35 22.84
N LEU J 79 -18.44 34.49 23.55
CA LEU J 79 -18.39 34.47 25.00
C LEU J 79 -19.46 33.56 25.57
N THR J 80 -20.71 33.77 25.16
CA THR J 80 -21.81 32.98 25.69
C THR J 80 -21.68 31.51 25.32
N ALA J 81 -21.25 31.23 24.10
CA ALA J 81 -21.08 29.84 23.68
C ALA J 81 -20.03 29.13 24.53
N ILE J 82 -18.89 29.77 24.74
CA ILE J 82 -17.82 29.16 25.54
C ILE J 82 -18.28 29.00 26.99
N TYR J 83 -18.96 30.02 27.52
CA TYR J 83 -19.44 29.94 28.90
C TYR J 83 -20.42 28.79 29.07
N ASP J 84 -21.35 28.63 28.13
CA ASP J 84 -22.33 27.54 28.22
C ASP J 84 -21.65 26.19 28.11
N THR J 85 -20.76 26.02 27.13
CA THR J 85 -20.10 24.72 26.97
C THR J 85 -19.13 24.43 28.10
N MET J 86 -18.70 25.45 28.85
CA MET J 86 -17.83 25.21 30.00
C MET J 86 -18.63 24.88 31.25
N GLN J 87 -19.81 25.48 31.41
CA GLN J 87 -20.67 25.11 32.53
C GLN J 87 -21.34 23.76 32.30
N TYR J 88 -21.52 23.36 31.05
CA TYR J 88 -22.25 22.12 30.77
C TYR J 88 -21.41 20.88 31.11
N VAL J 89 -20.12 20.91 30.80
CA VAL J 89 -19.30 19.70 30.91
C VAL J 89 -19.23 19.23 32.35
N LYS J 90 -19.24 17.91 32.53
CA LYS J 90 -19.16 17.33 33.87
C LYS J 90 -17.86 17.64 34.59
N PRO J 91 -16.66 17.47 33.99
CA PRO J 91 -15.43 17.71 34.75
C PRO J 91 -15.30 19.16 35.18
N ASP J 92 -14.64 19.34 36.32
CA ASP J 92 -14.40 20.69 36.84
C ASP J 92 -13.45 21.46 35.95
N VAL J 93 -13.65 22.76 35.86
CA VAL J 93 -12.85 23.64 35.01
C VAL J 93 -11.91 24.43 35.90
N GLN J 94 -10.63 24.40 35.55
CA GLN J 94 -9.57 25.04 36.33
C GLN J 94 -8.98 26.16 35.47
N THR J 95 -9.34 27.40 35.79
CA THR J 95 -9.01 28.56 34.96
C THR J 95 -7.83 29.31 35.55
N VAL J 96 -6.87 29.64 34.69
CA VAL J 96 -5.68 30.39 35.08
C VAL J 96 -5.57 31.63 34.22
N CYS J 97 -5.60 32.80 34.87
CA CYS J 97 -5.34 34.06 34.19
C CYS J 97 -3.84 34.23 34.00
N MET J 98 -3.43 34.55 32.77
CA MET J 98 -2.03 34.50 32.36
C MET J 98 -1.77 35.69 31.44
N GLY J 99 -1.00 36.65 31.92
CA GLY J 99 -0.75 37.87 31.17
C GLY J 99 -1.82 38.91 31.38
N GLN J 100 -2.99 38.70 30.77
CA GLN J 100 -4.10 39.62 30.92
C GLN J 100 -5.40 38.89 30.59
N ALA J 101 -6.50 39.48 31.07
CA ALA J 101 -7.84 38.94 30.79
C ALA J 101 -8.81 40.11 30.78
N ALA J 102 -9.14 40.61 29.59
CA ALA J 102 -9.94 41.81 29.43
C ALA J 102 -11.31 41.47 28.86
N ALA J 103 -12.35 42.11 29.40
CA ALA J 103 -13.71 41.99 28.91
C ALA J 103 -14.20 40.56 28.89
N ALA J 104 -14.24 39.95 27.69
CA ALA J 104 -14.71 38.58 27.56
C ALA J 104 -13.81 37.61 28.33
N ALA J 105 -12.49 37.82 28.25
CA ALA J 105 -11.56 36.95 28.95
C ALA J 105 -11.76 37.02 30.45
N ALA J 106 -12.15 38.18 30.98
CA ALA J 106 -12.42 38.29 32.41
C ALA J 106 -13.59 37.40 32.82
N VAL J 107 -14.67 37.41 32.03
CA VAL J 107 -15.82 36.56 32.34
C VAL J 107 -15.44 35.09 32.21
N LEU J 108 -14.66 34.74 31.18
CA LEU J 108 -14.24 33.36 31.02
C LEU J 108 -13.39 32.89 32.20
N LEU J 109 -12.51 33.76 32.69
CA LEU J 109 -11.70 33.43 33.86
C LEU J 109 -12.56 33.26 35.10
N ALA J 110 -13.52 34.16 35.30
CA ALA J 110 -14.35 34.14 36.50
C ALA J 110 -15.45 33.09 36.44
N ALA J 111 -15.65 32.44 35.30
CA ALA J 111 -16.70 31.44 35.16
C ALA J 111 -16.23 30.04 35.53
N GLY J 112 -15.00 29.87 36.00
CA GLY J 112 -14.48 28.58 36.34
C GLY J 112 -15.10 28.01 37.61
N THR J 113 -14.71 26.78 37.92
CA THR J 113 -15.19 26.12 39.12
C THR J 113 -14.70 26.87 40.36
N PRO J 114 -15.56 27.13 41.34
CA PRO J 114 -15.11 27.86 42.54
C PRO J 114 -13.98 27.13 43.24
N GLY J 115 -13.02 27.90 43.74
CA GLY J 115 -11.82 27.35 44.34
C GLY J 115 -10.76 26.92 43.36
N LYS J 116 -11.00 27.07 42.06
CA LYS J 116 -10.03 26.66 41.04
C LYS J 116 -9.73 27.79 40.05
N ARG J 117 -10.17 29.01 40.33
CA ARG J 117 -9.89 30.16 39.47
C ARG J 117 -8.71 30.92 40.06
N MET J 118 -7.55 30.82 39.43
CA MET J 118 -6.35 31.49 39.92
C MET J 118 -5.66 32.25 38.80
N ALA J 119 -4.84 33.21 39.19
CA ALA J 119 -4.16 34.09 38.27
C ALA J 119 -2.67 34.14 38.60
N LEU J 120 -1.87 34.50 37.60
CA LEU J 120 -0.45 34.73 37.84
C LEU J 120 -0.28 35.95 38.75
N PRO J 121 0.85 36.05 39.47
CA PRO J 121 0.98 37.15 40.44
C PRO J 121 0.81 38.53 39.83
N ASN J 122 1.61 38.87 38.82
CA ASN J 122 1.43 40.11 38.08
C ASN J 122 0.50 39.86 36.91
N ALA J 123 -0.67 40.49 36.94
CA ALA J 123 -1.67 40.32 35.89
C ALA J 123 -2.72 41.40 36.06
N ARG J 124 -3.45 41.66 34.98
CA ARG J 124 -4.51 42.66 34.99
C ARG J 124 -5.80 42.04 34.44
N VAL J 125 -6.91 42.33 35.11
CA VAL J 125 -8.23 41.92 34.69
C VAL J 125 -9.04 43.19 34.43
N LEU J 126 -9.50 43.35 33.20
CA LEU J 126 -10.20 44.57 32.79
C LEU J 126 -11.66 44.23 32.52
N ILE J 127 -12.56 45.02 33.12
CA ILE J 127 -14.00 44.84 32.95
C ILE J 127 -14.61 46.16 32.52
N HIS J 128 -15.50 46.10 31.54
CA HIS J 128 -16.20 47.29 31.06
C HIS J 128 -17.47 46.85 30.34
N GLN J 129 -18.40 47.79 30.20
CA GLN J 129 -19.65 47.50 29.51
C GLN J 129 -19.39 47.29 28.02
N PRO J 130 -20.24 46.50 27.35
CA PRO J 130 -19.99 46.16 25.95
C PRO J 130 -20.03 47.39 25.04
N TYR J 131 -19.21 47.33 23.99
CA TYR J 131 -19.15 48.36 22.97
C TYR J 131 -19.47 47.75 21.61
N SER J 132 -20.33 48.42 20.85
CA SER J 132 -20.78 47.88 19.58
C SER J 132 -21.05 49.02 18.60
N GLU J 133 -21.08 48.66 17.32
CA GLU J 133 -21.37 49.61 16.24
C GLU J 133 -22.52 49.07 15.42
N THR J 134 -23.45 49.96 15.05
CA THR J 134 -24.63 49.60 14.27
C THR J 134 -24.61 50.36 12.95
N GLY J 135 -24.88 49.65 11.87
CA GLY J 135 -24.86 50.26 10.56
C GLY J 135 -26.04 51.20 10.33
N ARG J 136 -25.97 51.92 9.22
CA ARG J 136 -27.02 52.86 8.87
C ARG J 136 -28.35 52.13 8.64
N GLY J 137 -29.41 52.68 9.22
CA GLY J 137 -30.72 52.06 9.10
C GLY J 137 -31.79 52.96 9.66
N GLN J 138 -33.04 52.52 9.48
CA GLN J 138 -34.18 53.27 9.95
C GLN J 138 -34.24 53.26 11.48
N VAL J 139 -35.08 54.15 12.02
CA VAL J 139 -35.14 54.35 13.47
C VAL J 139 -35.59 53.07 14.17
N SER J 140 -36.55 52.34 13.59
CA SER J 140 -37.05 51.13 14.23
C SER J 140 -35.95 50.09 14.39
N ASP J 141 -35.14 49.89 13.35
CA ASP J 141 -34.03 48.95 13.44
C ASP J 141 -33.03 49.39 14.50
N LEU J 142 -32.77 50.70 14.57
CA LEU J 142 -31.82 51.20 15.56
C LEU J 142 -32.31 51.00 16.98
N GLU J 143 -33.60 51.22 17.23
CA GLU J 143 -34.12 51.01 18.58
C GLU J 143 -34.19 49.53 18.92
N ILE J 144 -34.45 48.66 17.94
CA ILE J 144 -34.35 47.22 18.18
C ILE J 144 -32.93 46.85 18.56
N ALA J 145 -31.93 47.39 17.85
CA ALA J 145 -30.54 47.11 18.18
C ALA J 145 -30.18 47.66 19.55
N ALA J 146 -30.73 48.82 19.92
CA ALA J 146 -30.50 49.37 21.25
C ALA J 146 -31.07 48.47 22.34
N ASN J 147 -32.28 47.95 22.11
CA ASN J 147 -32.85 46.99 23.07
C ASN J 147 -31.96 45.76 23.16
N GLU J 148 -31.45 45.29 22.03
CA GLU J 148 -30.59 44.10 22.03
C GLU J 148 -29.30 44.34 22.80
N ILE J 149 -28.68 45.51 22.62
CA ILE J 149 -27.42 45.78 23.32
C ILE J 149 -27.67 46.01 24.80
N LEU J 150 -28.80 46.61 25.16
CA LEU J 150 -29.16 46.71 26.58
C LEU J 150 -29.36 45.33 27.20
N ARG J 151 -30.01 44.42 26.47
CA ARG J 151 -30.16 43.06 26.96
C ARG J 151 -28.82 42.37 27.11
N MET J 152 -27.90 42.61 26.16
CA MET J 152 -26.56 42.04 26.27
C MET J 152 -25.86 42.56 27.52
N ARG J 153 -25.95 43.86 27.78
CA ARG J 153 -25.31 44.41 28.97
C ARG J 153 -25.90 43.83 30.24
N SER J 154 -27.23 43.71 30.28
CA SER J 154 -27.89 43.15 31.47
C SER J 154 -27.47 41.70 31.70
N GLN J 155 -27.42 40.91 30.62
CA GLN J 155 -26.98 39.52 30.75
C GLN J 155 -25.53 39.45 31.23
N LEU J 156 -24.67 40.33 30.70
CA LEU J 156 -23.27 40.33 31.12
C LEU J 156 -23.11 40.66 32.59
N GLU J 157 -23.83 41.68 33.07
CA GLU J 157 -23.70 42.04 34.48
C GLU J 157 -24.30 40.97 35.38
N ASP J 158 -25.40 40.33 34.94
CA ASP J 158 -25.96 39.24 35.74
C ASP J 158 -24.98 38.06 35.82
N MET J 159 -24.34 37.72 34.70
CA MET J 159 -23.36 36.64 34.73
C MET J 159 -22.17 36.99 35.61
N LEU J 160 -21.73 38.26 35.58
CA LEU J 160 -20.66 38.69 36.46
C LEU J 160 -21.07 38.59 37.92
N ALA J 161 -22.30 38.97 38.24
CA ALA J 161 -22.77 38.92 39.62
C ALA J 161 -22.90 37.49 40.12
N LYS J 162 -23.33 36.58 39.24
CA LYS J 162 -23.55 35.19 39.68
C LYS J 162 -22.25 34.54 40.12
N HIS J 163 -21.15 34.79 39.41
CA HIS J 163 -19.87 34.14 39.67
C HIS J 163 -18.93 35.04 40.46
N SER J 164 -19.45 35.88 41.34
CA SER J 164 -18.62 36.74 42.17
C SER J 164 -19.35 37.06 43.46
N THR J 165 -18.59 37.43 44.49
CA THR J 165 -19.15 37.85 45.76
C THR J 165 -19.56 39.31 45.77
N THR J 166 -19.16 40.09 44.76
CA THR J 166 -19.49 41.50 44.72
C THR J 166 -20.98 41.69 44.48
N PRO J 167 -21.61 42.65 45.17
CA PRO J 167 -23.04 42.92 44.90
C PRO J 167 -23.25 43.41 43.48
N VAL J 168 -24.46 43.16 42.97
CA VAL J 168 -24.74 43.40 41.56
C VAL J 168 -24.76 44.89 41.25
N GLU J 169 -25.27 45.71 42.17
CA GLU J 169 -25.29 47.16 41.93
C GLU J 169 -23.89 47.74 41.92
N LYS J 170 -23.00 47.19 42.75
CA LYS J 170 -21.60 47.58 42.72
C LYS J 170 -21.00 47.30 41.35
N ILE J 171 -21.34 46.15 40.76
CA ILE J 171 -20.88 45.82 39.42
C ILE J 171 -21.48 46.79 38.39
N ARG J 172 -22.76 47.14 38.55
CA ARG J 172 -23.38 48.10 37.64
C ARG J 172 -22.61 49.41 37.64
N GLU J 173 -22.31 49.95 38.81
CA GLU J 173 -21.59 51.22 38.85
C GLU J 173 -20.13 51.07 38.47
N ASP J 174 -19.55 49.87 38.63
CA ASP J 174 -18.15 49.67 38.30
C ASP J 174 -17.92 49.54 36.79
N ILE J 175 -18.85 48.90 36.07
CA ILE J 175 -18.63 48.61 34.66
C ILE J 175 -19.11 49.76 33.80
N GLU J 176 -19.42 50.90 34.42
CA GLU J 176 -19.77 52.09 33.66
C GLU J 176 -18.61 52.55 32.79
N ARG J 177 -17.39 52.53 33.35
CA ARG J 177 -16.18 52.82 32.62
C ARG J 177 -15.24 51.62 32.72
N ASP J 178 -14.03 51.79 32.18
CA ASP J 178 -13.01 50.76 32.30
C ASP J 178 -12.62 50.57 33.77
N LYS J 179 -12.58 49.31 34.20
CA LYS J 179 -12.13 48.99 35.56
C LYS J 179 -11.03 47.94 35.45
N ILE J 180 -9.84 48.29 35.92
CA ILE J 180 -8.66 47.43 35.84
C ILE J 180 -8.29 47.00 37.25
N LEU J 181 -8.18 45.69 37.46
CA LEU J 181 -7.88 45.11 38.76
C LEU J 181 -6.62 44.26 38.67
N THR J 182 -5.77 44.34 39.68
CA THR J 182 -4.62 43.46 39.76
C THR J 182 -5.06 42.09 40.28
N ALA J 183 -4.09 41.19 40.47
CA ALA J 183 -4.42 39.85 40.97
C ALA J 183 -5.04 39.93 42.36
N GLU J 184 -4.48 40.75 43.24
CA GLU J 184 -5.03 40.90 44.58
C GLU J 184 -6.37 41.63 44.55
N ASP J 185 -6.50 42.63 43.67
CA ASP J 185 -7.78 43.32 43.53
C ASP J 185 -8.85 42.38 43.02
N ALA J 186 -8.52 41.51 42.06
CA ALA J 186 -9.48 40.51 41.59
C ALA J 186 -9.80 39.51 42.69
N LEU J 187 -8.79 39.12 43.48
CA LEU J 187 -9.02 38.21 44.59
C LEU J 187 -10.00 38.79 45.60
N SER J 188 -9.84 40.07 45.93
CA SER J 188 -10.74 40.71 46.88
C SER J 188 -12.11 41.00 46.26
N TYR J 189 -12.16 41.18 44.94
CA TYR J 189 -13.42 41.51 44.28
C TYR J 189 -14.36 40.31 44.26
N GLY J 190 -13.82 39.10 44.12
CA GLY J 190 -14.64 37.91 44.08
C GLY J 190 -14.52 37.16 42.77
N LEU J 191 -13.54 37.53 41.95
CA LEU J 191 -13.32 36.88 40.66
C LEU J 191 -12.22 35.83 40.70
N ILE J 192 -11.26 35.95 41.62
CA ILE J 192 -10.15 35.03 41.74
C ILE J 192 -10.18 34.42 43.14
N ASP J 193 -9.96 33.11 43.23
CA ASP J 193 -9.99 32.41 44.51
C ASP J 193 -8.66 32.50 45.25
N GLN J 194 -7.54 32.36 44.54
CA GLN J 194 -6.22 32.47 45.15
C GLN J 194 -5.20 32.77 44.06
N VAL J 195 -4.03 33.21 44.50
CA VAL J 195 -2.96 33.62 43.60
C VAL J 195 -1.79 32.66 43.76
N ILE J 196 -1.29 32.14 42.64
CA ILE J 196 -0.14 31.25 42.65
C ILE J 196 1.13 32.08 42.48
N SER J 197 2.19 31.69 43.19
CA SER J 197 3.46 32.38 43.13
C SER J 197 4.58 31.49 42.60
N THR J 198 4.77 30.31 43.19
CA THR J 198 5.85 29.42 42.81
C THR J 198 5.33 27.98 42.84
N ARG J 199 5.94 27.13 42.01
CA ARG J 199 5.56 25.73 41.97
C ARG J 199 5.83 25.07 43.31
N LYS J 200 4.89 24.24 43.76
CA LYS J 200 5.06 23.51 45.01
C LYS J 200 5.59 22.11 44.76
N ASP K 24 14.85 20.96 10.99
CA ASP K 24 15.03 22.34 11.44
C ASP K 24 15.85 22.41 12.72
N PRO K 25 16.81 23.33 12.77
CA PRO K 25 17.66 23.45 13.97
C PRO K 25 16.91 23.90 15.21
N TYR K 26 15.74 24.55 15.06
CA TYR K 26 15.02 25.05 16.22
C TYR K 26 14.57 23.92 17.13
N ALA K 27 13.99 22.87 16.55
CA ALA K 27 13.56 21.73 17.35
C ALA K 27 14.75 21.03 18.01
N LYS K 28 15.85 20.89 17.28
CA LYS K 28 17.03 20.28 17.86
C LYS K 28 17.51 21.06 19.08
N LEU K 29 17.74 22.37 18.91
CA LEU K 29 18.15 23.20 20.04
C LEU K 29 17.09 23.18 21.13
N PHE K 30 15.84 22.87 20.79
CA PHE K 30 14.83 22.65 21.81
C PHE K 30 15.15 21.42 22.66
N GLU K 31 15.59 20.31 22.03
CA GLU K 31 15.94 19.20 22.92
C GLU K 31 17.29 19.39 23.60
N GLU K 32 18.18 20.25 23.08
CA GLU K 32 19.28 20.70 23.95
C GLU K 32 18.83 21.83 24.87
N ARG K 33 17.51 22.00 25.02
CA ARG K 33 16.93 22.87 26.04
C ARG K 33 17.36 24.33 25.86
N VAL K 34 17.34 24.81 24.63
CA VAL K 34 17.64 26.20 24.31
C VAL K 34 16.44 26.80 23.58
N ILE K 35 15.98 27.96 24.06
CA ILE K 35 14.78 28.61 23.54
C ILE K 35 15.17 29.99 23.01
N PHE K 36 14.81 30.26 21.76
CA PHE K 36 15.08 31.56 21.14
C PHE K 36 13.94 32.53 21.39
N LEU K 37 14.29 33.81 21.43
CA LEU K 37 13.32 34.89 21.53
C LEU K 37 13.70 35.99 20.54
N GLY K 38 13.97 35.58 19.30
CA GLY K 38 14.50 36.46 18.28
C GLY K 38 13.50 37.33 17.55
N VAL K 39 12.21 37.27 17.90
CA VAL K 39 11.19 38.07 17.24
C VAL K 39 10.61 39.03 18.26
N GLN K 40 9.72 39.90 17.79
CA GLN K 40 9.09 40.87 18.65
C GLN K 40 8.26 40.17 19.73
N ILE K 41 8.27 40.73 20.93
CA ILE K 41 7.62 40.11 22.07
C ILE K 41 6.14 40.49 22.05
N ASP K 42 5.33 39.68 21.39
CA ASP K 42 3.89 39.89 21.29
C ASP K 42 3.16 38.69 21.89
N ASP K 43 1.83 38.67 21.76
CA ASP K 43 1.03 37.65 22.41
C ASP K 43 1.35 36.25 21.88
N ALA K 44 1.48 36.11 20.56
CA ALA K 44 1.74 34.79 19.99
C ALA K 44 3.10 34.25 20.40
N SER K 45 4.14 35.06 20.28
CA SER K 45 5.46 34.63 20.68
C SER K 45 5.52 34.36 22.18
N ALA K 46 4.82 35.19 22.96
CA ALA K 46 4.77 34.96 24.41
C ALA K 46 4.15 33.61 24.72
N ASN K 47 3.02 33.29 24.08
CA ASN K 47 2.37 32.00 24.33
C ASN K 47 3.27 30.84 23.90
N ASP K 48 3.96 30.99 22.75
CA ASP K 48 4.87 29.94 22.31
C ASP K 48 5.99 29.72 23.33
N VAL K 49 6.59 30.80 23.82
CA VAL K 49 7.68 30.70 24.78
C VAL K 49 7.18 30.09 26.09
N MET K 50 5.99 30.49 26.54
CA MET K 50 5.45 29.98 27.79
C MET K 50 5.16 28.48 27.69
N ALA K 51 4.58 28.05 26.57
CA ALA K 51 4.35 26.63 26.38
C ALA K 51 5.65 25.85 26.31
N GLN K 52 6.66 26.40 25.62
CA GLN K 52 7.95 25.73 25.54
C GLN K 52 8.59 25.62 26.92
N LEU K 53 8.50 26.66 27.74
CA LEU K 53 9.04 26.60 29.09
C LEU K 53 8.33 25.54 29.92
N LEU K 54 6.99 25.49 29.83
CA LEU K 54 6.26 24.47 30.57
C LEU K 54 6.65 23.06 30.15
N CYS K 55 6.76 22.84 28.83
CA CYS K 55 7.15 21.52 28.35
C CYS K 55 8.57 21.15 28.76
N LEU K 56 9.49 22.12 28.71
CA LEU K 56 10.87 21.83 29.09
C LEU K 56 10.98 21.53 30.58
N GLU K 57 10.20 22.23 31.41
CA GLU K 57 10.15 21.86 32.83
C GLU K 57 9.57 20.46 33.01
N SER K 58 8.55 20.13 32.23
CA SER K 58 7.94 18.80 32.33
C SER K 58 8.92 17.70 31.98
N MET K 59 9.72 17.91 30.92
CA MET K 59 10.64 16.86 30.47
C MET K 59 11.69 16.53 31.52
N ASP K 60 12.25 17.56 32.15
CA ASP K 60 13.28 17.37 33.17
C ASP K 60 13.23 18.55 34.14
N PRO K 61 12.71 18.35 35.35
CA PRO K 61 12.56 19.45 36.30
C PRO K 61 13.82 19.79 37.08
N ASP K 62 15.00 19.31 36.66
CA ASP K 62 16.23 19.58 37.38
C ASP K 62 17.29 20.30 36.56
N ARG K 63 17.35 20.05 35.25
CA ARG K 63 18.32 20.72 34.40
C ARG K 63 17.85 22.12 34.04
N ASP K 64 18.81 23.01 33.81
CA ASP K 64 18.50 24.40 33.52
C ASP K 64 17.88 24.54 32.13
N ILE K 65 17.21 25.68 31.93
CA ILE K 65 16.61 26.02 30.65
C ILE K 65 17.28 27.28 30.12
N SER K 66 17.78 27.22 28.89
CA SER K 66 18.50 28.34 28.28
C SER K 66 17.55 29.18 27.44
N VAL K 67 17.58 30.49 27.66
CA VAL K 67 16.74 31.44 26.94
C VAL K 67 17.65 32.42 26.22
N TYR K 68 17.56 32.45 24.89
CA TYR K 68 18.38 33.32 24.06
C TYR K 68 17.55 34.51 23.61
N ILE K 69 18.10 35.71 23.79
CA ILE K 69 17.34 36.94 23.59
C ILE K 69 17.96 37.72 22.42
N ASN K 70 17.17 37.95 21.39
CA ASN K 70 17.55 38.82 20.27
C ASN K 70 16.35 39.65 19.83
N SER K 71 15.61 40.21 20.80
CA SER K 71 14.35 40.85 20.45
C SER K 71 14.41 42.35 20.70
N PRO K 72 13.84 43.17 19.79
CA PRO K 72 13.78 44.62 19.97
C PRO K 72 12.55 45.08 20.75
N GLY K 73 12.30 44.47 21.91
CA GLY K 73 11.20 44.86 22.75
C GLY K 73 9.87 44.30 22.29
N GLY K 74 8.83 44.68 23.03
CA GLY K 74 7.49 44.21 22.72
C GLY K 74 6.48 44.75 23.70
N SER K 75 5.30 44.14 23.71
CA SER K 75 4.23 44.59 24.58
C SER K 75 4.54 44.25 26.03
N PHE K 76 3.91 45.01 26.93
CA PHE K 76 4.16 44.84 28.36
C PHE K 76 3.48 43.59 28.93
N THR K 77 2.30 43.24 28.41
CA THR K 77 1.59 42.07 28.92
C THR K 77 2.38 40.80 28.65
N ALA K 78 2.98 40.68 27.47
CA ALA K 78 3.83 39.53 27.18
C ALA K 78 5.05 39.50 28.09
N LEU K 79 5.65 40.67 28.34
CA LEU K 79 6.73 40.77 29.32
C LEU K 79 6.31 40.18 30.66
N THR K 80 5.15 40.63 31.16
CA THR K 80 4.68 40.18 32.47
C THR K 80 4.44 38.68 32.49
N ALA K 81 3.80 38.15 31.44
CA ALA K 81 3.50 36.72 31.39
C ALA K 81 4.78 35.89 31.38
N ILE K 82 5.74 36.27 30.54
CA ILE K 82 6.99 35.51 30.44
C ILE K 82 7.78 35.63 31.75
N TYR K 83 7.76 36.81 32.37
CA TYR K 83 8.46 37.00 33.64
C TYR K 83 7.89 36.09 34.72
N ASP K 84 6.56 36.05 34.84
CA ASP K 84 5.94 35.20 35.85
C ASP K 84 6.20 33.73 35.56
N THR K 85 6.17 33.33 34.28
CA THR K 85 6.43 31.95 33.93
C THR K 85 7.86 31.54 34.30
N MET K 86 8.83 32.41 34.01
CA MET K 86 10.21 32.10 34.39
C MET K 86 10.37 32.04 35.90
N GLN K 87 9.71 32.95 36.63
CA GLN K 87 9.83 32.96 38.08
C GLN K 87 9.12 31.79 38.75
N TYR K 88 8.16 31.16 38.07
CA TYR K 88 7.34 30.13 38.71
C TYR K 88 8.10 28.81 38.88
N VAL K 89 8.82 28.37 37.85
CA VAL K 89 9.32 27.00 37.79
C VAL K 89 10.61 26.87 38.59
N LYS K 90 10.87 25.64 39.07
CA LYS K 90 12.18 25.33 39.66
C LYS K 90 13.35 25.51 38.70
N PRO K 91 13.36 24.93 37.49
CA PRO K 91 14.61 24.90 36.71
C PRO K 91 15.15 26.29 36.45
N ASP K 92 16.47 26.43 36.58
CA ASP K 92 17.11 27.73 36.49
C ASP K 92 17.02 28.28 35.08
N VAL K 93 16.69 29.56 34.98
CA VAL K 93 16.54 30.24 33.69
C VAL K 93 17.90 30.89 33.39
N GLN K 94 18.65 30.29 32.47
CA GLN K 94 19.95 30.79 32.09
C GLN K 94 19.79 31.64 30.83
N THR K 95 19.98 32.95 30.97
CA THR K 95 19.64 33.91 29.94
C THR K 95 20.90 34.39 29.22
N VAL K 96 20.91 34.25 27.90
CA VAL K 96 22.01 34.70 27.05
C VAL K 96 21.47 35.79 26.13
N CYS K 97 22.26 36.83 25.92
CA CYS K 97 21.87 37.97 25.11
C CYS K 97 22.85 38.14 23.96
N MET K 98 22.32 38.20 22.73
CA MET K 98 23.12 38.46 21.54
C MET K 98 22.54 39.67 20.81
N GLY K 99 23.43 40.52 20.30
CA GLY K 99 23.02 41.63 19.46
C GLY K 99 22.38 42.77 20.21
N GLN K 100 21.18 42.56 20.73
CA GLN K 100 20.46 43.63 21.42
C GLN K 100 19.41 43.03 22.34
N ALA K 101 19.07 43.79 23.37
CA ALA K 101 17.99 43.43 24.30
C ALA K 101 17.39 44.74 24.81
N ALA K 102 16.33 45.19 24.15
CA ALA K 102 15.74 46.50 24.41
C ALA K 102 14.37 46.37 25.07
N ALA K 103 14.07 47.32 25.94
CA ALA K 103 12.77 47.44 26.60
C ALA K 103 12.40 46.16 27.34
N ALA K 104 11.48 45.38 26.78
CA ALA K 104 11.04 44.15 27.42
C ALA K 104 12.16 43.13 27.51
N ALA K 105 13.01 43.07 26.47
CA ALA K 105 14.09 42.09 26.45
C ALA K 105 15.09 42.35 27.57
N ALA K 106 15.34 43.62 27.92
CA ALA K 106 16.25 43.92 29.01
C ALA K 106 15.73 43.37 30.32
N VAL K 107 14.43 43.58 30.59
CA VAL K 107 13.85 43.07 31.83
C VAL K 107 13.85 41.54 31.83
N LEU K 108 13.57 40.93 30.68
CA LEU K 108 13.58 39.47 30.61
C LEU K 108 14.98 38.91 30.88
N LEU K 109 16.00 39.57 30.32
CA LEU K 109 17.38 39.15 30.57
C LEU K 109 17.76 39.33 32.04
N ALA K 110 17.37 40.45 32.64
CA ALA K 110 17.68 40.69 34.04
C ALA K 110 16.84 39.84 34.98
N ALA K 111 15.80 39.18 34.48
CA ALA K 111 14.93 38.36 35.31
C ALA K 111 15.45 36.94 35.52
N GLY K 112 16.60 36.60 34.95
CA GLY K 112 17.12 35.26 35.11
C GLY K 112 17.65 35.01 36.51
N THR K 113 17.96 33.75 36.77
CA THR K 113 18.49 33.37 38.08
C THR K 113 19.86 34.01 38.27
N PRO K 114 20.19 34.41 39.50
CA PRO K 114 21.49 35.04 39.74
C PRO K 114 22.64 34.11 39.38
N GLY K 115 23.69 34.70 38.79
CA GLY K 115 24.83 33.94 38.34
C GLY K 115 24.70 33.33 36.96
N LYS K 116 23.53 33.43 36.33
CA LYS K 116 23.29 32.85 35.01
C LYS K 116 23.01 33.91 33.95
N ARG K 117 23.05 35.19 34.31
CA ARG K 117 22.78 36.27 33.36
C ARG K 117 24.12 36.73 32.77
N MET K 118 24.40 36.29 31.54
CA MET K 118 25.62 36.67 30.84
C MET K 118 25.28 37.10 29.41
N ALA K 119 26.13 37.97 28.87
CA ALA K 119 25.94 38.56 27.55
C ALA K 119 27.26 38.63 26.81
N LEU K 120 27.17 38.77 25.49
CA LEU K 120 28.29 38.83 24.56
C LEU K 120 28.98 40.18 24.65
N PRO K 121 30.26 40.28 24.21
CA PRO K 121 31.03 41.52 24.46
C PRO K 121 30.42 42.79 23.90
N ASN K 122 30.23 42.86 22.59
CA ASN K 122 29.66 44.05 21.95
C ASN K 122 28.18 43.82 21.68
N ALA K 123 27.39 43.88 22.76
CA ALA K 123 25.95 43.78 22.69
C ALA K 123 25.33 44.97 23.43
N ARG K 124 24.26 45.51 22.86
CA ARG K 124 23.64 46.73 23.37
C ARG K 124 22.35 46.40 24.09
N VAL K 125 22.15 47.02 25.25
CA VAL K 125 20.93 46.88 26.04
C VAL K 125 20.33 48.27 26.19
N LEU K 126 19.11 48.43 25.70
CA LEU K 126 18.42 49.73 25.73
C LEU K 126 17.31 49.68 26.76
N ILE K 127 17.22 50.72 27.58
CA ILE K 127 16.18 50.84 28.59
C ILE K 127 15.52 52.21 28.45
N HIS K 128 14.19 52.24 28.47
CA HIS K 128 13.45 53.48 28.37
C HIS K 128 12.06 53.27 28.94
N GLN K 129 11.40 54.37 29.27
CA GLN K 129 10.06 54.30 29.81
C GLN K 129 9.08 53.84 28.73
N PRO K 130 7.99 53.17 29.12
CA PRO K 130 7.07 52.63 28.11
C PRO K 130 6.45 53.72 27.25
N TYR K 131 6.22 53.39 25.98
CA TYR K 131 5.57 54.27 25.03
C TYR K 131 4.21 53.70 24.67
N SER K 132 3.19 54.55 24.72
CA SER K 132 1.83 54.10 24.52
C SER K 132 1.09 55.07 23.60
N GLU K 133 0.02 54.56 22.99
CA GLU K 133 -0.83 55.35 22.10
C GLU K 133 -2.26 54.90 22.29
N THR K 134 -3.18 55.87 22.36
CA THR K 134 -4.59 55.58 22.53
C THR K 134 -5.39 56.39 21.51
N GLY K 135 -6.58 55.88 21.19
CA GLY K 135 -7.47 56.55 20.27
C GLY K 135 -8.27 57.66 20.93
N ARG K 136 -9.15 58.26 20.13
CA ARG K 136 -10.01 59.32 20.64
C ARG K 136 -10.93 58.79 21.73
N GLY K 137 -11.05 59.56 22.81
CA GLY K 137 -11.90 59.17 23.91
C GLY K 137 -12.20 60.37 24.79
N GLN K 138 -13.14 60.16 25.71
CA GLN K 138 -13.51 61.22 26.65
C GLN K 138 -12.43 61.38 27.71
N VAL K 139 -12.59 62.41 28.54
CA VAL K 139 -11.56 62.77 29.51
C VAL K 139 -11.36 61.65 30.52
N SER K 140 -12.45 61.03 30.99
CA SER K 140 -12.34 59.98 31.99
C SER K 140 -11.57 58.79 31.47
N ASP K 141 -11.83 58.37 30.23
CA ASP K 141 -11.12 57.26 29.65
C ASP K 141 -9.63 57.55 29.53
N LEU K 142 -9.28 58.77 29.11
CA LEU K 142 -7.88 59.15 29.00
C LEU K 142 -7.21 59.18 30.37
N GLU K 143 -7.93 59.65 31.39
CA GLU K 143 -7.38 59.65 32.74
C GLU K 143 -7.12 58.23 33.24
N ILE K 144 -8.05 57.31 32.97
CA ILE K 144 -7.86 55.92 33.36
C ILE K 144 -6.66 55.32 32.62
N ALA K 145 -6.53 55.62 31.33
CA ALA K 145 -5.40 55.10 30.57
C ALA K 145 -4.08 55.65 31.10
N ALA K 146 -4.06 56.94 31.46
CA ALA K 146 -2.85 57.53 32.03
C ALA K 146 -2.49 56.88 33.36
N ASN K 147 -3.50 56.64 34.21
CA ASN K 147 -3.23 55.95 35.47
C ASN K 147 -2.67 54.56 35.22
N GLU K 148 -3.24 53.84 34.25
CA GLU K 148 -2.77 52.49 33.96
C GLU K 148 -1.33 52.49 33.43
N ILE K 149 -1.00 53.44 32.56
CA ILE K 149 0.35 53.47 32.01
C ILE K 149 1.36 53.88 33.09
N LEU K 150 0.95 54.78 34.00
CA LEU K 150 1.82 55.11 35.12
C LEU K 150 2.04 53.91 36.03
N ARG K 151 0.98 53.12 36.26
CA ARG K 151 1.12 51.90 37.05
C ARG K 151 2.06 50.91 36.37
N MET K 152 1.95 50.78 35.04
CA MET K 152 2.86 49.90 34.32
C MET K 152 4.31 50.37 34.43
N ARG K 153 4.55 51.68 34.32
CA ARG K 153 5.90 52.19 34.47
C ARG K 153 6.43 51.94 35.88
N SER K 154 5.58 52.12 36.89
CA SER K 154 5.99 51.85 38.27
C SER K 154 6.34 50.38 38.46
N GLN K 155 5.54 49.48 37.90
CA GLN K 155 5.85 48.06 38.00
C GLN K 155 7.16 47.73 37.29
N LEU K 156 7.39 48.31 36.12
CA LEU K 156 8.63 48.09 35.40
C LEU K 156 9.83 48.53 36.22
N GLU K 157 9.73 49.70 36.84
CA GLU K 157 10.79 50.17 37.72
C GLU K 157 10.98 49.24 38.91
N ASP K 158 9.88 48.71 39.45
CA ASP K 158 9.98 47.80 40.58
C ASP K 158 10.75 46.53 40.20
N MET K 159 10.41 45.93 39.05
CA MET K 159 11.15 44.73 38.64
C MET K 159 12.61 45.06 38.34
N LEU K 160 12.87 46.19 37.67
CA LEU K 160 14.25 46.56 37.38
C LEU K 160 15.05 46.78 38.64
N ALA K 161 14.41 47.31 39.69
CA ALA K 161 15.12 47.51 40.96
C ALA K 161 15.35 46.19 41.68
N LYS K 162 14.35 45.31 41.72
CA LYS K 162 14.48 44.08 42.48
C LYS K 162 15.36 43.06 41.78
N HIS K 163 15.59 43.23 40.48
CA HIS K 163 16.42 42.30 39.72
C HIS K 163 17.77 42.89 39.33
N SER K 164 18.20 43.97 39.99
CA SER K 164 19.49 44.59 39.70
C SER K 164 20.07 45.13 41.00
N THR K 165 21.27 45.70 40.91
CA THR K 165 21.95 46.26 42.06
C THR K 165 21.82 47.78 42.16
N THR K 166 21.52 48.46 41.07
CA THR K 166 21.36 49.90 41.09
C THR K 166 20.14 50.28 41.93
N PRO K 167 20.25 51.31 42.78
CA PRO K 167 19.08 51.72 43.56
C PRO K 167 17.94 52.20 42.69
N VAL K 168 16.72 52.07 43.22
CA VAL K 168 15.52 52.33 42.44
C VAL K 168 15.45 53.80 42.02
N GLU K 169 16.05 54.71 42.79
CA GLU K 169 15.99 56.12 42.44
C GLU K 169 16.78 56.40 41.17
N LYS K 170 18.00 55.85 41.06
CA LYS K 170 18.79 56.05 39.85
C LYS K 170 18.16 55.37 38.65
N ILE K 171 17.53 54.21 38.85
CA ILE K 171 16.81 53.55 37.76
C ILE K 171 15.66 54.42 37.28
N ARG K 172 14.90 55.00 38.23
CA ARG K 172 13.79 55.88 37.88
C ARG K 172 14.30 57.10 37.11
N GLU K 173 15.42 57.67 37.54
CA GLU K 173 15.98 58.82 36.84
C GLU K 173 16.54 58.45 35.47
N ASP K 174 17.01 57.21 35.30
CA ASP K 174 17.64 56.79 34.05
C ASP K 174 16.64 56.49 32.95
N ILE K 175 15.43 56.04 33.28
CA ILE K 175 14.46 55.61 32.28
C ILE K 175 13.65 56.80 31.78
N GLU K 176 13.99 58.00 32.26
CA GLU K 176 13.32 59.20 31.75
C GLU K 176 13.60 59.39 30.26
N ARG K 177 14.84 59.13 29.84
CA ARG K 177 15.22 59.12 28.45
C ARG K 177 15.89 57.79 28.13
N ASP K 178 15.91 57.44 26.84
CA ASP K 178 16.47 56.16 26.43
C ASP K 178 17.95 56.09 26.78
N LYS K 179 18.34 54.98 27.41
CA LYS K 179 19.72 54.75 27.84
C LYS K 179 20.23 53.46 27.22
N ILE K 180 21.41 53.52 26.60
CA ILE K 180 22.03 52.38 25.94
C ILE K 180 23.27 51.99 26.73
N LEU K 181 23.40 50.70 27.01
CA LEU K 181 24.52 50.18 27.79
C LEU K 181 25.19 49.04 27.03
N THR K 182 26.52 49.00 27.10
CA THR K 182 27.26 47.87 26.55
C THR K 182 27.30 46.74 27.57
N ALA K 183 28.01 45.66 27.24
CA ALA K 183 28.10 44.52 28.15
C ALA K 183 28.80 44.92 29.44
N GLU K 184 29.91 45.66 29.34
CA GLU K 184 30.57 46.15 30.54
C GLU K 184 29.70 47.15 31.30
N ASP K 185 29.00 48.02 30.56
CA ASP K 185 28.09 48.96 31.21
C ASP K 185 26.94 48.24 31.89
N ALA K 186 26.41 47.19 31.26
CA ALA K 186 25.36 46.40 31.89
C ALA K 186 25.87 45.70 33.13
N LEU K 187 27.09 45.16 33.08
CA LEU K 187 27.68 44.51 34.24
C LEU K 187 27.86 45.49 35.39
N SER K 188 28.34 46.70 35.09
CA SER K 188 28.46 47.72 36.13
C SER K 188 27.10 48.13 36.67
N TYR K 189 26.08 48.17 35.80
CA TYR K 189 24.73 48.50 36.24
C TYR K 189 24.16 47.44 37.17
N GLY K 190 24.48 46.17 36.92
CA GLY K 190 24.00 45.08 37.75
C GLY K 190 23.00 44.15 37.11
N LEU K 191 22.70 44.33 35.81
CA LEU K 191 21.74 43.48 35.14
C LEU K 191 22.28 42.09 34.81
N ILE K 192 23.56 41.99 34.46
CA ILE K 192 24.17 40.72 34.11
C ILE K 192 25.24 40.38 35.15
N ASP K 193 25.76 39.15 35.05
CA ASP K 193 26.73 38.63 36.02
C ASP K 193 28.15 38.63 35.49
N GLN K 194 28.36 38.18 34.25
CA GLN K 194 29.70 38.16 33.67
C GLN K 194 29.58 38.19 32.16
N VAL K 195 30.65 38.62 31.51
CA VAL K 195 30.71 38.75 30.06
C VAL K 195 31.47 37.56 29.49
N ILE K 196 30.88 36.90 28.49
CA ILE K 196 31.50 35.77 27.81
C ILE K 196 31.92 36.23 26.42
N SER K 197 33.15 35.88 26.04
CA SER K 197 33.67 36.20 24.71
C SER K 197 33.92 34.95 23.87
N THR K 198 34.70 34.00 24.39
CA THR K 198 35.00 32.77 23.67
C THR K 198 35.16 31.65 24.68
N ARG K 199 34.58 30.49 24.36
CA ARG K 199 34.68 29.32 25.22
C ARG K 199 36.09 28.75 25.21
N ASP L 24 16.39 18.17 -2.28
CA ASP L 24 16.65 19.41 -1.57
C ASP L 24 18.15 19.64 -1.38
N PRO L 25 18.77 20.35 -2.31
CA PRO L 25 20.22 20.59 -2.20
C PRO L 25 20.61 21.36 -0.95
N TYR L 26 19.74 22.25 -0.47
CA TYR L 26 20.03 22.99 0.75
C TYR L 26 20.19 22.03 1.94
N ALA L 27 19.32 21.02 2.01
CA ALA L 27 19.42 20.04 3.08
C ALA L 27 20.73 19.27 3.01
N LYS L 28 21.13 18.86 1.82
CA LYS L 28 22.39 18.14 1.66
C LYS L 28 23.58 19.00 2.08
N LEU L 29 23.61 20.26 1.63
CA LEU L 29 24.73 21.13 1.95
C LEU L 29 24.78 21.44 3.45
N PHE L 30 23.64 21.68 4.07
CA PHE L 30 23.61 21.82 5.53
C PHE L 30 24.06 20.53 6.21
N GLU L 31 23.75 19.39 5.60
CA GLU L 31 24.20 18.12 6.17
C GLU L 31 25.72 18.00 6.16
N GLU L 32 26.36 18.42 5.06
CA GLU L 32 27.81 18.27 5.04
C GLU L 32 28.49 19.16 6.07
N ARG L 33 28.63 20.46 5.77
CA ARG L 33 28.92 21.48 6.77
C ARG L 33 28.35 22.85 6.43
N VAL L 34 27.63 23.01 5.32
CA VAL L 34 27.53 24.29 4.62
C VAL L 34 26.34 25.10 5.16
N ILE L 35 26.55 26.41 5.29
CA ILE L 35 25.51 27.37 5.61
C ILE L 35 25.58 28.52 4.61
N PHE L 36 24.43 28.88 4.04
CA PHE L 36 24.35 30.01 3.13
C PHE L 36 23.90 31.27 3.86
N LEU L 37 24.42 32.42 3.40
CA LEU L 37 23.91 33.74 3.77
C LEU L 37 23.74 34.49 2.45
N GLY L 38 22.60 34.30 1.80
CA GLY L 38 22.35 34.90 0.50
C GLY L 38 21.13 35.77 0.48
N VAL L 39 20.72 36.26 1.65
CA VAL L 39 19.57 37.13 1.78
C VAL L 39 20.02 38.38 2.54
N GLN L 40 19.30 39.48 2.32
CA GLN L 40 19.61 40.72 3.02
C GLN L 40 19.55 40.50 4.53
N ILE L 41 20.57 40.98 5.23
CA ILE L 41 20.72 40.68 6.64
C ILE L 41 19.66 41.42 7.43
N ASP L 42 18.87 40.67 8.20
CA ASP L 42 17.84 41.24 9.06
C ASP L 42 17.70 40.33 10.28
N ASP L 43 16.74 40.66 11.16
CA ASP L 43 16.58 39.92 12.40
C ASP L 43 16.23 38.45 12.15
N ALA L 44 15.31 38.20 11.21
CA ALA L 44 14.87 36.83 10.95
C ALA L 44 16.01 35.98 10.43
N SER L 45 16.73 36.48 9.42
CA SER L 45 17.88 35.74 8.90
C SER L 45 18.96 35.61 9.96
N ALA L 46 19.12 36.64 10.80
CA ALA L 46 20.10 36.56 11.88
C ALA L 46 19.79 35.40 12.81
N ASN L 47 18.54 35.29 13.27
CA ASN L 47 18.17 34.20 14.17
C ASN L 47 18.26 32.85 13.47
N ASP L 48 17.92 32.81 12.17
CA ASP L 48 18.04 31.55 11.43
C ASP L 48 19.49 31.08 11.41
N VAL L 49 20.43 31.99 11.12
CA VAL L 49 21.84 31.60 11.11
C VAL L 49 22.31 31.27 12.52
N MET L 50 21.76 31.96 13.53
CA MET L 50 22.08 31.61 14.91
C MET L 50 21.74 30.16 15.20
N ALA L 51 20.50 29.77 14.87
CA ALA L 51 20.06 28.39 15.10
C ALA L 51 20.92 27.41 14.31
N GLN L 52 21.25 27.74 13.06
CA GLN L 52 22.04 26.82 12.25
C GLN L 52 23.44 26.64 12.82
N LEU L 53 24.10 27.74 13.22
CA LEU L 53 25.44 27.65 13.77
C LEU L 53 25.44 26.91 15.10
N LEU L 54 24.47 27.19 15.97
CA LEU L 54 24.41 26.49 17.24
C LEU L 54 24.14 25.01 17.05
N CYS L 55 23.27 24.66 16.10
CA CYS L 55 23.01 23.25 15.81
C CYS L 55 24.26 22.55 15.30
N LEU L 56 24.99 23.18 14.38
CA LEU L 56 26.21 22.57 13.86
C LEU L 56 27.27 22.44 14.94
N GLU L 57 27.36 23.40 15.85
CA GLU L 57 28.28 23.28 16.97
C GLU L 57 27.89 22.12 17.88
N SER L 58 26.59 21.98 18.15
CA SER L 58 26.12 20.90 19.01
C SER L 58 26.37 19.54 18.39
N MET L 59 26.15 19.40 17.08
CA MET L 59 26.34 18.11 16.43
C MET L 59 27.78 17.64 16.51
N ASP L 60 28.73 18.54 16.29
CA ASP L 60 30.14 18.20 16.42
C ASP L 60 30.96 19.45 16.73
N PRO L 61 31.54 19.54 17.92
CA PRO L 61 32.32 20.73 18.29
C PRO L 61 33.78 20.72 17.86
N ASP L 62 34.19 19.81 16.98
CA ASP L 62 35.57 19.72 16.55
C ASP L 62 35.78 19.91 15.06
N ARG L 63 34.72 19.93 14.25
CA ARG L 63 34.84 20.11 12.82
C ARG L 63 34.85 21.60 12.49
N ASP L 64 34.74 21.93 11.20
CA ASP L 64 34.72 23.30 10.74
C ASP L 64 33.40 23.60 10.04
N ILE L 65 33.00 24.87 10.07
CA ILE L 65 31.75 25.32 9.49
C ILE L 65 32.07 26.26 8.33
N SER L 66 31.43 26.04 7.20
CA SER L 66 31.61 26.86 6.01
C SER L 66 30.40 27.77 5.83
N VAL L 67 30.64 29.06 5.69
CA VAL L 67 29.59 30.06 5.52
C VAL L 67 29.80 30.75 4.19
N TYR L 68 28.77 30.75 3.35
CA TYR L 68 28.81 31.36 2.02
C TYR L 68 28.03 32.66 2.04
N ILE L 69 28.64 33.72 1.49
CA ILE L 69 28.05 35.06 1.52
C ILE L 69 27.83 35.51 0.09
N ASN L 70 26.57 35.75 -0.27
CA ASN L 70 26.20 36.33 -1.56
C ASN L 70 25.09 37.35 -1.37
N SER L 71 25.23 38.21 -0.36
CA SER L 71 24.17 39.12 0.01
C SER L 71 24.71 40.53 0.21
N PRO L 72 23.87 41.56 0.02
CA PRO L 72 24.28 42.92 0.36
C PRO L 72 24.24 43.15 1.87
N GLY L 73 24.44 44.39 2.30
CA GLY L 73 24.49 44.70 3.72
C GLY L 73 23.17 44.54 4.44
N GLY L 74 23.07 45.08 5.65
CA GLY L 74 21.87 44.91 6.44
C GLY L 74 21.99 45.65 7.76
N SER L 75 21.10 45.29 8.68
CA SER L 75 21.09 45.91 10.00
C SER L 75 22.39 45.62 10.74
N PHE L 76 22.89 46.64 11.45
CA PHE L 76 24.19 46.51 12.10
C PHE L 76 24.10 45.65 13.36
N THR L 77 22.95 45.69 14.05
CA THR L 77 22.79 44.88 15.25
C THR L 77 22.90 43.39 14.93
N ALA L 78 22.28 42.95 13.84
CA ALA L 78 22.42 41.58 13.41
C ALA L 78 23.87 41.26 13.04
N LEU L 79 24.57 42.23 12.45
CA LEU L 79 25.99 42.03 12.13
C LEU L 79 26.80 41.78 13.38
N THR L 80 26.60 42.59 14.41
CA THR L 80 27.33 42.38 15.67
C THR L 80 26.94 41.06 16.30
N ALA L 81 25.65 40.71 16.28
CA ALA L 81 25.20 39.47 16.89
C ALA L 81 25.84 38.26 16.22
N ILE L 82 25.84 38.23 14.88
CA ILE L 82 26.42 37.08 14.18
C ILE L 82 27.94 37.08 14.30
N TYR L 83 28.57 38.25 14.38
CA TYR L 83 30.00 38.31 14.66
C TYR L 83 30.31 37.68 16.01
N ASP L 84 29.52 38.02 17.02
CA ASP L 84 29.68 37.40 18.34
C ASP L 84 29.46 35.89 18.27
N THR L 85 28.46 35.46 17.52
CA THR L 85 28.17 34.03 17.42
C THR L 85 29.34 33.28 16.80
N MET L 86 29.92 33.81 15.73
CA MET L 86 31.08 33.17 15.13
C MET L 86 32.29 33.19 16.07
N GLN L 87 32.50 34.31 16.77
CA GLN L 87 33.64 34.40 17.68
C GLN L 87 33.42 33.62 18.97
N TYR L 88 32.22 33.12 19.21
CA TYR L 88 31.89 32.43 20.46
C TYR L 88 32.09 30.92 20.36
N VAL L 89 31.55 30.30 19.31
CA VAL L 89 31.64 28.85 19.18
C VAL L 89 33.10 28.44 18.92
N LYS L 90 33.46 27.27 19.44
CA LYS L 90 34.82 26.75 19.31
C LYS L 90 35.19 26.26 17.91
N PRO L 91 34.28 25.71 17.09
CA PRO L 91 34.70 25.29 15.76
C PRO L 91 35.12 26.47 14.90
N ASP L 92 36.08 26.22 14.01
CA ASP L 92 36.53 27.24 13.08
C ASP L 92 35.45 27.54 12.05
N VAL L 93 35.42 28.79 11.60
CA VAL L 93 34.43 29.26 10.65
C VAL L 93 35.14 29.67 9.36
N GLN L 94 34.74 29.07 8.25
CA GLN L 94 35.30 29.37 6.94
C GLN L 94 34.33 30.24 6.16
N THR L 95 34.86 31.25 5.48
CA THR L 95 34.06 32.20 4.72
C THR L 95 34.46 32.15 3.25
N VAL L 96 33.47 31.97 2.38
CA VAL L 96 33.64 31.98 0.93
C VAL L 96 32.70 33.03 0.37
N CYS L 97 33.24 33.94 -0.43
CA CYS L 97 32.49 35.07 -0.96
C CYS L 97 32.30 34.89 -2.46
N MET L 98 31.04 34.74 -2.88
CA MET L 98 30.68 34.67 -4.29
C MET L 98 29.66 35.76 -4.60
N GLY L 99 29.78 36.33 -5.80
CA GLY L 99 28.86 37.38 -6.23
C GLY L 99 29.22 38.74 -5.69
N GLN L 100 28.92 38.98 -4.42
CA GLN L 100 29.21 40.25 -3.80
C GLN L 100 29.14 40.09 -2.28
N ALA L 101 29.79 41.03 -1.59
CA ALA L 101 29.73 41.09 -0.12
C ALA L 101 29.83 42.55 0.27
N ALA L 102 28.68 43.19 0.48
CA ALA L 102 28.61 44.63 0.71
C ALA L 102 28.35 44.94 2.17
N ALA L 103 28.96 46.01 2.67
CA ALA L 103 28.73 46.52 4.01
C ALA L 103 28.99 45.46 5.07
N ALA L 104 27.94 45.06 5.79
CA ALA L 104 28.09 44.06 6.84
C ALA L 104 28.56 42.73 6.30
N ALA L 105 28.24 42.43 5.04
CA ALA L 105 28.70 41.19 4.43
C ALA L 105 30.23 41.15 4.32
N ALA L 106 30.85 42.29 4.00
CA ALA L 106 32.30 42.35 3.96
C ALA L 106 32.91 42.09 5.33
N VAL L 107 32.32 42.67 6.38
CA VAL L 107 32.81 42.44 7.73
C VAL L 107 32.65 40.98 8.11
N LEU L 108 31.54 40.36 7.71
CA LEU L 108 31.35 38.93 7.99
C LEU L 108 32.37 38.09 7.25
N LEU L 109 32.68 38.45 6.00
CA LEU L 109 33.71 37.73 5.25
C LEU L 109 35.06 37.85 5.93
N ALA L 110 35.40 39.05 6.41
CA ALA L 110 36.68 39.26 7.07
C ALA L 110 36.70 38.77 8.52
N ALA L 111 35.55 38.37 9.06
CA ALA L 111 35.45 37.97 10.46
C ALA L 111 35.70 36.48 10.68
N GLY L 112 35.97 35.72 9.64
CA GLY L 112 36.26 34.31 9.81
C GLY L 112 37.63 34.07 10.42
N THR L 113 37.89 32.81 10.73
CA THR L 113 39.19 32.44 11.27
C THR L 113 40.27 32.71 10.22
N PRO L 114 41.41 33.26 10.63
CA PRO L 114 42.43 33.65 9.64
C PRO L 114 42.98 32.44 8.89
N GLY L 115 43.32 32.67 7.62
CA GLY L 115 43.90 31.65 6.78
C GLY L 115 42.93 30.93 5.88
N LYS L 116 41.62 31.06 6.12
CA LYS L 116 40.62 30.35 5.32
C LYS L 116 39.47 31.28 4.96
N ARG L 117 39.77 32.52 4.61
CA ARG L 117 38.79 33.46 4.06
C ARG L 117 39.09 33.63 2.59
N MET L 118 38.15 33.23 1.74
CA MET L 118 38.41 33.14 0.31
C MET L 118 37.22 33.69 -0.47
N ALA L 119 37.48 34.06 -1.73
CA ALA L 119 36.45 34.62 -2.59
C ALA L 119 36.68 34.15 -4.01
N LEU L 120 35.60 34.16 -4.79
CA LEU L 120 35.65 33.80 -6.20
C LEU L 120 36.32 34.90 -7.00
N PRO L 121 36.87 34.57 -8.18
CA PRO L 121 37.64 35.58 -8.92
C PRO L 121 36.86 36.83 -9.28
N ASN L 122 35.58 36.70 -9.64
CA ASN L 122 34.78 37.83 -10.07
C ASN L 122 33.99 38.46 -8.94
N ALA L 123 34.17 38.00 -7.70
CA ALA L 123 33.45 38.55 -6.57
C ALA L 123 33.91 39.97 -6.28
N ARG L 124 33.05 40.74 -5.62
CA ARG L 124 33.32 42.12 -5.25
C ARG L 124 33.06 42.31 -3.77
N VAL L 125 33.79 43.26 -3.17
CA VAL L 125 33.64 43.61 -1.77
C VAL L 125 33.35 45.10 -1.68
N LEU L 126 32.23 45.46 -1.05
CA LEU L 126 31.82 46.84 -0.90
C LEU L 126 31.83 47.22 0.57
N ILE L 127 32.43 48.37 0.88
CA ILE L 127 32.51 48.87 2.25
C ILE L 127 32.21 50.36 2.24
N HIS L 128 31.47 50.81 3.25
CA HIS L 128 31.15 52.22 3.41
C HIS L 128 30.71 52.45 4.85
N GLN L 129 30.64 53.72 5.23
CA GLN L 129 30.21 54.07 6.58
C GLN L 129 28.72 53.72 6.76
N PRO L 130 28.30 53.42 7.98
CA PRO L 130 26.91 52.99 8.20
C PRO L 130 25.92 54.09 7.84
N TYR L 131 24.77 53.67 7.33
CA TYR L 131 23.67 54.56 6.98
C TYR L 131 22.57 54.41 8.02
N SER L 132 22.01 55.53 8.46
CA SER L 132 21.01 55.53 9.51
C SER L 132 19.85 56.43 9.10
N GLU L 133 18.68 56.16 9.71
CA GLU L 133 17.48 56.94 9.45
C GLU L 133 16.57 56.80 10.67
N THR L 134 16.42 57.89 11.42
CA THR L 134 15.59 57.90 12.61
C THR L 134 14.35 58.76 12.38
N GLY L 135 13.31 58.47 13.19
CA GLY L 135 12.09 59.23 13.12
C GLY L 135 12.18 60.56 13.82
N ARG L 136 11.11 61.34 13.70
CA ARG L 136 11.08 62.66 14.31
C ARG L 136 11.00 62.55 15.83
N GLY L 137 11.78 63.37 16.52
CA GLY L 137 11.81 63.37 17.97
C GLY L 137 12.44 64.64 18.48
N GLN L 138 12.45 64.77 19.81
CA GLN L 138 13.03 65.95 20.44
C GLN L 138 14.54 65.99 20.21
N VAL L 139 15.16 67.08 20.66
CA VAL L 139 16.59 67.27 20.44
C VAL L 139 17.40 66.20 21.18
N SER L 140 17.05 65.92 22.43
CA SER L 140 17.83 65.00 23.24
C SER L 140 17.83 63.59 22.64
N ASP L 141 16.67 63.13 22.17
CA ASP L 141 16.60 61.81 21.56
C ASP L 141 17.49 61.72 20.33
N LEU L 142 17.46 62.77 19.49
CA LEU L 142 18.32 62.79 18.30
C LEU L 142 19.79 62.82 18.69
N GLU L 143 20.12 63.51 19.78
CA GLU L 143 21.51 63.56 20.23
C GLU L 143 21.99 62.20 20.69
N ILE L 144 21.15 61.50 21.45
CA ILE L 144 21.49 60.15 21.87
C ILE L 144 21.64 59.23 20.66
N ALA L 145 20.75 59.38 19.67
CA ALA L 145 20.85 58.58 18.45
C ALA L 145 22.15 58.87 17.70
N ALA L 146 22.54 60.15 17.65
CA ALA L 146 23.78 60.51 16.96
C ALA L 146 25.00 59.93 17.66
N ASN L 147 25.03 60.02 18.99
CA ASN L 147 26.13 59.40 19.74
C ASN L 147 26.16 57.90 19.51
N GLU L 148 24.99 57.27 19.49
CA GLU L 148 24.92 55.82 19.30
C GLU L 148 25.41 55.42 17.90
N ILE L 149 25.01 56.18 16.88
CA ILE L 149 25.44 55.84 15.52
C ILE L 149 26.94 56.10 15.35
N LEU L 150 27.47 57.13 16.03
CA LEU L 150 28.91 57.29 16.06
C LEU L 150 29.60 56.09 16.70
N ARG L 151 28.99 55.55 17.76
CA ARG L 151 29.54 54.36 18.40
C ARG L 151 29.52 53.16 17.44
N MET L 152 28.44 52.98 16.68
CA MET L 152 28.42 51.90 15.69
C MET L 152 29.49 52.12 14.62
N ARG L 153 29.67 53.37 14.19
CA ARG L 153 30.72 53.63 13.20
C ARG L 153 32.09 53.25 13.74
N SER L 154 32.38 53.64 14.99
CA SER L 154 33.66 53.32 15.60
C SER L 154 33.85 51.80 15.70
N GLN L 155 32.81 51.09 16.12
CA GLN L 155 32.86 49.63 16.11
C GLN L 155 33.14 49.11 14.71
N LEU L 156 32.61 49.80 13.69
CA LEU L 156 32.84 49.35 12.32
C LEU L 156 34.32 49.41 11.95
N GLU L 157 34.98 50.55 12.17
CA GLU L 157 36.39 50.55 11.80
C GLU L 157 37.22 49.64 12.71
N ASP L 158 36.81 49.50 13.99
CA ASP L 158 37.53 48.57 14.86
C ASP L 158 37.47 47.14 14.32
N MET L 159 36.28 46.69 13.93
CA MET L 159 36.12 45.35 13.37
C MET L 159 36.90 45.23 12.07
N LEU L 160 36.82 46.24 11.21
CA LEU L 160 37.51 46.17 9.93
C LEU L 160 39.02 46.10 10.11
N ALA L 161 39.56 46.86 11.06
CA ALA L 161 41.01 46.90 11.24
C ALA L 161 41.55 45.65 11.94
N LYS L 162 40.84 45.15 12.95
CA LYS L 162 41.42 44.08 13.75
C LYS L 162 41.50 42.77 12.94
N HIS L 163 40.69 42.66 11.90
CA HIS L 163 40.73 41.49 11.01
C HIS L 163 41.48 41.74 9.71
N SER L 164 42.14 42.89 9.57
CA SER L 164 42.81 43.23 8.33
C SER L 164 44.21 43.76 8.63
N THR L 165 45.02 43.86 7.57
CA THR L 165 46.39 44.35 7.65
C THR L 165 46.50 45.83 7.27
N THR L 166 45.39 46.50 7.01
CA THR L 166 45.35 47.90 6.62
C THR L 166 45.38 48.80 7.85
N PRO L 167 46.14 49.90 7.81
CA PRO L 167 46.17 50.82 8.96
C PRO L 167 44.80 51.40 9.23
N VAL L 168 44.54 51.68 10.51
CA VAL L 168 43.20 52.05 10.96
C VAL L 168 42.76 53.37 10.35
N GLU L 169 43.65 54.36 10.32
CA GLU L 169 43.30 55.66 9.74
C GLU L 169 43.03 55.55 8.24
N LYS L 170 43.71 54.63 7.56
CA LYS L 170 43.40 54.38 6.15
C LYS L 170 41.97 53.87 6.00
N ILE L 171 41.53 53.00 6.92
CA ILE L 171 40.15 52.53 6.89
C ILE L 171 39.19 53.69 7.17
N ARG L 172 39.53 54.55 8.13
CA ARG L 172 38.70 55.72 8.40
C ARG L 172 38.50 56.55 7.13
N GLU L 173 39.60 56.87 6.45
CA GLU L 173 39.48 57.72 5.26
C GLU L 173 38.87 56.99 4.07
N ASP L 174 38.97 55.66 4.04
CA ASP L 174 38.39 54.90 2.93
C ASP L 174 36.89 54.74 3.07
N ILE L 175 36.39 54.54 4.29
CA ILE L 175 34.97 54.22 4.48
C ILE L 175 34.13 55.48 4.50
N GLU L 176 34.75 56.63 4.23
CA GLU L 176 33.98 57.87 4.15
C GLU L 176 32.98 57.82 3.00
N ARG L 177 33.40 57.28 1.86
CA ARG L 177 32.54 57.07 0.70
C ARG L 177 32.51 55.59 0.35
N ASP L 178 31.79 55.27 -0.73
CA ASP L 178 31.71 53.90 -1.19
C ASP L 178 33.08 53.42 -1.67
N LYS L 179 33.50 52.24 -1.19
CA LYS L 179 34.77 51.65 -1.57
C LYS L 179 34.51 50.23 -2.07
N ILE L 180 34.80 49.98 -3.34
CA ILE L 180 34.54 48.70 -3.97
C ILE L 180 35.88 48.11 -4.42
N LEU L 181 36.13 46.86 -4.04
CA LEU L 181 37.37 46.17 -4.33
C LEU L 181 37.07 44.84 -5.03
N THR L 182 37.98 44.44 -5.91
CA THR L 182 37.89 43.16 -6.59
C THR L 182 38.50 42.08 -5.68
N ALA L 183 38.61 40.86 -6.20
CA ALA L 183 39.17 39.77 -5.41
C ALA L 183 40.65 40.02 -5.08
N GLU L 184 41.43 40.40 -6.09
CA GLU L 184 42.85 40.68 -5.85
C GLU L 184 43.02 41.94 -5.00
N ASP L 185 42.15 42.94 -5.20
CA ASP L 185 42.22 44.14 -4.36
C ASP L 185 41.88 43.82 -2.93
N ALA L 186 40.87 42.97 -2.71
CA ALA L 186 40.53 42.55 -1.35
C ALA L 186 41.67 41.74 -0.72
N LEU L 187 42.31 40.88 -1.51
CA LEU L 187 43.44 40.11 -0.99
C LEU L 187 44.59 41.02 -0.59
N SER L 188 44.88 42.04 -1.41
CA SER L 188 45.92 43.00 -1.05
C SER L 188 45.51 43.83 0.17
N TYR L 189 44.20 44.08 0.33
CA TYR L 189 43.74 44.83 1.50
C TYR L 189 43.90 44.04 2.78
N GLY L 190 43.84 42.71 2.71
CA GLY L 190 43.93 41.87 3.88
C GLY L 190 42.62 41.33 4.41
N LEU L 191 41.52 41.55 3.70
CA LEU L 191 40.23 41.04 4.15
C LEU L 191 40.10 39.54 3.92
N ILE L 192 40.68 39.02 2.84
CA ILE L 192 40.63 37.59 2.54
C ILE L 192 42.05 37.03 2.55
N ASP L 193 42.17 35.73 2.34
CA ASP L 193 43.47 35.06 2.36
C ASP L 193 43.84 34.41 1.04
N GLN L 194 42.88 33.79 0.34
CA GLN L 194 43.15 33.13 -0.93
C GLN L 194 42.08 33.49 -1.94
N VAL L 195 42.44 33.43 -3.22
CA VAL L 195 41.51 33.63 -4.32
C VAL L 195 41.39 32.29 -5.04
N ILE L 196 40.21 31.69 -5.01
CA ILE L 196 39.99 30.39 -5.61
C ILE L 196 39.79 30.55 -7.10
N SER L 197 40.64 29.90 -7.89
CA SER L 197 40.46 29.85 -9.35
C SER L 197 39.85 28.52 -9.78
N THR L 198 40.51 27.42 -9.44
CA THR L 198 39.98 26.07 -9.69
C THR L 198 40.68 25.11 -8.76
N ARG L 199 39.96 24.06 -8.36
CA ARG L 199 40.54 23.05 -7.48
C ARG L 199 41.58 22.22 -8.22
N ASP M 24 7.14 14.11 -9.71
CA ASP M 24 7.27 15.31 -10.53
C ASP M 24 8.41 15.18 -11.52
N PRO M 25 8.19 15.66 -12.75
CA PRO M 25 9.24 15.54 -13.78
C PRO M 25 10.53 16.25 -13.44
N TYR M 26 10.47 17.35 -12.69
CA TYR M 26 11.68 18.10 -12.38
C TYR M 26 12.64 17.29 -11.52
N ALA M 27 12.10 16.54 -10.55
CA ALA M 27 12.96 15.68 -9.74
C ALA M 27 13.61 14.61 -10.58
N LYS M 28 12.87 14.01 -11.52
CA LYS M 28 13.43 13.00 -12.40
C LYS M 28 14.53 13.59 -13.28
N LEU M 29 14.33 14.81 -13.77
CA LEU M 29 15.38 15.47 -14.54
C LEU M 29 16.61 15.73 -13.68
N PHE M 30 16.42 16.14 -12.43
CA PHE M 30 17.55 16.40 -11.55
C PHE M 30 18.31 15.12 -11.22
N GLU M 31 17.60 13.99 -11.10
CA GLU M 31 18.27 12.72 -10.83
C GLU M 31 19.21 12.33 -11.97
N GLU M 32 18.92 12.77 -13.19
CA GLU M 32 19.74 12.46 -14.35
C GLU M 32 20.81 13.53 -14.58
N ARG M 33 21.08 14.35 -13.57
CA ARG M 33 22.10 15.40 -13.61
C ARG M 33 21.76 16.47 -14.64
N VAL M 34 20.59 17.08 -14.46
CA VAL M 34 20.14 18.20 -15.27
C VAL M 34 19.67 19.31 -14.36
N ILE M 35 20.25 20.49 -14.50
CA ILE M 35 19.79 21.70 -13.83
C ILE M 35 19.01 22.53 -14.83
N PHE M 36 17.76 22.86 -14.49
CA PHE M 36 16.85 23.49 -15.43
C PHE M 36 16.58 24.92 -14.96
N LEU M 37 16.88 25.89 -15.83
CA LEU M 37 16.83 27.31 -15.48
C LEU M 37 16.02 28.06 -16.52
N GLY M 38 14.80 28.44 -16.16
CA GLY M 38 13.95 29.22 -17.05
C GLY M 38 13.31 30.41 -16.37
N VAL M 39 14.03 31.03 -15.42
CA VAL M 39 13.48 32.09 -14.59
C VAL M 39 14.43 33.28 -14.60
N GLN M 40 13.86 34.45 -14.30
CA GLN M 40 14.63 35.67 -14.11
C GLN M 40 15.78 35.43 -13.14
N ILE M 41 17.00 35.68 -13.60
CA ILE M 41 18.17 35.51 -12.73
C ILE M 41 18.14 36.57 -11.65
N ASP M 42 18.16 36.12 -10.39
CA ASP M 42 18.21 37.01 -9.23
C ASP M 42 19.07 36.32 -8.18
N ASP M 43 19.04 36.85 -6.96
CA ASP M 43 19.85 36.27 -5.88
C ASP M 43 19.38 34.87 -5.53
N ALA M 44 18.07 34.67 -5.41
CA ALA M 44 17.54 33.36 -5.02
C ALA M 44 17.86 32.30 -6.07
N SER M 45 17.69 32.63 -7.35
CA SER M 45 18.03 31.69 -8.41
C SER M 45 19.52 31.38 -8.39
N ALA M 46 20.35 32.39 -8.14
CA ALA M 46 21.79 32.16 -8.07
C ALA M 46 22.14 31.19 -6.95
N ASN M 47 21.55 31.39 -5.76
CA ASN M 47 21.83 30.49 -4.65
C ASN M 47 21.32 29.08 -4.91
N ASP M 48 20.14 28.96 -5.55
CA ASP M 48 19.63 27.65 -5.91
C ASP M 48 20.58 26.93 -6.87
N VAL M 49 21.10 27.67 -7.86
CA VAL M 49 22.07 27.08 -8.79
C VAL M 49 23.34 26.68 -8.05
N MET M 50 23.79 27.52 -7.11
CA MET M 50 24.93 27.16 -6.28
C MET M 50 24.72 25.81 -5.61
N ALA M 51 23.58 25.67 -4.92
CA ALA M 51 23.33 24.46 -4.16
C ALA M 51 23.24 23.25 -5.08
N GLN M 52 22.52 23.39 -6.20
CA GLN M 52 22.35 22.25 -7.11
C GLN M 52 23.66 21.84 -7.75
N LEU M 53 24.47 22.81 -8.20
CA LEU M 53 25.76 22.49 -8.80
C LEU M 53 26.69 21.83 -7.79
N LEU M 54 26.74 22.34 -6.57
CA LEU M 54 27.60 21.75 -5.55
C LEU M 54 27.17 20.33 -5.22
N CYS M 55 25.86 20.10 -5.10
CA CYS M 55 25.38 18.75 -4.82
C CYS M 55 25.68 17.80 -5.98
N LEU M 56 25.50 18.27 -7.21
CA LEU M 56 25.79 17.43 -8.37
C LEU M 56 27.27 17.08 -8.45
N GLU M 57 28.14 18.04 -8.14
CA GLU M 57 29.57 17.75 -8.10
C GLU M 57 29.90 16.76 -6.99
N SER M 58 29.28 16.92 -5.82
CA SER M 58 29.56 16.04 -4.69
C SER M 58 29.13 14.61 -4.98
N MET M 59 27.95 14.44 -5.59
CA MET M 59 27.45 13.08 -5.83
C MET M 59 28.24 12.37 -6.93
N ASP M 60 28.70 13.11 -7.95
CA ASP M 60 29.57 12.54 -8.96
C ASP M 60 30.42 13.65 -9.57
N PRO M 61 31.70 13.74 -9.24
CA PRO M 61 32.57 14.78 -9.83
C PRO M 61 33.13 14.43 -11.19
N ASP M 62 32.62 13.41 -11.87
CA ASP M 62 33.12 13.01 -13.17
C ASP M 62 32.08 13.17 -14.27
N ARG M 63 30.88 12.65 -14.08
CA ARG M 63 29.84 12.70 -15.11
C ARG M 63 29.39 14.14 -15.33
N ASP M 64 29.09 14.47 -16.59
CA ASP M 64 28.83 15.86 -16.97
C ASP M 64 27.48 16.33 -16.43
N ILE M 65 27.30 17.65 -16.46
CA ILE M 65 26.09 18.31 -15.99
C ILE M 65 25.51 19.13 -17.13
N SER M 66 24.21 18.99 -17.36
CA SER M 66 23.50 19.73 -18.40
C SER M 66 22.64 20.81 -17.76
N VAL M 67 22.74 22.03 -18.28
CA VAL M 67 22.00 23.19 -17.80
C VAL M 67 21.15 23.72 -18.93
N TYR M 68 19.86 23.89 -18.67
CA TYR M 68 18.90 24.35 -19.67
C TYR M 68 18.55 25.81 -19.37
N ILE M 69 18.65 26.65 -20.39
CA ILE M 69 18.47 28.09 -20.25
C ILE M 69 17.22 28.52 -21.01
N ASN M 70 16.27 29.11 -20.31
CA ASN M 70 15.07 29.69 -20.91
C ASN M 70 14.71 31.01 -20.24
N SER M 71 15.72 31.84 -19.99
CA SER M 71 15.51 33.07 -19.24
C SER M 71 15.55 34.30 -20.16
N PRO M 72 14.83 35.36 -19.81
CA PRO M 72 14.86 36.59 -20.61
C PRO M 72 15.89 37.62 -20.19
N GLY M 73 16.70 37.34 -19.16
CA GLY M 73 17.72 38.26 -18.69
C GLY M 73 17.95 38.06 -17.21
N GLY M 74 18.77 38.94 -16.64
CA GLY M 74 19.10 38.82 -15.23
C GLY M 74 20.04 39.92 -14.79
N SER M 75 20.41 39.87 -13.52
CA SER M 75 21.33 40.84 -12.93
C SER M 75 22.77 40.48 -13.28
N PHE M 76 23.69 41.32 -12.81
CA PHE M 76 25.10 41.16 -13.18
C PHE M 76 25.90 40.43 -12.10
N THR M 77 25.70 40.77 -10.82
CA THR M 77 26.44 40.10 -9.76
C THR M 77 26.10 38.62 -9.71
N ALA M 78 24.81 38.30 -9.84
CA ALA M 78 24.41 36.89 -9.89
C ALA M 78 25.00 36.20 -11.12
N LEU M 79 25.08 36.91 -12.24
CA LEU M 79 25.72 36.35 -13.44
C LEU M 79 27.17 36.00 -13.16
N THR M 80 27.91 36.92 -12.55
CA THR M 80 29.32 36.64 -12.24
C THR M 80 29.44 35.47 -11.29
N ALA M 81 28.59 35.42 -10.26
CA ALA M 81 28.67 34.33 -9.30
C ALA M 81 28.40 32.98 -9.96
N ILE M 82 27.35 32.89 -10.77
CA ILE M 82 27.01 31.61 -11.40
C ILE M 82 28.06 31.23 -12.43
N TYR M 83 28.60 32.21 -13.17
CA TYR M 83 29.66 31.91 -14.12
C TYR M 83 30.89 31.36 -13.42
N ASP M 84 31.28 31.98 -12.30
CA ASP M 84 32.44 31.52 -11.56
C ASP M 84 32.23 30.12 -11.02
N THR M 85 31.05 29.86 -10.43
CA THR M 85 30.84 28.54 -9.84
C THR M 85 30.68 27.47 -10.90
N MET M 86 30.20 27.82 -12.10
CA MET M 86 30.06 26.85 -13.17
C MET M 86 31.40 26.55 -13.83
N GLN M 87 32.29 27.55 -13.89
CA GLN M 87 33.66 27.28 -14.32
C GLN M 87 34.45 26.56 -13.23
N TYR M 88 33.99 26.61 -11.98
CA TYR M 88 34.72 26.00 -10.88
C TYR M 88 34.62 24.47 -10.91
N VAL M 89 33.48 23.93 -11.31
CA VAL M 89 33.22 22.50 -11.18
C VAL M 89 34.05 21.71 -12.18
N LYS M 90 34.44 20.50 -11.78
CA LYS M 90 35.15 19.60 -12.68
C LYS M 90 34.31 19.16 -13.89
N PRO M 91 33.07 18.68 -13.74
CA PRO M 91 32.37 18.13 -14.92
C PRO M 91 32.15 19.18 -16.00
N ASP M 92 32.20 18.72 -17.24
CA ASP M 92 31.88 19.59 -18.37
C ASP M 92 30.44 20.04 -18.28
N VAL M 93 30.21 21.34 -18.43
CA VAL M 93 28.90 21.94 -18.25
C VAL M 93 28.29 22.16 -19.64
N GLN M 94 27.44 21.23 -20.07
CA GLN M 94 26.69 21.42 -21.30
C GLN M 94 25.61 22.46 -21.07
N THR M 95 25.42 23.33 -22.05
CA THR M 95 24.37 24.34 -22.02
C THR M 95 23.42 24.11 -23.19
N VAL M 96 22.12 24.08 -22.91
CA VAL M 96 21.10 23.88 -23.92
C VAL M 96 20.12 25.04 -23.83
N CYS M 97 19.90 25.73 -24.94
CA CYS M 97 19.04 26.91 -24.98
C CYS M 97 17.72 26.58 -25.69
N MET M 98 16.61 26.91 -25.04
CA MET M 98 15.28 26.77 -25.62
C MET M 98 14.59 28.12 -25.64
N GLY M 99 13.92 28.42 -26.75
CA GLY M 99 13.08 29.60 -26.84
C GLY M 99 13.83 30.91 -26.96
N GLN M 100 14.52 31.31 -25.89
CA GLN M 100 15.21 32.59 -25.89
C GLN M 100 16.30 32.58 -24.83
N ALA M 101 17.30 33.44 -25.03
CA ALA M 101 18.36 33.65 -24.06
C ALA M 101 18.90 35.06 -24.31
N ALA M 102 18.47 36.01 -23.48
CA ALA M 102 18.70 37.42 -23.72
C ALA M 102 19.61 38.00 -22.65
N ALA M 103 20.50 38.91 -23.07
CA ALA M 103 21.38 39.65 -22.18
C ALA M 103 22.18 38.74 -21.26
N ALA M 104 21.79 38.67 -19.99
CA ALA M 104 22.53 37.88 -19.02
C ALA M 104 22.48 36.39 -19.33
N ALA M 105 21.48 35.93 -20.08
CA ALA M 105 21.40 34.52 -20.41
C ALA M 105 22.39 34.13 -21.51
N ALA M 106 22.69 35.06 -22.41
CA ALA M 106 23.62 34.76 -23.51
C ALA M 106 25.01 34.45 -22.97
N VAL M 107 25.47 35.20 -21.97
CA VAL M 107 26.79 34.96 -21.39
C VAL M 107 26.87 33.56 -20.79
N LEU M 108 25.82 33.16 -20.05
CA LEU M 108 25.82 31.82 -19.47
C LEU M 108 25.73 30.74 -20.55
N LEU M 109 24.99 31.02 -21.63
CA LEU M 109 24.89 30.05 -22.71
C LEU M 109 26.24 29.85 -23.39
N ALA M 110 26.98 30.93 -23.60
CA ALA M 110 28.27 30.83 -24.28
C ALA M 110 29.42 30.50 -23.35
N ALA M 111 29.20 30.44 -22.04
CA ALA M 111 30.25 30.17 -21.08
C ALA M 111 30.40 28.69 -20.74
N GLY M 112 29.60 27.82 -21.35
CA GLY M 112 29.68 26.40 -21.08
C GLY M 112 30.98 25.80 -21.59
N THR M 113 31.11 24.50 -21.36
CA THR M 113 32.30 23.80 -21.82
C THR M 113 32.36 23.82 -23.35
N PRO M 114 33.55 23.97 -23.94
CA PRO M 114 33.63 24.01 -25.41
C PRO M 114 33.13 22.72 -26.03
N GLY M 115 32.46 22.86 -27.17
CA GLY M 115 31.93 21.73 -27.89
C GLY M 115 30.61 21.19 -27.38
N LYS M 116 30.04 21.78 -26.34
CA LYS M 116 28.78 21.31 -25.76
C LYS M 116 27.86 22.49 -25.47
N ARG M 117 27.77 23.42 -26.42
CA ARG M 117 26.84 24.55 -26.35
C ARG M 117 25.82 24.38 -27.47
N MET M 118 24.55 24.22 -27.09
CA MET M 118 23.54 23.66 -27.97
C MET M 118 22.31 24.57 -27.98
N ALA M 119 21.69 24.68 -29.15
CA ALA M 119 20.52 25.54 -29.31
C ALA M 119 19.47 24.83 -30.16
N LEU M 120 18.21 25.17 -29.91
CA LEU M 120 17.08 24.66 -30.67
C LEU M 120 16.95 25.41 -31.99
N PRO M 121 16.24 24.85 -32.97
CA PRO M 121 16.19 25.50 -34.29
C PRO M 121 15.65 26.92 -34.27
N ASN M 122 14.62 27.19 -33.46
CA ASN M 122 13.97 28.49 -33.46
C ASN M 122 14.37 29.36 -32.27
N ALA M 123 15.33 28.93 -31.46
CA ALA M 123 15.77 29.72 -30.33
C ALA M 123 16.46 31.00 -30.81
N ARG M 124 16.36 32.05 -29.99
CA ARG M 124 16.94 33.34 -30.32
C ARG M 124 17.80 33.82 -29.15
N VAL M 125 18.84 34.58 -29.48
CA VAL M 125 19.77 35.12 -28.49
C VAL M 125 19.81 36.63 -28.66
N LEU M 126 19.61 37.36 -27.56
CA LEU M 126 19.62 38.81 -27.57
C LEU M 126 20.79 39.30 -26.74
N ILE M 127 21.55 40.25 -27.28
CA ILE M 127 22.74 40.80 -26.63
C ILE M 127 22.68 42.31 -26.67
N HIS M 128 23.08 42.94 -25.56
CA HIS M 128 23.17 44.38 -25.44
C HIS M 128 23.95 44.71 -24.17
N GLN M 129 24.36 45.97 -24.05
CA GLN M 129 25.11 46.41 -22.89
C GLN M 129 24.23 46.41 -21.64
N PRO M 130 24.83 46.31 -20.46
CA PRO M 130 24.04 46.31 -19.23
C PRO M 130 23.24 47.60 -19.05
N TYR M 131 22.05 47.46 -18.49
CA TYR M 131 21.14 48.56 -18.25
C TYR M 131 20.88 48.66 -16.75
N SER M 132 21.00 49.85 -16.19
CA SER M 132 20.94 50.02 -14.75
C SER M 132 20.48 51.43 -14.39
N GLU M 133 20.10 51.60 -13.12
CA GLU M 133 19.69 52.87 -12.56
C GLU M 133 20.36 53.06 -11.21
N THR M 134 20.48 54.30 -10.77
CA THR M 134 21.00 54.62 -9.45
C THR M 134 20.08 55.60 -8.75
N GLY M 135 20.13 55.60 -7.42
CA GLY M 135 19.26 56.45 -6.63
C GLY M 135 19.75 57.88 -6.54
N ARG M 136 18.96 58.68 -5.83
CA ARG M 136 19.32 60.08 -5.59
C ARG M 136 20.57 60.14 -4.73
N GLY M 137 21.54 60.97 -5.12
CA GLY M 137 22.78 61.03 -4.37
C GLY M 137 23.66 62.16 -4.83
N GLN M 138 24.78 62.31 -4.12
CA GLN M 138 25.75 63.36 -4.42
C GLN M 138 26.60 62.96 -5.62
N VAL M 139 27.26 63.97 -6.22
CA VAL M 139 27.96 63.77 -7.48
C VAL M 139 29.08 62.73 -7.34
N SER M 140 29.76 62.71 -6.19
CA SER M 140 30.81 61.72 -5.98
C SER M 140 30.24 60.30 -6.04
N ASP M 141 29.08 60.08 -5.42
CA ASP M 141 28.45 58.77 -5.46
C ASP M 141 28.05 58.37 -6.87
N LEU M 142 27.48 59.31 -7.64
CA LEU M 142 27.13 59.01 -9.03
C LEU M 142 28.37 58.72 -9.86
N GLU M 143 29.47 59.42 -9.59
CA GLU M 143 30.70 59.13 -10.33
C GLU M 143 31.24 57.74 -10.00
N ILE M 144 31.21 57.36 -8.72
CA ILE M 144 31.62 56.01 -8.34
C ILE M 144 30.74 54.98 -9.03
N ALA M 145 29.43 55.22 -9.03
CA ALA M 145 28.50 54.28 -9.67
C ALA M 145 28.74 54.20 -11.18
N ALA M 146 29.00 55.34 -11.83
CA ALA M 146 29.26 55.34 -13.26
C ALA M 146 30.55 54.60 -13.60
N ASN M 147 31.60 54.80 -12.79
CA ASN M 147 32.84 54.05 -13.00
C ASN M 147 32.61 52.56 -12.81
N GLU M 148 31.82 52.19 -11.80
CA GLU M 148 31.50 50.79 -11.59
C GLU M 148 30.72 50.20 -12.75
N ILE M 149 29.79 50.99 -13.33
CA ILE M 149 29.01 50.51 -14.46
C ILE M 149 29.90 50.33 -15.69
N LEU M 150 30.82 51.26 -15.92
CA LEU M 150 31.77 51.09 -17.01
C LEU M 150 32.63 49.85 -16.80
N ARG M 151 33.05 49.62 -15.56
CA ARG M 151 33.82 48.40 -15.26
C ARG M 151 32.98 47.15 -15.52
N MET M 152 31.69 47.20 -15.17
CA MET M 152 30.79 46.07 -15.44
C MET M 152 30.69 45.80 -16.92
N ARG M 153 30.52 46.85 -17.73
CA ARG M 153 30.44 46.67 -19.18
C ARG M 153 31.73 46.11 -19.74
N SER M 154 32.88 46.61 -19.25
CA SER M 154 34.17 46.08 -19.69
C SER M 154 34.32 44.60 -19.34
N GLN M 155 33.90 44.23 -18.12
CA GLN M 155 33.98 42.82 -17.72
C GLN M 155 33.06 41.97 -18.57
N LEU M 156 31.87 42.47 -18.89
CA LEU M 156 30.95 41.72 -19.73
C LEU M 156 31.51 41.51 -21.14
N GLU M 157 32.10 42.55 -21.72
CA GLU M 157 32.68 42.39 -23.05
C GLU M 157 33.90 41.49 -23.02
N ASP M 158 34.69 41.52 -21.93
CA ASP M 158 35.79 40.59 -21.80
C ASP M 158 35.31 39.15 -21.71
N MET M 159 34.23 38.91 -20.95
CA MET M 159 33.66 37.57 -20.87
C MET M 159 33.14 37.12 -22.23
N LEU M 160 32.50 38.03 -22.98
CA LEU M 160 32.00 37.68 -24.30
C LEU M 160 33.14 37.32 -25.24
N ALA M 161 34.23 38.10 -25.20
CA ALA M 161 35.38 37.82 -26.07
C ALA M 161 36.07 36.51 -25.69
N LYS M 162 36.14 36.22 -24.39
CA LYS M 162 36.86 35.03 -23.93
C LYS M 162 36.23 33.75 -24.45
N HIS M 163 34.90 33.68 -24.44
CA HIS M 163 34.18 32.45 -24.75
C HIS M 163 33.59 32.44 -26.16
N SER M 164 33.98 33.38 -27.02
CA SER M 164 33.50 33.43 -28.38
C SER M 164 34.67 33.54 -29.34
N THR M 165 34.37 33.34 -30.63
CA THR M 165 35.36 33.44 -31.69
C THR M 165 35.31 34.78 -32.42
N THR M 166 34.73 35.80 -31.79
CA THR M 166 34.56 37.12 -32.35
C THR M 166 35.54 38.10 -31.70
N PRO M 167 36.19 38.96 -32.48
CA PRO M 167 37.11 39.94 -31.91
C PRO M 167 36.40 40.88 -30.94
N VAL M 168 37.14 41.31 -29.91
CA VAL M 168 36.55 42.11 -28.84
C VAL M 168 36.07 43.47 -29.36
N GLU M 169 36.74 44.02 -30.38
CA GLU M 169 36.31 45.29 -30.94
C GLU M 169 34.93 45.16 -31.59
N LYS M 170 34.68 44.04 -32.27
CA LYS M 170 33.37 43.81 -32.85
C LYS M 170 32.30 43.68 -31.76
N ILE M 171 32.64 43.01 -30.66
CA ILE M 171 31.69 42.88 -29.55
C ILE M 171 31.39 44.26 -28.96
N ARG M 172 32.41 45.09 -28.80
CA ARG M 172 32.19 46.43 -28.26
C ARG M 172 31.32 47.27 -29.18
N GLU M 173 31.57 47.21 -30.49
CA GLU M 173 30.76 47.98 -31.42
C GLU M 173 29.39 47.36 -31.66
N ASP M 174 29.17 46.12 -31.23
CA ASP M 174 27.88 45.45 -31.42
C ASP M 174 26.96 45.55 -30.21
N ILE M 175 27.50 45.50 -29.00
CA ILE M 175 26.66 45.49 -27.81
C ILE M 175 26.23 46.91 -27.43
N GLU M 176 26.55 47.88 -28.29
CA GLU M 176 26.10 49.25 -28.05
C GLU M 176 24.58 49.34 -28.04
N ARG M 177 23.92 48.61 -28.93
CA ARG M 177 22.47 48.56 -28.99
C ARG M 177 22.01 47.11 -29.03
N ASP M 178 20.71 46.91 -28.91
CA ASP M 178 20.14 45.56 -28.94
C ASP M 178 20.46 44.87 -30.26
N LYS M 179 20.95 43.64 -30.18
CA LYS M 179 21.12 42.81 -31.37
C LYS M 179 20.60 41.40 -31.11
N ILE M 180 20.07 40.80 -32.16
CA ILE M 180 19.28 39.57 -32.09
C ILE M 180 19.84 38.57 -33.09
N LEU M 181 20.07 37.34 -32.65
CA LEU M 181 20.65 36.29 -33.48
C LEU M 181 19.78 35.04 -33.41
N THR M 182 19.57 34.40 -34.56
CA THR M 182 18.87 33.13 -34.62
C THR M 182 19.85 32.00 -34.33
N ALA M 183 19.42 30.76 -34.57
CA ALA M 183 20.27 29.61 -34.26
C ALA M 183 21.50 29.58 -35.15
N GLU M 184 21.32 29.72 -36.47
CA GLU M 184 22.46 29.71 -37.38
C GLU M 184 23.37 30.91 -37.15
N ASP M 185 22.79 32.07 -36.87
CA ASP M 185 23.59 33.25 -36.57
C ASP M 185 24.37 33.05 -35.27
N ALA M 186 23.76 32.42 -34.27
CA ALA M 186 24.48 32.12 -33.03
C ALA M 186 25.63 31.15 -33.28
N LEU M 187 25.41 30.15 -34.15
CA LEU M 187 26.49 29.25 -34.50
C LEU M 187 27.62 29.99 -35.22
N SER M 188 27.27 30.89 -36.13
CA SER M 188 28.29 31.67 -36.84
C SER M 188 29.06 32.58 -35.89
N TYR M 189 28.39 33.12 -34.88
CA TYR M 189 29.04 34.01 -33.92
C TYR M 189 29.93 33.26 -32.95
N GLY M 190 29.81 31.94 -32.86
CA GLY M 190 30.63 31.14 -31.97
C GLY M 190 30.08 30.96 -30.58
N LEU M 191 28.92 31.54 -30.26
CA LEU M 191 28.34 31.35 -28.95
C LEU M 191 27.95 29.89 -28.70
N ILE M 192 27.40 29.23 -29.72
CA ILE M 192 27.01 27.83 -29.61
C ILE M 192 27.88 27.01 -30.55
N ASP M 193 27.71 25.68 -30.53
CA ASP M 193 28.49 24.77 -31.34
C ASP M 193 27.70 24.14 -32.47
N GLN M 194 26.51 23.60 -32.20
CA GLN M 194 25.70 22.99 -33.24
C GLN M 194 24.23 23.25 -32.94
N VAL M 195 23.41 23.12 -33.97
CA VAL M 195 21.97 23.36 -33.88
C VAL M 195 21.26 22.02 -34.01
N ILE M 196 20.52 21.64 -32.97
CA ILE M 196 19.71 20.44 -33.03
C ILE M 196 18.56 20.64 -34.02
N SER M 197 18.26 19.61 -34.80
CA SER M 197 17.13 19.64 -35.72
C SER M 197 16.02 18.70 -35.26
N THR M 198 16.32 17.44 -35.04
CA THR M 198 15.33 16.45 -34.59
C THR M 198 16.06 15.17 -34.21
N ARG M 199 15.38 14.34 -33.44
CA ARG M 199 15.87 13.00 -33.11
C ARG M 199 15.35 12.03 -34.17
N LYS M 200 16.24 11.61 -35.07
CA LYS M 200 15.87 10.75 -36.18
C LYS M 200 15.33 9.41 -35.70
N ASP N 24 -5.42 11.97 -7.66
CA ASP N 24 -5.88 12.99 -8.61
C ASP N 24 -5.92 12.44 -10.03
N PRO N 25 -6.91 12.87 -10.81
CA PRO N 25 -7.01 12.39 -12.20
C PRO N 25 -5.79 12.76 -13.05
N TYR N 26 -5.15 13.89 -12.77
CA TYR N 26 -4.02 14.32 -13.59
C TYR N 26 -2.88 13.32 -13.52
N ALA N 27 -2.60 12.79 -12.32
CA ALA N 27 -1.53 11.81 -12.18
C ALA N 27 -1.83 10.54 -12.96
N LYS N 28 -3.08 10.07 -12.92
CA LYS N 28 -3.45 8.90 -13.70
C LYS N 28 -3.28 9.15 -15.19
N LEU N 29 -3.84 10.25 -15.69
CA LEU N 29 -3.73 10.54 -17.11
C LEU N 29 -2.26 10.67 -17.53
N PHE N 30 -1.41 11.19 -16.65
CA PHE N 30 0.02 11.20 -16.93
C PHE N 30 0.57 9.78 -16.96
N GLU N 31 0.05 8.89 -16.12
CA GLU N 31 0.47 7.49 -16.15
C GLU N 31 0.15 6.86 -17.51
N GLU N 32 -1.02 7.17 -18.08
CA GLU N 32 -1.30 6.79 -19.46
C GLU N 32 -0.98 7.89 -20.46
N ARG N 33 0.05 8.70 -20.21
CA ARG N 33 0.66 9.58 -21.21
C ARG N 33 -0.34 10.61 -21.74
N VAL N 34 -0.74 11.50 -20.84
CA VAL N 34 -1.64 12.60 -21.17
C VAL N 34 -1.08 13.89 -20.60
N ILE N 35 -1.10 14.95 -21.40
CA ILE N 35 -0.65 16.27 -20.98
C ILE N 35 -1.76 17.28 -21.29
N PHE N 36 -2.21 18.01 -20.27
CA PHE N 36 -3.17 19.08 -20.46
C PHE N 36 -2.47 20.40 -20.75
N LEU N 37 -3.12 21.23 -21.56
CA LEU N 37 -2.72 22.61 -21.79
C LEU N 37 -3.98 23.46 -21.58
N GLY N 38 -4.25 23.80 -20.32
CA GLY N 38 -5.48 24.50 -19.97
C GLY N 38 -5.28 25.92 -19.51
N VAL N 39 -4.02 26.38 -19.49
CA VAL N 39 -3.68 27.73 -19.08
C VAL N 39 -3.06 28.45 -20.28
N GLN N 40 -2.81 29.74 -20.11
CA GLN N 40 -2.19 30.52 -21.17
C GLN N 40 -0.74 30.10 -21.35
N ILE N 41 -0.21 30.37 -22.53
CA ILE N 41 1.15 29.95 -22.88
C ILE N 41 2.14 30.98 -22.34
N ASP N 42 3.00 30.54 -21.43
CA ASP N 42 4.01 31.42 -20.85
C ASP N 42 5.22 30.57 -20.48
N ASP N 43 6.19 31.18 -19.80
CA ASP N 43 7.43 30.49 -19.50
C ASP N 43 7.20 29.29 -18.58
N ALA N 44 6.37 29.44 -17.56
CA ALA N 44 6.15 28.35 -16.61
C ALA N 44 5.46 27.17 -17.27
N SER N 45 4.38 27.43 -18.02
CA SER N 45 3.66 26.34 -18.67
C SER N 45 4.54 25.66 -19.71
N ALA N 46 5.29 26.43 -20.49
CA ALA N 46 6.18 25.84 -21.49
C ALA N 46 7.25 24.99 -20.82
N ASN N 47 7.81 25.47 -19.71
CA ASN N 47 8.84 24.72 -18.99
C ASN N 47 8.29 23.41 -18.45
N ASP N 48 7.08 23.46 -17.88
CA ASP N 48 6.44 22.23 -17.42
C ASP N 48 6.19 21.27 -18.56
N VAL N 49 5.76 21.79 -19.72
CA VAL N 49 5.55 20.96 -20.89
C VAL N 49 6.85 20.29 -21.30
N MET N 50 7.96 21.05 -21.29
CA MET N 50 9.28 20.47 -21.56
C MET N 50 9.56 19.30 -20.63
N ALA N 51 9.36 19.52 -19.33
CA ALA N 51 9.69 18.49 -18.36
C ALA N 51 8.87 17.22 -18.59
N GLN N 52 7.55 17.37 -18.74
CA GLN N 52 6.70 16.21 -18.94
C GLN N 52 7.01 15.50 -20.26
N LEU N 53 7.22 16.25 -21.34
CA LEU N 53 7.51 15.61 -22.62
C LEU N 53 8.82 14.84 -22.57
N LEU N 54 9.87 15.42 -21.99
CA LEU N 54 11.14 14.73 -21.90
C LEU N 54 11.02 13.48 -21.03
N CYS N 55 10.32 13.58 -19.89
CA CYS N 55 10.17 12.42 -19.03
C CYS N 55 9.36 11.32 -19.71
N LEU N 56 8.30 11.70 -20.43
CA LEU N 56 7.50 10.71 -21.14
C LEU N 56 8.31 10.01 -22.23
N GLU N 57 9.12 10.77 -22.96
CA GLU N 57 9.98 10.16 -23.97
C GLU N 57 10.99 9.21 -23.32
N SER N 58 11.58 9.62 -22.19
CA SER N 58 12.57 8.78 -21.54
C SER N 58 11.96 7.48 -21.02
N MET N 59 10.77 7.56 -20.41
CA MET N 59 10.15 6.36 -19.87
C MET N 59 9.79 5.37 -20.97
N ASP N 60 9.25 5.86 -22.09
CA ASP N 60 8.87 4.98 -23.18
C ASP N 60 8.92 5.73 -24.50
N PRO N 61 9.93 5.49 -25.33
CA PRO N 61 10.01 6.16 -26.64
C PRO N 61 9.24 5.47 -27.76
N ASP N 62 8.34 4.55 -27.45
CA ASP N 62 7.59 3.81 -28.46
C ASP N 62 6.13 4.18 -28.53
N ARG N 63 5.45 4.27 -27.38
CA ARG N 63 4.04 4.62 -27.37
C ARG N 63 3.84 6.11 -27.69
N ASP N 64 2.60 6.45 -28.02
CA ASP N 64 2.27 7.82 -28.38
C ASP N 64 2.19 8.71 -27.14
N ILE N 65 2.24 10.02 -27.39
CA ILE N 65 2.06 11.03 -26.36
C ILE N 65 0.91 11.92 -26.77
N SER N 66 -0.05 12.09 -25.87
CA SER N 66 -1.26 12.84 -26.15
C SER N 66 -1.19 14.21 -25.48
N VAL N 67 -1.53 15.26 -26.22
CA VAL N 67 -1.56 16.62 -25.71
C VAL N 67 -2.94 17.19 -25.97
N TYR N 68 -3.62 17.58 -24.91
CA TYR N 68 -4.95 18.17 -24.97
C TYR N 68 -4.85 19.65 -24.65
N ILE N 69 -5.37 20.49 -25.55
CA ILE N 69 -5.20 21.94 -25.45
C ILE N 69 -6.54 22.59 -25.18
N ASN N 70 -6.56 23.49 -24.19
CA ASN N 70 -7.70 24.34 -23.90
C ASN N 70 -7.23 25.76 -23.60
N SER N 71 -6.12 26.17 -24.24
CA SER N 71 -5.44 27.44 -24.01
C SER N 71 -6.08 28.56 -24.83
N PRO N 72 -6.05 29.80 -24.31
CA PRO N 72 -6.51 30.95 -25.08
C PRO N 72 -5.43 31.71 -25.83
N GLY N 73 -4.19 31.26 -25.78
CA GLY N 73 -3.07 31.95 -26.41
C GLY N 73 -1.90 32.11 -25.46
N GLY N 74 -0.91 32.88 -25.92
CA GLY N 74 0.24 33.14 -25.09
C GLY N 74 1.38 33.75 -25.89
N SER N 75 2.56 33.75 -25.28
CA SER N 75 3.73 34.38 -25.86
C SER N 75 4.29 33.56 -27.03
N PHE N 76 5.05 34.26 -27.89
CA PHE N 76 5.59 33.63 -29.08
C PHE N 76 6.84 32.80 -28.78
N THR N 77 7.65 33.23 -27.81
CA THR N 77 8.86 32.49 -27.48
C THR N 77 8.53 31.09 -26.97
N ALA N 78 7.55 30.99 -26.08
CA ALA N 78 7.11 29.68 -25.60
C ALA N 78 6.50 28.88 -26.75
N LEU N 79 5.80 29.54 -27.66
CA LEU N 79 5.30 28.89 -28.86
C LEU N 79 6.43 28.19 -29.62
N THR N 80 7.49 28.94 -29.93
CA THR N 80 8.60 28.38 -30.70
C THR N 80 9.30 27.27 -29.93
N ALA N 81 9.51 27.47 -28.64
CA ALA N 81 10.21 26.47 -27.84
C ALA N 81 9.41 25.17 -27.77
N ILE N 82 8.10 25.26 -27.53
CA ILE N 82 7.28 24.05 -27.44
C ILE N 82 7.19 23.37 -28.80
N TYR N 83 7.08 24.15 -29.88
CA TYR N 83 7.05 23.56 -31.21
C TYR N 83 8.33 22.81 -31.50
N ASP N 84 9.48 23.41 -31.17
CA ASP N 84 10.76 22.74 -31.38
C ASP N 84 10.87 21.47 -30.56
N THR N 85 10.41 21.51 -29.31
CA THR N 85 10.46 20.31 -28.46
C THR N 85 9.57 19.20 -29.02
N MET N 86 8.36 19.54 -29.49
CA MET N 86 7.49 18.52 -30.06
C MET N 86 8.11 17.92 -31.32
N GLN N 87 8.70 18.77 -32.17
CA GLN N 87 9.35 18.25 -33.37
C GLN N 87 10.52 17.35 -33.03
N TYR N 88 11.33 17.73 -32.05
CA TYR N 88 12.51 16.94 -31.69
C TYR N 88 12.12 15.59 -31.12
N VAL N 89 11.09 15.56 -30.27
CA VAL N 89 10.65 14.31 -29.64
C VAL N 89 10.15 13.37 -30.73
N LYS N 90 10.88 12.27 -30.94
CA LYS N 90 10.63 11.37 -32.07
C LYS N 90 9.35 10.54 -31.96
N PRO N 91 8.87 10.15 -30.78
CA PRO N 91 7.55 9.49 -30.73
C PRO N 91 6.47 10.41 -31.27
N ASP N 92 5.49 9.80 -31.96
CA ASP N 92 4.40 10.57 -32.54
C ASP N 92 3.56 11.20 -31.44
N VAL N 93 3.12 12.44 -31.68
CA VAL N 93 2.36 13.21 -30.70
C VAL N 93 0.98 13.49 -31.27
N GLN N 94 -0.04 13.09 -30.53
CA GLN N 94 -1.43 13.39 -30.88
C GLN N 94 -1.84 14.69 -30.21
N THR N 95 -2.62 15.50 -30.91
CA THR N 95 -3.12 16.77 -30.40
C THR N 95 -4.64 16.78 -30.46
N VAL N 96 -5.27 17.17 -29.36
CA VAL N 96 -6.73 17.22 -29.26
C VAL N 96 -7.14 18.60 -28.77
N CYS N 97 -7.97 19.28 -29.55
CA CYS N 97 -8.56 20.56 -29.18
C CYS N 97 -9.90 20.30 -28.51
N MET N 98 -9.98 20.58 -27.21
CA MET N 98 -11.18 20.24 -26.43
C MET N 98 -12.14 21.42 -26.34
N GLY N 99 -11.70 22.54 -25.77
CA GLY N 99 -12.58 23.67 -25.60
C GLY N 99 -12.40 24.77 -26.62
N GLN N 100 -11.16 25.14 -26.88
CA GLN N 100 -10.84 26.20 -27.84
C GLN N 100 -9.34 26.20 -28.10
N ALA N 101 -8.95 26.89 -29.17
CA ALA N 101 -7.54 27.01 -29.52
C ALA N 101 -7.37 28.35 -30.25
N ALA N 102 -6.80 29.33 -29.55
CA ALA N 102 -6.63 30.67 -30.07
C ALA N 102 -5.14 31.00 -30.19
N ALA N 103 -4.78 31.65 -31.30
CA ALA N 103 -3.41 32.09 -31.55
C ALA N 103 -2.42 30.92 -31.47
N ALA N 104 -1.55 30.94 -30.46
CA ALA N 104 -0.52 29.92 -30.34
C ALA N 104 -1.10 28.53 -30.15
N ALA N 105 -2.26 28.44 -29.49
CA ALA N 105 -2.88 27.14 -29.27
C ALA N 105 -3.25 26.48 -30.59
N ALA N 106 -3.70 27.27 -31.57
CA ALA N 106 -3.96 26.73 -32.90
C ALA N 106 -2.68 26.20 -33.52
N VAL N 107 -1.56 26.89 -33.32
CA VAL N 107 -0.30 26.44 -33.87
C VAL N 107 0.11 25.10 -33.27
N LEU N 108 -0.02 24.96 -31.94
CA LEU N 108 0.25 23.65 -31.35
C LEU N 108 -0.74 22.59 -31.83
N LEU N 109 -1.98 22.98 -32.11
CA LEU N 109 -2.95 22.03 -32.64
C LEU N 109 -2.49 21.51 -34.01
N ALA N 110 -1.98 22.40 -34.86
CA ALA N 110 -1.49 22.00 -36.17
C ALA N 110 -0.10 21.38 -36.12
N ALA N 111 0.61 21.48 -34.99
CA ALA N 111 1.98 21.00 -34.89
C ALA N 111 2.07 19.53 -34.51
N GLY N 112 0.95 18.83 -34.37
CA GLY N 112 0.97 17.44 -34.01
C GLY N 112 1.33 16.54 -35.17
N THR N 113 1.41 15.24 -34.87
CA THR N 113 1.71 14.25 -35.91
C THR N 113 0.58 14.24 -36.93
N PRO N 114 0.89 14.32 -38.23
CA PRO N 114 -0.17 14.33 -39.24
C PRO N 114 -1.02 13.07 -39.18
N GLY N 115 -2.32 13.25 -39.41
CA GLY N 115 -3.26 12.15 -39.32
C GLY N 115 -3.78 11.86 -37.94
N LYS N 116 -3.29 12.54 -36.92
CA LYS N 116 -3.71 12.32 -35.54
C LYS N 116 -3.96 13.64 -34.83
N ARG N 117 -4.69 14.53 -35.49
CA ARG N 117 -5.09 15.82 -34.93
C ARG N 117 -6.61 15.85 -34.86
N MET N 118 -7.14 16.07 -33.65
CA MET N 118 -8.56 15.89 -33.38
C MET N 118 -9.15 17.14 -32.73
N ALA N 119 -10.46 17.32 -32.90
CA ALA N 119 -11.17 18.42 -32.26
C ALA N 119 -12.58 17.96 -31.92
N LEU N 120 -13.09 18.47 -30.81
CA LEU N 120 -14.44 18.14 -30.36
C LEU N 120 -15.47 18.80 -31.27
N PRO N 121 -16.72 18.28 -31.28
CA PRO N 121 -17.75 18.85 -32.17
C PRO N 121 -17.99 20.33 -31.94
N ASN N 122 -18.34 20.71 -30.72
CA ASN N 122 -18.64 22.11 -30.39
C ASN N 122 -17.38 22.82 -29.88
N ALA N 123 -16.37 22.86 -30.74
CA ALA N 123 -15.11 23.54 -30.45
C ALA N 123 -14.85 24.60 -31.49
N ARG N 124 -13.92 25.50 -31.19
CA ARG N 124 -13.53 26.56 -32.10
C ARG N 124 -12.03 26.70 -32.14
N VAL N 125 -11.53 27.22 -33.26
CA VAL N 125 -10.11 27.53 -33.45
C VAL N 125 -10.01 28.97 -33.91
N LEU N 126 -9.18 29.76 -33.23
CA LEU N 126 -9.03 31.18 -33.52
C LEU N 126 -7.59 31.44 -33.97
N ILE N 127 -7.45 32.17 -35.08
CA ILE N 127 -6.15 32.51 -35.64
C ILE N 127 -6.12 34.00 -35.98
N HIS N 128 -5.01 34.64 -35.66
CA HIS N 128 -4.81 36.05 -35.98
C HIS N 128 -3.33 36.38 -35.88
N GLN N 129 -2.96 37.53 -36.43
CA GLN N 129 -1.56 37.96 -36.38
C GLN N 129 -1.18 38.34 -34.96
N PRO N 130 0.10 38.21 -34.61
CA PRO N 130 0.51 38.48 -33.22
C PRO N 130 0.29 39.94 -32.83
N TYR N 131 0.01 40.14 -31.55
CA TYR N 131 -0.15 41.45 -30.96
C TYR N 131 0.94 41.66 -29.92
N SER N 132 1.55 42.84 -29.93
CA SER N 132 2.63 43.14 -29.01
C SER N 132 2.73 44.63 -28.81
N GLU N 133 3.44 45.02 -27.74
CA GLU N 133 3.65 46.42 -27.40
C GLU N 133 5.11 46.63 -27.02
N THR N 134 5.56 47.87 -27.16
CA THR N 134 6.94 48.24 -26.84
C THR N 134 6.95 49.42 -25.88
N GLY N 135 7.97 49.47 -25.04
CA GLY N 135 8.12 50.55 -24.10
C GLY N 135 8.69 51.81 -24.72
N ARG N 136 8.77 52.86 -23.91
CA ARG N 136 9.31 54.13 -24.37
C ARG N 136 10.78 53.97 -24.72
N GLY N 137 11.19 54.57 -25.84
CA GLY N 137 12.58 54.45 -26.28
C GLY N 137 12.81 55.26 -27.53
N GLN N 138 14.07 55.27 -27.95
CA GLN N 138 14.47 56.01 -29.13
C GLN N 138 14.04 55.27 -30.40
N VAL N 139 14.21 55.96 -31.54
CA VAL N 139 13.71 55.44 -32.80
C VAL N 139 14.43 54.16 -33.21
N SER N 140 15.74 54.08 -32.96
CA SER N 140 16.50 52.90 -33.37
C SER N 140 16.03 51.65 -32.64
N ASP N 141 15.80 51.75 -31.34
CA ASP N 141 15.32 50.61 -30.58
C ASP N 141 13.93 50.18 -31.05
N LEU N 142 13.07 51.16 -31.36
CA LEU N 142 11.75 50.83 -31.89
C LEU N 142 11.84 50.14 -33.24
N GLU N 143 12.80 50.57 -34.08
CA GLU N 143 13.00 49.90 -35.36
C GLU N 143 13.47 48.46 -35.17
N ILE N 144 14.38 48.24 -34.23
CA ILE N 144 14.85 46.88 -33.96
C ILE N 144 13.69 46.01 -33.48
N ALA N 145 12.87 46.56 -32.58
CA ALA N 145 11.71 45.82 -32.08
C ALA N 145 10.72 45.53 -33.21
N ALA N 146 10.48 46.49 -34.09
CA ALA N 146 9.56 46.27 -35.20
C ALA N 146 10.09 45.22 -36.17
N ASN N 147 11.40 45.23 -36.42
CA ASN N 147 12.00 44.22 -37.28
C ASN N 147 11.84 42.83 -36.65
N GLU N 148 12.05 42.72 -35.34
CA GLU N 148 11.81 41.44 -34.67
C GLU N 148 10.34 41.04 -34.75
N ILE N 149 9.42 42.00 -34.62
CA ILE N 149 8.00 41.68 -34.69
C ILE N 149 7.64 41.15 -36.08
N LEU N 150 8.16 41.79 -37.12
CA LEU N 150 7.91 41.31 -38.47
C LEU N 150 8.52 39.94 -38.70
N ARG N 151 9.71 39.70 -38.14
CA ARG N 151 10.34 38.38 -38.27
C ARG N 151 9.50 37.31 -37.57
N MET N 152 8.98 37.62 -36.37
CA MET N 152 8.12 36.68 -35.68
C MET N 152 6.85 36.40 -36.47
N ARG N 153 6.25 37.44 -37.06
CA ARG N 153 5.05 37.25 -37.86
C ARG N 153 5.34 36.36 -39.07
N SER N 154 6.45 36.63 -39.77
CA SER N 154 6.81 35.83 -40.93
C SER N 154 7.05 34.37 -40.55
N GLN N 155 7.76 34.15 -39.45
CA GLN N 155 7.94 32.80 -38.95
C GLN N 155 6.60 32.15 -38.61
N LEU N 156 5.66 32.96 -38.11
CA LEU N 156 4.34 32.42 -37.77
C LEU N 156 3.60 31.93 -39.01
N GLU N 157 3.53 32.75 -40.06
CA GLU N 157 2.81 32.27 -41.25
C GLU N 157 3.56 31.14 -41.93
N ASP N 158 4.90 31.14 -41.87
CA ASP N 158 5.66 30.03 -42.44
C ASP N 158 5.34 28.74 -41.71
N MET N 159 5.31 28.79 -40.37
CA MET N 159 5.01 27.61 -39.58
C MET N 159 3.57 27.15 -39.79
N LEU N 160 2.65 28.10 -40.01
CA LEU N 160 1.28 27.74 -40.29
C LEU N 160 1.15 27.05 -41.65
N ALA N 161 1.81 27.60 -42.68
CA ALA N 161 1.75 26.99 -44.00
C ALA N 161 2.46 25.64 -44.03
N LYS N 162 3.47 25.44 -43.18
CA LYS N 162 4.16 24.16 -43.14
C LYS N 162 3.22 23.03 -42.74
N HIS N 163 2.36 23.27 -41.76
CA HIS N 163 1.47 22.24 -41.22
C HIS N 163 0.05 22.35 -41.74
N SER N 164 -0.19 23.17 -42.76
CA SER N 164 -1.52 23.31 -43.33
C SER N 164 -1.44 23.09 -44.84
N THR N 165 -2.60 22.76 -45.42
CA THR N 165 -2.70 22.48 -46.85
C THR N 165 -3.07 23.72 -47.66
N THR N 166 -3.21 24.87 -47.02
CA THR N 166 -3.59 26.09 -47.69
C THR N 166 -2.36 26.84 -48.21
N PRO N 167 -2.51 27.62 -49.28
CA PRO N 167 -1.39 28.43 -49.76
C PRO N 167 -0.99 29.49 -48.75
N VAL N 168 0.29 29.86 -48.77
CA VAL N 168 0.80 30.81 -47.78
C VAL N 168 0.18 32.19 -47.98
N GLU N 169 -0.14 32.56 -49.22
CA GLU N 169 -0.78 33.85 -49.46
C GLU N 169 -2.15 33.91 -48.81
N LYS N 170 -2.91 32.81 -48.89
CA LYS N 170 -4.22 32.77 -48.24
C LYS N 170 -4.10 32.93 -46.73
N ILE N 171 -3.10 32.27 -46.13
CA ILE N 171 -2.87 32.42 -44.69
C ILE N 171 -2.50 33.87 -44.36
N ARG N 172 -1.63 34.47 -45.16
CA ARG N 172 -1.22 35.85 -44.90
C ARG N 172 -2.40 36.80 -44.97
N GLU N 173 -3.30 36.59 -45.94
CA GLU N 173 -4.46 37.47 -46.05
C GLU N 173 -5.48 37.18 -44.96
N ASP N 174 -5.59 35.93 -44.52
CA ASP N 174 -6.62 35.58 -43.54
C ASP N 174 -6.22 36.01 -42.13
N ILE N 175 -4.94 35.94 -41.79
CA ILE N 175 -4.51 36.24 -40.42
C ILE N 175 -4.31 37.73 -40.23
N GLU N 176 -4.73 38.53 -41.22
CA GLU N 176 -4.68 39.98 -41.06
C GLU N 176 -5.54 40.44 -39.89
N ARG N 177 -6.71 39.84 -39.75
CA ARG N 177 -7.58 40.04 -38.60
C ARG N 177 -7.93 38.69 -38.00
N ASP N 178 -8.67 38.72 -36.89
CA ASP N 178 -9.04 37.49 -36.21
C ASP N 178 -9.96 36.63 -37.08
N LYS N 179 -9.86 35.32 -36.90
CA LYS N 179 -10.61 34.37 -37.71
C LYS N 179 -10.98 33.18 -36.83
N ILE N 180 -12.27 32.89 -36.73
CA ILE N 180 -12.80 31.82 -35.89
C ILE N 180 -13.41 30.76 -36.79
N LEU N 181 -13.00 29.51 -36.60
CA LEU N 181 -13.47 28.39 -37.40
C LEU N 181 -14.00 27.29 -36.49
N THR N 182 -15.07 26.63 -36.93
CA THR N 182 -15.63 25.50 -36.19
C THR N 182 -14.75 24.27 -36.42
N ALA N 183 -15.16 23.13 -35.88
CA ALA N 183 -14.40 21.90 -36.06
C ALA N 183 -14.37 21.47 -37.52
N GLU N 184 -15.53 21.51 -38.19
CA GLU N 184 -15.57 21.15 -39.60
C GLU N 184 -14.82 22.16 -40.47
N ASP N 185 -14.91 23.45 -40.11
CA ASP N 185 -14.15 24.46 -40.84
C ASP N 185 -12.64 24.26 -40.66
N ALA N 186 -12.22 23.90 -39.45
CA ALA N 186 -10.81 23.60 -39.22
C ALA N 186 -10.37 22.37 -39.99
N LEU N 187 -11.23 21.36 -40.06
CA LEU N 187 -10.91 20.16 -40.84
C LEU N 187 -10.76 20.49 -42.32
N SER N 188 -11.66 21.32 -42.85
CA SER N 188 -11.55 21.74 -44.25
C SER N 188 -10.30 22.59 -44.47
N TYR N 189 -9.93 23.40 -43.48
CA TYR N 189 -8.76 24.27 -43.60
C TYR N 189 -7.45 23.51 -43.45
N GLY N 190 -7.47 22.30 -42.90
CA GLY N 190 -6.26 21.51 -42.73
C GLY N 190 -5.65 21.54 -41.34
N LEU N 191 -6.32 22.14 -40.36
CA LEU N 191 -5.75 22.22 -39.01
C LEU N 191 -5.81 20.86 -38.32
N ILE N 192 -6.85 20.08 -38.57
CA ILE N 192 -7.06 18.81 -37.91
C ILE N 192 -7.28 17.74 -38.96
N ASP N 193 -7.53 16.50 -38.50
CA ASP N 193 -7.71 15.37 -39.40
C ASP N 193 -9.04 14.68 -39.17
N GLN N 194 -9.46 14.59 -37.91
CA GLN N 194 -10.72 13.93 -37.57
C GLN N 194 -11.51 14.82 -36.62
N VAL N 195 -12.84 14.77 -36.75
CA VAL N 195 -13.76 15.47 -35.87
C VAL N 195 -14.51 14.41 -35.07
N ILE N 196 -14.31 14.40 -33.75
CA ILE N 196 -14.94 13.40 -32.91
C ILE N 196 -16.45 13.59 -32.91
N SER N 197 -17.18 12.48 -32.84
CA SER N 197 -18.63 12.51 -32.76
C SER N 197 -19.14 11.95 -31.43
N THR N 198 -18.80 10.70 -31.12
CA THR N 198 -19.22 10.04 -29.89
C THR N 198 -18.53 8.69 -29.83
N ARG N 199 -18.69 8.01 -28.68
CA ARG N 199 -18.21 6.65 -28.50
C ARG N 199 -19.44 5.75 -28.56
N LYS N 200 -19.61 5.09 -29.71
CA LYS N 200 -20.80 4.27 -29.97
C LYS N 200 -20.93 3.14 -28.95
N SER O 44 -3.45 -88.70 -30.83
CA SER O 44 -3.23 -87.56 -29.95
C SER O 44 -4.12 -87.62 -28.72
N LEU O 45 -4.14 -88.78 -28.07
CA LEU O 45 -4.94 -88.95 -26.86
C LEU O 45 -4.44 -88.05 -25.73
N VAL O 46 -3.12 -87.92 -25.61
CA VAL O 46 -2.56 -87.08 -24.54
C VAL O 46 -2.97 -85.63 -24.73
N LEU O 47 -2.97 -85.14 -25.97
CA LEU O 47 -3.45 -83.78 -26.23
C LEU O 47 -4.93 -83.65 -25.92
N ASP O 48 -5.73 -84.65 -26.29
CA ASP O 48 -7.15 -84.64 -25.96
C ASP O 48 -7.39 -84.72 -24.46
N GLN O 49 -6.40 -85.15 -23.69
CA GLN O 49 -6.53 -85.19 -22.24
C GLN O 49 -6.18 -83.86 -21.57
N PHE O 50 -5.29 -83.07 -22.16
CA PHE O 50 -4.84 -81.82 -21.58
C PHE O 50 -4.94 -80.69 -22.59
N GLY O 51 -6.07 -80.58 -23.29
CA GLY O 51 -6.24 -79.49 -24.24
C GLY O 51 -7.57 -79.63 -24.94
N ARG O 52 -7.83 -78.66 -25.83
CA ARG O 52 -9.03 -78.66 -26.64
C ARG O 52 -8.66 -78.49 -28.10
N ASN O 53 -9.41 -79.15 -28.98
CA ASN O 53 -9.15 -79.10 -30.42
C ASN O 53 -10.04 -78.04 -31.05
N LEU O 54 -9.44 -76.93 -31.47
CA LEU O 54 -10.22 -75.87 -32.10
C LEU O 54 -10.65 -76.23 -33.52
N THR O 55 -9.75 -76.85 -34.29
CA THR O 55 -10.08 -77.19 -35.67
C THR O 55 -11.20 -78.23 -35.74
N GLN O 56 -11.06 -79.31 -34.96
CA GLN O 56 -12.07 -80.35 -34.96
C GLN O 56 -13.41 -79.79 -34.50
N ALA O 57 -13.40 -78.96 -33.46
CA ALA O 57 -14.64 -78.34 -32.99
C ALA O 57 -15.25 -77.46 -34.06
N ALA O 58 -14.40 -76.73 -34.79
CA ALA O 58 -14.91 -75.91 -35.90
C ALA O 58 -15.50 -76.76 -37.01
N ARG O 59 -15.06 -78.02 -37.12
CA ARG O 59 -15.60 -78.89 -38.16
C ARG O 59 -17.10 -79.14 -37.95
N GLU O 60 -17.54 -79.32 -36.71
CA GLU O 60 -18.98 -79.41 -36.47
C GLU O 60 -19.66 -78.05 -36.44
N SER O 61 -18.90 -76.97 -36.56
CA SER O 61 -19.43 -75.60 -36.57
C SER O 61 -20.18 -75.28 -35.28
N LYS O 62 -19.56 -75.63 -34.16
CA LYS O 62 -20.02 -75.20 -32.84
C LYS O 62 -19.39 -73.88 -32.41
N LEU O 63 -18.89 -73.11 -33.37
CA LEU O 63 -18.09 -71.91 -33.11
C LEU O 63 -18.76 -70.70 -33.75
N ASP O 64 -18.78 -69.59 -33.02
CA ASP O 64 -19.41 -68.38 -33.53
C ASP O 64 -18.61 -67.81 -34.69
N PRO O 65 -19.28 -67.26 -35.70
CA PRO O 65 -18.56 -66.68 -36.83
C PRO O 65 -17.80 -65.42 -36.45
N VAL O 66 -16.75 -65.14 -37.21
CA VAL O 66 -15.90 -63.97 -37.02
C VAL O 66 -16.02 -63.09 -38.26
N ILE O 67 -16.35 -61.81 -38.05
CA ILE O 67 -16.64 -60.88 -39.14
C ILE O 67 -15.70 -59.69 -39.02
N GLY O 68 -15.07 -59.34 -40.13
CA GLY O 68 -14.26 -58.13 -40.20
C GLY O 68 -12.86 -58.24 -39.65
N ARG O 69 -12.39 -59.44 -39.31
CA ARG O 69 -11.06 -59.64 -38.76
C ARG O 69 -10.12 -60.25 -39.78
N GLU O 70 -10.32 -59.94 -41.07
CA GLU O 70 -9.46 -60.51 -42.10
C GLU O 70 -8.02 -60.01 -41.98
N LYS O 71 -7.84 -58.72 -41.70
CA LYS O 71 -6.50 -58.17 -41.62
C LYS O 71 -5.71 -58.77 -40.45
N GLU O 72 -6.36 -58.93 -39.30
CA GLU O 72 -5.66 -59.49 -38.14
C GLU O 72 -5.28 -60.95 -38.37
N ILE O 73 -6.18 -61.74 -38.97
CA ILE O 73 -5.86 -63.13 -39.26
C ILE O 73 -4.73 -63.20 -40.28
N GLU O 74 -4.77 -62.32 -41.28
CA GLU O 74 -3.69 -62.28 -42.26
C GLU O 74 -2.37 -61.95 -41.61
N ARG O 75 -2.36 -60.98 -40.68
CA ARG O 75 -1.13 -60.63 -39.97
C ARG O 75 -0.63 -61.80 -39.12
N VAL O 76 -1.56 -62.52 -38.48
CA VAL O 76 -1.17 -63.69 -37.70
C VAL O 76 -0.49 -64.73 -38.59
N MET O 77 -1.08 -65.00 -39.76
CA MET O 77 -0.46 -65.95 -40.67
C MET O 77 0.89 -65.45 -41.19
N GLN O 78 0.99 -64.14 -41.42
CA GLN O 78 2.26 -63.55 -41.86
C GLN O 78 3.36 -63.78 -40.83
N VAL O 79 3.05 -63.51 -39.57
CA VAL O 79 4.04 -63.69 -38.51
C VAL O 79 4.35 -65.17 -38.33
N LEU O 80 3.35 -66.03 -38.51
CA LEU O 80 3.54 -67.46 -38.29
C LEU O 80 4.51 -68.08 -39.29
N SER O 81 4.66 -67.45 -40.46
CA SER O 81 5.50 -68.00 -41.53
C SER O 81 6.84 -67.27 -41.65
N ARG O 82 7.42 -66.86 -40.53
CA ARG O 82 8.72 -66.22 -40.51
C ARG O 82 9.80 -67.27 -40.24
N ARG O 83 11.06 -66.80 -40.18
CA ARG O 83 12.19 -67.67 -39.85
C ARG O 83 12.62 -67.52 -38.40
N THR O 84 12.69 -66.29 -37.90
CA THR O 84 12.99 -66.01 -36.51
C THR O 84 11.91 -65.13 -35.93
N LYS O 85 11.66 -65.30 -34.63
CA LYS O 85 10.58 -64.58 -33.93
C LYS O 85 9.24 -64.81 -34.62
N ASN O 86 8.92 -66.07 -34.86
CA ASN O 86 7.70 -66.47 -35.56
C ASN O 86 6.57 -66.85 -34.62
N ASN O 87 6.57 -66.30 -33.41
CA ASN O 87 5.54 -66.59 -32.42
C ASN O 87 4.68 -65.35 -32.20
N PRO O 88 3.40 -65.37 -32.59
CA PRO O 88 2.56 -64.17 -32.44
C PRO O 88 1.83 -64.13 -31.11
N VAL O 89 1.71 -62.91 -30.58
CA VAL O 89 0.94 -62.66 -29.36
C VAL O 89 -0.03 -61.52 -29.64
N LEU O 90 -1.28 -61.71 -29.22
CA LEU O 90 -2.34 -60.73 -29.43
C LEU O 90 -2.64 -60.04 -28.11
N ILE O 91 -2.53 -58.72 -28.11
CA ILE O 91 -2.75 -57.90 -26.92
C ILE O 91 -3.79 -56.85 -27.24
N GLY O 92 -4.78 -56.70 -26.37
CA GLY O 92 -5.83 -55.71 -26.57
C GLY O 92 -6.64 -55.55 -25.31
N GLU O 93 -7.61 -54.65 -25.38
CA GLU O 93 -8.49 -54.42 -24.25
C GLU O 93 -9.40 -55.64 -24.04
N PRO O 94 -9.86 -55.87 -22.80
CA PRO O 94 -10.71 -57.04 -22.54
C PRO O 94 -12.04 -56.92 -23.26
N GLY O 95 -12.36 -57.91 -24.10
CA GLY O 95 -13.62 -57.96 -24.80
C GLY O 95 -13.56 -57.57 -26.26
N VAL O 96 -12.42 -57.05 -26.74
CA VAL O 96 -12.34 -56.60 -28.13
C VAL O 96 -12.32 -57.74 -29.13
N GLY O 97 -12.12 -58.98 -28.67
CA GLY O 97 -12.17 -60.11 -29.57
C GLY O 97 -10.82 -60.71 -29.89
N LYS O 98 -9.91 -60.72 -28.91
CA LYS O 98 -8.60 -61.33 -29.13
C LYS O 98 -8.73 -62.83 -29.37
N THR O 99 -9.59 -63.51 -28.61
CA THR O 99 -9.85 -64.92 -28.86
C THR O 99 -10.57 -65.12 -30.19
N ALA O 100 -11.40 -64.16 -30.59
CA ALA O 100 -12.13 -64.28 -31.85
C ALA O 100 -11.19 -64.34 -33.04
N VAL O 101 -10.01 -63.72 -32.95
CA VAL O 101 -9.05 -63.79 -34.04
C VAL O 101 -8.57 -65.23 -34.24
N VAL O 102 -8.23 -65.92 -33.16
CA VAL O 102 -7.82 -67.31 -33.25
C VAL O 102 -9.01 -68.18 -33.69
N GLU O 103 -10.21 -67.83 -33.24
CA GLU O 103 -11.40 -68.56 -33.67
C GLU O 103 -11.57 -68.48 -35.18
N GLY O 104 -11.43 -67.27 -35.73
CA GLY O 104 -11.53 -67.09 -37.17
C GLY O 104 -10.39 -67.76 -37.92
N LEU O 105 -9.20 -67.78 -37.33
CA LEU O 105 -8.09 -68.51 -37.95
C LEU O 105 -8.40 -70.00 -38.03
N ALA O 106 -8.95 -70.56 -36.96
CA ALA O 106 -9.36 -71.98 -37.00
C ALA O 106 -10.43 -72.20 -38.06
N GLN O 107 -11.40 -71.30 -38.14
CA GLN O 107 -12.46 -71.43 -39.14
C GLN O 107 -11.89 -71.38 -40.55
N ALA O 108 -10.91 -70.50 -40.78
CA ALA O 108 -10.27 -70.42 -42.10
C ALA O 108 -9.50 -71.69 -42.40
N ILE O 109 -8.79 -72.24 -41.41
CA ILE O 109 -8.02 -73.46 -41.65
C ILE O 109 -8.95 -74.62 -42.00
N VAL O 110 -10.03 -74.79 -41.24
CA VAL O 110 -10.94 -75.90 -41.51
C VAL O 110 -11.67 -75.69 -42.83
N LYS O 111 -12.00 -74.43 -43.18
CA LYS O 111 -12.71 -74.17 -44.42
C LYS O 111 -11.79 -74.27 -45.64
N GLY O 112 -10.53 -73.86 -45.51
CA GLY O 112 -9.57 -74.04 -46.58
C GLY O 112 -9.19 -72.78 -47.34
N GLU O 113 -9.02 -71.67 -46.63
CA GLU O 113 -8.59 -70.40 -47.22
C GLU O 113 -7.23 -69.97 -46.68
N VAL O 114 -6.36 -70.92 -46.40
CA VAL O 114 -5.04 -70.62 -45.82
C VAL O 114 -3.96 -70.92 -46.85
N PRO O 115 -2.78 -70.32 -46.74
CA PRO O 115 -1.70 -70.64 -47.67
C PRO O 115 -1.27 -72.10 -47.55
N GLU O 116 -0.60 -72.58 -48.60
CA GLU O 116 -0.22 -74.00 -48.66
C GLU O 116 0.76 -74.39 -47.57
N THR O 117 1.42 -73.43 -46.93
CA THR O 117 2.36 -73.76 -45.86
C THR O 117 1.64 -74.38 -44.67
N LEU O 118 0.40 -73.96 -44.40
CA LEU O 118 -0.39 -74.51 -43.30
C LEU O 118 -1.31 -75.64 -43.76
N LYS O 119 -2.22 -75.34 -44.70
CA LYS O 119 -3.21 -76.30 -45.18
C LYS O 119 -3.97 -76.94 -44.03
N ASP O 120 -3.59 -78.16 -43.66
CA ASP O 120 -4.26 -78.90 -42.60
C ASP O 120 -3.37 -78.87 -41.36
N LYS O 121 -3.54 -77.83 -40.55
CA LYS O 121 -2.88 -77.72 -39.25
C LYS O 121 -3.95 -77.71 -38.16
N HIS O 122 -3.60 -78.25 -37.00
CA HIS O 122 -4.54 -78.39 -35.90
C HIS O 122 -4.20 -77.38 -34.81
N LEU O 123 -5.12 -76.45 -34.56
CA LEU O 123 -5.01 -75.52 -33.44
C LEU O 123 -5.48 -76.22 -32.18
N TYR O 124 -4.56 -76.44 -31.24
CA TYR O 124 -4.89 -77.00 -29.94
C TYR O 124 -4.74 -75.93 -28.88
N THR O 125 -5.82 -75.65 -28.17
CA THR O 125 -5.80 -74.71 -27.05
C THR O 125 -5.32 -75.46 -25.82
N LEU O 126 -4.21 -74.99 -25.25
CA LEU O 126 -3.66 -75.60 -24.05
C LEU O 126 -4.58 -75.36 -22.85
N ASP O 127 -4.63 -76.35 -21.96
CA ASP O 127 -5.50 -76.31 -20.78
C ASP O 127 -4.64 -76.43 -19.54
N LEU O 128 -4.16 -75.29 -19.03
CA LEU O 128 -3.47 -75.28 -17.76
C LEU O 128 -4.46 -75.56 -16.63
N GLY O 129 -3.94 -76.08 -15.53
CA GLY O 129 -4.76 -76.56 -14.43
C GLY O 129 -5.07 -78.04 -14.56
N ALA O 130 -5.46 -78.46 -15.76
CA ALA O 130 -5.57 -79.89 -16.03
C ALA O 130 -4.22 -80.58 -15.97
N LEU O 131 -3.17 -79.89 -16.43
CA LEU O 131 -1.82 -80.42 -16.30
C LEU O 131 -1.41 -80.53 -14.83
N VAL O 132 -1.79 -79.55 -14.01
CA VAL O 132 -1.41 -79.52 -12.61
C VAL O 132 -2.36 -80.33 -11.74
N ALA O 133 -3.50 -80.78 -12.29
CA ALA O 133 -4.57 -81.35 -11.49
C ALA O 133 -4.14 -82.59 -10.70
N GLY O 134 -3.06 -83.26 -11.09
CA GLY O 134 -2.67 -84.47 -10.40
C GLY O 134 -1.19 -84.59 -10.12
N SER O 135 -0.46 -83.47 -10.21
CA SER O 135 1.00 -83.48 -10.03
C SER O 135 1.34 -83.36 -8.54
N ARG O 136 1.21 -84.48 -7.84
CA ARG O 136 1.52 -84.54 -6.42
C ARG O 136 2.69 -85.45 -6.09
N TYR O 137 2.93 -86.50 -6.87
CA TYR O 137 3.99 -87.46 -6.58
C TYR O 137 5.29 -87.03 -7.25
N ARG O 138 6.29 -87.92 -7.20
CA ARG O 138 7.58 -87.67 -7.80
C ARG O 138 7.49 -87.73 -9.32
N GLY O 139 7.91 -86.67 -9.98
CA GLY O 139 7.93 -86.66 -11.43
C GLY O 139 6.55 -86.77 -12.05
N ASP O 140 5.73 -85.72 -11.92
CA ASP O 140 4.38 -85.78 -12.45
C ASP O 140 4.06 -84.64 -13.40
N PHE O 141 4.54 -83.43 -13.10
CA PHE O 141 4.26 -82.26 -13.93
C PHE O 141 5.27 -82.08 -15.06
N GLU O 142 6.56 -82.15 -14.72
CA GLU O 142 7.60 -82.03 -15.74
C GLU O 142 7.49 -83.15 -16.77
N GLU O 143 7.22 -84.37 -16.31
CA GLU O 143 7.08 -85.49 -17.25
C GLU O 143 5.87 -85.29 -18.15
N ARG O 144 4.75 -84.81 -17.60
CA ARG O 144 3.58 -84.55 -18.43
C ARG O 144 3.88 -83.51 -19.49
N LEU O 145 4.53 -82.41 -19.10
CA LEU O 145 4.80 -81.34 -20.05
C LEU O 145 5.81 -81.78 -21.11
N LYS O 146 6.84 -82.53 -20.72
CA LYS O 146 7.79 -83.05 -21.68
C LYS O 146 7.12 -84.03 -22.64
N LYS O 147 6.23 -84.88 -22.10
CA LYS O 147 5.54 -85.85 -22.95
C LYS O 147 4.66 -85.15 -23.98
N VAL O 148 3.89 -84.15 -23.55
CA VAL O 148 3.01 -83.47 -24.48
C VAL O 148 3.82 -82.71 -25.54
N LEU O 149 4.91 -82.05 -25.11
CA LEU O 149 5.72 -81.32 -26.08
C LEU O 149 6.38 -82.28 -27.07
N LYS O 150 6.86 -83.44 -26.60
CA LYS O 150 7.45 -84.42 -27.48
C LYS O 150 6.42 -84.98 -28.46
N GLU O 151 5.18 -85.19 -28.00
CA GLU O 151 4.14 -85.67 -28.88
C GLU O 151 3.83 -84.63 -29.96
N ILE O 152 3.82 -83.35 -29.58
CA ILE O 152 3.63 -82.28 -30.55
C ILE O 152 4.75 -82.30 -31.58
N ARG O 153 5.99 -82.45 -31.12
CA ARG O 153 7.13 -82.50 -32.04
C ARG O 153 7.01 -83.69 -32.98
N THR O 154 6.58 -84.84 -32.47
CA THR O 154 6.45 -86.04 -33.30
C THR O 154 5.38 -85.84 -34.37
N ARG O 155 4.21 -85.31 -33.98
CA ARG O 155 3.14 -85.11 -34.95
C ARG O 155 3.52 -84.08 -36.00
N GLY O 156 4.12 -82.96 -35.57
CA GLY O 156 4.56 -81.94 -36.50
C GLY O 156 3.44 -81.02 -36.95
N ASP O 157 2.28 -81.58 -37.30
CA ASP O 157 1.16 -80.79 -37.80
C ASP O 157 0.24 -80.34 -36.67
N ILE O 158 0.81 -79.76 -35.62
CA ILE O 158 0.05 -79.24 -34.48
C ILE O 158 0.60 -77.87 -34.12
N ILE O 159 -0.30 -76.93 -33.83
CA ILE O 159 0.08 -75.60 -33.39
C ILE O 159 -0.72 -75.25 -32.15
N LEU O 160 -0.05 -74.67 -31.16
CA LEU O 160 -0.60 -74.49 -29.83
C LEU O 160 -1.09 -73.06 -29.63
N PHE O 161 -2.13 -72.92 -28.80
CA PHE O 161 -2.71 -71.63 -28.45
C PHE O 161 -2.78 -71.52 -26.93
N ILE O 162 -2.22 -70.45 -26.39
CA ILE O 162 -2.23 -70.17 -24.96
C ILE O 162 -3.01 -68.90 -24.73
N ASP O 163 -4.12 -69.00 -23.99
CA ASP O 163 -5.02 -67.88 -23.78
C ASP O 163 -4.56 -66.93 -22.70
N ALA O 164 -3.52 -67.27 -21.94
CA ALA O 164 -3.00 -66.38 -20.91
C ALA O 164 -1.51 -66.68 -20.73
N LEU O 165 -0.66 -65.87 -21.39
CA LEU O 165 0.77 -66.05 -21.24
C LEU O 165 1.27 -65.56 -19.88
N HIS O 166 0.60 -64.55 -19.31
CA HIS O 166 1.02 -64.06 -18.00
C HIS O 166 0.88 -65.11 -16.91
N THR O 167 0.00 -66.10 -17.09
CA THR O 167 -0.12 -67.20 -16.15
C THR O 167 0.91 -68.29 -16.39
N LEU O 168 1.66 -68.22 -17.50
CA LEU O 168 2.63 -69.27 -17.80
C LEU O 168 3.87 -69.18 -16.91
N VAL O 169 4.18 -68.01 -16.36
CA VAL O 169 5.36 -67.85 -15.53
C VAL O 169 5.06 -68.35 -14.11
N GLY O 170 5.33 -69.64 -13.90
CA GLY O 170 5.05 -70.28 -12.64
C GLY O 170 3.75 -71.05 -12.68
N ALA O 171 3.83 -72.35 -12.91
CA ALA O 171 2.64 -73.21 -12.98
C ALA O 171 2.65 -74.31 -11.94
N GLY O 172 3.76 -75.04 -11.81
CA GLY O 172 3.84 -76.12 -10.84
C GLY O 172 5.02 -75.97 -9.91
N ALA O 173 5.48 -74.74 -9.70
CA ALA O 173 6.68 -74.48 -8.91
C ALA O 173 6.52 -75.01 -7.49
N ALA O 174 7.58 -75.61 -6.98
CA ALA O 174 7.60 -76.22 -5.66
C ALA O 174 9.03 -76.12 -5.13
N GLU O 175 9.35 -76.94 -4.11
CA GLU O 175 10.72 -77.00 -3.62
C GLU O 175 11.71 -77.24 -4.74
N GLY O 176 11.36 -78.11 -5.69
CA GLY O 176 12.09 -78.22 -6.93
C GLY O 176 11.31 -77.54 -8.03
N ALA O 177 10.88 -78.31 -9.04
CA ALA O 177 9.83 -77.90 -9.97
C ALA O 177 10.19 -76.57 -10.66
N ILE O 178 11.21 -76.66 -11.51
CA ILE O 178 11.80 -75.52 -12.20
C ILE O 178 10.76 -74.60 -12.84
N ASP O 179 9.55 -75.14 -13.07
CA ASP O 179 8.28 -74.56 -13.54
C ASP O 179 8.12 -74.74 -15.05
N ALA O 180 6.93 -74.40 -15.57
CA ALA O 180 6.63 -74.65 -16.97
C ALA O 180 7.33 -73.64 -17.89
N ALA O 181 7.49 -72.39 -17.42
CA ALA O 181 8.12 -71.38 -18.26
C ALA O 181 9.55 -71.74 -18.61
N SER O 182 10.31 -72.22 -17.61
CA SER O 182 11.69 -72.64 -17.88
C SER O 182 11.74 -73.84 -18.81
N ILE O 183 10.78 -74.76 -18.70
CA ILE O 183 10.74 -75.89 -19.60
C ILE O 183 10.45 -75.44 -21.03
N LEU O 184 9.53 -74.49 -21.19
CA LEU O 184 9.18 -74.00 -22.53
C LEU O 184 10.24 -73.10 -23.14
N LYS O 185 11.07 -72.46 -22.32
CA LYS O 185 12.04 -71.49 -22.82
C LYS O 185 13.03 -72.01 -23.87
N PRO O 186 13.72 -73.16 -23.66
CA PRO O 186 14.82 -73.51 -24.57
C PRO O 186 14.37 -73.84 -25.99
N MET O 187 13.40 -74.74 -26.15
CA MET O 187 12.96 -75.09 -27.51
C MET O 187 12.16 -73.95 -28.14
N LEU O 188 11.56 -73.07 -27.34
CA LEU O 188 10.95 -71.87 -27.90
C LEU O 188 12.02 -70.94 -28.47
N ALA O 189 13.15 -70.80 -27.76
CA ALA O 189 14.25 -70.02 -28.29
C ALA O 189 14.88 -70.68 -29.51
N ARG O 190 14.91 -72.01 -29.54
CA ARG O 190 15.47 -72.74 -30.68
C ARG O 190 14.61 -72.64 -31.93
N GLY O 191 13.39 -72.13 -31.82
CA GLY O 191 12.51 -72.00 -32.96
C GLY O 191 12.04 -73.32 -33.54
N GLU O 192 11.77 -74.31 -32.68
CA GLU O 192 11.26 -75.60 -33.10
C GLU O 192 9.85 -75.85 -32.55
N LEU O 193 9.12 -74.78 -32.26
CA LEU O 193 7.75 -74.88 -31.77
C LEU O 193 7.02 -73.59 -32.10
N GLN O 194 5.82 -73.72 -32.65
CA GLN O 194 5.01 -72.59 -33.05
C GLN O 194 3.82 -72.47 -32.10
N THR O 195 3.74 -71.34 -31.40
CA THR O 195 2.66 -71.09 -30.45
C THR O 195 2.11 -69.69 -30.66
N ILE O 196 0.81 -69.55 -30.39
CA ILE O 196 0.11 -68.26 -30.46
C ILE O 196 -0.40 -67.93 -29.07
N GLY O 197 -0.03 -66.75 -28.58
CA GLY O 197 -0.40 -66.31 -27.24
C GLY O 197 -1.41 -65.19 -27.27
N ALA O 198 -2.23 -65.13 -26.24
CA ALA O 198 -3.23 -64.06 -26.10
C ALA O 198 -3.15 -63.48 -24.70
N THR O 199 -2.95 -62.17 -24.61
CA THR O 199 -2.96 -61.45 -23.33
C THR O 199 -3.60 -60.09 -23.55
N THR O 200 -3.65 -59.30 -22.49
CA THR O 200 -4.12 -57.93 -22.56
C THR O 200 -2.95 -56.98 -22.32
N LEU O 201 -3.24 -55.68 -22.44
CA LEU O 201 -2.18 -54.68 -22.33
C LEU O 201 -1.57 -54.67 -20.93
N ASP O 202 -2.40 -54.76 -19.89
CA ASP O 202 -1.90 -54.62 -18.53
C ASP O 202 -0.98 -55.77 -18.15
N GLU O 203 -1.42 -57.00 -18.37
CA GLU O 203 -0.57 -58.15 -18.05
C GLU O 203 0.67 -58.23 -18.94
N TYR O 204 0.54 -57.81 -20.21
CA TYR O 204 1.72 -57.77 -21.07
C TYR O 204 2.76 -56.79 -20.54
N ARG O 205 2.32 -55.61 -20.10
CA ARG O 205 3.24 -54.64 -19.54
C ARG O 205 3.77 -55.09 -18.19
N LYS O 206 2.99 -55.87 -17.44
CA LYS O 206 3.35 -56.21 -16.08
C LYS O 206 4.31 -57.40 -16.03
N HIS O 207 3.90 -58.53 -16.58
CA HIS O 207 4.69 -59.76 -16.49
C HIS O 207 5.64 -59.95 -17.66
N LEU O 208 5.10 -59.97 -18.88
CA LEU O 208 5.92 -60.31 -20.05
C LEU O 208 6.94 -59.23 -20.37
N GLU O 209 6.61 -57.96 -20.12
CA GLU O 209 7.53 -56.89 -20.47
C GLU O 209 8.80 -56.92 -19.63
N LYS O 210 8.71 -57.40 -18.39
CA LYS O 210 9.88 -57.43 -17.52
C LYS O 210 10.96 -58.35 -18.08
N ASP O 211 10.58 -59.53 -18.56
CA ASP O 211 11.54 -60.51 -19.06
C ASP O 211 11.90 -60.18 -20.50
N ALA O 212 13.17 -59.84 -20.75
CA ALA O 212 13.61 -59.55 -22.10
C ALA O 212 13.63 -60.79 -22.98
N ALA O 213 13.97 -61.95 -22.41
CA ALA O 213 14.05 -63.17 -23.21
C ALA O 213 12.67 -63.55 -23.77
N LEU O 214 11.63 -63.48 -22.94
CA LEU O 214 10.28 -63.73 -23.45
C LEU O 214 9.86 -62.67 -24.46
N GLU O 215 10.22 -61.40 -24.20
CA GLU O 215 9.93 -60.35 -25.16
C GLU O 215 10.64 -60.57 -26.49
N ARG O 216 11.72 -61.34 -26.49
CA ARG O 216 12.45 -61.58 -27.74
C ARG O 216 11.67 -62.52 -28.65
N ARG O 217 11.39 -63.74 -28.19
CA ARG O 217 10.69 -64.72 -29.03
C ARG O 217 9.22 -64.39 -29.29
N PHE O 218 8.66 -63.24 -28.91
CA PHE O 218 7.25 -62.96 -29.15
C PHE O 218 7.11 -61.67 -29.94
N GLN O 219 6.25 -61.69 -30.97
CA GLN O 219 6.00 -60.53 -31.80
C GLN O 219 4.64 -59.94 -31.44
N PRO O 220 4.59 -58.75 -30.84
CA PRO O 220 3.30 -58.18 -30.47
C PRO O 220 2.43 -57.88 -31.69
N ILE O 221 1.12 -58.08 -31.53
CA ILE O 221 0.13 -57.75 -32.54
C ILE O 221 -0.99 -56.99 -31.86
N GLN O 222 -1.34 -55.83 -32.41
CA GLN O 222 -2.35 -54.96 -31.83
C GLN O 222 -3.73 -55.33 -32.35
N VAL O 223 -4.68 -55.50 -31.44
CA VAL O 223 -6.08 -55.70 -31.78
C VAL O 223 -6.85 -54.50 -31.23
N ALA O 224 -7.49 -53.76 -32.13
CA ALA O 224 -8.14 -52.51 -31.77
C ALA O 224 -9.64 -52.70 -31.59
N GLU O 225 -10.24 -51.79 -30.83
CA GLU O 225 -11.67 -51.82 -30.60
C GLU O 225 -12.40 -51.46 -31.88
N PRO O 226 -13.34 -52.27 -32.36
CA PRO O 226 -14.06 -51.93 -33.59
C PRO O 226 -14.91 -50.68 -33.42
N SER O 227 -15.06 -49.95 -34.51
CA SER O 227 -15.86 -48.73 -34.50
C SER O 227 -17.34 -49.07 -34.60
N LEU O 228 -18.18 -48.04 -34.64
CA LEU O 228 -19.63 -48.26 -34.73
C LEU O 228 -20.05 -49.04 -35.97
N PRO O 229 -19.62 -48.69 -37.18
CA PRO O 229 -20.03 -49.51 -38.34
C PRO O 229 -19.58 -50.95 -38.24
N HIS O 230 -18.28 -51.18 -37.99
CA HIS O 230 -17.77 -52.54 -37.86
C HIS O 230 -18.56 -53.32 -36.81
N THR O 231 -18.92 -52.66 -35.71
CA THR O 231 -19.80 -53.28 -34.73
C THR O 231 -21.16 -53.62 -35.33
N ILE O 232 -21.67 -52.79 -36.24
CA ILE O 232 -22.95 -53.08 -36.87
C ILE O 232 -22.86 -54.35 -37.71
N GLU O 233 -21.81 -54.49 -38.53
CA GLU O 233 -21.70 -55.75 -39.28
C GLU O 233 -21.41 -56.94 -38.36
N ILE O 234 -20.69 -56.72 -37.26
CA ILE O 234 -20.48 -57.81 -36.31
C ILE O 234 -21.81 -58.30 -35.74
N LEU O 235 -22.68 -57.36 -35.38
CA LEU O 235 -24.02 -57.74 -34.92
C LEU O 235 -24.81 -58.42 -36.03
N LYS O 236 -24.65 -57.96 -37.27
CA LYS O 236 -25.34 -58.59 -38.39
C LYS O 236 -24.93 -60.04 -38.56
N GLY O 237 -23.64 -60.33 -38.40
CA GLY O 237 -23.16 -61.69 -38.57
C GLY O 237 -23.70 -62.65 -37.53
N LEU O 238 -23.82 -62.19 -36.29
CA LEU O 238 -24.21 -63.04 -35.17
C LEU O 238 -25.72 -63.07 -34.93
N ARG O 239 -26.51 -62.37 -35.75
CA ARG O 239 -27.94 -62.26 -35.48
C ARG O 239 -28.64 -63.62 -35.54
N ASP O 240 -28.25 -64.45 -36.51
CA ASP O 240 -28.96 -65.71 -36.73
C ASP O 240 -28.84 -66.64 -35.53
N ARG O 241 -27.65 -66.73 -34.94
CA ARG O 241 -27.44 -67.63 -33.81
C ARG O 241 -28.30 -67.24 -32.62
N TYR O 242 -28.35 -65.94 -32.30
CA TYR O 242 -29.15 -65.50 -31.16
C TYR O 242 -30.64 -65.61 -31.47
N GLU O 243 -31.05 -65.39 -32.72
CA GLU O 243 -32.43 -65.61 -33.08
C GLU O 243 -32.83 -67.07 -32.90
N ALA O 244 -31.97 -67.99 -33.33
CA ALA O 244 -32.25 -69.42 -33.18
C ALA O 244 -32.29 -69.83 -31.71
N HIS O 245 -31.35 -69.34 -30.91
CA HIS O 245 -31.29 -69.74 -29.51
C HIS O 245 -32.50 -69.24 -28.74
N HIS O 246 -32.89 -67.99 -28.96
CA HIS O 246 -34.00 -67.38 -28.23
C HIS O 246 -35.36 -67.57 -28.90
N ARG O 247 -35.38 -68.14 -30.11
CA ARG O 247 -36.63 -68.37 -30.84
C ARG O 247 -37.38 -67.07 -31.08
N VAL O 248 -36.65 -66.03 -31.45
CA VAL O 248 -37.20 -64.71 -31.73
C VAL O 248 -36.60 -64.19 -33.03
N SER O 249 -37.00 -62.97 -33.40
CA SER O 249 -36.47 -62.31 -34.59
C SER O 249 -36.05 -60.89 -34.22
N ILE O 250 -34.94 -60.44 -34.81
CA ILE O 250 -34.34 -59.16 -34.49
C ILE O 250 -34.29 -58.31 -35.75
N THR O 251 -34.74 -57.06 -35.64
CA THR O 251 -34.75 -56.13 -36.76
C THR O 251 -33.43 -55.37 -36.85
N ASP O 252 -33.17 -54.82 -38.05
CA ASP O 252 -31.93 -54.09 -38.26
C ASP O 252 -31.88 -52.82 -37.42
N GLU O 253 -32.99 -52.11 -37.31
CA GLU O 253 -33.03 -50.91 -36.47
C GLU O 253 -32.73 -51.26 -35.02
N ALA O 254 -33.15 -52.44 -34.57
CA ALA O 254 -32.81 -52.88 -33.22
C ALA O 254 -31.30 -53.01 -33.05
N LEU O 255 -30.62 -53.59 -34.04
CA LEU O 255 -29.16 -53.71 -33.97
C LEU O 255 -28.50 -52.33 -33.96
N VAL O 256 -28.97 -51.43 -34.82
CA VAL O 256 -28.37 -50.09 -34.88
C VAL O 256 -28.56 -49.37 -33.56
N GLN O 257 -29.77 -49.43 -33.00
CA GLN O 257 -30.04 -48.79 -31.73
C GLN O 257 -29.20 -49.39 -30.60
N ALA O 258 -29.07 -50.72 -30.60
CA ALA O 258 -28.26 -51.37 -29.57
C ALA O 258 -26.81 -50.91 -29.64
N ALA O 259 -26.25 -50.88 -30.85
CA ALA O 259 -24.87 -50.44 -31.01
C ALA O 259 -24.69 -49.00 -30.56
N THR O 260 -25.59 -48.10 -31.00
CA THR O 260 -25.45 -46.69 -30.66
C THR O 260 -25.60 -46.46 -29.16
N LEU O 261 -26.61 -47.07 -28.55
CA LEU O 261 -26.84 -46.89 -27.12
C LEU O 261 -25.70 -47.47 -26.30
N ALA O 262 -25.19 -48.65 -26.69
CA ALA O 262 -24.06 -49.23 -25.98
C ALA O 262 -22.82 -48.35 -26.08
N ASP O 263 -22.59 -47.77 -27.27
CA ASP O 263 -21.45 -46.87 -27.42
C ASP O 263 -21.62 -45.62 -26.57
N ARG O 264 -22.83 -45.09 -26.48
CA ARG O 264 -23.01 -43.78 -25.85
C ARG O 264 -23.11 -43.88 -24.33
N TYR O 265 -23.79 -44.89 -23.79
CA TYR O 265 -24.15 -44.89 -22.38
C TYR O 265 -23.32 -45.81 -21.52
N ILE O 266 -22.98 -47.02 -21.98
CA ILE O 266 -22.14 -47.91 -21.19
C ILE O 266 -20.72 -47.35 -21.16
N SER O 267 -20.11 -47.36 -19.97
CA SER O 267 -18.88 -46.62 -19.73
C SER O 267 -17.64 -47.49 -19.67
N ASP O 268 -17.63 -48.54 -18.85
CA ASP O 268 -16.42 -49.27 -18.52
C ASP O 268 -16.24 -50.55 -19.34
N ARG O 269 -17.04 -50.74 -20.38
CA ARG O 269 -16.91 -51.90 -21.26
C ARG O 269 -16.51 -51.44 -22.66
N PHE O 270 -16.44 -52.39 -23.60
CA PHE O 270 -15.94 -52.13 -24.94
C PHE O 270 -16.95 -52.60 -25.98
N LEU O 271 -16.91 -51.93 -27.14
CA LEU O 271 -18.01 -51.98 -28.10
C LEU O 271 -18.44 -53.38 -28.54
N PRO O 272 -17.56 -54.29 -28.95
CA PRO O 272 -18.05 -55.57 -29.48
C PRO O 272 -18.82 -56.40 -28.46
N ASP O 273 -18.63 -56.15 -27.17
CA ASP O 273 -19.29 -56.94 -26.13
C ASP O 273 -20.57 -56.29 -25.62
N LYS O 274 -20.61 -54.95 -25.57
CA LYS O 274 -21.77 -54.26 -25.00
C LYS O 274 -23.01 -54.47 -25.85
N ALA O 275 -22.88 -54.32 -27.17
CA ALA O 275 -24.03 -54.52 -28.05
C ALA O 275 -24.52 -55.96 -28.00
N ILE O 276 -23.60 -56.92 -27.95
CA ILE O 276 -23.98 -58.32 -27.84
C ILE O 276 -24.73 -58.57 -26.54
N ASP O 277 -24.26 -57.98 -25.44
CA ASP O 277 -24.95 -58.14 -24.16
C ASP O 277 -26.36 -57.56 -24.23
N LEU O 278 -26.50 -56.37 -24.82
CA LEU O 278 -27.82 -55.76 -24.94
C LEU O 278 -28.77 -56.62 -25.77
N ILE O 279 -28.28 -57.12 -26.90
CA ILE O 279 -29.12 -57.93 -27.79
C ILE O 279 -29.53 -59.21 -27.09
N ASP O 280 -28.58 -59.87 -26.41
CA ASP O 280 -28.89 -61.12 -25.72
C ASP O 280 -29.91 -60.90 -24.61
N GLU O 281 -29.74 -59.83 -23.83
CA GLU O 281 -30.68 -59.56 -22.74
C GLU O 281 -32.07 -59.24 -23.28
N ALA O 282 -32.15 -58.46 -24.36
CA ALA O 282 -33.45 -58.16 -24.95
C ALA O 282 -34.12 -59.42 -25.49
N GLY O 283 -33.35 -60.29 -26.14
CA GLY O 283 -33.91 -61.54 -26.63
C GLY O 283 -34.41 -62.43 -25.51
N SER O 284 -33.64 -62.52 -24.42
CA SER O 284 -34.06 -63.31 -23.26
C SER O 284 -35.33 -62.74 -22.66
N ARG O 285 -35.43 -61.42 -22.55
CA ARG O 285 -36.63 -60.79 -22.00
C ARG O 285 -37.84 -61.09 -22.87
N MET O 286 -37.69 -60.97 -24.20
CA MET O 286 -38.80 -61.27 -25.10
C MET O 286 -39.21 -62.73 -25.00
N ARG O 287 -38.24 -63.65 -24.92
CA ARG O 287 -38.58 -65.06 -24.82
C ARG O 287 -39.31 -65.37 -23.52
N ILE O 288 -38.87 -64.76 -22.42
CA ILE O 288 -39.55 -64.97 -21.14
C ILE O 288 -40.96 -64.38 -21.18
N ARG O 289 -41.14 -63.27 -21.87
CA ARG O 289 -42.45 -62.62 -21.92
C ARG O 289 -43.50 -63.54 -22.53
N ARG O 290 -43.15 -64.25 -23.60
CA ARG O 290 -44.06 -65.20 -24.22
C ARG O 290 -44.06 -66.53 -23.46
N VAL O 352 -44.85 -64.55 -33.46
CA VAL O 352 -43.99 -63.49 -34.00
C VAL O 352 -42.78 -63.30 -33.11
N ALA O 353 -42.99 -62.61 -31.98
CA ALA O 353 -41.93 -62.38 -30.97
C ALA O 353 -40.72 -61.68 -31.59
N GLU O 354 -40.96 -60.47 -32.08
CA GLU O 354 -39.91 -59.66 -32.68
C GLU O 354 -39.50 -58.54 -31.73
N VAL O 355 -38.19 -58.26 -31.70
CA VAL O 355 -37.64 -57.21 -30.86
C VAL O 355 -37.33 -55.99 -31.73
N ASP O 356 -37.44 -54.82 -31.12
CA ASP O 356 -37.23 -53.56 -31.84
C ASP O 356 -36.39 -52.64 -30.97
N GLY O 357 -36.23 -51.40 -31.41
CA GLY O 357 -35.44 -50.43 -30.66
C GLY O 357 -36.04 -50.10 -29.30
N GLU O 358 -37.37 -50.15 -29.19
CA GLU O 358 -38.01 -49.83 -27.92
C GLU O 358 -37.59 -50.81 -26.83
N LEU O 359 -37.53 -52.10 -27.14
CA LEU O 359 -37.10 -53.08 -26.15
C LEU O 359 -35.64 -52.87 -25.75
N ILE O 360 -34.78 -52.54 -26.71
CA ILE O 360 -33.38 -52.28 -26.40
C ILE O 360 -33.25 -51.07 -25.48
N ALA O 361 -34.00 -50.00 -25.78
CA ALA O 361 -33.97 -48.82 -24.94
C ALA O 361 -34.47 -49.12 -23.53
N GLU O 362 -35.54 -49.92 -23.42
CA GLU O 362 -36.06 -50.29 -22.11
C GLU O 362 -35.05 -51.10 -21.32
N VAL O 363 -34.39 -52.05 -21.99
CA VAL O 363 -33.39 -52.88 -21.30
C VAL O 363 -32.23 -52.02 -20.83
N LEU O 364 -31.75 -51.12 -21.69
CA LEU O 364 -30.64 -50.25 -21.31
C LEU O 364 -31.03 -49.33 -20.15
N ALA O 365 -32.25 -48.79 -20.18
CA ALA O 365 -32.70 -47.93 -19.09
C ALA O 365 -32.80 -48.70 -17.78
N THR O 366 -33.30 -49.93 -17.83
CA THR O 366 -33.38 -50.74 -16.62
C THR O 366 -31.99 -51.08 -16.09
N ALA O 367 -31.05 -51.37 -16.98
CA ALA O 367 -29.71 -51.78 -16.55
C ALA O 367 -28.97 -50.65 -15.87
N THR O 368 -28.98 -49.45 -16.48
CA THR O 368 -28.17 -48.35 -15.99
C THR O 368 -28.94 -47.32 -15.18
N GLY O 369 -30.26 -47.25 -15.33
CA GLY O 369 -31.06 -46.26 -14.64
C GLY O 369 -31.26 -44.96 -15.38
N ILE O 370 -30.59 -44.77 -16.51
CA ILE O 370 -30.74 -43.54 -17.29
C ILE O 370 -32.08 -43.62 -18.04
N PRO O 371 -32.93 -42.61 -17.94
CA PRO O 371 -34.27 -42.66 -18.58
C PRO O 371 -34.23 -42.40 -20.09
N VAL O 372 -33.93 -43.45 -20.84
CA VAL O 372 -33.87 -43.39 -22.29
C VAL O 372 -34.94 -44.25 -22.94
N PHE O 373 -35.94 -44.68 -22.17
CA PHE O 373 -36.98 -45.57 -22.69
C PHE O 373 -37.99 -44.77 -23.51
N LYS O 374 -39.05 -45.45 -23.94
CA LYS O 374 -40.03 -44.83 -24.82
C LYS O 374 -40.83 -43.75 -24.08
N LEU O 375 -41.16 -42.67 -24.79
CA LEU O 375 -41.88 -41.53 -24.21
C LEU O 375 -43.37 -41.78 -24.34
N THR O 376 -44.01 -42.13 -23.22
CA THR O 376 -45.44 -42.32 -23.19
C THR O 376 -46.15 -40.98 -22.97
N GLU O 377 -47.47 -40.98 -23.11
CA GLU O 377 -48.24 -39.75 -22.99
C GLU O 377 -48.44 -39.31 -21.54
N GLU O 378 -48.54 -40.25 -20.61
CA GLU O 378 -48.70 -39.89 -19.20
C GLU O 378 -47.51 -39.07 -18.70
N GLU O 379 -46.30 -39.57 -18.95
CA GLU O 379 -45.12 -38.83 -18.52
C GLU O 379 -44.93 -37.56 -19.34
N SER O 380 -45.44 -37.54 -20.57
CA SER O 380 -45.42 -36.30 -21.35
C SER O 380 -46.26 -35.22 -20.68
N SER O 381 -47.47 -35.58 -20.27
CA SER O 381 -48.31 -34.62 -19.55
C SER O 381 -47.69 -34.23 -18.22
N ARG O 382 -47.07 -35.19 -17.52
CA ARG O 382 -46.41 -34.87 -16.26
C ARG O 382 -45.27 -33.88 -16.48
N LEU O 383 -44.48 -34.07 -17.53
CA LEU O 383 -43.43 -33.11 -17.85
C LEU O 383 -44.01 -31.76 -18.23
N LEU O 384 -45.15 -31.74 -18.91
CA LEU O 384 -45.79 -30.47 -19.25
C LEU O 384 -46.23 -29.70 -18.01
N ARG O 385 -46.78 -30.41 -17.02
CA ARG O 385 -47.23 -29.78 -15.79
C ARG O 385 -46.19 -29.85 -14.67
N MET O 386 -44.93 -30.14 -15.03
CA MET O 386 -43.84 -30.15 -14.05
C MET O 386 -43.75 -28.85 -13.26
N GLU O 387 -44.05 -27.71 -13.88
CA GLU O 387 -44.02 -26.44 -13.14
C GLU O 387 -45.02 -26.46 -12.00
N ASP O 388 -46.26 -26.89 -12.28
CA ASP O 388 -47.27 -26.97 -11.24
C ASP O 388 -46.89 -28.01 -10.19
N GLU O 389 -46.28 -29.11 -10.62
CA GLU O 389 -45.83 -30.14 -9.67
C GLU O 389 -44.78 -29.59 -8.72
N LEU O 390 -43.83 -28.80 -9.24
CA LEU O 390 -42.77 -28.25 -8.41
C LEU O 390 -43.26 -27.10 -7.55
N HIS O 391 -44.29 -26.39 -7.98
CA HIS O 391 -44.79 -25.25 -7.21
C HIS O 391 -45.57 -25.66 -5.98
N LYS O 392 -45.81 -26.95 -5.77
CA LYS O 392 -46.50 -27.40 -4.56
C LYS O 392 -45.59 -27.49 -3.36
N ARG O 393 -44.28 -27.26 -3.53
CA ARG O 393 -43.35 -27.29 -2.43
C ARG O 393 -42.53 -26.00 -2.37
N VAL O 394 -42.29 -25.39 -3.52
CA VAL O 394 -41.57 -24.12 -3.63
C VAL O 394 -42.55 -23.06 -4.10
N ILE O 395 -42.62 -21.96 -3.37
CA ILE O 395 -43.61 -20.92 -3.60
C ILE O 395 -42.90 -19.61 -3.89
N GLY O 396 -43.26 -18.98 -5.01
CA GLY O 396 -42.84 -17.62 -5.30
C GLY O 396 -41.59 -17.46 -6.11
N GLN O 397 -41.04 -18.54 -6.67
CA GLN O 397 -39.85 -18.48 -7.51
C GLN O 397 -40.22 -19.06 -8.87
N VAL O 398 -40.70 -18.19 -9.77
CA VAL O 398 -41.19 -18.66 -11.06
C VAL O 398 -40.04 -18.84 -12.04
N ASP O 399 -39.08 -17.91 -12.05
CA ASP O 399 -38.02 -17.94 -13.05
C ASP O 399 -37.16 -19.20 -12.92
N ALA O 400 -36.78 -19.56 -11.69
CA ALA O 400 -35.91 -20.71 -11.49
C ALA O 400 -36.63 -22.02 -11.82
N VAL O 401 -37.88 -22.14 -11.38
CA VAL O 401 -38.66 -23.35 -11.68
C VAL O 401 -38.83 -23.51 -13.18
N LYS O 402 -39.06 -22.41 -13.90
CA LYS O 402 -39.17 -22.48 -15.35
C LYS O 402 -37.88 -22.96 -15.99
N ALA O 403 -36.74 -22.47 -15.51
CA ALA O 403 -35.45 -22.91 -16.06
C ALA O 403 -35.22 -24.39 -15.81
N LEU O 404 -35.49 -24.85 -14.59
CA LEU O 404 -35.31 -26.26 -14.28
C LEU O 404 -36.24 -27.14 -15.12
N SER O 405 -37.49 -26.73 -15.27
CA SER O 405 -38.44 -27.49 -16.06
C SER O 405 -38.02 -27.52 -17.53
N LYS O 406 -37.54 -26.39 -18.05
CA LYS O 406 -37.06 -26.36 -19.43
C LYS O 406 -35.89 -27.32 -19.62
N ALA O 407 -34.95 -27.32 -18.67
CA ALA O 407 -33.81 -28.22 -18.78
C ALA O 407 -34.24 -29.67 -18.74
N ILE O 408 -35.16 -30.01 -17.83
CA ILE O 408 -35.61 -31.40 -17.73
C ILE O 408 -36.34 -31.82 -19.00
N ARG O 409 -37.21 -30.96 -19.52
CA ARG O 409 -37.92 -31.28 -20.76
C ARG O 409 -36.95 -31.44 -21.92
N ARG O 410 -35.94 -30.57 -22.00
CA ARG O 410 -34.94 -30.66 -23.05
C ARG O 410 -34.21 -31.99 -22.98
N THR O 411 -33.79 -32.39 -21.78
CA THR O 411 -33.08 -33.66 -21.63
C THR O 411 -33.97 -34.84 -21.99
N ARG O 412 -35.21 -34.84 -21.50
CA ARG O 412 -36.08 -36.00 -21.68
C ARG O 412 -36.67 -36.10 -23.08
N ALA O 413 -36.97 -34.96 -23.72
CA ALA O 413 -37.67 -34.98 -25.00
C ALA O 413 -36.70 -35.10 -26.18
N GLY O 414 -35.83 -36.10 -26.14
CA GLY O 414 -35.00 -36.40 -27.29
C GLY O 414 -33.73 -35.58 -27.40
N LEU O 415 -33.79 -34.54 -28.21
CA LEU O 415 -32.61 -33.73 -28.53
C LEU O 415 -32.00 -33.14 -27.27
N LYS O 416 -30.67 -33.24 -27.18
CA LYS O 416 -29.87 -32.70 -26.07
C LYS O 416 -28.41 -32.86 -26.45
N ASP O 417 -27.59 -31.93 -25.95
CA ASP O 417 -26.15 -31.98 -26.24
C ASP O 417 -25.55 -33.25 -25.65
N PRO O 418 -25.11 -34.20 -26.47
CA PRO O 418 -24.66 -35.48 -25.95
C PRO O 418 -23.25 -35.48 -25.38
N LYS O 419 -22.58 -34.32 -25.33
CA LYS O 419 -21.23 -34.23 -24.79
C LYS O 419 -21.14 -33.28 -23.61
N ARG O 420 -22.26 -32.84 -23.07
CA ARG O 420 -22.30 -31.91 -21.96
C ARG O 420 -23.36 -32.38 -20.97
N PRO O 421 -23.25 -31.99 -19.70
CA PRO O 421 -24.25 -32.39 -18.72
C PRO O 421 -25.62 -31.81 -19.05
N GLY O 422 -26.66 -32.42 -18.47
CA GLY O 422 -28.02 -32.02 -18.77
C GLY O 422 -28.32 -30.58 -18.43
N GLY O 423 -27.73 -30.06 -17.35
CA GLY O 423 -27.95 -28.68 -16.96
C GLY O 423 -26.91 -28.15 -16.00
N SER O 424 -26.66 -26.85 -16.06
CA SER O 424 -25.73 -26.19 -15.15
C SER O 424 -26.34 -24.86 -14.74
N PHE O 425 -26.56 -24.68 -13.44
CA PHE O 425 -27.24 -23.50 -12.92
C PHE O 425 -26.46 -22.93 -11.74
N ILE O 426 -26.61 -21.63 -11.53
CA ILE O 426 -26.08 -20.94 -10.36
C ILE O 426 -27.24 -20.21 -9.70
N PHE O 427 -27.57 -20.62 -8.48
CA PHE O 427 -28.67 -20.02 -7.72
C PHE O 427 -28.08 -18.97 -6.78
N ALA O 428 -28.44 -17.72 -7.01
CA ALA O 428 -27.94 -16.60 -6.22
C ALA O 428 -29.10 -15.77 -5.72
N GLY O 429 -28.90 -15.11 -4.58
CA GLY O 429 -29.91 -14.28 -3.99
C GLY O 429 -29.73 -14.13 -2.50
N PRO O 430 -30.75 -13.61 -1.82
CA PRO O 430 -30.65 -13.44 -0.36
C PRO O 430 -30.74 -14.76 0.38
N SER O 431 -30.73 -14.70 1.71
CA SER O 431 -30.77 -15.90 2.54
C SER O 431 -32.20 -16.31 2.83
N GLY O 432 -32.43 -17.62 2.88
CA GLY O 432 -33.75 -18.14 3.20
C GLY O 432 -34.82 -17.86 2.16
N VAL O 433 -34.47 -17.92 0.87
CA VAL O 433 -35.43 -17.67 -0.20
C VAL O 433 -35.81 -18.93 -0.96
N GLY O 434 -35.10 -20.04 -0.78
CA GLY O 434 -35.51 -21.28 -1.38
C GLY O 434 -34.55 -21.85 -2.41
N LYS O 435 -33.26 -21.53 -2.27
CA LYS O 435 -32.28 -22.06 -3.21
C LYS O 435 -32.05 -23.55 -3.00
N THR O 436 -31.86 -23.97 -1.75
CA THR O 436 -31.68 -25.39 -1.46
C THR O 436 -33.01 -26.15 -1.47
N GLU O 437 -34.09 -25.48 -1.08
CA GLU O 437 -35.41 -26.12 -1.11
C GLU O 437 -35.81 -26.50 -2.53
N LEU O 438 -35.46 -25.66 -3.51
CA LEU O 438 -35.76 -25.99 -4.91
C LEU O 438 -34.98 -27.21 -5.36
N SER O 439 -33.71 -27.31 -4.97
CA SER O 439 -32.93 -28.50 -5.31
C SER O 439 -33.52 -29.75 -4.69
N LYS O 440 -33.94 -29.67 -3.42
CA LYS O 440 -34.57 -30.80 -2.78
C LYS O 440 -35.87 -31.19 -3.48
N ALA O 441 -36.67 -30.19 -3.87
CA ALA O 441 -37.91 -30.47 -4.56
C ALA O 441 -37.67 -31.13 -5.91
N LEU O 442 -36.66 -30.66 -6.64
CA LEU O 442 -36.33 -31.29 -7.92
C LEU O 442 -35.87 -32.73 -7.72
N ALA O 443 -35.04 -32.97 -6.70
CA ALA O 443 -34.58 -34.34 -6.43
C ALA O 443 -35.76 -35.24 -6.07
N GLU O 444 -36.70 -34.73 -5.28
CA GLU O 444 -37.89 -35.50 -4.95
C GLU O 444 -38.73 -35.78 -6.19
N PHE O 445 -38.87 -34.79 -7.07
CA PHE O 445 -39.66 -34.97 -8.28
C PHE O 445 -39.05 -36.03 -9.19
N LEU O 446 -37.73 -36.01 -9.35
CA LEU O 446 -37.10 -36.91 -10.31
C LEU O 446 -37.03 -38.34 -9.80
N PHE O 447 -36.76 -38.53 -8.51
CA PHE O 447 -36.49 -39.86 -7.98
C PHE O 447 -37.52 -40.34 -6.95
N GLY O 448 -38.40 -39.47 -6.46
CA GLY O 448 -39.38 -39.85 -5.46
C GLY O 448 -38.94 -39.60 -4.03
N ASP O 449 -37.65 -39.44 -3.78
CA ASP O 449 -37.14 -39.19 -2.44
C ASP O 449 -36.08 -38.10 -2.51
N GLU O 450 -36.15 -37.14 -1.59
CA GLU O 450 -35.21 -36.03 -1.58
C GLU O 450 -33.81 -36.43 -1.12
N ASP O 451 -33.64 -37.66 -0.65
CA ASP O 451 -32.33 -38.13 -0.20
C ASP O 451 -31.47 -38.65 -1.34
N ALA O 452 -31.99 -38.68 -2.57
CA ALA O 452 -31.19 -39.09 -3.72
C ALA O 452 -30.29 -37.98 -4.24
N LEU O 453 -30.47 -36.75 -3.76
CA LEU O 453 -29.60 -35.66 -4.14
C LEU O 453 -28.17 -35.90 -3.64
N ILE O 454 -27.19 -35.65 -4.50
CA ILE O 454 -25.78 -35.76 -4.12
C ILE O 454 -25.32 -34.35 -3.79
N SER O 455 -25.27 -34.03 -2.49
CA SER O 455 -25.01 -32.68 -2.03
C SER O 455 -23.62 -32.61 -1.41
N LEU O 456 -22.92 -31.51 -1.69
CA LEU O 456 -21.60 -31.25 -1.13
C LEU O 456 -21.61 -29.86 -0.49
N ASP O 457 -21.30 -29.81 0.79
CA ASP O 457 -21.19 -28.55 1.51
C ASP O 457 -19.78 -28.01 1.31
N MET O 458 -19.66 -26.92 0.55
CA MET O 458 -18.36 -26.41 0.13
C MET O 458 -17.65 -25.64 1.23
N SER O 459 -18.28 -25.41 2.37
CA SER O 459 -17.59 -24.75 3.48
C SER O 459 -16.46 -25.61 4.03
N GLU O 460 -16.46 -26.91 3.75
CA GLU O 460 -15.38 -27.79 4.16
C GLU O 460 -14.19 -27.75 3.21
N PHE O 461 -14.35 -27.16 2.03
CA PHE O 461 -13.28 -27.06 1.04
C PHE O 461 -12.61 -25.70 1.04
N SER O 462 -12.50 -25.08 2.23
CA SER O 462 -11.90 -23.75 2.31
C SER O 462 -10.40 -23.77 2.05
N GLU O 463 -9.76 -24.92 2.12
CA GLU O 463 -8.33 -25.04 1.89
C GLU O 463 -8.05 -25.58 0.50
N LYS O 464 -6.92 -25.15 -0.07
CA LYS O 464 -6.58 -25.52 -1.44
C LYS O 464 -6.34 -27.02 -1.58
N HIS O 465 -5.69 -27.62 -0.59
CA HIS O 465 -5.30 -29.03 -0.68
C HIS O 465 -6.43 -30.00 -0.40
N THR O 466 -7.63 -29.51 -0.08
CA THR O 466 -8.77 -30.37 0.16
C THR O 466 -9.42 -30.89 -1.11
N VAL O 467 -8.89 -30.51 -2.29
CA VAL O 467 -9.47 -30.96 -3.55
C VAL O 467 -9.35 -32.47 -3.72
N SER O 468 -8.42 -33.11 -3.02
CA SER O 468 -8.25 -34.55 -3.12
C SER O 468 -9.43 -35.34 -2.58
N ARG O 469 -10.35 -34.69 -1.87
CA ARG O 469 -11.53 -35.38 -1.35
C ARG O 469 -12.46 -35.82 -2.47
N LEU O 470 -12.31 -35.29 -3.67
CA LEU O 470 -13.18 -35.64 -4.79
C LEU O 470 -12.42 -36.23 -5.98
N PHE O 471 -11.09 -36.19 -5.99
CA PHE O 471 -10.28 -37.01 -6.89
C PHE O 471 -9.80 -38.29 -6.21
N GLY O 472 -9.26 -38.16 -5.02
CA GLY O 472 -8.50 -39.22 -4.38
C GLY O 472 -7.00 -38.91 -4.38
N SER O 473 -6.29 -39.52 -3.44
CA SER O 473 -4.87 -39.26 -3.31
C SER O 473 -4.12 -39.84 -4.51
N PRO O 474 -3.04 -39.18 -4.94
CA PRO O 474 -2.26 -39.70 -6.07
C PRO O 474 -1.54 -40.97 -5.69
N PRO O 475 -1.05 -41.73 -6.67
CA PRO O 475 -0.36 -43.00 -6.35
C PRO O 475 0.84 -42.77 -5.46
N GLY O 476 1.03 -43.69 -4.52
CA GLY O 476 2.13 -43.60 -3.58
C GLY O 476 1.81 -42.89 -2.28
N TYR O 477 0.54 -42.65 -1.98
CA TYR O 477 0.16 -41.93 -0.77
C TYR O 477 -1.00 -42.66 -0.11
N VAL O 478 -1.26 -42.32 1.16
CA VAL O 478 -2.31 -42.96 1.92
C VAL O 478 -3.68 -42.64 1.31
N GLY O 479 -4.61 -43.58 1.45
CA GLY O 479 -5.92 -43.42 0.88
C GLY O 479 -6.00 -43.61 -0.62
N TYR O 480 -4.97 -44.18 -1.24
CA TYR O 480 -4.97 -44.36 -2.69
C TYR O 480 -5.88 -45.50 -3.12
N GLU O 481 -6.13 -46.46 -2.23
CA GLU O 481 -6.95 -47.61 -2.58
C GLU O 481 -8.36 -47.20 -2.93
N GLU O 482 -8.95 -46.29 -2.14
CA GLU O 482 -10.28 -45.78 -2.42
C GLU O 482 -10.19 -44.52 -3.27
N GLY O 483 -11.08 -44.44 -4.26
CA GLY O 483 -11.11 -43.31 -5.15
C GLY O 483 -11.75 -42.09 -4.51
N GLY O 484 -12.02 -41.09 -5.34
CA GLY O 484 -12.66 -39.90 -4.85
C GLY O 484 -14.06 -40.17 -4.33
N GLN O 485 -14.49 -39.36 -3.37
CA GLN O 485 -15.80 -39.55 -2.77
C GLN O 485 -16.94 -39.12 -3.68
N LEU O 486 -16.68 -38.22 -4.63
CA LEU O 486 -17.70 -37.79 -5.58
C LEU O 486 -17.70 -38.64 -6.84
N THR O 487 -16.52 -39.04 -7.30
CA THR O 487 -16.43 -39.84 -8.52
C THR O 487 -17.13 -41.18 -8.35
N GLU O 488 -16.95 -41.83 -7.19
CA GLU O 488 -17.62 -43.11 -6.96
C GLU O 488 -19.14 -42.94 -6.92
N LYS O 489 -19.61 -41.88 -6.25
CA LYS O 489 -21.05 -41.63 -6.18
C LYS O 489 -21.64 -41.42 -7.56
N VAL O 490 -20.95 -40.64 -8.41
CA VAL O 490 -21.46 -40.41 -9.75
C VAL O 490 -21.38 -41.68 -10.59
N ARG O 491 -20.33 -42.49 -10.40
CA ARG O 491 -20.21 -43.74 -11.14
C ARG O 491 -21.35 -44.70 -10.80
N ARG O 492 -21.69 -44.81 -9.52
CA ARG O 492 -22.76 -45.72 -9.13
C ARG O 492 -24.14 -45.20 -9.49
N LYS O 493 -24.29 -43.87 -9.64
CA LYS O 493 -25.57 -43.25 -9.98
C LYS O 493 -25.33 -42.29 -11.14
N PRO O 494 -25.27 -42.80 -12.38
CA PRO O 494 -24.97 -41.93 -13.52
C PRO O 494 -25.96 -40.80 -13.72
N PHE O 495 -27.24 -41.05 -13.45
CA PHE O 495 -28.29 -40.04 -13.60
C PHE O 495 -28.68 -39.58 -12.20
N SER O 496 -28.21 -38.41 -11.81
CA SER O 496 -28.48 -37.88 -10.48
C SER O 496 -28.39 -36.35 -10.53
N VAL O 497 -28.73 -35.73 -9.41
CA VAL O 497 -28.67 -34.28 -9.27
C VAL O 497 -27.58 -33.95 -8.26
N VAL O 498 -26.55 -33.24 -8.72
CA VAL O 498 -25.41 -32.87 -7.90
C VAL O 498 -25.56 -31.41 -7.48
N LEU O 499 -25.38 -31.15 -6.19
CA LEU O 499 -25.55 -29.82 -5.61
C LEU O 499 -24.28 -29.41 -4.90
N PHE O 500 -23.83 -28.19 -5.15
CA PHE O 500 -22.71 -27.58 -4.44
C PHE O 500 -23.26 -26.41 -3.63
N ASP O 501 -23.31 -26.58 -2.31
CA ASP O 501 -23.94 -25.61 -1.43
C ASP O 501 -22.89 -24.61 -0.93
N ALA O 502 -23.19 -23.33 -1.07
CA ALA O 502 -22.31 -22.24 -0.63
C ALA O 502 -20.93 -22.34 -1.30
N VAL O 503 -20.93 -22.16 -2.62
CA VAL O 503 -19.70 -22.28 -3.39
C VAL O 503 -18.71 -21.19 -3.01
N GLU O 504 -19.19 -20.00 -2.70
CA GLU O 504 -18.29 -18.88 -2.41
C GLU O 504 -17.46 -19.07 -1.16
N LYS O 505 -17.80 -20.05 -0.32
CA LYS O 505 -17.05 -20.31 0.90
C LYS O 505 -15.92 -21.31 0.69
N ALA O 506 -15.71 -21.79 -0.53
CA ALA O 506 -14.64 -22.70 -0.86
C ALA O 506 -13.45 -21.94 -1.44
N HIS O 507 -12.30 -22.61 -1.47
CA HIS O 507 -11.11 -22.00 -2.02
C HIS O 507 -11.28 -21.78 -3.52
N PRO O 508 -10.75 -20.67 -4.06
CA PRO O 508 -10.88 -20.44 -5.51
C PRO O 508 -10.26 -21.54 -6.36
N ASP O 509 -9.20 -22.18 -5.90
CA ASP O 509 -8.57 -23.24 -6.68
C ASP O 509 -9.29 -24.56 -6.48
N ILE O 510 -10.60 -24.56 -6.64
CA ILE O 510 -11.41 -25.77 -6.59
C ILE O 510 -12.25 -25.84 -7.87
N PHE O 511 -12.87 -24.71 -8.20
CA PHE O 511 -13.76 -24.65 -9.36
C PHE O 511 -13.01 -24.88 -10.68
N ASN O 512 -11.69 -24.74 -10.68
CA ASN O 512 -10.92 -25.13 -11.85
C ASN O 512 -11.16 -26.60 -12.19
N SER O 513 -11.15 -27.46 -11.16
CA SER O 513 -11.46 -28.87 -11.36
C SER O 513 -12.87 -29.08 -11.89
N LEU O 514 -13.76 -28.09 -11.71
CA LEU O 514 -15.11 -28.19 -12.24
C LEU O 514 -15.18 -27.87 -13.72
N LEU O 515 -14.15 -27.23 -14.29
CA LEU O 515 -14.24 -26.76 -15.67
C LEU O 515 -14.53 -27.92 -16.63
N GLN O 516 -13.71 -28.97 -16.56
CA GLN O 516 -13.91 -30.11 -17.46
C GLN O 516 -15.24 -30.81 -17.19
N ILE O 517 -15.81 -30.63 -16.01
CA ILE O 517 -17.14 -31.17 -15.75
C ILE O 517 -18.19 -30.41 -16.54
N LEU O 518 -18.06 -29.08 -16.59
CA LEU O 518 -19.10 -28.26 -17.21
C LEU O 518 -19.04 -28.33 -18.73
N GLU O 519 -17.85 -28.34 -19.31
CA GLU O 519 -17.71 -28.28 -20.77
C GLU O 519 -17.60 -29.65 -21.41
N ASP O 520 -16.82 -30.55 -20.82
CA ASP O 520 -16.63 -31.87 -21.40
C ASP O 520 -17.52 -32.94 -20.78
N GLY O 521 -18.10 -32.68 -19.61
CA GLY O 521 -18.94 -33.67 -18.96
C GLY O 521 -18.20 -34.92 -18.54
N ARG O 522 -16.98 -34.77 -18.04
CA ARG O 522 -16.20 -35.91 -17.57
C ARG O 522 -15.24 -35.45 -16.49
N LEU O 523 -14.79 -36.40 -15.68
CA LEU O 523 -13.79 -36.11 -14.65
C LEU O 523 -12.81 -37.26 -14.58
N THR O 524 -11.51 -36.94 -14.53
CA THR O 524 -10.47 -37.96 -14.51
C THR O 524 -10.18 -38.35 -13.06
N ASP O 525 -10.45 -39.60 -12.73
CA ASP O 525 -10.17 -40.10 -11.39
C ASP O 525 -8.66 -40.17 -11.17
N SER O 526 -8.25 -40.08 -9.90
CA SER O 526 -6.83 -40.10 -9.57
C SER O 526 -6.16 -41.41 -9.95
N GLN O 527 -6.92 -42.49 -10.10
CA GLN O 527 -6.38 -43.78 -10.49
C GLN O 527 -6.34 -43.97 -12.00
N GLY O 528 -6.71 -42.95 -12.78
CA GLY O 528 -6.70 -43.03 -14.22
C GLY O 528 -8.06 -43.30 -14.85
N ARG O 529 -9.05 -43.69 -14.07
CA ARG O 529 -10.38 -43.93 -14.62
C ARG O 529 -11.06 -42.61 -14.97
N VAL O 530 -12.02 -42.68 -15.88
CA VAL O 530 -12.80 -41.53 -16.31
C VAL O 530 -14.25 -41.73 -15.87
N VAL O 531 -14.80 -40.72 -15.21
CA VAL O 531 -16.17 -40.74 -14.71
C VAL O 531 -17.01 -39.83 -15.59
N ASP O 532 -18.16 -40.33 -16.02
CA ASP O 532 -19.00 -39.65 -17.00
C ASP O 532 -20.01 -38.76 -16.27
N PHE O 533 -20.02 -37.47 -16.60
CA PHE O 533 -20.93 -36.51 -15.99
C PHE O 533 -21.97 -35.99 -16.97
N LYS O 534 -22.14 -36.64 -18.12
CA LYS O 534 -23.00 -36.10 -19.16
C LYS O 534 -24.49 -36.24 -18.87
N ASN O 535 -24.86 -37.05 -17.87
CA ASN O 535 -26.27 -37.28 -17.56
C ASN O 535 -26.72 -36.63 -16.27
N THR O 536 -25.83 -35.95 -15.56
CA THR O 536 -26.17 -35.33 -14.28
C THR O 536 -26.65 -33.90 -14.49
N VAL O 537 -27.28 -33.35 -13.45
CA VAL O 537 -27.72 -31.97 -13.41
C VAL O 537 -26.96 -31.28 -12.28
N ILE O 538 -26.18 -30.26 -12.62
CA ILE O 538 -25.30 -29.58 -11.68
C ILE O 538 -25.98 -28.31 -11.21
N ILE O 539 -26.04 -28.10 -9.90
CA ILE O 539 -26.59 -26.90 -9.31
C ILE O 539 -25.59 -26.35 -8.31
N MET O 540 -25.39 -25.03 -8.32
CA MET O 540 -24.49 -24.36 -7.38
C MET O 540 -25.25 -23.23 -6.71
N THR O 541 -25.19 -23.17 -5.39
CA THR O 541 -25.86 -22.14 -4.62
C THR O 541 -24.85 -21.20 -3.99
N THR O 542 -25.21 -19.92 -3.90
CA THR O 542 -24.32 -18.91 -3.34
C THR O 542 -25.15 -17.74 -2.83
N ASN O 543 -24.52 -16.94 -1.97
CA ASN O 543 -25.13 -15.73 -1.42
C ASN O 543 -24.35 -14.48 -1.81
N LEU O 544 -23.59 -14.54 -2.89
CA LEU O 544 -22.75 -13.41 -3.28
C LEU O 544 -23.59 -12.20 -3.64
N GLY O 545 -23.14 -11.02 -3.19
CA GLY O 545 -23.80 -9.78 -3.54
C GLY O 545 -25.02 -9.44 -2.72
N THR O 546 -25.24 -10.10 -1.58
CA THR O 546 -26.39 -9.82 -0.73
C THR O 546 -25.97 -9.48 0.70
N ARG O 547 -24.71 -9.10 0.90
CA ARG O 547 -24.24 -8.77 2.24
C ARG O 547 -24.90 -7.50 2.77
N ASP O 548 -25.18 -6.53 1.91
CA ASP O 548 -25.72 -5.24 2.30
C ASP O 548 -27.14 -5.04 1.80
N ILE O 549 -27.93 -6.12 1.74
CA ILE O 549 -29.29 -6.01 1.26
C ILE O 549 -30.20 -5.30 2.25
N SER O 550 -29.80 -5.20 3.52
CA SER O 550 -30.64 -4.54 4.51
C SER O 550 -30.67 -3.02 4.30
N LYS O 551 -29.61 -2.46 3.72
CA LYS O 551 -29.58 -1.02 3.49
C LYS O 551 -30.68 -0.58 2.54
N GLY O 552 -30.86 -1.32 1.44
CA GLY O 552 -31.92 -1.05 0.50
C GLY O 552 -31.63 0.04 -0.52
N PHE O 553 -30.43 0.63 -0.49
CA PHE O 553 -30.08 1.69 -1.44
C PHE O 553 -28.56 1.75 -1.54
N ASN O 554 -28.08 2.70 -2.33
CA ASN O 554 -26.66 2.99 -2.49
C ASN O 554 -26.40 4.44 -2.16
N LEU O 555 -25.11 4.80 -2.13
CA LEU O 555 -24.71 6.16 -1.80
C LEU O 555 -25.22 7.14 -2.85
N GLY O 556 -25.72 8.28 -2.40
CA GLY O 556 -26.16 9.34 -3.26
C GLY O 556 -27.67 9.42 -3.37
N PHE O 557 -28.13 10.44 -4.10
CA PHE O 557 -29.55 10.62 -4.34
C PHE O 557 -30.07 9.52 -5.26
N ALA O 558 -31.30 9.08 -5.00
CA ALA O 558 -31.90 7.97 -5.73
C ALA O 558 -33.19 8.41 -6.40
N ALA O 559 -33.58 7.65 -7.41
CA ALA O 559 -34.78 7.95 -8.20
C ALA O 559 -36.02 7.49 -7.45
N GLN O 560 -37.15 7.43 -8.15
CA GLN O 560 -38.42 7.03 -7.53
C GLN O 560 -38.30 5.66 -6.88
N GLY O 561 -38.06 4.63 -7.69
CA GLY O 561 -37.87 3.30 -7.15
C GLY O 561 -39.17 2.60 -6.78
N ASP O 562 -39.28 1.33 -7.14
CA ASP O 562 -40.42 0.50 -6.77
C ASP O 562 -39.93 -0.92 -6.57
N THR O 563 -40.87 -1.86 -6.44
CA THR O 563 -40.50 -3.25 -6.20
C THR O 563 -39.74 -3.83 -7.39
N LYS O 564 -40.04 -3.36 -8.61
CA LYS O 564 -39.33 -3.86 -9.78
C LYS O 564 -37.92 -3.28 -9.85
N SER O 565 -37.75 -2.01 -9.49
CA SER O 565 -36.45 -1.38 -9.56
C SER O 565 -35.48 -1.98 -8.55
N ASN O 566 -35.94 -2.26 -7.34
CA ASN O 566 -35.07 -2.82 -6.31
C ASN O 566 -34.53 -4.18 -6.74
N TYR O 567 -35.38 -5.01 -7.35
CA TYR O 567 -34.92 -6.30 -7.86
C TYR O 567 -33.90 -6.12 -8.97
N GLU O 568 -34.10 -5.14 -9.84
CA GLU O 568 -33.18 -4.92 -10.95
C GLU O 568 -31.80 -4.51 -10.45
N ARG O 569 -31.75 -3.63 -9.45
CA ARG O 569 -30.47 -3.22 -8.90
C ARG O 569 -29.77 -4.39 -8.20
N MET O 570 -30.53 -5.17 -7.43
CA MET O 570 -29.94 -6.27 -6.67
C MET O 570 -29.34 -7.33 -7.59
N LYS O 571 -30.03 -7.66 -8.68
CA LYS O 571 -29.50 -8.65 -9.61
C LYS O 571 -28.26 -8.13 -10.32
N ASN O 572 -28.21 -6.83 -10.64
CA ASN O 572 -27.02 -6.27 -11.25
C ASN O 572 -25.84 -6.31 -10.30
N LYS O 573 -26.07 -5.98 -9.02
CA LYS O 573 -25.00 -6.05 -8.04
C LYS O 573 -24.53 -7.48 -7.83
N VAL O 574 -25.47 -8.44 -7.82
CA VAL O 574 -25.10 -9.85 -7.70
C VAL O 574 -24.26 -10.29 -8.89
N SER O 575 -24.64 -9.87 -10.09
CA SER O 575 -23.86 -10.22 -11.28
C SER O 575 -22.47 -9.62 -11.23
N ASP O 576 -22.35 -8.37 -10.76
CA ASP O 576 -21.04 -7.74 -10.63
C ASP O 576 -20.17 -8.49 -9.63
N GLU O 577 -20.75 -8.88 -8.49
CA GLU O 577 -19.98 -9.64 -7.50
C GLU O 577 -19.55 -11.00 -8.05
N LEU O 578 -20.45 -11.66 -8.78
CA LEU O 578 -20.10 -12.95 -9.38
C LEU O 578 -18.96 -12.81 -10.38
N LYS O 579 -19.01 -11.75 -11.20
CA LYS O 579 -17.93 -11.51 -12.15
C LYS O 579 -16.62 -11.23 -11.43
N GLN O 580 -16.68 -10.48 -10.33
CA GLN O 580 -15.46 -10.16 -9.60
C GLN O 580 -14.89 -11.37 -8.88
N HIS O 581 -15.73 -12.33 -8.50
CA HIS O 581 -15.29 -13.45 -7.69
C HIS O 581 -14.81 -14.64 -8.51
N PHE O 582 -15.33 -14.84 -9.71
CA PHE O 582 -15.04 -16.03 -10.51
C PHE O 582 -14.27 -15.68 -11.77
N ARG O 583 -13.50 -16.64 -12.26
CA ARG O 583 -12.75 -16.47 -13.48
C ARG O 583 -13.70 -16.38 -14.68
N PRO O 584 -13.33 -15.61 -15.71
CA PRO O 584 -14.21 -15.51 -16.89
C PRO O 584 -14.46 -16.83 -17.58
N GLU O 585 -13.49 -17.75 -17.58
CA GLU O 585 -13.68 -19.02 -18.25
C GLU O 585 -14.65 -19.92 -17.50
N PHE O 586 -14.76 -19.74 -16.18
CA PHE O 586 -15.70 -20.56 -15.41
C PHE O 586 -17.14 -20.12 -15.67
N LEU O 587 -17.39 -18.82 -15.69
CA LEU O 587 -18.74 -18.32 -15.92
C LEU O 587 -19.17 -18.46 -17.38
N ASN O 588 -18.21 -18.68 -18.29
CA ASN O 588 -18.55 -18.80 -19.71
C ASN O 588 -19.34 -20.07 -19.99
N ARG O 589 -19.01 -21.17 -19.30
CA ARG O 589 -19.61 -22.46 -19.58
C ARG O 589 -20.71 -22.82 -18.59
N VAL O 590 -21.26 -21.85 -17.88
CA VAL O 590 -22.43 -22.05 -17.04
C VAL O 590 -23.67 -21.72 -17.84
N ASP O 591 -24.59 -22.67 -17.94
CA ASP O 591 -25.75 -22.50 -18.81
C ASP O 591 -26.63 -21.34 -18.36
N ASP O 592 -27.02 -21.33 -17.08
CA ASP O 592 -27.97 -20.34 -16.59
C ASP O 592 -27.49 -19.79 -15.25
N VAL O 593 -27.66 -18.48 -15.08
CA VAL O 593 -27.45 -17.82 -13.80
C VAL O 593 -28.79 -17.23 -13.38
N VAL O 594 -29.33 -17.73 -12.27
CA VAL O 594 -30.67 -17.37 -11.81
C VAL O 594 -30.55 -16.60 -10.51
N VAL O 595 -31.23 -15.47 -10.42
CA VAL O 595 -31.22 -14.63 -9.24
C VAL O 595 -32.59 -14.72 -8.57
N PHE O 596 -32.59 -15.05 -7.29
CA PHE O 596 -33.84 -15.29 -6.56
C PHE O 596 -34.33 -13.99 -5.93
N PRO O 597 -35.53 -13.53 -6.27
CA PRO O 597 -36.07 -12.34 -5.60
C PRO O 597 -36.54 -12.65 -4.18
N GLN O 598 -36.72 -11.59 -3.41
CA GLN O 598 -37.16 -11.74 -2.03
C GLN O 598 -38.62 -12.16 -1.97
N LEU O 599 -39.01 -12.69 -0.82
CA LEU O 599 -40.39 -13.15 -0.62
C LEU O 599 -41.28 -11.99 -0.19
N SER O 600 -42.54 -12.03 -0.62
CA SER O 600 -43.52 -11.01 -0.29
C SER O 600 -44.45 -11.51 0.81
N GLN O 601 -45.41 -10.67 1.18
CA GLN O 601 -46.34 -11.00 2.25
C GLN O 601 -47.22 -12.20 1.88
N ALA O 602 -47.71 -12.24 0.64
CA ALA O 602 -48.53 -13.37 0.21
C ALA O 602 -47.72 -14.66 0.20
N ASP O 603 -46.45 -14.58 -0.19
CA ASP O 603 -45.60 -15.77 -0.16
C ASP O 603 -45.45 -16.30 1.26
N ILE O 604 -45.26 -15.41 2.23
CA ILE O 604 -45.17 -15.83 3.63
C ILE O 604 -46.49 -16.45 4.08
N LEU O 605 -47.61 -15.83 3.70
CA LEU O 605 -48.91 -16.38 4.06
C LEU O 605 -49.10 -17.78 3.51
N LYS O 606 -48.60 -18.03 2.30
CA LYS O 606 -48.72 -19.37 1.72
C LYS O 606 -47.77 -20.36 2.38
N ILE O 607 -46.56 -19.91 2.71
CA ILE O 607 -45.59 -20.79 3.38
C ILE O 607 -46.07 -21.16 4.78
N VAL O 608 -46.89 -20.30 5.40
CA VAL O 608 -47.47 -20.63 6.70
C VAL O 608 -48.24 -21.95 6.62
N ASP O 609 -49.00 -22.14 5.54
CA ASP O 609 -49.76 -23.38 5.40
C ASP O 609 -48.86 -24.61 5.36
N LEU O 610 -47.75 -24.53 4.61
CA LEU O 610 -46.83 -25.66 4.54
C LEU O 610 -46.19 -25.94 5.89
N MET O 611 -45.78 -24.89 6.60
CA MET O 611 -45.16 -25.08 7.91
C MET O 611 -46.15 -25.69 8.90
N ILE O 612 -47.40 -25.22 8.87
CA ILE O 612 -48.42 -25.79 9.75
C ILE O 612 -48.71 -27.24 9.38
N ASP O 613 -48.67 -27.56 8.08
CA ASP O 613 -48.84 -28.95 7.67
C ASP O 613 -47.72 -29.82 8.19
N LYS O 614 -46.48 -29.31 8.16
CA LYS O 614 -45.37 -30.07 8.73
C LYS O 614 -45.55 -30.27 10.24
N VAL O 615 -45.99 -29.23 10.95
CA VAL O 615 -46.25 -29.39 12.38
C VAL O 615 -47.35 -30.41 12.62
N ASP O 616 -48.39 -30.39 11.79
CA ASP O 616 -49.50 -31.33 11.95
C ASP O 616 -49.06 -32.76 11.70
N GLU O 617 -48.25 -33.00 10.67
CA GLU O 617 -47.78 -34.36 10.42
C GLU O 617 -46.79 -34.80 11.50
N ARG O 618 -46.06 -33.87 12.09
CA ARG O 618 -45.24 -34.20 13.25
C ARG O 618 -46.11 -34.63 14.42
N LEU O 619 -47.20 -33.92 14.67
CA LEU O 619 -48.11 -34.28 15.76
C LEU O 619 -48.85 -35.58 15.49
N LYS O 620 -49.04 -35.92 14.21
CA LYS O 620 -49.80 -37.10 13.84
C LYS O 620 -49.16 -38.39 14.32
N ASP O 621 -47.85 -38.37 14.61
CA ASP O 621 -47.17 -39.57 15.09
C ASP O 621 -47.69 -40.01 16.46
N ARG O 622 -48.36 -39.13 17.20
CA ARG O 622 -48.93 -39.47 18.49
C ARG O 622 -50.45 -39.37 18.49
N ASP O 623 -51.08 -39.50 17.31
CA ASP O 623 -52.54 -39.51 17.16
C ASP O 623 -53.15 -38.20 17.64
N MET O 624 -52.67 -37.10 17.06
CA MET O 624 -53.16 -35.76 17.38
C MET O 624 -53.20 -34.94 16.10
N GLY O 625 -53.59 -33.67 16.23
CA GLY O 625 -53.67 -32.80 15.08
C GLY O 625 -53.95 -31.37 15.50
N ILE O 626 -53.81 -30.46 14.54
CA ILE O 626 -53.96 -29.03 14.80
C ILE O 626 -54.83 -28.42 13.70
N GLU O 627 -55.41 -27.26 13.99
CA GLU O 627 -56.41 -26.66 13.11
C GLU O 627 -55.95 -25.37 12.43
N LEU O 628 -55.53 -24.36 13.19
CA LEU O 628 -55.08 -23.07 12.64
C LEU O 628 -56.16 -22.42 11.79
N SER O 629 -57.21 -21.97 12.46
CA SER O 629 -58.26 -21.17 11.82
C SER O 629 -57.66 -19.97 11.08
N SER O 630 -58.44 -19.37 10.18
CA SER O 630 -57.89 -18.41 9.23
C SER O 630 -57.29 -17.19 9.92
N SER O 631 -57.92 -16.73 10.99
CA SER O 631 -57.39 -15.56 11.71
C SER O 631 -56.00 -15.86 12.28
N ALA O 632 -55.80 -17.08 12.78
CA ALA O 632 -54.49 -17.47 13.28
C ALA O 632 -53.45 -17.45 12.18
N LYS O 633 -53.80 -17.94 10.99
CA LYS O 633 -52.87 -17.90 9.86
C LYS O 633 -52.52 -16.46 9.48
N GLU O 634 -53.54 -15.59 9.44
CA GLU O 634 -53.28 -14.19 9.11
C GLU O 634 -52.36 -13.54 10.13
N LEU O 635 -52.60 -13.79 11.41
CA LEU O 635 -51.75 -13.21 12.45
C LEU O 635 -50.33 -13.74 12.36
N LEU O 636 -50.18 -15.06 12.13
CA LEU O 636 -48.85 -15.65 12.02
C LEU O 636 -48.10 -15.08 10.82
N SER O 637 -48.81 -14.85 9.71
CA SER O 637 -48.17 -14.19 8.57
C SER O 637 -47.76 -12.77 8.92
N LYS O 638 -48.60 -12.05 9.67
CA LYS O 638 -48.29 -10.68 10.04
C LYS O 638 -47.02 -10.62 10.90
N LYS O 639 -46.92 -11.50 11.89
CA LYS O 639 -45.75 -11.52 12.76
C LYS O 639 -44.57 -12.20 12.06
N GLY O 640 -43.37 -11.66 12.27
CA GLY O 640 -42.18 -12.25 11.69
C GLY O 640 -42.14 -12.23 10.19
N TYR O 641 -42.47 -11.09 9.58
CA TYR O 641 -42.39 -10.97 8.13
C TYR O 641 -40.95 -10.76 7.69
N ASP O 642 -40.34 -9.66 8.11
CA ASP O 642 -38.89 -9.41 8.01
C ASP O 642 -38.36 -9.71 6.62
N PRO O 643 -38.63 -8.86 5.62
CA PRO O 643 -38.24 -9.16 4.24
C PRO O 643 -36.75 -8.95 3.95
N VAL O 644 -35.91 -9.42 4.86
CA VAL O 644 -34.47 -9.39 4.68
C VAL O 644 -33.92 -10.80 4.90
N LEU O 645 -34.64 -11.59 5.69
CA LEU O 645 -34.18 -12.91 6.10
C LEU O 645 -35.02 -14.05 5.54
N GLY O 646 -35.97 -13.76 4.65
CA GLY O 646 -36.71 -14.83 4.03
C GLY O 646 -37.74 -15.44 4.97
N ALA O 647 -37.90 -16.76 4.89
CA ALA O 647 -38.91 -17.48 5.64
C ALA O 647 -38.36 -18.16 6.89
N ARG O 648 -37.12 -17.87 7.27
CA ARG O 648 -36.56 -18.44 8.50
C ARG O 648 -37.11 -17.76 9.74
N PRO O 649 -37.26 -16.42 9.77
CA PRO O 649 -37.92 -15.80 10.93
C PRO O 649 -39.34 -16.29 11.14
N LEU O 650 -40.06 -16.65 10.07
CA LEU O 650 -41.39 -17.22 10.23
C LEU O 650 -41.34 -18.55 10.96
N ARG O 651 -40.30 -19.35 10.69
CA ARG O 651 -40.15 -20.63 11.39
C ARG O 651 -39.98 -20.42 12.88
N ARG O 652 -39.17 -19.44 13.28
CA ARG O 652 -38.97 -19.16 14.70
C ARG O 652 -40.26 -18.67 15.35
N THR O 653 -41.05 -17.87 14.63
CA THR O 653 -42.31 -17.40 15.17
C THR O 653 -43.26 -18.56 15.43
N ILE O 654 -43.36 -19.49 14.51
CA ILE O 654 -44.21 -20.66 14.72
C ILE O 654 -43.67 -21.51 15.86
N GLN O 655 -42.35 -21.64 15.95
CA GLN O 655 -41.75 -22.46 16.99
C GLN O 655 -42.01 -21.89 18.38
N ARG O 656 -41.91 -20.57 18.53
CA ARG O 656 -42.02 -19.94 19.86
C ARG O 656 -43.43 -19.53 20.22
N GLU O 657 -44.38 -19.59 19.30
CA GLU O 657 -45.76 -19.22 19.59
C GLU O 657 -46.72 -20.39 19.59
N ILE O 658 -46.44 -21.44 18.84
CA ILE O 658 -47.31 -22.60 18.73
C ILE O 658 -46.69 -23.84 19.38
N GLU O 659 -45.44 -24.15 19.04
CA GLU O 659 -44.84 -25.39 19.51
C GLU O 659 -44.58 -25.36 21.01
N ASP O 660 -44.22 -24.20 21.56
CA ASP O 660 -43.94 -24.11 22.99
C ASP O 660 -45.19 -24.38 23.82
N SER O 661 -46.30 -23.73 23.47
CA SER O 661 -47.55 -23.94 24.19
C SER O 661 -48.03 -25.37 24.05
N LEU O 662 -47.92 -25.93 22.86
CA LEU O 662 -48.32 -27.33 22.66
C LEU O 662 -47.46 -28.27 23.50
N SER O 663 -46.16 -28.01 23.58
CA SER O 663 -45.29 -28.85 24.40
C SER O 663 -45.66 -28.75 25.87
N GLU O 664 -45.94 -27.53 26.34
CA GLU O 664 -46.35 -27.36 27.74
C GLU O 664 -47.65 -28.11 28.02
N LYS O 665 -48.62 -28.03 27.10
CA LYS O 665 -49.90 -28.69 27.32
C LYS O 665 -49.76 -30.20 27.25
N ILE O 666 -48.90 -30.71 26.36
CA ILE O 666 -48.67 -32.14 26.27
C ILE O 666 -48.02 -32.66 27.55
N LEU O 667 -46.98 -31.97 28.02
CA LEU O 667 -46.33 -32.39 29.25
C LEU O 667 -47.26 -32.25 30.45
N PHE O 668 -48.04 -31.18 30.51
CA PHE O 668 -48.98 -31.00 31.60
C PHE O 668 -50.04 -32.09 31.62
N GLY O 669 -50.53 -32.48 30.45
CA GLY O 669 -51.57 -33.48 30.33
C GLY O 669 -52.94 -32.96 29.96
N GLU O 670 -53.06 -31.69 29.56
CA GLU O 670 -54.36 -31.14 29.20
C GLU O 670 -54.94 -31.84 27.97
N LEU O 671 -54.09 -32.10 26.97
CA LEU O 671 -54.53 -32.71 25.72
C LEU O 671 -53.82 -34.04 25.53
N ARG O 672 -54.58 -35.06 25.19
CA ARG O 672 -54.12 -36.44 25.12
C ARG O 672 -54.19 -36.97 23.70
N PRO O 673 -53.58 -38.12 23.43
CA PRO O 673 -53.75 -38.76 22.12
C PRO O 673 -55.23 -39.03 21.84
N GLY O 674 -55.60 -38.88 20.58
CA GLY O 674 -57.00 -38.95 20.20
C GLY O 674 -57.73 -37.63 20.27
N HIS O 675 -57.01 -36.51 20.31
CA HIS O 675 -57.60 -35.18 20.39
C HIS O 675 -56.91 -34.26 19.40
N ILE O 676 -57.61 -33.22 18.98
CA ILE O 676 -57.04 -32.20 18.10
C ILE O 676 -57.13 -30.85 18.81
N VAL O 677 -56.35 -29.90 18.29
CA VAL O 677 -56.19 -28.59 18.90
C VAL O 677 -56.62 -27.54 17.89
N VAL O 678 -57.64 -26.78 18.25
CA VAL O 678 -58.10 -25.65 17.44
C VAL O 678 -57.45 -24.39 17.99
N VAL O 679 -56.79 -23.63 17.11
CA VAL O 679 -56.09 -22.41 17.48
C VAL O 679 -56.86 -21.24 16.88
N ASP O 680 -57.18 -20.25 17.72
CA ASP O 680 -57.90 -19.07 17.28
C ASP O 680 -57.25 -17.84 17.90
N THR O 681 -57.68 -16.66 17.47
CA THR O 681 -57.11 -15.41 17.94
C THR O 681 -58.21 -14.48 18.42
N GLU O 682 -57.88 -13.66 19.40
CA GLU O 682 -58.77 -12.62 19.89
C GLU O 682 -57.93 -11.57 20.60
N GLY O 683 -58.54 -10.41 20.81
CA GLY O 683 -57.85 -9.27 21.39
C GLY O 683 -57.97 -8.07 20.48
N GLU O 684 -57.95 -8.33 19.17
CA GLU O 684 -58.10 -7.30 18.14
C GLU O 684 -57.02 -6.24 18.24
N GLY O 685 -57.06 -5.25 17.35
CA GLY O 685 -56.06 -4.21 17.35
C GLY O 685 -54.67 -4.73 17.08
N GLU O 686 -53.85 -4.78 18.13
CA GLU O 686 -52.46 -5.21 18.00
C GLU O 686 -52.04 -6.28 19.01
N THR O 687 -52.78 -6.48 20.10
CA THR O 687 -52.31 -7.38 21.15
C THR O 687 -52.43 -8.84 20.73
N LYS O 688 -53.66 -9.32 20.51
CA LYS O 688 -53.95 -10.69 20.09
C LYS O 688 -53.50 -11.73 21.13
N THR O 689 -54.05 -12.94 21.08
CA THR O 689 -53.81 -13.87 22.17
C THR O 689 -53.26 -15.24 21.79
N PHE O 690 -53.69 -15.80 20.65
CA PHE O 690 -53.43 -17.21 20.31
C PHE O 690 -54.01 -18.15 21.37
N THR O 691 -55.33 -18.17 21.44
CA THR O 691 -56.00 -19.13 22.31
C THR O 691 -56.03 -20.52 21.68
N PHE O 692 -55.85 -21.53 22.51
CA PHE O 692 -55.88 -22.93 22.12
C PHE O 692 -57.07 -23.63 22.77
N ARG O 693 -57.65 -24.58 22.06
CA ARG O 693 -58.72 -25.40 22.61
C ARG O 693 -58.51 -26.85 22.18
N GLY O 694 -58.75 -27.77 23.10
CA GLY O 694 -58.60 -29.18 22.79
C GLY O 694 -59.92 -29.91 22.72
N GLU O 695 -60.16 -30.63 21.63
CA GLU O 695 -61.44 -31.31 21.47
C GLU O 695 -61.28 -32.44 20.45
N GLU O 696 -62.26 -33.34 20.46
CA GLU O 696 -62.28 -34.44 19.51
C GLU O 696 -63.70 -34.71 19.02
N SER P 44 -24.51 -86.39 -6.47
CA SER P 44 -24.35 -85.07 -5.87
C SER P 44 -23.51 -85.14 -4.59
N LEU P 45 -22.83 -86.27 -4.40
CA LEU P 45 -22.00 -86.43 -3.21
C LEU P 45 -20.84 -85.44 -3.22
N VAL P 46 -20.20 -85.25 -4.36
CA VAL P 46 -19.09 -84.31 -4.44
C VAL P 46 -19.59 -82.87 -4.26
N LEU P 47 -20.77 -82.57 -4.80
CA LEU P 47 -21.36 -81.26 -4.57
C LEU P 47 -21.73 -81.06 -3.10
N ASP P 48 -22.27 -82.10 -2.46
CA ASP P 48 -22.63 -82.01 -1.05
C ASP P 48 -21.41 -81.94 -0.15
N GLN P 49 -20.26 -82.41 -0.60
CA GLN P 49 -19.05 -82.34 0.20
C GLN P 49 -18.50 -80.92 0.26
N PHE P 50 -18.58 -80.18 -0.83
CA PHE P 50 -18.01 -78.84 -0.92
C PHE P 50 -19.09 -77.78 -1.17
N GLY P 51 -20.32 -78.04 -0.76
CA GLY P 51 -21.38 -77.08 -0.98
C GLY P 51 -22.61 -77.42 -0.18
N ARG P 52 -23.64 -76.61 -0.38
CA ARG P 52 -24.91 -76.79 0.31
C ARG P 52 -26.06 -76.65 -0.68
N ASN P 53 -27.06 -77.53 -0.56
CA ASN P 53 -28.22 -77.50 -1.44
C ASN P 53 -29.23 -76.51 -0.89
N LEU P 54 -29.36 -75.36 -1.57
CA LEU P 54 -30.33 -74.35 -1.13
C LEU P 54 -31.76 -74.75 -1.48
N THR P 55 -31.96 -75.39 -2.64
CA THR P 55 -33.31 -75.79 -3.03
C THR P 55 -33.88 -76.82 -2.06
N GLN P 56 -33.04 -77.77 -1.62
CA GLN P 56 -33.50 -78.75 -0.64
C GLN P 56 -33.89 -78.09 0.67
N ALA P 57 -33.09 -77.12 1.12
CA ALA P 57 -33.42 -76.40 2.34
C ALA P 57 -34.73 -75.62 2.19
N ALA P 58 -34.93 -75.00 1.03
CA ALA P 58 -36.17 -74.28 0.78
C ALA P 58 -37.36 -75.22 0.74
N ARG P 59 -37.18 -76.45 0.26
CA ARG P 59 -38.25 -77.43 0.28
C ARG P 59 -38.64 -77.81 1.70
N GLU P 60 -37.71 -77.69 2.65
CA GLU P 60 -37.94 -78.02 4.04
C GLU P 60 -38.34 -76.81 4.87
N SER P 61 -38.58 -75.66 4.24
CA SER P 61 -38.99 -74.43 4.91
C SER P 61 -37.97 -74.01 5.97
N LYS P 62 -36.69 -74.07 5.61
CA LYS P 62 -35.61 -73.62 6.48
C LYS P 62 -35.11 -72.23 6.11
N LEU P 63 -35.78 -71.54 5.19
CA LEU P 63 -35.38 -70.22 4.74
C LEU P 63 -36.50 -69.23 5.04
N ASP P 64 -36.13 -68.05 5.52
CA ASP P 64 -37.11 -67.04 5.85
C ASP P 64 -37.79 -66.52 4.57
N PRO P 65 -39.05 -66.13 4.66
CA PRO P 65 -39.74 -65.63 3.47
C PRO P 65 -39.17 -64.31 2.99
N VAL P 66 -39.32 -64.07 1.69
CA VAL P 66 -38.83 -62.86 1.03
C VAL P 66 -40.03 -62.10 0.49
N ILE P 67 -40.10 -60.82 0.81
CA ILE P 67 -41.27 -59.99 0.50
C ILE P 67 -40.84 -58.82 -0.36
N GLY P 68 -41.55 -58.61 -1.46
CA GLY P 68 -41.37 -57.43 -2.30
C GLY P 68 -40.06 -57.32 -3.02
N ARG P 69 -39.54 -58.42 -3.54
CA ARG P 69 -38.31 -58.41 -4.34
C ARG P 69 -38.57 -59.03 -5.71
N GLU P 70 -39.76 -58.79 -6.27
CA GLU P 70 -40.12 -59.41 -7.53
C GLU P 70 -39.28 -58.88 -8.69
N LYS P 71 -39.00 -57.59 -8.71
CA LYS P 71 -38.25 -57.01 -9.82
C LYS P 71 -36.83 -57.55 -9.88
N GLU P 72 -36.16 -57.62 -8.73
CA GLU P 72 -34.79 -58.12 -8.70
C GLU P 72 -34.72 -59.59 -9.09
N ILE P 73 -35.66 -60.40 -8.59
CA ILE P 73 -35.68 -61.81 -8.95
C ILE P 73 -35.97 -61.99 -10.43
N GLU P 74 -36.90 -61.20 -10.97
CA GLU P 74 -37.20 -61.26 -12.40
C GLU P 74 -35.98 -60.92 -13.23
N ARG P 75 -35.25 -59.86 -12.86
CA ARG P 75 -34.06 -59.49 -13.61
C ARG P 75 -32.98 -60.55 -13.48
N VAL P 76 -32.85 -61.16 -12.30
CA VAL P 76 -31.86 -62.22 -12.11
C VAL P 76 -32.17 -63.41 -13.02
N MET P 77 -33.45 -63.81 -13.08
CA MET P 77 -33.82 -64.92 -13.96
C MET P 77 -33.61 -64.54 -15.43
N GLN P 78 -33.93 -63.30 -15.78
CA GLN P 78 -33.76 -62.85 -17.16
C GLN P 78 -32.29 -62.88 -17.57
N VAL P 79 -31.40 -62.49 -16.68
CA VAL P 79 -29.97 -62.57 -16.97
C VAL P 79 -29.52 -64.03 -17.02
N LEU P 80 -30.06 -64.86 -16.12
CA LEU P 80 -29.66 -66.27 -16.08
C LEU P 80 -30.03 -66.99 -17.36
N SER P 81 -31.19 -66.68 -17.94
CA SER P 81 -31.62 -67.33 -19.17
C SER P 81 -31.05 -66.64 -20.41
N ARG P 82 -29.74 -66.43 -20.40
CA ARG P 82 -29.03 -65.84 -21.52
C ARG P 82 -28.27 -66.94 -22.28
N ARG P 83 -27.45 -66.52 -23.25
CA ARG P 83 -26.70 -67.46 -24.08
C ARG P 83 -25.20 -67.42 -23.87
N THR P 84 -24.60 -66.24 -23.68
CA THR P 84 -23.15 -66.10 -23.65
C THR P 84 -22.62 -65.81 -22.25
N LYS P 85 -23.10 -64.75 -21.60
CA LYS P 85 -22.66 -64.41 -20.25
C LYS P 85 -23.89 -64.33 -19.36
N ASN P 86 -24.33 -65.49 -18.88
CA ASN P 86 -25.47 -65.59 -17.97
C ASN P 86 -25.02 -65.74 -16.52
N ASN P 87 -24.31 -64.72 -16.04
CA ASN P 87 -23.76 -64.72 -14.68
C ASN P 87 -24.12 -63.41 -14.00
N PRO P 88 -25.20 -63.37 -13.22
CA PRO P 88 -25.55 -62.14 -12.48
C PRO P 88 -24.82 -62.04 -11.16
N VAL P 89 -24.41 -60.81 -10.84
CA VAL P 89 -23.81 -60.50 -9.55
C VAL P 89 -24.60 -59.35 -8.93
N LEU P 90 -25.01 -59.54 -7.68
CA LEU P 90 -25.78 -58.55 -6.94
C LEU P 90 -24.82 -57.75 -6.07
N ILE P 91 -24.69 -56.45 -6.36
CA ILE P 91 -23.82 -55.56 -5.62
C ILE P 91 -24.69 -54.60 -4.82
N GLY P 92 -24.44 -54.51 -3.53
CA GLY P 92 -25.26 -53.63 -2.70
C GLY P 92 -24.68 -53.47 -1.32
N GLU P 93 -25.22 -52.47 -0.61
CA GLU P 93 -24.75 -52.17 0.73
C GLU P 93 -25.00 -53.35 1.67
N PRO P 94 -24.14 -53.54 2.68
CA PRO P 94 -24.30 -54.68 3.59
C PRO P 94 -25.57 -54.55 4.41
N GLY P 95 -26.42 -55.58 4.34
CA GLY P 95 -27.65 -55.61 5.09
C GLY P 95 -28.91 -55.27 4.31
N VAL P 96 -28.79 -55.01 3.00
CA VAL P 96 -29.96 -54.66 2.21
C VAL P 96 -30.72 -55.88 1.71
N GLY P 97 -30.17 -57.07 1.89
CA GLY P 97 -30.87 -58.28 1.49
C GLY P 97 -30.41 -58.89 0.18
N LYS P 98 -29.09 -58.93 -0.03
CA LYS P 98 -28.57 -59.54 -1.25
C LYS P 98 -28.77 -61.05 -1.24
N THR P 99 -28.45 -61.71 -0.13
CA THR P 99 -28.67 -63.14 -0.04
C THR P 99 -30.15 -63.48 0.00
N ALA P 100 -30.98 -62.56 0.51
CA ALA P 100 -32.42 -62.77 0.51
C ALA P 100 -32.97 -62.91 -0.90
N VAL P 101 -32.40 -62.21 -1.86
CA VAL P 101 -32.86 -62.34 -3.25
C VAL P 101 -32.60 -63.74 -3.77
N VAL P 102 -31.41 -64.28 -3.50
CA VAL P 102 -31.09 -65.63 -3.95
C VAL P 102 -31.97 -66.65 -3.24
N GLU P 103 -32.23 -66.45 -1.94
CA GLU P 103 -33.10 -67.37 -1.22
C GLU P 103 -34.53 -67.32 -1.75
N GLY P 104 -35.01 -66.13 -2.11
CA GLY P 104 -36.33 -66.03 -2.70
C GLY P 104 -36.39 -66.68 -4.08
N LEU P 105 -35.32 -66.56 -4.86
CA LEU P 105 -35.25 -67.26 -6.14
C LEU P 105 -35.29 -68.77 -5.94
N ALA P 106 -34.57 -69.27 -4.93
CA ALA P 106 -34.60 -70.70 -4.64
C ALA P 106 -36.00 -71.15 -4.23
N GLN P 107 -36.67 -70.34 -3.40
CA GLN P 107 -38.05 -70.68 -2.99
C GLN P 107 -38.99 -70.67 -4.19
N ALA P 108 -38.82 -69.71 -5.10
CA ALA P 108 -39.66 -69.68 -6.29
C ALA P 108 -39.40 -70.88 -7.18
N ILE P 109 -38.15 -71.32 -7.28
CA ILE P 109 -37.82 -72.51 -8.06
C ILE P 109 -38.48 -73.73 -7.43
N VAL P 110 -38.39 -73.85 -6.10
CA VAL P 110 -38.95 -75.02 -5.42
C VAL P 110 -40.47 -75.06 -5.58
N LYS P 111 -41.13 -73.95 -5.27
CA LYS P 111 -42.59 -73.87 -5.37
C LYS P 111 -42.96 -72.58 -6.08
N GLY P 112 -44.03 -72.64 -6.86
CA GLY P 112 -44.47 -71.52 -7.64
C GLY P 112 -44.11 -71.65 -9.11
N GLU P 113 -44.14 -70.51 -9.79
CA GLU P 113 -43.94 -70.45 -11.24
C GLU P 113 -42.62 -69.73 -11.53
N VAL P 114 -41.77 -70.39 -12.31
CA VAL P 114 -40.55 -69.79 -12.86
C VAL P 114 -40.57 -70.04 -14.36
N PRO P 115 -39.92 -69.21 -15.17
CA PRO P 115 -39.93 -69.42 -16.62
C PRO P 115 -39.21 -70.70 -17.00
N GLU P 116 -39.42 -71.11 -18.25
CA GLU P 116 -38.77 -72.31 -18.76
C GLU P 116 -37.25 -72.15 -18.76
N THR P 117 -36.56 -73.27 -18.94
CA THR P 117 -35.12 -73.45 -18.77
C THR P 117 -34.68 -73.27 -17.33
N LEU P 118 -35.61 -72.98 -16.41
CA LEU P 118 -35.32 -72.93 -14.99
C LEU P 118 -36.17 -73.89 -14.18
N LYS P 119 -37.00 -74.70 -14.83
CA LYS P 119 -37.83 -75.67 -14.13
C LYS P 119 -36.96 -76.79 -13.56
N ASP P 120 -37.14 -77.08 -12.29
CA ASP P 120 -36.45 -78.18 -11.59
C ASP P 120 -34.93 -78.05 -11.75
N LYS P 121 -34.42 -76.91 -11.32
CA LYS P 121 -32.98 -76.66 -11.29
C LYS P 121 -32.52 -76.63 -9.84
N HIS P 122 -31.41 -77.31 -9.56
CA HIS P 122 -30.87 -77.37 -8.21
C HIS P 122 -29.86 -76.24 -8.03
N LEU P 123 -30.10 -75.38 -7.05
CA LEU P 123 -29.24 -74.24 -6.78
C LEU P 123 -28.33 -74.59 -5.61
N TYR P 124 -27.04 -74.71 -5.88
CA TYR P 124 -26.07 -75.12 -4.88
C TYR P 124 -25.18 -73.94 -4.52
N THR P 125 -25.04 -73.69 -3.22
CA THR P 125 -24.11 -72.68 -2.71
C THR P 125 -22.74 -73.30 -2.53
N LEU P 126 -21.75 -72.76 -3.24
CA LEU P 126 -20.38 -73.25 -3.15
C LEU P 126 -19.67 -72.46 -2.06
N ASP P 127 -19.31 -73.15 -0.97
CA ASP P 127 -18.73 -72.47 0.18
C ASP P 127 -17.35 -71.90 -0.12
N LEU P 128 -16.59 -72.56 -0.99
CA LEU P 128 -15.26 -72.16 -1.44
C LEU P 128 -14.22 -72.21 -0.32
N GLY P 129 -14.61 -72.59 0.90
CA GLY P 129 -13.66 -72.70 1.99
C GLY P 129 -13.20 -74.12 2.21
N ALA P 130 -14.06 -75.08 1.86
CA ALA P 130 -13.69 -76.49 1.96
C ALA P 130 -12.73 -76.91 0.86
N LEU P 131 -12.81 -76.27 -0.31
CA LEU P 131 -11.91 -76.60 -1.40
C LEU P 131 -10.47 -76.30 -1.04
N VAL P 132 -10.22 -75.15 -0.40
CA VAL P 132 -8.86 -74.78 -0.03
C VAL P 132 -8.34 -75.67 1.09
N ALA P 133 -9.20 -75.98 2.07
CA ALA P 133 -8.77 -76.76 3.21
C ALA P 133 -8.32 -78.16 2.80
N GLY P 134 -7.25 -78.63 3.41
CA GLY P 134 -6.72 -79.96 3.11
C GLY P 134 -6.18 -80.11 1.71
N SER P 135 -5.40 -79.13 1.23
CA SER P 135 -4.81 -79.15 -0.10
C SER P 135 -3.33 -78.83 -0.03
N ARG P 136 -2.62 -79.49 0.88
CA ARG P 136 -1.20 -79.22 1.06
C ARG P 136 -0.41 -79.58 -0.20
N TYR P 137 -0.65 -80.76 -0.75
CA TYR P 137 0.13 -81.23 -1.88
C TYR P 137 -0.24 -80.46 -3.15
N ARG P 138 0.72 -80.39 -4.07
CA ARG P 138 0.50 -79.68 -5.33
C ARG P 138 -0.63 -80.32 -6.12
N GLY P 139 -1.48 -79.48 -6.70
CA GLY P 139 -2.59 -79.96 -7.51
C GLY P 139 -3.67 -80.70 -6.76
N ASP P 140 -4.04 -80.23 -5.58
CA ASP P 140 -5.18 -80.76 -4.85
C ASP P 140 -6.42 -79.90 -4.97
N PHE P 141 -6.26 -78.57 -4.86
CA PHE P 141 -7.38 -77.66 -5.09
C PHE P 141 -7.87 -77.76 -6.53
N GLU P 142 -6.94 -77.82 -7.48
CA GLU P 142 -7.31 -77.90 -8.89
C GLU P 142 -8.08 -79.19 -9.18
N GLU P 143 -7.65 -80.30 -8.59
CA GLU P 143 -8.36 -81.56 -8.80
C GLU P 143 -9.79 -81.50 -8.27
N ARG P 144 -9.97 -80.93 -7.08
CA ARG P 144 -11.31 -80.81 -6.52
C ARG P 144 -12.18 -79.90 -7.38
N LEU P 145 -11.64 -78.77 -7.82
CA LEU P 145 -12.41 -77.85 -8.66
C LEU P 145 -12.79 -78.51 -9.98
N LYS P 146 -11.85 -79.23 -10.60
CA LYS P 146 -12.15 -79.91 -11.86
C LYS P 146 -13.19 -81.00 -11.67
N LYS P 147 -13.12 -81.74 -10.57
CA LYS P 147 -14.13 -82.76 -10.29
C LYS P 147 -15.50 -82.14 -10.12
N VAL P 148 -15.59 -81.03 -9.38
CA VAL P 148 -16.88 -80.37 -9.19
C VAL P 148 -17.42 -79.86 -10.51
N LEU P 149 -16.55 -79.26 -11.34
CA LEU P 149 -17.00 -78.74 -12.62
C LEU P 149 -17.45 -79.87 -13.55
N LYS P 150 -16.75 -81.00 -13.54
CA LYS P 150 -17.13 -82.15 -14.35
C LYS P 150 -18.48 -82.68 -13.92
N GLU P 151 -18.71 -82.79 -12.61
CA GLU P 151 -20.00 -83.25 -12.11
C GLU P 151 -21.11 -82.28 -12.50
N ILE P 152 -20.84 -80.98 -12.42
CA ILE P 152 -21.84 -79.97 -12.78
C ILE P 152 -22.19 -80.06 -14.26
N ARG P 153 -21.16 -80.23 -15.11
CA ARG P 153 -21.42 -80.36 -16.54
C ARG P 153 -22.17 -81.65 -16.86
N THR P 154 -21.86 -82.75 -16.16
CA THR P 154 -22.57 -84.00 -16.39
C THR P 154 -24.04 -83.88 -15.99
N ARG P 155 -24.32 -83.37 -14.79
CA ARG P 155 -25.69 -83.18 -14.32
C ARG P 155 -26.08 -81.74 -14.59
N GLY P 156 -26.79 -81.53 -15.70
CA GLY P 156 -26.95 -80.20 -16.26
C GLY P 156 -27.87 -79.27 -15.49
N ASP P 157 -28.65 -79.78 -14.54
CA ASP P 157 -29.57 -78.93 -13.78
C ASP P 157 -28.92 -78.50 -12.46
N ILE P 158 -27.86 -77.70 -12.58
CA ILE P 158 -27.12 -77.19 -11.45
C ILE P 158 -26.82 -75.70 -11.68
N ILE P 159 -27.12 -74.87 -10.69
CA ILE P 159 -26.81 -73.45 -10.72
C ILE P 159 -25.99 -73.11 -9.49
N LEU P 160 -24.82 -72.52 -9.69
CA LEU P 160 -23.90 -72.21 -8.59
C LEU P 160 -24.20 -70.84 -8.00
N PHE P 161 -24.03 -70.74 -6.68
CA PHE P 161 -24.12 -69.49 -5.97
C PHE P 161 -22.85 -69.32 -5.14
N ILE P 162 -22.15 -68.21 -5.34
CA ILE P 162 -20.87 -67.97 -4.68
C ILE P 162 -21.01 -66.66 -3.90
N ASP P 163 -21.32 -66.76 -2.62
CA ASP P 163 -21.36 -65.59 -1.76
C ASP P 163 -19.95 -65.08 -1.53
N ALA P 164 -19.83 -63.75 -1.39
CA ALA P 164 -18.53 -63.08 -1.25
C ALA P 164 -17.63 -63.41 -2.44
N LEU P 165 -18.08 -62.96 -3.62
CA LEU P 165 -17.39 -63.30 -4.87
C LEU P 165 -15.98 -62.74 -4.93
N HIS P 166 -15.68 -61.68 -4.18
CA HIS P 166 -14.35 -61.10 -4.22
C HIS P 166 -13.29 -62.08 -3.73
N THR P 167 -13.67 -63.03 -2.89
CA THR P 167 -12.74 -64.07 -2.44
C THR P 167 -12.37 -65.04 -3.55
N LEU P 168 -13.09 -65.03 -4.67
CA LEU P 168 -12.77 -65.92 -5.78
C LEU P 168 -11.40 -65.59 -6.38
N VAL P 169 -10.99 -64.33 -6.31
CA VAL P 169 -9.70 -63.93 -6.86
C VAL P 169 -8.58 -64.44 -5.96
N GLY P 170 -7.62 -65.15 -6.54
CA GLY P 170 -6.51 -65.68 -5.77
C GLY P 170 -6.91 -66.74 -4.76
N ALA P 171 -7.84 -67.62 -5.12
CA ALA P 171 -8.22 -68.70 -4.22
C ALA P 171 -7.06 -69.65 -3.98
N GLY P 172 -6.30 -69.98 -5.03
CA GLY P 172 -5.15 -70.83 -4.88
C GLY P 172 -3.97 -70.09 -4.25
N ALA P 173 -3.10 -70.86 -3.61
CA ALA P 173 -1.96 -70.30 -2.89
C ALA P 173 -0.84 -69.96 -3.88
N ALA P 174 0.33 -69.65 -3.34
CA ALA P 174 1.49 -69.27 -4.13
C ALA P 174 2.18 -70.53 -4.66
N GLU P 175 3.40 -70.36 -5.17
CA GLU P 175 4.19 -71.44 -5.73
C GLU P 175 3.50 -72.02 -6.96
N GLY P 176 3.41 -73.33 -7.04
CA GLY P 176 2.73 -73.96 -8.16
C GLY P 176 1.26 -74.19 -7.89
N ALA P 177 0.42 -73.29 -8.37
CA ALA P 177 -1.02 -73.39 -8.16
C ALA P 177 -1.72 -72.49 -9.17
N ILE P 178 -2.87 -72.94 -9.66
CA ILE P 178 -3.71 -72.18 -10.57
C ILE P 178 -4.95 -71.75 -9.80
N ASP P 179 -5.17 -70.44 -9.72
CA ASP P 179 -6.27 -69.92 -8.93
C ASP P 179 -7.62 -70.29 -9.56
N ALA P 180 -8.66 -70.20 -8.73
CA ALA P 180 -9.99 -70.61 -9.18
C ALA P 180 -10.52 -69.70 -10.29
N ALA P 181 -10.18 -68.41 -10.23
CA ALA P 181 -10.69 -67.47 -11.22
C ALA P 181 -10.21 -67.83 -12.63
N SER P 182 -8.91 -68.13 -12.77
CA SER P 182 -8.38 -68.46 -14.08
C SER P 182 -8.93 -69.78 -14.60
N ILE P 183 -9.17 -70.74 -13.70
CA ILE P 183 -9.79 -72.00 -14.10
C ILE P 183 -11.22 -71.75 -14.59
N LEU P 184 -11.97 -70.92 -13.87
CA LEU P 184 -13.38 -70.70 -14.19
C LEU P 184 -13.59 -69.77 -15.37
N LYS P 185 -12.59 -68.96 -15.74
CA LYS P 185 -12.77 -67.99 -16.82
C LYS P 185 -13.29 -68.56 -18.13
N PRO P 186 -12.73 -69.65 -18.68
CA PRO P 186 -13.22 -70.12 -19.99
C PRO P 186 -14.68 -70.56 -19.98
N MET P 187 -15.09 -71.33 -18.97
CA MET P 187 -16.49 -71.76 -18.91
C MET P 187 -17.43 -70.58 -18.70
N LEU P 188 -17.04 -69.62 -17.86
CA LEU P 188 -17.88 -68.46 -17.64
C LEU P 188 -18.03 -67.62 -18.91
N ALA P 189 -16.94 -67.51 -19.68
CA ALA P 189 -16.99 -66.69 -20.89
C ALA P 189 -17.96 -67.26 -21.92
N ARG P 190 -17.97 -68.57 -22.10
CA ARG P 190 -18.77 -69.20 -23.14
C ARG P 190 -20.21 -69.49 -22.71
N GLY P 191 -20.54 -69.31 -21.43
CA GLY P 191 -21.88 -69.59 -20.97
C GLY P 191 -22.14 -71.03 -20.60
N GLU P 192 -21.10 -71.81 -20.33
CA GLU P 192 -21.25 -73.21 -19.98
C GLU P 192 -21.43 -73.43 -18.48
N LEU P 193 -21.47 -72.37 -17.68
CA LEU P 193 -21.57 -72.49 -16.24
C LEU P 193 -22.38 -71.32 -15.71
N GLN P 194 -23.65 -71.55 -15.41
CA GLN P 194 -24.49 -70.52 -14.82
C GLN P 194 -24.11 -70.33 -13.36
N THR P 195 -23.88 -69.08 -12.96
CA THR P 195 -23.44 -68.78 -11.61
C THR P 195 -24.02 -67.44 -11.17
N ILE P 196 -24.15 -67.29 -9.85
CA ILE P 196 -24.65 -66.08 -9.23
C ILE P 196 -23.65 -65.63 -8.18
N GLY P 197 -23.42 -64.31 -8.10
CA GLY P 197 -22.52 -63.75 -7.12
C GLY P 197 -23.19 -62.65 -6.33
N ALA P 198 -22.57 -62.29 -5.20
CA ALA P 198 -23.11 -61.26 -4.33
C ALA P 198 -21.99 -60.58 -3.57
N THR P 199 -21.88 -59.26 -3.73
CA THR P 199 -20.85 -58.47 -3.05
C THR P 199 -21.41 -57.11 -2.69
N THR P 200 -20.64 -56.38 -1.88
CA THR P 200 -20.95 -54.98 -1.63
C THR P 200 -20.14 -54.10 -2.59
N LEU P 201 -20.48 -52.81 -2.61
CA LEU P 201 -19.85 -51.90 -3.55
C LEU P 201 -18.36 -51.75 -3.27
N ASP P 202 -17.97 -51.77 -1.99
CA ASP P 202 -16.59 -51.46 -1.62
C ASP P 202 -15.62 -52.49 -2.18
N GLU P 203 -15.85 -53.78 -1.94
CA GLU P 203 -14.91 -54.78 -2.43
C GLU P 203 -15.16 -55.13 -3.89
N TYR P 204 -16.34 -54.81 -4.42
CA TYR P 204 -16.54 -54.92 -5.86
C TYR P 204 -15.66 -53.93 -6.60
N ARG P 205 -15.61 -52.68 -6.11
CA ARG P 205 -14.72 -51.69 -6.69
C ARG P 205 -13.28 -51.91 -6.28
N LYS P 206 -13.03 -52.66 -5.22
CA LYS P 206 -11.69 -52.86 -4.68
C LYS P 206 -11.01 -54.13 -5.16
N HIS P 207 -11.78 -55.19 -5.43
CA HIS P 207 -11.19 -56.47 -5.82
C HIS P 207 -11.61 -56.92 -7.21
N LEU P 208 -12.91 -56.87 -7.53
CA LEU P 208 -13.36 -57.31 -8.84
C LEU P 208 -12.82 -56.42 -9.95
N GLU P 209 -12.85 -55.10 -9.76
CA GLU P 209 -12.40 -54.18 -10.80
C GLU P 209 -10.89 -54.21 -11.00
N LYS P 210 -10.12 -54.78 -10.07
CA LYS P 210 -8.70 -54.97 -10.30
C LYS P 210 -8.45 -55.95 -11.44
N ASP P 211 -9.23 -57.03 -11.48
CA ASP P 211 -9.14 -58.02 -12.56
C ASP P 211 -10.28 -57.73 -13.53
N ALA P 212 -9.98 -56.87 -14.52
CA ALA P 212 -11.00 -56.49 -15.49
C ALA P 212 -11.45 -57.67 -16.32
N ALA P 213 -10.53 -58.59 -16.65
CA ALA P 213 -10.89 -59.75 -17.46
C ALA P 213 -11.94 -60.60 -16.77
N LEU P 214 -11.77 -60.86 -15.48
CA LEU P 214 -12.78 -61.60 -14.74
C LEU P 214 -14.03 -60.77 -14.48
N GLU P 215 -13.86 -59.45 -14.33
CA GLU P 215 -15.00 -58.58 -14.05
C GLU P 215 -15.95 -58.51 -15.24
N ARG P 216 -15.43 -58.57 -16.47
CA ARG P 216 -16.28 -58.42 -17.64
C ARG P 216 -17.25 -59.59 -17.84
N ARG P 217 -17.04 -60.71 -17.15
CA ARG P 217 -17.88 -61.89 -17.32
C ARG P 217 -19.14 -61.86 -16.47
N PHE P 218 -19.33 -60.83 -15.65
CA PHE P 218 -20.48 -60.76 -14.74
C PHE P 218 -21.30 -59.52 -15.05
N GLN P 219 -22.62 -59.68 -15.03
CA GLN P 219 -23.54 -58.57 -15.24
C GLN P 219 -24.01 -58.06 -13.89
N PRO P 220 -23.65 -56.84 -13.48
CA PRO P 220 -24.03 -56.37 -12.15
C PRO P 220 -25.50 -55.98 -12.08
N ILE P 221 -26.10 -56.22 -10.92
CA ILE P 221 -27.48 -55.84 -10.64
C ILE P 221 -27.50 -55.08 -9.32
N GLN P 222 -27.99 -53.85 -9.33
CA GLN P 222 -28.06 -53.04 -8.14
C GLN P 222 -29.22 -53.48 -7.26
N VAL P 223 -28.96 -53.64 -5.97
CA VAL P 223 -30.00 -53.93 -4.98
C VAL P 223 -30.07 -52.73 -4.05
N ALA P 224 -31.18 -52.01 -4.09
CA ALA P 224 -31.34 -50.77 -3.34
C ALA P 224 -31.96 -51.05 -1.98
N GLU P 225 -31.59 -50.22 -1.01
CA GLU P 225 -32.18 -50.33 0.33
C GLU P 225 -33.66 -49.99 0.26
N PRO P 226 -34.53 -50.80 0.87
CA PRO P 226 -35.97 -50.56 0.76
C PRO P 226 -36.39 -49.30 1.52
N SER P 227 -37.54 -48.77 1.11
CA SER P 227 -38.11 -47.60 1.76
C SER P 227 -38.81 -48.01 3.04
N LEU P 228 -39.59 -47.10 3.63
CA LEU P 228 -40.25 -47.40 4.89
C LEU P 228 -41.41 -48.37 4.74
N PRO P 229 -42.37 -48.17 3.82
CA PRO P 229 -43.45 -49.16 3.71
C PRO P 229 -42.97 -50.55 3.33
N HIS P 230 -41.94 -50.65 2.50
CA HIS P 230 -41.39 -51.97 2.16
C HIS P 230 -40.78 -52.64 3.39
N THR P 231 -40.10 -51.86 4.24
CA THR P 231 -39.58 -52.41 5.48
C THR P 231 -40.71 -52.85 6.40
N ILE P 232 -41.81 -52.10 6.42
CA ILE P 232 -42.96 -52.50 7.22
C ILE P 232 -43.52 -53.83 6.73
N GLU P 233 -43.62 -53.99 5.41
CA GLU P 233 -44.09 -55.26 4.85
C GLU P 233 -43.14 -56.41 5.19
N ILE P 234 -41.84 -56.16 5.14
CA ILE P 234 -40.86 -57.18 5.49
C ILE P 234 -41.00 -57.59 6.95
N LEU P 235 -41.19 -56.61 7.83
CA LEU P 235 -41.39 -56.90 9.25
C LEU P 235 -42.67 -57.70 9.46
N LYS P 236 -43.74 -57.35 8.74
CA LYS P 236 -44.98 -58.11 8.85
C LYS P 236 -44.78 -59.55 8.39
N GLY P 237 -43.96 -59.74 7.35
CA GLY P 237 -43.69 -61.09 6.88
C GLY P 237 -42.90 -61.91 7.89
N LEU P 238 -41.88 -61.30 8.51
CA LEU P 238 -41.03 -62.03 9.45
C LEU P 238 -41.60 -62.10 10.87
N ARG P 239 -42.72 -61.40 11.12
CA ARG P 239 -43.31 -61.40 12.45
C ARG P 239 -43.68 -62.81 12.90
N ASP P 240 -44.23 -63.62 11.99
CA ASP P 240 -44.65 -64.97 12.37
C ASP P 240 -43.47 -65.80 12.85
N ARG P 241 -42.38 -65.79 12.08
CA ARG P 241 -41.20 -66.57 12.47
C ARG P 241 -40.61 -66.07 13.78
N TYR P 242 -40.51 -64.75 13.96
CA TYR P 242 -39.89 -64.24 15.18
C TYR P 242 -40.78 -64.49 16.40
N GLU P 243 -42.10 -64.38 16.24
CA GLU P 243 -43.01 -64.72 17.32
C GLU P 243 -42.91 -66.20 17.68
N ALA P 244 -42.81 -67.06 16.67
CA ALA P 244 -42.68 -68.49 16.93
C ALA P 244 -41.39 -68.79 17.69
N HIS P 245 -40.29 -68.15 17.29
CA HIS P 245 -39.02 -68.42 17.96
C HIS P 245 -39.01 -67.89 19.38
N HIS P 246 -39.51 -66.68 19.59
CA HIS P 246 -39.45 -66.05 20.90
C HIS P 246 -40.66 -66.35 21.78
N ARG P 247 -41.69 -67.03 21.24
CA ARG P 247 -42.89 -67.38 22.00
C ARG P 247 -43.55 -66.15 22.61
N VAL P 248 -43.63 -65.07 21.84
CA VAL P 248 -44.23 -63.82 22.28
C VAL P 248 -45.22 -63.36 21.21
N SER P 249 -45.82 -62.20 21.46
CA SER P 249 -46.78 -61.58 20.54
C SER P 249 -46.32 -60.17 20.22
N ILE P 250 -46.29 -59.84 18.93
CA ILE P 250 -45.84 -58.55 18.44
C ILE P 250 -47.01 -57.85 17.75
N THR P 251 -47.26 -56.60 18.13
CA THR P 251 -48.35 -55.83 17.55
C THR P 251 -47.88 -55.08 16.30
N ASP P 252 -48.86 -54.61 15.52
CA ASP P 252 -48.54 -53.83 14.32
C ASP P 252 -47.86 -52.52 14.69
N GLU P 253 -48.33 -51.87 15.76
CA GLU P 253 -47.70 -50.64 16.21
C GLU P 253 -46.25 -50.87 16.59
N ALA P 254 -45.93 -52.04 17.15
CA ALA P 254 -44.54 -52.37 17.46
C ALA P 254 -43.68 -52.37 16.20
N LEU P 255 -44.18 -53.00 15.13
CA LEU P 255 -43.43 -53.03 13.87
C LEU P 255 -43.27 -51.63 13.29
N VAL P 256 -44.34 -50.83 13.31
CA VAL P 256 -44.27 -49.49 12.75
C VAL P 256 -43.26 -48.64 13.53
N GLN P 257 -43.33 -48.70 14.86
CA GLN P 257 -42.39 -47.95 15.69
C GLN P 257 -40.96 -48.42 15.47
N ALA P 258 -40.75 -49.73 15.37
CA ALA P 258 -39.41 -50.24 15.15
C ALA P 258 -38.84 -49.73 13.84
N ALA P 259 -39.63 -49.80 12.77
CA ALA P 259 -39.17 -49.32 11.46
C ALA P 259 -38.85 -47.83 11.51
N THR P 260 -39.76 -47.04 12.08
CA THR P 260 -39.55 -45.59 12.09
C THR P 260 -38.33 -45.21 12.92
N LEU P 261 -38.21 -45.77 14.12
CA LEU P 261 -37.09 -45.44 14.99
C LEU P 261 -35.77 -45.90 14.39
N ALA P 262 -35.74 -47.09 13.79
CA ALA P 262 -34.51 -47.57 13.16
C ALA P 262 -34.12 -46.68 12.00
N ASP P 263 -35.09 -46.22 11.21
CA ASP P 263 -34.79 -45.33 10.11
C ASP P 263 -34.28 -43.99 10.61
N ARG P 264 -34.83 -43.48 11.71
CA ARG P 264 -34.54 -42.11 12.11
C ARG P 264 -33.26 -42.01 12.95
N TYR P 265 -33.01 -42.96 13.86
CA TYR P 265 -32.01 -42.75 14.89
C TYR P 265 -30.71 -43.51 14.69
N ILE P 266 -30.72 -44.66 14.03
CA ILE P 266 -29.50 -45.42 13.77
C ILE P 266 -28.95 -45.01 12.41
N SER P 267 -27.66 -44.71 12.37
CA SER P 267 -27.05 -44.07 11.20
C SER P 267 -26.10 -44.96 10.42
N ASP P 268 -25.33 -45.82 11.09
CA ASP P 268 -24.27 -46.56 10.43
C ASP P 268 -24.73 -47.90 9.85
N ARG P 269 -26.01 -48.24 9.98
CA ARG P 269 -26.55 -49.49 9.47
C ARG P 269 -27.66 -49.17 8.46
N PHE P 270 -28.31 -50.24 7.96
CA PHE P 270 -29.30 -50.10 6.90
C PHE P 270 -30.62 -50.73 7.33
N LEU P 271 -31.70 -50.27 6.69
CA LEU P 271 -33.03 -50.32 7.29
C LEU P 271 -33.52 -51.73 7.64
N PRO P 272 -33.50 -52.72 6.74
CA PRO P 272 -34.06 -54.04 7.12
C PRO P 272 -33.33 -54.66 8.31
N ASP P 273 -32.00 -54.59 8.30
CA ASP P 273 -31.23 -55.17 9.39
C ASP P 273 -31.50 -54.44 10.70
N LYS P 274 -31.61 -53.12 10.65
CA LYS P 274 -31.90 -52.34 11.86
C LYS P 274 -33.25 -52.72 12.44
N ALA P 275 -34.29 -52.75 11.61
CA ALA P 275 -35.62 -53.08 12.11
C ALA P 275 -35.67 -54.50 12.67
N ILE P 276 -35.05 -55.45 11.96
CA ILE P 276 -35.04 -56.83 12.41
C ILE P 276 -34.30 -56.95 13.74
N ASP P 277 -33.17 -56.26 13.87
CA ASP P 277 -32.42 -56.30 15.12
C ASP P 277 -33.23 -55.73 16.26
N LEU P 278 -33.93 -54.61 16.03
CA LEU P 278 -34.75 -54.03 17.09
C LEU P 278 -35.84 -55.00 17.53
N ILE P 279 -36.56 -55.58 16.57
CA ILE P 279 -37.64 -56.50 16.90
C ILE P 279 -37.11 -57.72 17.65
N ASP P 280 -36.01 -58.29 17.15
CA ASP P 280 -35.45 -59.49 17.77
C ASP P 280 -34.98 -59.20 19.19
N GLU P 281 -34.30 -58.07 19.41
CA GLU P 281 -33.80 -57.77 20.74
C GLU P 281 -34.94 -57.47 21.71
N ALA P 282 -35.99 -56.78 21.24
CA ALA P 282 -37.14 -56.56 22.10
C ALA P 282 -37.82 -57.87 22.48
N GLY P 283 -37.96 -58.78 21.51
CA GLY P 283 -38.54 -60.08 21.81
C GLY P 283 -37.70 -60.87 22.81
N SER P 284 -36.38 -60.85 22.63
CA SER P 284 -35.50 -61.55 23.56
C SER P 284 -35.59 -60.94 24.97
N ARG P 285 -35.63 -59.61 25.05
CA ARG P 285 -35.74 -58.96 26.35
C ARG P 285 -37.04 -59.33 27.04
N MET P 286 -38.15 -59.35 26.31
CA MET P 286 -39.41 -59.70 26.95
C MET P 286 -39.46 -61.17 27.32
N ARG P 287 -38.88 -62.05 26.49
CA ARG P 287 -38.85 -63.47 26.83
C ARG P 287 -38.03 -63.72 28.08
N ILE P 288 -36.87 -63.07 28.21
CA ILE P 288 -36.04 -63.24 29.39
C ILE P 288 -36.74 -62.71 30.64
N ARG P 289 -37.56 -61.66 30.48
CA ARG P 289 -38.25 -61.07 31.62
C ARG P 289 -39.15 -62.09 32.32
N ARG P 290 -39.77 -62.98 31.55
CA ARG P 290 -40.61 -64.02 32.13
C ARG P 290 -39.76 -65.11 32.77
N VAL P 352 -50.18 -63.73 28.24
CA VAL P 352 -49.09 -64.03 27.31
C VAL P 352 -48.25 -62.77 27.10
N ALA P 353 -46.94 -62.96 26.90
CA ALA P 353 -46.05 -61.84 26.69
C ALA P 353 -46.40 -61.10 25.39
N GLU P 354 -46.36 -59.78 25.46
CA GLU P 354 -46.73 -58.93 24.33
C GLU P 354 -45.69 -57.85 24.15
N VAL P 355 -45.36 -57.55 22.89
CA VAL P 355 -44.37 -56.55 22.54
C VAL P 355 -45.08 -55.40 21.82
N ASP P 356 -44.87 -54.18 22.32
CA ASP P 356 -45.55 -53.01 21.77
C ASP P 356 -44.54 -51.87 21.65
N GLY P 357 -45.05 -50.66 21.43
CA GLY P 357 -44.20 -49.55 21.07
C GLY P 357 -43.22 -49.14 22.16
N GLU P 358 -43.68 -49.12 23.41
CA GLU P 358 -42.81 -48.63 24.47
C GLU P 358 -41.62 -49.54 24.72
N LEU P 359 -41.78 -50.85 24.52
CA LEU P 359 -40.64 -51.75 24.65
C LEU P 359 -39.60 -51.47 23.57
N ILE P 360 -40.05 -51.24 22.33
CA ILE P 360 -39.13 -50.90 21.25
C ILE P 360 -38.41 -49.60 21.56
N ALA P 361 -39.14 -48.59 22.04
CA ALA P 361 -38.54 -47.32 22.37
C ALA P 361 -37.51 -47.46 23.48
N GLU P 362 -37.83 -48.24 24.50
CA GLU P 362 -36.89 -48.47 25.61
C GLU P 362 -35.63 -49.18 25.12
N VAL P 363 -35.80 -50.18 24.24
CA VAL P 363 -34.65 -50.90 23.71
C VAL P 363 -33.76 -49.96 22.91
N LEU P 364 -34.37 -49.14 22.05
CA LEU P 364 -33.58 -48.20 21.24
C LEU P 364 -32.86 -47.18 22.12
N ALA P 365 -33.54 -46.67 23.15
CA ALA P 365 -32.93 -45.70 24.03
C ALA P 365 -31.76 -46.31 24.80
N THR P 366 -31.91 -47.55 25.26
CA THR P 366 -30.81 -48.21 25.94
C THR P 366 -29.64 -48.45 25.00
N ALA P 367 -29.93 -48.79 23.74
CA ALA P 367 -28.86 -49.07 22.79
C ALA P 367 -28.09 -47.81 22.42
N THR P 368 -28.81 -46.72 22.13
CA THR P 368 -28.17 -45.51 21.60
C THR P 368 -27.95 -44.43 22.64
N GLY P 369 -28.76 -44.38 23.70
CA GLY P 369 -28.65 -43.34 24.70
C GLY P 369 -29.51 -42.12 24.45
N ILE P 370 -30.13 -42.02 23.28
CA ILE P 370 -31.01 -40.89 22.98
C ILE P 370 -32.33 -41.09 23.73
N PRO P 371 -32.83 -40.09 24.45
CA PRO P 371 -34.09 -40.26 25.19
C PRO P 371 -35.28 -40.29 24.25
N VAL P 372 -35.86 -41.48 24.04
CA VAL P 372 -37.05 -41.64 23.23
C VAL P 372 -38.12 -42.49 23.90
N PHE P 373 -37.89 -42.92 25.14
CA PHE P 373 -38.85 -43.76 25.84
C PHE P 373 -40.10 -42.96 26.21
N LYS P 374 -41.17 -43.70 26.50
CA LYS P 374 -42.47 -43.09 26.77
C LYS P 374 -42.43 -42.27 28.05
N LEU P 375 -43.09 -41.11 28.01
CA LEU P 375 -43.05 -40.17 29.13
C LEU P 375 -43.87 -40.70 30.31
N THR P 376 -43.26 -40.68 31.49
CA THR P 376 -43.96 -41.03 32.72
C THR P 376 -44.33 -39.75 33.48
N GLU P 377 -45.21 -39.92 34.48
CA GLU P 377 -45.69 -38.77 35.23
C GLU P 377 -44.57 -38.10 36.02
N GLU P 378 -43.69 -38.89 36.63
CA GLU P 378 -42.59 -38.31 37.40
C GLU P 378 -41.64 -37.51 36.52
N GLU P 379 -41.30 -38.05 35.34
CA GLU P 379 -40.41 -37.35 34.44
C GLU P 379 -41.07 -36.09 33.89
N SER P 380 -42.37 -36.14 33.62
CA SER P 380 -43.08 -34.95 33.18
C SER P 380 -43.08 -33.88 34.26
N SER P 381 -43.30 -34.27 35.52
CA SER P 381 -43.24 -33.31 36.62
C SER P 381 -41.85 -32.72 36.75
N ARG P 382 -40.81 -33.54 36.61
CA ARG P 382 -39.44 -33.05 36.69
C ARG P 382 -39.16 -32.06 35.57
N LEU P 383 -39.64 -32.35 34.36
CA LEU P 383 -39.42 -31.44 33.24
C LEU P 383 -40.18 -30.13 33.41
N LEU P 384 -41.36 -30.19 34.03
CA LEU P 384 -42.13 -28.97 34.24
C LEU P 384 -41.49 -28.05 35.28
N ARG P 385 -40.56 -28.57 36.08
CA ARG P 385 -39.84 -27.77 37.08
C ARG P 385 -38.36 -27.63 36.73
N MET P 386 -38.04 -27.55 35.45
CA MET P 386 -36.64 -27.49 35.04
C MET P 386 -35.98 -26.18 35.47
N GLU P 387 -36.73 -25.07 35.42
CA GLU P 387 -36.16 -23.78 35.80
C GLU P 387 -35.76 -23.77 37.27
N ASP P 388 -36.61 -24.32 38.15
CA ASP P 388 -36.29 -24.35 39.57
C ASP P 388 -35.07 -25.23 39.84
N GLU P 389 -34.97 -26.35 39.14
CA GLU P 389 -33.80 -27.22 39.31
C GLU P 389 -32.53 -26.54 38.83
N LEU P 390 -32.60 -25.82 37.71
CA LEU P 390 -31.42 -25.15 37.18
C LEU P 390 -31.02 -23.96 38.05
N HIS P 391 -31.98 -23.29 38.68
CA HIS P 391 -31.66 -22.12 39.49
C HIS P 391 -30.93 -22.46 40.78
N LYS P 392 -30.84 -23.75 41.14
CA LYS P 392 -30.07 -24.13 42.32
C LYS P 392 -28.59 -23.87 42.14
N ARG P 393 -28.12 -23.73 40.90
CA ARG P 393 -26.71 -23.46 40.62
C ARG P 393 -26.46 -22.11 39.96
N VAL P 394 -27.44 -21.57 39.26
CA VAL P 394 -27.32 -20.28 38.58
C VAL P 394 -28.29 -19.31 39.24
N ILE P 395 -27.77 -18.18 39.71
CA ILE P 395 -28.58 -17.14 40.35
C ILE P 395 -28.87 -16.07 39.31
N GLY P 396 -30.15 -15.74 39.14
CA GLY P 396 -30.53 -14.78 38.13
C GLY P 396 -30.54 -15.40 36.74
N GLN P 397 -30.42 -14.52 35.74
CA GLN P 397 -30.43 -14.90 34.33
C GLN P 397 -31.64 -15.77 34.02
N VAL P 398 -32.82 -15.20 34.26
CA VAL P 398 -34.06 -15.96 34.13
C VAL P 398 -34.37 -16.28 32.68
N ASP P 399 -34.09 -15.32 31.78
CA ASP P 399 -34.47 -15.51 30.38
C ASP P 399 -33.72 -16.68 29.74
N ALA P 400 -32.41 -16.80 30.02
CA ALA P 400 -31.65 -17.90 29.45
C ALA P 400 -32.13 -19.24 29.97
N VAL P 401 -32.45 -19.31 31.27
CA VAL P 401 -32.97 -20.55 31.83
C VAL P 401 -34.31 -20.91 31.20
N LYS P 402 -35.17 -19.91 31.00
CA LYS P 402 -36.44 -20.18 30.33
C LYS P 402 -36.22 -20.68 28.91
N ALA P 403 -35.29 -20.09 28.18
CA ALA P 403 -35.03 -20.53 26.81
C ALA P 403 -34.54 -21.97 26.78
N LEU P 404 -33.58 -22.30 27.66
CA LEU P 404 -33.07 -23.67 27.70
C LEU P 404 -34.15 -24.66 28.09
N SER P 405 -34.97 -24.32 29.09
CA SER P 405 -36.03 -25.21 29.51
C SER P 405 -37.07 -25.39 28.41
N LYS P 406 -37.39 -24.32 27.69
CA LYS P 406 -38.32 -24.42 26.58
C LYS P 406 -37.78 -25.35 25.50
N ALA P 407 -36.49 -25.21 25.17
CA ALA P 407 -35.90 -26.08 24.16
C ALA P 407 -35.95 -27.54 24.58
N ILE P 408 -35.58 -27.81 25.83
CA ILE P 408 -35.57 -29.19 26.30
C ILE P 408 -36.99 -29.76 26.34
N ARG P 409 -37.96 -28.97 26.80
CA ARG P 409 -39.35 -29.43 26.83
C ARG P 409 -39.87 -29.70 25.44
N ARG P 410 -39.56 -28.83 24.48
CA ARG P 410 -39.99 -29.05 23.11
C ARG P 410 -39.36 -30.30 22.53
N THR P 411 -38.08 -30.54 22.84
CA THR P 411 -37.43 -31.76 22.37
C THR P 411 -38.09 -33.01 22.96
N ARG P 412 -38.38 -32.99 24.26
CA ARG P 412 -38.96 -34.17 24.91
C ARG P 412 -40.42 -34.36 24.57
N ALA P 413 -41.16 -33.29 24.28
CA ALA P 413 -42.57 -33.41 23.97
C ALA P 413 -42.83 -34.02 22.59
N GLY P 414 -41.81 -34.11 21.75
CA GLY P 414 -41.98 -34.69 20.43
C GLY P 414 -42.29 -33.71 19.32
N LEU P 415 -42.08 -32.40 19.55
CA LEU P 415 -42.34 -31.39 18.54
C LEU P 415 -41.07 -30.85 17.91
N LYS P 416 -39.95 -31.54 18.11
CA LYS P 416 -38.68 -31.10 17.53
C LYS P 416 -38.67 -31.39 16.02
N ASP P 417 -38.04 -30.50 15.27
CA ASP P 417 -37.84 -30.72 13.85
C ASP P 417 -36.84 -31.85 13.66
N PRO P 418 -37.21 -32.94 12.98
CA PRO P 418 -36.31 -34.10 12.89
C PRO P 418 -35.14 -33.92 11.94
N LYS P 419 -34.93 -32.69 11.46
CA LYS P 419 -33.84 -32.41 10.52
C LYS P 419 -32.89 -31.34 11.03
N ARG P 420 -33.02 -30.92 12.27
CA ARG P 420 -32.19 -29.87 12.84
C ARG P 420 -31.86 -30.22 14.28
N PRO P 421 -30.78 -29.67 14.82
CA PRO P 421 -30.43 -29.93 16.23
C PRO P 421 -31.54 -29.48 17.16
N GLY P 422 -31.45 -29.96 18.41
CA GLY P 422 -32.48 -29.66 19.39
C GLY P 422 -32.60 -28.18 19.68
N GLY P 423 -31.47 -27.49 19.79
CA GLY P 423 -31.49 -26.06 20.02
C GLY P 423 -30.15 -25.44 19.68
N SER P 424 -30.18 -24.16 19.31
CA SER P 424 -28.97 -23.41 19.02
C SER P 424 -29.08 -22.05 19.70
N PHE P 425 -28.14 -21.77 20.59
CA PHE P 425 -28.19 -20.57 21.41
C PHE P 425 -26.88 -19.80 21.31
N ILE P 426 -26.99 -18.48 21.30
CA ILE P 426 -25.83 -17.59 21.40
C ILE P 426 -25.98 -16.83 22.71
N PHE P 427 -25.14 -17.18 23.69
CA PHE P 427 -25.14 -16.54 24.99
C PHE P 427 -24.14 -15.38 24.95
N ALA P 428 -24.65 -14.16 24.82
CA ALA P 428 -23.81 -12.98 24.77
C ALA P 428 -23.97 -12.18 26.06
N GLY P 429 -22.84 -11.82 26.67
CA GLY P 429 -22.89 -11.06 27.89
C GLY P 429 -21.52 -10.70 28.46
N PRO P 430 -21.52 -9.90 29.52
CA PRO P 430 -20.23 -9.46 30.11
C PRO P 430 -19.49 -10.59 30.79
N SER P 431 -18.35 -10.27 31.38
CA SER P 431 -17.51 -11.30 32.00
C SER P 431 -18.03 -11.67 33.39
N GLY P 432 -17.94 -12.96 33.70
CA GLY P 432 -18.29 -13.45 35.02
C GLY P 432 -19.75 -13.30 35.39
N VAL P 433 -20.66 -13.57 34.46
CA VAL P 433 -22.09 -13.49 34.74
C VAL P 433 -22.76 -14.86 34.76
N GLY P 434 -22.14 -15.90 34.22
CA GLY P 434 -22.70 -17.23 34.30
C GLY P 434 -22.98 -17.87 32.96
N LYS P 435 -22.25 -17.45 31.92
CA LYS P 435 -22.47 -18.04 30.59
C LYS P 435 -22.00 -19.49 30.54
N THR P 436 -20.78 -19.75 31.02
CA THR P 436 -20.29 -21.13 31.07
C THR P 436 -20.89 -21.90 32.23
N GLU P 437 -21.21 -21.21 33.33
CA GLU P 437 -21.84 -21.88 34.47
C GLU P 437 -23.20 -22.45 34.08
N LEU P 438 -23.96 -21.72 33.27
CA LEU P 438 -25.25 -22.23 32.83
C LEU P 438 -25.10 -23.47 31.96
N SER P 439 -24.11 -23.49 31.07
CA SER P 439 -23.86 -24.67 30.25
C SER P 439 -23.48 -25.86 31.11
N LYS P 440 -22.61 -25.65 32.10
CA LYS P 440 -22.22 -26.74 32.99
C LYS P 440 -23.41 -27.24 33.79
N ALA P 441 -24.27 -26.33 34.26
CA ALA P 441 -25.45 -26.73 35.00
C ALA P 441 -26.41 -27.52 34.12
N LEU P 442 -26.58 -27.09 32.86
CA LEU P 442 -27.43 -27.84 31.93
C LEU P 442 -26.89 -29.24 31.69
N ALA P 443 -25.58 -29.37 31.51
CA ALA P 443 -24.99 -30.69 31.31
C ALA P 443 -25.19 -31.57 32.53
N GLU P 444 -24.99 -31.00 33.73
CA GLU P 444 -25.17 -31.76 34.96
C GLU P 444 -26.62 -32.20 35.13
N PHE P 445 -27.57 -31.31 34.81
CA PHE P 445 -28.97 -31.68 34.88
C PHE P 445 -29.29 -32.78 33.87
N LEU P 446 -28.68 -32.72 32.70
CA LEU P 446 -29.02 -33.66 31.64
C LEU P 446 -28.44 -35.04 31.91
N PHE P 447 -27.10 -35.19 31.91
CA PHE P 447 -26.61 -36.56 31.97
C PHE P 447 -26.25 -37.04 33.37
N GLY P 448 -25.15 -36.56 33.93
CA GLY P 448 -24.92 -36.78 35.35
C GLY P 448 -24.04 -35.77 36.06
N ASP P 449 -23.45 -34.85 35.30
CA ASP P 449 -22.41 -33.96 35.82
C ASP P 449 -21.94 -33.05 34.70
N GLU P 450 -21.10 -32.09 35.05
CA GLU P 450 -20.51 -31.18 34.08
C GLU P 450 -19.40 -31.83 33.26
N ASP P 451 -18.96 -33.04 33.62
CA ASP P 451 -17.88 -33.70 32.92
C ASP P 451 -18.31 -34.33 31.59
N ALA P 452 -19.62 -34.42 31.35
CA ALA P 452 -20.13 -34.97 30.10
C ALA P 452 -20.25 -33.91 29.00
N LEU P 453 -19.93 -32.66 29.31
CA LEU P 453 -20.00 -31.60 28.32
C LEU P 453 -18.90 -31.77 27.28
N ILE P 454 -19.22 -31.42 26.04
CA ILE P 454 -18.24 -31.37 24.96
C ILE P 454 -17.91 -29.90 24.75
N SER P 455 -16.74 -29.49 25.23
CA SER P 455 -16.36 -28.08 25.26
C SER P 455 -15.17 -27.85 24.34
N LEU P 456 -15.27 -26.84 23.48
CA LEU P 456 -14.19 -26.41 22.61
C LEU P 456 -13.77 -25.00 22.99
N ASP P 457 -12.47 -24.81 23.18
CA ASP P 457 -11.92 -23.49 23.48
C ASP P 457 -11.49 -22.85 22.17
N MET P 458 -12.31 -21.94 21.66
CA MET P 458 -12.07 -21.35 20.35
C MET P 458 -10.88 -20.40 20.32
N SER P 459 -10.22 -20.18 21.45
CA SER P 459 -8.99 -19.39 21.45
C SER P 459 -7.88 -20.08 20.66
N GLU P 460 -7.96 -21.41 20.51
CA GLU P 460 -6.96 -22.13 19.76
C GLU P 460 -7.22 -22.12 18.26
N PHE P 461 -8.44 -21.80 17.84
CA PHE P 461 -8.77 -21.71 16.41
C PHE P 461 -8.58 -20.29 15.89
N SER P 462 -7.42 -19.71 16.15
CA SER P 462 -7.14 -18.35 15.72
C SER P 462 -6.82 -18.29 14.23
N GLU P 463 -6.16 -19.31 13.69
CA GLU P 463 -5.79 -19.35 12.28
C GLU P 463 -6.81 -20.18 11.51
N LYS P 464 -7.14 -19.71 10.30
CA LYS P 464 -8.19 -20.33 9.50
C LYS P 464 -7.83 -21.73 9.02
N HIS P 465 -6.56 -22.14 9.10
CA HIS P 465 -6.17 -23.46 8.65
C HIS P 465 -6.27 -24.50 9.75
N THR P 466 -6.71 -24.12 10.94
CA THR P 466 -6.92 -25.07 12.04
C THR P 466 -8.25 -25.80 11.93
N VAL P 467 -9.09 -25.43 10.97
CA VAL P 467 -10.43 -26.03 10.86
C VAL P 467 -10.35 -27.52 10.62
N SER P 468 -9.22 -28.04 10.15
CA SER P 468 -9.05 -29.47 9.97
C SER P 468 -9.22 -30.24 11.27
N ARG P 469 -9.00 -29.59 12.43
CA ARG P 469 -9.24 -30.25 13.71
C ARG P 469 -10.69 -30.67 13.89
N LEU P 470 -11.62 -30.07 13.14
CA LEU P 470 -13.01 -30.50 13.15
C LEU P 470 -13.27 -31.61 12.13
N PHE P 471 -12.51 -31.64 11.03
CA PHE P 471 -12.74 -32.60 9.96
C PHE P 471 -11.69 -33.69 9.91
N GLY P 472 -10.42 -33.32 9.94
CA GLY P 472 -9.32 -34.24 9.69
C GLY P 472 -8.62 -33.94 8.38
N SER P 473 -7.42 -34.51 8.25
CA SER P 473 -6.61 -34.25 7.08
C SER P 473 -7.25 -34.88 5.83
N PRO P 474 -7.13 -34.22 4.68
CA PRO P 474 -7.66 -34.80 3.44
C PRO P 474 -6.86 -36.02 3.05
N PRO P 475 -7.38 -36.84 2.12
CA PRO P 475 -6.64 -38.04 1.72
C PRO P 475 -5.27 -37.70 1.17
N GLY P 476 -4.29 -38.53 1.53
CA GLY P 476 -2.93 -38.32 1.10
C GLY P 476 -2.12 -37.38 1.97
N TYR P 477 -2.54 -37.13 3.20
CA TYR P 477 -1.85 -36.22 4.10
C TYR P 477 -1.71 -36.84 5.47
N VAL P 478 -0.74 -36.33 6.23
CA VAL P 478 -0.44 -36.89 7.55
C VAL P 478 -1.64 -36.70 8.47
N GLY P 479 -1.95 -37.75 9.25
CA GLY P 479 -3.08 -37.71 10.13
C GLY P 479 -4.41 -37.98 9.47
N TYR P 480 -4.41 -38.53 8.25
CA TYR P 480 -5.66 -38.79 7.55
C TYR P 480 -6.45 -39.91 8.21
N GLU P 481 -5.76 -40.95 8.67
CA GLU P 481 -6.46 -42.10 9.26
C GLU P 481 -7.06 -41.79 10.61
N GLU P 482 -6.59 -40.74 11.28
CA GLU P 482 -7.08 -40.45 12.63
C GLU P 482 -8.51 -39.90 12.62
N GLY P 483 -8.95 -39.30 11.52
CA GLY P 483 -10.27 -38.74 11.45
C GLY P 483 -10.38 -37.43 12.20
N GLY P 484 -11.60 -36.91 12.25
CA GLY P 484 -11.85 -35.67 12.96
C GLY P 484 -11.87 -35.86 14.46
N GLN P 485 -11.81 -34.74 15.18
CA GLN P 485 -11.86 -34.75 16.63
C GLN P 485 -13.25 -34.44 17.17
N LEU P 486 -13.95 -33.47 16.60
CA LEU P 486 -15.32 -33.20 17.01
C LEU P 486 -16.27 -34.26 16.46
N THR P 487 -16.04 -34.69 15.21
CA THR P 487 -16.93 -35.66 14.58
C THR P 487 -16.92 -36.99 15.33
N GLU P 488 -15.73 -37.45 15.74
CA GLU P 488 -15.66 -38.72 16.47
C GLU P 488 -16.37 -38.63 17.82
N LYS P 489 -16.18 -37.52 18.54
CA LYS P 489 -16.82 -37.35 19.84
C LYS P 489 -18.33 -37.31 19.69
N VAL P 490 -18.84 -36.60 18.68
CA VAL P 490 -20.28 -36.55 18.47
C VAL P 490 -20.82 -37.89 18.03
N ARG P 491 -20.07 -38.62 17.20
CA ARG P 491 -20.52 -39.92 16.71
C ARG P 491 -20.58 -40.94 17.84
N ARG P 492 -19.64 -40.88 18.78
CA ARG P 492 -19.65 -41.81 19.90
C ARG P 492 -20.64 -41.42 20.99
N LYS P 493 -21.28 -40.26 20.88
CA LYS P 493 -22.26 -39.80 21.85
C LYS P 493 -23.25 -38.90 21.13
N PRO P 494 -24.24 -39.48 20.45
CA PRO P 494 -25.15 -38.67 19.63
C PRO P 494 -25.94 -37.63 20.41
N PHE P 495 -26.31 -37.90 21.66
CA PHE P 495 -27.08 -36.97 22.48
C PHE P 495 -26.11 -36.33 23.46
N SER P 496 -25.72 -35.08 23.19
CA SER P 496 -24.77 -34.37 24.03
C SER P 496 -24.94 -32.87 23.79
N VAL P 497 -24.29 -32.08 24.65
CA VAL P 497 -24.30 -30.64 24.56
C VAL P 497 -22.94 -30.20 24.05
N VAL P 498 -22.93 -29.42 22.95
CA VAL P 498 -21.70 -28.94 22.34
C VAL P 498 -21.59 -27.45 22.62
N LEU P 499 -20.45 -27.04 23.18
CA LEU P 499 -20.22 -25.69 23.63
C LEU P 499 -19.01 -25.09 22.91
N PHE P 500 -19.19 -23.89 22.37
CA PHE P 500 -18.12 -23.13 21.73
C PHE P 500 -17.87 -21.89 22.60
N ASP P 501 -16.75 -21.87 23.30
CA ASP P 501 -16.46 -20.85 24.29
C ASP P 501 -15.60 -19.75 23.67
N ALA P 502 -16.02 -18.50 23.86
CA ALA P 502 -15.32 -17.33 23.32
C ALA P 502 -15.23 -17.41 21.80
N VAL P 503 -16.41 -17.40 21.16
CA VAL P 503 -16.49 -17.59 19.72
C VAL P 503 -15.82 -16.45 18.97
N GLU P 504 -15.84 -15.23 19.54
CA GLU P 504 -15.29 -14.07 18.84
C GLU P 504 -13.77 -14.10 18.74
N LYS P 505 -13.10 -14.97 19.49
CA LYS P 505 -11.65 -15.03 19.49
C LYS P 505 -11.08 -16.03 18.50
N ALA P 506 -11.93 -16.66 17.70
CA ALA P 506 -11.49 -17.52 16.62
C ALA P 506 -11.57 -16.77 15.30
N HIS P 507 -10.92 -17.32 14.28
CA HIS P 507 -10.98 -16.73 12.95
C HIS P 507 -12.42 -16.77 12.44
N PRO P 508 -12.91 -15.70 11.80
CA PRO P 508 -14.29 -15.65 11.33
C PRO P 508 -14.52 -16.46 10.04
N ASP P 509 -13.96 -17.67 10.01
CA ASP P 509 -14.20 -18.62 8.94
C ASP P 509 -14.49 -20.03 9.45
N ILE P 510 -14.03 -20.38 10.65
CA ILE P 510 -14.31 -21.70 11.21
C ILE P 510 -15.81 -21.93 11.31
N PHE P 511 -16.55 -20.90 11.71
CA PHE P 511 -17.98 -21.00 11.85
C PHE P 511 -18.70 -21.16 10.53
N ASN P 512 -18.01 -20.93 9.40
CA ASN P 512 -18.58 -21.29 8.12
C ASN P 512 -18.88 -22.78 8.05
N SER P 513 -18.15 -23.58 8.83
CA SER P 513 -18.40 -25.01 8.89
C SER P 513 -19.60 -25.37 9.76
N LEU P 514 -20.13 -24.42 10.53
CA LEU P 514 -21.29 -24.70 11.37
C LEU P 514 -22.61 -24.57 10.61
N LEU P 515 -22.60 -23.98 9.42
CA LEU P 515 -23.83 -23.78 8.65
C LEU P 515 -24.60 -25.08 8.49
N GLN P 516 -23.97 -26.07 7.84
CA GLN P 516 -24.60 -27.36 7.66
C GLN P 516 -24.94 -28.04 8.99
N ILE P 517 -24.22 -27.69 10.06
CA ILE P 517 -24.56 -28.21 11.38
C ILE P 517 -25.86 -27.59 11.87
N LEU P 518 -26.02 -26.28 11.68
CA LEU P 518 -27.15 -25.57 12.25
C LEU P 518 -28.41 -25.67 11.41
N GLU P 519 -28.29 -26.08 10.14
CA GLU P 519 -29.44 -26.14 9.23
C GLU P 519 -29.78 -27.55 8.79
N ASP P 520 -28.78 -28.39 8.51
CA ASP P 520 -29.02 -29.77 8.11
C ASP P 520 -28.73 -30.77 9.21
N GLY P 521 -28.06 -30.36 10.29
CA GLY P 521 -27.76 -31.26 11.38
C GLY P 521 -26.83 -32.39 10.97
N ARG P 522 -25.78 -32.08 10.23
CA ARG P 522 -24.85 -33.10 9.75
C ARG P 522 -23.49 -32.47 9.54
N LEU P 523 -22.47 -33.33 9.53
CA LEU P 523 -21.10 -32.91 9.24
C LEU P 523 -20.34 -34.08 8.66
N THR P 524 -19.57 -33.82 7.61
CA THR P 524 -18.80 -34.85 6.93
C THR P 524 -17.33 -34.69 7.27
N ASP P 525 -16.68 -35.78 7.68
CA ASP P 525 -15.24 -35.74 7.91
C ASP P 525 -14.51 -35.97 6.58
N SER P 526 -13.18 -35.89 6.63
CA SER P 526 -12.40 -36.01 5.41
C SER P 526 -12.45 -37.40 4.79
N GLN P 527 -12.95 -38.41 5.52
CA GLN P 527 -13.08 -39.76 4.99
C GLN P 527 -14.43 -40.01 4.33
N GLY P 528 -15.29 -39.00 4.25
CA GLY P 528 -16.57 -39.12 3.58
C GLY P 528 -17.71 -39.62 4.44
N ARG P 529 -17.48 -39.90 5.72
CA ARG P 529 -18.53 -40.38 6.60
C ARG P 529 -19.36 -39.21 7.12
N VAL P 530 -20.66 -39.41 7.19
CA VAL P 530 -21.58 -38.38 7.67
C VAL P 530 -21.92 -38.65 9.13
N VAL P 531 -21.71 -37.67 9.98
CA VAL P 531 -22.06 -37.74 11.40
C VAL P 531 -23.17 -36.72 11.64
N ASP P 532 -24.28 -37.17 12.21
CA ASP P 532 -25.43 -36.30 12.41
C ASP P 532 -25.34 -35.54 13.72
N PHE P 533 -25.96 -34.36 13.74
CA PHE P 533 -26.00 -33.50 14.91
C PHE P 533 -27.43 -33.19 15.33
N LYS P 534 -28.40 -34.01 14.89
CA LYS P 534 -29.81 -33.69 15.06
C LYS P 534 -30.29 -33.84 16.50
N ASN P 535 -29.49 -34.43 17.38
CA ASN P 535 -29.89 -34.63 18.77
C ASN P 535 -29.05 -33.83 19.75
N THR P 536 -28.18 -32.96 19.26
CA THR P 536 -27.30 -32.17 20.11
C THR P 536 -27.90 -30.80 20.39
N VAL P 537 -27.34 -30.13 21.39
CA VAL P 537 -27.70 -28.77 21.74
C VAL P 537 -26.45 -27.91 21.61
N ILE P 538 -26.51 -26.91 20.73
CA ILE P 538 -25.36 -26.08 20.40
C ILE P 538 -25.45 -24.78 21.19
N ILE P 539 -24.38 -24.47 21.94
CA ILE P 539 -24.30 -23.22 22.69
C ILE P 539 -23.00 -22.52 22.28
N MET P 540 -23.09 -21.23 22.00
CA MET P 540 -21.93 -20.42 21.65
C MET P 540 -21.89 -19.21 22.56
N THR P 541 -20.82 -19.08 23.35
CA THR P 541 -20.72 -18.01 24.32
C THR P 541 -19.82 -16.89 23.82
N THR P 542 -20.17 -15.65 24.14
CA THR P 542 -19.41 -14.51 23.68
C THR P 542 -19.66 -13.31 24.59
N ASN P 543 -18.77 -12.33 24.49
CA ASN P 543 -18.89 -11.06 25.21
C ASN P 543 -18.78 -9.89 24.23
N LEU P 544 -19.30 -10.07 23.02
CA LEU P 544 -19.26 -9.01 22.04
C LEU P 544 -20.23 -7.90 22.40
N GLY P 545 -19.80 -6.65 22.17
CA GLY P 545 -20.64 -5.51 22.45
C GLY P 545 -20.86 -5.21 23.92
N THR P 546 -19.95 -5.66 24.79
CA THR P 546 -20.05 -5.41 26.21
C THR P 546 -18.90 -4.54 26.72
N ARG P 547 -18.16 -3.90 25.82
CA ARG P 547 -17.02 -3.08 26.22
C ARG P 547 -17.43 -1.71 26.75
N ASP P 548 -18.70 -1.33 26.62
CA ASP P 548 -19.15 0.00 27.00
C ASP P 548 -20.19 -0.05 28.12
N ILE P 549 -20.14 -1.10 28.95
CA ILE P 549 -21.06 -1.17 30.08
C ILE P 549 -20.74 -0.11 31.11
N SER P 550 -19.46 0.19 31.33
CA SER P 550 -19.04 1.23 32.27
C SER P 550 -18.85 2.56 31.53
N LYS P 551 -19.93 3.00 30.89
CA LYS P 551 -19.92 4.24 30.14
C LYS P 551 -21.07 5.11 30.60
N GLY P 552 -20.82 6.40 30.79
CA GLY P 552 -21.81 7.30 31.33
C GLY P 552 -22.66 8.02 30.30
N PHE P 553 -22.01 8.52 29.24
CA PHE P 553 -22.72 9.29 28.23
C PHE P 553 -21.91 9.27 26.94
N ASN P 554 -22.57 9.66 25.85
CA ASN P 554 -21.96 9.71 24.53
C ASN P 554 -21.42 11.11 24.25
N LEU P 555 -20.54 11.18 23.25
CA LEU P 555 -19.97 12.46 22.85
C LEU P 555 -21.03 13.39 22.29
N GLY P 556 -20.95 14.65 22.69
CA GLY P 556 -21.83 15.69 22.21
C GLY P 556 -22.84 16.14 23.26
N PHE P 557 -23.41 17.31 23.00
CA PHE P 557 -24.43 17.87 23.87
C PHE P 557 -25.72 17.04 23.79
N ALA P 558 -26.41 16.95 24.92
CA ALA P 558 -27.67 16.22 24.98
C ALA P 558 -28.47 16.68 26.19
N ALA P 559 -29.75 16.93 25.99
CA ALA P 559 -30.64 17.31 27.08
C ALA P 559 -31.23 16.07 27.74
N GLN P 560 -31.53 16.21 29.02
CA GLN P 560 -32.07 15.10 29.85
C GLN P 560 -31.07 13.97 29.80
N GLY P 561 -31.47 12.74 29.50
CA GLY P 561 -30.54 11.63 29.43
C GLY P 561 -31.25 10.39 28.93
N ASP P 562 -30.47 9.34 28.73
CA ASP P 562 -31.00 8.08 28.23
C ASP P 562 -31.79 7.40 29.35
N THR P 563 -33.11 7.27 29.14
CA THR P 563 -33.96 6.64 30.14
C THR P 563 -33.83 5.12 30.13
N LYS P 564 -33.30 4.54 29.06
CA LYS P 564 -33.13 3.10 28.99
C LYS P 564 -32.07 2.64 29.98
N SER P 565 -32.32 1.51 30.63
CA SER P 565 -31.37 0.94 31.56
C SER P 565 -30.16 0.39 30.81
N ASN P 566 -29.18 -0.12 31.57
CA ASN P 566 -28.01 -0.71 30.95
C ASN P 566 -28.37 -1.93 30.10
N TYR P 567 -29.43 -2.64 30.47
CA TYR P 567 -29.80 -3.85 29.75
C TYR P 567 -30.18 -3.54 28.31
N GLU P 568 -31.00 -2.51 28.09
CA GLU P 568 -31.45 -2.20 26.74
C GLU P 568 -30.30 -1.70 25.86
N ARG P 569 -29.47 -0.80 26.40
CA ARG P 569 -28.33 -0.31 25.64
C ARG P 569 -27.37 -1.43 25.30
N MET P 570 -27.10 -2.32 26.26
CA MET P 570 -26.19 -3.42 26.01
C MET P 570 -26.79 -4.42 25.03
N LYS P 571 -28.10 -4.62 25.07
CA LYS P 571 -28.76 -5.49 24.10
C LYS P 571 -28.62 -4.94 22.68
N ASN P 572 -28.86 -3.63 22.52
CA ASN P 572 -28.71 -3.02 21.21
C ASN P 572 -27.26 -3.11 20.73
N LYS P 573 -26.30 -2.87 21.63
CA LYS P 573 -24.89 -2.95 21.25
C LYS P 573 -24.52 -4.38 20.84
N VAL P 574 -25.02 -5.37 21.58
CA VAL P 574 -24.74 -6.76 21.23
C VAL P 574 -25.33 -7.10 19.88
N SER P 575 -26.56 -6.66 19.61
CA SER P 575 -27.17 -6.93 18.31
C SER P 575 -26.34 -6.30 17.18
N ASP P 576 -25.93 -5.06 17.36
CA ASP P 576 -25.14 -4.37 16.33
C ASP P 576 -23.81 -5.09 16.10
N GLU P 577 -23.12 -5.45 17.17
CA GLU P 577 -21.82 -6.11 17.03
C GLU P 577 -21.97 -7.49 16.42
N LEU P 578 -23.03 -8.22 16.77
CA LEU P 578 -23.27 -9.53 16.17
C LEU P 578 -23.51 -9.40 14.68
N LYS P 579 -24.32 -8.41 14.26
CA LYS P 579 -24.52 -8.20 12.83
C LYS P 579 -23.23 -7.77 12.15
N GLN P 580 -22.36 -7.06 12.87
CA GLN P 580 -21.10 -6.61 12.28
C GLN P 580 -20.11 -7.76 12.11
N HIS P 581 -20.10 -8.70 13.05
CA HIS P 581 -19.04 -9.70 13.10
C HIS P 581 -19.35 -10.94 12.25
N PHE P 582 -20.62 -11.35 12.20
CA PHE P 582 -21.01 -12.58 11.54
C PHE P 582 -21.80 -12.30 10.27
N ARG P 583 -21.74 -13.26 9.34
CA ARG P 583 -22.50 -13.14 8.11
C ARG P 583 -23.99 -13.27 8.39
N PRO P 584 -24.84 -12.66 7.56
CA PRO P 584 -26.29 -12.78 7.77
C PRO P 584 -26.79 -14.22 7.70
N GLU P 585 -26.21 -15.05 6.84
CA GLU P 585 -26.67 -16.43 6.72
C GLU P 585 -26.34 -17.25 7.95
N PHE P 586 -25.26 -16.90 8.66
CA PHE P 586 -24.94 -17.61 9.90
C PHE P 586 -25.89 -17.22 11.02
N LEU P 587 -26.22 -15.92 11.12
CA LEU P 587 -27.14 -15.47 12.16
C LEU P 587 -28.59 -15.84 11.85
N ASN P 588 -28.90 -16.14 10.59
CA ASN P 588 -30.25 -16.58 10.24
C ASN P 588 -30.54 -18.01 10.67
N ARG P 589 -29.53 -18.77 11.07
CA ARG P 589 -29.71 -20.16 11.47
C ARG P 589 -29.74 -20.36 12.97
N VAL P 590 -29.39 -19.34 13.75
CA VAL P 590 -29.34 -19.47 15.20
C VAL P 590 -30.75 -19.35 15.77
N ASP P 591 -31.16 -20.34 16.56
CA ASP P 591 -32.51 -20.34 17.12
C ASP P 591 -32.72 -19.17 18.07
N ASP P 592 -31.84 -19.01 19.04
CA ASP P 592 -32.01 -17.98 20.06
C ASP P 592 -30.71 -17.23 20.32
N VAL P 593 -30.84 -15.93 20.56
CA VAL P 593 -29.75 -15.08 21.01
C VAL P 593 -30.17 -14.50 22.35
N VAL P 594 -29.46 -14.87 23.42
CA VAL P 594 -29.81 -14.48 24.77
C VAL P 594 -28.72 -13.57 25.32
N VAL P 595 -29.13 -12.42 25.83
CA VAL P 595 -28.21 -11.43 26.40
C VAL P 595 -28.27 -11.53 27.91
N PHE P 596 -27.10 -11.62 28.55
CA PHE P 596 -27.00 -11.82 29.98
C PHE P 596 -26.84 -10.49 30.68
N PRO P 597 -27.78 -10.08 31.54
CA PRO P 597 -27.61 -8.84 32.29
C PRO P 597 -26.62 -9.03 33.45
N GLN P 598 -26.18 -7.90 33.99
CA GLN P 598 -25.21 -7.92 35.08
C GLN P 598 -25.88 -8.36 36.38
N LEU P 599 -25.05 -8.70 37.35
CA LEU P 599 -25.53 -9.19 38.64
C LEU P 599 -25.74 -8.03 39.61
N SER P 600 -26.75 -8.19 40.48
CA SER P 600 -27.08 -7.20 41.48
C SER P 600 -26.49 -7.60 42.84
N GLN P 601 -26.78 -6.82 43.87
CA GLN P 601 -26.23 -7.10 45.19
C GLN P 601 -26.83 -8.37 45.80
N ALA P 602 -28.13 -8.58 45.60
CA ALA P 602 -28.77 -9.78 46.12
C ALA P 602 -28.23 -11.04 45.44
N ASP P 603 -27.92 -10.95 44.15
CA ASP P 603 -27.31 -12.08 43.46
C ASP P 603 -25.96 -12.42 44.07
N ILE P 604 -25.15 -11.41 44.38
CA ILE P 604 -23.86 -11.65 45.03
C ILE P 604 -24.07 -12.27 46.41
N LEU P 605 -25.05 -11.76 47.16
CA LEU P 605 -25.33 -12.32 48.48
C LEU P 605 -25.72 -13.80 48.39
N LYS P 606 -26.45 -14.16 47.34
CA LYS P 606 -26.84 -15.57 47.17
C LYS P 606 -25.66 -16.42 46.71
N ILE P 607 -24.82 -15.89 45.81
CA ILE P 607 -23.66 -16.63 45.34
C ILE P 607 -22.66 -16.85 46.47
N VAL P 608 -22.67 -15.98 47.47
CA VAL P 608 -21.80 -16.16 48.64
C VAL P 608 -22.08 -17.50 49.29
N ASP P 609 -23.36 -17.89 49.38
CA ASP P 609 -23.70 -19.17 50.00
C ASP P 609 -23.12 -20.34 49.22
N LEU P 610 -23.21 -20.30 47.90
CA LEU P 610 -22.66 -21.39 47.08
C LEU P 610 -21.13 -21.47 47.21
N MET P 611 -20.46 -20.32 47.19
CA MET P 611 -19.01 -20.33 47.33
C MET P 611 -18.59 -20.84 48.71
N ILE P 612 -19.32 -20.44 49.75
CA ILE P 612 -19.02 -20.93 51.09
C ILE P 612 -19.28 -22.43 51.18
N ASP P 613 -20.30 -22.92 50.47
CA ASP P 613 -20.56 -24.36 50.46
C ASP P 613 -19.42 -25.12 49.78
N LYS P 614 -18.89 -24.56 48.69
CA LYS P 614 -17.73 -25.20 48.04
C LYS P 614 -16.52 -25.23 48.97
N VAL P 615 -16.27 -24.12 49.66
CA VAL P 615 -15.17 -24.09 50.63
C VAL P 615 -15.40 -25.09 51.74
N ASP P 616 -16.66 -25.23 52.18
CA ASP P 616 -17.00 -26.20 53.21
C ASP P 616 -16.75 -27.63 52.74
N GLU P 617 -17.06 -27.91 51.47
CA GLU P 617 -16.74 -29.23 50.92
C GLU P 617 -15.24 -29.47 50.91
N ARG P 618 -14.47 -28.47 50.50
CA ARG P 618 -13.01 -28.61 50.50
C ARG P 618 -12.49 -28.89 51.91
N LEU P 619 -13.03 -28.19 52.91
CA LEU P 619 -12.60 -28.43 54.29
C LEU P 619 -13.04 -29.79 54.78
N LYS P 620 -14.28 -30.19 54.50
CA LYS P 620 -14.79 -31.50 54.92
C LYS P 620 -14.03 -32.63 54.28
N ASP P 621 -13.35 -32.38 53.15
CA ASP P 621 -12.47 -33.39 52.58
C ASP P 621 -11.40 -33.82 53.58
N ARG P 622 -11.05 -32.94 54.54
CA ARG P 622 -10.11 -33.26 55.60
C ARG P 622 -10.79 -33.37 56.96
N ASP P 623 -12.09 -33.68 56.96
CA ASP P 623 -12.88 -33.82 58.18
C ASP P 623 -12.87 -32.53 59.01
N MET P 624 -13.42 -31.48 58.39
CA MET P 624 -13.55 -30.18 59.05
C MET P 624 -14.83 -29.52 58.53
N GLY P 625 -15.00 -28.24 58.85
CA GLY P 625 -16.16 -27.50 58.39
C GLY P 625 -16.05 -26.05 58.77
N ILE P 626 -16.85 -25.24 58.08
CA ILE P 626 -16.84 -23.79 58.28
C ILE P 626 -18.28 -23.30 58.29
N GLU P 627 -18.61 -22.44 59.26
CA GLU P 627 -19.94 -21.86 59.37
C GLU P 627 -19.82 -20.36 59.57
N LEU P 628 -20.56 -19.60 58.77
CA LEU P 628 -20.56 -18.14 58.83
C LEU P 628 -21.89 -17.63 59.37
N SER P 629 -21.83 -16.48 60.03
CA SER P 629 -23.03 -15.80 60.49
C SER P 629 -23.59 -14.91 59.37
N SER P 630 -24.80 -14.41 59.60
CA SER P 630 -25.42 -13.52 58.62
C SER P 630 -24.61 -12.25 58.43
N SER P 631 -24.05 -11.72 59.52
CA SER P 631 -23.21 -10.53 59.43
C SER P 631 -21.97 -10.80 58.59
N ALA P 632 -21.37 -11.99 58.75
CA ALA P 632 -20.20 -12.34 57.94
C ALA P 632 -20.54 -12.40 56.46
N LYS P 633 -21.68 -13.02 56.12
CA LYS P 633 -22.10 -13.09 54.72
C LYS P 633 -22.37 -11.70 54.16
N GLU P 634 -23.03 -10.85 54.94
CA GLU P 634 -23.30 -9.49 54.48
C GLU P 634 -22.01 -8.72 54.26
N LEU P 635 -21.04 -8.86 55.17
CA LEU P 635 -19.77 -8.17 55.02
C LEU P 635 -19.02 -8.68 53.79
N LEU P 636 -19.03 -9.99 53.56
CA LEU P 636 -18.38 -10.55 52.38
C LEU P 636 -19.03 -10.03 51.10
N SER P 637 -20.36 -9.98 51.08
CA SER P 637 -21.05 -9.46 49.91
C SER P 637 -20.73 -7.98 49.68
N LYS P 638 -20.67 -7.19 50.75
CA LYS P 638 -20.37 -5.78 50.62
C LYS P 638 -18.95 -5.54 50.14
N LYS P 639 -17.99 -6.30 50.67
CA LYS P 639 -16.59 -6.09 50.34
C LYS P 639 -16.31 -6.41 48.88
N GLY P 640 -16.72 -7.59 48.42
CA GLY P 640 -16.52 -7.96 47.03
C GLY P 640 -17.76 -7.78 46.19
N TYR P 641 -17.83 -6.66 45.46
CA TYR P 641 -18.97 -6.43 44.57
C TYR P 641 -18.54 -5.37 43.54
N ASP P 642 -18.43 -5.78 42.28
CA ASP P 642 -18.13 -4.86 41.19
C ASP P 642 -19.13 -5.13 40.08
N PRO P 643 -19.95 -4.15 39.68
CA PRO P 643 -20.96 -4.43 38.64
C PRO P 643 -20.37 -4.76 37.28
N VAL P 644 -19.11 -4.44 37.04
CA VAL P 644 -18.51 -4.66 35.72
C VAL P 644 -17.85 -6.02 35.61
N LEU P 645 -17.21 -6.50 36.68
CA LEU P 645 -16.39 -7.70 36.63
C LEU P 645 -17.13 -8.95 37.10
N GLY P 646 -18.43 -8.86 37.35
CA GLY P 646 -19.19 -10.05 37.69
C GLY P 646 -18.90 -10.56 39.09
N ALA P 647 -18.89 -11.88 39.23
CA ALA P 647 -18.76 -12.54 40.53
C ALA P 647 -17.37 -13.12 40.77
N ARG P 648 -16.39 -12.77 39.94
CA ARG P 648 -15.02 -13.21 40.16
C ARG P 648 -14.33 -12.38 41.25
N PRO P 649 -14.53 -11.06 41.31
CA PRO P 649 -14.01 -10.31 42.47
C PRO P 649 -14.54 -10.83 43.80
N LEU P 650 -15.78 -11.33 43.82
CA LEU P 650 -16.28 -11.95 45.05
C LEU P 650 -15.46 -13.18 45.41
N ARG P 651 -15.10 -13.99 44.42
CA ARG P 651 -14.26 -15.16 44.68
C ARG P 651 -12.89 -14.74 45.21
N ARG P 652 -12.29 -13.71 44.60
CA ARG P 652 -10.98 -13.25 45.07
C ARG P 652 -11.07 -12.72 46.50
N THR P 653 -12.12 -11.95 46.80
CA THR P 653 -12.29 -11.42 48.15
C THR P 653 -12.48 -12.55 49.15
N ILE P 654 -13.29 -13.55 48.80
CA ILE P 654 -13.53 -14.68 49.70
C ILE P 654 -12.22 -15.40 49.98
N GLN P 655 -11.44 -15.67 48.92
CA GLN P 655 -10.18 -16.39 49.14
C GLN P 655 -9.24 -15.57 50.01
N ARG P 656 -9.10 -14.27 49.73
CA ARG P 656 -8.16 -13.45 50.47
C ARG P 656 -8.56 -13.31 51.93
N GLU P 657 -9.86 -13.19 52.20
CA GLU P 657 -10.32 -12.92 53.55
C GLU P 657 -10.59 -14.17 54.38
N ILE P 658 -10.65 -15.36 53.76
CA ILE P 658 -10.96 -16.59 54.48
C ILE P 658 -9.85 -17.63 54.34
N GLU P 659 -9.46 -17.94 53.10
CA GLU P 659 -8.61 -19.10 52.88
C GLU P 659 -7.19 -18.87 53.39
N ASP P 660 -6.68 -17.64 53.30
CA ASP P 660 -5.35 -17.35 53.82
C ASP P 660 -5.31 -17.56 55.34
N SER P 661 -6.30 -17.02 56.05
CA SER P 661 -6.36 -17.20 57.49
C SER P 661 -6.55 -18.67 57.85
N LEU P 662 -7.40 -19.38 57.11
CA LEU P 662 -7.61 -20.80 57.38
C LEU P 662 -6.33 -21.60 57.18
N SER P 663 -5.58 -21.30 56.11
CA SER P 663 -4.33 -21.99 55.86
C SER P 663 -3.32 -21.69 56.95
N GLU P 664 -3.23 -20.43 57.39
CA GLU P 664 -2.30 -20.08 58.46
C GLU P 664 -2.66 -20.80 59.74
N LYS P 665 -3.96 -20.90 60.05
CA LYS P 665 -4.37 -21.58 61.29
C LYS P 665 -4.15 -23.09 61.20
N ILE P 666 -4.37 -23.68 60.02
CA ILE P 666 -4.19 -25.12 59.87
C ILE P 666 -2.73 -25.48 59.94
N LEU P 667 -1.86 -24.72 59.26
CA LEU P 667 -0.43 -24.99 59.31
C LEU P 667 0.12 -24.83 60.73
N PHE P 668 -0.34 -23.80 61.44
CA PHE P 668 0.12 -23.59 62.81
C PHE P 668 -0.32 -24.73 63.71
N GLY P 669 -1.58 -25.16 63.60
CA GLY P 669 -2.10 -26.26 64.39
C GLY P 669 -3.36 -25.95 65.18
N GLU P 670 -3.88 -24.73 65.13
CA GLU P 670 -5.10 -24.41 65.87
C GLU P 670 -6.29 -25.19 65.33
N LEU P 671 -6.40 -25.29 64.00
CA LEU P 671 -7.47 -26.06 63.37
C LEU P 671 -6.95 -27.45 63.04
N ARG P 672 -7.60 -28.46 63.58
CA ARG P 672 -7.22 -29.86 63.43
C ARG P 672 -8.44 -30.68 63.06
N PRO P 673 -8.26 -31.87 62.50
CA PRO P 673 -9.41 -32.70 62.13
C PRO P 673 -10.30 -32.99 63.34
N GLY P 674 -11.61 -33.04 63.09
CA GLY P 674 -12.58 -33.16 64.15
C GLY P 674 -13.07 -31.84 64.70
N HIS P 675 -12.59 -30.72 64.19
CA HIS P 675 -13.00 -29.39 64.63
C HIS P 675 -13.66 -28.64 63.48
N ILE P 676 -14.52 -27.69 63.83
CA ILE P 676 -15.13 -26.80 62.84
C ILE P 676 -14.82 -25.37 63.26
N VAL P 677 -14.86 -24.47 62.28
CA VAL P 677 -14.56 -23.07 62.49
C VAL P 677 -15.82 -22.24 62.30
N VAL P 678 -16.01 -21.26 63.18
CA VAL P 678 -17.13 -20.33 63.12
C VAL P 678 -16.58 -18.94 62.86
N VAL P 679 -17.11 -18.29 61.83
CA VAL P 679 -16.66 -16.96 61.41
C VAL P 679 -17.72 -15.94 61.82
N ASP P 680 -17.29 -14.90 62.52
CA ASP P 680 -18.17 -13.82 62.94
C ASP P 680 -17.51 -12.49 62.57
N THR P 681 -18.19 -11.39 62.90
CA THR P 681 -17.70 -10.05 62.58
C THR P 681 -17.53 -9.24 63.85
N GLU P 682 -16.52 -8.38 63.84
CA GLU P 682 -16.25 -7.47 64.94
C GLU P 682 -16.03 -6.07 64.40
N GLY P 683 -16.23 -5.08 65.25
CA GLY P 683 -16.12 -3.69 64.85
C GLY P 683 -17.39 -3.17 64.22
N GLU P 684 -17.34 -1.91 63.81
CA GLU P 684 -18.47 -1.22 63.22
C GLU P 684 -18.00 -0.30 62.11
N GLY P 685 -18.93 0.06 61.22
CA GLY P 685 -18.58 0.93 60.11
C GLY P 685 -17.61 0.28 59.15
N GLU P 686 -16.61 1.05 58.73
CA GLU P 686 -15.61 0.56 57.78
C GLU P 686 -14.49 -0.21 58.45
N THR P 687 -14.50 -0.32 59.77
CA THR P 687 -13.49 -1.06 60.51
C THR P 687 -13.91 -2.49 60.83
N LYS P 688 -15.03 -2.94 60.30
CA LYS P 688 -15.50 -4.30 60.55
C LYS P 688 -14.54 -5.31 59.96
N THR P 689 -14.21 -6.34 60.75
CA THR P 689 -13.31 -7.39 60.34
C THR P 689 -13.87 -8.75 60.77
N PHE P 690 -13.21 -9.81 60.33
CA PHE P 690 -13.63 -11.18 60.59
C PHE P 690 -12.90 -11.75 61.80
N THR P 691 -13.58 -12.65 62.50
CA THR P 691 -13.02 -13.37 63.64
C THR P 691 -13.34 -14.85 63.48
N PHE P 692 -12.32 -15.69 63.63
CA PHE P 692 -12.45 -17.13 63.49
C PHE P 692 -12.32 -17.78 64.85
N ARG P 693 -13.26 -18.68 65.18
CA ARG P 693 -13.23 -19.39 66.45
C ARG P 693 -13.34 -20.88 66.20
N GLY P 694 -12.44 -21.65 66.80
CA GLY P 694 -12.53 -23.09 66.71
C GLY P 694 -13.64 -23.65 67.57
N GLU P 695 -14.14 -24.82 67.19
CA GLU P 695 -15.23 -25.46 67.90
C GLU P 695 -15.31 -26.92 67.50
N GLU P 696 -15.62 -27.78 68.46
CA GLU P 696 -15.75 -29.20 68.19
C GLU P 696 -17.09 -29.51 67.53
N SER Q 44 -12.98 -82.62 23.37
CA SER Q 44 -12.53 -81.28 23.71
C SER Q 44 -11.03 -81.12 23.47
N LEU Q 45 -10.39 -82.19 23.00
CA LEU Q 45 -8.94 -82.16 22.80
C LEU Q 45 -8.55 -81.13 21.75
N VAL Q 46 -9.20 -81.18 20.58
CA VAL Q 46 -8.93 -80.19 19.55
C VAL Q 46 -9.35 -78.80 20.00
N LEU Q 47 -10.50 -78.71 20.68
CA LEU Q 47 -10.97 -77.42 21.18
C LEU Q 47 -10.01 -76.84 22.22
N ASP Q 48 -9.50 -77.70 23.12
CA ASP Q 48 -8.54 -77.23 24.11
C ASP Q 48 -7.18 -76.93 23.51
N GLN Q 49 -6.86 -77.52 22.36
CA GLN Q 49 -5.57 -77.26 21.72
C GLN Q 49 -5.45 -75.83 21.21
N PHE Q 50 -6.58 -75.16 20.93
CA PHE Q 50 -6.56 -73.81 20.39
C PHE Q 50 -7.33 -72.81 21.24
N GLY Q 51 -7.72 -73.19 22.45
CA GLY Q 51 -8.50 -72.27 23.27
C GLY Q 51 -8.36 -72.61 24.74
N ARG Q 52 -8.97 -71.76 25.57
CA ARG Q 52 -8.95 -71.93 27.01
C ARG Q 52 -10.37 -71.91 27.56
N ASN Q 53 -10.70 -72.89 28.39
CA ASN Q 53 -12.03 -72.98 28.98
C ASN Q 53 -12.12 -72.01 30.15
N LEU Q 54 -12.91 -70.95 29.99
CA LEU Q 54 -13.06 -69.97 31.07
C LEU Q 54 -13.98 -70.47 32.19
N THR Q 55 -15.00 -71.26 31.85
CA THR Q 55 -15.90 -71.79 32.87
C THR Q 55 -15.16 -72.72 33.82
N GLN Q 56 -14.25 -73.53 33.27
CA GLN Q 56 -13.45 -74.41 34.13
C GLN Q 56 -12.58 -73.60 35.09
N ALA Q 57 -11.97 -72.52 34.59
CA ALA Q 57 -11.17 -71.66 35.46
C ALA Q 57 -12.04 -71.01 36.54
N ALA Q 58 -13.24 -70.56 36.16
CA ALA Q 58 -14.13 -69.95 37.14
C ALA Q 58 -14.58 -70.95 38.19
N ARG Q 59 -14.72 -72.23 37.82
CA ARG Q 59 -15.05 -73.25 38.80
C ARG Q 59 -13.94 -73.47 39.81
N GLU Q 60 -12.71 -73.10 39.48
CA GLU Q 60 -11.57 -73.26 40.37
C GLU Q 60 -11.17 -71.95 41.05
N SER Q 61 -12.02 -70.93 40.97
CA SER Q 61 -11.78 -69.64 41.61
C SER Q 61 -10.46 -69.02 41.17
N LYS Q 62 -10.16 -69.13 39.87
CA LYS Q 62 -8.97 -68.52 39.29
C LYS Q 62 -9.25 -67.18 38.65
N LEU Q 63 -10.48 -66.66 38.75
CA LEU Q 63 -10.86 -65.39 38.17
C LEU Q 63 -11.22 -64.41 39.28
N ASP Q 64 -10.76 -63.17 39.13
CA ASP Q 64 -11.05 -62.15 40.12
C ASP Q 64 -12.54 -61.82 40.14
N PRO Q 65 -13.09 -61.46 41.29
CA PRO Q 65 -14.52 -61.13 41.36
C PRO Q 65 -14.85 -59.86 40.59
N VAL Q 66 -16.09 -59.79 40.13
CA VAL Q 66 -16.59 -58.66 39.34
C VAL Q 66 -17.71 -57.99 40.12
N ILE Q 67 -17.61 -56.68 40.30
CA ILE Q 67 -18.51 -55.92 41.16
C ILE Q 67 -19.21 -54.85 40.34
N GLY Q 68 -20.54 -54.80 40.42
CA GLY Q 68 -21.29 -53.69 39.90
C GLY Q 68 -21.45 -53.62 38.40
N ARG Q 69 -21.32 -54.75 37.71
CA ARG Q 69 -21.50 -54.80 36.26
C ARG Q 69 -22.76 -55.57 35.88
N GLU Q 70 -23.83 -55.39 36.67
CA GLU Q 70 -25.06 -56.13 36.42
C GLU Q 70 -25.70 -55.72 35.09
N LYS Q 71 -25.73 -54.43 34.78
CA LYS Q 71 -26.38 -53.97 33.56
C LYS Q 71 -25.70 -54.48 32.31
N GLU Q 72 -24.36 -54.39 32.27
CA GLU Q 72 -23.63 -54.85 31.09
C GLU Q 72 -23.79 -56.35 30.88
N ILE Q 73 -23.69 -57.13 31.96
CA ILE Q 73 -23.85 -58.57 31.85
C ILE Q 73 -25.27 -58.93 31.41
N GLU Q 74 -26.26 -58.22 31.97
CA GLU Q 74 -27.64 -58.47 31.57
C GLU Q 74 -27.86 -58.16 30.09
N ARG Q 75 -27.29 -57.05 29.61
CA ARG Q 75 -27.41 -56.72 28.19
C ARG Q 75 -26.72 -57.75 27.31
N VAL Q 76 -25.56 -58.25 27.76
CA VAL Q 76 -24.85 -59.28 27.01
C VAL Q 76 -25.70 -60.54 26.90
N MET Q 77 -26.29 -60.95 28.03
CA MET Q 77 -27.15 -62.14 28.00
C MET Q 77 -28.37 -61.92 27.12
N GLN Q 78 -28.94 -60.72 27.17
CA GLN Q 78 -30.11 -60.41 26.34
C GLN Q 78 -29.76 -60.48 24.85
N VAL Q 79 -28.59 -59.97 24.48
CA VAL Q 79 -28.17 -60.02 23.08
C VAL Q 79 -27.88 -61.46 22.67
N LEU Q 80 -27.28 -62.25 23.56
CA LEU Q 80 -26.93 -63.63 23.23
C LEU Q 80 -28.15 -64.50 23.00
N SER Q 81 -29.33 -64.08 23.42
CA SER Q 81 -30.54 -64.87 23.28
C SER Q 81 -31.32 -64.56 22.01
N ARG Q 82 -30.79 -63.71 21.14
CA ARG Q 82 -31.48 -63.35 19.92
C ARG Q 82 -31.51 -64.52 18.94
N ARG Q 83 -32.49 -64.47 18.04
CA ARG Q 83 -32.61 -65.54 17.03
C ARG Q 83 -31.47 -65.47 16.01
N THR Q 84 -31.14 -64.27 15.55
CA THR Q 84 -30.09 -64.07 14.57
C THR Q 84 -29.17 -62.94 15.02
N LYS Q 85 -27.91 -63.01 14.57
CA LYS Q 85 -26.90 -61.99 14.89
C LYS Q 85 -26.74 -61.80 16.39
N ASN Q 86 -26.74 -62.90 17.14
CA ASN Q 86 -26.56 -62.86 18.59
C ASN Q 86 -25.07 -62.91 18.92
N ASN Q 87 -24.37 -61.85 18.52
CA ASN Q 87 -22.92 -61.73 18.69
C ASN Q 87 -22.59 -60.39 19.31
N PRO Q 88 -22.61 -60.29 20.64
CA PRO Q 88 -22.29 -59.01 21.29
C PRO Q 88 -20.80 -58.72 21.27
N VAL Q 89 -20.48 -57.43 21.15
CA VAL Q 89 -19.11 -56.94 21.23
C VAL Q 89 -19.07 -55.77 22.20
N LEU Q 90 -18.12 -55.80 23.11
CA LEU Q 90 -17.94 -54.75 24.11
C LEU Q 90 -16.80 -53.84 23.65
N ILE Q 91 -17.14 -52.61 23.31
CA ILE Q 91 -16.16 -51.61 22.89
C ILE Q 91 -16.01 -50.59 24.00
N GLY Q 92 -14.78 -50.30 24.38
CA GLY Q 92 -14.54 -49.41 25.50
C GLY Q 92 -13.09 -49.00 25.59
N GLU Q 93 -12.86 -47.94 26.37
CA GLU Q 93 -11.52 -47.40 26.54
C GLU Q 93 -10.64 -48.40 27.29
N PRO Q 94 -9.33 -48.36 27.05
CA PRO Q 94 -8.42 -49.30 27.73
C PRO Q 94 -8.35 -49.00 29.22
N GLY Q 95 -8.64 -50.01 30.04
CA GLY Q 95 -8.62 -49.84 31.47
C GLY Q 95 -9.92 -50.24 32.14
N VAL Q 96 -11.05 -49.93 31.50
CA VAL Q 96 -12.33 -50.33 32.03
C VAL Q 96 -12.49 -51.84 31.91
N GLY Q 97 -13.39 -52.39 32.71
CA GLY Q 97 -13.54 -53.84 32.79
C GLY Q 97 -14.25 -54.48 31.61
N LYS Q 98 -13.64 -54.41 30.43
CA LYS Q 98 -14.22 -55.09 29.26
C LYS Q 98 -14.07 -56.59 29.39
N THR Q 99 -12.88 -57.07 29.76
CA THR Q 99 -12.69 -58.49 30.01
C THR Q 99 -13.32 -58.91 31.32
N ALA Q 100 -13.41 -58.00 32.29
CA ALA Q 100 -14.05 -58.31 33.55
C ALA Q 100 -15.53 -58.63 33.36
N VAL Q 101 -16.18 -58.02 32.39
CA VAL Q 101 -17.58 -58.33 32.12
C VAL Q 101 -17.73 -59.79 31.67
N VAL Q 102 -16.85 -60.23 30.77
CA VAL Q 102 -16.90 -61.61 30.31
C VAL Q 102 -16.58 -62.58 31.44
N GLU Q 103 -15.59 -62.22 32.28
CA GLU Q 103 -15.25 -63.08 33.41
C GLU Q 103 -16.42 -63.18 34.39
N GLY Q 104 -17.11 -62.06 34.63
CA GLY Q 104 -18.28 -62.10 35.49
C GLY Q 104 -19.41 -62.92 34.90
N LEU Q 105 -19.60 -62.84 33.58
CA LEU Q 105 -20.59 -63.69 32.93
C LEU Q 105 -20.24 -65.16 33.09
N ALA Q 106 -18.96 -65.51 32.94
CA ALA Q 106 -18.54 -66.89 33.15
C ALA Q 106 -18.78 -67.34 34.59
N GLN Q 107 -18.49 -66.46 35.55
CA GLN Q 107 -18.73 -66.79 36.95
C GLN Q 107 -20.22 -66.98 37.22
N ALA Q 108 -21.07 -66.15 36.61
CA ALA Q 108 -22.51 -66.30 36.78
C ALA Q 108 -22.99 -67.61 36.18
N ILE Q 109 -22.42 -68.01 35.04
CA ILE Q 109 -22.76 -69.30 34.45
C ILE Q 109 -22.36 -70.43 35.39
N VAL Q 110 -21.17 -70.33 35.98
CA VAL Q 110 -20.70 -71.36 36.90
C VAL Q 110 -21.61 -71.42 38.13
N LYS Q 111 -21.96 -70.27 38.69
CA LYS Q 111 -22.81 -70.24 39.88
C LYS Q 111 -24.24 -70.63 39.58
N GLY Q 112 -24.63 -70.75 38.31
CA GLY Q 112 -26.01 -71.08 37.97
C GLY Q 112 -26.98 -69.94 38.11
N GLU Q 113 -26.51 -68.72 38.37
CA GLU Q 113 -27.40 -67.57 38.48
C GLU Q 113 -28.04 -67.23 37.14
N VAL Q 114 -27.36 -67.51 36.04
CA VAL Q 114 -27.87 -67.19 34.71
C VAL Q 114 -29.10 -68.02 34.37
N PRO Q 115 -30.22 -67.38 34.08
CA PRO Q 115 -31.44 -68.12 33.71
C PRO Q 115 -31.52 -68.41 32.22
N GLU Q 116 -32.68 -68.93 31.80
CA GLU Q 116 -33.14 -69.14 30.41
C GLU Q 116 -32.15 -70.08 29.71
N THR Q 117 -31.87 -69.86 28.42
CA THR Q 117 -31.18 -70.85 27.61
C THR Q 117 -29.77 -71.12 28.11
N LEU Q 118 -29.07 -70.09 28.57
CA LEU Q 118 -27.68 -70.23 29.01
C LEU Q 118 -27.65 -71.00 30.32
N LYS Q 119 -27.65 -72.32 30.21
CA LYS Q 119 -27.55 -73.21 31.37
C LYS Q 119 -26.40 -74.19 31.12
N ASP Q 120 -25.42 -74.17 32.02
CA ASP Q 120 -24.26 -75.07 31.96
C ASP Q 120 -23.51 -74.96 30.64
N LYS Q 121 -23.57 -73.80 30.00
CA LYS Q 121 -22.82 -73.57 28.77
C LYS Q 121 -21.34 -73.43 29.08
N HIS Q 122 -20.51 -73.80 28.11
CA HIS Q 122 -19.07 -73.71 28.22
C HIS Q 122 -18.58 -72.53 27.40
N LEU Q 123 -17.92 -71.58 28.05
CA LEU Q 123 -17.41 -70.39 27.39
C LEU Q 123 -15.91 -70.59 27.14
N TYR Q 124 -15.51 -70.59 25.87
CA TYR Q 124 -14.15 -70.86 25.48
C TYR Q 124 -13.52 -69.62 24.86
N THR Q 125 -12.40 -69.18 25.41
CA THR Q 125 -11.63 -68.10 24.82
C THR Q 125 -10.76 -68.64 23.71
N LEU Q 126 -10.99 -68.16 22.49
CA LEU Q 126 -10.26 -68.64 21.32
C LEU Q 126 -8.91 -67.95 21.22
N ASP Q 127 -7.88 -68.72 20.88
CA ASP Q 127 -6.53 -68.21 20.71
C ASP Q 127 -6.19 -68.23 19.23
N LEU Q 128 -6.15 -67.05 18.62
CA LEU Q 128 -5.82 -66.95 17.19
C LEU Q 128 -4.34 -67.22 16.94
N GLY Q 129 -3.49 -67.07 17.96
CA GLY Q 129 -2.07 -67.33 17.77
C GLY Q 129 -1.78 -68.79 17.50
N ALA Q 130 -2.46 -69.69 18.20
CA ALA Q 130 -2.24 -71.12 17.99
C ALA Q 130 -2.70 -71.56 16.61
N LEU Q 131 -3.80 -71.00 16.13
CA LEU Q 131 -4.31 -71.38 14.81
C LEU Q 131 -3.32 -71.00 13.70
N VAL Q 132 -2.71 -69.82 13.80
CA VAL Q 132 -1.79 -69.36 12.77
C VAL Q 132 -0.42 -70.01 12.89
N ALA Q 133 -0.04 -70.46 14.08
CA ALA Q 133 1.28 -71.06 14.28
C ALA Q 133 1.46 -72.25 13.37
N GLY Q 134 2.64 -72.35 12.77
CA GLY Q 134 2.87 -73.36 11.74
C GLY Q 134 2.03 -73.02 10.51
N SER Q 135 1.36 -74.03 9.96
CA SER Q 135 0.45 -73.85 8.83
C SER Q 135 1.14 -73.17 7.65
N ARG Q 136 2.36 -73.60 7.35
CA ARG Q 136 3.12 -73.00 6.26
C ARG Q 136 2.64 -73.46 4.89
N TYR Q 137 1.83 -74.50 4.81
CA TYR Q 137 1.33 -75.01 3.55
C TYR Q 137 -0.11 -74.57 3.31
N ARG Q 138 -0.55 -74.72 2.07
CA ARG Q 138 -1.91 -74.37 1.69
C ARG Q 138 -2.92 -75.27 2.41
N GLY Q 139 -4.00 -74.65 2.87
CA GLY Q 139 -5.10 -75.41 3.45
C GLY Q 139 -4.86 -75.97 4.83
N ASP Q 140 -3.99 -75.35 5.63
CA ASP Q 140 -3.75 -75.79 7.00
C ASP Q 140 -4.54 -74.97 8.02
N PHE Q 141 -4.42 -73.65 7.98
CA PHE Q 141 -5.19 -72.80 8.88
C PHE Q 141 -6.69 -72.97 8.64
N GLU Q 142 -7.09 -73.04 7.37
CA GLU Q 142 -8.49 -73.28 7.04
C GLU Q 142 -8.96 -74.62 7.58
N GLU Q 143 -8.12 -75.65 7.46
CA GLU Q 143 -8.48 -76.96 7.98
C GLU Q 143 -8.65 -76.93 9.49
N ARG Q 144 -7.74 -76.26 10.20
CA ARG Q 144 -7.86 -76.18 11.66
C ARG Q 144 -9.12 -75.43 12.06
N LEU Q 145 -9.40 -74.31 11.39
CA LEU Q 145 -10.59 -73.54 11.73
C LEU Q 145 -11.87 -74.34 11.43
N LYS Q 146 -11.89 -75.06 10.31
CA LYS Q 146 -13.05 -75.89 9.99
C LYS Q 146 -13.23 -77.00 11.02
N LYS Q 147 -12.14 -77.62 11.47
CA LYS Q 147 -12.24 -78.66 12.49
C LYS Q 147 -12.78 -78.08 13.79
N VAL Q 148 -12.30 -76.91 14.19
CA VAL Q 148 -12.79 -76.29 15.42
C VAL Q 148 -14.28 -75.96 15.29
N LEU Q 149 -14.68 -75.42 14.14
CA LEU Q 149 -16.09 -75.09 13.93
C LEU Q 149 -16.95 -76.34 13.96
N LYS Q 150 -16.49 -77.43 13.36
CA LYS Q 150 -17.24 -78.68 13.39
C LYS Q 150 -17.38 -79.20 14.80
N GLU Q 151 -16.30 -79.12 15.60
CA GLU Q 151 -16.38 -79.55 16.99
C GLU Q 151 -17.38 -78.70 17.77
N ILE Q 152 -17.37 -77.39 17.55
CA ILE Q 152 -18.33 -76.51 18.23
C ILE Q 152 -19.75 -76.86 17.83
N ARG Q 153 -19.99 -77.06 16.54
CA ARG Q 153 -21.34 -77.36 16.07
C ARG Q 153 -21.84 -78.70 16.61
N THR Q 154 -20.97 -79.70 16.64
CA THR Q 154 -21.39 -81.03 17.09
C THR Q 154 -21.80 -81.01 18.56
N ARG Q 155 -21.00 -80.38 19.42
CA ARG Q 155 -21.29 -80.37 20.84
C ARG Q 155 -22.52 -79.53 21.15
N GLY Q 156 -22.59 -78.31 20.59
CA GLY Q 156 -23.80 -77.51 20.63
C GLY Q 156 -24.00 -76.65 21.86
N ASP Q 157 -23.05 -76.63 22.81
CA ASP Q 157 -23.17 -75.80 24.00
C ASP Q 157 -21.86 -75.08 24.27
N ILE Q 158 -21.29 -74.48 23.23
CA ILE Q 158 -20.03 -73.76 23.31
C ILE Q 158 -20.25 -72.32 22.88
N ILE Q 159 -19.77 -71.38 23.68
CA ILE Q 159 -19.84 -69.95 23.39
C ILE Q 159 -18.41 -69.45 23.24
N LEU Q 160 -18.09 -68.91 22.06
CA LEU Q 160 -16.74 -68.45 21.77
C LEU Q 160 -16.55 -67.02 22.27
N PHE Q 161 -15.34 -66.74 22.76
CA PHE Q 161 -14.94 -65.40 23.16
C PHE Q 161 -13.65 -65.06 22.45
N ILE Q 162 -13.65 -63.96 21.70
CA ILE Q 162 -12.51 -63.54 20.90
C ILE Q 162 -12.06 -62.19 21.42
N ASP Q 163 -11.06 -62.19 22.30
CA ASP Q 163 -10.45 -60.94 22.76
C ASP Q 163 -9.70 -60.28 21.62
N ALA Q 164 -9.73 -58.95 21.59
CA ALA Q 164 -9.11 -58.16 20.52
C ALA Q 164 -9.67 -58.58 19.16
N LEU Q 165 -10.98 -58.36 19.00
CA LEU Q 165 -11.67 -58.79 17.79
C LEU Q 165 -11.13 -58.13 16.52
N HIS Q 166 -10.50 -56.96 16.65
CA HIS Q 166 -9.97 -56.26 15.48
C HIS Q 166 -8.87 -57.03 14.78
N THR Q 167 -8.27 -58.03 15.43
CA THR Q 167 -7.28 -58.88 14.79
C THR Q 167 -7.89 -59.95 13.91
N LEU Q 168 -9.22 -60.08 13.89
CA LEU Q 168 -9.88 -61.11 13.10
C LEU Q 168 -9.96 -60.75 11.62
N VAL Q 169 -9.75 -59.48 11.26
CA VAL Q 169 -9.88 -59.10 9.86
C VAL Q 169 -8.81 -59.77 9.01
N GLY Q 170 -7.56 -59.73 9.46
CA GLY Q 170 -6.51 -60.46 8.80
C GLY Q 170 -5.92 -61.56 9.67
N ALA Q 171 -6.24 -62.81 9.35
CA ALA Q 171 -5.74 -63.95 10.12
C ALA Q 171 -4.92 -64.91 9.28
N GLY Q 172 -5.44 -65.33 8.13
CA GLY Q 172 -4.72 -66.27 7.28
C GLY Q 172 -4.58 -65.79 5.86
N ALA Q 173 -4.60 -64.47 5.66
CA ALA Q 173 -4.50 -63.87 4.33
C ALA Q 173 -3.04 -63.88 3.90
N ALA Q 174 -2.58 -65.07 3.49
CA ALA Q 174 -1.22 -65.17 2.94
C ALA Q 174 -1.10 -64.37 1.66
N GLU Q 175 -2.11 -64.44 0.79
CA GLU Q 175 -2.19 -63.61 -0.40
C GLU Q 175 -3.36 -62.64 -0.37
N GLY Q 176 -4.41 -62.97 0.38
CA GLY Q 176 -5.59 -62.13 0.51
C GLY Q 176 -6.80 -62.73 -0.18
N ALA Q 177 -7.65 -63.38 0.59
CA ALA Q 177 -8.83 -64.07 0.08
C ALA Q 177 -9.63 -64.71 1.21
N ILE Q 178 -9.40 -66.00 1.43
CA ILE Q 178 -10.13 -66.76 2.44
C ILE Q 178 -9.37 -66.64 3.75
N ASP Q 179 -9.90 -65.84 4.68
CA ASP Q 179 -9.36 -65.67 6.00
C ASP Q 179 -10.39 -66.11 7.04
N ALA Q 180 -10.08 -65.87 8.32
CA ALA Q 180 -10.99 -66.27 9.39
C ALA Q 180 -12.33 -65.55 9.28
N ALA Q 181 -12.30 -64.25 8.97
CA ALA Q 181 -13.55 -63.49 8.88
C ALA Q 181 -14.44 -64.01 7.76
N SER Q 182 -13.85 -64.31 6.60
CA SER Q 182 -14.66 -64.79 5.48
C SER Q 182 -15.26 -66.16 5.77
N ILE Q 183 -14.53 -67.01 6.50
CA ILE Q 183 -15.07 -68.31 6.88
C ILE Q 183 -16.20 -68.15 7.90
N LEU Q 184 -16.01 -67.25 8.87
CA LEU Q 184 -16.95 -67.11 9.97
C LEU Q 184 -18.18 -66.28 9.61
N LYS Q 185 -18.15 -65.55 8.50
CA LYS Q 185 -19.28 -64.67 8.16
C LYS Q 185 -20.61 -65.40 8.04
N PRO Q 186 -20.75 -66.51 7.30
CA PRO Q 186 -22.09 -67.11 7.12
C PRO Q 186 -22.71 -67.62 8.41
N MET Q 187 -21.94 -68.36 9.21
CA MET Q 187 -22.46 -68.88 10.47
C MET Q 187 -22.83 -67.75 11.42
N LEU Q 188 -22.01 -66.70 11.47
CA LEU Q 188 -22.33 -65.56 12.31
C LEU Q 188 -23.61 -64.87 11.86
N ALA Q 189 -23.81 -64.74 10.54
CA ALA Q 189 -24.98 -64.06 10.04
C ALA Q 189 -26.25 -64.88 10.22
N ARG Q 190 -26.17 -66.20 10.07
CA ARG Q 190 -27.36 -67.04 10.13
C ARG Q 190 -27.83 -67.34 11.55
N GLY Q 191 -27.08 -66.92 12.57
CA GLY Q 191 -27.49 -67.09 13.94
C GLY Q 191 -26.75 -68.17 14.70
N GLU Q 192 -26.02 -69.05 14.02
CA GLU Q 192 -25.21 -70.05 14.71
C GLU Q 192 -23.94 -69.41 15.24
N LEU Q 193 -23.20 -70.18 16.04
CA LEU Q 193 -21.87 -69.79 16.53
C LEU Q 193 -21.94 -68.48 17.32
N GLN Q 194 -22.62 -68.56 18.45
CA GLN Q 194 -22.67 -67.42 19.37
C GLN Q 194 -21.25 -67.02 19.77
N THR Q 195 -20.96 -65.72 19.69
CA THR Q 195 -19.61 -65.22 19.89
C THR Q 195 -19.66 -63.90 20.63
N ILE Q 196 -18.68 -63.68 21.51
CA ILE Q 196 -18.54 -62.45 22.28
C ILE Q 196 -17.19 -61.84 21.96
N GLY Q 197 -17.19 -60.56 21.60
CA GLY Q 197 -15.95 -59.87 21.28
C GLY Q 197 -15.65 -58.70 22.20
N ALA Q 198 -14.39 -58.27 22.23
CA ALA Q 198 -13.98 -57.13 23.04
C ALA Q 198 -12.99 -56.28 22.26
N THR Q 199 -13.16 -54.96 22.30
CA THR Q 199 -12.33 -54.08 21.48
C THR Q 199 -12.32 -52.69 22.11
N THR Q 200 -11.23 -51.96 21.89
CA THR Q 200 -11.18 -50.56 22.25
C THR Q 200 -11.82 -49.72 21.14
N LEU Q 201 -12.16 -48.48 21.49
CA LEU Q 201 -12.82 -47.60 20.53
C LEU Q 201 -11.91 -47.29 19.34
N ASP Q 202 -10.64 -46.99 19.61
CA ASP Q 202 -9.70 -46.68 18.52
C ASP Q 202 -9.51 -47.88 17.61
N GLU Q 203 -9.32 -49.07 18.19
CA GLU Q 203 -9.17 -50.27 17.38
C GLU Q 203 -10.46 -50.62 16.64
N TYR Q 204 -11.61 -50.37 17.27
CA TYR Q 204 -12.88 -50.61 16.59
C TYR Q 204 -13.04 -49.72 15.37
N ARG Q 205 -12.67 -48.44 15.50
CA ARG Q 205 -12.84 -47.52 14.38
C ARG Q 205 -11.80 -47.76 13.29
N LYS Q 206 -10.54 -47.98 13.68
CA LYS Q 206 -9.46 -48.04 12.70
C LYS Q 206 -9.51 -49.33 11.89
N HIS Q 207 -9.72 -50.47 12.56
CA HIS Q 207 -9.57 -51.78 11.92
C HIS Q 207 -10.89 -52.48 11.65
N LEU Q 208 -11.75 -52.59 12.66
CA LEU Q 208 -12.97 -53.39 12.49
C LEU Q 208 -13.94 -52.75 11.51
N GLU Q 209 -13.85 -51.44 11.31
CA GLU Q 209 -14.76 -50.76 10.39
C GLU Q 209 -14.26 -50.75 8.95
N LYS Q 210 -13.08 -51.32 8.69
CA LYS Q 210 -12.63 -51.50 7.32
C LYS Q 210 -13.27 -52.69 6.63
N ASP Q 211 -13.97 -53.55 7.39
CA ASP Q 211 -14.71 -54.69 6.87
C ASP Q 211 -16.15 -54.52 7.34
N ALA Q 212 -16.96 -53.82 6.52
CA ALA Q 212 -18.33 -53.52 6.92
C ALA Q 212 -19.16 -54.79 7.05
N ALA Q 213 -18.90 -55.80 6.20
CA ALA Q 213 -19.67 -57.04 6.28
C ALA Q 213 -19.46 -57.74 7.61
N LEU Q 214 -18.22 -57.74 8.12
CA LEU Q 214 -17.97 -58.37 9.41
C LEU Q 214 -18.51 -57.52 10.56
N GLU Q 215 -18.36 -56.20 10.46
CA GLU Q 215 -18.87 -55.32 11.52
C GLU Q 215 -20.39 -55.37 11.61
N ARG Q 216 -21.06 -55.67 10.50
CA ARG Q 216 -22.53 -55.70 10.50
C ARG Q 216 -23.06 -56.79 11.43
N ARG Q 217 -22.31 -57.88 11.61
CA ARG Q 217 -22.80 -59.05 12.33
C ARG Q 217 -22.55 -58.99 13.83
N PHE Q 218 -22.29 -57.80 14.38
CA PHE Q 218 -22.05 -57.64 15.80
C PHE Q 218 -22.89 -56.48 16.34
N GLN Q 219 -23.32 -56.62 17.59
CA GLN Q 219 -24.10 -55.58 18.25
C GLN Q 219 -23.22 -54.89 19.29
N PRO Q 220 -22.81 -53.64 19.06
CA PRO Q 220 -21.90 -52.98 20.00
C PRO Q 220 -22.58 -52.71 21.33
N ILE Q 221 -21.79 -52.80 22.40
CA ILE Q 221 -22.23 -52.49 23.76
C ILE Q 221 -21.22 -51.57 24.39
N GLN Q 222 -21.70 -50.46 24.97
CA GLN Q 222 -20.83 -49.46 25.57
C GLN Q 222 -20.51 -49.84 27.01
N VAL Q 223 -19.22 -49.91 27.33
CA VAL Q 223 -18.75 -50.12 28.69
C VAL Q 223 -18.16 -48.80 29.17
N ALA Q 224 -18.81 -48.18 30.15
CA ALA Q 224 -18.43 -46.85 30.60
C ALA Q 224 -17.47 -46.95 31.79
N GLU Q 225 -16.66 -45.91 31.96
CA GLU Q 225 -15.74 -45.85 33.07
C GLU Q 225 -16.52 -45.72 34.38
N PRO Q 226 -16.23 -46.53 35.40
CA PRO Q 226 -16.99 -46.45 36.64
C PRO Q 226 -16.75 -45.15 37.39
N SER Q 227 -17.74 -44.77 38.18
CA SER Q 227 -17.63 -43.57 39.00
C SER Q 227 -16.81 -43.87 40.26
N LEU Q 228 -16.66 -42.85 41.11
CA LEU Q 228 -15.86 -43.02 42.32
C LEU Q 228 -16.43 -44.05 43.28
N PRO Q 229 -17.73 -44.04 43.64
CA PRO Q 229 -18.23 -45.11 44.53
C PRO Q 229 -18.09 -46.50 43.95
N HIS Q 230 -18.29 -46.64 42.64
CA HIS Q 230 -18.11 -47.94 42.00
C HIS Q 230 -16.65 -48.40 42.10
N THR Q 231 -15.72 -47.47 41.90
CA THR Q 231 -14.30 -47.80 42.05
C THR Q 231 -13.98 -48.21 43.49
N ILE Q 232 -14.59 -47.54 44.46
CA ILE Q 232 -14.38 -47.89 45.86
C ILE Q 232 -14.90 -49.30 46.13
N GLU Q 233 -16.08 -49.64 45.58
CA GLU Q 233 -16.61 -50.99 45.75
C GLU Q 233 -15.69 -52.02 45.10
N ILE Q 234 -15.17 -51.72 43.91
CA ILE Q 234 -14.25 -52.64 43.23
C ILE Q 234 -12.99 -52.85 44.07
N LEU Q 235 -12.46 -51.76 44.64
CA LEU Q 235 -11.27 -51.88 45.49
C LEU Q 235 -11.57 -52.71 46.72
N LYS Q 236 -12.75 -52.53 47.33
CA LYS Q 236 -13.14 -53.36 48.46
C LYS Q 236 -13.22 -54.82 48.07
N GLY Q 237 -13.74 -55.11 46.87
CA GLY Q 237 -13.83 -56.48 46.41
C GLY Q 237 -12.46 -57.12 46.21
N LEU Q 238 -11.53 -56.39 45.61
CA LEU Q 238 -10.21 -56.94 45.29
C LEU Q 238 -9.21 -56.81 46.44
N ARG Q 239 -9.60 -56.16 47.55
CA ARG Q 239 -8.73 -56.05 48.70
C ARG Q 239 -8.30 -57.42 49.21
N ASP Q 240 -9.22 -58.37 49.26
CA ASP Q 240 -8.89 -59.69 49.79
C ASP Q 240 -7.79 -60.35 48.97
N ARG Q 241 -7.95 -60.36 47.64
CA ARG Q 241 -6.94 -60.99 46.79
C ARG Q 241 -5.61 -60.27 46.88
N TYR Q 242 -5.62 -58.93 46.90
CA TYR Q 242 -4.35 -58.22 46.94
C TYR Q 242 -3.66 -58.37 48.29
N GLU Q 243 -4.43 -58.41 49.38
CA GLU Q 243 -3.85 -58.70 50.68
C GLU Q 243 -3.25 -60.11 50.71
N ALA Q 244 -3.95 -61.08 50.15
CA ALA Q 244 -3.44 -62.45 50.12
C ALA Q 244 -2.14 -62.54 49.33
N HIS Q 245 -2.08 -61.88 48.18
CA HIS Q 245 -0.87 -61.94 47.36
C HIS Q 245 0.29 -61.21 48.01
N HIS Q 246 0.04 -60.01 48.54
CA HIS Q 246 1.11 -59.17 49.07
C HIS Q 246 1.44 -59.46 50.54
N ARG Q 247 0.65 -60.31 51.20
CA ARG Q 247 0.91 -60.67 52.60
C ARG Q 247 0.91 -59.45 53.51
N VAL Q 248 -0.01 -58.52 53.27
CA VAL Q 248 -0.14 -57.30 54.05
C VAL Q 248 -1.62 -57.08 54.35
N SER Q 249 -1.91 -55.96 55.03
CA SER Q 249 -3.27 -55.58 55.37
C SER Q 249 -3.52 -54.17 54.88
N ILE Q 250 -4.71 -53.93 54.34
CA ILE Q 250 -5.08 -52.66 53.74
C ILE Q 250 -6.31 -52.13 54.46
N THR Q 251 -6.26 -50.86 54.86
CA THR Q 251 -7.37 -50.19 55.53
C THR Q 251 -8.35 -49.62 54.51
N ASP Q 252 -9.57 -49.35 54.98
CA ASP Q 252 -10.57 -48.73 54.12
C ASP Q 252 -10.14 -47.32 53.71
N GLU Q 253 -9.54 -46.58 54.64
CA GLU Q 253 -9.04 -45.25 54.32
C GLU Q 253 -8.00 -45.30 53.21
N ALA Q 254 -7.18 -46.36 53.19
CA ALA Q 254 -6.21 -46.51 52.11
C ALA Q 254 -6.90 -46.64 50.76
N LEU Q 255 -7.97 -47.45 50.69
CA LEU Q 255 -8.69 -47.61 49.44
C LEU Q 255 -9.35 -46.31 49.00
N VAL Q 256 -9.98 -45.60 49.96
CA VAL Q 256 -10.64 -44.34 49.61
C VAL Q 256 -9.62 -43.32 49.11
N GLN Q 257 -8.49 -43.20 49.80
CA GLN Q 257 -7.45 -42.28 49.38
C GLN Q 257 -6.89 -42.65 48.01
N ALA Q 258 -6.66 -43.94 47.77
CA ALA Q 258 -6.16 -44.37 46.47
C ALA Q 258 -7.12 -44.00 45.36
N ALA Q 259 -8.41 -44.30 45.55
CA ALA Q 259 -9.39 -43.99 44.53
C ALA Q 259 -9.47 -42.49 44.26
N THR Q 260 -9.56 -41.69 45.33
CA THR Q 260 -9.72 -40.25 45.15
C THR Q 260 -8.48 -39.64 44.49
N LEU Q 261 -7.29 -40.00 44.97
CA LEU Q 261 -6.07 -39.44 44.41
C LEU Q 261 -5.85 -39.86 42.97
N ALA Q 262 -6.12 -41.13 42.64
CA ALA Q 262 -5.99 -41.57 41.27
C ALA Q 262 -6.97 -40.85 40.36
N ASP Q 263 -8.20 -40.63 40.83
CA ASP Q 263 -9.17 -39.91 40.03
C ASP Q 263 -8.76 -38.45 39.82
N ARG Q 264 -8.18 -37.83 40.84
CA ARG Q 264 -7.95 -36.38 40.77
C ARG Q 264 -6.65 -36.04 40.07
N TYR Q 265 -5.54 -36.69 40.44
CA TYR Q 265 -4.22 -36.24 40.04
C TYR Q 265 -3.68 -36.94 38.80
N ILE Q 266 -3.79 -38.26 38.72
CA ILE Q 266 -3.30 -39.00 37.57
C ILE Q 266 -4.33 -38.90 36.45
N SER Q 267 -4.02 -38.13 35.41
CA SER Q 267 -4.90 -38.04 34.24
C SER Q 267 -4.09 -38.39 32.99
N ASP Q 268 -3.90 -39.68 32.79
CA ASP Q 268 -3.55 -40.26 31.49
C ASP Q 268 -4.27 -41.57 31.22
N ARG Q 269 -4.86 -42.19 32.23
CA ARG Q 269 -5.48 -43.50 32.13
C ARG Q 269 -6.90 -43.42 32.66
N PHE Q 270 -7.52 -44.57 32.94
CA PHE Q 270 -8.92 -44.61 33.35
C PHE Q 270 -9.05 -45.22 34.74
N LEU Q 271 -10.18 -44.92 35.37
CA LEU Q 271 -10.30 -45.04 36.82
C LEU Q 271 -10.07 -46.44 37.38
N PRO Q 272 -10.71 -47.50 36.90
CA PRO Q 272 -10.57 -48.80 37.58
C PRO Q 272 -9.15 -49.32 37.64
N ASP Q 273 -8.33 -49.04 36.63
CA ASP Q 273 -6.97 -49.59 36.60
C ASP Q 273 -5.99 -48.75 37.41
N LYS Q 274 -6.00 -47.43 37.19
CA LYS Q 274 -5.04 -46.57 37.86
C LYS Q 274 -5.24 -46.53 39.37
N ALA Q 275 -6.44 -46.83 39.86
CA ALA Q 275 -6.64 -46.92 41.30
C ALA Q 275 -6.02 -48.20 41.85
N ILE Q 276 -6.16 -49.32 41.12
CA ILE Q 276 -5.56 -50.57 41.55
C ILE Q 276 -4.04 -50.50 41.49
N ASP Q 277 -3.50 -49.72 40.55
CA ASP Q 277 -2.06 -49.60 40.40
C ASP Q 277 -1.42 -49.04 41.67
N LEU Q 278 -2.05 -48.03 42.28
CA LEU Q 278 -1.50 -47.45 43.51
C LEU Q 278 -1.46 -48.48 44.62
N ILE Q 279 -2.54 -49.26 44.79
CA ILE Q 279 -2.58 -50.27 45.83
C ILE Q 279 -1.50 -51.32 45.60
N ASP Q 280 -1.35 -51.77 44.34
CA ASP Q 280 -0.35 -52.78 44.04
C ASP Q 280 1.06 -52.27 44.29
N GLU Q 281 1.33 -51.02 43.88
CA GLU Q 281 2.66 -50.45 44.10
C GLU Q 281 2.96 -50.30 45.58
N ALA Q 282 1.97 -49.86 46.37
CA ALA Q 282 2.16 -49.76 47.81
C ALA Q 282 2.42 -51.11 48.43
N GLY Q 283 1.68 -52.13 47.99
CA GLY Q 283 1.91 -53.48 48.51
C GLY Q 283 3.30 -53.98 48.19
N SER Q 284 3.77 -53.77 46.97
CA SER Q 284 5.11 -54.20 46.59
C SER Q 284 6.17 -53.44 47.39
N ARG Q 285 5.99 -52.13 47.56
CA ARG Q 285 6.95 -51.33 48.32
C ARG Q 285 7.01 -51.79 49.77
N MET Q 286 5.86 -52.11 50.37
CA MET Q 286 5.86 -52.62 51.74
C MET Q 286 6.49 -54.00 51.82
N ARG Q 287 6.25 -54.84 50.80
CA ARG Q 287 6.79 -56.19 50.82
C ARG Q 287 8.31 -56.21 50.73
N ILE Q 288 8.89 -55.34 49.88
CA ILE Q 288 10.34 -55.38 49.72
C ILE Q 288 11.05 -54.93 50.99
N ARG Q 289 10.38 -54.18 51.86
CA ARG Q 289 11.02 -53.63 53.04
C ARG Q 289 11.33 -54.71 54.08
N ARG Q 290 10.73 -55.89 53.96
CA ARG Q 290 10.97 -56.96 54.92
C ARG Q 290 12.28 -57.68 54.63
N VAL Q 352 2.23 -58.80 60.90
CA VAL Q 352 1.98 -58.38 59.52
C VAL Q 352 2.05 -56.85 59.43
N ALA Q 353 2.45 -56.36 58.26
CA ALA Q 353 2.58 -54.92 58.05
C ALA Q 353 1.21 -54.28 57.86
N GLU Q 354 1.20 -52.98 57.56
CA GLU Q 354 -0.04 -52.24 57.41
C GLU Q 354 0.13 -51.20 56.31
N VAL Q 355 -0.91 -51.02 55.51
CA VAL Q 355 -0.93 -50.04 54.43
C VAL Q 355 -2.03 -49.03 54.74
N ASP Q 356 -1.67 -47.75 54.76
CA ASP Q 356 -2.58 -46.68 55.10
C ASP Q 356 -2.59 -45.63 54.00
N GLY Q 357 -3.40 -44.59 54.20
CA GLY Q 357 -3.50 -43.54 53.20
C GLY Q 357 -2.20 -42.77 53.00
N GLU Q 358 -1.40 -42.65 54.06
CA GLU Q 358 -0.13 -41.92 53.94
C GLU Q 358 0.80 -42.59 52.94
N LEU Q 359 0.87 -43.93 52.97
CA LEU Q 359 1.71 -44.65 52.02
C LEU Q 359 1.23 -44.45 50.59
N ILE Q 360 -0.09 -44.47 50.39
CA ILE Q 360 -0.65 -44.25 49.06
C ILE Q 360 -0.31 -42.84 48.56
N ALA Q 361 -0.46 -41.85 49.43
CA ALA Q 361 -0.12 -40.48 49.06
C ALA Q 361 1.35 -40.35 48.72
N GLU Q 362 2.22 -40.99 49.49
CA GLU Q 362 3.65 -40.96 49.19
C GLU Q 362 3.95 -41.63 47.86
N VAL Q 363 3.29 -42.75 47.57
CA VAL Q 363 3.51 -43.46 46.31
C VAL Q 363 3.09 -42.58 45.14
N LEU Q 364 1.93 -41.95 45.24
CA LEU Q 364 1.49 -41.08 44.14
C LEU Q 364 2.41 -39.87 44.00
N ALA Q 365 2.86 -39.30 45.13
CA ALA Q 365 3.75 -38.15 45.06
C ALA Q 365 5.06 -38.49 44.39
N THR Q 366 5.64 -39.66 44.71
CA THR Q 366 6.89 -40.04 44.08
C THR Q 366 6.69 -40.50 42.64
N ALA Q 367 5.49 -40.97 42.29
CA ALA Q 367 5.23 -41.36 40.90
C ALA Q 367 5.04 -40.15 39.99
N THR Q 368 4.30 -39.14 40.46
CA THR Q 368 3.96 -38.00 39.62
C THR Q 368 4.74 -36.73 39.94
N GLY Q 369 5.29 -36.60 41.15
CA GLY Q 369 6.00 -35.41 41.54
C GLY Q 369 5.17 -34.37 42.26
N ILE Q 370 3.86 -34.51 42.27
CA ILE Q 370 3.00 -33.55 42.95
C ILE Q 370 3.05 -33.81 44.45
N PRO Q 371 3.36 -32.81 45.27
CA PRO Q 371 3.48 -33.02 46.73
C PRO Q 371 2.13 -33.14 47.45
N VAL Q 372 1.57 -34.35 47.41
CA VAL Q 372 0.31 -34.63 48.10
C VAL Q 372 0.52 -35.42 49.38
N PHE Q 373 1.77 -35.67 49.77
CA PHE Q 373 2.06 -36.45 50.96
C PHE Q 373 1.67 -35.68 52.22
N LYS Q 374 1.59 -36.41 53.33
CA LYS Q 374 1.12 -35.84 54.58
C LYS Q 374 2.11 -34.80 55.10
N LEU Q 375 1.57 -33.72 55.68
CA LEU Q 375 2.39 -32.66 56.22
C LEU Q 375 3.13 -33.12 57.47
N THR Q 376 4.34 -32.63 57.64
CA THR Q 376 5.15 -32.90 58.82
C THR Q 376 5.41 -31.60 59.59
N GLU Q 377 5.86 -31.75 60.83
CA GLU Q 377 6.13 -30.58 61.67
C GLU Q 377 7.24 -29.72 61.08
N GLU Q 378 8.33 -30.36 60.62
CA GLU Q 378 9.42 -29.60 60.04
C GLU Q 378 8.98 -28.89 58.76
N GLU Q 379 8.22 -29.58 57.91
CA GLU Q 379 7.75 -28.97 56.68
C GLU Q 379 6.75 -27.84 56.96
N SER Q 380 5.88 -28.04 57.95
CA SER Q 380 4.95 -26.97 58.32
C SER Q 380 5.70 -25.75 58.83
N SER Q 381 6.72 -25.96 59.68
CA SER Q 381 7.52 -24.84 60.17
C SER Q 381 8.23 -24.14 59.03
N ARG Q 382 8.78 -24.90 58.08
CA ARG Q 382 9.45 -24.29 56.93
C ARG Q 382 8.47 -23.48 56.10
N LEU Q 383 7.25 -24.00 55.90
CA LEU Q 383 6.25 -23.27 55.12
C LEU Q 383 5.83 -21.98 55.83
N LEU Q 384 5.70 -22.03 57.15
CA LEU Q 384 5.27 -20.84 57.89
C LEU Q 384 6.32 -19.73 57.84
N ARG Q 385 7.59 -20.06 57.60
CA ARG Q 385 8.65 -19.08 57.48
C ARG Q 385 9.16 -18.95 56.04
N MET Q 386 8.30 -19.22 55.07
CA MET Q 386 8.72 -19.19 53.66
C MET Q 386 9.18 -17.80 53.26
N GLU Q 387 8.62 -16.74 53.87
CA GLU Q 387 9.02 -15.39 53.52
C GLU Q 387 10.49 -15.16 53.84
N ASP Q 388 10.97 -15.66 54.97
CA ASP Q 388 12.37 -15.51 55.31
C ASP Q 388 13.26 -16.25 54.33
N GLU Q 389 12.86 -17.47 53.94
CA GLU Q 389 13.64 -18.23 52.97
C GLU Q 389 13.73 -17.51 51.64
N LEU Q 390 12.61 -16.93 51.19
CA LEU Q 390 12.64 -16.16 49.95
C LEU Q 390 13.45 -14.88 50.09
N HIS Q 391 13.44 -14.27 51.27
CA HIS Q 391 14.22 -13.06 51.51
C HIS Q 391 15.70 -13.34 51.69
N LYS Q 392 16.08 -14.60 51.89
CA LYS Q 392 17.50 -14.95 51.94
C LYS Q 392 18.20 -14.69 50.61
N ARG Q 393 17.44 -14.52 49.53
CA ARG Q 393 18.00 -14.28 48.21
C ARG Q 393 17.50 -13.00 47.56
N VAL Q 394 16.33 -12.49 47.93
CA VAL Q 394 15.76 -11.28 47.36
C VAL Q 394 15.57 -10.27 48.49
N ILE Q 395 16.08 -9.05 48.28
CA ILE Q 395 15.97 -7.98 49.26
C ILE Q 395 14.82 -7.06 48.85
N GLY Q 396 13.94 -6.76 49.80
CA GLY Q 396 12.78 -5.95 49.50
C GLY Q 396 11.69 -6.76 48.82
N GLN Q 397 10.80 -6.03 48.13
CA GLN Q 397 9.67 -6.63 47.41
C GLN Q 397 8.83 -7.48 48.35
N VAL Q 398 8.35 -6.87 49.43
CA VAL Q 398 7.65 -7.60 50.48
C VAL Q 398 6.30 -8.10 49.98
N ASP Q 399 5.60 -7.29 49.18
CA ASP Q 399 4.25 -7.65 48.74
C ASP Q 399 4.27 -8.91 47.88
N ALA Q 400 5.20 -8.99 46.92
CA ALA Q 400 5.26 -10.15 46.04
C ALA Q 400 5.63 -11.41 46.81
N VAL Q 401 6.58 -11.30 47.73
CA VAL Q 401 6.97 -12.46 48.54
C VAL Q 401 5.79 -12.93 49.39
N LYS Q 402 5.06 -11.99 49.99
CA LYS Q 402 3.89 -12.35 50.79
C LYS Q 402 2.83 -13.02 49.94
N ALA Q 403 2.59 -12.51 48.73
CA ALA Q 403 1.60 -13.12 47.85
C ALA Q 403 2.00 -14.54 47.46
N LEU Q 404 3.27 -14.73 47.10
CA LEU Q 404 3.74 -16.07 46.74
C LEU Q 404 3.62 -17.02 47.91
N SER Q 405 4.00 -16.57 49.11
CA SER Q 405 3.91 -17.42 50.29
C SER Q 405 2.46 -17.78 50.59
N LYS Q 406 1.54 -16.82 50.45
CA LYS Q 406 0.14 -17.10 50.67
C LYS Q 406 -0.39 -18.13 49.68
N ALA Q 407 -0.01 -17.99 48.41
CA ALA Q 407 -0.45 -18.96 47.41
C ALA Q 407 0.08 -20.36 47.71
N ILE Q 408 1.36 -20.46 48.07
CA ILE Q 408 1.94 -21.77 48.37
C ILE Q 408 1.28 -22.37 49.61
N ARG Q 409 1.02 -21.55 50.63
CA ARG Q 409 0.39 -22.05 51.84
C ARG Q 409 -1.03 -22.51 51.57
N ARG Q 410 -1.77 -21.79 50.73
CA ARG Q 410 -3.10 -22.25 50.32
C ARG Q 410 -3.02 -23.58 49.58
N THR Q 411 -2.03 -23.72 48.69
CA THR Q 411 -1.88 -24.97 47.95
C THR Q 411 -1.57 -26.13 48.87
N ARG Q 412 -0.67 -25.93 49.84
CA ARG Q 412 -0.24 -27.02 50.71
C ARG Q 412 -1.21 -27.31 51.85
N ALA Q 413 -2.16 -26.43 52.12
CA ALA Q 413 -3.13 -26.65 53.18
C ALA Q 413 -4.40 -27.35 52.69
N GLY Q 414 -4.45 -27.74 51.42
CA GLY Q 414 -5.63 -28.37 50.87
C GLY Q 414 -6.82 -27.46 50.78
N LEU Q 415 -6.61 -26.20 50.40
CA LEU Q 415 -7.70 -25.23 50.28
C LEU Q 415 -7.77 -24.58 48.91
N LYS Q 416 -6.91 -24.96 47.98
CA LYS Q 416 -6.94 -24.39 46.64
C LYS Q 416 -8.12 -24.94 45.84
N ASP Q 417 -8.53 -24.19 44.84
CA ASP Q 417 -9.60 -24.63 43.95
C ASP Q 417 -9.11 -25.81 43.13
N PRO Q 418 -9.77 -26.98 43.20
CA PRO Q 418 -9.29 -28.15 42.46
C PRO Q 418 -9.47 -28.06 40.95
N LYS Q 419 -10.03 -26.97 40.43
CA LYS Q 419 -10.25 -26.81 39.01
C LYS Q 419 -9.48 -25.65 38.40
N ARG Q 420 -8.53 -25.09 39.13
CA ARG Q 420 -7.75 -23.94 38.68
C ARG Q 420 -6.32 -24.11 39.14
N PRO Q 421 -5.37 -23.45 38.46
CA PRO Q 421 -3.97 -23.56 38.87
C PRO Q 421 -3.74 -23.01 40.27
N GLY Q 422 -2.59 -23.37 40.84
CA GLY Q 422 -2.29 -22.98 42.22
C GLY Q 422 -2.25 -21.49 42.41
N GLY Q 423 -1.76 -20.76 41.41
CA GLY Q 423 -1.71 -19.31 41.49
C GLY Q 423 -1.42 -18.65 40.17
N SER Q 424 -1.88 -17.41 40.00
CA SER Q 424 -1.63 -16.64 38.79
C SER Q 424 -1.23 -15.22 39.20
N PHE Q 425 -0.04 -14.79 38.80
CA PHE Q 425 0.53 -13.54 39.24
C PHE Q 425 1.01 -12.72 38.06
N ILE Q 426 0.85 -11.40 38.17
CA ILE Q 426 1.38 -10.45 37.21
C ILE Q 426 2.39 -9.58 37.95
N PHE Q 427 3.67 -9.80 37.68
CA PHE Q 427 4.75 -9.03 38.28
C PHE Q 427 5.03 -7.83 37.39
N ALA Q 428 4.49 -6.67 37.76
CA ALA Q 428 4.70 -5.46 36.99
C ALA Q 428 5.70 -4.57 37.70
N GLY Q 429 6.79 -4.21 37.02
CA GLY Q 429 7.82 -3.42 37.65
C GLY Q 429 8.87 -2.91 36.69
N PRO Q 430 9.74 -2.02 37.19
CA PRO Q 430 10.79 -1.46 36.34
C PRO Q 430 11.92 -2.45 36.08
N SER Q 431 12.94 -2.00 35.35
CA SER Q 431 14.05 -2.87 34.97
C SER Q 431 14.97 -3.12 36.16
N GLY Q 432 15.47 -4.35 36.26
CA GLY Q 432 16.45 -4.68 37.29
C GLY Q 432 15.97 -4.53 38.71
N VAL Q 433 14.75 -4.96 39.00
CA VAL Q 433 14.21 -4.85 40.34
C VAL Q 433 14.09 -6.18 41.06
N GLY Q 434 14.12 -7.30 40.34
CA GLY Q 434 14.13 -8.60 40.99
C GLY Q 434 12.96 -9.49 40.65
N LYS Q 435 12.33 -9.28 39.50
CA LYS Q 435 11.21 -10.12 39.10
C LYS Q 435 11.68 -11.52 38.71
N THR Q 436 12.56 -11.58 37.71
CA THR Q 436 13.13 -12.87 37.30
C THR Q 436 13.91 -13.51 38.45
N GLU Q 437 14.58 -12.69 39.26
CA GLU Q 437 15.28 -13.22 40.42
C GLU Q 437 14.30 -13.84 41.42
N LEU Q 438 13.16 -13.19 41.65
CA LEU Q 438 12.16 -13.76 42.54
C LEU Q 438 11.60 -15.05 41.98
N SER Q 439 11.36 -15.12 40.67
CA SER Q 439 10.87 -16.35 40.07
C SER Q 439 11.88 -17.48 40.24
N LYS Q 440 13.17 -17.19 40.01
CA LYS Q 440 14.19 -18.20 40.20
C LYS Q 440 14.29 -18.64 41.66
N ALA Q 441 14.16 -17.68 42.59
CA ALA Q 441 14.19 -18.02 44.00
C ALA Q 441 13.02 -18.93 44.37
N LEU Q 442 11.82 -18.65 43.86
CA LEU Q 442 10.68 -19.51 44.11
C LEU Q 442 10.89 -20.90 43.53
N ALA Q 443 11.44 -20.97 42.32
CA ALA Q 443 11.71 -22.27 41.71
C ALA Q 443 12.72 -23.06 42.53
N GLU Q 444 13.75 -22.39 43.03
CA GLU Q 444 14.74 -23.06 43.87
C GLU Q 444 14.12 -23.53 45.18
N PHE Q 445 13.23 -22.72 45.77
CA PHE Q 445 12.57 -23.12 47.01
C PHE Q 445 11.69 -24.34 46.80
N LEU Q 446 10.95 -24.37 45.69
CA LEU Q 446 9.98 -25.46 45.48
C LEU Q 446 10.66 -26.76 45.08
N PHE Q 447 11.68 -26.71 44.23
CA PHE Q 447 12.28 -27.92 43.67
C PHE Q 447 13.72 -28.16 44.08
N GLY Q 448 14.38 -27.20 44.73
CA GLY Q 448 15.76 -27.36 45.11
C GLY Q 448 16.77 -26.91 44.08
N ASP Q 449 16.33 -26.52 42.89
CA ASP Q 449 17.23 -26.07 41.84
C ASP Q 449 16.50 -25.05 40.97
N GLU Q 450 17.20 -23.98 40.63
CA GLU Q 450 16.59 -22.87 39.89
C GLU Q 450 16.47 -23.13 38.40
N ASP Q 451 17.03 -24.23 37.90
CA ASP Q 451 16.94 -24.56 36.48
C ASP Q 451 15.76 -25.47 36.15
N ALA Q 452 14.93 -25.79 37.13
CA ALA Q 452 13.69 -26.53 36.88
C ALA Q 452 12.56 -25.63 36.43
N LEU Q 453 12.78 -24.31 36.39
CA LEU Q 453 11.76 -23.39 35.93
C LEU Q 453 11.51 -23.58 34.43
N ILE Q 454 10.24 -23.45 34.05
CA ILE Q 454 9.85 -23.48 32.64
C ILE Q 454 9.72 -22.03 32.19
N SER Q 455 10.72 -21.54 31.46
CA SER Q 455 10.80 -20.15 31.07
C SER Q 455 10.46 -20.02 29.59
N LEU Q 456 9.55 -19.11 29.26
CA LEU Q 456 9.16 -18.81 27.89
C LEU Q 456 9.39 -17.33 27.62
N ASP Q 457 10.13 -17.04 26.55
CA ASP Q 457 10.49 -15.67 26.19
C ASP Q 457 9.48 -15.14 25.19
N MET Q 458 8.70 -14.13 25.62
CA MET Q 458 7.74 -13.50 24.72
C MET Q 458 8.37 -12.47 23.81
N SER Q 459 9.68 -12.23 23.92
CA SER Q 459 10.34 -11.34 22.97
C SER Q 459 10.29 -11.89 21.55
N GLU Q 460 10.27 -13.22 21.41
CA GLU Q 460 10.23 -13.87 20.11
C GLU Q 460 8.83 -14.28 19.68
N PHE Q 461 7.82 -14.06 20.52
CA PHE Q 461 6.43 -14.30 20.14
C PHE Q 461 5.78 -13.03 19.59
N SER Q 462 6.43 -12.41 18.60
CA SER Q 462 5.90 -11.17 18.05
C SER Q 462 4.85 -11.43 16.99
N GLU Q 463 5.03 -12.44 16.15
CA GLU Q 463 4.07 -12.78 15.12
C GLU Q 463 2.90 -13.54 15.72
N LYS Q 464 1.70 -13.25 15.23
CA LYS Q 464 0.49 -13.84 15.83
C LYS Q 464 0.35 -15.32 15.53
N HIS Q 465 1.02 -15.84 14.50
CA HIS Q 465 0.96 -17.26 14.22
C HIS Q 465 1.93 -18.08 15.07
N THR Q 466 2.89 -17.43 15.73
CA THR Q 466 3.83 -18.14 16.60
C THR Q 466 3.12 -18.86 17.75
N VAL Q 467 1.84 -18.59 17.97
CA VAL Q 467 1.06 -19.33 18.95
C VAL Q 467 1.04 -20.81 18.61
N SER Q 468 1.36 -21.18 17.37
CA SER Q 468 1.45 -22.59 17.01
C SER Q 468 2.53 -23.31 17.81
N ARG Q 469 3.49 -22.57 18.40
CA ARG Q 469 4.48 -23.19 19.25
C ARG Q 469 3.90 -23.67 20.57
N LEU Q 470 2.77 -23.12 21.00
CA LEU Q 470 2.21 -23.48 22.29
C LEU Q 470 1.58 -24.85 22.28
N PHE Q 471 0.85 -25.18 21.20
CA PHE Q 471 0.07 -26.41 21.16
C PHE Q 471 0.24 -27.23 19.88
N GLY Q 472 1.03 -26.78 18.92
CA GLY Q 472 1.39 -27.60 17.78
C GLY Q 472 0.59 -27.27 16.53
N SER Q 473 0.99 -27.92 15.43
CA SER Q 473 0.39 -27.72 14.12
C SER Q 473 -0.88 -28.54 13.97
N PRO Q 474 -1.82 -28.08 13.15
CA PRO Q 474 -3.06 -28.84 12.93
C PRO Q 474 -2.80 -30.08 12.11
N PRO Q 475 -3.73 -31.02 12.07
CA PRO Q 475 -3.54 -32.23 11.25
C PRO Q 475 -3.32 -31.89 9.79
N GLY Q 476 -2.47 -32.67 9.14
CA GLY Q 476 -2.17 -32.48 7.74
C GLY Q 476 -1.09 -31.45 7.44
N TYR Q 477 -0.41 -30.95 8.46
CA TYR Q 477 0.59 -29.89 8.29
C TYR Q 477 1.93 -30.37 8.85
N VAL Q 478 2.99 -29.66 8.47
CA VAL Q 478 4.33 -30.03 8.86
C VAL Q 478 4.52 -29.80 10.36
N GLY Q 479 5.13 -30.77 11.04
CA GLY Q 479 5.29 -30.69 12.47
C GLY Q 479 4.11 -31.17 13.28
N TYR Q 480 3.12 -31.80 12.63
CA TYR Q 480 1.93 -32.25 13.35
C TYR Q 480 2.26 -33.35 14.35
N GLU Q 481 3.19 -34.24 14.01
CA GLU Q 481 3.52 -35.35 14.89
C GLU Q 481 4.13 -34.85 16.21
N GLU Q 482 4.98 -33.84 16.14
CA GLU Q 482 5.54 -33.22 17.34
C GLU Q 482 4.50 -32.26 17.91
N GLY Q 483 3.65 -32.78 18.79
CA GLY Q 483 2.51 -32.02 19.24
C GLY Q 483 2.77 -31.13 20.43
N GLY Q 484 2.96 -29.83 20.18
CA GLY Q 484 3.08 -28.86 21.23
C GLY Q 484 4.43 -28.84 21.92
N GLN Q 485 4.88 -27.66 22.32
CA GLN Q 485 6.12 -27.52 23.09
C GLN Q 485 5.84 -27.23 24.56
N LEU Q 486 5.00 -26.25 24.85
CA LEU Q 486 4.60 -25.99 26.23
C LEU Q 486 3.80 -27.15 26.81
N THR Q 487 2.87 -27.70 26.01
CA THR Q 487 2.05 -28.81 26.49
C THR Q 487 2.89 -30.04 26.80
N GLU Q 488 3.88 -30.33 25.95
CA GLU Q 488 4.75 -31.48 26.19
C GLU Q 488 5.54 -31.29 27.48
N LYS Q 489 6.08 -30.09 27.71
CA LYS Q 489 6.86 -29.85 28.92
C LYS Q 489 5.99 -29.94 30.17
N VAL Q 490 4.79 -29.37 30.12
CA VAL Q 490 3.91 -29.41 31.30
C VAL Q 490 3.41 -30.83 31.55
N ARG Q 491 3.20 -31.61 30.50
CA ARG Q 491 2.68 -32.96 30.68
C ARG Q 491 3.67 -33.85 31.43
N ARG Q 492 4.96 -33.71 31.12
CA ARG Q 492 5.97 -34.51 31.83
C ARG Q 492 6.08 -34.10 33.29
N LYS Q 493 5.96 -32.81 33.57
CA LYS Q 493 6.08 -32.28 34.94
C LYS Q 493 4.77 -31.56 35.29
N PRO Q 494 3.78 -32.27 35.83
CA PRO Q 494 2.51 -31.62 36.18
C PRO Q 494 2.65 -30.51 37.19
N PHE Q 495 3.59 -30.63 38.14
CA PHE Q 495 3.81 -29.62 39.17
C PHE Q 495 5.07 -28.85 38.82
N SER Q 496 4.90 -27.63 38.32
CA SER Q 496 6.02 -26.80 37.90
C SER Q 496 5.59 -25.34 37.90
N VAL Q 497 6.52 -24.46 37.61
CA VAL Q 497 6.28 -23.02 37.56
C VAL Q 497 6.46 -22.57 36.12
N VAL Q 498 5.44 -21.92 35.56
CA VAL Q 498 5.46 -21.42 34.20
C VAL Q 498 5.64 -19.91 34.26
N LEU Q 499 6.59 -19.40 33.48
CA LEU Q 499 6.98 -17.98 33.51
C LEU Q 499 6.90 -17.41 32.12
N PHE Q 500 6.15 -16.33 31.96
CA PHE Q 500 6.04 -15.59 30.70
C PHE Q 500 6.77 -14.27 30.90
N ASP Q 501 7.96 -14.16 30.31
CA ASP Q 501 8.83 -13.03 30.55
C ASP Q 501 8.61 -11.96 29.48
N ALA Q 502 8.43 -10.71 29.92
CA ALA Q 502 8.22 -9.57 29.04
C ALA Q 502 7.02 -9.78 28.13
N VAL Q 503 5.85 -9.88 28.76
CA VAL Q 503 4.61 -10.13 28.04
C VAL Q 503 4.23 -8.96 27.13
N GLU Q 504 4.75 -7.77 27.40
CA GLU Q 504 4.44 -6.62 26.54
C GLU Q 504 5.19 -6.67 25.21
N LYS Q 505 6.17 -7.55 25.06
CA LYS Q 505 6.93 -7.68 23.83
C LYS Q 505 6.29 -8.64 22.83
N ALA Q 506 5.18 -9.28 23.19
CA ALA Q 506 4.52 -10.26 22.35
C ALA Q 506 3.22 -9.69 21.79
N HIS Q 507 2.69 -10.40 20.79
CA HIS Q 507 1.42 -10.00 20.21
C HIS Q 507 0.31 -10.15 21.25
N PRO Q 508 -0.64 -9.20 21.31
CA PRO Q 508 -1.72 -9.31 22.30
C PRO Q 508 -2.57 -10.56 22.13
N ASP Q 509 -2.73 -11.07 20.91
CA ASP Q 509 -3.59 -12.22 20.67
C ASP Q 509 -2.98 -13.53 21.16
N ILE Q 510 -1.71 -13.53 21.55
CA ILE Q 510 -1.07 -14.75 22.03
C ILE Q 510 -1.68 -15.18 23.36
N PHE Q 511 -2.04 -14.22 24.21
CA PHE Q 511 -2.48 -14.53 25.57
C PHE Q 511 -3.91 -15.04 25.63
N ASN Q 512 -4.66 -14.98 24.54
CA ASN Q 512 -6.01 -15.56 24.53
C ASN Q 512 -5.96 -17.05 24.85
N SER Q 513 -4.90 -17.73 24.43
CA SER Q 513 -4.76 -19.15 24.73
C SER Q 513 -4.66 -19.42 26.23
N LEU Q 514 -4.32 -18.40 27.02
CA LEU Q 514 -4.27 -18.56 28.47
C LEU Q 514 -5.64 -18.47 29.11
N LEU Q 515 -6.68 -18.11 28.36
CA LEU Q 515 -8.01 -17.97 28.96
C LEU Q 515 -8.50 -19.28 29.55
N GLN Q 516 -8.25 -20.40 28.86
CA GLN Q 516 -8.60 -21.70 29.38
C GLN Q 516 -7.61 -22.21 30.41
N ILE Q 517 -6.43 -21.60 30.52
CA ILE Q 517 -5.43 -22.04 31.49
C ILE Q 517 -5.73 -21.44 32.86
N LEU Q 518 -5.98 -20.14 32.92
CA LEU Q 518 -6.20 -19.48 34.19
C LEU Q 518 -7.54 -19.86 34.81
N GLU Q 519 -8.57 -20.04 33.99
CA GLU Q 519 -9.92 -20.28 34.49
C GLU Q 519 -10.28 -21.76 34.57
N ASP Q 520 -9.89 -22.56 33.58
CA ASP Q 520 -10.23 -23.98 33.56
C ASP Q 520 -9.06 -24.89 33.86
N GLY Q 521 -7.83 -24.37 33.85
CA GLY Q 521 -6.68 -25.19 34.15
C GLY Q 521 -6.44 -26.32 33.17
N ARG Q 522 -6.60 -26.06 31.88
CA ARG Q 522 -6.42 -27.08 30.87
C ARG Q 522 -5.97 -26.44 29.56
N LEU Q 523 -5.35 -27.25 28.73
CA LEU Q 523 -4.95 -26.83 27.39
C LEU Q 523 -4.95 -28.05 26.48
N THR Q 524 -5.55 -27.93 25.31
CA THR Q 524 -5.66 -29.03 24.37
C THR Q 524 -4.71 -28.80 23.21
N ASP Q 525 -3.81 -29.74 22.98
CA ASP Q 525 -2.93 -29.65 21.82
C ASP Q 525 -3.68 -30.10 20.57
N SER Q 526 -3.07 -29.84 19.41
CA SER Q 526 -3.73 -30.09 18.15
C SER Q 526 -4.01 -31.57 17.89
N GLN Q 527 -3.38 -32.47 18.64
CA GLN Q 527 -3.64 -33.90 18.49
C GLN Q 527 -4.87 -34.36 19.26
N GLY Q 528 -5.50 -33.49 20.04
CA GLY Q 528 -6.70 -33.82 20.78
C GLY Q 528 -6.48 -34.16 22.23
N ARG Q 529 -5.23 -34.29 22.68
CA ARG Q 529 -4.95 -34.58 24.07
C ARG Q 529 -5.13 -33.34 24.93
N VAL Q 530 -5.53 -33.56 26.19
CA VAL Q 530 -5.77 -32.49 27.15
C VAL Q 530 -4.71 -32.57 28.23
N VAL Q 531 -4.00 -31.47 28.46
CA VAL Q 531 -3.00 -31.36 29.51
C VAL Q 531 -3.53 -30.41 30.56
N ASP Q 532 -3.53 -30.85 31.82
CA ASP Q 532 -4.11 -30.08 32.90
C ASP Q 532 -3.05 -29.19 33.55
N PHE Q 533 -3.40 -27.92 33.72
CA PHE Q 533 -2.53 -26.94 34.37
C PHE Q 533 -2.98 -26.63 35.79
N LYS Q 534 -3.66 -27.58 36.43
CA LYS Q 534 -4.26 -27.33 37.73
C LYS Q 534 -3.26 -27.37 38.88
N ASN Q 535 -2.03 -27.84 38.64
CA ASN Q 535 -1.03 -27.93 39.69
C ASN Q 535 0.16 -27.02 39.46
N THR Q 536 0.08 -26.11 38.51
CA THR Q 536 1.19 -25.22 38.18
C THR Q 536 0.96 -23.83 38.80
N VAL Q 537 2.00 -23.00 38.68
CA VAL Q 537 1.96 -21.61 39.13
C VAL Q 537 2.36 -20.74 37.94
N ILE Q 538 1.46 -19.84 37.54
CA ILE Q 538 1.66 -19.02 36.35
C ILE Q 538 2.12 -17.64 36.80
N ILE Q 539 3.23 -17.18 36.25
CA ILE Q 539 3.77 -15.85 36.53
C ILE Q 539 4.01 -15.15 35.20
N MET Q 540 3.56 -13.90 35.08
CA MET Q 540 3.78 -13.10 33.89
C MET Q 540 4.46 -11.80 34.31
N THR Q 541 5.64 -11.55 33.76
CA THR Q 541 6.42 -10.38 34.14
C THR Q 541 6.30 -9.30 33.07
N THR Q 542 6.22 -8.04 33.51
CA THR Q 542 6.05 -6.94 32.58
C THR Q 542 6.58 -5.65 33.21
N ASN Q 543 6.77 -4.65 32.36
CA ASN Q 543 7.21 -3.32 32.77
C ASN Q 543 6.31 -2.26 32.19
N LEU Q 544 5.00 -2.49 32.24
CA LEU Q 544 4.03 -1.53 31.72
C LEU Q 544 3.75 -0.45 32.76
N GLY Q 545 3.83 0.81 32.35
CA GLY Q 545 3.60 1.92 33.24
C GLY Q 545 4.77 2.29 34.14
N THR Q 546 5.90 1.60 34.02
CA THR Q 546 7.09 1.88 34.81
C THR Q 546 8.16 2.58 33.96
N ARG Q 547 7.72 3.46 33.06
CA ARG Q 547 8.64 4.12 32.14
C ARG Q 547 9.07 5.49 32.66
N ASP Q 548 8.09 6.36 32.96
CA ASP Q 548 8.38 7.74 33.37
C ASP Q 548 8.39 7.84 34.89
N ILE Q 549 9.44 7.28 35.48
CA ILE Q 549 9.63 7.33 36.94
C ILE Q 549 10.45 8.59 37.21
N SER Q 550 9.75 9.73 37.26
CA SER Q 550 10.34 11.04 37.52
C SER Q 550 9.18 12.03 37.66
N LYS Q 551 9.51 13.31 37.80
CA LYS Q 551 8.52 14.40 37.72
C LYS Q 551 7.43 14.22 38.78
N GLY Q 552 7.84 14.42 40.03
CA GLY Q 552 6.93 14.25 41.15
C GLY Q 552 5.86 15.31 41.27
N PHE Q 553 5.61 16.05 40.18
CA PHE Q 553 4.52 17.01 40.12
C PHE Q 553 3.71 16.82 38.85
N ASN Q 554 2.79 17.72 38.57
CA ASN Q 554 1.92 17.63 37.40
C ASN Q 554 2.19 18.79 36.46
N LEU Q 555 2.05 18.51 35.16
CA LEU Q 555 2.31 19.52 34.14
C LEU Q 555 1.31 20.67 34.25
N GLY Q 556 1.80 21.89 34.01
CA GLY Q 556 0.99 23.07 34.12
C GLY Q 556 1.02 23.66 35.52
N PHE Q 557 0.41 24.84 35.65
CA PHE Q 557 0.42 25.55 36.91
C PHE Q 557 -0.46 24.87 37.95
N ALA Q 558 0.10 24.64 39.13
CA ALA Q 558 -0.62 24.06 40.25
C ALA Q 558 -0.32 24.87 41.50
N ALA Q 559 -1.30 24.92 42.40
CA ALA Q 559 -1.22 25.75 43.60
C ALA Q 559 -0.83 24.95 44.84
N GLN Q 560 -1.45 23.79 45.06
CA GLN Q 560 -1.19 23.02 46.26
C GLN Q 560 0.02 22.09 46.12
N GLY Q 561 0.33 21.66 44.90
CA GLY Q 561 1.43 20.75 44.66
C GLY Q 561 1.09 19.28 44.79
N ASP Q 562 -0.08 18.96 45.37
CA ASP Q 562 -0.69 17.63 45.44
C ASP Q 562 0.33 16.50 45.56
N THR Q 563 1.19 16.57 46.58
CA THR Q 563 2.25 15.59 46.74
C THR Q 563 1.67 14.19 46.94
N LYS Q 564 2.36 13.20 46.37
CA LYS Q 564 1.93 11.81 46.45
C LYS Q 564 3.17 10.93 46.35
N SER Q 565 3.15 9.82 47.08
CA SER Q 565 4.26 8.88 47.05
C SER Q 565 4.42 8.31 45.64
N ASN Q 566 5.68 8.11 45.23
CA ASN Q 566 5.95 7.56 43.91
C ASN Q 566 5.35 6.17 43.75
N TYR Q 567 5.25 5.41 44.84
CA TYR Q 567 4.67 4.08 44.77
C TYR Q 567 3.20 4.13 44.35
N GLU Q 568 2.44 5.10 44.90
CA GLU Q 568 1.03 5.21 44.55
C GLU Q 568 0.85 5.59 43.07
N ARG Q 569 1.65 6.55 42.59
CA ARG Q 569 1.56 6.91 41.17
C ARG Q 569 1.94 5.74 40.29
N MET Q 570 2.99 5.00 40.66
CA MET Q 570 3.36 3.82 39.91
C MET Q 570 2.23 2.80 39.87
N LYS Q 571 1.59 2.56 41.02
CA LYS Q 571 0.49 1.59 41.08
C LYS Q 571 -0.66 2.02 40.18
N ASN Q 572 -1.05 3.29 40.25
CA ASN Q 572 -2.17 3.76 39.43
C ASN Q 572 -1.83 3.69 37.95
N LYS Q 573 -0.61 4.08 37.57
CA LYS Q 573 -0.23 4.04 36.16
C LYS Q 573 -0.17 2.61 35.65
N VAL Q 574 0.35 1.68 36.46
CA VAL Q 574 0.40 0.28 36.06
C VAL Q 574 -1.01 -0.27 35.89
N SER Q 575 -1.92 0.05 36.81
CA SER Q 575 -3.29 -0.41 36.69
C SER Q 575 -3.94 0.12 35.41
N ASP Q 576 -3.75 1.41 35.12
CA ASP Q 576 -4.33 1.99 33.92
C ASP Q 576 -3.75 1.36 32.66
N GLU Q 577 -2.42 1.16 32.63
CA GLU Q 577 -1.79 0.56 31.46
C GLU Q 577 -2.25 -0.88 31.25
N LEU Q 578 -2.38 -1.64 32.34
CA LEU Q 578 -2.87 -3.02 32.22
C LEU Q 578 -4.31 -3.04 31.71
N LYS Q 579 -5.16 -2.14 32.21
CA LYS Q 579 -6.52 -2.06 31.70
C LYS Q 579 -6.55 -1.66 30.24
N GLN Q 580 -5.59 -0.84 29.81
CA GLN Q 580 -5.54 -0.41 28.42
C GLN Q 580 -5.02 -1.49 27.48
N HIS Q 581 -4.11 -2.34 27.95
CA HIS Q 581 -3.44 -3.30 27.08
C HIS Q 581 -4.23 -4.59 26.90
N PHE Q 582 -4.59 -5.24 28.00
CA PHE Q 582 -5.28 -6.53 27.96
C PHE Q 582 -6.79 -6.35 28.00
N ARG Q 583 -7.49 -7.38 27.53
CA ARG Q 583 -8.94 -7.35 27.53
C ARG Q 583 -9.48 -7.55 28.94
N PRO Q 584 -10.69 -7.05 29.23
CA PRO Q 584 -11.25 -7.23 30.58
C PRO Q 584 -11.40 -8.68 30.99
N GLU Q 585 -11.71 -9.57 30.05
CA GLU Q 585 -11.88 -10.98 30.40
C GLU Q 585 -10.56 -11.63 30.81
N PHE Q 586 -9.45 -11.18 30.21
CA PHE Q 586 -8.14 -11.74 30.58
C PHE Q 586 -7.74 -11.30 31.98
N LEU Q 587 -7.88 -10.02 32.28
CA LEU Q 587 -7.49 -9.50 33.60
C LEU Q 587 -8.42 -9.99 34.69
N ASN Q 588 -9.63 -10.41 34.36
CA ASN Q 588 -10.58 -10.89 35.37
C ASN Q 588 -10.22 -12.27 35.90
N ARG Q 589 -9.28 -12.97 35.28
CA ARG Q 589 -8.89 -14.30 35.72
C ARG Q 589 -7.57 -14.33 36.48
N VAL Q 590 -6.83 -13.22 36.50
CA VAL Q 590 -5.56 -13.18 37.19
C VAL Q 590 -5.79 -13.06 38.68
N ASP Q 591 -5.17 -13.96 39.45
CA ASP Q 591 -5.37 -13.96 40.90
C ASP Q 591 -4.77 -12.72 41.54
N ASP Q 592 -3.52 -12.40 41.22
CA ASP Q 592 -2.86 -11.27 41.85
C ASP Q 592 -2.06 -10.48 40.83
N VAL Q 593 -2.13 -9.15 40.94
CA VAL Q 593 -1.30 -8.23 40.16
C VAL Q 593 -0.50 -7.42 41.16
N VAL Q 594 0.81 -7.60 41.19
CA VAL Q 594 1.66 -6.94 42.17
C VAL Q 594 2.69 -6.08 41.45
N VAL Q 595 2.88 -4.88 41.99
CA VAL Q 595 3.82 -3.90 41.44
C VAL Q 595 5.08 -3.90 42.29
N PHE Q 596 6.23 -3.97 41.64
CA PHE Q 596 7.50 -4.01 42.33
C PHE Q 596 7.98 -2.60 42.63
N PRO Q 597 8.10 -2.20 43.89
CA PRO Q 597 8.61 -0.86 44.19
C PRO Q 597 10.06 -0.70 43.77
N GLN Q 598 10.41 0.54 43.44
CA GLN Q 598 11.77 0.83 42.99
C GLN Q 598 12.77 0.61 44.11
N LEU Q 599 13.97 0.17 43.74
CA LEU Q 599 14.98 -0.18 44.74
C LEU Q 599 15.47 1.06 45.47
N SER Q 600 15.67 0.92 46.77
CA SER Q 600 16.13 2.01 47.63
C SER Q 600 17.63 1.91 47.83
N GLN Q 601 18.20 2.94 48.47
CA GLN Q 601 19.65 3.00 48.68
C GLN Q 601 20.10 1.95 49.70
N ALA Q 602 19.29 1.72 50.75
CA ALA Q 602 19.67 0.79 51.79
C ALA Q 602 19.81 -0.63 51.25
N ASP Q 603 18.92 -1.03 50.36
CA ASP Q 603 18.96 -2.37 49.80
C ASP Q 603 20.20 -2.63 48.96
N ILE Q 604 20.82 -1.56 48.44
CA ILE Q 604 22.01 -1.73 47.60
C ILE Q 604 23.15 -2.36 48.39
N LEU Q 605 23.27 -2.01 49.67
CA LEU Q 605 24.32 -2.59 50.50
C LEU Q 605 24.15 -4.09 50.65
N LYS Q 606 22.91 -4.54 50.91
CA LYS Q 606 22.66 -5.97 51.04
C LYS Q 606 22.87 -6.68 49.72
N ILE Q 607 22.48 -6.05 48.61
CA ILE Q 607 22.71 -6.65 47.29
C ILE Q 607 24.20 -6.77 47.02
N VAL Q 608 24.98 -5.76 47.42
CA VAL Q 608 26.43 -5.82 47.29
C VAL Q 608 26.99 -6.97 48.11
N ASP Q 609 26.48 -7.14 49.34
CA ASP Q 609 26.94 -8.25 50.18
C ASP Q 609 26.67 -9.58 49.52
N LEU Q 610 25.46 -9.76 48.95
CA LEU Q 610 25.14 -11.02 48.28
C LEU Q 610 26.02 -11.25 47.06
N MET Q 611 26.26 -10.20 46.26
CA MET Q 611 27.11 -10.35 45.09
C MET Q 611 28.54 -10.72 45.48
N ILE Q 612 29.06 -10.09 46.53
CA ILE Q 612 30.41 -10.40 46.99
C ILE Q 612 30.47 -11.81 47.54
N ASP Q 613 29.39 -12.26 48.21
CA ASP Q 613 29.35 -13.64 48.67
C ASP Q 613 29.38 -14.61 47.49
N LYS Q 614 28.65 -14.31 46.43
CA LYS Q 614 28.68 -15.15 45.24
C LYS Q 614 30.07 -15.18 44.61
N VAL Q 615 30.72 -14.01 44.54
CA VAL Q 615 32.06 -13.94 43.99
C VAL Q 615 33.04 -14.77 44.83
N ASP Q 616 32.92 -14.66 46.15
CA ASP Q 616 33.77 -15.45 47.04
C ASP Q 616 33.52 -16.94 46.86
N GLU Q 617 32.25 -17.33 46.71
CA GLU Q 617 31.94 -18.74 46.50
C GLU Q 617 32.56 -19.25 45.21
N ARG Q 618 32.48 -18.46 44.14
CA ARG Q 618 33.10 -18.85 42.88
C ARG Q 618 34.62 -18.93 43.01
N LEU Q 619 35.21 -17.99 43.76
CA LEU Q 619 36.66 -17.91 43.86
C LEU Q 619 37.22 -19.00 44.77
N LYS Q 620 36.44 -19.49 45.74
CA LYS Q 620 36.93 -20.48 46.69
C LYS Q 620 37.25 -21.82 46.03
N ASP Q 621 36.79 -22.04 44.79
CA ASP Q 621 37.09 -23.28 44.10
C ASP Q 621 38.58 -23.44 43.86
N ARG Q 622 39.29 -22.33 43.61
CA ARG Q 622 40.73 -22.34 43.38
C ARG Q 622 41.52 -22.07 44.65
N ASP Q 623 40.96 -22.42 45.81
CA ASP Q 623 41.61 -22.22 47.11
C ASP Q 623 41.98 -20.76 47.32
N MET Q 624 40.95 -19.91 47.37
CA MET Q 624 41.12 -18.47 47.48
C MET Q 624 40.09 -17.93 48.47
N GLY Q 625 39.95 -16.61 48.48
CA GLY Q 625 38.97 -15.97 49.34
C GLY Q 625 39.14 -14.47 49.26
N ILE Q 626 38.03 -13.77 49.53
CA ILE Q 626 38.00 -12.32 49.46
C ILE Q 626 37.30 -11.77 50.69
N GLU Q 627 37.88 -10.72 51.27
CA GLU Q 627 37.31 -10.06 52.44
C GLU Q 627 37.22 -8.56 52.16
N LEU Q 628 36.15 -7.94 52.67
CA LEU Q 628 35.90 -6.52 52.47
C LEU Q 628 35.68 -5.83 53.81
N SER Q 629 36.01 -4.55 53.85
CA SER Q 629 35.66 -3.69 54.98
C SER Q 629 34.36 -2.95 54.70
N SER Q 630 33.78 -2.38 55.75
CA SER Q 630 32.54 -1.62 55.60
C SER Q 630 32.72 -0.43 54.67
N SER Q 631 33.91 0.18 54.67
CA SER Q 631 34.17 1.30 53.78
C SER Q 631 34.09 0.88 52.31
N ALA Q 632 34.65 -0.28 51.98
CA ALA Q 632 34.59 -0.77 50.61
C ALA Q 632 33.15 -1.03 50.18
N LYS Q 633 32.35 -1.65 51.05
CA LYS Q 633 30.95 -1.91 50.73
C LYS Q 633 30.18 -0.61 50.54
N GLU Q 634 30.42 0.38 51.41
CA GLU Q 634 29.75 1.66 51.27
C GLU Q 634 30.14 2.35 49.97
N LEU Q 635 31.43 2.31 49.61
CA LEU Q 635 31.87 2.90 48.36
C LEU Q 635 31.24 2.21 47.16
N LEU Q 636 31.16 0.87 47.20
CA LEU Q 636 30.53 0.14 46.11
C LEU Q 636 29.05 0.51 45.98
N SER Q 637 28.35 0.61 47.11
CA SER Q 637 26.95 0.98 47.07
C SER Q 637 26.76 2.40 46.52
N LYS Q 638 27.63 3.33 46.93
CA LYS Q 638 27.50 4.70 46.48
C LYS Q 638 27.81 4.83 44.99
N LYS Q 639 28.80 4.09 44.51
CA LYS Q 639 29.24 4.27 43.12
C LYS Q 639 28.21 3.79 42.11
N GLY Q 640 27.39 2.81 42.48
CA GLY Q 640 26.47 2.23 41.53
C GLY Q 640 25.01 2.28 41.94
N TYR Q 641 24.57 3.39 42.53
CA TYR Q 641 23.18 3.52 42.94
C TYR Q 641 22.24 3.42 41.74
N ASP Q 642 22.29 4.42 40.85
CA ASP Q 642 21.56 4.46 39.59
C ASP Q 642 20.13 3.96 39.74
N PRO Q 643 19.25 4.75 40.38
CA PRO Q 643 17.91 4.24 40.71
C PRO Q 643 17.05 3.92 39.50
N VAL Q 644 17.41 4.35 38.31
CA VAL Q 644 16.60 4.08 37.12
C VAL Q 644 16.86 2.70 36.55
N LEU Q 645 18.12 2.31 36.44
CA LEU Q 645 18.50 1.06 35.78
C LEU Q 645 18.51 -0.14 36.73
N GLY Q 646 18.22 0.06 38.01
CA GLY Q 646 18.19 -1.05 38.94
C GLY Q 646 19.54 -1.47 39.46
N ALA Q 647 19.77 -2.79 39.57
CA ALA Q 647 21.00 -3.33 40.14
C ALA Q 647 21.94 -3.88 39.07
N ARG Q 648 21.70 -3.57 37.80
CA ARG Q 648 22.57 -4.01 36.72
C ARG Q 648 23.87 -3.20 36.67
N PRO Q 649 23.82 -1.87 36.82
CA PRO Q 649 25.08 -1.13 36.99
C PRO Q 649 25.88 -1.61 38.18
N LEU Q 650 25.24 -2.17 39.20
CA LEU Q 650 25.97 -2.73 40.32
C LEU Q 650 26.81 -3.93 39.89
N ARG Q 651 26.22 -4.85 39.10
CA ARG Q 651 27.01 -5.97 38.61
C ARG Q 651 28.13 -5.48 37.71
N ARG Q 652 27.85 -4.50 36.85
CA ARG Q 652 28.89 -4.00 35.96
C ARG Q 652 30.05 -3.39 36.75
N THR Q 653 29.73 -2.61 37.79
CA THR Q 653 30.76 -2.01 38.62
C THR Q 653 31.58 -3.07 39.34
N ILE Q 654 30.91 -4.07 39.93
CA ILE Q 654 31.64 -5.13 40.63
C ILE Q 654 32.52 -5.90 39.66
N GLN Q 655 32.03 -6.10 38.43
CA GLN Q 655 32.78 -6.86 37.44
C GLN Q 655 34.02 -6.10 36.98
N ARG Q 656 33.92 -4.79 36.76
CA ARG Q 656 35.02 -4.01 36.22
C ARG Q 656 35.79 -3.24 37.29
N GLU Q 657 35.55 -3.54 38.57
CA GLU Q 657 36.31 -2.94 39.65
C GLU Q 657 37.03 -3.94 40.53
N ILE Q 658 36.50 -5.16 40.68
CA ILE Q 658 37.10 -6.19 41.52
C ILE Q 658 37.56 -7.39 40.72
N GLU Q 659 36.75 -7.85 39.77
CA GLU Q 659 37.11 -9.03 38.99
C GLU Q 659 38.35 -8.78 38.14
N ASP Q 660 38.45 -7.60 37.50
CA ASP Q 660 39.57 -7.34 36.61
C ASP Q 660 40.89 -7.30 37.37
N SER Q 661 40.90 -6.65 38.55
CA SER Q 661 42.14 -6.56 39.32
C SER Q 661 42.58 -7.93 39.82
N LEU Q 662 41.65 -8.74 40.33
CA LEU Q 662 41.98 -10.08 40.77
C LEU Q 662 42.47 -10.94 39.60
N SER Q 663 41.85 -10.79 38.43
CA SER Q 663 42.28 -11.53 37.26
C SER Q 663 43.70 -11.15 36.86
N GLU Q 664 44.00 -9.84 36.86
CA GLU Q 664 45.36 -9.41 36.52
C GLU Q 664 46.36 -9.92 37.54
N LYS Q 665 46.01 -9.89 38.83
CA LYS Q 665 46.92 -10.40 39.85
C LYS Q 665 47.16 -11.90 39.69
N ILE Q 666 46.11 -12.65 39.35
CA ILE Q 666 46.27 -14.10 39.14
C ILE Q 666 47.17 -14.36 37.94
N LEU Q 667 46.96 -13.61 36.84
CA LEU Q 667 47.78 -13.79 35.65
C LEU Q 667 49.23 -13.45 35.94
N PHE Q 668 49.48 -12.37 36.69
CA PHE Q 668 50.85 -12.02 37.06
C PHE Q 668 51.44 -12.95 38.10
N GLY Q 669 50.64 -13.85 38.69
CA GLY Q 669 51.14 -14.72 39.73
C GLY Q 669 51.38 -14.04 41.05
N GLU Q 670 50.75 -12.88 41.28
CA GLU Q 670 50.96 -12.16 42.53
C GLU Q 670 50.45 -12.97 43.72
N LEU Q 671 49.33 -13.66 43.57
CA LEU Q 671 48.75 -14.45 44.63
C LEU Q 671 48.70 -15.93 44.22
N ARG Q 672 48.80 -16.80 45.21
CA ARG Q 672 48.82 -18.24 45.01
C ARG Q 672 47.68 -18.88 45.79
N PRO Q 673 47.34 -20.14 45.52
CA PRO Q 673 46.29 -20.79 46.32
C PRO Q 673 46.62 -20.78 47.81
N GLY Q 674 45.60 -20.55 48.63
CA GLY Q 674 45.77 -20.37 50.05
C GLY Q 674 45.83 -18.92 50.50
N HIS Q 675 45.59 -17.97 49.59
CA HIS Q 675 45.64 -16.56 49.92
C HIS Q 675 44.22 -16.00 50.06
N ILE Q 676 44.08 -15.03 50.96
CA ILE Q 676 42.79 -14.38 51.22
C ILE Q 676 42.98 -12.91 50.96
N VAL Q 677 42.56 -12.45 49.78
CA VAL Q 677 42.73 -11.04 49.41
C VAL Q 677 41.77 -10.19 50.24
N VAL Q 678 42.33 -9.21 50.94
CA VAL Q 678 41.55 -8.27 51.73
C VAL Q 678 41.56 -6.93 51.00
N VAL Q 679 40.39 -6.32 50.85
CA VAL Q 679 40.24 -5.09 50.08
C VAL Q 679 39.79 -3.99 51.02
N ASP Q 680 40.51 -2.86 50.99
CA ASP Q 680 40.14 -1.68 51.74
C ASP Q 680 40.06 -0.48 50.80
N THR Q 681 39.90 0.72 51.32
CA THR Q 681 39.77 1.90 50.48
C THR Q 681 40.78 2.95 50.90
N GLU Q 682 41.04 3.89 49.99
CA GLU Q 682 41.96 4.98 50.24
C GLU Q 682 41.41 6.26 49.60
N GLY Q 683 41.90 7.39 50.10
CA GLY Q 683 41.50 8.68 49.57
C GLY Q 683 40.17 9.16 50.11
N GLU Q 684 39.72 10.29 49.57
CA GLU Q 684 38.46 10.89 49.95
C GLU Q 684 37.81 11.52 48.72
N GLY Q 685 36.49 11.57 48.71
CA GLY Q 685 35.77 12.12 47.58
C GLY Q 685 36.05 11.33 46.32
N GLU Q 686 36.43 12.05 45.25
CA GLU Q 686 36.76 11.40 43.98
C GLU Q 686 38.06 10.63 44.04
N THR Q 687 38.87 10.83 45.07
CA THR Q 687 40.13 10.09 45.24
C THR Q 687 39.94 8.74 45.91
N LYS Q 688 38.71 8.38 46.27
CA LYS Q 688 38.46 7.09 46.90
C LYS Q 688 38.69 5.97 45.90
N THR Q 689 39.52 5.00 46.26
CA THR Q 689 39.86 3.90 45.37
C THR Q 689 40.19 2.67 46.20
N PHE Q 690 39.95 1.50 45.62
CA PHE Q 690 40.17 0.25 46.30
C PHE Q 690 41.66 -0.11 46.34
N THR Q 691 42.05 -0.79 47.42
CA THR Q 691 43.40 -1.30 47.60
C THR Q 691 43.32 -2.75 48.03
N PHE Q 692 44.17 -3.59 47.44
CA PHE Q 692 44.17 -5.02 47.68
C PHE Q 692 45.41 -5.43 48.44
N ARG Q 693 45.25 -6.41 49.34
CA ARG Q 693 46.37 -6.88 50.16
C ARG Q 693 46.27 -8.39 50.33
N GLY Q 694 47.38 -9.08 50.14
CA GLY Q 694 47.40 -10.51 50.30
C GLY Q 694 47.41 -10.94 51.76
N GLU Q 695 47.01 -12.20 51.98
CA GLU Q 695 47.00 -12.79 53.31
C GLU Q 695 47.23 -14.29 53.17
N GLU Q 696 46.97 -15.03 54.25
CA GLU Q 696 47.12 -16.47 54.24
C GLU Q 696 46.27 -17.12 55.33
N SER R 44 17.18 -75.61 28.21
CA SER R 44 17.23 -74.16 28.03
C SER R 44 17.96 -73.79 26.76
N LEU R 45 18.21 -74.79 25.90
CA LEU R 45 18.92 -74.53 24.66
C LEU R 45 18.11 -73.65 23.71
N VAL R 46 16.79 -73.68 23.82
CA VAL R 46 15.96 -72.85 22.95
C VAL R 46 16.23 -71.37 23.19
N LEU R 47 16.28 -70.97 24.47
CA LEU R 47 16.59 -69.59 24.79
C LEU R 47 18.04 -69.24 24.47
N ASP R 48 18.95 -70.19 24.68
CA ASP R 48 20.35 -69.95 24.37
C ASP R 48 20.54 -69.71 22.88
N GLN R 49 19.75 -70.37 22.03
CA GLN R 49 19.84 -70.14 20.59
C GLN R 49 19.45 -68.71 20.23
N PHE R 50 18.37 -68.20 20.84
CA PHE R 50 17.84 -66.89 20.50
C PHE R 50 18.23 -65.80 21.49
N GLY R 51 19.04 -66.12 22.50
CA GLY R 51 19.38 -65.12 23.49
C GLY R 51 20.62 -65.47 24.28
N ARG R 52 20.72 -64.87 25.46
CA ARG R 52 21.90 -65.00 26.30
C ARG R 52 21.46 -65.13 27.76
N ASN R 53 22.29 -65.80 28.56
CA ASN R 53 22.06 -65.94 29.99
C ASN R 53 22.94 -64.96 30.74
N LEU R 54 22.34 -64.12 31.57
CA LEU R 54 23.09 -63.12 32.33
C LEU R 54 23.55 -63.61 33.69
N THR R 55 22.71 -64.35 34.41
CA THR R 55 23.08 -64.81 35.74
C THR R 55 24.27 -65.76 35.68
N GLN R 56 24.26 -66.68 34.70
CA GLN R 56 25.37 -67.61 34.55
C GLN R 56 26.66 -66.87 34.24
N ALA R 57 26.61 -65.88 33.36
CA ALA R 57 27.80 -65.09 33.04
C ALA R 57 28.28 -64.31 34.25
N ALA R 58 27.35 -63.76 35.04
CA ALA R 58 27.74 -63.05 36.25
C ALA R 58 28.39 -63.97 37.26
N ARG R 59 27.94 -65.22 37.34
CA ARG R 59 28.61 -66.20 38.19
C ARG R 59 30.04 -66.46 37.74
N GLU R 60 30.37 -66.19 36.48
CA GLU R 60 31.70 -66.37 35.95
C GLU R 60 32.51 -65.08 35.94
N SER R 61 32.01 -64.02 36.58
CA SER R 61 32.69 -62.73 36.67
C SER R 61 33.02 -62.17 35.29
N LYS R 62 32.07 -62.30 34.36
CA LYS R 62 32.21 -61.78 33.01
C LYS R 62 31.47 -60.47 32.80
N LEU R 63 30.97 -59.86 33.87
CA LEU R 63 30.20 -58.63 33.79
C LEU R 63 30.87 -57.53 34.59
N ASP R 64 30.95 -56.34 34.02
CA ASP R 64 31.60 -55.23 34.68
C ASP R 64 30.78 -54.80 35.90
N PRO R 65 31.44 -54.43 37.00
CA PRO R 65 30.70 -54.00 38.19
C PRO R 65 29.96 -52.69 37.97
N VAL R 66 28.86 -52.52 38.69
CA VAL R 66 28.05 -51.32 38.63
C VAL R 66 28.22 -50.55 39.94
N ILE R 67 28.14 -49.22 39.84
CA ILE R 67 28.40 -48.34 40.97
C ILE R 67 27.30 -47.31 41.07
N GLY R 68 26.73 -47.16 42.26
CA GLY R 68 25.80 -46.07 42.55
C GLY R 68 24.50 -46.12 41.76
N ARG R 69 23.92 -47.30 41.59
CA ARG R 69 22.63 -47.45 40.93
C ARG R 69 21.65 -48.19 41.83
N GLU R 70 21.77 -48.00 43.15
CA GLU R 70 20.93 -48.73 44.09
C GLU R 70 19.46 -48.35 43.95
N LYS R 71 19.17 -47.08 43.76
CA LYS R 71 17.79 -46.62 43.70
C LYS R 71 17.05 -47.23 42.50
N GLU R 72 17.69 -47.23 41.33
CA GLU R 72 17.05 -47.77 40.14
C GLU R 72 16.82 -49.27 40.26
N ILE R 73 17.80 -50.00 40.80
CA ILE R 73 17.64 -51.45 40.94
C ILE R 73 16.57 -51.78 41.98
N GLU R 74 16.51 -50.99 43.04
CA GLU R 74 15.44 -51.15 44.03
C GLU R 74 14.08 -50.88 43.40
N ARG R 75 13.99 -49.86 42.55
CA ARG R 75 12.74 -49.60 41.83
C ARG R 75 12.39 -50.77 40.91
N VAL R 76 13.41 -51.39 40.30
CA VAL R 76 13.18 -52.56 39.46
C VAL R 76 12.58 -53.69 40.28
N MET R 77 13.13 -53.94 41.48
CA MET R 77 12.53 -54.94 42.36
C MET R 77 11.11 -54.55 42.75
N GLN R 78 10.87 -53.26 43.00
CA GLN R 78 9.52 -52.80 43.33
C GLN R 78 8.54 -53.15 42.23
N VAL R 79 8.89 -52.87 40.99
CA VAL R 79 7.97 -53.12 39.87
C VAL R 79 7.82 -54.61 39.64
N LEU R 80 8.91 -55.37 39.71
CA LEU R 80 8.86 -56.79 39.40
C LEU R 80 8.03 -57.60 40.39
N SER R 81 7.79 -57.07 41.59
CA SER R 81 7.04 -57.79 42.61
C SER R 81 5.54 -57.51 42.57
N ARG R 82 5.08 -56.70 41.63
CA ARG R 82 3.66 -56.37 41.54
C ARG R 82 2.85 -57.58 41.07
N ARG R 83 1.61 -57.66 41.54
CA ARG R 83 0.75 -58.77 41.15
C ARG R 83 0.38 -58.71 39.68
N THR R 84 0.14 -57.51 39.15
CA THR R 84 -0.25 -57.34 37.76
C THR R 84 0.59 -56.23 37.13
N LYS R 85 0.85 -56.38 35.83
CA LYS R 85 1.62 -55.42 35.05
C LYS R 85 3.00 -55.18 35.68
N ASN R 86 3.65 -56.27 36.05
CA ASN R 86 4.98 -56.21 36.66
C ASN R 86 6.07 -56.35 35.59
N ASN R 87 6.08 -55.37 34.69
CA ASN R 87 7.02 -55.35 33.56
C ASN R 87 7.72 -54.00 33.54
N PRO R 88 8.87 -53.88 34.19
CA PRO R 88 9.61 -52.61 34.17
C PRO R 88 10.12 -52.28 32.78
N VAL R 89 10.14 -50.99 32.48
CA VAL R 89 10.77 -50.47 31.27
C VAL R 89 11.66 -49.30 31.67
N LEU R 90 12.91 -49.33 31.21
CA LEU R 90 13.90 -48.31 31.55
C LEU R 90 13.96 -47.30 30.41
N ILE R 91 13.47 -46.10 30.67
CA ILE R 91 13.49 -45.01 29.71
C ILE R 91 14.70 -44.15 30.00
N GLY R 92 15.64 -44.11 29.06
CA GLY R 92 16.84 -43.32 29.23
C GLY R 92 17.53 -43.08 27.92
N GLU R 93 18.13 -41.90 27.80
CA GLU R 93 18.85 -41.50 26.60
C GLU R 93 20.14 -42.30 26.46
N PRO R 94 20.61 -42.51 25.23
CA PRO R 94 21.74 -43.43 25.02
C PRO R 94 22.98 -42.98 25.77
N GLY R 95 23.74 -43.95 26.28
CA GLY R 95 24.95 -43.66 27.01
C GLY R 95 24.86 -43.98 28.48
N VAL R 96 23.70 -43.70 29.09
CA VAL R 96 23.52 -44.02 30.51
C VAL R 96 23.44 -45.53 30.69
N GLY R 97 23.58 -45.95 31.95
CA GLY R 97 23.59 -47.36 32.26
C GLY R 97 22.23 -48.02 32.28
N LYS R 98 21.56 -48.09 31.12
CA LYS R 98 20.31 -48.82 31.04
C LYS R 98 20.54 -50.33 31.09
N THR R 99 21.56 -50.81 30.38
CA THR R 99 21.96 -52.20 30.50
C THR R 99 22.75 -52.45 31.78
N ALA R 100 23.43 -51.42 32.29
CA ALA R 100 24.23 -51.56 33.50
C ALA R 100 23.37 -51.92 34.70
N VAL R 101 22.20 -51.29 34.83
CA VAL R 101 21.33 -51.60 35.97
C VAL R 101 20.80 -53.03 35.87
N VAL R 102 20.53 -53.50 34.65
CA VAL R 102 20.09 -54.88 34.46
C VAL R 102 21.22 -55.84 34.86
N GLU R 103 22.45 -55.54 34.46
CA GLU R 103 23.57 -56.39 34.84
C GLU R 103 23.77 -56.38 36.35
N GLY R 104 23.60 -55.22 36.98
CA GLY R 104 23.70 -55.15 38.43
C GLY R 104 22.61 -55.94 39.13
N LEU R 105 21.40 -55.92 38.59
CA LEU R 105 20.32 -56.74 39.12
C LEU R 105 20.64 -58.22 38.98
N ALA R 106 21.23 -58.61 37.84
CA ALA R 106 21.63 -60.00 37.66
C ALA R 106 22.70 -60.41 38.68
N GLN R 107 23.67 -59.52 38.91
CA GLN R 107 24.69 -59.81 39.92
C GLN R 107 24.08 -59.92 41.31
N ALA R 108 23.11 -59.05 41.62
CA ALA R 108 22.43 -59.13 42.91
C ALA R 108 21.67 -60.44 43.07
N ILE R 109 21.01 -60.89 42.00
CA ILE R 109 20.33 -62.18 42.04
C ILE R 109 21.33 -63.30 42.26
N VAL R 110 22.50 -63.21 41.61
CA VAL R 110 23.54 -64.21 41.82
C VAL R 110 23.96 -64.23 43.28
N LYS R 111 24.19 -63.06 43.86
CA LYS R 111 24.54 -62.94 45.26
C LYS R 111 24.23 -61.52 45.74
N GLY R 112 23.69 -61.41 46.94
CA GLY R 112 23.34 -60.14 47.53
C GLY R 112 21.92 -60.14 48.03
N GLU R 113 21.43 -58.95 48.39
CA GLU R 113 20.10 -58.80 48.96
C GLU R 113 19.07 -58.92 47.84
N VAL R 114 18.22 -59.94 47.95
CA VAL R 114 17.15 -60.18 46.96
C VAL R 114 15.90 -60.63 47.71
N PRO R 115 14.75 -59.99 47.49
CA PRO R 115 13.53 -60.43 48.18
C PRO R 115 12.98 -61.74 47.64
N GLU R 116 11.90 -62.23 48.25
CA GLU R 116 11.29 -63.47 47.81
C GLU R 116 10.55 -63.26 46.49
N THR R 117 10.12 -64.37 45.89
CA THR R 117 9.44 -64.41 44.60
C THR R 117 10.31 -63.87 43.48
N LEU R 118 11.58 -63.56 43.79
CA LEU R 118 12.54 -63.11 42.80
C LEU R 118 13.90 -63.78 42.97
N LYS R 119 14.13 -64.51 44.06
CA LYS R 119 15.40 -65.18 44.29
C LYS R 119 15.59 -66.32 43.30
N ASP R 120 16.87 -66.67 43.08
CA ASP R 120 17.31 -67.80 42.26
C ASP R 120 16.58 -67.87 40.92
N LYS R 121 16.21 -66.72 40.37
CA LYS R 121 15.66 -66.69 39.03
C LYS R 121 16.77 -66.61 37.99
N HIS R 122 16.43 -66.96 36.76
CA HIS R 122 17.36 -66.93 35.64
C HIS R 122 17.00 -65.75 34.74
N LEU R 123 17.94 -64.83 34.56
CA LEU R 123 17.73 -63.65 33.75
C LEU R 123 18.24 -63.91 32.34
N TYR R 124 17.32 -63.93 31.37
CA TYR R 124 17.66 -64.27 29.99
C TYR R 124 17.35 -63.09 29.09
N THR R 125 18.34 -62.65 28.32
CA THR R 125 18.16 -61.59 27.34
C THR R 125 17.72 -62.21 26.01
N LEU R 126 16.64 -61.68 25.46
CA LEU R 126 16.06 -62.16 24.21
C LEU R 126 16.17 -61.07 23.16
N ASP R 127 16.48 -61.46 21.93
CA ASP R 127 16.62 -60.54 20.80
C ASP R 127 15.47 -60.76 19.84
N LEU R 128 14.67 -59.72 19.61
CA LEU R 128 13.54 -59.83 18.69
C LEU R 128 14.00 -59.87 17.24
N GLY R 129 15.13 -59.22 16.92
CA GLY R 129 15.60 -59.21 15.55
C GLY R 129 15.94 -60.59 15.04
N ALA R 130 16.59 -61.42 15.87
CA ALA R 130 16.91 -62.78 15.47
C ALA R 130 15.69 -63.67 15.44
N LEU R 131 14.63 -63.33 16.18
CA LEU R 131 13.43 -64.16 16.21
C LEU R 131 12.62 -64.03 14.91
N VAL R 132 12.54 -62.82 14.35
CA VAL R 132 11.74 -62.61 13.14
C VAL R 132 12.50 -62.94 11.87
N ALA R 133 13.82 -63.11 11.95
CA ALA R 133 14.59 -63.42 10.75
C ALA R 133 14.35 -64.86 10.30
N GLY R 134 14.39 -65.06 8.99
CA GLY R 134 14.23 -66.37 8.42
C GLY R 134 12.80 -66.84 8.24
N SER R 135 11.82 -65.95 8.38
CA SER R 135 10.41 -66.30 8.23
C SER R 135 9.93 -65.79 6.88
N ARG R 136 9.56 -66.73 5.99
CA ARG R 136 9.08 -66.39 4.66
C ARG R 136 7.66 -66.85 4.38
N TYR R 137 7.17 -67.87 5.07
CA TYR R 137 5.84 -68.42 4.83
C TYR R 137 4.90 -68.07 5.98
N ARG R 138 3.63 -68.42 5.79
CA ARG R 138 2.60 -68.10 6.76
C ARG R 138 2.81 -68.88 8.05
N GLY R 139 2.78 -68.18 9.19
CA GLY R 139 2.88 -68.81 10.48
C GLY R 139 4.28 -69.19 10.92
N ASP R 140 5.30 -68.83 10.15
CA ASP R 140 6.67 -69.19 10.55
C ASP R 140 7.10 -68.43 11.79
N PHE R 141 6.83 -67.13 11.83
CA PHE R 141 7.27 -66.31 12.97
C PHE R 141 6.55 -66.71 14.26
N GLU R 142 5.25 -66.97 14.18
CA GLU R 142 4.49 -67.28 15.38
C GLU R 142 4.94 -68.58 16.03
N GLU R 143 5.36 -69.56 15.23
CA GLU R 143 5.73 -70.86 15.78
C GLU R 143 6.93 -70.74 16.72
N ARG R 144 7.96 -69.99 16.30
CA ARG R 144 9.15 -69.85 17.14
C ARG R 144 8.84 -69.13 18.44
N LEU R 145 8.06 -68.05 18.37
CA LEU R 145 7.71 -67.31 19.58
C LEU R 145 6.86 -68.16 20.51
N LYS R 146 5.92 -68.93 19.96
CA LYS R 146 5.12 -69.83 20.78
C LYS R 146 5.98 -70.89 21.45
N LYS R 147 6.96 -71.43 20.72
CA LYS R 147 7.87 -72.40 21.31
C LYS R 147 8.67 -71.78 22.45
N VAL R 148 9.17 -70.56 22.25
CA VAL R 148 9.94 -69.89 23.29
C VAL R 148 9.09 -69.65 24.52
N LEU R 149 7.85 -69.19 24.32
CA LEU R 149 6.95 -68.95 25.45
C LEU R 149 6.60 -70.25 26.17
N LYS R 150 6.42 -71.34 25.41
CA LYS R 150 6.15 -72.63 26.02
C LYS R 150 7.32 -73.08 26.88
N GLU R 151 8.55 -72.91 26.38
CA GLU R 151 9.73 -73.25 27.16
C GLU R 151 9.81 -72.39 28.43
N ILE R 152 9.52 -71.10 28.31
CA ILE R 152 9.57 -70.21 29.46
C ILE R 152 8.55 -70.63 30.51
N ARG R 153 7.33 -70.96 30.07
CA ARG R 153 6.29 -71.40 31.01
C ARG R 153 6.68 -72.72 31.66
N THR R 154 7.25 -73.64 30.89
CA THR R 154 7.66 -74.92 31.44
C THR R 154 8.73 -74.76 32.50
N ARG R 155 9.71 -73.89 32.24
CA ARG R 155 10.76 -73.65 33.23
C ARG R 155 10.19 -72.96 34.47
N GLY R 156 9.46 -71.88 34.28
CA GLY R 156 8.75 -71.23 35.36
C GLY R 156 9.59 -70.36 36.27
N ASP R 157 10.87 -70.18 35.99
CA ASP R 157 11.75 -69.39 36.84
C ASP R 157 12.66 -68.51 36.00
N ILE R 158 12.12 -67.92 34.94
CA ILE R 158 12.90 -67.13 33.99
C ILE R 158 12.31 -65.72 33.92
N ILE R 159 13.18 -64.73 34.05
CA ILE R 159 12.84 -63.33 33.81
C ILE R 159 13.49 -62.91 32.50
N LEU R 160 12.68 -62.40 31.57
CA LEU R 160 13.13 -62.06 30.24
C LEU R 160 13.53 -60.59 30.18
N PHE R 161 14.51 -60.30 29.34
CA PHE R 161 14.99 -58.94 29.12
C PHE R 161 14.96 -58.68 27.62
N ILE R 162 14.09 -57.80 27.17
CA ILE R 162 13.96 -57.46 25.76
C ILE R 162 14.74 -56.15 25.57
N ASP R 163 16.02 -56.29 25.25
CA ASP R 163 16.84 -55.12 24.97
C ASP R 163 16.36 -54.44 23.68
N ALA R 164 16.50 -53.12 23.64
CA ALA R 164 16.09 -52.31 22.50
C ALA R 164 14.60 -52.51 22.19
N LEU R 165 13.79 -52.07 23.15
CA LEU R 165 12.34 -52.17 23.02
C LEU R 165 11.87 -51.16 21.97
N HIS R 166 10.54 -51.03 21.83
CA HIS R 166 9.82 -50.24 20.84
C HIS R 166 9.91 -50.84 19.44
N THR R 167 10.68 -51.91 19.26
CA THR R 167 10.63 -52.70 18.03
C THR R 167 9.59 -53.81 18.11
N LEU R 168 8.97 -54.01 19.27
CA LEU R 168 7.98 -55.06 19.47
C LEU R 168 6.64 -54.73 18.81
N VAL R 169 6.37 -53.44 18.54
CA VAL R 169 5.09 -53.07 17.97
C VAL R 169 4.95 -53.59 16.54
N GLY R 170 6.05 -53.59 15.78
CA GLY R 170 6.00 -54.03 14.40
C GLY R 170 6.72 -55.33 14.14
N ALA R 171 6.78 -56.20 15.15
CA ALA R 171 7.46 -57.49 15.02
C ALA R 171 6.56 -58.45 14.26
N GLY R 172 6.93 -58.75 13.02
CA GLY R 172 6.15 -59.68 12.21
C GLY R 172 4.76 -59.16 11.87
N ALA R 173 4.66 -57.89 11.50
CA ALA R 173 3.37 -57.27 11.19
C ALA R 173 3.05 -57.43 9.70
N ALA R 174 2.88 -58.69 9.30
CA ALA R 174 2.48 -59.00 7.94
C ALA R 174 0.99 -58.75 7.75
N GLU R 175 0.55 -58.82 6.49
CA GLU R 175 -0.86 -58.58 6.20
C GLU R 175 -1.77 -59.67 6.77
N GLY R 176 -1.24 -60.88 6.93
CA GLY R 176 -2.02 -61.95 7.51
C GLY R 176 -1.52 -62.37 8.89
N ALA R 177 -0.21 -62.29 9.09
CA ALA R 177 0.38 -62.67 10.36
C ALA R 177 0.04 -61.64 11.44
N ILE R 178 -0.13 -62.14 12.66
CA ILE R 178 -0.40 -61.29 13.81
C ILE R 178 0.92 -60.97 14.51
N ASP R 179 1.07 -59.70 14.91
CA ASP R 179 2.33 -59.24 15.47
C ASP R 179 2.55 -59.84 16.86
N ALA R 180 3.79 -59.70 17.35
CA ALA R 180 4.15 -60.23 18.66
C ALA R 180 3.42 -59.52 19.78
N ALA R 181 3.07 -58.25 19.60
CA ALA R 181 2.38 -57.50 20.64
C ALA R 181 1.02 -58.12 20.95
N SER R 182 0.27 -58.49 19.90
CA SER R 182 -1.05 -59.07 20.12
C SER R 182 -0.94 -60.41 20.85
N ILE R 183 0.10 -61.18 20.56
CA ILE R 183 0.30 -62.45 21.26
C ILE R 183 0.65 -62.20 22.72
N LEU R 184 1.56 -61.26 22.97
CA LEU R 184 2.08 -61.06 24.31
C LEU R 184 1.15 -60.28 25.23
N LYS R 185 0.18 -59.55 24.68
CA LYS R 185 -0.68 -58.71 25.52
C LYS R 185 -1.41 -59.48 26.62
N PRO R 186 -2.08 -60.62 26.35
CA PRO R 186 -2.80 -61.29 27.45
C PRO R 186 -1.91 -61.70 28.61
N MET R 187 -0.70 -62.19 28.34
CA MET R 187 0.20 -62.59 29.43
C MET R 187 0.77 -61.38 30.15
N LEU R 188 1.12 -60.32 29.41
CA LEU R 188 1.65 -59.13 30.06
C LEU R 188 0.63 -58.47 30.95
N ALA R 189 -0.64 -58.43 30.52
CA ALA R 189 -1.67 -57.77 31.31
C ALA R 189 -2.04 -58.53 32.57
N ARG R 190 -1.91 -59.86 32.56
CA ARG R 190 -2.28 -60.69 33.70
C ARG R 190 -1.09 -61.02 34.61
N GLY R 191 0.10 -60.53 34.29
CA GLY R 191 1.27 -60.81 35.09
C GLY R 191 1.83 -62.21 34.92
N GLU R 192 1.36 -62.97 33.92
CA GLU R 192 1.87 -64.31 33.71
C GLU R 192 3.34 -64.29 33.30
N LEU R 193 3.72 -63.35 32.45
CA LEU R 193 5.09 -63.24 31.94
C LEU R 193 5.75 -62.00 32.54
N GLN R 194 6.96 -62.19 33.06
CA GLN R 194 7.74 -61.09 33.61
C GLN R 194 8.83 -60.70 32.60
N THR R 195 8.87 -59.42 32.25
CA THR R 195 9.82 -58.94 31.27
C THR R 195 10.33 -57.56 31.67
N ILE R 196 11.54 -57.26 31.24
CA ILE R 196 12.18 -55.97 31.47
C ILE R 196 12.59 -55.39 30.12
N GLY R 197 12.14 -54.18 29.83
CA GLY R 197 12.47 -53.54 28.58
C GLY R 197 13.36 -52.32 28.75
N ALA R 198 14.00 -51.88 27.67
CA ALA R 198 14.83 -50.68 27.71
C ALA R 198 14.62 -49.89 26.43
N THR R 199 14.52 -48.57 26.56
CA THR R 199 14.29 -47.72 25.40
C THR R 199 14.73 -46.29 25.71
N THR R 200 14.84 -45.50 24.66
CA THR R 200 15.15 -44.08 24.77
C THR R 200 13.85 -43.28 24.78
N LEU R 201 13.91 -42.06 25.33
CA LEU R 201 12.71 -41.27 25.56
C LEU R 201 11.97 -40.98 24.26
N ASP R 202 12.68 -40.60 23.21
CA ASP R 202 12.02 -40.29 21.94
C ASP R 202 11.35 -41.52 21.35
N GLU R 203 12.03 -42.67 21.39
CA GLU R 203 11.44 -43.91 20.91
C GLU R 203 10.20 -44.27 21.72
N TYR R 204 10.28 -44.10 23.05
CA TYR R 204 9.13 -44.40 23.89
C TYR R 204 7.94 -43.50 23.57
N ARG R 205 8.18 -42.21 23.35
CA ARG R 205 7.08 -41.28 23.15
C ARG R 205 6.48 -41.40 21.74
N LYS R 206 7.29 -41.67 20.72
CA LYS R 206 6.78 -41.69 19.37
C LYS R 206 6.32 -43.07 18.91
N HIS R 207 6.59 -44.12 19.67
CA HIS R 207 6.19 -45.47 19.30
C HIS R 207 5.38 -46.18 20.37
N LEU R 208 5.70 -45.98 21.64
CA LEU R 208 5.00 -46.70 22.72
C LEU R 208 3.85 -45.90 23.30
N GLU R 209 4.01 -44.59 23.45
CA GLU R 209 2.93 -43.77 24.00
C GLU R 209 1.72 -43.75 23.09
N LYS R 210 1.92 -43.84 21.77
CA LYS R 210 0.79 -43.84 20.85
C LYS R 210 -0.07 -45.08 21.03
N ASP R 211 0.55 -46.24 21.25
CA ASP R 211 -0.18 -47.48 21.46
C ASP R 211 -0.58 -47.55 22.93
N ALA R 212 -1.79 -47.07 23.22
CA ALA R 212 -2.26 -47.02 24.60
C ALA R 212 -2.44 -48.42 25.19
N ALA R 213 -2.69 -49.42 24.35
CA ALA R 213 -2.88 -50.78 24.85
C ALA R 213 -1.57 -51.36 25.38
N LEU R 214 -0.49 -51.21 24.62
CA LEU R 214 0.81 -51.72 25.06
C LEU R 214 1.44 -50.85 26.13
N GLU R 215 1.22 -49.53 26.06
CA GLU R 215 1.77 -48.62 27.06
C GLU R 215 1.20 -48.90 28.45
N ARG R 216 -0.03 -49.41 28.51
CA ARG R 216 -0.65 -49.67 29.81
C ARG R 216 0.08 -50.75 30.59
N ARG R 217 0.65 -51.75 29.91
CA ARG R 217 1.20 -52.93 30.54
C ARG R 217 2.66 -52.77 30.97
N PHE R 218 3.24 -51.60 30.81
CA PHE R 218 4.62 -51.35 31.19
C PHE R 218 4.70 -50.18 32.15
N GLN R 219 5.54 -50.32 33.19
CA GLN R 219 5.72 -49.28 34.18
C GLN R 219 7.03 -48.54 33.91
N PRO R 220 6.99 -47.25 33.59
CA PRO R 220 8.23 -46.55 33.25
C PRO R 220 9.14 -46.38 34.46
N ILE R 221 10.44 -46.44 34.19
CA ILE R 221 11.47 -46.16 35.19
C ILE R 221 12.50 -45.25 34.55
N GLN R 222 12.72 -44.08 35.15
CA GLN R 222 13.63 -43.09 34.58
C GLN R 222 15.06 -43.36 35.02
N VAL R 223 15.99 -43.26 34.07
CA VAL R 223 17.42 -43.37 34.35
C VAL R 223 18.05 -42.04 33.98
N ALA R 224 18.59 -41.35 34.96
CA ALA R 224 19.16 -40.03 34.76
C ALA R 224 20.66 -40.13 34.51
N GLU R 225 21.18 -39.17 33.73
CA GLU R 225 22.60 -39.15 33.44
C GLU R 225 23.38 -38.86 34.73
N PRO R 226 24.42 -39.62 35.02
CA PRO R 226 25.16 -39.42 36.27
C PRO R 226 25.85 -38.07 36.32
N SER R 227 26.01 -37.56 37.54
CA SER R 227 26.71 -36.30 37.75
C SER R 227 28.23 -36.53 37.72
N LEU R 228 28.99 -35.44 37.87
CA LEU R 228 30.44 -35.55 37.82
C LEU R 228 31.01 -36.46 38.89
N PRO R 229 30.65 -36.34 40.18
CA PRO R 229 31.19 -37.30 41.17
C PRO R 229 30.80 -38.74 40.89
N HIS R 230 29.57 -38.95 40.40
CA HIS R 230 29.14 -40.31 40.08
C HIS R 230 29.99 -40.90 38.96
N THR R 231 30.24 -40.12 37.91
CA THR R 231 31.10 -40.60 36.83
C THR R 231 32.53 -40.81 37.32
N ILE R 232 32.99 -39.94 38.22
CA ILE R 232 34.34 -40.10 38.77
C ILE R 232 34.48 -41.42 39.51
N GLU R 233 33.50 -41.73 40.37
CA GLU R 233 33.57 -42.99 41.11
C GLU R 233 33.37 -44.19 40.21
N ILE R 234 32.53 -44.06 39.18
CA ILE R 234 32.38 -45.14 38.20
C ILE R 234 33.71 -45.42 37.50
N LEU R 235 34.41 -44.36 37.09
CA LEU R 235 35.71 -44.54 36.46
C LEU R 235 36.72 -45.15 37.43
N LYS R 236 36.68 -44.72 38.70
CA LYS R 236 37.57 -45.31 39.70
C LYS R 236 37.32 -46.81 39.83
N GLY R 237 36.06 -47.21 39.85
CA GLY R 237 35.74 -48.63 39.94
C GLY R 237 36.15 -49.41 38.70
N LEU R 238 35.95 -48.83 37.52
CA LEU R 238 36.23 -49.52 36.27
C LEU R 238 37.69 -49.45 35.85
N ARG R 239 38.51 -48.68 36.56
CA ARG R 239 39.92 -48.54 36.19
C ARG R 239 40.65 -49.88 36.19
N ASP R 240 40.29 -50.76 37.14
CA ASP R 240 41.03 -52.01 37.31
C ASP R 240 40.91 -52.91 36.09
N ARG R 241 39.70 -53.03 35.54
CA ARG R 241 39.50 -53.91 34.38
C ARG R 241 40.29 -53.41 33.18
N TYR R 242 40.31 -52.10 32.95
CA TYR R 242 41.05 -51.57 31.81
C TYR R 242 42.55 -51.66 32.03
N GLU R 243 43.01 -51.51 33.27
CA GLU R 243 44.43 -51.72 33.55
C GLU R 243 44.82 -53.18 33.33
N ALA R 244 43.92 -54.10 33.66
CA ALA R 244 44.18 -55.52 33.38
C ALA R 244 44.21 -55.79 31.88
N HIS R 245 43.29 -55.18 31.13
CA HIS R 245 43.22 -55.42 29.69
C HIS R 245 44.44 -54.84 28.98
N HIS R 246 44.61 -53.52 29.05
CA HIS R 246 45.77 -52.86 28.48
C HIS R 246 46.87 -52.77 29.55
N ARG R 247 48.04 -53.30 29.24
CA ARG R 247 49.10 -53.40 30.23
C ARG R 247 49.70 -52.02 30.49
N VAL R 248 48.93 -51.14 31.14
CA VAL R 248 49.34 -49.78 31.45
C VAL R 248 48.82 -49.45 32.86
N SER R 249 49.10 -48.22 33.29
CA SER R 249 48.63 -47.72 34.57
C SER R 249 47.94 -46.38 34.36
N ILE R 250 46.84 -46.16 35.07
CA ILE R 250 46.02 -44.96 34.92
C ILE R 250 45.99 -44.23 36.26
N THR R 251 46.28 -42.94 36.23
CA THR R 251 46.29 -42.10 37.42
C THR R 251 44.93 -41.46 37.66
N ASP R 252 44.70 -41.04 38.90
CA ASP R 252 43.42 -40.44 39.26
C ASP R 252 43.18 -39.13 38.53
N GLU R 253 44.21 -38.29 38.43
CA GLU R 253 44.05 -37.02 37.73
C GLU R 253 43.73 -37.25 36.26
N ALA R 254 44.22 -38.35 35.68
CA ALA R 254 43.83 -38.69 34.31
C ALA R 254 42.33 -38.95 34.22
N LEU R 255 41.77 -39.68 35.19
CA LEU R 255 40.33 -39.91 35.21
C LEU R 255 39.56 -38.61 35.37
N VAL R 256 40.02 -37.74 36.27
CA VAL R 256 39.32 -36.47 36.50
C VAL R 256 39.33 -35.62 35.23
N GLN R 257 40.50 -35.52 34.59
CA GLN R 257 40.61 -34.76 33.35
C GLN R 257 39.74 -35.36 32.26
N ALA R 258 39.73 -36.69 32.14
CA ALA R 258 38.90 -37.34 31.13
C ALA R 258 37.43 -37.01 31.34
N ALA R 259 36.95 -37.16 32.58
CA ALA R 259 35.55 -36.88 32.86
C ALA R 259 35.19 -35.42 32.56
N THR R 260 36.00 -34.49 33.07
CA THR R 260 35.69 -33.08 32.90
C THR R 260 35.73 -32.67 31.42
N LEU R 261 36.77 -33.10 30.71
CA LEU R 261 36.91 -32.72 29.30
C LEU R 261 35.83 -33.35 28.44
N ALA R 262 35.47 -34.61 28.71
CA ALA R 262 34.39 -35.24 27.97
C ALA R 262 33.07 -34.53 28.23
N ASP R 263 32.83 -34.11 29.47
CA ASP R 263 31.60 -33.39 29.77
C ASP R 263 31.58 -32.03 29.08
N ARG R 264 32.74 -31.37 28.97
CA ARG R 264 32.76 -30.02 28.43
C ARG R 264 32.72 -30.01 26.90
N TYR R 265 33.70 -30.67 26.26
CA TYR R 265 33.91 -30.51 24.82
C TYR R 265 33.03 -31.41 23.96
N ILE R 266 32.30 -32.35 24.56
CA ILE R 266 31.43 -33.25 23.80
C ILE R 266 30.00 -33.06 24.30
N SER R 267 29.08 -32.82 23.38
CA SER R 267 27.68 -32.59 23.72
C SER R 267 26.72 -33.57 23.06
N ASP R 268 27.07 -34.14 21.90
CA ASP R 268 26.18 -35.08 21.23
C ASP R 268 26.22 -36.47 21.83
N ARG R 269 27.15 -36.75 22.73
CA ARG R 269 27.19 -37.99 23.49
C ARG R 269 26.98 -37.68 24.96
N PHE R 270 27.00 -38.72 25.80
CA PHE R 270 26.61 -38.57 27.19
C PHE R 270 27.72 -39.07 28.12
N LEU R 271 27.75 -38.50 29.31
CA LEU R 271 28.94 -38.56 30.16
C LEU R 271 29.39 -39.97 30.54
N PRO R 272 28.53 -40.88 30.99
CA PRO R 272 29.04 -42.18 31.46
C PRO R 272 29.65 -43.05 30.37
N ASP R 273 29.64 -42.60 29.11
CA ASP R 273 30.20 -43.38 28.01
C ASP R 273 31.40 -42.72 27.35
N LYS R 274 31.37 -41.40 27.12
CA LYS R 274 32.45 -40.75 26.40
C LYS R 274 33.74 -40.75 27.21
N ALA R 275 33.65 -40.62 28.54
CA ALA R 275 34.84 -40.69 29.37
C ALA R 275 35.49 -42.06 29.27
N ILE R 276 34.69 -43.12 29.31
CA ILE R 276 35.22 -44.47 29.17
C ILE R 276 35.83 -44.66 27.78
N ASP R 277 35.20 -44.09 26.77
CA ASP R 277 35.76 -44.16 25.42
C ASP R 277 37.11 -43.45 25.34
N LEU R 278 37.23 -42.29 26.00
CA LEU R 278 38.50 -41.58 26.04
C LEU R 278 39.57 -42.41 26.74
N ILE R 279 39.23 -43.03 27.86
CA ILE R 279 40.19 -43.87 28.56
C ILE R 279 40.63 -45.03 27.68
N ASP R 280 39.67 -45.68 27.00
CA ASP R 280 40.00 -46.79 26.13
C ASP R 280 40.90 -46.36 24.97
N GLU R 281 40.60 -45.21 24.37
CA GLU R 281 41.43 -44.70 23.28
C GLU R 281 42.84 -44.38 23.75
N ALA R 282 42.96 -43.77 24.94
CA ALA R 282 44.28 -43.47 25.47
C ALA R 282 45.07 -44.75 25.74
N GLY R 283 44.41 -45.76 26.30
CA GLY R 283 45.08 -47.03 26.52
C GLY R 283 45.53 -47.68 25.23
N SER R 284 44.67 -47.64 24.20
CA SER R 284 45.04 -48.23 22.91
C SER R 284 46.20 -47.47 22.27
N ARG R 285 46.19 -46.14 22.35
CA ARG R 285 47.30 -45.37 21.80
C ARG R 285 48.60 -45.66 22.54
N MET R 286 48.54 -45.76 23.87
CA MET R 286 49.75 -46.09 24.63
C MET R 286 50.25 -47.49 24.28
N ARG R 287 49.33 -48.43 24.08
CA ARG R 287 49.72 -49.78 23.67
C ARG R 287 50.40 -49.77 22.31
N ILE R 288 49.82 -49.05 21.35
CA ILE R 288 50.37 -49.07 19.99
C ILE R 288 51.70 -48.33 19.94
N ARG R 289 51.88 -47.31 20.78
CA ARG R 289 53.16 -46.61 20.82
C ARG R 289 54.28 -47.53 21.28
N ARG R 290 54.03 -48.33 22.31
CA ARG R 290 55.04 -49.23 22.84
C ARG R 290 55.07 -50.54 22.06
N VAL R 352 56.32 -49.45 34.08
CA VAL R 352 55.91 -49.55 32.69
C VAL R 352 55.29 -48.23 32.22
N ALA R 353 54.46 -48.31 31.18
CA ALA R 353 53.83 -47.12 30.63
C ALA R 353 52.83 -46.54 31.60
N GLU R 354 52.65 -45.22 31.52
CA GLU R 354 51.75 -44.48 32.40
C GLU R 354 50.88 -43.56 31.57
N VAL R 355 49.62 -43.41 31.99
CA VAL R 355 48.65 -42.55 31.31
C VAL R 355 48.36 -41.36 32.21
N ASP R 356 48.45 -40.16 31.65
CA ASP R 356 48.29 -38.92 32.39
C ASP R 356 47.22 -38.06 31.71
N GLY R 357 46.92 -36.92 32.34
CA GLY R 357 45.87 -36.05 31.84
C GLY R 357 46.19 -35.44 30.49
N GLU R 358 47.46 -35.11 30.25
CA GLU R 358 47.83 -34.50 28.98
C GLU R 358 47.59 -35.45 27.81
N LEU R 359 47.75 -36.76 28.03
CA LEU R 359 47.41 -37.72 26.98
C LEU R 359 45.93 -37.68 26.66
N ILE R 360 45.08 -37.56 27.69
CA ILE R 360 43.64 -37.44 27.47
C ILE R 360 43.34 -36.16 26.70
N ALA R 361 44.01 -35.07 27.04
CA ALA R 361 43.81 -33.81 26.33
C ALA R 361 44.21 -33.95 24.86
N GLU R 362 45.32 -34.64 24.60
CA GLU R 362 45.74 -34.87 23.21
C GLU R 362 44.73 -35.71 22.46
N VAL R 363 44.19 -36.75 23.10
CA VAL R 363 43.19 -37.59 22.44
C VAL R 363 41.94 -36.79 22.13
N LEU R 364 41.48 -35.96 23.08
CA LEU R 364 40.30 -35.15 22.83
C LEU R 364 40.56 -34.11 21.74
N ALA R 365 41.76 -33.54 21.71
CA ALA R 365 42.09 -32.59 20.64
C ALA R 365 42.09 -33.28 19.28
N THR R 366 42.58 -34.52 19.23
CA THR R 366 42.57 -35.27 17.99
C THR R 366 41.13 -35.56 17.53
N ALA R 367 40.27 -35.96 18.47
CA ALA R 367 38.90 -36.35 18.10
C ALA R 367 38.03 -35.13 17.80
N THR R 368 37.80 -34.29 18.81
CA THR R 368 36.98 -33.10 18.69
C THR R 368 37.87 -31.91 18.31
N GLY R 369 37.34 -30.70 18.46
CA GLY R 369 38.08 -29.48 18.17
C GLY R 369 39.47 -29.43 18.77
N ILE R 370 40.39 -28.78 18.07
CA ILE R 370 41.82 -28.82 18.39
C ILE R 370 42.19 -28.18 19.72
N PRO R 371 41.69 -26.96 20.11
CA PRO R 371 42.42 -26.20 21.13
C PRO R 371 42.59 -26.90 22.47
N VAL R 372 41.48 -27.20 23.16
CA VAL R 372 41.49 -27.88 24.45
C VAL R 372 42.53 -27.23 25.36
N PHE R 373 42.25 -26.02 25.83
CA PHE R 373 43.21 -25.24 26.60
C PHE R 373 42.94 -25.36 28.09
N LYS R 374 43.96 -25.76 28.84
CA LYS R 374 43.98 -25.69 30.29
C LYS R 374 44.58 -24.35 30.71
N LEU R 375 44.95 -24.21 31.98
CA LEU R 375 45.46 -22.95 32.51
C LEU R 375 46.82 -23.18 33.17
N THR R 376 47.72 -23.85 32.45
CA THR R 376 49.08 -24.00 32.91
C THR R 376 49.92 -22.79 32.49
N GLU R 377 51.19 -22.79 32.87
CA GLU R 377 52.05 -21.65 32.59
C GLU R 377 52.36 -21.53 31.10
N GLU R 378 52.41 -22.65 30.38
CA GLU R 378 52.66 -22.56 28.95
C GLU R 378 51.49 -21.90 28.23
N GLU R 379 50.28 -22.00 28.79
CA GLU R 379 49.17 -21.22 28.27
C GLU R 379 49.39 -19.73 28.53
N SER R 380 49.98 -19.37 29.67
CA SER R 380 50.33 -17.97 29.89
C SER R 380 51.35 -17.50 28.86
N SER R 381 52.31 -18.37 28.51
CA SER R 381 53.27 -18.04 27.47
C SER R 381 52.59 -17.87 26.11
N ARG R 382 51.64 -18.75 25.79
CA ARG R 382 50.81 -18.58 24.60
C ARG R 382 50.09 -17.24 24.62
N LEU R 383 49.57 -16.86 25.78
CA LEU R 383 48.93 -15.56 25.93
C LEU R 383 49.91 -14.41 25.68
N LEU R 384 51.16 -14.57 26.13
CA LEU R 384 52.16 -13.54 25.90
C LEU R 384 52.43 -13.35 24.41
N ARG R 385 52.53 -14.45 23.66
CA ARG R 385 52.76 -14.38 22.23
C ARG R 385 51.48 -14.29 21.42
N MET R 386 50.33 -14.14 22.08
CA MET R 386 49.09 -13.83 21.37
C MET R 386 49.23 -12.53 20.59
N GLU R 387 49.87 -11.54 21.19
CA GLU R 387 50.02 -10.24 20.53
C GLU R 387 50.81 -10.37 19.23
N ASP R 388 51.92 -11.12 19.26
CA ASP R 388 52.74 -11.27 18.06
C ASP R 388 51.98 -12.00 16.95
N GLU R 389 51.27 -13.07 17.30
CA GLU R 389 50.51 -13.80 16.28
C GLU R 389 49.37 -12.94 15.72
N LEU R 390 48.71 -12.16 16.57
CA LEU R 390 47.64 -11.29 16.09
C LEU R 390 48.19 -10.22 15.15
N HIS R 391 49.34 -9.62 15.50
CA HIS R 391 49.96 -8.65 14.61
C HIS R 391 50.63 -9.30 13.41
N LYS R 392 50.79 -10.63 13.40
CA LYS R 392 51.36 -11.29 12.23
C LYS R 392 50.41 -11.26 11.05
N ARG R 393 49.10 -11.39 11.31
CA ARG R 393 48.11 -11.35 10.25
C ARG R 393 47.46 -9.98 10.07
N VAL R 394 47.49 -9.13 11.09
CA VAL R 394 46.95 -7.78 11.01
C VAL R 394 48.11 -6.81 11.18
N ILE R 395 48.31 -5.95 10.19
CA ILE R 395 49.47 -5.06 10.14
C ILE R 395 49.04 -3.73 10.72
N GLY R 396 49.16 -3.60 12.04
CA GLY R 396 49.10 -2.31 12.69
C GLY R 396 47.77 -1.94 13.31
N GLN R 397 47.63 -2.18 14.60
CA GLN R 397 46.52 -1.63 15.38
C GLN R 397 46.92 -1.09 16.73
N VAL R 398 48.05 -1.51 17.29
CA VAL R 398 48.64 -1.07 18.56
C VAL R 398 47.64 -0.99 19.72
N ASP R 399 46.46 -0.41 19.47
CA ASP R 399 45.45 -0.25 20.52
C ASP R 399 44.36 -1.31 20.46
N ALA R 400 43.87 -1.63 19.26
CA ALA R 400 42.81 -2.62 19.13
C ALA R 400 43.28 -4.00 19.60
N VAL R 401 44.48 -4.40 19.19
CA VAL R 401 45.00 -5.71 19.59
C VAL R 401 45.25 -5.76 21.09
N LYS R 402 45.74 -4.65 21.66
CA LYS R 402 45.93 -4.61 23.11
C LYS R 402 44.60 -4.72 23.85
N ALA R 403 43.56 -4.04 23.35
CA ALA R 403 42.25 -4.14 23.98
C ALA R 403 41.71 -5.56 23.90
N LEU R 404 41.84 -6.21 22.75
CA LEU R 404 41.40 -7.60 22.63
C LEU R 404 42.19 -8.50 23.57
N SER R 405 43.50 -8.30 23.65
CA SER R 405 44.34 -9.13 24.50
C SER R 405 43.96 -8.98 25.97
N LYS R 406 43.72 -7.76 26.42
CA LYS R 406 43.36 -7.55 27.82
C LYS R 406 41.96 -8.07 28.11
N ALA R 407 41.04 -7.96 27.15
CA ALA R 407 39.70 -8.52 27.35
C ALA R 407 39.76 -10.04 27.48
N ILE R 408 40.53 -10.70 26.61
CA ILE R 408 40.68 -12.15 26.71
C ILE R 408 41.41 -12.52 27.99
N ARG R 409 42.37 -11.71 28.41
CA ARG R 409 43.06 -11.96 29.68
C ARG R 409 42.10 -11.95 30.85
N ARG R 410 41.21 -10.95 30.89
CA ARG R 410 40.22 -10.87 31.95
C ARG R 410 39.25 -12.05 31.89
N THR R 411 38.80 -12.41 30.68
CA THR R 411 37.81 -13.47 30.56
C THR R 411 38.38 -14.83 30.94
N ARG R 412 39.58 -15.16 30.43
CA ARG R 412 40.13 -16.50 30.58
C ARG R 412 40.59 -16.79 32.00
N ALA R 413 40.78 -15.76 32.83
CA ALA R 413 41.31 -15.97 34.17
C ALA R 413 40.46 -16.90 35.01
N GLY R 414 39.15 -16.97 34.77
CA GLY R 414 38.27 -17.86 35.48
C GLY R 414 37.30 -17.19 36.43
N LEU R 415 37.24 -15.86 36.44
CA LEU R 415 36.30 -15.14 37.28
C LEU R 415 34.99 -14.83 36.57
N LYS R 416 34.86 -15.20 35.30
CA LYS R 416 33.66 -14.93 34.54
C LYS R 416 32.53 -15.87 34.96
N ASP R 417 31.31 -15.35 34.96
CA ASP R 417 30.13 -16.17 35.19
C ASP R 417 30.02 -17.22 34.08
N PRO R 418 29.93 -18.51 34.41
CA PRO R 418 29.86 -19.52 33.35
C PRO R 418 28.62 -19.41 32.46
N LYS R 419 27.56 -18.77 32.94
CA LYS R 419 26.37 -18.61 32.10
C LYS R 419 26.63 -17.66 30.94
N ARG R 420 27.36 -16.57 31.20
CA ARG R 420 27.62 -15.58 30.16
C ARG R 420 28.58 -16.14 29.12
N PRO R 421 28.54 -15.61 27.89
CA PRO R 421 29.46 -16.08 26.85
C PRO R 421 30.90 -15.66 27.12
N GLY R 422 31.80 -15.99 26.18
CA GLY R 422 33.21 -15.72 26.34
C GLY R 422 33.64 -14.28 26.12
N GLY R 423 32.70 -13.40 25.75
CA GLY R 423 33.04 -12.00 25.58
C GLY R 423 32.36 -11.36 24.39
N SER R 424 31.81 -10.17 24.58
CA SER R 424 31.13 -9.43 23.52
C SER R 424 31.84 -8.11 23.29
N PHE R 425 32.12 -7.81 22.03
CA PHE R 425 32.87 -6.61 21.65
C PHE R 425 32.17 -5.90 20.51
N ILE R 426 32.38 -4.58 20.45
CA ILE R 426 31.86 -3.74 19.38
C ILE R 426 33.04 -3.10 18.67
N PHE R 427 33.21 -3.43 17.39
CA PHE R 427 34.30 -2.92 16.57
C PHE R 427 33.75 -1.74 15.76
N ALA R 428 34.15 -0.53 16.13
CA ALA R 428 33.69 0.68 15.47
C ALA R 428 34.81 1.23 14.60
N GLY R 429 34.52 1.40 13.30
CA GLY R 429 35.50 1.95 12.39
C GLY R 429 35.04 1.98 10.95
N PRO R 430 35.87 2.55 10.08
CA PRO R 430 35.53 2.62 8.66
C PRO R 430 35.89 1.33 7.93
N SER R 431 35.56 1.30 6.64
CA SER R 431 35.84 0.16 5.81
C SER R 431 37.32 0.09 5.46
N GLY R 432 37.79 -1.11 5.13
CA GLY R 432 39.16 -1.30 4.72
C GLY R 432 40.20 -1.09 5.81
N VAL R 433 39.85 -1.32 7.06
CA VAL R 433 40.79 -1.13 8.16
C VAL R 433 41.31 -2.46 8.73
N GLY R 434 40.47 -3.50 8.78
CA GLY R 434 40.93 -4.79 9.23
C GLY R 434 40.14 -5.40 10.37
N LYS R 435 38.89 -4.96 10.56
CA LYS R 435 38.04 -5.56 11.58
C LYS R 435 37.77 -7.03 11.28
N THR R 436 37.41 -7.33 10.03
CA THR R 436 37.20 -8.72 9.64
C THR R 436 38.48 -9.53 9.73
N GLU R 437 39.60 -8.93 9.32
CA GLU R 437 40.89 -9.61 9.41
C GLU R 437 41.26 -9.88 10.87
N LEU R 438 41.02 -8.90 11.75
CA LEU R 438 41.30 -9.10 13.17
C LEU R 438 40.41 -10.20 13.75
N SER R 439 39.14 -10.24 13.34
CA SER R 439 38.26 -11.31 13.81
C SER R 439 38.74 -12.67 13.33
N LYS R 440 39.20 -12.76 12.07
CA LYS R 440 39.71 -14.02 11.56
C LYS R 440 40.96 -14.45 12.30
N ALA R 441 41.86 -13.50 12.60
CA ALA R 441 43.05 -13.81 13.37
C ALA R 441 42.70 -14.26 14.79
N LEU R 442 41.70 -13.63 15.40
CA LEU R 442 41.25 -14.05 16.73
C LEU R 442 40.68 -15.45 16.69
N ALA R 443 39.92 -15.78 15.64
CA ALA R 443 39.43 -17.15 15.48
C ALA R 443 40.57 -18.14 15.31
N GLU R 444 41.59 -17.75 14.53
CA GLU R 444 42.75 -18.61 14.35
C GLU R 444 43.48 -18.86 15.67
N PHE R 445 43.59 -17.83 16.50
CA PHE R 445 44.26 -18.02 17.78
C PHE R 445 43.42 -18.88 18.72
N LEU R 446 42.13 -18.57 18.84
CA LEU R 446 41.31 -19.21 19.88
C LEU R 446 40.96 -20.65 19.50
N PHE R 447 40.58 -20.90 18.25
CA PHE R 447 40.10 -22.20 17.84
C PHE R 447 40.91 -22.85 16.73
N GLY R 448 41.87 -22.15 16.16
CA GLY R 448 42.79 -22.75 15.21
C GLY R 448 42.20 -23.23 13.90
N ASP R 449 41.27 -22.47 13.33
CA ASP R 449 40.71 -22.81 12.02
C ASP R 449 39.99 -21.60 11.46
N GLU R 450 40.01 -21.48 10.12
CA GLU R 450 39.35 -20.35 9.46
C GLU R 450 37.84 -20.44 9.58
N ASP R 451 37.29 -21.66 9.56
CA ASP R 451 35.84 -21.86 9.55
C ASP R 451 35.19 -21.58 10.90
N ALA R 452 35.97 -21.29 11.93
CA ALA R 452 35.44 -21.01 13.26
C ALA R 452 34.82 -19.63 13.38
N LEU R 453 34.60 -18.93 12.27
CA LEU R 453 33.96 -17.63 12.26
C LEU R 453 32.62 -17.74 11.56
N ILE R 454 31.57 -17.23 12.20
CA ILE R 454 30.22 -17.20 11.65
C ILE R 454 29.83 -15.74 11.48
N SER R 455 29.55 -15.34 10.24
CA SER R 455 29.26 -13.96 9.91
C SER R 455 27.83 -13.84 9.39
N LEU R 456 27.05 -12.94 10.00
CA LEU R 456 25.69 -12.65 9.56
C LEU R 456 25.61 -11.20 9.14
N ASP R 457 25.05 -10.96 7.95
CA ASP R 457 24.93 -9.62 7.41
C ASP R 457 23.56 -9.05 7.77
N MET R 458 23.57 -7.89 8.42
CA MET R 458 22.32 -7.24 8.84
C MET R 458 21.68 -6.41 7.73
N SER R 459 22.32 -6.29 6.57
CA SER R 459 21.72 -5.56 5.46
C SER R 459 20.41 -6.19 5.00
N GLU R 460 20.18 -7.46 5.32
CA GLU R 460 18.93 -8.14 5.03
C GLU R 460 18.11 -8.41 6.29
N PHE R 461 18.32 -7.61 7.35
CA PHE R 461 17.59 -7.75 8.60
C PHE R 461 17.01 -6.40 9.03
N SER R 462 16.47 -5.65 8.07
CA SER R 462 15.96 -4.32 8.33
C SER R 462 14.44 -4.26 8.44
N GLU R 463 13.76 -5.40 8.37
CA GLU R 463 12.31 -5.46 8.41
C GLU R 463 11.84 -6.20 9.66
N LYS R 464 10.63 -5.85 10.11
CA LYS R 464 10.08 -6.49 11.30
C LYS R 464 9.81 -7.98 11.08
N HIS R 465 9.39 -8.36 9.88
CA HIS R 465 9.08 -9.75 9.58
C HIS R 465 10.33 -10.55 9.19
N THR R 466 11.52 -10.06 9.52
CA THR R 466 12.76 -10.74 9.20
C THR R 466 13.31 -11.56 10.36
N VAL R 467 12.91 -11.24 11.60
CA VAL R 467 13.43 -11.94 12.78
C VAL R 467 13.12 -13.43 12.73
N SER R 468 12.11 -13.83 11.96
CA SER R 468 11.81 -15.24 11.82
C SER R 468 12.97 -16.03 11.21
N ARG R 469 13.80 -15.39 10.39
CA ARG R 469 14.98 -16.04 9.85
C ARG R 469 16.09 -16.22 10.88
N LEU R 470 15.95 -15.60 12.06
CA LEU R 470 16.95 -15.77 13.12
C LEU R 470 16.70 -17.01 13.95
N PHE R 471 15.43 -17.35 14.19
CA PHE R 471 15.04 -18.54 14.93
C PHE R 471 14.59 -19.67 14.02
N GLY R 472 13.73 -19.36 13.05
CA GLY R 472 13.08 -20.36 12.23
C GLY R 472 11.59 -20.12 12.31
N SER R 473 10.87 -20.55 11.28
CA SER R 473 9.44 -20.35 11.24
C SER R 473 8.76 -21.25 12.26
N PRO R 474 7.59 -20.85 12.78
CA PRO R 474 6.88 -21.68 13.75
C PRO R 474 6.35 -22.94 13.10
N PRO R 475 5.96 -23.94 13.89
CA PRO R 475 5.48 -25.20 13.30
C PRO R 475 4.28 -24.99 12.39
N GLY R 476 4.24 -25.77 11.31
CA GLY R 476 3.15 -25.68 10.35
C GLY R 476 3.34 -24.67 9.25
N TYR R 477 4.53 -24.08 9.11
CA TYR R 477 4.77 -23.05 8.12
C TYR R 477 6.00 -23.41 7.31
N VAL R 478 6.23 -22.63 6.24
CA VAL R 478 7.32 -22.91 5.31
C VAL R 478 8.65 -22.69 6.01
N GLY R 479 9.57 -23.65 5.85
CA GLY R 479 10.88 -23.54 6.45
C GLY R 479 10.96 -23.93 7.91
N TYR R 480 9.97 -24.68 8.41
CA TYR R 480 10.02 -25.11 9.80
C TYR R 480 11.11 -26.16 10.03
N GLU R 481 11.35 -27.01 9.03
CA GLU R 481 12.29 -28.11 9.22
C GLU R 481 13.71 -27.60 9.46
N GLU R 482 14.14 -26.59 8.71
CA GLU R 482 15.45 -25.99 8.90
C GLU R 482 15.31 -24.75 9.77
N GLY R 483 16.13 -24.67 10.82
CA GLY R 483 16.04 -23.58 11.76
C GLY R 483 16.60 -22.29 11.19
N GLY R 484 16.76 -21.32 12.09
CA GLY R 484 17.30 -20.03 11.69
C GLY R 484 18.77 -20.13 11.33
N GLN R 485 19.25 -19.07 10.67
CA GLN R 485 20.65 -19.04 10.26
C GLN R 485 21.57 -19.03 11.47
N LEU R 486 21.24 -18.24 12.48
CA LEU R 486 22.11 -18.14 13.65
C LEU R 486 22.07 -19.40 14.51
N THR R 487 20.86 -19.92 14.76
CA THR R 487 20.73 -21.03 15.70
C THR R 487 21.36 -22.30 15.15
N GLU R 488 21.11 -22.62 13.88
CA GLU R 488 21.64 -23.85 13.31
C GLU R 488 23.17 -23.83 13.24
N LYS R 489 23.74 -22.70 12.84
CA LYS R 489 25.19 -22.61 12.72
C LYS R 489 25.87 -22.75 14.07
N VAL R 490 25.32 -22.11 15.10
CA VAL R 490 25.92 -22.18 16.43
C VAL R 490 25.75 -23.58 17.02
N ARG R 491 24.58 -24.18 16.81
CA ARG R 491 24.35 -25.54 17.32
C ARG R 491 25.28 -26.54 16.66
N ARG R 492 25.52 -26.37 15.35
CA ARG R 492 26.43 -27.27 14.65
C ARG R 492 27.86 -27.14 15.17
N LYS R 493 28.31 -25.91 15.42
CA LYS R 493 29.67 -25.64 15.87
C LYS R 493 29.61 -24.79 17.13
N PRO R 494 29.52 -25.42 18.30
CA PRO R 494 29.39 -24.64 19.54
C PRO R 494 30.59 -23.76 19.85
N PHE R 495 31.78 -24.11 19.36
CA PHE R 495 33.00 -23.32 19.59
C PHE R 495 33.29 -22.53 18.32
N SER R 496 32.94 -21.25 18.32
CA SER R 496 33.14 -20.39 17.17
C SER R 496 33.03 -18.94 17.61
N VAL R 497 33.15 -18.04 16.64
CA VAL R 497 33.01 -16.60 16.87
C VAL R 497 31.84 -16.12 16.02
N VAL R 498 30.88 -15.46 16.66
CA VAL R 498 29.68 -14.98 16.00
C VAL R 498 29.87 -13.51 15.65
N LEU R 499 29.86 -13.21 14.36
CA LEU R 499 30.14 -11.88 13.84
C LEU R 499 28.85 -11.27 13.30
N PHE R 500 28.38 -10.22 13.96
CA PHE R 500 27.21 -9.45 13.50
C PHE R 500 27.73 -8.21 12.77
N ASP R 501 27.63 -8.23 11.45
CA ASP R 501 28.19 -7.17 10.61
C ASP R 501 27.13 -6.08 10.38
N ALA R 502 27.54 -4.82 10.59
CA ALA R 502 26.69 -3.65 10.34
C ALA R 502 25.40 -3.72 11.16
N VAL R 503 25.58 -3.74 12.49
CA VAL R 503 24.43 -3.84 13.39
C VAL R 503 23.59 -2.57 13.39
N GLU R 504 24.13 -1.46 12.87
CA GLU R 504 23.41 -0.19 12.92
C GLU R 504 22.23 -0.16 11.94
N LYS R 505 22.26 -0.98 10.89
CA LYS R 505 21.22 -0.97 9.86
C LYS R 505 20.22 -2.10 10.04
N ALA R 506 20.26 -2.81 11.16
CA ALA R 506 19.34 -3.90 11.43
C ALA R 506 18.07 -3.37 12.11
N HIS R 507 17.02 -4.18 12.06
CA HIS R 507 15.77 -3.82 12.72
C HIS R 507 15.98 -3.80 14.23
N PRO R 508 15.36 -2.85 14.94
CA PRO R 508 15.54 -2.79 16.40
C PRO R 508 15.05 -4.03 17.13
N ASP R 509 14.13 -4.80 16.55
CA ASP R 509 13.66 -6.01 17.21
C ASP R 509 14.73 -7.10 17.28
N ILE R 510 15.80 -6.96 16.50
CA ILE R 510 16.91 -7.92 16.58
C ILE R 510 17.54 -7.90 17.97
N PHE R 511 17.72 -6.71 18.52
CA PHE R 511 18.38 -6.56 19.82
C PHE R 511 17.60 -7.21 20.96
N ASN R 512 16.31 -7.49 20.77
CA ASN R 512 15.57 -8.24 21.78
C ASN R 512 16.14 -9.64 21.93
N SER R 513 16.49 -10.28 20.81
CA SER R 513 17.07 -11.61 20.86
C SER R 513 18.49 -11.57 21.44
N LEU R 514 19.25 -10.53 21.11
CA LEU R 514 20.64 -10.43 21.56
C LEU R 514 20.75 -10.28 23.07
N LEU R 515 19.70 -9.79 23.74
CA LEU R 515 19.77 -9.58 25.17
C LEU R 515 19.93 -10.91 25.91
N GLN R 516 19.17 -11.93 25.49
CA GLN R 516 19.27 -13.23 26.15
C GLN R 516 20.65 -13.85 25.94
N ILE R 517 21.24 -13.67 24.75
CA ILE R 517 22.56 -14.22 24.49
C ILE R 517 23.59 -13.56 25.40
N LEU R 518 23.53 -12.24 25.54
CA LEU R 518 24.50 -11.52 26.35
C LEU R 518 24.25 -11.65 27.84
N GLU R 519 23.04 -12.06 28.25
CA GLU R 519 22.70 -12.18 29.66
C GLU R 519 22.56 -13.63 30.12
N ASP R 520 21.71 -14.41 29.45
CA ASP R 520 21.51 -15.81 29.83
C ASP R 520 22.46 -16.75 29.11
N GLY R 521 23.06 -16.34 28.00
CA GLY R 521 23.99 -17.20 27.29
C GLY R 521 23.34 -18.34 26.55
N ARG R 522 22.07 -18.24 26.22
CA ARG R 522 21.38 -19.30 25.51
C ARG R 522 20.24 -18.71 24.69
N LEU R 523 19.81 -19.47 23.67
CA LEU R 523 18.71 -19.07 22.81
C LEU R 523 17.80 -20.27 22.59
N THR R 524 16.55 -19.98 22.22
CA THR R 524 15.56 -21.02 21.93
C THR R 524 15.03 -20.81 20.52
N ASP R 525 15.21 -21.82 19.67
CA ASP R 525 14.72 -21.75 18.31
C ASP R 525 13.25 -22.16 18.26
N SER R 526 12.67 -22.09 17.06
CA SER R 526 11.25 -22.38 16.89
C SER R 526 10.91 -23.85 17.11
N GLN R 527 11.90 -24.74 17.11
CA GLN R 527 11.65 -26.17 17.32
C GLN R 527 11.72 -26.56 18.79
N GLY R 528 11.94 -25.61 19.69
CA GLY R 528 11.99 -25.89 21.11
C GLY R 528 13.34 -26.27 21.66
N ARG R 529 14.35 -26.43 20.80
CA ARG R 529 15.68 -26.77 21.27
C ARG R 529 16.33 -25.56 21.95
N VAL R 530 17.40 -25.82 22.68
CA VAL R 530 18.16 -24.79 23.37
C VAL R 530 19.57 -24.78 22.80
N VAL R 531 19.98 -23.63 22.26
CA VAL R 531 21.31 -23.43 21.72
C VAL R 531 22.15 -22.69 22.76
N ASP R 532 23.31 -23.24 23.10
CA ASP R 532 24.16 -22.72 24.15
C ASP R 532 25.23 -21.82 23.54
N PHE R 533 25.28 -20.57 23.98
CA PHE R 533 26.22 -19.59 23.48
C PHE R 533 27.37 -19.32 24.45
N LYS R 534 27.51 -20.14 25.50
CA LYS R 534 28.49 -19.85 26.54
C LYS R 534 29.93 -20.09 26.10
N ASN R 535 30.14 -20.74 24.95
CA ASN R 535 31.49 -21.03 24.46
C ASN R 535 31.84 -20.22 23.21
N THR R 536 31.07 -19.18 22.90
CA THR R 536 31.30 -18.36 21.72
C THR R 536 31.80 -16.98 22.12
N VAL R 537 32.24 -16.23 21.11
CA VAL R 537 32.67 -14.84 21.28
C VAL R 537 31.86 -14.00 20.32
N ILE R 538 31.20 -12.98 20.84
CA ILE R 538 30.33 -12.12 20.04
C ILE R 538 31.11 -10.89 19.62
N ILE R 539 31.14 -10.62 18.31
CA ILE R 539 31.79 -9.42 17.78
C ILE R 539 30.80 -8.72 16.85
N MET R 540 30.51 -7.46 17.13
CA MET R 540 29.54 -6.70 16.36
C MET R 540 30.24 -5.50 15.74
N THR R 541 30.19 -5.39 14.42
CA THR R 541 30.91 -4.35 13.69
C THR R 541 29.97 -3.22 13.33
N THR R 542 30.51 -2.00 13.33
CA THR R 542 29.73 -0.82 12.98
C THR R 542 30.67 0.29 12.51
N ASN R 543 30.08 1.29 11.86
CA ASN R 543 30.80 2.46 11.39
C ASN R 543 30.23 3.77 11.96
N LEU R 544 29.39 3.66 12.99
CA LEU R 544 28.80 4.86 13.58
C LEU R 544 29.86 5.69 14.28
N GLY R 545 29.73 7.02 14.16
CA GLY R 545 30.67 7.93 14.78
C GLY R 545 31.98 8.09 14.05
N THR R 546 32.13 7.47 12.87
CA THR R 546 33.36 7.56 12.09
C THR R 546 33.27 8.53 10.92
N ARG R 547 32.08 9.05 10.62
CA ARG R 547 31.91 9.98 9.51
C ARG R 547 32.49 11.35 9.85
N GLU R 568 42.75 8.20 22.50
CA GLU R 568 41.64 7.89 23.40
C GLU R 568 40.42 8.73 23.09
N ARG R 569 40.63 9.89 22.47
CA ARG R 569 39.52 10.76 22.12
C ARG R 569 38.59 10.11 21.11
N MET R 570 39.13 9.26 20.23
CA MET R 570 38.29 8.52 19.30
C MET R 570 37.45 7.46 20.01
N LYS R 571 38.01 6.86 21.08
CA LYS R 571 37.26 5.86 21.82
C LYS R 571 36.09 6.48 22.59
N ASN R 572 36.29 7.66 23.16
CA ASN R 572 35.23 8.29 23.93
C ASN R 572 34.10 8.80 23.03
N LYS R 573 34.45 9.39 21.89
CA LYS R 573 33.44 10.00 21.04
C LYS R 573 32.50 8.96 20.44
N VAL R 574 33.03 7.80 20.03
CA VAL R 574 32.18 6.79 19.40
C VAL R 574 31.19 6.21 20.40
N SER R 575 31.58 6.10 21.67
CA SER R 575 30.67 5.60 22.70
C SER R 575 29.47 6.52 22.89
N ASP R 576 29.60 7.80 22.53
CA ASP R 576 28.49 8.74 22.71
C ASP R 576 27.40 8.51 21.70
N GLU R 577 27.76 8.28 20.43
CA GLU R 577 26.75 8.10 19.39
C GLU R 577 25.95 6.82 19.61
N LEU R 578 26.60 5.75 20.07
CA LEU R 578 25.88 4.51 20.32
C LEU R 578 24.82 4.67 21.40
N LYS R 579 25.01 5.63 22.31
CA LYS R 579 24.06 5.82 23.40
C LYS R 579 22.67 6.19 22.89
N GLN R 580 22.61 7.06 21.88
CA GLN R 580 21.32 7.42 21.30
C GLN R 580 20.89 6.46 20.20
N HIS R 581 21.83 5.77 19.55
CA HIS R 581 21.47 4.86 18.48
C HIS R 581 20.90 3.55 19.03
N PHE R 582 21.38 3.10 20.18
CA PHE R 582 20.95 1.84 20.77
C PHE R 582 20.50 2.07 22.21
N ARG R 583 19.58 1.22 22.66
CA ARG R 583 19.08 1.33 24.02
C ARG R 583 20.17 1.01 25.02
N PRO R 584 20.18 1.68 26.18
CA PRO R 584 21.20 1.34 27.20
C PRO R 584 21.08 -0.06 27.73
N GLU R 585 19.90 -0.69 27.64
CA GLU R 585 19.73 -2.06 28.12
C GLU R 585 20.66 -3.01 27.37
N PHE R 586 20.76 -2.84 26.05
CA PHE R 586 21.69 -3.64 25.26
C PHE R 586 23.13 -3.15 25.42
N LEU R 587 23.32 -1.85 25.60
CA LEU R 587 24.67 -1.28 25.60
C LEU R 587 25.45 -1.68 26.85
N ASN R 588 24.83 -1.56 28.03
CA ASN R 588 25.56 -1.78 29.28
C ASN R 588 26.01 -3.22 29.44
N ARG R 589 25.43 -4.16 28.72
CA ARG R 589 25.83 -5.56 28.79
C ARG R 589 27.04 -5.87 27.93
N VAL R 590 27.43 -4.96 27.04
CA VAL R 590 28.58 -5.19 26.16
C VAL R 590 29.87 -4.82 26.89
N ASP R 591 30.93 -5.55 26.59
CA ASP R 591 32.25 -5.30 27.17
C ASP R 591 32.92 -4.14 26.43
N ASP R 592 34.22 -4.00 26.65
CA ASP R 592 34.97 -2.85 26.12
C ASP R 592 34.82 -2.73 24.61
N VAL R 593 34.59 -1.50 24.16
CA VAL R 593 34.45 -1.19 22.74
C VAL R 593 35.84 -1.01 22.13
N VAL R 594 36.02 -1.46 20.90
CA VAL R 594 37.29 -1.39 20.20
C VAL R 594 37.13 -0.51 18.98
N VAL R 595 38.04 0.45 18.80
CA VAL R 595 37.98 1.42 17.72
C VAL R 595 39.08 1.12 16.72
N PHE R 596 38.79 1.41 15.45
CA PHE R 596 39.73 1.16 14.37
C PHE R 596 40.11 2.46 13.68
N PRO R 597 41.29 3.01 13.94
CA PRO R 597 41.69 4.27 13.30
C PRO R 597 42.09 4.06 11.86
N GLN R 598 42.29 5.19 11.17
CA GLN R 598 42.70 5.16 9.77
C GLN R 598 44.09 4.57 9.62
N LEU R 599 44.32 3.93 8.48
CA LEU R 599 45.60 3.29 8.20
C LEU R 599 46.66 4.34 7.91
N SER R 600 47.92 3.90 7.93
CA SER R 600 49.07 4.74 7.65
C SER R 600 49.85 4.16 6.48
N GLN R 601 50.67 5.01 5.85
CA GLN R 601 51.38 4.62 4.65
C GLN R 601 52.34 3.47 4.92
N ALA R 602 53.02 3.49 6.07
CA ALA R 602 53.91 2.39 6.43
C ALA R 602 53.13 1.08 6.55
N ASP R 603 51.91 1.15 7.08
CA ASP R 603 51.07 -0.04 7.16
C ASP R 603 50.72 -0.56 5.77
N ILE R 604 50.42 0.35 4.84
CA ILE R 604 50.11 -0.07 3.47
C ILE R 604 51.33 -0.73 2.83
N LEU R 605 52.51 -0.16 3.03
CA LEU R 605 53.73 -0.76 2.49
C LEU R 605 53.96 -2.15 3.07
N LYS R 606 53.77 -2.30 4.39
CA LYS R 606 53.94 -3.61 5.00
C LYS R 606 52.94 -4.61 4.46
N ILE R 607 51.68 -4.19 4.30
CA ILE R 607 50.65 -5.09 3.78
C ILE R 607 50.98 -5.53 2.36
N VAL R 608 51.40 -4.58 1.51
CA VAL R 608 51.65 -4.92 0.12
C VAL R 608 52.88 -5.82 0.00
N ASP R 609 53.92 -5.57 0.80
CA ASP R 609 55.09 -6.43 0.73
C ASP R 609 54.77 -7.83 1.26
N LEU R 610 53.92 -7.91 2.29
CA LEU R 610 53.52 -9.23 2.77
C LEU R 610 52.72 -9.98 1.72
N MET R 611 51.81 -9.28 1.03
CA MET R 611 51.00 -9.93 0.00
C MET R 611 51.86 -10.41 -1.17
N ILE R 612 52.80 -9.58 -1.62
CA ILE R 612 53.68 -10.02 -2.69
C ILE R 612 54.57 -11.15 -2.20
N ASP R 613 54.86 -11.20 -0.90
CA ASP R 613 55.55 -12.35 -0.35
C ASP R 613 54.71 -13.62 -0.51
N LYS R 614 53.41 -13.55 -0.13
CA LYS R 614 52.57 -14.74 -0.28
C LYS R 614 52.52 -15.19 -1.73
N VAL R 615 52.36 -14.25 -2.67
CA VAL R 615 52.31 -14.67 -4.07
C VAL R 615 53.67 -15.20 -4.51
N ASP R 616 54.76 -14.74 -3.87
CA ASP R 616 56.08 -15.28 -4.17
C ASP R 616 56.17 -16.76 -3.81
N GLU R 617 55.80 -17.12 -2.57
CA GLU R 617 55.82 -18.55 -2.26
C GLU R 617 54.76 -19.32 -3.04
N ARG R 618 53.66 -18.66 -3.43
CA ARG R 618 52.66 -19.33 -4.26
C ARG R 618 53.24 -19.72 -5.61
N LEU R 619 54.01 -18.84 -6.24
CA LEU R 619 54.64 -19.16 -7.52
C LEU R 619 55.92 -19.97 -7.33
N LYS R 620 56.45 -20.05 -6.12
CA LYS R 620 57.74 -20.70 -5.87
C LYS R 620 57.75 -22.19 -6.21
N ASP R 621 56.62 -22.75 -6.63
CA ASP R 621 56.66 -24.09 -7.20
C ASP R 621 57.50 -24.10 -8.48
N ARG R 622 57.43 -23.02 -9.26
CA ARG R 622 58.36 -22.78 -10.36
C ARG R 622 59.75 -22.41 -9.86
N ASP R 623 59.89 -22.08 -8.57
CA ASP R 623 61.13 -21.62 -7.97
C ASP R 623 61.61 -20.30 -8.60
N MET R 624 60.80 -19.27 -8.41
CA MET R 624 61.14 -17.91 -8.81
C MET R 624 60.87 -16.96 -7.65
N GLY R 625 61.78 -16.02 -7.42
CA GLY R 625 61.62 -15.01 -6.40
C GLY R 625 61.51 -13.64 -7.03
N ILE R 626 60.69 -12.78 -6.43
CA ILE R 626 60.36 -11.46 -6.98
C ILE R 626 61.12 -10.40 -6.18
N GLU R 627 61.83 -9.53 -6.88
CA GLU R 627 62.55 -8.43 -6.28
C GLU R 627 61.84 -7.12 -6.61
N LEU R 628 61.85 -6.20 -5.66
CA LEU R 628 61.03 -4.99 -5.72
C LEU R 628 61.89 -3.73 -5.69
N SER R 629 61.41 -2.69 -6.37
CA SER R 629 61.95 -1.35 -6.24
C SER R 629 61.04 -0.52 -5.35
N SER R 630 61.64 0.35 -4.54
CA SER R 630 60.88 1.10 -3.56
C SER R 630 59.82 1.98 -4.22
N SER R 631 60.14 2.56 -5.37
CA SER R 631 59.17 3.42 -6.06
C SER R 631 57.96 2.62 -6.53
N ALA R 632 58.17 1.39 -6.99
CA ALA R 632 57.06 0.55 -7.42
C ALA R 632 56.13 0.24 -6.24
N LYS R 633 56.70 -0.09 -5.09
CA LYS R 633 55.88 -0.34 -3.91
C LYS R 633 55.15 0.91 -3.46
N GLU R 634 55.80 2.06 -3.54
CA GLU R 634 55.14 3.32 -3.20
C GLU R 634 53.96 3.58 -4.13
N LEU R 635 54.13 3.35 -5.43
CA LEU R 635 53.02 3.52 -6.37
C LEU R 635 51.90 2.55 -6.07
N LEU R 636 52.23 1.29 -5.77
CA LEU R 636 51.20 0.31 -5.44
C LEU R 636 50.42 0.73 -4.21
N SER R 637 51.12 1.27 -3.20
CA SER R 637 50.42 1.79 -2.02
C SER R 637 49.52 2.96 -2.40
N LYS R 638 50.01 3.87 -3.24
CA LYS R 638 49.19 5.01 -3.65
C LYS R 638 48.04 4.57 -4.56
N LYS R 639 48.31 3.68 -5.52
CA LYS R 639 47.29 3.31 -6.49
C LYS R 639 46.24 2.39 -5.88
N GLY R 640 46.64 1.47 -5.01
CA GLY R 640 45.73 0.46 -4.50
C GLY R 640 45.02 0.84 -3.22
N TYR R 641 45.02 2.13 -2.88
CA TYR R 641 44.39 2.61 -1.66
C TYR R 641 43.35 3.68 -1.97
N ASP R 642 42.22 3.60 -1.29
CA ASP R 642 41.15 4.60 -1.38
C ASP R 642 40.81 5.01 0.05
N PRO R 643 40.92 6.29 0.40
CA PRO R 643 40.65 6.69 1.79
C PRO R 643 39.24 6.39 2.26
N VAL R 644 38.27 6.24 1.35
CA VAL R 644 36.90 5.96 1.75
C VAL R 644 36.69 4.44 1.81
N LEU R 645 37.39 3.70 0.94
CA LEU R 645 37.27 2.26 0.89
C LEU R 645 38.40 1.54 1.61
N GLY R 646 39.36 2.28 2.17
CA GLY R 646 40.46 1.62 2.86
C GLY R 646 41.34 0.84 1.90
N ALA R 647 42.01 -0.18 2.44
CA ALA R 647 42.86 -1.05 1.65
C ALA R 647 42.10 -2.14 0.91
N ARG R 648 40.77 -2.02 0.80
CA ARG R 648 39.99 -3.03 0.09
C ARG R 648 40.41 -3.22 -1.36
N PRO R 649 40.56 -2.16 -2.20
CA PRO R 649 40.94 -2.35 -3.60
C PRO R 649 42.44 -2.52 -3.80
N LEU R 650 43.05 -3.37 -2.98
CA LEU R 650 44.47 -3.70 -3.10
C LEU R 650 44.72 -5.08 -3.67
N ARG R 651 43.92 -6.07 -3.26
CA ARG R 651 44.05 -7.42 -3.84
C ARG R 651 43.78 -7.39 -5.33
N ARG R 652 42.71 -6.69 -5.75
CA ARG R 652 42.41 -6.58 -7.17
C ARG R 652 43.51 -5.80 -7.91
N THR R 653 44.05 -4.76 -7.27
CA THR R 653 45.12 -4.00 -7.90
C THR R 653 46.35 -4.87 -8.13
N ILE R 654 46.72 -5.68 -7.14
CA ILE R 654 47.84 -6.60 -7.30
C ILE R 654 47.54 -7.62 -8.38
N GLN R 655 46.31 -8.15 -8.40
CA GLN R 655 45.96 -9.17 -9.39
C GLN R 655 46.04 -8.63 -10.80
N ARG R 656 45.55 -7.41 -11.03
CA ARG R 656 45.46 -6.87 -12.38
C ARG R 656 46.78 -6.26 -12.84
N GLU R 657 47.45 -5.51 -11.98
CA GLU R 657 48.61 -4.73 -12.39
C GLU R 657 49.91 -5.53 -12.38
N ILE R 658 50.02 -6.60 -11.60
CA ILE R 658 51.29 -7.26 -11.35
C ILE R 658 51.41 -8.58 -12.12
N GLU R 659 50.55 -9.54 -11.81
CA GLU R 659 50.72 -10.88 -12.35
C GLU R 659 49.99 -11.12 -13.67
N ASP R 660 49.16 -10.17 -14.13
CA ASP R 660 48.59 -10.29 -15.47
C ASP R 660 49.69 -10.21 -16.53
N SER R 661 50.52 -9.16 -16.46
CA SER R 661 51.65 -9.05 -17.37
C SER R 661 52.65 -10.17 -17.14
N LEU R 662 52.81 -10.60 -15.90
CA LEU R 662 53.72 -11.71 -15.62
C LEU R 662 53.26 -12.99 -16.31
N SER R 663 51.97 -13.29 -16.25
CA SER R 663 51.45 -14.47 -16.92
C SER R 663 51.55 -14.33 -18.44
N GLU R 664 51.26 -13.13 -18.96
CA GLU R 664 51.42 -12.92 -20.40
C GLU R 664 52.86 -13.16 -20.83
N LYS R 665 53.82 -12.66 -20.07
CA LYS R 665 55.23 -12.81 -20.42
C LYS R 665 55.69 -14.26 -20.29
N ILE R 666 55.22 -14.96 -19.26
CA ILE R 666 55.65 -16.35 -19.07
C ILE R 666 55.00 -17.26 -20.11
N LEU R 667 53.81 -16.91 -20.62
CA LEU R 667 53.25 -17.64 -21.74
C LEU R 667 53.83 -17.22 -23.08
N PHE R 668 54.46 -16.05 -23.14
CA PHE R 668 55.12 -15.60 -24.36
C PHE R 668 56.59 -15.96 -24.41
N GLY R 669 57.09 -16.70 -23.41
CA GLY R 669 58.47 -17.12 -23.38
C GLY R 669 59.46 -16.11 -22.87
N GLU R 670 58.99 -14.91 -22.45
CA GLU R 670 59.91 -13.91 -21.92
C GLU R 670 60.54 -14.31 -20.59
N LEU R 671 59.95 -15.28 -19.89
CA LEU R 671 60.44 -15.73 -18.61
C LEU R 671 60.89 -17.19 -18.72
N ARG R 672 62.09 -17.46 -18.22
CA ARG R 672 62.70 -18.78 -18.32
C ARG R 672 62.88 -19.40 -16.93
N PRO R 673 62.73 -20.71 -16.79
CA PRO R 673 62.71 -21.32 -15.47
C PRO R 673 64.05 -21.21 -14.75
N GLY R 674 63.99 -21.37 -13.44
CA GLY R 674 65.17 -21.27 -12.59
C GLY R 674 65.78 -19.90 -12.55
N HIS R 675 64.95 -18.86 -12.51
CA HIS R 675 65.42 -17.48 -12.54
C HIS R 675 64.55 -16.64 -11.61
N ILE R 676 64.83 -15.33 -11.59
CA ILE R 676 64.09 -14.38 -10.78
C ILE R 676 63.75 -13.17 -11.65
N VAL R 677 62.74 -12.42 -11.23
CA VAL R 677 62.29 -11.24 -11.95
C VAL R 677 62.23 -10.06 -10.99
N VAL R 678 62.64 -8.89 -11.48
CA VAL R 678 62.55 -7.64 -10.75
C VAL R 678 61.63 -6.70 -11.53
N VAL R 679 60.99 -5.79 -10.80
CA VAL R 679 60.02 -4.86 -11.37
C VAL R 679 60.56 -3.45 -11.21
N ASP R 680 60.47 -2.66 -12.28
CA ASP R 680 60.95 -1.29 -12.28
C ASP R 680 59.84 -0.37 -12.78
N THR R 681 59.96 0.91 -12.39
CA THR R 681 59.01 1.93 -12.78
C THR R 681 59.69 2.93 -13.72
N GLU R 682 58.93 3.43 -14.68
CA GLU R 682 59.43 4.37 -15.68
C GLU R 682 58.52 5.59 -15.73
N GLY R 683 59.14 6.77 -15.81
CA GLY R 683 58.40 8.01 -15.80
C GLY R 683 58.06 8.46 -14.38
N GLU R 684 57.43 9.63 -14.31
CA GLU R 684 57.04 10.22 -13.04
C GLU R 684 55.61 10.74 -13.13
N GLY R 685 54.88 10.59 -12.04
CA GLY R 685 53.50 11.09 -12.01
C GLY R 685 52.53 10.01 -12.44
N GLU R 686 51.56 10.40 -13.28
CA GLU R 686 50.51 9.49 -13.72
C GLU R 686 50.91 8.68 -14.95
N THR R 687 52.09 8.93 -15.52
CA THR R 687 52.59 8.16 -16.65
C THR R 687 53.44 6.98 -16.22
N LYS R 688 53.55 6.74 -14.91
CA LYS R 688 54.40 5.67 -14.39
C LYS R 688 53.83 4.31 -14.75
N THR R 689 54.73 3.37 -15.07
CA THR R 689 54.32 2.02 -15.44
C THR R 689 55.25 0.98 -14.81
N PHE R 690 55.11 -0.27 -15.21
CA PHE R 690 55.93 -1.36 -14.68
C PHE R 690 56.63 -2.09 -15.82
N THR R 691 57.88 -2.49 -15.57
CA THR R 691 58.65 -3.29 -16.50
C THR R 691 59.32 -4.43 -15.74
N PHE R 692 59.38 -5.60 -16.37
CA PHE R 692 59.91 -6.81 -15.76
C PHE R 692 61.28 -7.11 -16.36
N ARG R 693 62.27 -7.37 -15.52
CA ARG R 693 63.62 -7.70 -15.95
C ARG R 693 64.08 -8.96 -15.25
N GLY R 694 64.63 -9.89 -16.01
CA GLY R 694 65.00 -11.21 -15.50
C GLY R 694 66.48 -11.31 -15.17
N GLU R 695 66.76 -12.00 -14.06
CA GLU R 695 68.11 -12.32 -13.63
C GLU R 695 68.16 -13.78 -13.18
N GLU R 696 69.35 -14.26 -12.86
CA GLU R 696 69.50 -15.62 -12.37
C GLU R 696 69.02 -15.74 -10.92
N SER S 44 40.92 -76.89 11.11
CA SER S 44 40.20 -75.76 10.54
C SER S 44 39.85 -76.01 9.08
N LEU S 45 39.33 -77.21 8.79
CA LEU S 45 38.96 -77.53 7.41
C LEU S 45 37.84 -76.64 6.91
N VAL S 46 36.85 -76.36 7.77
CA VAL S 46 35.73 -75.51 7.36
C VAL S 46 36.22 -74.10 7.04
N LEU S 47 37.23 -73.63 7.77
CA LEU S 47 37.76 -72.29 7.50
C LEU S 47 38.37 -72.21 6.10
N ASP S 48 39.10 -73.24 5.68
CA ASP S 48 39.73 -73.22 4.37
C ASP S 48 38.79 -73.63 3.24
N GLN S 49 37.65 -74.26 3.53
CA GLN S 49 36.68 -74.56 2.50
C GLN S 49 35.44 -73.68 2.54
N PHE S 50 35.33 -72.79 3.52
CA PHE S 50 34.29 -71.76 3.52
C PHE S 50 34.85 -70.35 3.52
N GLY S 51 36.18 -70.21 3.55
CA GLY S 51 36.80 -68.90 3.55
C GLY S 51 38.20 -68.94 2.98
N ARG S 52 38.99 -67.88 3.21
CA ARG S 52 40.34 -67.81 2.69
C ARG S 52 41.29 -67.40 3.81
N ASN S 53 42.50 -67.96 3.76
CA ASN S 53 43.55 -67.64 4.73
C ASN S 53 44.41 -66.51 4.15
N LEU S 54 44.54 -65.42 4.90
CA LEU S 54 45.36 -64.28 4.48
C LEU S 54 46.74 -64.28 5.10
N THR S 55 46.87 -64.72 6.35
CA THR S 55 48.20 -64.78 6.98
C THR S 55 49.09 -65.76 6.23
N GLN S 56 48.57 -66.94 5.89
CA GLN S 56 49.35 -67.90 5.13
C GLN S 56 49.59 -67.42 3.70
N ALA S 57 48.62 -66.74 3.10
CA ALA S 57 48.80 -66.21 1.75
C ALA S 57 49.92 -65.19 1.70
N ALA S 58 49.98 -64.30 2.70
CA ALA S 58 51.07 -63.34 2.75
C ALA S 58 52.37 -63.99 3.17
N ARG S 59 52.30 -65.09 3.93
CA ARG S 59 53.52 -65.80 4.30
C ARG S 59 54.21 -66.39 3.08
N GLU S 60 53.44 -66.90 2.12
CA GLU S 60 53.99 -67.45 0.88
C GLU S 60 54.26 -66.38 -0.17
N SER S 61 54.00 -65.11 0.15
CA SER S 61 54.25 -63.98 -0.75
C SER S 61 53.46 -64.12 -2.04
N LYS S 62 52.13 -64.20 -1.89
CA LYS S 62 51.21 -64.23 -3.02
C LYS S 62 50.30 -63.02 -3.07
N LEU S 63 50.60 -61.98 -2.30
CA LEU S 63 49.78 -60.78 -2.26
C LEU S 63 50.59 -59.55 -2.66
N ASP S 64 49.92 -58.61 -3.30
CA ASP S 64 50.60 -57.40 -3.78
C ASP S 64 50.97 -56.50 -2.60
N PRO S 65 52.06 -55.75 -2.73
CA PRO S 65 52.46 -54.83 -1.66
C PRO S 65 51.55 -53.61 -1.59
N VAL S 66 51.72 -52.83 -0.53
CA VAL S 66 50.95 -51.63 -0.29
C VAL S 66 51.89 -50.44 -0.20
N ILE S 67 51.47 -49.31 -0.78
CA ILE S 67 52.28 -48.11 -0.86
C ILE S 67 51.52 -46.97 -0.20
N GLY S 68 52.18 -46.28 0.74
CA GLY S 68 51.62 -45.08 1.34
C GLY S 68 50.34 -45.28 2.10
N ARG S 69 50.25 -46.34 2.90
CA ARG S 69 49.07 -46.61 3.71
C ARG S 69 49.44 -46.91 5.15
N GLU S 70 50.58 -46.38 5.62
CA GLU S 70 51.02 -46.67 6.98
C GLU S 70 50.06 -46.09 8.01
N LYS S 71 49.50 -44.91 7.74
CA LYS S 71 48.57 -44.29 8.68
C LYS S 71 47.30 -45.12 8.84
N GLU S 72 46.81 -45.69 7.73
CA GLU S 72 45.59 -46.50 7.80
C GLU S 72 45.83 -47.76 8.62
N ILE S 73 46.96 -48.44 8.42
CA ILE S 73 47.27 -49.62 9.21
C ILE S 73 47.46 -49.24 10.67
N GLU S 74 48.11 -48.11 10.93
CA GLU S 74 48.28 -47.63 12.30
C GLU S 74 46.92 -47.43 12.98
N ARG S 75 46.00 -46.76 12.30
CA ARG S 75 44.68 -46.53 12.87
C ARG S 75 43.91 -47.83 13.06
N VAL S 76 44.04 -48.77 12.12
CA VAL S 76 43.34 -50.04 12.23
C VAL S 76 43.85 -50.82 13.45
N MET S 77 45.18 -50.87 13.62
CA MET S 77 45.74 -51.57 14.76
C MET S 77 45.37 -50.88 16.07
N GLN S 78 45.34 -49.54 16.07
CA GLN S 78 44.93 -48.81 17.26
C GLN S 78 43.49 -49.13 17.64
N VAL S 79 42.59 -49.18 16.65
CA VAL S 79 41.19 -49.46 16.92
C VAL S 79 41.00 -50.89 17.39
N LEU S 80 41.68 -51.84 16.74
CA LEU S 80 41.50 -53.26 17.06
C LEU S 80 41.96 -53.62 18.47
N SER S 81 42.78 -52.78 19.09
CA SER S 81 43.29 -53.06 20.43
C SER S 81 42.38 -52.59 21.54
N ARG S 82 41.29 -51.89 21.22
CA ARG S 82 40.40 -51.37 22.24
C ARG S 82 39.60 -52.50 22.88
N ARG S 83 39.21 -52.28 24.14
CA ARG S 83 38.37 -53.26 24.83
C ARG S 83 36.98 -53.33 24.22
N THR S 84 36.42 -52.17 23.84
CA THR S 84 35.11 -52.10 23.22
C THR S 84 35.20 -51.24 21.97
N LYS S 85 34.20 -51.38 21.10
CA LYS S 85 34.16 -50.69 19.81
C LYS S 85 35.41 -51.00 18.98
N ASN S 86 35.83 -52.27 19.02
CA ASN S 86 37.08 -52.70 18.40
C ASN S 86 36.86 -53.45 17.09
N ASN S 87 35.86 -53.05 16.31
CA ASN S 87 35.63 -53.63 14.99
C ASN S 87 35.68 -52.52 13.94
N PRO S 88 36.75 -52.45 13.15
CA PRO S 88 36.88 -51.33 12.20
C PRO S 88 36.09 -51.56 10.92
N VAL S 89 35.49 -50.48 10.43
CA VAL S 89 34.84 -50.46 9.13
C VAL S 89 35.48 -49.36 8.29
N LEU S 90 35.94 -49.73 7.10
CA LEU S 90 36.68 -48.81 6.23
C LEU S 90 35.69 -48.09 5.30
N ILE S 91 35.70 -46.77 5.35
CA ILE S 91 34.82 -45.94 4.55
C ILE S 91 35.63 -45.36 3.39
N GLY S 92 35.23 -45.68 2.18
CA GLY S 92 35.93 -45.18 1.01
C GLY S 92 35.21 -45.58 -0.26
N GLU S 93 35.57 -44.89 -1.34
CA GLU S 93 35.00 -45.17 -2.63
C GLU S 93 35.48 -46.52 -3.14
N PRO S 94 34.72 -47.16 -4.03
CA PRO S 94 35.16 -48.45 -4.57
C PRO S 94 36.45 -48.31 -5.36
N GLY S 95 37.39 -49.22 -5.12
CA GLY S 95 38.65 -49.25 -5.83
C GLY S 95 39.77 -48.44 -5.22
N VAL S 96 39.50 -47.65 -4.17
CA VAL S 96 40.54 -46.84 -3.56
C VAL S 96 41.57 -47.67 -2.80
N GLY S 97 41.25 -48.92 -2.48
CA GLY S 97 42.22 -49.80 -1.86
C GLY S 97 41.95 -50.16 -0.42
N LYS S 98 40.67 -50.24 -0.03
CA LYS S 98 40.33 -50.71 1.30
C LYS S 98 40.76 -52.16 1.48
N THR S 99 40.46 -53.00 0.49
CA THR S 99 40.96 -54.37 0.51
C THR S 99 42.48 -54.38 0.54
N ALA S 100 43.11 -53.50 -0.26
CA ALA S 100 44.57 -53.39 -0.23
C ALA S 100 45.05 -53.07 1.18
N VAL S 101 44.34 -52.22 1.90
CA VAL S 101 44.66 -51.98 3.30
C VAL S 101 44.53 -53.26 4.12
N VAL S 102 43.54 -54.08 3.79
CA VAL S 102 43.35 -55.33 4.53
C VAL S 102 44.55 -56.25 4.36
N GLU S 103 44.98 -56.49 3.12
CA GLU S 103 46.18 -57.32 2.97
C GLU S 103 47.45 -56.62 3.44
N GLY S 104 47.49 -55.28 3.46
CA GLY S 104 48.63 -54.62 4.08
C GLY S 104 48.72 -54.91 5.55
N LEU S 105 47.58 -54.86 6.26
CA LEU S 105 47.55 -55.26 7.66
C LEU S 105 47.96 -56.72 7.82
N ALA S 106 47.46 -57.59 6.94
CA ALA S 106 47.82 -59.00 7.03
C ALA S 106 49.32 -59.21 6.86
N GLN S 107 49.93 -58.52 5.90
CA GLN S 107 51.37 -58.63 5.68
C GLN S 107 52.16 -58.07 6.86
N ALA S 108 51.71 -56.96 7.43
CA ALA S 108 52.37 -56.41 8.61
C ALA S 108 52.33 -57.40 9.77
N ILE S 109 51.20 -58.09 9.92
CA ILE S 109 51.12 -59.15 10.93
C ILE S 109 52.09 -60.27 10.60
N VAL S 110 52.17 -60.66 9.32
CA VAL S 110 53.00 -61.80 8.92
C VAL S 110 54.46 -61.53 9.23
N LYS S 111 54.98 -60.36 8.84
CA LYS S 111 56.35 -60.04 9.20
C LYS S 111 56.51 -59.62 10.66
N GLY S 112 55.41 -59.48 11.40
CA GLY S 112 55.48 -59.26 12.83
C GLY S 112 55.50 -57.81 13.28
N GLU S 113 55.56 -56.86 12.35
CA GLU S 113 55.49 -55.44 12.71
C GLU S 113 54.06 -55.10 13.13
N VAL S 114 53.71 -55.62 14.31
CA VAL S 114 52.34 -55.56 14.82
C VAL S 114 52.41 -55.67 16.34
N PRO S 115 51.61 -54.91 17.10
CA PRO S 115 51.70 -54.97 18.56
C PRO S 115 51.36 -56.35 19.11
N GLU S 116 51.72 -56.54 20.37
CA GLU S 116 51.45 -57.80 21.06
C GLU S 116 49.95 -58.03 21.18
N THR S 117 49.59 -59.26 21.58
CA THR S 117 48.23 -59.76 21.62
C THR S 117 47.64 -59.85 20.21
N LEU S 118 48.45 -59.51 19.21
CA LEU S 118 48.07 -59.66 17.81
C LEU S 118 49.23 -60.14 16.94
N LYS S 119 50.40 -60.42 17.52
CA LYS S 119 51.56 -60.83 16.76
C LYS S 119 51.50 -62.29 16.32
N ASP S 120 50.67 -63.11 16.97
CA ASP S 120 50.52 -64.51 16.60
C ASP S 120 49.07 -64.87 16.40
N LYS S 121 48.26 -63.93 15.93
CA LYS S 121 46.82 -64.11 15.77
C LYS S 121 46.50 -64.15 14.29
N HIS S 122 46.03 -65.29 13.81
CA HIS S 122 45.80 -65.49 12.39
C HIS S 122 44.63 -64.63 11.89
N LEU S 123 44.66 -64.30 10.60
CA LEU S 123 43.63 -63.52 9.96
C LEU S 123 43.04 -64.31 8.80
N TYR S 124 41.72 -64.42 8.76
CA TYR S 124 40.99 -65.08 7.69
C TYR S 124 39.94 -64.14 7.14
N THR S 125 39.57 -64.35 5.88
CA THR S 125 38.46 -63.64 5.27
C THR S 125 37.33 -64.60 4.97
N LEU S 126 36.11 -64.10 5.11
CA LEU S 126 34.90 -64.91 4.95
C LEU S 126 34.10 -64.40 3.75
N ASP S 127 33.65 -65.32 2.92
CA ASP S 127 32.82 -65.01 1.76
C ASP S 127 31.52 -65.78 1.85
N LEU S 128 30.40 -65.09 1.53
CA LEU S 128 29.09 -65.71 1.64
C LEU S 128 28.85 -66.75 0.54
N GLY S 129 29.62 -66.70 -0.55
CA GLY S 129 29.39 -67.63 -1.65
C GLY S 129 29.56 -69.07 -1.25
N ALA S 130 30.59 -69.38 -0.47
CA ALA S 130 30.83 -70.75 -0.04
C ALA S 130 29.72 -71.26 0.87
N LEU S 131 29.26 -70.42 1.80
CA LEU S 131 28.27 -70.88 2.78
C LEU S 131 26.88 -70.98 2.16
N VAL S 132 26.54 -70.07 1.25
CA VAL S 132 25.23 -70.13 0.61
C VAL S 132 25.15 -71.33 -0.34
N ALA S 133 26.23 -71.57 -1.09
CA ALA S 133 26.22 -72.65 -2.07
C ALA S 133 26.11 -74.02 -1.38
N GLY S 134 25.44 -74.94 -2.06
CA GLY S 134 25.22 -76.26 -1.51
C GLY S 134 24.14 -76.36 -0.46
N SER S 135 23.31 -75.33 -0.32
CA SER S 135 22.26 -75.30 0.69
C SER S 135 20.91 -75.16 0.00
N ARG S 136 19.88 -75.77 0.61
CA ARG S 136 18.52 -75.72 0.10
C ARG S 136 17.71 -74.58 0.73
N TYR S 137 17.77 -74.44 2.05
CA TYR S 137 17.06 -73.39 2.76
C TYR S 137 17.94 -72.90 3.90
N ARG S 138 17.38 -72.00 4.71
CA ARG S 138 18.15 -71.38 5.79
C ARG S 138 18.49 -72.35 6.92
N GLY S 139 17.91 -73.56 6.92
CA GLY S 139 18.32 -74.56 7.89
C GLY S 139 19.77 -74.97 7.71
N ASP S 140 20.21 -75.08 6.45
CA ASP S 140 21.62 -75.37 6.18
C ASP S 140 22.49 -74.14 6.40
N PHE S 141 21.92 -72.94 6.29
CA PHE S 141 22.68 -71.72 6.50
C PHE S 141 23.22 -71.64 7.92
N GLU S 142 22.38 -71.94 8.91
CA GLU S 142 22.78 -71.80 10.30
C GLU S 142 23.80 -72.85 10.70
N GLU S 143 23.72 -74.05 10.11
CA GLU S 143 24.64 -75.13 10.49
C GLU S 143 26.07 -74.77 10.15
N ARG S 144 26.31 -74.29 8.93
CA ARG S 144 27.65 -73.96 8.51
C ARG S 144 28.23 -72.80 9.31
N LEU S 145 27.44 -71.74 9.52
CA LEU S 145 27.93 -70.59 10.27
C LEU S 145 28.20 -70.95 11.72
N LYS S 146 27.31 -71.75 12.34
CA LYS S 146 27.55 -72.15 13.72
C LYS S 146 28.77 -73.06 13.83
N LYS S 147 28.98 -73.93 12.84
CA LYS S 147 30.15 -74.81 12.86
C LYS S 147 31.44 -74.00 12.75
N VAL S 148 31.49 -73.05 11.79
CA VAL S 148 32.71 -72.26 11.65
C VAL S 148 32.90 -71.35 12.87
N LEU S 149 31.82 -70.87 13.46
CA LEU S 149 31.95 -70.01 14.63
C LEU S 149 32.46 -70.78 15.84
N LYS S 150 31.96 -72.00 16.08
CA LYS S 150 32.50 -72.79 17.16
C LYS S 150 33.94 -73.21 16.87
N GLU S 151 34.28 -73.43 15.60
CA GLU S 151 35.65 -73.73 15.24
C GLU S 151 36.59 -72.58 15.59
N ILE S 152 36.20 -71.35 15.21
CA ILE S 152 37.06 -70.21 15.51
C ILE S 152 37.07 -69.90 17.01
N ARG S 153 35.97 -70.17 17.71
CA ARG S 153 35.96 -70.00 19.16
C ARG S 153 36.92 -70.96 19.84
N THR S 154 36.94 -72.22 19.40
CA THR S 154 37.93 -73.17 19.91
C THR S 154 39.34 -72.73 19.54
N ARG S 155 39.53 -72.25 18.31
CA ARG S 155 40.83 -71.75 17.89
C ARG S 155 41.21 -70.50 18.67
N GLY S 156 40.32 -69.52 18.72
CA GLY S 156 40.45 -68.38 19.60
C GLY S 156 41.41 -67.28 19.15
N ASP S 157 42.05 -67.42 17.99
CA ASP S 157 43.01 -66.43 17.53
C ASP S 157 42.81 -66.14 16.04
N ILE S 158 41.57 -65.95 15.63
CA ILE S 158 41.23 -65.68 14.23
C ILE S 158 40.53 -64.33 14.14
N ILE S 159 41.02 -63.47 13.25
CA ILE S 159 40.36 -62.21 12.93
C ILE S 159 39.59 -62.40 11.62
N LEU S 160 38.29 -62.14 11.65
CA LEU S 160 37.43 -62.36 10.49
C LEU S 160 37.26 -61.06 9.73
N PHE S 161 37.66 -61.07 8.45
CA PHE S 161 37.40 -59.96 7.55
C PHE S 161 36.23 -60.33 6.67
N ILE S 162 35.15 -59.56 6.76
CA ILE S 162 33.94 -59.80 5.97
C ILE S 162 33.79 -58.61 5.05
N ASP S 163 34.29 -58.73 3.83
CA ASP S 163 34.11 -57.68 2.84
C ASP S 163 32.64 -57.61 2.45
N ALA S 164 32.21 -56.41 2.07
CA ALA S 164 30.81 -56.13 1.72
C ALA S 164 29.88 -56.48 2.89
N LEU S 165 30.24 -56.02 4.09
CA LEU S 165 29.35 -56.12 5.23
C LEU S 165 28.07 -55.32 5.02
N HIS S 166 28.08 -54.39 4.06
CA HIS S 166 26.87 -53.64 3.74
C HIS S 166 25.76 -54.57 3.23
N THR S 167 26.13 -55.60 2.46
CA THR S 167 25.14 -56.62 2.11
C THR S 167 24.67 -57.37 3.34
N LEU S 168 25.57 -57.63 4.29
CA LEU S 168 25.19 -58.37 5.49
C LEU S 168 24.17 -57.61 6.31
N VAL S 169 24.34 -56.29 6.45
CA VAL S 169 23.46 -55.50 7.29
C VAL S 169 22.15 -55.20 6.58
N GLY S 170 22.23 -54.48 5.46
CA GLY S 170 21.04 -54.10 4.73
C GLY S 170 20.55 -55.16 3.76
N ALA S 171 19.94 -56.22 4.29
CA ALA S 171 19.43 -57.31 3.46
C ALA S 171 18.05 -57.74 3.95
N GLY S 172 17.18 -56.78 4.24
CA GLY S 172 15.84 -57.09 4.69
C GLY S 172 14.78 -56.21 4.05
N ALA S 173 15.14 -55.55 2.95
CA ALA S 173 14.24 -54.64 2.26
C ALA S 173 13.50 -55.29 1.09
N ALA S 174 13.73 -56.58 0.84
CA ALA S 174 13.08 -57.24 -0.28
C ALA S 174 13.02 -58.74 -0.01
N GLU S 175 12.15 -59.42 -0.75
CA GLU S 175 12.00 -60.86 -0.62
C GLU S 175 13.23 -61.58 -1.17
N GLY S 176 13.60 -62.67 -0.51
CA GLY S 176 14.74 -63.46 -0.94
C GLY S 176 16.09 -62.98 -0.45
N ALA S 177 16.14 -61.87 0.28
CA ALA S 177 17.40 -61.35 0.78
C ALA S 177 17.77 -62.04 2.09
N ILE S 178 19.05 -62.39 2.21
CA ILE S 178 19.57 -63.09 3.38
C ILE S 178 20.23 -62.07 4.29
N ASP S 179 19.60 -61.79 5.43
CA ASP S 179 20.10 -60.82 6.39
C ASP S 179 20.71 -61.59 7.56
N ALA S 180 22.03 -61.77 7.51
CA ALA S 180 22.75 -62.49 8.55
C ALA S 180 23.33 -61.58 9.63
N ALA S 181 23.17 -60.26 9.50
CA ALA S 181 23.72 -59.35 10.50
C ALA S 181 23.12 -59.61 11.87
N SER S 182 21.79 -59.78 11.93
CA SER S 182 21.17 -60.19 13.19
C SER S 182 21.70 -61.54 13.64
N ILE S 183 21.91 -62.46 12.70
CA ILE S 183 22.56 -63.72 13.03
C ILE S 183 23.96 -63.47 13.57
N LEU S 184 24.64 -62.47 13.02
CA LEU S 184 25.95 -62.06 13.51
C LEU S 184 25.86 -61.01 14.61
N LYS S 185 24.68 -60.81 15.19
CA LYS S 185 24.50 -59.84 16.27
C LYS S 185 24.96 -60.38 17.63
N PRO S 186 24.49 -61.57 18.09
CA PRO S 186 24.73 -61.95 19.49
C PRO S 186 26.20 -62.05 19.88
N MET S 187 27.00 -62.79 19.10
CA MET S 187 28.39 -63.01 19.46
C MET S 187 29.18 -61.71 19.45
N LEU S 188 28.89 -60.81 18.50
CA LEU S 188 29.53 -59.50 18.51
C LEU S 188 29.15 -58.72 19.76
N ALA S 189 27.95 -58.98 20.31
CA ALA S 189 27.61 -58.42 21.61
C ALA S 189 28.54 -58.95 22.69
N ARG S 190 28.84 -60.25 22.66
CA ARG S 190 29.82 -60.81 23.58
C ARG S 190 31.24 -60.44 23.21
N GLY S 191 31.49 -60.20 21.92
CA GLY S 191 32.80 -59.77 21.47
C GLY S 191 33.92 -60.79 21.65
N GLU S 192 33.64 -62.07 21.38
CA GLU S 192 34.67 -63.10 21.43
C GLU S 192 35.41 -63.26 20.11
N LEU S 193 35.01 -62.52 19.08
CA LEU S 193 35.71 -62.52 17.80
C LEU S 193 35.89 -61.09 17.32
N GLN S 194 36.91 -60.88 16.50
CA GLN S 194 37.21 -59.57 15.92
C GLN S 194 36.83 -59.59 14.45
N THR S 195 36.08 -58.57 14.01
CA THR S 195 35.62 -58.49 12.64
C THR S 195 36.03 -57.17 12.01
N ILE S 196 36.32 -57.23 10.71
CA ILE S 196 36.73 -56.07 9.94
C ILE S 196 35.84 -55.96 8.72
N GLY S 197 35.29 -54.77 8.47
CA GLY S 197 34.38 -54.57 7.36
C GLY S 197 34.80 -53.40 6.50
N ALA S 198 34.21 -53.32 5.32
CA ALA S 198 34.45 -52.23 4.38
C ALA S 198 33.14 -51.85 3.71
N THR S 199 32.88 -50.55 3.60
CA THR S 199 31.63 -50.07 3.01
C THR S 199 31.82 -48.62 2.60
N THR S 200 31.25 -48.26 1.45
CA THR S 200 31.28 -46.88 0.99
C THR S 200 30.38 -46.01 1.87
N LEU S 201 30.61 -44.70 1.80
CA LEU S 201 30.03 -43.79 2.79
C LEU S 201 28.52 -43.66 2.64
N ASP S 202 28.02 -43.61 1.40
CA ASP S 202 26.58 -43.38 1.22
C ASP S 202 25.76 -44.56 1.73
N GLU S 203 26.16 -45.79 1.40
CA GLU S 203 25.47 -46.95 1.91
C GLU S 203 25.60 -47.04 3.43
N TYR S 204 26.78 -46.71 3.96
CA TYR S 204 27.00 -46.73 5.39
C TYR S 204 26.04 -45.77 6.09
N ARG S 205 25.85 -44.58 5.52
CA ARG S 205 24.92 -43.62 6.11
C ARG S 205 23.47 -44.06 5.93
N LYS S 206 23.18 -44.77 4.82
CA LYS S 206 21.80 -45.16 4.56
C LYS S 206 21.36 -46.31 5.46
N HIS S 207 22.24 -47.28 5.72
CA HIS S 207 21.91 -48.46 6.51
C HIS S 207 22.60 -48.49 7.86
N LEU S 208 23.92 -48.36 7.89
CA LEU S 208 24.68 -48.67 9.11
C LEU S 208 24.33 -47.70 10.24
N GLU S 209 24.36 -46.39 9.97
CA GLU S 209 24.08 -45.42 11.02
C GLU S 209 22.58 -45.23 11.25
N LYS S 210 21.73 -45.77 10.37
CA LYS S 210 20.30 -45.68 10.58
C LYS S 210 19.89 -46.39 11.86
N ASP S 211 20.46 -47.57 12.11
CA ASP S 211 20.27 -48.29 13.36
C ASP S 211 21.42 -47.93 14.30
N ALA S 212 21.07 -47.50 15.52
CA ALA S 212 22.07 -47.07 16.48
C ALA S 212 22.56 -48.20 17.39
N ALA S 213 22.06 -49.43 17.20
CA ALA S 213 22.41 -50.52 18.11
C ALA S 213 23.83 -51.02 17.88
N LEU S 214 24.25 -51.10 16.62
CA LEU S 214 25.51 -51.76 16.27
C LEU S 214 26.71 -50.82 16.29
N GLU S 215 26.51 -49.53 16.57
CA GLU S 215 27.63 -48.62 16.71
C GLU S 215 28.45 -48.88 17.97
N ARG S 216 27.96 -49.71 18.88
CA ARG S 216 28.72 -50.08 20.07
C ARG S 216 29.91 -50.97 19.75
N ARG S 217 30.01 -51.47 18.52
CA ARG S 217 31.11 -52.32 18.12
C ARG S 217 31.87 -51.84 16.89
N PHE S 218 31.22 -51.10 16.00
CA PHE S 218 31.84 -50.67 14.74
C PHE S 218 32.41 -49.27 14.88
N GLN S 219 33.65 -49.10 14.41
CA GLN S 219 34.33 -47.81 14.40
C GLN S 219 34.69 -47.45 12.97
N PRO S 220 34.28 -46.29 12.46
CA PRO S 220 34.61 -45.92 11.08
C PRO S 220 36.03 -45.40 10.95
N ILE S 221 36.65 -45.75 9.82
CA ILE S 221 37.98 -45.26 9.47
C ILE S 221 37.93 -44.75 8.04
N GLN S 222 38.22 -43.46 7.86
CA GLN S 222 38.12 -42.86 6.54
C GLN S 222 39.29 -43.28 5.65
N VAL S 223 38.99 -43.51 4.38
CA VAL S 223 39.99 -43.81 3.36
C VAL S 223 39.75 -42.87 2.19
N ALA S 224 40.79 -42.14 1.78
CA ALA S 224 40.69 -41.15 0.72
C ALA S 224 41.47 -41.60 -0.50
N GLU S 225 41.24 -40.90 -1.61
CA GLU S 225 41.93 -41.22 -2.85
C GLU S 225 43.43 -40.89 -2.72
N PRO S 226 44.29 -41.70 -3.33
CA PRO S 226 45.72 -41.38 -3.31
C PRO S 226 46.02 -40.14 -4.13
N SER S 227 47.07 -39.44 -3.74
CA SER S 227 47.51 -38.26 -4.45
C SER S 227 48.29 -38.65 -5.71
N LEU S 228 48.56 -37.67 -6.56
CA LEU S 228 49.31 -37.92 -7.78
C LEU S 228 50.69 -38.50 -7.51
N PRO S 229 51.51 -37.93 -6.62
CA PRO S 229 52.76 -38.62 -6.27
C PRO S 229 52.52 -39.98 -5.65
N HIS S 230 51.47 -40.12 -4.85
CA HIS S 230 51.12 -41.42 -4.29
C HIS S 230 50.77 -42.41 -5.39
N THR S 231 50.01 -41.97 -6.40
CA THR S 231 49.69 -42.83 -7.52
C THR S 231 50.95 -43.23 -8.29
N ILE S 232 51.88 -42.28 -8.48
CA ILE S 232 53.13 -42.59 -9.16
C ILE S 232 53.91 -43.64 -8.38
N GLU S 233 53.98 -43.50 -7.05
CA GLU S 233 54.68 -44.47 -6.23
C GLU S 233 54.01 -45.84 -6.29
N ILE S 234 52.68 -45.87 -6.29
CA ILE S 234 51.96 -47.14 -6.40
C ILE S 234 52.26 -47.82 -7.73
N LEU S 235 52.25 -47.05 -8.82
CA LEU S 235 52.57 -47.61 -10.13
C LEU S 235 54.00 -48.11 -10.19
N LYS S 236 54.93 -47.37 -9.59
CA LYS S 236 56.32 -47.83 -9.54
C LYS S 236 56.46 -49.12 -8.73
N GLY S 237 55.68 -49.26 -7.66
CA GLY S 237 55.70 -50.50 -6.90
C GLY S 237 55.15 -51.67 -7.68
N LEU S 238 54.03 -51.47 -8.39
CA LEU S 238 53.37 -52.56 -9.10
C LEU S 238 54.00 -52.86 -10.45
N ARG S 239 54.87 -51.97 -10.96
CA ARG S 239 55.48 -52.20 -12.26
C ARG S 239 56.35 -53.44 -12.26
N ASP S 240 57.02 -53.73 -11.13
CA ASP S 240 57.85 -54.92 -11.08
C ASP S 240 57.02 -56.17 -11.36
N ARG S 241 55.91 -56.34 -10.64
CA ARG S 241 55.05 -57.50 -10.84
C ARG S 241 54.46 -57.53 -12.24
N TYR S 242 54.00 -56.37 -12.73
CA TYR S 242 53.32 -56.38 -14.03
C TYR S 242 54.29 -56.65 -15.18
N GLU S 243 55.48 -56.07 -15.14
CA GLU S 243 56.48 -56.36 -16.17
C GLU S 243 57.00 -57.80 -16.05
N ALA S 244 57.07 -58.33 -14.82
CA ALA S 244 57.45 -59.73 -14.67
C ALA S 244 56.41 -60.66 -15.29
N HIS S 245 55.13 -60.34 -15.10
CA HIS S 245 54.08 -61.20 -15.66
C HIS S 245 54.01 -61.08 -17.18
N HIS S 246 54.03 -59.86 -17.70
CA HIS S 246 53.80 -59.63 -19.12
C HIS S 246 55.09 -59.58 -19.94
N ARG S 247 56.25 -59.77 -19.30
CA ARG S 247 57.57 -59.68 -19.95
C ARG S 247 57.67 -58.44 -20.85
N VAL S 248 57.28 -57.30 -20.29
CA VAL S 248 57.36 -56.01 -20.98
C VAL S 248 58.35 -55.14 -20.22
N SER S 249 58.83 -54.09 -20.89
CA SER S 249 59.60 -53.03 -20.26
C SER S 249 58.87 -51.71 -20.47
N ILE S 250 58.75 -50.92 -19.40
CA ILE S 250 58.01 -49.67 -19.43
C ILE S 250 58.89 -48.56 -18.87
N THR S 251 58.49 -47.33 -19.16
CA THR S 251 59.25 -46.14 -18.78
C THR S 251 58.49 -45.35 -17.72
N ASP S 252 59.25 -44.58 -16.94
CA ASP S 252 58.65 -43.75 -15.90
C ASP S 252 57.73 -42.69 -16.49
N GLU S 253 58.15 -42.06 -17.59
CA GLU S 253 57.31 -41.06 -18.22
C GLU S 253 56.00 -41.66 -18.72
N ALA S 254 56.02 -42.92 -19.15
CA ALA S 254 54.79 -43.59 -19.54
C ALA S 254 53.83 -43.71 -18.35
N LEU S 255 54.37 -44.09 -17.18
CA LEU S 255 53.53 -44.19 -15.99
C LEU S 255 52.97 -42.82 -15.59
N VAL S 256 53.80 -41.78 -15.66
CA VAL S 256 53.34 -40.44 -15.30
C VAL S 256 52.23 -39.98 -16.26
N GLN S 257 52.43 -40.20 -17.56
CA GLN S 257 51.41 -39.83 -18.53
C GLN S 257 50.12 -40.61 -18.32
N ALA S 258 50.23 -41.91 -18.02
CA ALA S 258 49.06 -42.73 -17.76
C ALA S 258 48.29 -42.19 -16.57
N ALA S 259 49.00 -41.89 -15.48
CA ALA S 259 48.34 -41.39 -14.28
C ALA S 259 47.66 -40.04 -14.54
N THR S 260 48.37 -39.14 -15.24
CA THR S 260 47.79 -37.82 -15.51
C THR S 260 46.56 -37.93 -16.39
N LEU S 261 46.62 -38.73 -17.45
CA LEU S 261 45.47 -38.88 -18.34
C LEU S 261 44.31 -39.54 -17.62
N ALA S 262 44.58 -40.55 -16.79
CA ALA S 262 43.51 -41.21 -16.06
C ALA S 262 42.84 -40.26 -15.07
N ASP S 263 43.64 -39.43 -14.39
CA ASP S 263 43.06 -38.48 -13.45
C ASP S 263 42.28 -37.38 -14.18
N ARG S 264 42.74 -36.99 -15.36
CA ARG S 264 42.21 -35.79 -16.00
C ARG S 264 40.98 -36.10 -16.86
N TYR S 265 41.00 -37.20 -17.61
CA TYR S 265 39.92 -37.44 -18.56
C TYR S 265 38.81 -38.32 -17.98
N ILE S 266 39.13 -39.55 -17.60
CA ILE S 266 38.11 -40.49 -17.16
C ILE S 266 37.77 -40.21 -15.70
N SER S 267 36.48 -40.14 -15.40
CA SER S 267 36.02 -39.75 -14.07
C SER S 267 35.04 -40.72 -13.43
N ASP S 268 34.45 -41.65 -14.17
CA ASP S 268 33.48 -42.57 -13.57
C ASP S 268 34.13 -43.45 -12.50
N ARG S 269 35.33 -43.95 -12.76
CA ARG S 269 36.09 -44.69 -11.77
C ARG S 269 36.94 -43.72 -10.95
N PHE S 270 37.88 -44.24 -10.18
CA PHE S 270 38.69 -43.44 -9.29
C PHE S 270 40.17 -43.68 -9.56
N LEU S 271 40.99 -42.74 -9.07
CA LEU S 271 42.38 -42.61 -9.51
C LEU S 271 43.22 -43.89 -9.43
N PRO S 272 43.22 -44.66 -8.32
CA PRO S 272 44.13 -45.80 -8.25
C PRO S 272 43.88 -46.88 -9.30
N ASP S 273 42.65 -47.42 -9.33
CA ASP S 273 42.40 -48.62 -10.14
C ASP S 273 42.57 -48.36 -11.63
N LYS S 274 42.13 -47.18 -12.10
CA LYS S 274 42.17 -46.91 -13.54
C LYS S 274 43.59 -46.91 -14.09
N ALA S 275 44.57 -46.52 -13.28
CA ALA S 275 45.96 -46.54 -13.74
C ALA S 275 46.43 -47.96 -14.00
N ILE S 276 46.17 -48.87 -13.07
CA ILE S 276 46.49 -50.28 -13.29
C ILE S 276 45.72 -50.83 -14.49
N ASP S 277 44.46 -50.42 -14.64
CA ASP S 277 43.68 -50.86 -15.79
C ASP S 277 44.34 -50.44 -17.10
N LEU S 278 44.77 -49.18 -17.18
CA LEU S 278 45.40 -48.69 -18.40
C LEU S 278 46.73 -49.38 -18.66
N ILE S 279 47.52 -49.61 -17.61
CA ILE S 279 48.82 -50.28 -17.79
C ILE S 279 48.60 -51.71 -18.28
N ASP S 280 47.63 -52.42 -17.70
CA ASP S 280 47.33 -53.78 -18.14
C ASP S 280 46.84 -53.79 -19.58
N GLU S 281 45.99 -52.83 -19.94
CA GLU S 281 45.51 -52.76 -21.32
C GLU S 281 46.66 -52.53 -22.29
N ALA S 282 47.58 -51.62 -21.95
CA ALA S 282 48.71 -51.36 -22.84
C ALA S 282 49.62 -52.58 -22.98
N GLY S 283 49.89 -53.26 -21.87
CA GLY S 283 50.72 -54.46 -21.94
C GLY S 283 50.09 -55.54 -22.79
N SER S 284 48.80 -55.79 -22.58
CA SER S 284 48.10 -56.79 -23.39
C SER S 284 48.06 -56.38 -24.85
N ARG S 285 47.86 -55.09 -25.13
CA ARG S 285 47.81 -54.62 -26.51
C ARG S 285 49.14 -54.84 -27.22
N MET S 286 50.25 -54.54 -26.53
CA MET S 286 51.54 -54.81 -27.16
C MET S 286 51.76 -56.30 -27.34
N ARG S 287 51.35 -57.11 -26.36
CA ARG S 287 51.59 -58.55 -26.45
C ARG S 287 50.83 -59.17 -27.61
N ILE S 288 49.56 -58.80 -27.79
CA ILE S 288 48.74 -59.43 -28.83
C ILE S 288 49.21 -59.01 -30.22
N ARG S 289 49.59 -57.74 -30.39
CA ARG S 289 50.04 -57.26 -31.69
C ARG S 289 51.40 -57.81 -32.08
N ARG S 290 52.14 -58.41 -31.14
CA ARG S 290 53.45 -58.95 -31.45
C ARG S 290 53.60 -60.35 -30.85
N VAL S 352 64.02 -54.33 -27.99
CA VAL S 352 63.32 -54.84 -26.82
C VAL S 352 61.93 -54.21 -26.72
N ALA S 353 61.08 -54.80 -25.89
CA ALA S 353 59.74 -54.27 -25.68
C ALA S 353 59.80 -52.93 -24.96
N GLU S 354 58.94 -52.00 -25.36
CA GLU S 354 58.92 -50.67 -24.76
C GLU S 354 57.50 -50.13 -24.80
N VAL S 355 57.12 -49.41 -23.74
CA VAL S 355 55.83 -48.76 -23.63
C VAL S 355 56.06 -47.29 -23.30
N ASP S 356 55.46 -46.41 -24.09
CA ASP S 356 55.59 -44.97 -23.90
C ASP S 356 54.22 -44.35 -23.64
N GLY S 357 54.23 -43.02 -23.48
CA GLY S 357 52.98 -42.31 -23.26
C GLY S 357 52.03 -42.36 -24.44
N GLU S 358 52.58 -42.38 -25.65
CA GLU S 358 51.74 -42.49 -26.85
C GLU S 358 50.99 -43.82 -26.86
N LEU S 359 51.65 -44.89 -26.44
CA LEU S 359 50.98 -46.19 -26.35
C LEU S 359 49.80 -46.13 -25.39
N ILE S 360 50.00 -45.49 -24.23
CA ILE S 360 48.91 -45.35 -23.26
C ILE S 360 47.78 -44.53 -23.84
N ALA S 361 48.13 -43.45 -24.55
CA ALA S 361 47.10 -42.60 -25.15
C ALA S 361 46.29 -43.35 -26.19
N GLU S 362 46.95 -44.18 -27.00
CA GLU S 362 46.26 -44.85 -28.09
C GLU S 362 45.52 -46.10 -27.62
N VAL S 363 45.92 -46.66 -26.48
CA VAL S 363 45.33 -47.91 -25.99
C VAL S 363 43.97 -47.63 -25.35
N LEU S 364 43.56 -46.35 -25.35
CA LEU S 364 42.26 -46.01 -24.79
C LEU S 364 41.13 -46.73 -25.51
N ALA S 365 41.30 -47.03 -26.81
CA ALA S 365 40.34 -47.81 -27.59
C ALA S 365 38.96 -47.17 -27.57
N THR S 366 38.15 -47.55 -26.59
CA THR S 366 36.81 -46.95 -26.47
C THR S 366 36.89 -45.46 -26.15
N ALA S 367 37.91 -45.05 -25.41
CA ALA S 367 38.12 -43.64 -25.08
C ALA S 367 39.01 -42.92 -26.07
N THR S 368 39.44 -43.60 -27.13
CA THR S 368 40.26 -42.95 -28.15
C THR S 368 39.46 -41.87 -28.87
N GLY S 369 40.13 -40.76 -29.18
CA GLY S 369 39.49 -39.56 -29.69
C GLY S 369 39.20 -38.54 -28.60
N ILE S 370 38.84 -39.01 -27.41
CA ILE S 370 38.78 -38.11 -26.25
C ILE S 370 40.12 -37.44 -25.97
N PRO S 371 41.29 -38.13 -26.10
CA PRO S 371 42.56 -37.45 -25.74
C PRO S 371 42.99 -36.39 -26.72
N VAL S 372 42.05 -35.94 -27.57
CA VAL S 372 42.20 -34.82 -28.50
C VAL S 372 43.54 -34.91 -29.25
N PHE S 373 43.61 -35.86 -30.18
CA PHE S 373 44.81 -36.06 -30.98
C PHE S 373 44.94 -34.97 -32.04
N LYS S 374 45.16 -33.75 -31.55
CA LYS S 374 45.41 -32.61 -32.43
C LYS S 374 46.88 -32.60 -32.83
N LEU S 375 47.37 -33.74 -33.30
CA LEU S 375 48.77 -34.02 -33.63
C LEU S 375 49.67 -34.05 -32.41
N THR S 376 49.16 -33.74 -31.22
CA THR S 376 49.94 -33.72 -29.98
C THR S 376 49.01 -33.46 -28.81
N GLU S 377 49.55 -33.71 -27.62
CA GLU S 377 48.93 -33.34 -26.34
C GLU S 377 49.41 -31.94 -25.95
N GLU S 378 49.27 -31.58 -24.67
CA GLU S 378 49.71 -30.28 -24.16
C GLU S 378 48.91 -29.14 -24.80
N GLU S 379 47.64 -29.08 -24.39
CA GLU S 379 46.64 -28.14 -24.88
C GLU S 379 47.03 -26.68 -24.66
N SER S 380 48.21 -26.44 -24.09
CA SER S 380 48.68 -25.07 -23.85
C SER S 380 48.74 -24.26 -25.14
N SER S 381 49.07 -24.90 -26.27
CA SER S 381 49.10 -24.17 -27.53
C SER S 381 47.71 -23.65 -27.91
N ARG S 382 46.69 -24.49 -27.74
CA ARG S 382 45.32 -24.04 -27.98
C ARG S 382 44.91 -22.98 -26.96
N LEU S 383 45.37 -23.13 -25.72
CA LEU S 383 45.13 -22.09 -24.72
C LEU S 383 45.70 -20.76 -25.19
N LEU S 384 46.86 -20.79 -25.84
CA LEU S 384 47.47 -19.57 -26.35
C LEU S 384 46.68 -19.00 -27.53
N ARG S 385 46.30 -19.84 -28.48
CA ARG S 385 45.74 -19.38 -29.75
C ARG S 385 44.23 -19.65 -29.87
N MET S 386 43.52 -19.67 -28.75
CA MET S 386 42.08 -19.91 -28.73
C MET S 386 41.24 -18.69 -29.10
N GLU S 387 41.86 -17.52 -29.30
CA GLU S 387 41.08 -16.35 -29.70
C GLU S 387 40.36 -16.59 -31.02
N ASP S 388 41.08 -17.09 -32.03
CA ASP S 388 40.47 -17.39 -33.30
C ASP S 388 39.50 -18.56 -33.19
N GLU S 389 39.84 -19.56 -32.38
CA GLU S 389 38.96 -20.71 -32.22
C GLU S 389 37.62 -20.32 -31.61
N LEU S 390 37.60 -19.26 -30.81
CA LEU S 390 36.32 -18.73 -30.33
C LEU S 390 35.66 -17.83 -31.38
N HIS S 391 36.45 -16.97 -32.04
CA HIS S 391 35.88 -16.04 -33.00
C HIS S 391 35.32 -16.72 -34.23
N LYS S 392 35.67 -17.97 -34.49
CA LYS S 392 35.10 -18.68 -35.64
C LYS S 392 33.64 -19.05 -35.42
N ARG S 393 33.13 -18.92 -34.19
CA ARG S 393 31.73 -19.18 -33.89
C ARG S 393 31.01 -17.97 -33.30
N VAL S 394 31.71 -17.16 -32.50
CA VAL S 394 31.14 -15.95 -31.92
C VAL S 394 31.62 -14.76 -32.73
N ILE S 395 30.68 -13.89 -33.12
CA ILE S 395 30.95 -12.77 -34.00
C ILE S 395 30.48 -11.48 -33.33
N GLY S 396 31.33 -10.47 -33.34
CA GLY S 396 30.94 -9.13 -32.90
C GLY S 396 31.17 -8.83 -31.44
N GLN S 397 31.98 -9.62 -30.75
CA GLN S 397 32.27 -9.42 -29.33
C GLN S 397 33.77 -9.50 -29.09
N VAL S 398 34.54 -8.76 -29.91
CA VAL S 398 35.99 -8.86 -29.88
C VAL S 398 36.54 -8.48 -28.51
N ASP S 399 36.04 -7.40 -27.92
CA ASP S 399 36.53 -6.97 -26.62
C ASP S 399 36.26 -8.01 -25.55
N ALA S 400 35.02 -8.52 -25.49
CA ALA S 400 34.67 -9.52 -24.49
C ALA S 400 35.45 -10.81 -24.71
N VAL S 401 35.62 -11.21 -25.97
CA VAL S 401 36.37 -12.43 -26.28
C VAL S 401 37.82 -12.28 -25.84
N LYS S 402 38.43 -11.13 -26.12
CA LYS S 402 39.81 -10.90 -25.70
C LYS S 402 39.93 -10.91 -24.18
N ALA S 403 38.98 -10.26 -23.49
CA ALA S 403 39.02 -10.26 -22.03
C ALA S 403 38.90 -11.67 -21.47
N LEU S 404 37.98 -12.47 -22.01
CA LEU S 404 37.82 -13.84 -21.56
C LEU S 404 39.07 -14.67 -21.84
N SER S 405 39.69 -14.46 -23.01
CA SER S 405 40.92 -15.17 -23.32
C SER S 405 42.04 -14.83 -22.34
N LYS S 406 42.19 -13.54 -22.03
CA LYS S 406 43.20 -13.12 -21.07
C LYS S 406 42.94 -13.75 -19.70
N ALA S 407 41.67 -13.75 -19.28
CA ALA S 407 41.33 -14.32 -17.98
C ALA S 407 41.60 -15.81 -17.93
N ILE S 408 41.27 -16.53 -19.01
CA ILE S 408 41.54 -17.96 -19.05
C ILE S 408 43.03 -18.22 -19.03
N ARG S 409 43.80 -17.35 -19.69
CA ARG S 409 45.26 -17.49 -19.63
C ARG S 409 45.77 -17.30 -18.20
N ARG S 410 45.20 -16.34 -17.47
CA ARG S 410 45.58 -16.18 -16.08
C ARG S 410 45.22 -17.41 -15.25
N THR S 411 44.04 -17.98 -15.48
CA THR S 411 43.53 -19.05 -14.65
C THR S 411 44.06 -20.43 -15.02
N ARG S 412 44.71 -20.57 -16.18
CA ARG S 412 45.22 -21.86 -16.62
C ARG S 412 46.75 -21.87 -16.75
N ALA S 413 47.44 -20.87 -16.22
CA ALA S 413 48.88 -20.82 -16.27
C ALA S 413 49.55 -21.42 -15.03
N GLY S 414 48.76 -21.95 -14.09
CA GLY S 414 49.31 -22.49 -12.86
C GLY S 414 49.69 -21.44 -11.84
N LEU S 415 49.28 -20.20 -12.01
CA LEU S 415 49.70 -19.11 -11.14
C LEU S 415 48.78 -18.86 -9.97
N LYS S 416 47.47 -18.90 -10.18
CA LYS S 416 46.55 -18.56 -9.10
C LYS S 416 46.33 -19.74 -8.16
N ASP S 417 45.90 -19.41 -6.96
CA ASP S 417 45.82 -20.38 -5.86
C ASP S 417 44.84 -21.49 -6.18
N PRO S 418 45.19 -22.77 -5.98
CA PRO S 418 44.23 -23.85 -6.23
C PRO S 418 42.97 -23.78 -5.36
N LYS S 419 43.01 -23.06 -4.23
CA LYS S 419 41.80 -22.93 -3.42
C LYS S 419 40.69 -22.22 -4.18
N ARG S 420 41.05 -21.37 -5.13
CA ARG S 420 40.07 -20.74 -5.99
C ARG S 420 39.62 -21.70 -7.10
N PRO S 421 38.42 -21.50 -7.64
CA PRO S 421 37.94 -22.37 -8.71
C PRO S 421 38.63 -22.11 -10.04
N GLY S 422 38.20 -22.81 -11.09
CA GLY S 422 38.82 -22.63 -12.39
C GLY S 422 38.64 -21.22 -12.95
N GLY S 423 37.48 -20.62 -12.71
CA GLY S 423 37.25 -19.27 -13.17
C GLY S 423 35.87 -18.81 -12.74
N SER S 424 35.72 -17.49 -12.66
CA SER S 424 34.47 -16.87 -12.22
C SER S 424 34.19 -15.65 -13.10
N PHE S 425 33.11 -15.70 -13.87
CA PHE S 425 32.80 -14.65 -14.82
C PHE S 425 31.34 -14.23 -14.71
N ILE S 426 31.10 -12.94 -14.92
CA ILE S 426 29.76 -12.38 -14.92
C ILE S 426 29.52 -11.73 -16.27
N PHE S 427 28.52 -12.20 -17.00
CA PHE S 427 28.19 -11.72 -18.33
C PHE S 427 27.00 -10.78 -18.24
N ALA S 428 27.19 -9.52 -18.63
CA ALA S 428 26.13 -8.52 -18.62
C ALA S 428 25.92 -8.00 -20.03
N GLY S 429 24.67 -8.02 -20.48
CA GLY S 429 24.33 -7.51 -21.79
C GLY S 429 22.84 -7.62 -22.07
N PRO S 430 22.43 -7.13 -23.23
CA PRO S 430 21.01 -7.23 -23.62
C PRO S 430 20.68 -8.63 -24.12
N SER S 431 19.45 -8.80 -24.57
CA SER S 431 18.98 -10.07 -25.09
C SER S 431 19.34 -10.20 -26.56
N GLY S 432 19.52 -11.45 -27.00
CA GLY S 432 19.83 -11.72 -28.39
C GLY S 432 21.28 -11.53 -28.77
N VAL S 433 22.17 -11.39 -27.80
CA VAL S 433 23.60 -11.24 -28.07
C VAL S 433 24.32 -12.52 -27.69
N GLY S 434 25.57 -12.63 -28.11
CA GLY S 434 26.32 -13.86 -27.92
C GLY S 434 26.84 -14.08 -26.52
N LYS S 435 25.94 -14.29 -25.56
CA LYS S 435 26.31 -14.69 -24.21
C LYS S 435 26.25 -16.19 -24.02
N THR S 436 25.07 -16.79 -24.22
CA THR S 436 24.95 -18.23 -24.13
C THR S 436 25.77 -18.93 -25.20
N GLU S 437 25.81 -18.36 -26.41
CA GLU S 437 26.63 -18.93 -27.47
C GLU S 437 28.11 -18.87 -27.10
N LEU S 438 28.55 -17.76 -26.51
CA LEU S 438 29.94 -17.65 -26.07
C LEU S 438 30.26 -18.67 -24.99
N SER S 439 29.35 -18.86 -24.04
CA SER S 439 29.57 -19.86 -23.00
C SER S 439 29.65 -21.27 -23.59
N LYS S 440 28.76 -21.58 -24.53
CA LYS S 440 28.79 -22.89 -25.18
C LYS S 440 30.09 -23.09 -25.95
N ALA S 441 30.56 -22.06 -26.66
CA ALA S 441 31.82 -22.17 -27.38
C ALA S 441 32.99 -22.36 -26.44
N LEU S 442 32.98 -21.65 -25.31
CA LEU S 442 34.04 -21.80 -24.32
C LEU S 442 34.07 -23.21 -23.75
N ALA S 443 32.90 -23.76 -23.42
CA ALA S 443 32.84 -25.13 -22.93
C ALA S 443 33.29 -26.12 -23.99
N GLU S 444 32.89 -25.90 -25.25
CA GLU S 444 33.31 -26.78 -26.34
C GLU S 444 34.82 -26.77 -26.50
N PHE S 445 35.44 -25.59 -26.40
CA PHE S 445 36.89 -25.54 -26.54
C PHE S 445 37.59 -26.19 -25.36
N LEU S 446 37.15 -25.88 -24.13
CA LEU S 446 37.85 -26.39 -22.95
C LEU S 446 37.72 -27.90 -22.82
N PHE S 447 36.54 -28.46 -23.07
CA PHE S 447 36.31 -29.87 -22.79
C PHE S 447 35.94 -30.69 -24.02
N GLY S 448 35.92 -30.10 -25.21
CA GLY S 448 35.68 -30.87 -26.41
C GLY S 448 34.29 -31.44 -26.56
N ASP S 449 33.31 -30.93 -25.80
CA ASP S 449 31.96 -31.44 -25.86
C ASP S 449 30.99 -30.33 -25.48
N GLU S 450 29.82 -30.34 -26.12
CA GLU S 450 28.77 -29.39 -25.79
C GLU S 450 27.97 -29.81 -24.56
N ASP S 451 28.08 -31.07 -24.15
CA ASP S 451 27.40 -31.56 -22.96
C ASP S 451 28.15 -31.23 -21.68
N ALA S 452 29.35 -30.66 -21.77
CA ALA S 452 30.08 -30.24 -20.59
C ALA S 452 29.64 -28.85 -20.17
N LEU S 453 28.32 -28.68 -19.99
CA LEU S 453 27.77 -27.38 -19.62
C LEU S 453 26.56 -27.64 -18.73
N ILE S 454 26.71 -27.37 -17.44
CA ILE S 454 25.62 -27.52 -16.47
C ILE S 454 24.95 -26.16 -16.35
N SER S 455 23.82 -25.99 -17.04
CA SER S 455 23.11 -24.72 -17.06
C SER S 455 21.92 -24.78 -16.12
N LEU S 456 21.81 -23.79 -15.24
CA LEU S 456 20.73 -23.72 -14.26
C LEU S 456 20.12 -22.33 -14.30
N ASP S 457 18.79 -22.27 -14.30
CA ASP S 457 18.07 -21.01 -14.28
C ASP S 457 17.68 -20.66 -12.85
N MET S 458 18.07 -19.46 -12.41
CA MET S 458 17.75 -19.02 -11.06
C MET S 458 16.31 -18.55 -10.92
N SER S 459 15.58 -18.42 -12.03
CA SER S 459 14.16 -18.08 -11.94
C SER S 459 13.37 -19.18 -11.26
N GLU S 460 13.85 -20.42 -11.33
CA GLU S 460 13.20 -21.53 -10.63
C GLU S 460 13.30 -21.40 -9.12
N PHE S 461 14.25 -20.61 -8.62
CA PHE S 461 14.52 -20.49 -7.19
C PHE S 461 14.22 -19.08 -6.68
N SER S 462 13.09 -18.52 -7.10
CA SER S 462 12.71 -17.19 -6.64
C SER S 462 12.49 -17.16 -5.14
N GLU S 463 11.81 -18.18 -4.60
CA GLU S 463 11.62 -18.31 -3.16
C GLU S 463 12.54 -19.41 -2.64
N LYS S 464 12.95 -19.27 -1.38
CA LYS S 464 14.08 -20.04 -0.87
C LYS S 464 13.77 -21.52 -0.70
N HIS S 465 12.51 -21.94 -0.77
CA HIS S 465 12.18 -23.33 -0.46
C HIS S 465 12.82 -24.32 -1.42
N THR S 466 13.16 -23.88 -2.64
CA THR S 466 13.81 -24.74 -3.62
C THR S 466 15.33 -24.62 -3.58
N VAL S 467 15.89 -23.72 -2.77
CA VAL S 467 17.33 -23.51 -2.77
C VAL S 467 18.06 -24.78 -2.33
N SER S 468 17.57 -25.44 -1.28
CA SER S 468 18.17 -26.70 -0.86
C SER S 468 18.12 -27.75 -1.95
N ARG S 469 17.18 -27.63 -2.90
CA ARG S 469 17.13 -28.56 -4.02
C ARG S 469 18.42 -28.54 -4.84
N LEU S 470 19.19 -27.45 -4.77
CA LEU S 470 20.44 -27.36 -5.50
C LEU S 470 21.65 -27.73 -4.66
N PHE S 471 21.46 -28.09 -3.38
CA PHE S 471 22.59 -28.38 -2.51
C PHE S 471 22.35 -29.62 -1.65
N GLY S 472 21.57 -30.58 -2.13
CA GLY S 472 21.36 -31.81 -1.40
C GLY S 472 20.28 -31.70 -0.35
N SER S 473 19.36 -32.66 -0.34
CA SER S 473 18.27 -32.63 0.63
C SER S 473 18.77 -33.09 2.00
N PRO S 474 18.53 -32.31 3.04
CA PRO S 474 18.82 -32.77 4.41
C PRO S 474 17.93 -33.94 4.79
N PRO S 475 18.34 -34.76 5.75
CA PRO S 475 17.52 -35.92 6.13
C PRO S 475 16.16 -35.50 6.64
N GLY S 476 15.16 -36.33 6.33
CA GLY S 476 13.79 -36.11 6.78
C GLY S 476 12.86 -35.51 5.74
N TYR S 477 13.30 -35.34 4.51
CA TYR S 477 12.49 -34.74 3.45
C TYR S 477 11.93 -35.82 2.53
N VAL S 478 10.96 -35.41 1.71
CA VAL S 478 10.36 -36.29 0.71
C VAL S 478 11.22 -36.17 -0.54
N GLY S 479 12.26 -37.00 -0.61
CA GLY S 479 13.21 -36.91 -1.69
C GLY S 479 14.63 -36.78 -1.18
N TYR S 480 14.82 -37.08 0.10
CA TYR S 480 16.15 -36.99 0.70
C TYR S 480 17.09 -38.03 0.12
N GLU S 481 16.54 -39.17 -0.31
CA GLU S 481 17.36 -40.21 -0.92
C GLU S 481 18.03 -39.74 -2.21
N GLU S 482 17.51 -38.69 -2.83
CA GLU S 482 18.09 -38.12 -4.04
C GLU S 482 18.78 -36.80 -3.68
N GLY S 483 20.01 -36.63 -4.14
CA GLY S 483 20.78 -35.44 -3.83
C GLY S 483 20.37 -34.24 -4.67
N GLY S 484 21.07 -33.14 -4.44
CA GLY S 484 20.81 -31.92 -5.16
C GLY S 484 21.27 -32.01 -6.61
N GLN S 485 20.81 -31.04 -7.40
CA GLN S 485 21.11 -31.04 -8.82
C GLN S 485 22.57 -30.65 -9.10
N LEU S 486 23.06 -29.63 -8.39
CA LEU S 486 24.38 -29.08 -8.70
C LEU S 486 25.49 -30.03 -8.29
N THR S 487 25.35 -30.70 -7.15
CA THR S 487 26.45 -31.49 -6.60
C THR S 487 26.67 -32.78 -7.39
N GLU S 488 25.61 -33.54 -7.64
CA GLU S 488 25.77 -34.85 -8.27
C GLU S 488 26.26 -34.71 -9.71
N LYS S 489 25.96 -33.60 -10.37
CA LYS S 489 26.48 -33.38 -11.71
C LYS S 489 27.99 -33.14 -11.68
N VAL S 490 28.50 -32.47 -10.65
CA VAL S 490 29.94 -32.35 -10.49
C VAL S 490 30.56 -33.70 -10.14
N ARG S 491 29.85 -34.50 -9.35
CA ARG S 491 30.28 -35.88 -9.10
C ARG S 491 30.41 -36.66 -10.41
N ARG S 492 29.43 -36.52 -11.31
CA ARG S 492 29.49 -37.24 -12.57
C ARG S 492 30.58 -36.70 -13.47
N LYS S 493 30.85 -35.40 -13.41
CA LYS S 493 31.91 -34.81 -14.22
C LYS S 493 32.48 -33.56 -13.55
N PRO S 494 33.67 -33.66 -12.96
CA PRO S 494 34.28 -32.45 -12.36
C PRO S 494 34.83 -31.49 -13.38
N PHE S 495 34.96 -31.88 -14.64
CA PHE S 495 35.47 -31.00 -15.69
C PHE S 495 34.28 -30.54 -16.53
N SER S 496 33.67 -29.44 -16.11
CA SER S 496 32.51 -28.90 -16.80
C SER S 496 32.39 -27.42 -16.45
N VAL S 497 31.59 -26.71 -17.24
CA VAL S 497 31.33 -25.29 -17.05
C VAL S 497 29.95 -25.15 -16.42
N VAL S 498 29.89 -24.53 -15.25
CA VAL S 498 28.63 -24.28 -14.56
C VAL S 498 28.14 -22.89 -14.94
N LEU S 499 26.88 -22.80 -15.36
CA LEU S 499 26.29 -21.56 -15.82
C LEU S 499 25.02 -21.29 -15.03
N PHE S 500 24.87 -20.06 -14.55
CA PHE S 500 23.67 -19.59 -13.88
C PHE S 500 23.03 -18.51 -14.74
N ASP S 501 21.72 -18.62 -14.96
CA ASP S 501 20.98 -17.70 -15.81
C ASP S 501 20.02 -16.89 -14.97
N ALA S 502 20.04 -15.57 -15.14
CA ALA S 502 19.13 -14.65 -14.45
C ALA S 502 19.26 -14.80 -12.93
N VAL S 503 20.45 -14.47 -12.44
CA VAL S 503 20.75 -14.59 -11.01
C VAL S 503 20.00 -13.54 -10.21
N GLU S 504 19.37 -12.60 -10.91
CA GLU S 504 18.65 -11.52 -10.23
C GLU S 504 17.46 -12.05 -9.44
N LYS S 505 16.89 -13.19 -9.85
CA LYS S 505 15.69 -13.74 -9.25
C LYS S 505 15.98 -14.91 -8.32
N ALA S 506 17.06 -14.82 -7.55
CA ALA S 506 17.45 -15.88 -6.62
C ALA S 506 17.46 -15.34 -5.19
N HIS S 507 17.23 -16.24 -4.23
CA HIS S 507 17.20 -15.88 -2.83
C HIS S 507 18.62 -15.69 -2.29
N PRO S 508 18.80 -14.81 -1.31
CA PRO S 508 20.17 -14.51 -0.83
C PRO S 508 20.93 -15.71 -0.30
N ASP S 509 20.25 -16.77 0.12
CA ASP S 509 20.97 -17.94 0.64
C ASP S 509 21.86 -18.57 -0.42
N ILE S 510 21.36 -18.66 -1.66
CA ILE S 510 22.19 -19.19 -2.74
C ILE S 510 23.34 -18.24 -3.06
N PHE S 511 23.14 -16.93 -2.86
CA PHE S 511 24.24 -15.99 -3.01
C PHE S 511 25.32 -16.25 -1.96
N ASN S 512 24.91 -16.53 -0.72
CA ASN S 512 25.88 -16.89 0.32
C ASN S 512 26.61 -18.18 -0.04
N SER S 513 25.88 -19.16 -0.58
CA SER S 513 26.52 -20.41 -0.98
C SER S 513 27.52 -20.17 -2.11
N LEU S 514 27.19 -19.31 -3.06
CA LEU S 514 28.12 -18.98 -4.14
C LEU S 514 29.33 -18.24 -3.61
N LEU S 515 29.14 -17.35 -2.63
CA LEU S 515 30.27 -16.69 -2.00
C LEU S 515 31.19 -17.71 -1.32
N GLN S 516 30.59 -18.70 -0.64
CA GLN S 516 31.39 -19.74 0.00
C GLN S 516 32.15 -20.57 -1.02
N ILE S 517 31.50 -20.93 -2.13
CA ILE S 517 32.17 -21.75 -3.14
C ILE S 517 33.28 -20.95 -3.82
N LEU S 518 33.12 -19.62 -3.92
CA LEU S 518 34.21 -18.80 -4.42
C LEU S 518 35.35 -18.72 -3.42
N GLU S 519 35.03 -18.62 -2.13
CA GLU S 519 36.06 -18.51 -1.11
C GLU S 519 36.90 -19.78 -1.02
N ASP S 520 36.26 -20.94 -0.96
CA ASP S 520 36.96 -22.19 -0.71
C ASP S 520 37.20 -23.03 -1.96
N GLY S 521 36.45 -22.80 -3.04
CA GLY S 521 36.53 -23.66 -4.20
C GLY S 521 35.92 -25.03 -4.00
N ARG S 522 35.30 -25.27 -2.85
CA ARG S 522 34.69 -26.55 -2.52
C ARG S 522 33.46 -26.28 -1.65
N LEU S 523 32.58 -27.27 -1.59
CA LEU S 523 31.38 -27.17 -0.76
C LEU S 523 31.24 -28.44 0.08
N THR S 524 30.98 -28.26 1.37
CA THR S 524 30.71 -29.37 2.27
C THR S 524 29.23 -29.69 2.17
N ASP S 525 28.91 -30.83 1.54
CA ASP S 525 27.51 -31.21 1.34
C ASP S 525 26.83 -31.44 2.68
N SER S 526 25.53 -31.09 2.73
CA SER S 526 24.76 -31.27 3.96
C SER S 526 24.72 -32.75 4.38
N GLN S 527 24.74 -33.66 3.41
CA GLN S 527 24.77 -35.08 3.72
C GLN S 527 26.10 -35.49 4.37
N GLY S 528 27.17 -34.74 4.13
CA GLY S 528 28.46 -35.05 4.71
C GLY S 528 29.56 -35.15 3.67
N ARG S 529 29.20 -35.08 2.40
CA ARG S 529 30.15 -35.18 1.31
C ARG S 529 30.86 -33.84 1.10
N VAL S 530 31.99 -33.89 0.41
CA VAL S 530 32.73 -32.71 -0.01
C VAL S 530 32.83 -32.72 -1.52
N VAL S 531 32.35 -31.65 -2.16
CA VAL S 531 32.36 -31.52 -3.61
C VAL S 531 33.40 -30.47 -3.98
N ASP S 532 34.24 -30.81 -4.96
CA ASP S 532 35.34 -29.96 -5.39
C ASP S 532 34.98 -29.23 -6.67
N PHE S 533 35.55 -28.04 -6.82
CA PHE S 533 35.32 -27.18 -7.99
C PHE S 533 36.64 -26.62 -8.48
N LYS S 534 37.69 -27.44 -8.45
CA LYS S 534 39.02 -26.97 -8.86
C LYS S 534 39.08 -26.74 -10.37
N ASN S 535 38.37 -27.56 -11.15
CA ASN S 535 38.45 -27.54 -12.60
C ASN S 535 37.13 -27.10 -13.23
N THR S 536 36.33 -26.31 -12.51
CA THR S 536 35.05 -25.85 -12.99
C THR S 536 35.09 -24.34 -13.19
N VAL S 537 34.51 -23.87 -14.29
CA VAL S 537 34.40 -22.45 -14.60
C VAL S 537 32.95 -22.06 -14.40
N ILE S 538 32.70 -21.09 -13.52
CA ILE S 538 31.36 -20.63 -13.21
C ILE S 538 31.11 -19.31 -13.93
N ILE S 539 29.97 -19.23 -14.62
CA ILE S 539 29.54 -18.04 -15.33
C ILE S 539 28.15 -17.70 -14.84
N MET S 540 27.91 -16.41 -14.65
CA MET S 540 26.60 -15.91 -14.21
C MET S 540 26.14 -14.83 -15.19
N THR S 541 25.02 -15.07 -15.85
CA THR S 541 24.49 -14.13 -16.84
C THR S 541 23.41 -13.29 -16.19
N THR S 542 23.57 -11.97 -16.26
CA THR S 542 22.63 -11.05 -15.63
C THR S 542 22.30 -9.92 -16.59
N ASN S 543 21.12 -9.32 -16.38
CA ASN S 543 20.66 -8.19 -17.15
C ASN S 543 20.83 -6.86 -16.43
N LEU S 544 21.39 -6.87 -15.22
CA LEU S 544 21.56 -5.63 -14.47
C LEU S 544 22.56 -4.73 -15.17
N GLY S 545 22.29 -3.43 -15.16
CA GLY S 545 23.15 -2.48 -15.82
C GLY S 545 23.07 -2.50 -17.32
N THR S 546 22.09 -3.20 -17.89
CA THR S 546 21.95 -3.32 -19.33
C THR S 546 20.69 -2.66 -19.87
N ARG S 547 19.90 -2.00 -19.02
CA ARG S 547 18.71 -1.31 -19.50
C ARG S 547 19.06 -0.18 -20.45
N ASP S 548 20.18 0.51 -20.20
CA ASP S 548 20.62 1.61 -21.04
C ASP S 548 21.30 1.15 -22.33
N ILE S 549 21.62 -0.15 -22.45
CA ILE S 549 22.14 -0.66 -23.71
C ILE S 549 21.11 -0.48 -24.82
N SER S 550 19.86 -0.87 -24.54
CA SER S 550 18.77 -0.63 -25.49
C SER S 550 18.41 0.84 -25.60
N LYS S 551 18.84 1.66 -24.66
CA LYS S 551 18.59 3.11 -24.70
C LYS S 551 19.65 3.75 -25.57
N GLY S 552 19.29 4.00 -26.83
CA GLY S 552 20.19 4.68 -27.74
C GLY S 552 20.42 6.14 -27.42
N PHE S 553 19.69 6.68 -26.45
CA PHE S 553 19.80 8.07 -26.05
C PHE S 553 19.71 8.14 -24.53
N ASN S 554 19.50 9.34 -24.01
CA ASN S 554 19.34 9.54 -22.58
C ASN S 554 18.35 10.66 -22.34
N LEU S 555 17.87 10.75 -21.10
CA LEU S 555 16.92 11.79 -20.72
C LEU S 555 17.49 13.18 -20.99
N GLY S 556 16.89 13.91 -21.91
CA GLY S 556 17.38 15.21 -22.30
C GLY S 556 18.00 15.19 -23.69
N PHE S 557 18.29 16.39 -24.17
CA PHE S 557 18.90 16.54 -25.50
C PHE S 557 20.32 15.98 -25.48
N ALA S 558 20.69 15.33 -26.59
CA ALA S 558 22.00 14.72 -26.73
C ALA S 558 22.66 15.23 -28.00
N ALA S 559 23.99 15.28 -27.98
CA ALA S 559 24.75 15.80 -29.11
C ALA S 559 25.19 14.69 -30.06
N GLN S 560 26.00 13.76 -29.56
CA GLN S 560 26.54 12.67 -30.38
C GLN S 560 26.74 11.46 -29.48
N GLY S 561 27.50 10.47 -29.97
CA GLY S 561 27.81 9.29 -29.19
C GLY S 561 29.21 8.81 -29.47
N ASP S 562 29.69 7.93 -28.58
CA ASP S 562 31.03 7.38 -28.67
C ASP S 562 30.96 5.85 -28.62
N THR S 563 32.06 5.21 -28.98
CA THR S 563 32.14 3.76 -29.03
C THR S 563 33.16 3.19 -28.05
N LYS S 564 34.40 3.68 -28.07
CA LYS S 564 35.44 3.11 -27.23
C LYS S 564 35.31 3.60 -25.78
N SER S 565 35.33 4.92 -25.58
CA SER S 565 35.19 5.46 -24.23
C SER S 565 33.83 5.14 -23.64
N ASN S 566 32.82 4.96 -24.51
CA ASN S 566 31.50 4.55 -24.03
C ASN S 566 31.56 3.18 -23.38
N TYR S 567 32.34 2.26 -23.97
CA TYR S 567 32.48 0.92 -23.42
C TYR S 567 33.04 0.96 -22.00
N GLU S 568 34.07 1.79 -21.77
CA GLU S 568 34.64 1.92 -20.43
C GLU S 568 33.61 2.47 -19.44
N ARG S 569 32.88 3.52 -19.85
CA ARG S 569 31.88 4.10 -18.97
C ARG S 569 30.76 3.11 -18.66
N MET S 570 30.34 2.33 -19.66
CA MET S 570 29.33 1.31 -19.43
C MET S 570 29.84 0.25 -18.46
N LYS S 571 31.11 -0.15 -18.60
CA LYS S 571 31.67 -1.11 -17.66
C LYS S 571 31.69 -0.55 -16.24
N ASN S 572 32.08 0.72 -16.09
CA ASN S 572 32.12 1.32 -14.77
C ASN S 572 30.73 1.39 -14.15
N LYS S 573 29.73 1.81 -14.93
CA LYS S 573 28.39 1.91 -14.35
C LYS S 573 27.79 0.54 -14.07
N VAL S 574 28.11 -0.47 -14.88
CA VAL S 574 27.68 -1.83 -14.58
C VAL S 574 28.31 -2.32 -13.29
N SER S 575 29.61 -2.04 -13.11
CA SER S 575 30.27 -2.42 -11.87
C SER S 575 29.64 -1.72 -10.67
N ASP S 576 29.28 -0.44 -10.83
CA ASP S 576 28.62 0.28 -9.76
C ASP S 576 27.26 -0.34 -9.43
N GLU S 577 26.50 -0.72 -10.46
CA GLU S 577 25.20 -1.34 -10.24
C GLU S 577 25.33 -2.68 -9.52
N LEU S 578 26.31 -3.49 -9.93
CA LEU S 578 26.53 -4.76 -9.25
C LEU S 578 26.99 -4.55 -7.81
N LYS S 579 27.85 -3.56 -7.56
CA LYS S 579 28.25 -3.27 -6.19
C LYS S 579 27.06 -2.81 -5.35
N GLN S 580 26.13 -2.07 -5.95
CA GLN S 580 24.91 -1.70 -5.24
C GLN S 580 24.07 -2.94 -4.93
N HIS S 581 23.91 -3.84 -5.91
CA HIS S 581 23.05 -5.01 -5.73
C HIS S 581 23.72 -6.11 -4.92
N PHE S 582 25.04 -6.26 -5.02
CA PHE S 582 25.75 -7.36 -4.41
C PHE S 582 26.67 -6.86 -3.30
N ARG S 583 27.07 -7.78 -2.43
CA ARG S 583 28.05 -7.44 -1.41
C ARG S 583 29.41 -7.20 -2.06
N PRO S 584 30.20 -6.24 -1.55
CA PRO S 584 31.53 -6.01 -2.14
C PRO S 584 32.41 -7.25 -2.11
N GLU S 585 32.28 -8.11 -1.10
CA GLU S 585 33.08 -9.32 -1.04
C GLU S 585 32.76 -10.25 -2.21
N PHE S 586 31.50 -10.26 -2.64
CA PHE S 586 31.11 -11.09 -3.78
C PHE S 586 31.86 -10.68 -5.04
N LEU S 587 31.94 -9.37 -5.31
CA LEU S 587 32.69 -8.91 -6.47
C LEU S 587 34.18 -8.95 -6.25
N ASN S 588 34.63 -9.06 -5.00
CA ASN S 588 36.07 -9.15 -4.73
C ASN S 588 36.64 -10.45 -5.31
N ARG S 589 35.94 -11.56 -5.13
CA ARG S 589 36.48 -12.88 -5.47
C ARG S 589 36.02 -13.39 -6.82
N VAL S 590 35.33 -12.59 -7.62
CA VAL S 590 34.99 -13.00 -8.98
C VAL S 590 36.10 -12.59 -9.92
N ASP S 591 36.46 -13.47 -10.85
CA ASP S 591 37.62 -13.23 -11.70
C ASP S 591 37.38 -12.06 -12.64
N ASP S 592 36.23 -12.06 -13.34
CA ASP S 592 36.01 -10.98 -14.30
C ASP S 592 34.53 -10.78 -14.57
N VAL S 593 34.21 -9.56 -15.00
CA VAL S 593 32.88 -9.21 -15.51
C VAL S 593 33.06 -8.64 -16.90
N VAL S 594 32.25 -9.12 -17.85
CA VAL S 594 32.31 -8.67 -19.24
C VAL S 594 30.96 -8.10 -19.63
N VAL S 595 31.01 -7.13 -20.53
CA VAL S 595 29.83 -6.40 -21.01
C VAL S 595 29.73 -6.60 -22.51
N PHE S 596 28.52 -6.95 -22.97
CA PHE S 596 28.30 -7.24 -24.39
C PHE S 596 27.57 -6.06 -25.02
N PRO S 597 28.22 -5.28 -25.88
CA PRO S 597 27.50 -4.23 -26.61
C PRO S 597 26.56 -4.85 -27.63
N GLN S 598 25.54 -4.06 -28.01
CA GLN S 598 24.55 -4.51 -28.98
C GLN S 598 25.20 -4.74 -30.34
N LEU S 599 24.70 -5.75 -31.05
CA LEU S 599 25.25 -6.09 -32.36
C LEU S 599 24.98 -4.98 -33.37
N SER S 600 25.90 -4.84 -34.31
CA SER S 600 25.82 -3.81 -35.34
C SER S 600 25.44 -4.41 -36.68
N GLN S 601 25.16 -3.54 -37.65
CA GLN S 601 24.80 -3.99 -38.98
C GLN S 601 25.99 -4.62 -39.70
N ALA S 602 27.21 -4.16 -39.41
CA ALA S 602 28.39 -4.63 -40.13
C ALA S 602 28.79 -6.05 -39.78
N ASP S 603 28.19 -6.66 -38.75
CA ASP S 603 28.60 -7.99 -38.32
C ASP S 603 27.46 -9.00 -38.27
N ILE S 604 26.29 -8.66 -38.80
CA ILE S 604 25.17 -9.61 -38.80
C ILE S 604 25.13 -10.46 -40.07
N LEU S 605 25.77 -10.02 -41.15
CA LEU S 605 25.80 -10.81 -42.37
C LEU S 605 26.55 -12.13 -42.17
N LYS S 606 27.60 -12.12 -41.34
CA LYS S 606 28.30 -13.37 -41.04
C LYS S 606 27.44 -14.32 -40.23
N ILE S 607 26.61 -13.78 -39.32
CA ILE S 607 25.65 -14.62 -38.61
C ILE S 607 24.64 -15.20 -39.60
N VAL S 608 24.21 -14.39 -40.57
CA VAL S 608 23.32 -14.88 -41.62
C VAL S 608 23.97 -16.03 -42.37
N ASP S 609 25.25 -15.89 -42.69
CA ASP S 609 25.98 -16.95 -43.38
C ASP S 609 26.05 -18.21 -42.52
N LEU S 610 26.30 -18.06 -41.22
CA LEU S 610 26.39 -19.21 -40.33
C LEU S 610 25.06 -19.97 -40.27
N MET S 611 23.95 -19.25 -40.13
CA MET S 611 22.66 -19.95 -40.08
C MET S 611 22.27 -20.51 -41.43
N ILE S 612 22.65 -19.85 -42.53
CA ILE S 612 22.44 -20.45 -43.86
C ILE S 612 23.23 -21.74 -43.99
N ASP S 613 24.45 -21.77 -43.44
CA ASP S 613 25.20 -23.00 -43.36
C ASP S 613 24.40 -24.08 -42.63
N LYS S 614 24.05 -23.80 -41.37
CA LYS S 614 23.31 -24.78 -40.57
C LYS S 614 22.08 -25.27 -41.34
N VAL S 615 21.42 -24.38 -42.07
CA VAL S 615 20.28 -24.77 -42.90
C VAL S 615 20.71 -25.76 -43.97
N ASP S 616 21.86 -25.51 -44.63
CA ASP S 616 22.24 -26.40 -45.72
C ASP S 616 22.68 -27.77 -45.21
N GLU S 617 23.45 -27.82 -44.13
CA GLU S 617 23.74 -29.13 -43.54
C GLU S 617 22.47 -29.82 -43.02
N ARG S 618 21.44 -29.05 -42.65
CA ARG S 618 20.14 -29.68 -42.42
C ARG S 618 19.58 -30.26 -43.71
N LEU S 619 19.75 -29.55 -44.83
CA LEU S 619 19.25 -30.01 -46.11
C LEU S 619 20.11 -31.13 -46.69
N LYS S 620 21.39 -31.21 -46.29
CA LYS S 620 22.26 -32.26 -46.80
C LYS S 620 21.77 -33.63 -46.38
N ASP S 621 21.22 -33.74 -45.16
CA ASP S 621 20.62 -35.01 -44.73
C ASP S 621 19.47 -35.41 -45.63
N ARG S 622 18.76 -34.43 -46.20
CA ARG S 622 17.73 -34.67 -47.20
C ARG S 622 18.29 -34.62 -48.62
N ASP S 623 19.60 -34.83 -48.77
CA ASP S 623 20.31 -34.78 -50.07
C ASP S 623 19.93 -33.55 -50.88
N MET S 624 19.59 -32.46 -50.20
CA MET S 624 19.30 -31.18 -50.84
C MET S 624 20.55 -30.30 -50.84
N GLY S 625 20.37 -29.05 -51.23
CA GLY S 625 21.45 -28.08 -51.23
C GLY S 625 20.96 -26.70 -51.62
N ILE S 626 21.36 -25.68 -50.87
CA ILE S 626 20.90 -24.32 -51.08
C ILE S 626 22.10 -23.41 -51.30
N GLU S 627 22.02 -22.56 -52.32
CA GLU S 627 23.06 -21.59 -52.65
C GLU S 627 22.49 -20.19 -52.48
N LEU S 628 23.19 -19.35 -51.71
CA LEU S 628 22.76 -17.99 -51.43
C LEU S 628 23.57 -17.01 -52.26
N SER S 629 22.88 -16.17 -53.04
CA SER S 629 23.53 -15.09 -53.74
C SER S 629 23.86 -13.96 -52.76
N SER S 630 24.79 -13.10 -53.17
CA SER S 630 25.17 -11.96 -52.33
C SER S 630 24.00 -11.02 -52.11
N SER S 631 23.21 -10.79 -53.15
CA SER S 631 22.03 -9.92 -53.02
C SER S 631 21.03 -10.48 -52.02
N ALA S 632 20.78 -11.79 -52.08
CA ALA S 632 19.87 -12.40 -51.12
C ALA S 632 20.40 -12.30 -49.71
N LYS S 633 21.70 -12.51 -49.53
CA LYS S 633 22.29 -12.44 -48.19
C LYS S 633 22.20 -11.03 -47.62
N GLU S 634 22.51 -10.01 -48.43
CA GLU S 634 22.42 -8.65 -47.92
C GLU S 634 20.97 -8.24 -47.69
N LEU S 635 20.04 -8.73 -48.50
CA LEU S 635 18.62 -8.44 -48.26
C LEU S 635 18.16 -9.07 -46.96
N LEU S 636 18.59 -10.30 -46.68
CA LEU S 636 18.25 -10.94 -45.40
C LEU S 636 18.87 -10.18 -44.23
N SER S 637 20.11 -9.73 -44.39
CA SER S 637 20.77 -8.97 -43.33
C SER S 637 20.02 -7.67 -43.06
N LYS S 638 19.61 -6.95 -44.10
CA LYS S 638 18.88 -5.71 -43.92
C LYS S 638 17.50 -5.95 -43.32
N LYS S 639 16.82 -7.01 -43.76
CA LYS S 639 15.45 -7.25 -43.33
C LYS S 639 15.37 -7.54 -41.84
N GLY S 640 16.26 -8.39 -41.34
CA GLY S 640 16.29 -8.72 -39.93
C GLY S 640 17.25 -7.85 -39.15
N TYR S 641 16.73 -6.81 -38.49
CA TYR S 641 17.58 -5.90 -37.72
C TYR S 641 16.75 -5.31 -36.59
N ASP S 642 16.91 -5.86 -35.39
CA ASP S 642 16.28 -5.32 -34.19
C ASP S 642 17.37 -5.03 -33.17
N PRO S 643 17.68 -3.77 -32.88
CA PRO S 643 18.79 -3.48 -31.96
C PRO S 643 18.57 -3.98 -30.54
N VAL S 644 17.33 -4.25 -30.15
CA VAL S 644 17.05 -4.65 -28.77
C VAL S 644 17.06 -6.16 -28.60
N LEU S 645 16.52 -6.90 -29.56
CA LEU S 645 16.42 -8.36 -29.47
C LEU S 645 17.55 -9.09 -30.18
N GLY S 646 18.51 -8.35 -30.75
CA GLY S 646 19.67 -9.00 -31.35
C GLY S 646 19.30 -9.80 -32.57
N ALA S 647 19.85 -11.02 -32.66
CA ALA S 647 19.72 -11.85 -33.84
C ALA S 647 18.46 -12.71 -33.86
N ARG S 648 17.70 -12.75 -32.77
CA ARG S 648 16.48 -13.55 -32.75
C ARG S 648 15.47 -13.10 -33.80
N PRO S 649 15.14 -11.81 -33.95
CA PRO S 649 14.24 -11.43 -35.05
C PRO S 649 14.82 -11.74 -36.42
N LEU S 650 16.14 -11.67 -36.57
CA LEU S 650 16.74 -12.06 -37.84
C LEU S 650 16.55 -13.54 -38.10
N ARG S 651 16.64 -14.37 -37.06
CA ARG S 651 16.31 -15.79 -37.20
C ARG S 651 14.84 -15.96 -37.58
N ARG S 652 13.96 -15.17 -36.97
CA ARG S 652 12.54 -15.26 -37.31
C ARG S 652 12.28 -14.92 -38.77
N THR S 653 12.92 -13.87 -39.27
CA THR S 653 12.66 -13.45 -40.65
C THR S 653 13.29 -14.41 -41.64
N ILE S 654 14.47 -14.97 -41.33
CA ILE S 654 15.03 -15.98 -42.23
C ILE S 654 14.18 -17.24 -42.20
N GLN S 655 13.55 -17.54 -41.05
CA GLN S 655 12.59 -18.64 -41.01
C GLN S 655 11.39 -18.36 -41.89
N ARG S 656 10.90 -17.12 -41.85
CA ARG S 656 9.68 -16.77 -42.59
C ARG S 656 9.91 -16.75 -44.09
N GLU S 657 11.04 -16.18 -44.54
CA GLU S 657 11.23 -15.90 -45.96
C GLU S 657 11.92 -17.02 -46.73
N ILE S 658 12.36 -18.09 -46.06
CA ILE S 658 13.13 -19.12 -46.75
C ILE S 658 12.45 -20.47 -46.66
N GLU S 659 12.33 -21.02 -45.45
CA GLU S 659 11.82 -22.37 -45.29
C GLU S 659 10.35 -22.47 -45.66
N ASP S 660 9.59 -21.38 -45.51
CA ASP S 660 8.20 -21.39 -45.94
C ASP S 660 8.09 -21.61 -47.45
N SER S 661 8.94 -20.94 -48.22
CA SER S 661 8.93 -21.11 -49.67
C SER S 661 9.53 -22.44 -50.08
N LEU S 662 10.62 -22.86 -49.43
CA LEU S 662 11.26 -24.12 -49.77
C LEU S 662 10.32 -25.30 -49.54
N SER S 663 9.72 -25.37 -48.34
CA SER S 663 8.77 -26.44 -48.06
C SER S 663 7.55 -26.35 -48.96
N GLU S 664 7.20 -25.14 -49.41
CA GLU S 664 6.09 -24.98 -50.33
C GLU S 664 6.35 -25.69 -51.65
N LYS S 665 7.57 -25.56 -52.17
CA LYS S 665 7.90 -26.15 -53.47
C LYS S 665 8.22 -27.64 -53.37
N ILE S 666 8.86 -28.05 -52.28
CA ILE S 666 9.28 -29.45 -52.14
C ILE S 666 8.08 -30.38 -52.14
N LEU S 667 7.05 -30.03 -51.37
CA LEU S 667 5.85 -30.86 -51.31
C LEU S 667 5.13 -30.89 -52.66
N PHE S 668 5.10 -29.76 -53.36
CA PHE S 668 4.43 -29.70 -54.65
C PHE S 668 5.13 -30.60 -55.67
N GLY S 669 6.42 -30.86 -55.50
CA GLY S 669 7.16 -31.70 -56.41
C GLY S 669 8.03 -30.97 -57.41
N GLU S 670 8.04 -29.64 -57.39
CA GLU S 670 8.89 -28.89 -58.29
C GLU S 670 10.36 -29.21 -58.05
N LEU S 671 10.77 -29.28 -56.78
CA LEU S 671 12.11 -29.72 -56.46
C LEU S 671 12.23 -31.23 -56.62
N ARG S 672 13.46 -31.69 -56.76
CA ARG S 672 13.76 -33.09 -57.01
C ARG S 672 14.86 -33.56 -56.06
N PRO S 673 14.91 -34.85 -55.75
CA PRO S 673 15.99 -35.37 -54.91
C PRO S 673 17.36 -35.16 -55.57
N GLY S 674 18.36 -34.88 -54.73
CA GLY S 674 19.71 -34.67 -55.19
C GLY S 674 19.87 -33.47 -56.10
N HIS S 675 19.30 -32.33 -55.71
CA HIS S 675 19.35 -31.12 -56.52
C HIS S 675 19.77 -29.93 -55.67
N ILE S 676 20.45 -28.99 -56.31
CA ILE S 676 20.85 -27.75 -55.68
C ILE S 676 19.73 -26.73 -55.86
N VAL S 677 19.66 -25.78 -54.92
CA VAL S 677 18.66 -24.72 -54.96
C VAL S 677 19.39 -23.38 -55.02
N VAL S 678 18.99 -22.54 -55.97
CA VAL S 678 19.59 -21.24 -56.18
C VAL S 678 18.54 -20.16 -55.92
N VAL S 679 18.89 -19.19 -55.08
CA VAL S 679 17.99 -18.10 -54.72
C VAL S 679 18.58 -16.79 -55.23
N ASP S 680 17.72 -15.94 -55.76
CA ASP S 680 18.13 -14.65 -56.30
C ASP S 680 17.15 -13.58 -55.83
N THR S 681 17.59 -12.33 -55.94
CA THR S 681 16.79 -11.18 -55.51
C THR S 681 16.20 -10.49 -56.72
N GLU S 682 14.91 -10.18 -56.66
CA GLU S 682 14.20 -9.52 -57.74
C GLU S 682 13.52 -8.26 -57.22
N GLY S 683 13.32 -7.30 -58.11
CA GLY S 683 12.71 -6.03 -57.75
C GLY S 683 13.68 -5.07 -57.12
N GLU S 684 13.14 -3.94 -56.67
CA GLU S 684 13.94 -2.89 -56.05
C GLU S 684 13.09 -2.11 -55.08
N GLY S 685 13.72 -1.61 -54.01
CA GLY S 685 13.03 -0.82 -53.01
C GLY S 685 12.09 -1.64 -52.15
N GLU S 686 10.79 -1.42 -52.30
CA GLU S 686 9.78 -2.19 -51.59
C GLU S 686 9.30 -3.40 -52.39
N THR S 687 9.80 -3.58 -53.61
CA THR S 687 9.42 -4.70 -54.46
C THR S 687 10.40 -5.87 -54.37
N LYS S 688 11.32 -5.84 -53.41
CA LYS S 688 12.29 -6.92 -53.26
C LYS S 688 11.57 -8.24 -52.97
N THR S 689 12.04 -9.30 -53.63
CA THR S 689 11.45 -10.62 -53.47
C THR S 689 12.50 -11.67 -53.80
N PHE S 690 12.21 -12.91 -53.39
CA PHE S 690 13.11 -14.03 -53.56
C PHE S 690 12.61 -14.93 -54.68
N THR S 691 13.51 -15.28 -55.60
CA THR S 691 13.22 -16.21 -56.68
C THR S 691 14.05 -17.47 -56.48
N PHE S 692 13.39 -18.62 -56.46
CA PHE S 692 14.01 -19.90 -56.20
C PHE S 692 14.00 -20.77 -57.44
N ARG S 693 15.11 -21.46 -57.69
CA ARG S 693 15.25 -22.34 -58.84
C ARG S 693 15.92 -23.63 -58.40
N GLY S 694 15.46 -24.75 -58.96
CA GLY S 694 16.05 -26.05 -58.71
C GLY S 694 16.90 -26.47 -59.89
N GLU S 695 18.13 -26.86 -59.61
CA GLU S 695 19.11 -27.20 -60.63
C GLU S 695 19.74 -28.54 -60.28
N GLU S 696 20.16 -29.28 -61.31
CA GLU S 696 20.84 -30.56 -61.08
C GLU S 696 22.24 -30.32 -60.51
N SER T 44 34.16 -86.25 -22.72
CA SER T 44 33.42 -85.22 -22.00
C SER T 44 31.93 -85.33 -22.26
N LEU T 45 31.34 -86.47 -21.87
CA LEU T 45 29.92 -86.69 -22.09
C LEU T 45 29.07 -85.68 -21.31
N VAL T 46 29.45 -85.41 -20.06
CA VAL T 46 28.70 -84.44 -19.26
C VAL T 46 28.81 -83.05 -19.87
N LEU T 47 30.01 -82.67 -20.32
CA LEU T 47 30.21 -81.36 -20.93
C LEU T 47 29.39 -81.23 -22.21
N ASP T 48 29.38 -82.26 -23.05
CA ASP T 48 28.58 -82.23 -24.27
C ASP T 48 27.09 -82.18 -23.97
N GLN T 49 26.65 -82.89 -22.93
CA GLN T 49 25.24 -82.87 -22.56
C GLN T 49 24.80 -81.49 -22.08
N PHE T 50 25.71 -80.71 -21.50
CA PHE T 50 25.38 -79.44 -20.86
C PHE T 50 26.24 -78.32 -21.43
N GLY T 51 26.35 -78.27 -22.76
CA GLY T 51 27.10 -77.21 -23.40
C GLY T 51 26.86 -77.22 -24.89
N ARG T 52 27.13 -76.07 -25.51
CA ARG T 52 27.00 -75.92 -26.96
C ARG T 52 28.31 -75.42 -27.54
N ASN T 53 28.81 -76.12 -28.55
CA ASN T 53 30.05 -75.77 -29.21
C ASN T 53 29.76 -74.76 -30.31
N LEU T 54 30.29 -73.54 -30.15
CA LEU T 54 30.18 -72.55 -31.21
C LEU T 54 31.18 -72.81 -32.33
N THR T 55 32.36 -73.35 -32.00
CA THR T 55 33.37 -73.59 -33.02
C THR T 55 32.91 -74.64 -34.03
N GLN T 56 32.32 -75.73 -33.55
CA GLN T 56 31.82 -76.76 -34.48
C GLN T 56 30.68 -76.22 -35.33
N ALA T 57 29.78 -75.44 -34.72
CA ALA T 57 28.70 -74.84 -35.49
C ALA T 57 29.24 -73.89 -36.55
N ALA T 58 30.29 -73.13 -36.22
CA ALA T 58 30.92 -72.27 -37.21
C ALA T 58 31.58 -73.09 -38.31
N ARG T 59 32.10 -74.27 -37.95
CA ARG T 59 32.73 -75.13 -38.95
C ARG T 59 31.73 -75.59 -40.00
N GLU T 60 30.52 -75.94 -39.58
CA GLU T 60 29.46 -76.36 -40.50
C GLU T 60 28.61 -75.19 -40.97
N SER T 61 28.94 -73.97 -40.56
CA SER T 61 28.24 -72.75 -40.97
C SER T 61 26.75 -72.81 -40.64
N LYS T 62 26.47 -73.00 -39.34
CA LYS T 62 25.12 -72.88 -38.81
C LYS T 62 24.87 -71.50 -38.21
N LEU T 63 25.77 -70.55 -38.45
CA LEU T 63 25.75 -69.25 -37.80
C LEU T 63 25.61 -68.14 -38.84
N ASP T 64 25.01 -67.03 -38.42
CA ASP T 64 24.86 -65.90 -39.32
C ASP T 64 26.21 -65.24 -39.58
N PRO T 65 26.45 -64.78 -40.80
CA PRO T 65 27.69 -64.07 -41.09
C PRO T 65 27.74 -62.74 -40.35
N VAL T 66 28.97 -62.31 -40.03
CA VAL T 66 29.21 -61.06 -39.31
C VAL T 66 30.19 -60.22 -40.13
N ILE T 67 29.90 -58.93 -40.24
CA ILE T 67 30.75 -57.98 -40.94
C ILE T 67 30.72 -56.64 -40.21
N GLY T 68 31.84 -55.92 -40.29
CA GLY T 68 31.93 -54.61 -39.68
C GLY T 68 31.79 -54.60 -38.19
N ARG T 69 32.27 -55.65 -37.51
CA ARG T 69 32.14 -55.73 -36.06
C ARG T 69 33.39 -56.31 -35.39
N GLU T 70 34.57 -56.14 -35.99
CA GLU T 70 35.77 -56.72 -35.41
C GLU T 70 36.27 -55.98 -34.19
N LYS T 71 35.77 -54.76 -33.95
CA LYS T 71 36.30 -53.93 -32.86
C LYS T 71 36.05 -54.56 -31.49
N GLU T 72 34.82 -55.03 -31.25
CA GLU T 72 34.52 -55.55 -29.93
C GLU T 72 35.19 -56.91 -29.67
N ILE T 73 35.32 -57.76 -30.70
CA ILE T 73 36.03 -59.02 -30.52
C ILE T 73 37.51 -58.76 -30.29
N GLU T 74 38.09 -57.80 -31.02
CA GLU T 74 39.49 -57.45 -30.79
C GLU T 74 39.68 -56.92 -29.38
N ARG T 75 38.71 -56.14 -28.88
CA ARG T 75 38.73 -55.72 -27.48
C ARG T 75 38.59 -56.91 -26.54
N VAL T 76 37.83 -57.93 -26.95
CA VAL T 76 37.61 -59.07 -26.07
C VAL T 76 38.90 -59.84 -25.85
N MET T 77 39.63 -60.17 -26.91
CA MET T 77 40.90 -60.84 -26.58
C MET T 77 41.99 -59.84 -26.22
N GLN T 78 41.72 -58.54 -26.35
CA GLN T 78 42.58 -57.53 -25.74
C GLN T 78 42.54 -57.63 -24.22
N VAL T 79 41.33 -57.70 -23.67
CA VAL T 79 41.16 -57.73 -22.22
C VAL T 79 41.31 -59.13 -21.63
N LEU T 80 41.09 -60.18 -22.42
CA LEU T 80 41.19 -61.54 -21.91
C LEU T 80 42.64 -61.95 -21.67
N SER T 81 43.59 -61.24 -22.25
CA SER T 81 45.00 -61.58 -22.15
C SER T 81 45.68 -60.98 -20.93
N ARG T 82 44.94 -60.28 -20.07
CA ARG T 82 45.49 -59.65 -18.90
C ARG T 82 45.64 -60.66 -17.76
N ARG T 83 46.21 -60.21 -16.65
CA ARG T 83 46.38 -61.04 -15.46
C ARG T 83 45.24 -60.87 -14.46
N THR T 84 44.69 -59.66 -14.34
CA THR T 84 43.57 -59.39 -13.47
C THR T 84 42.46 -58.74 -14.28
N LYS T 85 41.22 -58.94 -13.83
CA LYS T 85 40.03 -58.46 -14.55
C LYS T 85 40.00 -58.99 -15.97
N ASN T 86 40.40 -60.24 -16.14
CA ASN T 86 40.50 -60.87 -17.45
C ASN T 86 39.16 -61.36 -17.98
N ASN T 87 38.10 -61.32 -17.18
CA ASN T 87 36.79 -61.80 -17.61
C ASN T 87 36.01 -60.65 -18.23
N PRO T 88 35.70 -60.70 -19.53
CA PRO T 88 34.98 -59.59 -20.16
C PRO T 88 33.47 -59.75 -20.10
N VAL T 89 32.79 -58.62 -19.94
CA VAL T 89 31.33 -58.55 -19.96
C VAL T 89 30.93 -57.54 -21.01
N LEU T 90 30.05 -57.95 -21.92
CA LEU T 90 29.59 -57.11 -23.02
C LEU T 90 28.33 -56.39 -22.57
N ILE T 91 28.42 -55.06 -22.44
CA ILE T 91 27.30 -54.22 -22.05
C ILE T 91 26.78 -53.50 -23.28
N GLY T 92 25.49 -53.66 -23.55
CA GLY T 92 24.87 -52.99 -24.69
C GLY T 92 23.38 -53.13 -24.64
N GLU T 93 22.72 -52.26 -25.40
CA GLU T 93 21.27 -52.31 -25.51
C GLU T 93 20.85 -53.62 -26.16
N PRO T 94 19.74 -54.23 -25.72
CA PRO T 94 19.33 -55.52 -26.31
C PRO T 94 19.08 -55.40 -27.81
N GLY T 95 19.55 -56.38 -28.55
CA GLY T 95 19.37 -56.45 -29.98
C GLY T 95 20.56 -55.96 -30.79
N VAL T 96 21.53 -55.29 -30.16
CA VAL T 96 22.70 -54.81 -30.90
C VAL T 96 23.55 -55.95 -31.42
N GLY T 97 23.41 -57.15 -30.84
CA GLY T 97 24.13 -58.30 -31.34
C GLY T 97 25.25 -58.78 -30.46
N LYS T 98 25.07 -58.74 -29.13
CA LYS T 98 26.05 -59.32 -28.23
C LYS T 98 26.18 -60.82 -28.47
N THR T 99 25.05 -61.50 -28.65
CA THR T 99 25.10 -62.88 -29.12
C THR T 99 25.76 -62.95 -30.49
N ALA T 100 25.43 -62.01 -31.38
CA ALA T 100 26.13 -61.92 -32.65
C ALA T 100 27.61 -61.61 -32.45
N VAL T 101 27.95 -60.87 -31.39
CA VAL T 101 29.35 -60.59 -31.10
C VAL T 101 30.10 -61.88 -30.79
N VAL T 102 29.55 -62.71 -29.89
CA VAL T 102 30.24 -63.96 -29.58
C VAL T 102 30.21 -64.91 -30.76
N GLU T 103 29.16 -64.85 -31.59
CA GLU T 103 29.12 -65.68 -32.79
C GLU T 103 30.24 -65.28 -33.76
N GLY T 104 30.47 -63.98 -33.94
CA GLY T 104 31.56 -63.53 -34.77
C GLY T 104 32.91 -63.89 -34.18
N LEU T 105 33.03 -63.85 -32.86
CA LEU T 105 34.26 -64.31 -32.21
C LEU T 105 34.52 -65.78 -32.52
N ALA T 106 33.47 -66.61 -32.47
CA ALA T 106 33.61 -68.02 -32.83
C ALA T 106 34.03 -68.18 -34.29
N GLN T 107 33.43 -67.39 -35.17
CA GLN T 107 33.81 -67.42 -36.58
C GLN T 107 35.29 -67.09 -36.74
N ALA T 108 35.75 -66.04 -36.06
CA ALA T 108 37.14 -65.62 -36.18
C ALA T 108 38.10 -66.67 -35.65
N ILE T 109 37.78 -67.27 -34.50
CA ILE T 109 38.68 -68.27 -33.93
C ILE T 109 38.67 -69.54 -34.79
N VAL T 110 37.55 -69.86 -35.44
CA VAL T 110 37.55 -70.98 -36.37
C VAL T 110 38.41 -70.67 -37.58
N LYS T 111 38.36 -69.42 -38.06
CA LYS T 111 39.19 -69.02 -39.20
C LYS T 111 40.68 -68.96 -38.86
N GLY T 112 41.04 -69.08 -37.59
CA GLY T 112 42.44 -69.03 -37.20
C GLY T 112 43.10 -67.68 -37.40
N GLU T 113 42.39 -66.60 -37.09
CA GLU T 113 42.93 -65.25 -37.18
C GLU T 113 43.30 -64.67 -35.82
N VAL T 114 43.59 -65.54 -34.85
CA VAL T 114 43.90 -65.11 -33.49
C VAL T 114 45.24 -65.73 -33.10
N PRO T 115 46.07 -65.05 -32.31
CA PRO T 115 47.35 -65.64 -31.90
C PRO T 115 47.17 -66.93 -31.11
N GLU T 116 48.31 -67.56 -30.82
CA GLU T 116 48.31 -68.90 -30.23
C GLU T 116 47.69 -68.95 -28.84
N THR T 117 47.52 -67.80 -28.17
CA THR T 117 46.99 -67.80 -26.82
C THR T 117 45.57 -68.36 -26.79
N LEU T 118 44.73 -67.96 -27.74
CA LEU T 118 43.35 -68.41 -27.81
C LEU T 118 43.18 -69.67 -28.65
N LYS T 119 44.24 -70.13 -29.32
CA LYS T 119 44.16 -71.34 -30.13
C LYS T 119 44.10 -72.58 -29.25
N ASP T 120 43.51 -73.65 -29.81
CA ASP T 120 43.32 -74.91 -29.11
C ASP T 120 42.47 -74.76 -27.86
N LYS T 121 41.57 -73.77 -27.87
CA LYS T 121 40.66 -73.53 -26.77
C LYS T 121 39.23 -73.77 -27.27
N HIS T 122 38.52 -74.69 -26.63
CA HIS T 122 37.15 -74.99 -27.03
C HIS T 122 36.19 -74.04 -26.35
N LEU T 123 35.38 -73.35 -27.15
CA LEU T 123 34.37 -72.42 -26.66
C LEU T 123 33.04 -73.14 -26.50
N TYR T 124 32.44 -73.02 -25.31
CA TYR T 124 31.18 -73.69 -25.01
C TYR T 124 30.25 -72.70 -24.33
N THR T 125 29.11 -72.44 -24.95
CA THR T 125 28.04 -71.70 -24.28
C THR T 125 27.33 -72.66 -23.33
N LEU T 126 27.17 -72.23 -22.08
CA LEU T 126 26.55 -73.08 -21.07
C LEU T 126 25.05 -73.14 -21.31
N ASP T 127 24.57 -74.29 -21.78
CA ASP T 127 23.15 -74.47 -22.10
C ASP T 127 22.39 -74.67 -20.79
N LEU T 128 21.93 -73.56 -20.21
CA LEU T 128 21.15 -73.64 -18.97
C LEU T 128 19.86 -74.43 -19.18
N GLY T 129 19.30 -74.39 -20.40
CA GLY T 129 18.14 -75.21 -20.71
C GLY T 129 18.42 -76.69 -20.56
N ALA T 130 19.63 -77.12 -20.96
CA ALA T 130 20.02 -78.50 -20.75
C ALA T 130 20.12 -78.84 -19.27
N LEU T 131 20.64 -77.92 -18.47
CA LEU T 131 20.73 -78.15 -17.03
C LEU T 131 19.35 -78.29 -16.40
N VAL T 132 18.44 -77.37 -16.72
CA VAL T 132 17.14 -77.37 -16.07
C VAL T 132 16.27 -78.54 -16.56
N ALA T 133 16.40 -78.91 -17.83
CA ALA T 133 15.54 -79.94 -18.39
C ALA T 133 15.86 -81.30 -17.77
N GLY T 134 14.82 -82.00 -17.32
CA GLY T 134 14.97 -83.33 -16.76
C GLY T 134 15.58 -83.37 -15.37
N SER T 135 15.91 -82.23 -14.78
CA SER T 135 16.58 -82.18 -13.47
C SER T 135 15.55 -81.80 -12.41
N ARG T 136 14.87 -82.80 -11.86
CA ARG T 136 14.02 -82.60 -10.69
C ARG T 136 14.26 -83.61 -9.59
N TYR T 137 15.23 -84.52 -9.73
CA TYR T 137 15.61 -85.43 -8.66
C TYR T 137 16.10 -84.63 -7.46
N ARG T 138 15.82 -85.13 -6.26
CA ARG T 138 16.16 -84.41 -5.02
C ARG T 138 17.67 -84.49 -4.82
N GLY T 139 18.38 -83.60 -5.50
CA GLY T 139 19.83 -83.54 -5.44
C GLY T 139 20.52 -83.55 -6.79
N ASP T 140 19.84 -83.91 -7.89
CA ASP T 140 20.49 -83.91 -9.20
C ASP T 140 20.89 -82.50 -9.63
N PHE T 141 20.06 -81.51 -9.29
CA PHE T 141 20.41 -80.13 -9.57
C PHE T 141 21.57 -79.69 -8.66
N GLU T 142 22.45 -78.88 -9.24
CA GLU T 142 23.68 -78.40 -8.63
C GLU T 142 24.71 -79.52 -8.53
N GLU T 143 24.28 -80.77 -8.68
CA GLU T 143 25.22 -81.87 -8.66
C GLU T 143 25.71 -82.19 -10.06
N ARG T 144 24.78 -82.20 -11.03
CA ARG T 144 25.21 -82.17 -12.42
C ARG T 144 26.06 -80.95 -12.71
N LEU T 145 25.76 -79.82 -12.06
CA LEU T 145 26.61 -78.64 -12.18
C LEU T 145 27.98 -78.88 -11.57
N LYS T 146 28.03 -79.62 -10.46
CA LYS T 146 29.32 -79.99 -9.87
C LYS T 146 30.15 -80.82 -10.85
N LYS T 147 29.54 -81.80 -11.50
CA LYS T 147 30.28 -82.56 -12.51
C LYS T 147 30.75 -81.66 -13.64
N VAL T 148 29.87 -80.77 -14.11
CA VAL T 148 30.23 -79.89 -15.21
C VAL T 148 31.43 -79.03 -14.85
N LEU T 149 31.40 -78.42 -13.66
CA LEU T 149 32.48 -77.51 -13.26
C LEU T 149 33.79 -78.27 -13.00
N LYS T 150 33.70 -79.47 -12.40
CA LYS T 150 34.93 -80.24 -12.18
C LYS T 150 35.54 -80.68 -13.51
N GLU T 151 34.71 -81.04 -14.49
CA GLU T 151 35.23 -81.35 -15.81
C GLU T 151 35.83 -80.11 -16.45
N ILE T 152 35.21 -78.94 -16.23
CA ILE T 152 35.73 -77.69 -16.79
C ILE T 152 37.13 -77.43 -16.28
N ARG T 153 37.33 -77.54 -14.96
CA ARG T 153 38.67 -77.29 -14.42
C ARG T 153 39.63 -78.42 -14.77
N THR T 154 39.13 -79.64 -14.98
CA THR T 154 40.01 -80.75 -15.31
C THR T 154 40.56 -80.63 -16.72
N ARG T 155 39.72 -80.19 -17.68
CA ARG T 155 40.16 -80.15 -19.07
C ARG T 155 41.33 -79.20 -19.26
N GLY T 156 41.21 -77.98 -18.72
CA GLY T 156 42.32 -77.04 -18.68
C GLY T 156 42.57 -76.25 -19.94
N ASP T 157 41.83 -76.50 -21.02
CA ASP T 157 41.98 -75.75 -22.26
C ASP T 157 40.60 -75.41 -22.82
N ILE T 158 39.72 -74.94 -21.93
CA ILE T 158 38.31 -74.73 -22.25
C ILE T 158 37.92 -73.31 -21.86
N ILE T 159 36.91 -72.78 -22.56
CA ILE T 159 36.36 -71.46 -22.26
C ILE T 159 34.85 -71.56 -22.26
N LEU T 160 34.22 -70.95 -21.27
CA LEU T 160 32.78 -70.98 -21.10
C LEU T 160 32.17 -69.62 -21.43
N PHE T 161 30.96 -69.66 -21.96
CA PHE T 161 30.20 -68.45 -22.31
C PHE T 161 28.87 -68.49 -21.57
N ILE T 162 28.50 -67.36 -20.97
CA ILE T 162 27.29 -67.23 -20.18
C ILE T 162 26.48 -66.07 -20.75
N ASP T 163 25.41 -66.39 -21.46
CA ASP T 163 24.47 -65.39 -21.93
C ASP T 163 23.41 -65.15 -20.87
N ALA T 164 22.89 -63.92 -20.82
CA ALA T 164 21.91 -63.50 -19.82
C ALA T 164 22.46 -63.72 -18.40
N LEU T 165 23.50 -62.96 -18.11
CA LEU T 165 24.23 -63.09 -16.84
C LEU T 165 23.38 -62.71 -15.63
N HIS T 166 22.23 -62.06 -15.84
CA HIS T 166 21.38 -61.69 -14.71
C HIS T 166 20.86 -62.93 -13.97
N THR T 167 20.50 -63.98 -14.71
CA THR T 167 20.01 -65.19 -14.08
C THR T 167 21.09 -65.90 -13.26
N LEU T 168 22.36 -65.62 -13.51
CA LEU T 168 23.44 -66.28 -12.80
C LEU T 168 24.05 -65.42 -11.70
N VAL T 169 23.97 -64.09 -11.82
CA VAL T 169 24.53 -63.18 -10.83
C VAL T 169 23.41 -62.29 -10.30
N GLY T 170 23.26 -62.24 -8.98
CA GLY T 170 22.24 -61.42 -8.36
C GLY T 170 20.82 -61.86 -8.65
N ALA T 171 20.56 -63.16 -8.62
CA ALA T 171 19.23 -63.68 -8.88
C ALA T 171 18.82 -64.68 -7.80
N ALA T 177 17.13 -74.13 -7.70
CA ALA T 177 17.04 -73.44 -8.97
C ALA T 177 17.64 -72.04 -8.90
N ILE T 178 17.86 -71.58 -7.66
CA ILE T 178 18.41 -70.25 -7.43
C ILE T 178 19.80 -70.30 -6.82
N ASP T 179 20.15 -71.37 -6.11
CA ASP T 179 21.43 -71.48 -5.44
C ASP T 179 22.60 -71.65 -6.42
N ALA T 180 22.32 -71.86 -7.71
CA ALA T 180 23.40 -71.96 -8.69
C ALA T 180 24.19 -70.67 -8.78
N ALA T 181 23.58 -69.54 -8.40
CA ALA T 181 24.29 -68.26 -8.39
C ALA T 181 25.44 -68.27 -7.40
N SER T 182 25.24 -68.91 -6.25
CA SER T 182 26.25 -68.91 -5.19
C SER T 182 27.44 -69.81 -5.50
N ILE T 183 27.41 -70.57 -6.59
CA ILE T 183 28.51 -71.46 -6.93
C ILE T 183 29.53 -70.76 -7.83
N LEU T 184 29.06 -70.00 -8.82
CA LEU T 184 29.97 -69.37 -9.77
C LEU T 184 30.76 -68.23 -9.13
N LYS T 185 30.15 -67.50 -8.20
CA LYS T 185 30.83 -66.34 -7.60
C LYS T 185 32.13 -66.70 -6.90
N PRO T 186 32.18 -67.72 -6.03
CA PRO T 186 33.50 -68.11 -5.48
C PRO T 186 34.46 -68.61 -6.54
N MET T 187 33.95 -69.27 -7.59
CA MET T 187 34.84 -69.74 -8.65
C MET T 187 35.54 -68.58 -9.35
N LEU T 188 34.79 -67.51 -9.63
CA LEU T 188 35.42 -66.32 -10.19
C LEU T 188 36.28 -65.60 -9.15
N ALA T 189 35.95 -65.74 -7.87
CA ALA T 189 36.77 -65.15 -6.83
C ALA T 189 38.15 -65.80 -6.79
N ARG T 190 38.21 -67.12 -6.95
CA ARG T 190 39.51 -67.79 -7.04
C ARG T 190 40.29 -67.33 -8.25
N GLY T 191 39.62 -67.20 -9.40
CA GLY T 191 40.21 -66.57 -10.56
C GLY T 191 40.69 -67.48 -11.68
N GLU T 192 40.42 -68.78 -11.62
CA GLU T 192 40.87 -69.68 -12.67
C GLU T 192 39.84 -69.89 -13.78
N LEU T 193 38.71 -69.18 -13.72
CA LEU T 193 37.67 -69.31 -14.74
C LEU T 193 37.73 -68.12 -15.68
N GLN T 194 37.85 -68.40 -16.98
CA GLN T 194 37.84 -67.39 -18.03
C GLN T 194 36.52 -67.50 -18.77
N THR T 195 35.58 -66.61 -18.44
CA THR T 195 34.25 -66.62 -19.02
C THR T 195 33.94 -65.26 -19.64
N ILE T 196 33.09 -65.27 -20.65
CA ILE T 196 32.63 -64.07 -21.33
C ILE T 196 31.13 -63.92 -21.07
N GLY T 197 30.73 -62.78 -20.54
CA GLY T 197 29.33 -62.55 -20.24
C GLY T 197 28.70 -61.48 -21.11
N ALA T 198 27.37 -61.41 -21.11
CA ALA T 198 26.64 -60.39 -21.85
C ALA T 198 25.48 -59.90 -20.99
N THR T 199 25.28 -58.58 -20.93
CA THR T 199 24.28 -58.03 -20.03
C THR T 199 23.82 -56.68 -20.55
N THR T 200 22.53 -56.40 -20.38
CA THR T 200 21.98 -55.09 -20.70
C THR T 200 22.56 -54.03 -19.76
N LEU T 201 22.66 -52.80 -20.26
CA LEU T 201 23.32 -51.73 -19.51
C LEU T 201 22.59 -51.44 -18.20
N ASP T 202 21.26 -51.35 -18.25
CA ASP T 202 20.51 -51.03 -17.03
C ASP T 202 20.63 -52.16 -16.00
N GLU T 203 20.52 -53.41 -16.46
CA GLU T 203 20.70 -54.54 -15.55
C GLU T 203 22.12 -54.59 -15.01
N TYR T 204 23.11 -54.30 -15.86
CA TYR T 204 24.50 -54.33 -15.42
C TYR T 204 24.76 -53.29 -14.34
N ARG T 205 24.23 -52.08 -14.52
CA ARG T 205 24.46 -51.04 -13.52
C ARG T 205 23.62 -51.28 -12.26
N LYS T 206 22.45 -51.91 -12.40
CA LYS T 206 21.58 -52.10 -11.25
C LYS T 206 22.00 -53.28 -10.38
N HIS T 207 22.53 -54.35 -10.98
CA HIS T 207 22.84 -55.57 -10.24
C HIS T 207 24.32 -55.92 -10.23
N LEU T 208 25.00 -55.84 -11.37
CA LEU T 208 26.41 -56.21 -11.42
C LEU T 208 27.32 -55.21 -10.73
N GLU T 209 26.88 -53.96 -10.53
CA GLU T 209 27.71 -52.96 -9.87
C GLU T 209 27.83 -53.23 -8.37
N LYS T 210 26.79 -53.76 -7.74
CA LYS T 210 26.80 -53.96 -6.30
C LYS T 210 27.55 -55.22 -5.88
N ASP T 211 27.85 -56.12 -6.81
CA ASP T 211 28.61 -57.34 -6.51
C ASP T 211 30.08 -56.97 -6.40
N ALA T 212 30.46 -56.47 -5.23
CA ALA T 212 31.84 -56.01 -5.01
C ALA T 212 32.85 -57.14 -5.13
N ALA T 213 32.44 -58.38 -4.89
CA ALA T 213 33.37 -59.50 -5.00
C ALA T 213 33.87 -59.67 -6.42
N LEU T 214 32.99 -59.52 -7.40
CA LEU T 214 33.34 -59.69 -8.80
C LEU T 214 33.75 -58.39 -9.49
N GLU T 215 33.77 -57.26 -8.76
CA GLU T 215 34.20 -56.01 -9.36
C GLU T 215 35.66 -56.02 -9.77
N ARG T 216 36.49 -56.77 -9.05
CA ARG T 216 37.91 -56.89 -9.35
C ARG T 216 38.22 -58.01 -10.32
N ARG T 217 37.20 -58.67 -10.86
CA ARG T 217 37.39 -59.78 -11.78
C ARG T 217 36.71 -59.58 -13.14
N PHE T 218 35.84 -58.59 -13.28
CA PHE T 218 35.12 -58.35 -14.52
C PHE T 218 35.58 -57.03 -15.14
N GLN T 219 35.60 -57.00 -16.47
CA GLN T 219 35.95 -55.80 -17.22
C GLN T 219 34.85 -55.52 -18.23
N PRO T 220 34.38 -54.27 -18.32
CA PRO T 220 33.27 -53.96 -19.23
C PRO T 220 33.74 -53.59 -20.64
N ILE T 221 32.98 -54.04 -21.63
CA ILE T 221 33.18 -53.67 -23.02
C ILE T 221 31.83 -53.21 -23.58
N GLN T 222 31.78 -51.97 -24.06
CA GLN T 222 30.54 -51.39 -24.55
C GLN T 222 30.34 -51.72 -26.03
N VAL T 223 29.09 -51.97 -26.40
CA VAL T 223 28.69 -52.19 -27.79
C VAL T 223 27.67 -51.14 -28.15
N ALA T 224 27.95 -50.37 -29.19
CA ALA T 224 27.09 -49.27 -29.60
C ALA T 224 26.12 -49.72 -30.70
N GLU T 225 25.08 -48.92 -30.88
CA GLU T 225 24.12 -49.20 -31.94
C GLU T 225 24.78 -49.04 -33.31
N PRO T 226 24.41 -49.86 -34.28
CA PRO T 226 25.02 -49.77 -35.61
C PRO T 226 24.47 -48.59 -36.40
N SER T 227 25.35 -47.96 -37.17
CA SER T 227 24.93 -46.87 -38.04
C SER T 227 24.13 -47.42 -39.23
N LEU T 228 23.45 -46.51 -39.92
CA LEU T 228 22.64 -46.91 -41.07
C LEU T 228 23.45 -47.63 -42.15
N PRO T 229 24.65 -47.18 -42.53
CA PRO T 229 25.47 -48.01 -43.44
C PRO T 229 25.79 -49.38 -42.88
N HIS T 230 26.03 -49.47 -41.57
CA HIS T 230 26.27 -50.78 -40.96
C HIS T 230 25.02 -51.66 -41.07
N THR T 231 23.85 -51.07 -40.87
CA THR T 231 22.61 -51.82 -41.04
C THR T 231 22.45 -52.30 -42.48
N ILE T 232 22.80 -51.45 -43.45
CA ILE T 232 22.74 -51.85 -44.85
C ILE T 232 23.68 -53.01 -45.11
N GLU T 233 24.89 -52.97 -44.54
CA GLU T 233 25.83 -54.06 -44.70
C GLU T 233 25.29 -55.37 -44.13
N ILE T 234 24.70 -55.30 -42.93
CA ILE T 234 24.15 -56.51 -42.31
C ILE T 234 22.99 -57.05 -43.14
N LEU T 235 22.14 -56.16 -43.66
CA LEU T 235 21.04 -56.58 -44.52
C LEU T 235 21.57 -57.29 -45.76
N LYS T 236 22.61 -56.73 -46.39
CA LYS T 236 23.22 -57.36 -47.55
C LYS T 236 23.79 -58.73 -47.20
N GLY T 237 24.42 -58.84 -46.02
CA GLY T 237 24.95 -60.13 -45.60
C GLY T 237 23.88 -61.18 -45.40
N LEU T 238 22.75 -60.79 -44.83
CA LEU T 238 21.66 -61.72 -44.56
C LEU T 238 20.74 -61.94 -45.76
N ARG T 239 20.94 -61.16 -46.83
CA ARG T 239 20.13 -61.33 -48.04
C ARG T 239 20.10 -62.77 -48.53
N ASP T 240 21.28 -63.41 -48.61
CA ASP T 240 21.35 -64.75 -49.18
C ASP T 240 20.52 -65.74 -48.37
N ARG T 241 20.75 -65.79 -47.06
CA ARG T 241 20.05 -66.74 -46.21
C ARG T 241 18.54 -66.47 -46.22
N TYR T 242 18.15 -65.21 -46.14
CA TYR T 242 16.71 -64.91 -46.04
C TYR T 242 16.00 -65.17 -47.36
N GLU T 243 16.66 -64.87 -48.50
CA GLU T 243 16.09 -65.21 -49.79
C GLU T 243 15.98 -66.72 -49.97
N ALA T 244 16.98 -67.46 -49.50
CA ALA T 244 16.90 -68.92 -49.57
C ALA T 244 15.75 -69.46 -48.75
N HIS T 245 15.56 -68.91 -47.55
CA HIS T 245 14.48 -69.40 -46.68
C HIS T 245 13.12 -69.04 -47.23
N HIS T 246 12.94 -67.79 -47.68
CA HIS T 246 11.62 -67.33 -48.11
C HIS T 246 11.31 -67.67 -49.56
N ARG T 247 12.30 -68.15 -50.32
CA ARG T 247 12.11 -68.47 -51.75
C ARG T 247 11.65 -67.24 -52.53
N VAL T 248 12.21 -66.08 -52.20
CA VAL T 248 11.87 -64.82 -52.85
C VAL T 248 13.15 -64.10 -53.22
N SER T 249 12.98 -62.95 -53.88
CA SER T 249 14.09 -62.09 -54.29
C SER T 249 13.84 -60.68 -53.79
N ILE T 250 14.88 -60.05 -53.27
CA ILE T 250 14.80 -58.71 -52.71
C ILE T 250 15.91 -57.85 -53.32
N THR T 251 15.65 -56.54 -53.42
CA THR T 251 16.55 -55.61 -54.06
C THR T 251 17.17 -54.65 -53.05
N ASP T 252 18.23 -53.97 -53.49
CA ASP T 252 18.94 -53.05 -52.60
C ASP T 252 18.07 -51.86 -52.22
N GLU T 253 17.21 -51.39 -53.13
CA GLU T 253 16.31 -50.30 -52.80
C GLU T 253 15.37 -50.68 -51.66
N ALA T 254 14.87 -51.92 -51.67
CA ALA T 254 14.07 -52.39 -50.56
C ALA T 254 14.87 -52.39 -49.26
N LEU T 255 16.13 -52.81 -49.33
CA LEU T 255 16.99 -52.80 -48.13
C LEU T 255 17.12 -51.40 -47.56
N VAL T 256 17.48 -50.43 -48.41
CA VAL T 256 17.74 -49.09 -47.90
C VAL T 256 16.45 -48.44 -47.40
N GLN T 257 15.33 -48.66 -48.11
CA GLN T 257 14.08 -48.05 -47.66
C GLN T 257 13.60 -48.69 -46.36
N ALA T 258 13.78 -50.00 -46.21
CA ALA T 258 13.42 -50.65 -44.96
C ALA T 258 14.26 -50.12 -43.80
N ALA T 259 15.57 -49.95 -44.03
CA ALA T 259 16.43 -49.40 -42.98
C ALA T 259 15.99 -47.99 -42.60
N THR T 260 15.70 -47.15 -43.60
CA THR T 260 15.30 -45.78 -43.30
C THR T 260 13.96 -45.74 -42.57
N LEU T 261 13.00 -46.57 -42.99
CA LEU T 261 11.70 -46.60 -42.34
C LEU T 261 11.82 -47.08 -40.89
N ALA T 262 12.66 -48.09 -40.66
CA ALA T 262 12.88 -48.56 -39.30
C ALA T 262 13.53 -47.48 -38.44
N ASP T 263 14.53 -46.79 -38.99
CA ASP T 263 15.23 -45.76 -38.22
C ASP T 263 14.31 -44.58 -37.90
N ARG T 264 13.45 -44.19 -38.84
CA ARG T 264 12.67 -42.97 -38.70
C ARG T 264 11.32 -43.19 -38.03
N TYR T 265 10.57 -44.19 -38.49
CA TYR T 265 9.17 -44.34 -38.09
C TYR T 265 8.94 -45.44 -37.08
N ILE T 266 9.99 -45.99 -36.47
CA ILE T 266 9.88 -46.98 -35.41
C ILE T 266 10.83 -46.58 -34.29
N SER T 267 10.32 -46.58 -33.06
CA SER T 267 11.10 -46.16 -31.90
C SER T 267 11.21 -47.22 -30.81
N ASP T 268 10.20 -48.06 -30.63
CA ASP T 268 10.23 -49.04 -29.55
C ASP T 268 11.34 -50.08 -29.74
N ARG T 269 11.48 -50.60 -30.96
CA ARG T 269 12.51 -51.59 -31.25
C ARG T 269 13.74 -50.84 -31.75
N PHE T 270 14.80 -51.57 -32.14
CA PHE T 270 16.06 -50.95 -32.49
C PHE T 270 16.58 -51.51 -33.81
N LEU T 271 17.44 -50.72 -34.46
CA LEU T 271 17.78 -50.92 -35.87
C LEU T 271 18.34 -52.29 -36.22
N PRO T 272 19.34 -52.85 -35.52
CA PRO T 272 19.97 -54.09 -36.01
C PRO T 272 19.05 -55.30 -36.02
N ASP T 273 17.80 -55.18 -35.60
CA ASP T 273 16.89 -56.32 -35.59
C ASP T 273 15.60 -56.04 -36.33
N LYS T 274 15.11 -54.80 -36.26
CA LYS T 274 13.79 -54.49 -36.80
C LYS T 274 13.79 -54.45 -38.33
N ALA T 275 14.91 -54.05 -38.95
CA ALA T 275 14.99 -54.14 -40.41
C ALA T 275 14.93 -55.59 -40.87
N ILE T 276 15.64 -56.47 -40.16
CA ILE T 276 15.55 -57.90 -40.44
C ILE T 276 14.13 -58.39 -40.25
N ASP T 277 13.46 -57.92 -39.20
CA ASP T 277 12.07 -58.32 -38.98
C ASP T 277 11.18 -57.86 -40.12
N LEU T 278 11.37 -56.64 -40.59
CA LEU T 278 10.54 -56.13 -41.68
C LEU T 278 10.76 -56.93 -42.96
N ILE T 279 12.01 -57.24 -43.29
CA ILE T 279 12.24 -57.98 -44.53
C ILE T 279 11.72 -59.41 -44.42
N ASP T 280 11.88 -60.04 -43.26
CA ASP T 280 11.33 -61.38 -43.07
C ASP T 280 9.80 -61.35 -43.14
N GLU T 281 9.18 -60.31 -42.59
CA GLU T 281 7.74 -60.16 -42.64
C GLU T 281 7.26 -60.01 -44.08
N ALA T 282 7.97 -59.21 -44.87
CA ALA T 282 7.62 -59.04 -46.29
C ALA T 282 7.80 -60.35 -47.05
N GLY T 283 8.87 -61.08 -46.76
CA GLY T 283 9.07 -62.37 -47.39
C GLY T 283 7.96 -63.35 -47.06
N SER T 284 7.51 -63.35 -45.80
CA SER T 284 6.38 -64.17 -45.41
C SER T 284 5.12 -63.79 -46.15
N ARG T 285 4.89 -62.48 -46.32
CA ARG T 285 3.74 -62.01 -47.08
C ARG T 285 3.79 -62.50 -48.53
N MET T 286 4.96 -62.44 -49.17
CA MET T 286 5.06 -62.93 -50.53
C MET T 286 4.91 -64.44 -50.60
N ARG T 287 5.38 -65.15 -49.57
CA ARG T 287 5.24 -66.61 -49.57
C ARG T 287 3.79 -67.04 -49.40
N ILE T 288 3.03 -66.34 -48.55
CA ILE T 288 1.67 -66.77 -48.24
C ILE T 288 0.65 -66.45 -49.32
N ARG T 289 0.97 -65.55 -50.25
CA ARG T 289 0.02 -65.22 -51.31
C ARG T 289 0.09 -66.18 -52.49
N ARG T 290 1.03 -67.10 -52.49
CA ARG T 290 1.11 -68.12 -53.54
C ARG T 290 1.03 -69.52 -52.94
N VAL T 352 9.09 -66.66 -59.95
CA VAL T 352 9.83 -66.33 -58.73
C VAL T 352 9.32 -65.02 -58.15
N ALA T 353 9.07 -65.02 -56.84
CA ALA T 353 8.54 -63.84 -56.17
C ALA T 353 9.59 -62.73 -56.09
N GLU T 354 9.11 -61.50 -56.08
CA GLU T 354 9.97 -60.32 -56.04
C GLU T 354 9.43 -59.35 -55.01
N VAL T 355 10.33 -58.69 -54.28
CA VAL T 355 9.97 -57.74 -53.23
C VAL T 355 10.51 -56.38 -53.61
N ASP T 356 9.63 -55.38 -53.65
CA ASP T 356 9.99 -54.02 -54.02
C ASP T 356 9.68 -53.07 -52.86
N GLY T 357 9.92 -51.78 -53.10
CA GLY T 357 9.86 -50.81 -52.02
C GLY T 357 8.45 -50.58 -51.48
N GLU T 358 7.49 -50.36 -52.39
CA GLU T 358 6.12 -50.12 -51.93
C GLU T 358 5.56 -51.31 -51.18
N LEU T 359 6.08 -52.51 -51.47
CA LEU T 359 5.62 -53.71 -50.78
C LEU T 359 5.95 -53.65 -49.29
N ILE T 360 7.22 -53.40 -48.96
CA ILE T 360 7.60 -53.29 -47.56
C ILE T 360 7.01 -52.04 -46.95
N ALA T 361 6.80 -51.00 -47.74
CA ALA T 361 6.15 -49.79 -47.23
C ALA T 361 4.74 -50.10 -46.73
N GLU T 362 3.95 -50.82 -47.53
CA GLU T 362 2.59 -51.16 -47.10
C GLU T 362 2.60 -52.22 -46.00
N VAL T 363 3.60 -53.10 -45.99
CA VAL T 363 3.72 -54.06 -44.88
C VAL T 363 3.94 -53.32 -43.57
N LEU T 364 4.84 -52.33 -43.57
CA LEU T 364 5.05 -51.53 -42.37
C LEU T 364 3.79 -50.72 -42.04
N ALA T 365 3.10 -50.22 -43.05
CA ALA T 365 1.88 -49.45 -42.82
C ALA T 365 0.81 -50.28 -42.13
N THR T 366 0.65 -51.54 -42.54
CA THR T 366 -0.32 -52.43 -41.92
C THR T 366 0.24 -53.14 -40.69
N ALA T 367 1.52 -52.94 -40.37
CA ALA T 367 2.14 -53.61 -39.23
C ALA T 367 1.94 -52.83 -37.92
N THR T 368 2.41 -51.59 -37.89
CA THR T 368 2.40 -50.78 -36.67
C THR T 368 1.67 -49.47 -36.95
N GLY T 369 0.41 -49.39 -36.51
CA GLY T 369 -0.33 -48.15 -36.65
C GLY T 369 -0.59 -47.80 -38.10
N ILE T 370 -0.52 -46.50 -38.40
CA ILE T 370 -0.71 -46.00 -39.76
C ILE T 370 0.39 -44.97 -40.05
N PRO T 371 1.65 -45.43 -40.18
CA PRO T 371 2.78 -44.49 -40.13
C PRO T 371 2.81 -43.43 -41.23
N VAL T 372 2.90 -43.86 -42.50
CA VAL T 372 2.93 -42.90 -43.59
C VAL T 372 1.92 -43.30 -44.66
N PHE T 373 1.62 -44.60 -44.73
CA PHE T 373 0.52 -45.21 -45.49
C PHE T 373 0.56 -44.93 -46.99
N LYS T 374 1.55 -44.17 -47.46
CA LYS T 374 1.81 -43.94 -48.88
C LYS T 374 3.02 -43.03 -48.99
N LEU T 375 3.57 -42.96 -50.21
CA LEU T 375 4.65 -42.04 -50.54
C LEU T 375 4.35 -41.18 -51.76
N THR T 376 3.09 -41.17 -52.21
CA THR T 376 2.71 -40.44 -53.42
C THR T 376 2.53 -38.95 -53.09
N GLU T 377 1.96 -38.20 -54.04
CA GLU T 377 1.74 -36.77 -53.87
C GLU T 377 0.29 -36.43 -53.54
N GLU T 378 -0.60 -37.42 -53.46
CA GLU T 378 -1.99 -37.14 -53.11
C GLU T 378 -2.10 -36.56 -51.70
N GLU T 379 -1.37 -37.13 -50.74
CA GLU T 379 -1.34 -36.54 -49.41
C GLU T 379 -0.65 -35.18 -49.44
N SER T 380 0.35 -35.00 -50.30
CA SER T 380 0.95 -33.68 -50.46
C SER T 380 -0.06 -32.67 -50.95
N SER T 381 -0.90 -33.06 -51.90
CA SER T 381 -1.99 -32.19 -52.33
C SER T 381 -2.93 -31.86 -51.18
N ARG T 382 -3.14 -32.84 -50.28
CA ARG T 382 -3.95 -32.57 -49.09
C ARG T 382 -3.29 -31.53 -48.20
N LEU T 383 -1.98 -31.64 -47.98
CA LEU T 383 -1.26 -30.62 -47.22
C LEU T 383 -1.28 -29.26 -47.91
N LEU T 384 -1.39 -29.24 -49.24
CA LEU T 384 -1.60 -27.96 -49.93
C LEU T 384 -2.98 -27.40 -49.64
N ARG T 385 -3.98 -28.26 -49.47
CA ARG T 385 -5.34 -27.86 -49.15
C ARG T 385 -5.62 -27.88 -47.66
N MET T 386 -4.58 -27.83 -46.82
CA MET T 386 -4.78 -28.00 -45.38
C MET T 386 -5.61 -26.86 -44.79
N GLU T 387 -5.34 -25.63 -45.21
CA GLU T 387 -6.08 -24.49 -44.66
C GLU T 387 -7.56 -24.58 -44.99
N ASP T 388 -7.90 -24.94 -46.24
CA ASP T 388 -9.30 -25.07 -46.61
C ASP T 388 -9.96 -26.22 -45.87
N GLU T 389 -9.23 -27.32 -45.63
CA GLU T 389 -9.79 -28.42 -44.85
C GLU T 389 -10.06 -28.02 -43.41
N LEU T 390 -9.14 -27.26 -42.81
CA LEU T 390 -9.30 -26.85 -41.42
C LEU T 390 -10.45 -25.86 -41.27
N HIS T 391 -10.64 -24.98 -42.25
CA HIS T 391 -11.69 -23.95 -42.15
C HIS T 391 -13.09 -24.51 -42.29
N LYS T 392 -13.30 -25.82 -42.39
CA LYS T 392 -14.63 -26.39 -42.35
C LYS T 392 -15.10 -26.70 -40.94
N ARG T 393 -14.25 -26.48 -39.93
CA ARG T 393 -14.62 -26.69 -38.54
C ARG T 393 -14.29 -25.45 -37.72
N VAL T 394 -13.27 -24.70 -38.13
CA VAL T 394 -12.84 -23.48 -37.47
C VAL T 394 -13.13 -22.31 -38.39
N ILE T 395 -13.81 -21.30 -37.86
CA ILE T 395 -14.25 -20.15 -38.65
C ILE T 395 -13.63 -18.89 -38.07
N GLY T 396 -12.94 -18.13 -38.92
CA GLY T 396 -12.48 -16.80 -38.60
C GLY T 396 -11.03 -16.70 -38.15
N GLN T 397 -10.41 -17.81 -37.75
CA GLN T 397 -9.03 -17.78 -37.27
C GLN T 397 -8.09 -18.09 -38.44
N VAL T 398 -7.95 -17.10 -39.32
CA VAL T 398 -7.12 -17.28 -40.51
C VAL T 398 -5.64 -17.34 -40.14
N ASP T 399 -5.19 -16.45 -39.26
CA ASP T 399 -3.78 -16.41 -38.90
C ASP T 399 -3.34 -17.69 -38.18
N ALA T 400 -4.17 -18.18 -37.27
CA ALA T 400 -3.83 -19.40 -36.53
C ALA T 400 -3.70 -20.59 -37.46
N VAL T 401 -4.67 -20.78 -38.34
CA VAL T 401 -4.64 -21.89 -39.28
C VAL T 401 -3.44 -21.75 -40.21
N LYS T 402 -3.18 -20.54 -40.70
CA LYS T 402 -2.04 -20.32 -41.59
C LYS T 402 -0.73 -20.68 -40.92
N ALA T 403 -0.52 -20.19 -39.69
CA ALA T 403 0.72 -20.47 -38.99
C ALA T 403 0.88 -21.95 -38.70
N LEU T 404 -0.19 -22.60 -38.24
CA LEU T 404 -0.10 -24.03 -37.93
C LEU T 404 0.18 -24.84 -39.19
N SER T 405 -0.48 -24.50 -40.30
CA SER T 405 -0.25 -25.22 -41.55
C SER T 405 1.17 -25.02 -42.04
N LYS T 406 1.68 -23.79 -41.96
CA LYS T 406 3.06 -23.53 -42.38
C LYS T 406 4.04 -24.32 -41.54
N ALA T 407 3.85 -24.33 -40.22
CA ALA T 407 4.77 -25.04 -39.34
C ALA T 407 4.75 -26.54 -39.62
N ILE T 408 3.55 -27.12 -39.76
CA ILE T 408 3.49 -28.56 -39.98
C ILE T 408 3.97 -28.94 -41.38
N ARG T 409 3.78 -28.06 -42.37
CA ARG T 409 4.32 -28.31 -43.70
C ARG T 409 5.85 -28.29 -43.66
N ARG T 410 6.43 -27.34 -42.93
CA ARG T 410 7.87 -27.33 -42.75
C ARG T 410 8.35 -28.59 -42.05
N THR T 411 7.60 -29.06 -41.05
CA THR T 411 7.95 -30.31 -40.39
C THR T 411 7.89 -31.48 -41.36
N ARG T 412 6.85 -31.53 -42.20
CA ARG T 412 6.70 -32.63 -43.14
C ARG T 412 7.78 -32.64 -44.20
N ALA T 413 8.40 -31.50 -44.49
CA ALA T 413 9.43 -31.41 -45.51
C ALA T 413 10.81 -31.84 -45.03
N GLY T 414 10.94 -32.22 -43.76
CA GLY T 414 12.23 -32.65 -43.24
C GLY T 414 13.16 -31.52 -42.87
N LEU T 415 12.65 -30.30 -42.72
CA LEU T 415 13.47 -29.14 -42.40
C LEU T 415 13.58 -28.89 -40.90
N LYS T 416 13.02 -29.79 -40.08
CA LYS T 416 13.07 -29.67 -38.63
C LYS T 416 14.01 -30.73 -38.06
N ASP T 417 14.41 -30.51 -36.81
CA ASP T 417 15.33 -31.43 -36.16
C ASP T 417 14.64 -32.75 -35.88
N PRO T 418 15.12 -33.88 -36.42
CA PRO T 418 14.44 -35.16 -36.18
C PRO T 418 14.40 -35.57 -34.71
N LYS T 419 15.38 -35.14 -33.91
CA LYS T 419 15.35 -35.47 -32.48
C LYS T 419 14.16 -34.80 -31.79
N ARG T 420 13.88 -33.56 -32.14
CA ARG T 420 12.79 -32.82 -31.53
C ARG T 420 11.44 -33.34 -32.03
N PRO T 421 10.37 -33.07 -31.27
CA PRO T 421 9.03 -33.50 -31.71
C PRO T 421 8.61 -32.82 -33.00
N GLY T 422 7.44 -33.22 -33.50
CA GLY T 422 6.93 -32.74 -34.76
C GLY T 422 6.31 -31.36 -34.74
N GLY T 423 6.24 -30.72 -33.58
CA GLY T 423 5.68 -29.38 -33.48
C GLY T 423 5.28 -29.00 -32.08
N SER T 424 5.49 -27.75 -31.72
CA SER T 424 5.16 -27.25 -30.39
C SER T 424 4.50 -25.89 -30.53
N PHE T 425 3.29 -25.75 -30.01
CA PHE T 425 2.51 -24.54 -30.15
C PHE T 425 1.94 -24.09 -28.82
N ILE T 426 1.94 -22.79 -28.59
CA ILE T 426 1.31 -22.18 -27.43
C ILE T 426 0.13 -21.36 -27.93
N PHE T 427 -1.08 -21.89 -27.71
CA PHE T 427 -2.31 -21.22 -28.12
C PHE T 427 -2.74 -20.28 -27.00
N ALA T 428 -2.49 -19.00 -27.17
CA ALA T 428 -2.87 -17.99 -26.20
C ALA T 428 -4.08 -17.21 -26.72
N GLY T 429 -5.11 -17.11 -25.89
CA GLY T 429 -6.29 -16.39 -26.29
C GLY T 429 -7.38 -16.33 -25.24
N PRO T 430 -8.42 -15.54 -25.51
CA PRO T 430 -9.55 -15.46 -24.56
C PRO T 430 -10.38 -16.72 -24.55
N SER T 431 -11.46 -16.72 -23.76
CA SER T 431 -12.29 -17.91 -23.61
C SER T 431 -13.30 -18.03 -24.74
N GLY T 432 -13.49 -19.25 -25.22
CA GLY T 432 -14.49 -19.53 -26.23
C GLY T 432 -14.23 -18.91 -27.59
N VAL T 433 -13.00 -19.00 -28.09
CA VAL T 433 -12.66 -18.46 -29.40
C VAL T 433 -12.29 -19.54 -30.41
N GLY T 434 -11.99 -20.76 -29.96
CA GLY T 434 -11.66 -21.84 -30.87
C GLY T 434 -10.33 -22.50 -30.59
N LYS T 435 -9.80 -22.30 -29.38
CA LYS T 435 -8.50 -22.88 -29.03
C LYS T 435 -8.55 -24.40 -29.00
N THR T 436 -9.63 -24.98 -28.48
CA THR T 436 -9.78 -26.43 -28.42
C THR T 436 -10.41 -26.99 -29.69
N GLU T 437 -11.29 -26.22 -30.34
CA GLU T 437 -11.87 -26.67 -31.60
C GLU T 437 -10.79 -26.83 -32.67
N LEU T 438 -9.81 -25.93 -32.69
CA LEU T 438 -8.71 -26.06 -33.65
C LEU T 438 -7.89 -27.31 -33.36
N SER T 439 -7.64 -27.61 -32.09
CA SER T 439 -6.91 -28.82 -31.74
C SER T 439 -7.68 -30.06 -32.18
N LYS T 440 -9.00 -30.08 -31.95
CA LYS T 440 -9.81 -31.21 -32.39
C LYS T 440 -9.80 -31.36 -33.90
N ALA T 441 -9.87 -30.24 -34.62
CA ALA T 441 -9.83 -30.30 -36.09
C ALA T 441 -8.48 -30.81 -36.57
N LEU T 442 -7.39 -30.38 -35.93
CA LEU T 442 -6.07 -30.86 -36.30
C LEU T 442 -5.95 -32.36 -36.04
N ALA T 443 -6.48 -32.83 -34.91
CA ALA T 443 -6.45 -34.26 -34.62
C ALA T 443 -7.26 -35.04 -35.65
N GLU T 444 -8.41 -34.51 -36.05
CA GLU T 444 -9.21 -35.16 -37.09
C GLU T 444 -8.46 -35.22 -38.41
N PHE T 445 -7.79 -34.12 -38.78
CA PHE T 445 -7.14 -34.06 -40.08
C PHE T 445 -5.90 -34.95 -40.15
N LEU T 446 -5.05 -34.88 -39.12
CA LEU T 446 -3.76 -35.57 -39.18
C LEU T 446 -3.89 -37.07 -38.97
N PHE T 447 -4.90 -37.53 -38.24
CA PHE T 447 -5.00 -38.95 -37.90
C PHE T 447 -6.37 -39.56 -38.16
N GLY T 448 -7.31 -38.81 -38.72
CA GLY T 448 -8.57 -39.37 -39.15
C GLY T 448 -9.65 -39.49 -38.10
N ASP T 449 -9.36 -39.15 -36.84
CA ASP T 449 -10.35 -39.25 -35.79
C ASP T 449 -9.98 -38.34 -34.63
N GLU T 450 -10.99 -37.97 -33.84
CA GLU T 450 -10.75 -37.16 -32.66
C GLU T 450 -10.19 -37.97 -31.51
N ASP T 451 -10.29 -39.30 -31.57
CA ASP T 451 -9.76 -40.15 -30.50
C ASP T 451 -8.24 -40.10 -30.42
N ALA T 452 -7.56 -39.65 -31.48
CA ALA T 452 -6.11 -39.54 -31.47
C ALA T 452 -5.61 -38.42 -30.56
N LEU T 453 -6.49 -37.56 -30.06
CA LEU T 453 -6.09 -36.44 -29.23
C LEU T 453 -6.02 -36.88 -27.77
N ILE T 454 -4.86 -36.72 -27.15
CA ILE T 454 -4.66 -37.03 -25.74
C ILE T 454 -4.71 -35.71 -24.99
N SER T 455 -5.83 -35.46 -24.31
CA SER T 455 -6.06 -34.20 -23.62
C SER T 455 -5.81 -34.38 -22.13
N LEU T 456 -5.09 -33.44 -21.53
CA LEU T 456 -4.79 -33.45 -20.11
C LEU T 456 -5.24 -32.12 -19.51
N ASP T 457 -6.19 -32.19 -18.57
CA ASP T 457 -6.64 -31.00 -17.85
C ASP T 457 -5.70 -30.75 -16.69
N MET T 458 -4.93 -29.66 -16.77
CA MET T 458 -3.91 -29.39 -15.77
C MET T 458 -4.49 -28.87 -14.47
N SER T 459 -5.80 -28.59 -14.42
CA SER T 459 -6.42 -28.12 -13.19
C SER T 459 -6.37 -29.16 -12.09
N GLU T 460 -6.11 -30.42 -12.42
CA GLU T 460 -5.95 -31.47 -11.43
C GLU T 460 -4.50 -31.66 -11.01
N PHE T 461 -3.59 -30.84 -11.51
CA PHE T 461 -2.16 -30.92 -11.17
C PHE T 461 -1.72 -29.67 -10.43
N SER T 462 -2.60 -29.14 -9.55
CA SER T 462 -2.30 -27.93 -8.80
C SER T 462 -1.35 -28.17 -7.64
N GLU T 463 -1.13 -29.41 -7.25
CA GLU T 463 -0.23 -29.75 -6.16
C GLU T 463 0.98 -30.49 -6.73
N LYS T 464 2.16 -30.19 -6.17
CA LYS T 464 3.40 -30.73 -6.72
C LYS T 464 3.47 -32.25 -6.58
N HIS T 465 2.98 -32.79 -5.47
CA HIS T 465 3.10 -34.23 -5.25
C HIS T 465 2.25 -35.03 -6.22
N THR T 466 1.35 -34.40 -6.97
CA THR T 466 0.61 -35.08 -8.02
C THR T 466 1.47 -35.42 -9.23
N VAL T 467 2.67 -34.85 -9.34
CA VAL T 467 3.55 -35.16 -10.47
C VAL T 467 3.78 -36.66 -10.59
N SER T 468 3.67 -37.40 -9.49
CA SER T 468 3.86 -38.85 -9.53
C SER T 468 2.90 -39.52 -10.50
N ARG T 469 1.65 -39.04 -10.55
CA ARG T 469 0.70 -39.68 -11.45
C ARG T 469 1.01 -39.44 -12.91
N LEU T 470 1.92 -38.52 -13.22
CA LEU T 470 2.27 -38.26 -14.62
C LEU T 470 3.11 -39.39 -15.20
N PHE T 471 4.13 -39.85 -14.46
CA PHE T 471 5.01 -40.91 -14.94
C PHE T 471 5.32 -41.91 -13.83
N GLY T 472 4.30 -42.28 -13.06
CA GLY T 472 4.45 -43.34 -12.08
C GLY T 472 5.04 -42.89 -10.77
N SER T 473 4.90 -43.76 -9.77
CA SER T 473 5.37 -43.53 -8.41
C SER T 473 6.76 -44.13 -8.22
N PRO T 474 7.52 -43.63 -7.24
CA PRO T 474 8.85 -44.20 -6.99
C PRO T 474 8.75 -45.65 -6.52
N PRO T 475 9.80 -46.45 -6.75
CA PRO T 475 9.73 -47.87 -6.41
C PRO T 475 9.53 -48.10 -4.92
N GLY T 476 8.82 -49.18 -4.61
CA GLY T 476 8.55 -49.56 -3.24
C GLY T 476 7.25 -49.02 -2.66
N TYR T 477 6.57 -48.13 -3.37
CA TYR T 477 5.32 -47.53 -2.90
C TYR T 477 4.15 -48.11 -3.69
N VAL T 478 2.95 -47.85 -3.16
CA VAL T 478 1.74 -48.37 -3.79
C VAL T 478 1.56 -47.74 -5.17
N GLY T 479 1.04 -48.52 -6.11
CA GLY T 479 0.84 -48.05 -7.47
C GLY T 479 2.07 -48.13 -8.35
N TYR T 480 3.18 -48.65 -7.85
CA TYR T 480 4.38 -48.79 -8.69
C TYR T 480 4.20 -49.82 -9.79
N GLU T 481 3.43 -50.89 -9.52
CA GLU T 481 3.23 -51.92 -10.53
C GLU T 481 2.58 -51.37 -11.79
N GLU T 482 1.82 -50.28 -11.67
CA GLU T 482 1.25 -49.61 -12.82
C GLU T 482 2.14 -48.45 -13.23
N GLY T 483 2.20 -48.20 -14.54
CA GLY T 483 3.02 -47.15 -15.08
C GLY T 483 2.35 -45.79 -15.00
N GLY T 484 3.00 -44.80 -15.59
CA GLY T 484 2.45 -43.46 -15.60
C GLY T 484 1.20 -43.37 -16.46
N GLN T 485 0.35 -42.39 -16.11
CA GLN T 485 -0.88 -42.20 -16.85
C GLN T 485 -0.67 -41.53 -18.20
N LEU T 486 0.48 -40.88 -18.40
CA LEU T 486 0.78 -40.20 -19.65
C LEU T 486 1.85 -40.93 -20.47
N THR T 487 2.92 -41.39 -19.82
CA THR T 487 4.00 -42.06 -20.55
C THR T 487 3.50 -43.34 -21.21
N GLU T 488 2.75 -44.16 -20.47
CA GLU T 488 2.22 -45.39 -21.05
C GLU T 488 1.25 -45.09 -22.17
N LYS T 489 0.38 -44.09 -21.99
CA LYS T 489 -0.60 -43.76 -23.02
C LYS T 489 0.07 -43.25 -24.29
N VAL T 490 1.16 -42.50 -24.15
CA VAL T 490 1.92 -42.07 -25.32
C VAL T 490 2.63 -43.26 -25.96
N ARG T 491 3.13 -44.19 -25.14
CA ARG T 491 3.79 -45.38 -25.67
C ARG T 491 2.84 -46.23 -26.49
N ARG T 492 1.58 -46.31 -26.07
CA ARG T 492 0.59 -47.09 -26.81
C ARG T 492 0.37 -46.49 -28.21
N LYS T 493 0.29 -45.16 -28.29
CA LYS T 493 0.00 -44.48 -29.55
C LYS T 493 1.09 -43.45 -29.82
N PRO T 494 2.20 -43.85 -30.44
CA PRO T 494 3.28 -42.89 -30.73
C PRO T 494 2.88 -41.77 -31.67
N PHE T 495 1.84 -41.96 -32.47
CA PHE T 495 1.35 -40.94 -33.40
C PHE T 495 0.06 -40.36 -32.81
N SER T 496 0.18 -39.25 -32.10
CA SER T 496 -0.97 -38.63 -31.45
C SER T 496 -0.65 -37.16 -31.19
N VAL T 497 -1.69 -36.40 -30.86
CA VAL T 497 -1.58 -34.99 -30.53
C VAL T 497 -1.82 -34.83 -29.04
N VAL T 498 -0.79 -34.38 -28.31
CA VAL T 498 -0.86 -34.21 -26.87
C VAL T 498 -1.24 -32.76 -26.58
N LEU T 499 -2.32 -32.56 -25.84
CA LEU T 499 -2.84 -31.25 -25.50
C LEU T 499 -2.82 -31.08 -23.99
N PHE T 500 -2.30 -29.95 -23.53
CA PHE T 500 -2.27 -29.59 -22.12
C PHE T 500 -3.21 -28.41 -21.93
N ASP T 501 -4.46 -28.69 -21.57
CA ASP T 501 -5.46 -27.65 -21.45
C ASP T 501 -5.24 -26.86 -20.16
N ALA T 502 -5.24 -25.53 -20.28
CA ALA T 502 -5.04 -24.62 -19.14
C ALA T 502 -3.72 -24.92 -18.44
N VAL T 503 -2.63 -24.72 -19.18
CA VAL T 503 -1.31 -25.09 -18.69
C VAL T 503 -0.87 -24.20 -17.52
N GLU T 504 -1.45 -23.00 -17.37
CA GLU T 504 -1.04 -22.09 -16.32
C GLU T 504 -1.60 -22.48 -14.95
N LYS T 505 -2.53 -23.41 -14.88
CA LYS T 505 -3.14 -23.82 -13.63
C LYS T 505 -2.40 -24.96 -12.94
N ALA T 506 -1.28 -25.41 -13.50
CA ALA T 506 -0.50 -26.50 -12.94
C ALA T 506 0.68 -25.98 -12.15
N HIS T 507 1.22 -26.84 -11.29
CA HIS T 507 2.39 -26.49 -10.49
C HIS T 507 3.61 -26.33 -11.41
N PRO T 508 4.55 -25.45 -11.02
CA PRO T 508 5.75 -25.26 -11.85
C PRO T 508 6.59 -26.52 -12.04
N ASP T 509 6.48 -27.50 -11.13
CA ASP T 509 7.18 -28.77 -11.34
C ASP T 509 6.65 -29.48 -12.58
N ILE T 510 5.39 -29.23 -12.95
CA ILE T 510 4.89 -29.73 -14.23
C ILE T 510 5.69 -29.15 -15.37
N PHE T 511 5.99 -27.85 -15.32
CA PHE T 511 6.88 -27.26 -16.31
C PHE T 511 8.27 -27.88 -16.27
N ASN T 512 8.80 -28.11 -15.06
CA ASN T 512 10.13 -28.69 -14.93
C ASN T 512 10.21 -30.05 -15.62
N SER T 513 9.16 -30.86 -15.49
CA SER T 513 9.12 -32.14 -16.18
C SER T 513 8.82 -31.98 -17.67
N LEU T 514 8.04 -30.95 -18.03
CA LEU T 514 7.56 -30.82 -19.40
C LEU T 514 8.62 -30.30 -20.37
N LEU T 515 9.52 -29.43 -19.89
CA LEU T 515 10.56 -28.91 -20.78
C LEU T 515 11.38 -30.03 -21.41
N GLN T 516 11.68 -31.09 -20.65
CA GLN T 516 12.53 -32.16 -21.17
C GLN T 516 12.02 -32.66 -22.51
N ILE T 517 10.69 -32.78 -22.66
CA ILE T 517 10.12 -33.16 -23.95
C ILE T 517 10.52 -32.16 -25.02
N LEU T 518 10.55 -30.87 -24.68
CA LEU T 518 10.94 -29.86 -25.66
C LEU T 518 12.40 -30.00 -26.06
N GLU T 519 13.30 -30.22 -25.10
CA GLU T 519 14.71 -30.33 -25.47
C GLU T 519 15.00 -31.64 -26.21
N ASP T 520 14.84 -32.78 -25.54
CA ASP T 520 15.33 -34.03 -26.12
C ASP T 520 14.24 -34.96 -26.62
N GLY T 521 12.97 -34.57 -26.50
CA GLY T 521 11.90 -35.36 -27.08
C GLY T 521 11.74 -36.75 -26.51
N ARG T 522 12.31 -37.03 -25.34
CA ARG T 522 12.19 -38.32 -24.71
C ARG T 522 11.93 -38.14 -23.22
N LEU T 523 11.21 -39.08 -22.63
CA LEU T 523 10.84 -39.01 -21.23
C LEU T 523 11.13 -40.34 -20.55
N THR T 524 11.70 -40.27 -19.34
CA THR T 524 12.00 -41.45 -18.55
C THR T 524 11.07 -41.47 -17.34
N ASP T 525 10.33 -42.57 -17.19
CA ASP T 525 9.40 -42.70 -16.08
C ASP T 525 10.12 -43.26 -14.85
N SER T 526 9.36 -43.50 -13.80
CA SER T 526 9.93 -43.99 -12.54
C SER T 526 10.48 -45.40 -12.68
N GLN T 527 10.03 -46.17 -13.66
CA GLN T 527 10.51 -47.52 -13.88
C GLN T 527 11.78 -47.58 -14.70
N GLY T 528 12.26 -46.45 -15.20
CA GLY T 528 13.48 -46.40 -15.98
C GLY T 528 13.29 -46.54 -17.48
N ARG T 529 12.08 -46.84 -17.93
CA ARG T 529 11.83 -46.96 -19.36
C ARG T 529 11.80 -45.58 -20.02
N VAL T 530 12.10 -45.55 -21.31
CA VAL T 530 12.18 -44.31 -22.08
C VAL T 530 11.12 -44.34 -23.17
N VAL T 531 10.33 -43.27 -23.24
CA VAL T 531 9.30 -43.11 -24.26
C VAL T 531 9.70 -41.94 -25.15
N ASP T 532 9.44 -42.08 -26.44
CA ASP T 532 9.85 -41.11 -27.45
C ASP T 532 8.66 -40.25 -27.86
N PHE T 533 8.87 -38.93 -27.90
CA PHE T 533 7.84 -37.98 -28.28
C PHE T 533 8.11 -37.33 -29.62
N LYS T 534 8.94 -37.96 -30.46
CA LYS T 534 9.34 -37.35 -31.72
C LYS T 534 8.24 -37.34 -32.76
N ASN T 535 7.21 -38.18 -32.60
CA ASN T 535 6.15 -38.31 -33.58
C ASN T 535 4.83 -37.73 -33.07
N THR T 536 4.90 -36.71 -32.21
CA THR T 536 3.73 -36.11 -31.61
C THR T 536 3.76 -34.61 -31.79
N VAL T 537 2.59 -33.99 -31.69
CA VAL T 537 2.43 -32.54 -31.73
C VAL T 537 1.96 -32.08 -30.37
N ILE T 538 2.65 -31.10 -29.80
CA ILE T 538 2.37 -30.60 -28.46
C ILE T 538 1.69 -29.25 -28.57
N ILE T 539 0.54 -29.11 -27.94
CA ILE T 539 -0.21 -27.86 -27.91
C ILE T 539 -0.51 -27.52 -26.46
N MET T 540 -0.21 -26.28 -26.06
CA MET T 540 -0.48 -25.81 -24.71
C MET T 540 -1.35 -24.57 -24.81
N THR T 541 -2.54 -24.62 -24.21
CA THR T 541 -3.49 -23.53 -24.29
C THR T 541 -3.45 -22.68 -23.03
N THR T 542 -3.70 -21.38 -23.20
CA THR T 542 -3.67 -20.46 -22.08
C THR T 542 -4.49 -19.22 -22.40
N ASN T 543 -4.93 -18.55 -21.34
CA ASN T 543 -5.63 -17.28 -21.43
C ASN T 543 -4.77 -16.09 -21.02
N LEU T 544 -3.53 -16.34 -20.60
CA LEU T 544 -2.66 -15.27 -20.14
C LEU T 544 -2.20 -14.42 -21.32
N GLY T 545 -1.87 -13.16 -21.01
CA GLY T 545 -1.39 -12.23 -22.02
C GLY T 545 -2.44 -11.61 -22.90
N THR T 546 -3.73 -11.92 -22.67
CA THR T 546 -4.81 -11.41 -23.48
C THR T 546 -5.76 -10.51 -22.69
N ARG T 547 -5.34 -10.06 -21.51
CA ARG T 547 -6.18 -9.16 -20.73
C ARG T 547 -6.38 -7.82 -21.45
N ASP T 548 -5.32 -7.32 -22.09
CA ASP T 548 -5.42 -6.10 -22.89
C ASP T 548 -6.10 -6.32 -24.24
N ILE T 549 -6.03 -7.51 -24.80
CA ILE T 549 -6.75 -7.79 -26.04
C ILE T 549 -8.23 -8.08 -25.78
N SER T 550 -8.55 -8.74 -24.67
CA SER T 550 -9.94 -9.07 -24.38
C SER T 550 -10.79 -7.81 -24.24
N LYS T 551 -10.28 -6.80 -23.53
CA LYS T 551 -10.94 -5.52 -23.41
C LYS T 551 -9.92 -4.40 -23.48
N GLY T 552 -10.25 -3.36 -24.24
CA GLY T 552 -9.40 -2.18 -24.28
C GLY T 552 -10.02 -1.01 -25.02
N PHE T 553 -10.05 0.14 -24.37
CA PHE T 553 -10.57 1.38 -24.95
C PHE T 553 -9.49 2.45 -24.97
N ASN T 554 -8.49 2.29 -24.09
CA ASN T 554 -7.41 3.26 -23.86
C ASN T 554 -7.97 4.52 -23.20
N LEU T 555 -7.14 5.17 -22.38
CA LEU T 555 -7.56 6.35 -21.65
C LEU T 555 -7.41 7.59 -22.53
N GLY T 556 -8.51 8.28 -22.76
CA GLY T 556 -8.53 9.47 -23.59
C GLY T 556 -9.44 9.31 -24.79
N PHE T 557 -9.49 10.36 -25.60
CA PHE T 557 -10.30 10.37 -26.81
C PHE T 557 -9.65 9.47 -27.86
N ALA T 558 -10.48 8.65 -28.51
CA ALA T 558 -10.02 7.71 -29.52
C ALA T 558 -10.63 8.06 -30.87
N ALA T 559 -9.80 8.10 -31.90
CA ALA T 559 -10.25 8.41 -33.24
C ALA T 559 -10.91 7.20 -33.88
N GLN T 560 -11.42 7.40 -35.10
CA GLN T 560 -11.93 6.28 -35.89
C GLN T 560 -10.81 5.29 -36.13
N GLY T 561 -11.14 4.00 -36.02
CA GLY T 561 -10.11 2.99 -36.00
C GLY T 561 -10.59 1.60 -35.65
N ASP T 562 -9.96 0.99 -34.64
CA ASP T 562 -10.19 -0.40 -34.24
C ASP T 562 -9.68 -1.36 -35.31
N THR T 563 -8.69 -0.90 -36.09
CA THR T 563 -7.98 -1.74 -37.03
C THR T 563 -6.51 -1.33 -37.03
N LYS T 564 -5.63 -2.30 -36.85
CA LYS T 564 -4.20 -2.03 -36.72
C LYS T 564 -3.45 -3.14 -37.45
N SER T 565 -2.14 -3.23 -37.22
CA SER T 565 -1.37 -4.34 -37.76
C SER T 565 -1.81 -5.67 -37.17
N ASN T 566 -2.49 -5.65 -36.03
CA ASN T 566 -3.09 -6.83 -35.40
C ASN T 566 -2.06 -7.90 -35.09
N TYR T 567 -1.95 -8.90 -35.97
CA TYR T 567 -1.34 -10.17 -35.60
C TYR T 567 0.06 -10.00 -35.06
N GLU T 568 0.88 -9.17 -35.71
CA GLU T 568 2.28 -9.04 -35.29
C GLU T 568 2.39 -8.42 -33.91
N ARG T 569 1.72 -7.28 -33.69
CA ARG T 569 1.82 -6.61 -32.39
C ARG T 569 1.21 -7.47 -31.28
N MET T 570 0.07 -8.11 -31.56
CA MET T 570 -0.52 -8.99 -30.56
C MET T 570 0.41 -10.15 -30.23
N LYS T 571 1.07 -10.72 -31.24
CA LYS T 571 2.00 -11.81 -31.00
C LYS T 571 3.18 -11.36 -30.13
N ASN T 572 3.76 -10.20 -30.46
CA ASN T 572 4.89 -9.71 -29.66
C ASN T 572 4.46 -9.42 -28.22
N LYS T 573 3.30 -8.78 -28.03
CA LYS T 573 2.84 -8.46 -26.69
C LYS T 573 2.57 -9.73 -25.89
N VAL T 574 1.89 -10.70 -26.50
CA VAL T 574 1.60 -11.95 -25.80
C VAL T 574 2.89 -12.67 -25.46
N SER T 575 3.86 -12.68 -26.38
CA SER T 575 5.12 -13.36 -26.12
C SER T 575 5.87 -12.72 -24.96
N ASP T 576 5.93 -11.38 -24.92
CA ASP T 576 6.68 -10.74 -23.84
C ASP T 576 5.97 -10.91 -22.51
N GLU T 577 4.63 -10.84 -22.50
CA GLU T 577 3.89 -11.07 -21.28
C GLU T 577 4.09 -12.50 -20.77
N LEU T 578 4.05 -13.48 -21.67
CA LEU T 578 4.22 -14.87 -21.26
C LEU T 578 5.63 -15.12 -20.72
N LYS T 579 6.66 -14.61 -21.41
CA LYS T 579 8.01 -14.79 -20.90
C LYS T 579 8.22 -14.03 -19.60
N GLN T 580 7.45 -12.97 -19.37
CA GLN T 580 7.42 -12.37 -18.04
C GLN T 580 6.79 -13.32 -17.02
N HIS T 581 5.75 -14.05 -17.43
CA HIS T 581 5.04 -14.94 -16.51
C HIS T 581 5.62 -16.36 -16.51
N PHE T 582 6.19 -16.81 -17.61
CA PHE T 582 6.77 -18.14 -17.72
C PHE T 582 8.29 -18.06 -17.78
N ARG T 583 8.94 -19.21 -17.84
CA ARG T 583 10.39 -19.26 -17.98
C ARG T 583 10.77 -18.82 -19.38
N PRO T 584 11.72 -17.89 -19.53
CA PRO T 584 12.08 -17.42 -20.88
C PRO T 584 12.58 -18.51 -21.80
N GLU T 585 13.33 -19.48 -21.27
CA GLU T 585 13.83 -20.55 -22.13
C GLU T 585 12.69 -21.45 -22.60
N PHE T 586 11.68 -21.65 -21.77
CA PHE T 586 10.54 -22.46 -22.17
C PHE T 586 9.82 -21.83 -23.36
N LEU T 587 9.63 -20.52 -23.33
CA LEU T 587 9.04 -19.82 -24.47
C LEU T 587 9.98 -19.81 -25.67
N ASN T 588 11.29 -19.75 -25.42
CA ASN T 588 12.25 -19.71 -26.51
C ASN T 588 12.26 -21.03 -27.28
N ARG T 589 12.13 -22.15 -26.58
CA ARG T 589 12.21 -23.45 -27.24
C ARG T 589 10.90 -23.86 -27.90
N VAL T 590 9.79 -23.15 -27.64
CA VAL T 590 8.53 -23.48 -28.29
C VAL T 590 8.59 -23.10 -29.76
N ASP T 591 8.10 -24.01 -30.61
CA ASP T 591 8.18 -23.78 -32.05
C ASP T 591 7.38 -22.56 -32.48
N ASP T 592 6.18 -22.37 -31.92
CA ASP T 592 5.37 -21.24 -32.33
C ASP T 592 4.42 -20.83 -31.21
N VAL T 593 4.16 -19.54 -31.12
CA VAL T 593 3.16 -18.97 -30.22
C VAL T 593 2.08 -18.36 -31.09
N VAL T 594 0.84 -18.83 -30.93
CA VAL T 594 -0.27 -18.45 -31.77
C VAL T 594 -1.29 -17.73 -30.90
N VAL T 595 -1.62 -16.48 -31.27
CA VAL T 595 -2.58 -15.66 -30.54
C VAL T 595 -3.91 -15.73 -31.26
N PHE T 596 -4.98 -15.97 -30.51
CA PHE T 596 -6.31 -16.09 -31.08
C PHE T 596 -7.08 -14.80 -30.84
N PRO T 597 -7.34 -13.98 -31.85
CA PRO T 597 -8.18 -12.80 -31.65
C PRO T 597 -9.63 -13.19 -31.44
N GLN T 598 -10.37 -12.29 -30.77
CA GLN T 598 -11.77 -12.54 -30.52
C GLN T 598 -12.57 -12.50 -31.82
N LEU T 599 -13.62 -13.31 -31.86
CA LEU T 599 -14.41 -13.45 -33.07
C LEU T 599 -15.13 -12.15 -33.43
N SER T 600 -15.23 -11.89 -34.72
CA SER T 600 -15.94 -10.72 -35.22
C SER T 600 -17.43 -11.03 -35.29
N GLN T 601 -18.19 -10.19 -35.98
CA GLN T 601 -19.63 -10.41 -36.12
C GLN T 601 -19.97 -11.31 -37.30
N ALA T 602 -19.38 -11.05 -38.47
CA ALA T 602 -19.78 -11.75 -39.68
C ALA T 602 -19.54 -13.25 -39.57
N ASP T 603 -18.37 -13.64 -39.06
CA ASP T 603 -18.07 -15.07 -38.91
C ASP T 603 -19.06 -15.74 -37.97
N ILE T 604 -19.64 -14.99 -37.03
CA ILE T 604 -20.67 -15.55 -36.16
C ILE T 604 -21.82 -16.08 -37.01
N LEU T 605 -22.24 -15.32 -38.02
CA LEU T 605 -23.31 -15.78 -38.89
C LEU T 605 -22.94 -17.09 -39.57
N LYS T 606 -21.66 -17.33 -39.80
CA LYS T 606 -21.23 -18.63 -40.32
C LYS T 606 -21.39 -19.70 -39.25
N ILE T 607 -20.91 -19.43 -38.03
CA ILE T 607 -20.89 -20.44 -36.98
C ILE T 607 -22.29 -20.97 -36.71
N VAL T 608 -23.27 -20.07 -36.71
CA VAL T 608 -24.67 -20.46 -36.51
C VAL T 608 -25.00 -21.67 -37.35
N ASP T 609 -24.66 -21.62 -38.65
CA ASP T 609 -24.99 -22.71 -39.55
C ASP T 609 -24.47 -24.04 -39.01
N LEU T 610 -23.18 -24.08 -38.67
CA LEU T 610 -22.60 -25.29 -38.11
C LEU T 610 -23.40 -25.77 -36.92
N MET T 611 -23.69 -24.87 -35.98
CA MET T 611 -24.45 -25.25 -34.80
C MET T 611 -25.81 -25.80 -35.18
N ILE T 612 -26.48 -25.15 -36.14
CA ILE T 612 -27.79 -25.64 -36.57
C ILE T 612 -27.67 -27.05 -37.09
N ASP T 613 -26.59 -27.32 -37.85
CA ASP T 613 -26.39 -28.66 -38.37
C ASP T 613 -26.34 -29.68 -37.24
N LYS T 614 -25.65 -29.33 -36.15
CA LYS T 614 -25.60 -30.22 -34.99
C LYS T 614 -27.02 -30.54 -34.53
N VAL T 615 -27.86 -29.52 -34.39
CA VAL T 615 -29.24 -29.74 -33.97
C VAL T 615 -29.93 -30.69 -34.95
N ASP T 616 -29.69 -30.50 -36.24
CA ASP T 616 -30.30 -31.37 -37.24
C ASP T 616 -29.90 -32.83 -36.99
N GLU T 617 -28.65 -33.06 -36.63
CA GLU T 617 -28.23 -34.43 -36.31
C GLU T 617 -29.06 -34.99 -35.17
N ARG T 618 -29.28 -34.18 -34.13
CA ARG T 618 -30.08 -34.64 -33.00
C ARG T 618 -31.50 -34.97 -33.42
N LEU T 619 -31.99 -34.34 -34.50
CA LEU T 619 -33.32 -34.63 -35.00
C LEU T 619 -33.34 -35.79 -35.99
N LYS T 620 -32.17 -36.27 -36.43
CA LYS T 620 -32.16 -37.40 -37.36
C LYS T 620 -32.44 -38.71 -36.66
N ASP T 621 -32.14 -38.80 -35.36
CA ASP T 621 -32.39 -40.03 -34.62
C ASP T 621 -33.89 -40.33 -34.53
N ARG T 622 -34.70 -39.29 -34.36
CA ARG T 622 -36.15 -39.44 -34.25
C ARG T 622 -36.86 -39.26 -35.58
N ASP T 623 -36.12 -39.31 -36.69
CA ASP T 623 -36.70 -39.14 -38.03
C ASP T 623 -37.39 -37.78 -38.17
N MET T 624 -36.63 -36.72 -37.92
CA MET T 624 -37.13 -35.36 -38.03
C MET T 624 -36.05 -34.50 -38.69
N GLY T 625 -36.35 -33.21 -38.83
CA GLY T 625 -35.38 -32.29 -39.40
C GLY T 625 -35.84 -30.86 -39.21
N ILE T 626 -34.89 -29.94 -39.36
CA ILE T 626 -35.14 -28.52 -39.15
C ILE T 626 -34.53 -27.75 -40.32
N GLU T 627 -35.23 -26.69 -40.73
CA GLU T 627 -34.74 -25.78 -41.76
C GLU T 627 -35.01 -24.36 -41.31
N LEU T 628 -34.09 -23.45 -41.65
CA LEU T 628 -34.18 -22.05 -41.25
C LEU T 628 -34.03 -21.15 -42.47
N SER T 629 -34.66 -19.98 -42.40
CA SER T 629 -34.52 -18.96 -43.41
C SER T 629 -33.34 -18.05 -43.07
N SER T 630 -32.93 -17.25 -44.06
CA SER T 630 -31.82 -16.34 -43.85
C SER T 630 -32.13 -15.30 -42.78
N SER T 631 -33.39 -14.86 -42.72
CA SER T 631 -33.80 -13.90 -41.69
C SER T 631 -33.65 -14.50 -40.29
N ALA T 632 -34.03 -15.76 -40.13
CA ALA T 632 -33.87 -16.42 -38.83
C ALA T 632 -32.41 -16.53 -38.44
N LYS T 633 -31.54 -16.88 -39.38
CA LYS T 633 -30.11 -16.97 -39.09
C LYS T 633 -29.54 -15.60 -38.73
N GLU T 634 -29.97 -14.55 -39.43
CA GLU T 634 -29.52 -13.20 -39.10
C GLU T 634 -29.98 -12.80 -37.70
N LEU T 635 -31.22 -13.13 -37.36
CA LEU T 635 -31.73 -12.82 -36.03
C LEU T 635 -30.95 -13.57 -34.95
N LEU T 636 -30.65 -14.84 -35.20
CA LEU T 636 -29.87 -15.62 -34.23
C LEU T 636 -28.47 -15.04 -34.07
N SER T 637 -27.84 -14.62 -35.17
CA SER T 637 -26.52 -14.00 -35.07
C SER T 637 -26.58 -12.69 -34.31
N LYS T 638 -27.63 -11.90 -34.54
CA LYS T 638 -27.77 -10.62 -33.83
C LYS T 638 -27.97 -10.83 -32.34
N LYS T 639 -28.81 -11.81 -31.97
CA LYS T 639 -29.08 -12.04 -30.56
C LYS T 639 -27.90 -12.66 -29.83
N GLY T 640 -27.14 -13.54 -30.52
CA GLY T 640 -26.09 -14.28 -29.87
C GLY T 640 -24.70 -13.70 -30.02
N TYR T 641 -24.60 -12.42 -30.36
CA TYR T 641 -23.32 -11.78 -30.56
C TYR T 641 -22.85 -11.11 -29.26
N ASP T 642 -21.61 -11.41 -28.87
CA ASP T 642 -20.98 -10.80 -27.71
C ASP T 642 -19.47 -10.78 -27.94
N PRO T 643 -18.87 -9.60 -28.16
CA PRO T 643 -17.46 -9.54 -28.54
C PRO T 643 -16.49 -9.92 -27.42
N VAL T 644 -16.96 -10.03 -26.18
CA VAL T 644 -16.10 -10.35 -25.05
C VAL T 644 -16.01 -11.86 -24.83
N LEU T 645 -17.13 -12.57 -24.95
CA LEU T 645 -17.13 -14.01 -24.74
C LEU T 645 -16.94 -14.75 -26.06
N GLY T 646 -17.88 -14.57 -26.99
CA GLY T 646 -17.65 -14.86 -28.39
C GLY T 646 -18.40 -16.02 -29.02
N ALA T 647 -18.44 -17.17 -28.37
CA ALA T 647 -19.12 -18.29 -29.03
C ALA T 647 -20.14 -19.00 -28.16
N ARG T 648 -19.85 -19.19 -26.87
CA ARG T 648 -20.81 -19.85 -25.99
C ARG T 648 -22.12 -19.07 -25.83
N PRO T 649 -22.14 -17.75 -25.69
CA PRO T 649 -23.43 -17.05 -25.67
C PRO T 649 -24.28 -17.33 -26.90
N LEU T 650 -23.65 -17.51 -28.06
CA LEU T 650 -24.41 -17.89 -29.25
C LEU T 650 -25.07 -19.25 -29.05
N ARG T 651 -24.36 -20.20 -28.45
CA ARG T 651 -24.93 -21.51 -28.19
C ARG T 651 -26.10 -21.41 -27.21
N ARG T 652 -25.95 -20.61 -26.16
CA ARG T 652 -27.04 -20.42 -25.20
C ARG T 652 -28.25 -19.80 -25.88
N THR T 653 -28.03 -18.79 -26.72
CA THR T 653 -29.15 -18.15 -27.42
C THR T 653 -29.84 -19.14 -28.36
N ILE T 654 -29.05 -19.94 -29.08
CA ILE T 654 -29.64 -20.91 -30.00
C ILE T 654 -30.48 -21.91 -29.23
N GLN T 655 -29.94 -22.44 -28.12
CA GLN T 655 -30.69 -23.41 -27.36
C GLN T 655 -32.00 -22.81 -26.83
N ARG T 656 -31.92 -21.61 -26.25
CA ARG T 656 -33.10 -21.00 -25.63
C ARG T 656 -34.16 -20.67 -26.68
N GLU T 657 -33.76 -20.15 -27.83
CA GLU T 657 -34.72 -19.70 -28.82
C GLU T 657 -35.18 -20.80 -29.77
N ILE T 658 -34.54 -21.98 -29.76
CA ILE T 658 -34.98 -23.03 -30.66
C ILE T 658 -35.40 -24.27 -29.87
N GLU T 659 -34.45 -24.91 -29.18
CA GLU T 659 -34.73 -26.24 -28.68
C GLU T 659 -35.62 -26.18 -27.45
N ASP T 660 -35.52 -25.12 -26.67
CA ASP T 660 -36.64 -24.70 -25.85
C ASP T 660 -37.72 -24.13 -26.76
N SER T 661 -38.95 -24.61 -26.58
CA SER T 661 -40.11 -24.44 -27.44
C SER T 661 -40.09 -25.33 -28.67
N LEU T 662 -39.00 -26.07 -28.91
CA LEU T 662 -39.07 -27.23 -29.80
C LEU T 662 -39.35 -28.51 -29.04
N SER T 663 -38.73 -28.69 -27.87
CA SER T 663 -39.01 -29.84 -27.04
C SER T 663 -40.46 -29.80 -26.54
N GLU T 664 -40.97 -28.61 -26.24
CA GLU T 664 -42.36 -28.49 -25.83
C GLU T 664 -43.30 -28.94 -26.95
N LYS T 665 -43.01 -28.55 -28.19
CA LYS T 665 -43.81 -28.98 -29.32
C LYS T 665 -43.72 -30.50 -29.52
N ILE T 666 -42.51 -31.05 -29.35
CA ILE T 666 -42.36 -32.50 -29.48
C ILE T 666 -43.18 -33.24 -28.43
N LEU T 667 -43.13 -32.76 -27.18
CA LEU T 667 -43.90 -33.40 -26.12
C LEU T 667 -45.40 -33.25 -26.34
N PHE T 668 -45.84 -32.09 -26.78
CA PHE T 668 -47.27 -31.86 -26.96
C PHE T 668 -47.85 -32.70 -28.10
N GLY T 669 -47.03 -33.12 -29.06
CA GLY T 669 -47.49 -33.91 -30.16
C GLY T 669 -47.71 -33.15 -31.46
N GLU T 670 -47.39 -31.85 -31.49
CA GLU T 670 -47.52 -31.10 -32.73
C GLU T 670 -46.55 -31.63 -33.80
N LEU T 671 -45.33 -31.97 -33.39
CA LEU T 671 -44.31 -32.49 -34.29
C LEU T 671 -44.18 -34.00 -34.08
N ARG T 672 -44.26 -34.75 -35.17
CA ARG T 672 -44.24 -36.20 -35.17
C ARG T 672 -43.09 -36.70 -36.03
N PRO T 673 -42.64 -37.94 -35.82
CA PRO T 673 -41.57 -38.48 -36.66
C PRO T 673 -41.96 -38.46 -38.13
N GLY T 674 -41.00 -38.13 -38.98
CA GLY T 674 -41.27 -37.94 -40.39
C GLY T 674 -41.77 -36.56 -40.74
N HIS T 675 -41.26 -35.52 -40.10
CA HIS T 675 -41.70 -34.15 -40.32
C HIS T 675 -40.50 -33.21 -40.32
N ILE T 676 -40.69 -32.06 -40.95
CA ILE T 676 -39.66 -31.02 -41.04
C ILE T 676 -40.22 -29.75 -40.43
N VAL T 677 -39.43 -29.11 -39.56
CA VAL T 677 -39.80 -27.88 -38.89
C VAL T 677 -39.13 -26.72 -39.59
N VAL T 678 -39.92 -25.84 -40.19
CA VAL T 678 -39.42 -24.65 -40.86
C VAL T 678 -39.52 -23.48 -39.89
N VAL T 679 -38.43 -22.76 -39.72
CA VAL T 679 -38.34 -21.65 -38.78
C VAL T 679 -38.20 -20.36 -39.59
N ASP T 680 -39.06 -19.39 -39.29
CA ASP T 680 -39.03 -18.09 -39.95
C ASP T 680 -39.15 -17.00 -38.89
N THR T 681 -39.21 -15.75 -39.35
CA THR T 681 -39.25 -14.60 -38.46
C THR T 681 -40.55 -13.84 -38.66
N GLU T 682 -40.92 -13.08 -37.61
CA GLU T 682 -42.09 -12.22 -37.66
C GLU T 682 -41.79 -10.94 -36.92
N GLY T 683 -42.54 -9.90 -37.25
CA GLY T 683 -42.31 -8.59 -36.66
C GLY T 683 -41.12 -7.89 -37.29
N GLU T 684 -40.79 -6.73 -36.71
CA GLU T 684 -39.68 -5.93 -37.19
C GLU T 684 -38.95 -5.30 -36.02
N GLY T 685 -37.68 -4.98 -36.24
CA GLY T 685 -36.88 -4.36 -35.19
C GLY T 685 -36.75 -5.26 -33.98
N GLU T 686 -36.92 -4.66 -32.80
CA GLU T 686 -36.80 -5.40 -31.55
C GLU T 686 -37.99 -6.32 -31.29
N THR T 687 -39.06 -6.20 -32.08
CA THR T 687 -40.24 -7.04 -31.91
C THR T 687 -40.17 -8.34 -32.68
N LYS T 688 -39.06 -8.60 -33.37
CA LYS T 688 -38.94 -9.81 -34.16
C LYS T 688 -38.95 -11.06 -33.28
N THR T 689 -39.67 -12.08 -33.72
CA THR T 689 -39.78 -13.33 -33.00
C THR T 689 -39.72 -14.49 -33.98
N PHE T 690 -39.42 -15.68 -33.46
CA PHE T 690 -39.33 -16.87 -34.28
C PHE T 690 -40.70 -17.54 -34.42
N THR T 691 -40.90 -18.19 -35.56
CA THR T 691 -42.13 -18.90 -35.84
C THR T 691 -41.78 -20.27 -36.40
N PHE T 692 -42.41 -21.31 -35.85
CA PHE T 692 -42.15 -22.70 -36.22
C PHE T 692 -43.38 -23.28 -36.90
N ARG T 693 -43.18 -23.86 -38.08
CA ARG T 693 -44.26 -24.52 -38.80
C ARG T 693 -43.83 -25.93 -39.19
N GLY T 694 -44.66 -26.91 -38.87
CA GLY T 694 -44.35 -28.30 -39.18
C GLY T 694 -44.99 -28.74 -40.49
N GLU T 695 -44.21 -29.45 -41.30
CA GLU T 695 -44.69 -29.99 -42.57
C GLU T 695 -44.16 -31.41 -42.72
N GLU T 696 -44.56 -32.05 -43.81
CA GLU T 696 -44.13 -33.43 -44.07
C GLU T 696 -42.66 -33.47 -44.50
N UNK U 1 4.01 -15.23 5.22
CA UNK U 1 3.81 -16.42 6.04
C UNK U 1 2.76 -17.34 5.42
N UNK U 2 3.22 -18.39 4.75
CA UNK U 2 2.34 -19.35 4.09
C UNK U 2 2.48 -20.70 4.79
N UNK U 3 1.35 -21.33 5.09
CA UNK U 3 1.35 -22.61 5.76
C UNK U 3 1.74 -23.73 4.79
N UNK U 4 2.71 -24.55 5.20
CA UNK U 4 3.13 -25.69 4.40
C UNK U 4 2.13 -26.83 4.60
N UNK U 5 2.46 -28.01 4.07
N UNK U 5 2.46 -28.01 4.07
CA UNK U 5 1.59 -29.18 4.19
CA UNK U 5 1.59 -29.18 4.19
C UNK U 5 2.42 -30.43 3.93
C UNK U 5 2.42 -30.43 3.93
N UNK U 6 2.37 -31.37 4.87
CA UNK U 6 3.12 -32.62 4.77
C UNK U 6 2.22 -33.73 4.23
N UNK U 7 2.72 -34.45 3.23
CA UNK U 7 2.01 -35.58 2.64
C UNK U 7 2.66 -36.88 3.07
N UNK U 8 1.85 -37.83 3.53
CA UNK U 8 2.34 -39.11 4.02
C UNK U 8 2.25 -40.15 2.90
N UNK U 9 3.34 -40.90 2.71
CA UNK U 9 3.40 -41.94 1.71
C UNK U 9 3.12 -43.30 2.33
N UNK U 10 2.87 -44.28 1.47
CA UNK U 10 2.57 -45.64 1.91
C UNK U 10 3.40 -46.63 1.11
N UNK U 11 3.67 -47.78 1.73
CA UNK U 11 4.47 -48.84 1.12
C UNK U 11 3.58 -50.07 0.89
N UNK U 12 4.21 -51.14 0.42
CA UNK U 12 3.49 -52.38 0.12
C UNK U 12 4.18 -53.56 0.78
N UNK U 13 3.38 -54.54 1.20
CA UNK U 13 3.88 -55.75 1.83
C UNK U 13 3.05 -56.93 1.38
N UNK U 14 3.65 -58.11 1.46
CA UNK U 14 2.97 -59.33 1.01
C UNK U 14 3.61 -60.53 1.70
N UNK U 15 2.90 -61.65 1.64
CA UNK U 15 3.37 -62.92 2.17
C UNK U 15 3.09 -64.00 1.14
N UNK U 16 3.30 -65.26 1.52
CA UNK U 16 3.11 -66.37 0.59
C UNK U 16 2.85 -67.64 1.36
N UNK U 17 2.28 -68.63 0.67
CA UNK U 17 2.04 -69.95 1.22
C UNK U 17 2.60 -70.98 0.24
N UNK U 18 3.24 -72.00 0.77
CA UNK U 18 3.93 -73.00 -0.03
C UNK U 18 3.04 -74.19 -0.32
N UNK U 19 3.46 -75.00 -1.30
CA UNK U 19 2.76 -76.22 -1.67
C UNK U 19 3.78 -77.35 -1.74
N UNK U 20 3.42 -78.50 -1.15
CA UNK U 20 4.34 -79.62 -1.07
C UNK U 20 4.13 -80.60 -2.22
N UNK U 21 5.11 -81.47 -2.40
CA UNK U 21 5.05 -82.53 -3.40
C UNK U 21 5.52 -83.83 -2.75
N UNK U 22 4.72 -84.88 -2.89
CA UNK U 22 5.04 -86.16 -2.27
C UNK U 22 6.30 -86.75 -2.90
N UNK U 23 7.20 -87.24 -2.05
CA UNK U 23 8.44 -87.83 -2.53
C UNK U 23 8.26 -89.25 -3.05
N UNK U 24 7.14 -89.89 -2.73
CA UNK U 24 6.87 -91.25 -3.19
C UNK U 24 6.58 -91.28 -4.68
PG ATP V . -11.32 -61.95 -22.91
O1G ATP V . -12.58 -62.12 -22.14
O2G ATP V . -10.71 -63.26 -23.41
O3G ATP V . -10.24 -61.16 -22.14
PB ATP V . -11.37 -61.19 -25.81
O1B ATP V . -10.51 -62.33 -26.17
O2B ATP V . -10.91 -59.82 -26.30
O3B ATP V . -11.58 -61.09 -24.23
PA ATP V . -13.72 -62.56 -26.98
O1A ATP V . -14.02 -63.65 -26.01
O2A ATP V . -12.96 -63.02 -28.23
O3A ATP V . -12.87 -61.40 -26.31
O5' ATP V . -15.04 -61.84 -27.44
C5' ATP V . -16.19 -61.76 -26.58
C4' ATP V . -17.45 -61.82 -27.42
O4' ATP V . -17.32 -60.95 -28.57
C3' ATP V . -17.80 -63.20 -27.96
O3' ATP V . -19.20 -63.43 -27.90
C2' ATP V . -17.30 -63.14 -29.41
O2' ATP V . -18.04 -63.99 -30.27
C1' ATP V . -17.57 -61.68 -29.75
N9 ATP V . -16.74 -61.13 -30.81
C8 ATP V . -15.56 -60.44 -30.67
N7 ATP V . -15.01 -60.08 -31.80
C5 ATP V . -15.90 -60.57 -32.76
C6 ATP V . -15.89 -60.50 -34.17
N6 ATP V . -14.94 -59.91 -34.89
N1 ATP V . -16.92 -61.09 -34.83
C2 ATP V . -17.88 -61.68 -34.11
N3 ATP V . -17.99 -61.80 -32.79
C4 ATP V . -16.96 -61.22 -32.17
PG ATP W . -29.37 -20.04 2.59
O1G ATP W . -29.42 -19.34 3.91
O2G ATP W . -28.96 -21.51 2.68
O3G ATP W . -28.48 -19.33 1.56
PB ATP W . -31.72 -21.03 1.05
O1B ATP W . -30.98 -22.23 0.60
O2B ATP W . -32.36 -20.19 -0.06
O3B ATP W . -30.81 -20.06 1.92
PA ATP W . -33.75 -22.69 2.41
O1A ATP W . -33.09 -23.54 3.41
O2A ATP W . -34.06 -23.37 1.08
O3A ATP W . -32.88 -21.40 2.08
O5' ATP W . -35.10 -22.07 2.96
C5' ATP W . -35.35 -21.93 4.38
C4' ATP W . -36.50 -22.82 4.76
O4' ATP W . -37.74 -22.18 4.43
C3' ATP W . -36.56 -24.16 4.05
O3' ATP W . -35.72 -25.11 4.68
C2' ATP W . -38.05 -24.54 4.20
O2' ATP W . -38.30 -25.21 5.43
C1' ATP W . -38.74 -23.16 4.19
N9 ATP W . -39.44 -22.85 2.95
C8 ATP W . -40.57 -23.47 2.48
N7 ATP W . -41.00 -23.00 1.34
C5 ATP W . -40.09 -22.01 1.02
C6 ATP W . -39.98 -21.13 -0.08
N6 ATP W . -40.83 -21.11 -1.10
N1 ATP W . -38.95 -20.26 -0.09
C2 ATP W . -38.08 -20.27 0.94
N3 ATP W . -38.08 -21.05 2.02
C4 ATP W . -39.12 -21.90 2.00
MG MG X . -29.29 -23.20 1.46
MG MG Y . -12.18 -63.25 -24.97
PB ADP Z . -26.77 -59.16 2.84
O1B ADP Z . -26.79 -58.11 1.75
O2B ADP Z . -25.96 -58.77 4.06
O3B ADP Z . -26.52 -60.57 2.34
PA ADP Z . -28.77 -60.38 4.35
O1A ADP Z . -27.69 -60.56 5.40
O2A ADP Z . -29.24 -61.55 3.52
O3A ADP Z . -28.29 -59.21 3.36
O5' ADP Z . -30.05 -59.73 5.09
C5' ADP Z . -30.13 -59.77 6.51
C4' ADP Z . -31.57 -60.02 6.92
O4' ADP Z . -32.46 -59.20 6.18
C3' ADP Z . -31.97 -61.46 6.65
O3' ADP Z . -32.12 -62.16 7.89
C2' ADP Z . -33.31 -61.39 5.94
O2' ADP Z . -34.30 -62.12 6.68
C1' ADP Z . -33.67 -59.92 5.91
N9 ADP Z . -34.22 -59.54 4.59
C8 ADP Z . -33.56 -58.89 3.61
N7 ADP Z . -34.36 -58.70 2.53
C5 ADP Z . -35.56 -59.25 2.81
C6 ADP Z . -36.85 -59.40 2.11
N6 ADP Z . -37.03 -58.92 0.86
N1 ADP Z . -37.84 -60.03 2.76
C2 ADP Z . -37.68 -60.51 4.00
N3 ADP Z . -36.54 -60.41 4.70
C4 ADP Z . -35.46 -59.80 4.16
PG ATP AA . -16.28 -15.16 30.86
O1G ATP AA . -15.20 -14.62 31.74
O2G ATP AA . -15.98 -16.56 30.31
O3G ATP AA . -16.64 -14.24 29.70
PB ATP AA . -18.67 -16.47 32.09
O1B ATP AA . -18.52 -17.66 31.24
O2B ATP AA . -20.05 -15.82 32.11
O3B ATP AA . -17.64 -15.33 31.69
PA ATP AA . -18.34 -17.98 34.61
O1A ATP AA . -17.25 -18.94 34.37
O2A ATP AA . -19.75 -18.57 34.48
O3A ATP AA . -18.26 -16.76 33.60
O5' ATP AA . -18.22 -17.30 36.03
C5' ATP AA . -17.08 -17.57 36.88
C4' ATP AA . -17.58 -18.10 38.19
O4' ATP AA . -18.41 -17.11 38.84
C3' ATP AA . -18.45 -19.34 38.10
O3' ATP AA . -17.66 -20.52 38.07
C2' ATP AA . -19.29 -19.25 39.39
O2' ATP AA . -18.58 -19.77 40.50
C1' ATP AA . -19.49 -17.74 39.53
N9 ATP AA . -20.73 -17.24 38.97
C8 ATP AA . -20.88 -16.32 37.97
N7 ATP AA . -22.13 -16.05 37.67
C5 ATP AA . -22.86 -16.86 38.53
C6 ATP AA . -24.23 -17.04 38.73
N6 ATP AA . -25.18 -16.40 38.02
N1 ATP AA . -24.63 -17.91 39.68
C2 ATP AA . -23.69 -18.56 40.39
N3 ATP AA . -22.37 -18.46 40.29
C4 ATP AA . -22.01 -17.59 39.34
MG MG BA . -16.78 -18.55 30.18
PB ADP CA . -9.42 -54.39 29.62
O1B ADP CA . -8.19 -53.52 29.66
O2B ADP CA . -10.60 -53.77 28.93
O3B ADP CA . -9.16 -55.82 29.24
PA ADP CA . -9.01 -55.36 32.20
O1A ADP CA . -7.56 -55.22 31.83
O2A ADP CA . -9.65 -56.72 32.32
O3A ADP CA . -9.87 -54.48 31.17
O5' ADP CA . -9.23 -54.59 33.61
C5' ADP CA . -8.09 -54.26 34.40
C4' ADP CA . -8.36 -54.55 35.87
O4' ADP CA . -9.53 -53.87 36.31
C3' ADP CA . -8.60 -56.03 36.11
O3' ADP CA . -7.48 -56.59 36.80
C2' ADP CA . -9.83 -56.11 36.98
O2' ADP CA . -9.52 -56.78 38.21
C1' ADP CA . -10.23 -54.67 37.26
N9 ADP CA . -11.70 -54.52 37.09
C8 ADP CA . -12.32 -53.92 36.06
N7 ADP CA . -13.66 -53.94 36.21
C5 ADP CA . -13.93 -54.56 37.37
C6 ADP CA . -15.14 -54.93 38.13
N6 ADP CA . -16.37 -54.61 37.67
N1 ADP CA . -14.97 -55.58 39.30
C2 ADP CA . -13.75 -55.90 39.77
N3 ADP CA . -12.60 -55.60 39.13
C4 ADP CA . -12.63 -54.94 37.95
PG ATP DA . 14.01 -6.87 33.48
O1G ATP DA . 15.07 -6.00 32.91
O2G ATP DA . 14.05 -8.31 32.99
O3G ATP DA . 12.59 -6.31 33.28
PB ATP DA . 14.12 -8.08 36.21
O1B ATP DA . 13.68 -9.39 35.69
O2B ATP DA . 13.29 -7.50 37.36
O3B ATP DA . 14.17 -6.98 35.06
PA ATP DA . 16.62 -9.18 37.35
O1A ATP DA . 17.17 -10.10 36.34
O2A ATP DA . 15.85 -9.86 38.48
O3A ATP DA . 15.64 -8.11 36.70
O5' ATP DA . 17.76 -8.28 37.99
C5' ATP DA . 19.12 -8.37 37.54
C4' ATP DA . 19.97 -8.85 38.68
O4' ATP DA . 19.97 -7.87 39.73
C3' ATP DA . 19.51 -10.14 39.35
O3' ATP DA . 20.01 -11.28 38.65
C2' ATP DA . 20.11 -10.02 40.75
O2' ATP DA . 21.46 -10.45 40.77
C1' ATP DA . 20.02 -8.51 41.00
N9 ATP DA . 18.86 -8.10 41.78
C8 ATP DA . 17.87 -7.24 41.39
N7 ATP DA . 16.94 -7.05 42.28
C5 ATP DA . 17.34 -7.84 43.35
C6 ATP DA . 16.80 -8.07 44.62
N6 ATP DA . 15.65 -7.51 45.05
N1 ATP DA . 17.45 -8.92 45.44
C2 ATP DA . 18.58 -9.48 45.02
N3 ATP DA . 19.20 -9.33 43.85
C4 ATP DA . 18.53 -8.49 43.05
MG MG EA . 13.90 -10.28 33.79
PB ADP FA . 23.23 -48.33 27.12
O1B ADP FA . 23.85 -47.33 26.18
O2B ADP FA . 21.97 -47.84 27.80
O3B ADP FA . 23.12 -49.73 26.56
PA ADP FA . 25.66 -49.29 28.07
O1A ADP FA . 26.04 -49.13 26.62
O2A ADP FA . 25.49 -50.67 28.67
O3A ADP FA . 24.30 -48.47 28.31
O5' ADP FA . 26.73 -48.49 28.95
C5' ADP FA . 28.02 -48.21 28.39
C4' ADP FA . 29.10 -48.45 29.42
O4' ADP FA . 28.91 -47.63 30.57
C3' ADP FA . 29.09 -49.90 29.90
O3' ADP FA . 30.20 -50.61 29.35
C2' ADP FA . 29.19 -49.83 31.40
O2' ADP FA . 30.36 -50.52 31.83
C1' ADP FA . 29.30 -48.36 31.74
N9 ADP FA . 28.40 -48.03 32.88
C8 ADP FA . 27.19 -47.48 32.78
N7 ADP FA . 26.62 -47.31 34.01
C5 ADP FA . 27.51 -47.77 34.91
C6 ADP FA . 27.55 -47.89 36.39
N6 ADP FA . 26.52 -47.48 37.16
N1 ADP FA . 28.66 -48.43 36.94
C2 ADP FA . 29.70 -48.85 36.18
N3 ADP FA . 29.72 -48.77 34.84
C4 ADP FA . 28.68 -48.24 34.16
PG ATP GA . 36.84 -4.21 8.05
O1G ATP GA . 36.23 -5.43 8.65
O2G ATP GA . 35.81 -3.14 7.67
O3G ATP GA . 37.94 -3.57 8.90
PB ATP GA . 37.19 -5.03 5.20
O1B ATP GA . 37.53 -3.99 4.21
O2B ATP GA . 35.74 -5.48 5.23
O3B ATP GA . 37.57 -4.57 6.67
PA ATP GA . 38.18 -7.54 3.99
O1A ATP GA . 37.17 -7.41 2.93
O2A ATP GA . 38.11 -8.83 4.81
O3A ATP GA . 38.09 -6.33 5.03
O5' ATP GA . 39.64 -7.39 3.42
C5' ATP GA . 40.22 -6.09 3.16
C4' ATP GA . 41.53 -6.27 2.44
O4' ATP GA . 42.51 -5.37 2.99
C3' ATP GA . 42.14 -7.66 2.55
O3' ATP GA . 42.96 -7.95 1.43
C2' ATP GA . 42.96 -7.54 3.84
O2' ATP GA . 44.06 -8.45 3.85
C1' ATP GA . 43.46 -6.09 3.75
N9 ATP GA . 43.64 -5.44 5.04
C8 ATP GA . 42.96 -4.34 5.49
N7 ATP GA . 43.30 -3.95 6.69
C5 ATP GA . 44.27 -4.87 7.06
C6 ATP GA . 45.05 -5.02 8.23
N6 ATP GA . 44.96 -4.21 9.29
N1 ATP GA . 45.93 -6.04 8.27
C2 ATP GA . 46.03 -6.85 7.22
N3 ATP GA . 45.35 -6.80 6.06
C4 ATP GA . 44.49 -5.79 6.05
MG MG HA . 34.85 -3.67 5.87
PB ADP IA . 38.65 -51.48 -2.96
O1B ADP IA . 38.50 -50.13 -2.30
O2B ADP IA . 38.88 -52.63 -2.00
O3B ADP IA . 37.65 -51.77 -4.04
PA ADP IA . 40.60 -52.58 -4.65
O1A ADP IA . 39.62 -52.78 -5.78
O2A ADP IA . 40.97 -53.71 -3.75
O3A ADP IA . 40.06 -51.36 -3.74
O5' ADP IA . 41.96 -51.98 -5.28
C5' ADP IA . 42.31 -52.30 -6.63
C4' ADP IA . 43.82 -52.41 -6.77
O4' ADP IA . 44.48 -51.21 -6.35
C3' ADP IA . 44.38 -53.54 -5.93
O3' ADP IA . 44.73 -54.64 -6.76
C2' ADP IA . 45.63 -52.98 -5.26
O2' ADP IA . 46.78 -53.73 -5.65
C1' ADP IA . 45.75 -51.55 -5.77
N9 ADP IA . 46.08 -50.63 -4.65
C8 ADP IA . 45.22 -49.84 -3.98
N7 ADP IA . 45.85 -49.13 -3.03
C5 ADP IA . 47.16 -49.46 -3.07
C6 ADP IA . 48.39 -49.07 -2.34
N6 ADP IA . 48.35 -48.17 -1.32
N1 ADP IA . 49.55 -49.66 -2.71
C2 ADP IA . 49.60 -50.56 -3.70
N3 ADP IA . 48.53 -50.95 -4.41
C4 ADP IA . 47.31 -50.44 -4.15
PG ATP JA . 18.92 -14.26 -23.53
O1G ATP JA . 18.77 -15.07 -22.28
O2G ATP JA . 19.38 -12.82 -23.29
O3G ATP JA . 17.67 -14.25 -24.41
PB ATP JA . 21.52 -14.54 -24.99
O1B ATP JA . 22.57 -15.26 -24.24
O2B ATP JA . 21.65 -13.02 -25.02
O3B ATP JA . 20.07 -14.89 -24.46
PA ATP JA . 22.00 -16.25 -27.36
O1A ATP JA . 21.32 -17.52 -27.00
O2A ATP JA . 23.52 -16.27 -27.18
O3A ATP JA . 21.44 -15.03 -26.51
O5' ATP JA . 21.67 -15.83 -28.84
C5' ATP JA . 20.52 -16.36 -29.53
C4' ATP JA . 20.96 -16.96 -30.84
O4' ATP JA . 21.26 -15.90 -31.78
C3' ATP JA . 22.23 -17.81 -30.75
O3' ATP JA . 21.92 -19.17 -30.49
C2' ATP JA . 22.83 -17.62 -32.15
O2' ATP JA . 22.21 -18.48 -33.11
C1' ATP JA . 22.49 -16.17 -32.43
N9 ATP JA . 23.48 -15.21 -31.95
C8 ATP JA . 23.29 -14.25 -31.00
N7 ATP JA . 24.36 -13.52 -30.76
C5 ATP JA . 25.32 -14.06 -31.60
C6 ATP JA . 26.67 -13.75 -31.83
N6 ATP JA . 27.32 -12.76 -31.19
N1 ATP JA . 27.34 -14.47 -32.75
C2 ATP JA . 26.70 -15.45 -33.39
N3 ATP JA . 25.43 -15.84 -33.26
C4 ATP JA . 24.78 -15.10 -32.35
MG MG KA . 21.03 -15.45 -22.73
PB ADP LA . 21.45 -59.89 -28.47
O1B ADP LA . 20.13 -59.19 -28.28
O2B ADP LA . 22.64 -59.13 -27.93
O3B ADP LA . 21.44 -61.36 -28.12
PA ADP LA . 20.83 -60.84 -31.02
O1A ADP LA . 19.45 -60.98 -30.43
O2A ADP LA . 21.66 -62.07 -31.32
O3A ADP LA . 21.67 -59.87 -30.07
O5' ADP LA . 20.70 -59.99 -32.37
C5' ADP LA . 19.45 -59.96 -33.08
C4' ADP LA . 19.69 -60.13 -34.56
O4' ADP LA . 20.55 -59.10 -35.05
C3' ADP LA . 20.36 -61.45 -34.86
O3' ADP LA . 19.44 -62.34 -35.50
C2' ADP LA . 21.51 -61.13 -35.80
O2' ADP LA . 21.36 -61.84 -37.02
C1' ADP LA . 21.42 -59.64 -36.06
N9 ADP LA . 22.77 -59.03 -35.96
C8 ADP LA . 23.20 -58.17 -35.02
N7 ADP LA . 24.49 -57.81 -35.23
C5 ADP LA . 24.91 -58.45 -36.34
C6 ADP LA . 26.17 -58.53 -37.12
N6 ADP LA . 27.26 -57.83 -36.75
N1 ADP LA . 26.18 -59.32 -38.20
C2 ADP LA . 25.09 -60.03 -38.58
N3 ADP LA . 23.93 -60.01 -37.93
C4 ADP LA . 23.78 -59.26 -36.81
PG ATP MA . -11.72 -21.88 -23.24
O1G ATP MA . -13.01 -21.84 -22.50
O2G ATP MA . -11.01 -23.23 -23.15
O3G ATP MA . -10.74 -20.78 -22.84
PB ATP MA . -11.76 -22.43 -26.18
O1B ATP MA . -10.86 -23.60 -26.03
O2B ATP MA . -11.34 -21.40 -27.22
O3B ATP MA . -11.96 -21.66 -24.80
PA ATP MA . -13.95 -23.95 -27.46
O1A ATP MA . -13.52 -25.32 -27.15
O2A ATP MA . -13.68 -23.51 -28.90
O3A ATP MA . -13.25 -22.87 -26.52
O5' ATP MA . -15.49 -23.76 -27.16
C5' ATP MA . -16.24 -22.68 -27.76
C4' ATP MA . -17.51 -23.24 -28.37
O4' ATP MA . -17.84 -22.50 -29.55
C3' ATP MA . -17.40 -24.68 -28.83
O3' ATP MA . -18.70 -25.29 -28.89
C2' ATP MA . -16.80 -24.52 -30.23
O2' ATP MA . -17.17 -25.60 -31.09
C1' ATP MA . -17.42 -23.21 -30.71
N9 ATP MA . -16.49 -22.36 -31.45
C8 ATP MA . -15.66 -21.40 -30.95
N7 ATP MA . -14.94 -20.78 -31.85
C5 ATP MA . -15.33 -21.38 -33.04
C6 ATP MA . -14.94 -21.18 -34.37
N6 ATP MA . -14.02 -20.29 -34.76
N1 ATP MA . -15.52 -21.95 -35.33
C2 ATP MA . -16.43 -22.85 -34.95
N3 ATP MA . -16.88 -23.13 -33.73
C4 ATP MA . -16.29 -22.35 -32.82
MG MG NA . -10.62 -24.91 -24.34
#